data_8H37
#
_entry.id   8H37
#
loop_
_entity.id
_entity.type
_entity.pdbx_description
1 polymer Cullin-3
2 polymer 'E3 ubiquitin-protein ligase RBX1'
3 polymer 'Kelch repeat and BTB domain-containing protein 2'
4 polymer 'Phosphatidylinositol 3-kinase regulatory subunit alpha'
5 non-polymer 'ZINC ION'
#
loop_
_entity_poly.entity_id
_entity_poly.type
_entity_poly.pdbx_seq_one_letter_code
_entity_poly.pdbx_strand_id
1 'polypeptide(L)'
;MSNLSKGTGSRKDTKMRIRAFPMTMDEKYVNSIWDLLKNAIQEIQRKNNSGLSFEELYRNAYTMVLHKHGEKLYTGLREV
VTEHLINKVREDVLNSLNNNFLQTLNQAWNDHQTAMVMIRDILMYMDRVYVQQNNVENVYNLGLIIFRDQVVRYGCIRDH
LRQTLLDMIARERKGEVVDRGAIRNACQMLMILGLEGRSVYEEDFEAPFLEMSAEFFQMESQKFLAENSASVYIKKVEAR
INEEIERVMHCLDKSTEEPIVKVVERELISKHMKTIVEMENSGLVHMLKNGKTEDLGCMYKLFSRVPNGLKTMCECMSSY
LREQGKALVSEEGEGKNPVDYIQGLLDLKSRFDRFLLESFNNDRLFKQTIAGDFEYFLNLNSRSPEYLSLFIDDKLKKGV
KGLTEQEVETILDKAMVLFRFMQEKDVFERYYKQHLARRLLTNKSVSDDSEKNMISKLKTECGCQFTSKLEGMFRDMSIS
NTTMDEFRQHLQATGVSLGGVDLTVRVLTTGYWPTQSATPKCNIPPAPRHAFEIFRRFYLAKHSGRQLTLQHHMGSADLN
ATFYGPVKKEDGSEVGVGGAQVTGSNTRKHILQVSTFQMTILMLFNNREKYTFEEIQQETDIPERELVRALQSLACGKPT
QRVLTKEPKSKEIENGHIFTVNDQFTSKLHRVKIQTVAAKQGESDPERKETRQKVDDDRKHEIEAAIVRIMKSRKKMQHN
VLVAEVTQQLKARFLPSPVVIKKRIEGLIEREYLARTPEDRKVYTYVA
;
C,F,M,O
2 'polypeptide(L)'
;MAAAMDVDTPSGTNSGAGKKRFEVKKWNAVALWAWDIVVDNCAICRNHIMDLCIECQANQASATSEECTVAWGVCNHAFH
FHCISRWLKTRQVCPLDNREWEFQKYGH
;
E,D,R,Q
3 'polypeptide(L)'
;MSTQDERQINTEYAVSLLEQLKLFYEQQLFTDIVLIVEGTEFPCHKMVLATCSSYFRAMFMSGLSESKQTHVHLRNVDAA
TLQIIITYAYTGNLAMNDSTVEQLYETACFLQVEDVLQRCREYLIKKINAENCVRLLSFADLFSCEELKQSAKRMVEHKF
TAVYHQDAFMQLSHDLLIDILSSDNLNVEKEETVREAAMLWLEYNTESRSQYLSSVLSQIRIDALSEVTQRAWFQGLPPN
DKSVVVQGLYKDMPKFFKPRLGMTKEEMMIFIEASSENPCSLYSSVCYSPQAEKVYKLCSPPADLHKVGTVVTPDNDIYI
AGGQVPLKNTKTNHSKTSKLQTAFRTVNCFYWFDAQQNTWFPKTPMLFVRIKPSLVCCEGYIYAIGGDSVGGELNRRTVE
RYDTEKDEWTMVSPLPCAWQWSAAVVVHDCIYVMTLNLMYCYFPRSDSWVEMAMRQTSRSFASAAAFGDKIFYIGGLHIA
TNSGIRLPSGTVDGSSVTVEIYDVNKNEWKMAANIPAKRYSDPCVRAVVISNSLCVFMRETHLNERAKYVTYQYDLELDR
WSLRQHISERVLWDLGRDFRCTVGKLYPSCLEESPWKPPTYLFSTDGTEEFELDGEMVALPPV
;
A,B,N,P
4 'polypeptide(L)'
;MSAEGYQYRALYDYKKEREEDIDLHLGDILTVNKGSLVALGFSDGQEARPEEIGWLNGYNETTGERGDFPGTYVEYIGRK
KISPPTPKPRPPRPLPVAPGSSKTEADVEQQALTLPDLAEQFAPPDIAPPLLIKLVEAIEKKGLECSTLYRTQSSSNLAE
LRQLLDCDTPSVDLEMIDVHVLADAFKRYLLDLPNPVIPAAVYSEMISLAPEVQSSEEYIQLLKKLIRSPSIPHQYWLTL
QYLLKHFFKLSQTSSKNLLNARVLSEIFSPMLFRFSAASSDNTENLIKVIEILISTEWNERQPAPALPPKPPKPTTVANN
GMNNNMSLQDAEWYWGDISREEVNEKLRDTADGTFLVRDASTKMHGDYTLTLRKGGNNKLIKIFHRDGKYGFSDPLTFSS
VVELINHYRNESLAQYNPKLDVKLLYPVSKYQQDQVVKEDNIEAVGKKLHEYNTQFQEKSREYDRLYEEYTRTSQEIQMK
RTAIEAFNETIKIFEEQCQTQERYSKEYIEKFKREGNEKEIQRIMHNYDKLKSRISEIIDSRRRLEEDLKKQAAEYREID
KRMNSIKPDLIQLRKTRDQYLMWLTQKGVRQKKLNEWLGNENTEDQYSLVEDDEDLPHHDEKTWNVGSSNRNKAENLLRG
KRDGTFLVRESSKQGCYACSVVVDGEVKHCVINKTATGYGFAEPYNLYSSLKELVLHYQHTSLVQHNDSLNVTLAYPVYA
QQRR
;
G,H,I,J
#
loop_
_chem_comp.id
_chem_comp.type
_chem_comp.name
_chem_comp.formula
ZN non-polymer 'ZINC ION' 'Zn 2'
#
# COMPACT_ATOMS: atom_id res chain seq x y z
N MET A 25 26.69 59.67 -67.91
CA MET A 25 27.53 60.47 -67.02
C MET A 25 27.50 61.94 -67.42
N ASP A 26 28.02 62.24 -68.60
CA ASP A 26 28.04 63.61 -69.09
C ASP A 26 26.63 64.07 -69.42
N GLU A 27 26.38 65.37 -69.23
CA GLU A 27 25.04 65.91 -69.47
C GLU A 27 24.66 65.86 -70.94
N LYS A 28 25.62 66.07 -71.84
CA LYS A 28 25.32 65.97 -73.27
C LYS A 28 24.99 64.54 -73.67
N TYR A 29 25.61 63.56 -73.01
CA TYR A 29 25.26 62.16 -73.27
C TYR A 29 23.83 61.86 -72.86
N VAL A 30 23.42 62.37 -71.69
CA VAL A 30 22.05 62.18 -71.24
C VAL A 30 21.08 62.90 -72.18
N ASN A 31 21.47 64.07 -72.67
CA ASN A 31 20.63 64.80 -73.61
C ASN A 31 20.48 64.05 -74.93
N SER A 32 21.55 63.44 -75.41
CA SER A 32 21.48 62.65 -76.63
C SER A 32 20.59 61.43 -76.43
N ILE A 33 20.71 60.77 -75.27
CA ILE A 33 19.84 59.64 -74.97
C ILE A 33 18.39 60.08 -74.92
N TRP A 34 18.12 61.24 -74.31
CA TRP A 34 16.75 61.73 -74.21
C TRP A 34 16.18 62.08 -75.58
N ASP A 35 17.02 62.66 -76.45
CA ASP A 35 16.57 62.94 -77.82
C ASP A 35 16.31 61.66 -78.61
N LEU A 36 17.13 60.63 -78.42
CA LEU A 36 16.87 59.35 -79.08
C LEU A 36 15.56 58.75 -78.59
N LEU A 37 15.30 58.84 -77.28
CA LEU A 37 14.04 58.34 -76.74
C LEU A 37 12.86 59.15 -77.27
N LYS A 38 13.03 60.46 -77.43
CA LYS A 38 11.96 61.29 -78.00
C LYS A 38 11.65 60.86 -79.43
N ASN A 39 12.69 60.70 -80.25
CA ASN A 39 12.48 60.24 -81.62
C ASN A 39 11.82 58.88 -81.65
N ALA A 40 12.22 57.99 -80.74
CA ALA A 40 11.65 56.65 -80.71
C ALA A 40 10.16 56.68 -80.36
N ILE A 41 9.80 57.39 -79.30
CA ILE A 41 8.41 57.43 -78.88
C ILE A 41 7.55 58.17 -79.90
N GLN A 42 8.12 59.17 -80.58
CA GLN A 42 7.37 59.86 -81.62
C GLN A 42 7.14 58.95 -82.82
N GLU A 43 8.13 58.14 -83.18
CA GLU A 43 7.93 57.16 -84.24
C GLU A 43 6.90 56.11 -83.83
N ILE A 44 6.87 55.74 -82.55
CA ILE A 44 5.86 54.80 -82.08
C ILE A 44 4.47 55.40 -82.16
N GLN A 45 4.34 56.68 -81.81
CA GLN A 45 3.04 57.35 -81.89
C GLN A 45 2.54 57.45 -83.33
N ARG A 46 3.45 57.38 -84.29
CA ARG A 46 3.06 57.40 -85.70
C ARG A 46 2.56 56.06 -86.20
N LYS A 47 2.44 55.06 -85.32
CA LYS A 47 1.96 53.72 -85.68
C LYS A 47 2.86 53.06 -86.73
N ASN A 48 4.17 53.25 -86.59
CA ASN A 48 5.16 52.63 -87.46
C ASN A 48 6.33 52.11 -86.62
N ASN A 49 6.00 51.47 -85.50
CA ASN A 49 7.00 50.95 -84.57
C ASN A 49 7.51 49.56 -84.97
N SER A 50 7.33 49.15 -86.22
CA SER A 50 7.78 47.83 -86.64
C SER A 50 9.30 47.73 -86.62
N GLY A 51 9.97 48.72 -87.20
CA GLY A 51 11.43 48.70 -87.27
C GLY A 51 12.11 49.37 -86.10
N LEU A 52 11.79 48.93 -84.89
CA LEU A 52 12.40 49.46 -83.67
C LEU A 52 12.87 48.31 -82.79
N SER A 53 14.00 48.51 -82.13
CA SER A 53 14.59 47.52 -81.24
C SER A 53 14.46 48.03 -79.81
N PHE A 54 13.74 47.31 -78.98
CA PHE A 54 13.49 47.79 -77.65
C PHE A 54 14.55 47.58 -76.74
N GLU A 55 15.53 46.90 -77.20
CA GLU A 55 16.48 46.60 -76.24
C GLU A 55 17.02 47.90 -76.01
N GLU A 56 17.26 48.58 -77.10
CA GLU A 56 17.94 49.82 -76.98
C GLU A 56 17.20 50.75 -76.12
N LEU A 57 15.93 50.75 -76.28
CA LEU A 57 15.23 51.70 -75.57
C LEU A 57 15.22 51.46 -74.10
N TYR A 58 15.00 50.23 -73.69
CA TYR A 58 14.86 50.03 -72.26
C TYR A 58 16.15 50.32 -71.72
N ARG A 59 17.13 50.13 -72.52
CA ARG A 59 18.45 50.31 -71.99
C ARG A 59 18.67 51.71 -71.68
N ASN A 60 18.42 52.52 -72.67
CA ASN A 60 18.56 53.91 -72.45
C ASN A 60 17.74 54.39 -71.26
N ALA A 61 16.60 53.79 -71.06
CA ALA A 61 15.82 54.29 -70.01
C ALA A 61 16.34 53.96 -68.71
N TYR A 62 16.82 52.77 -68.59
CA TYR A 62 17.24 52.36 -67.31
C TYR A 62 18.34 53.21 -67.02
N THR A 63 19.06 53.56 -68.03
CA THR A 63 20.20 54.26 -67.65
C THR A 63 19.88 55.57 -67.15
N MET A 64 19.02 56.23 -67.86
CA MET A 64 18.62 57.53 -67.42
C MET A 64 18.16 57.49 -66.04
N VAL A 65 17.22 56.57 -65.74
CA VAL A 65 16.59 56.58 -64.39
C VAL A 65 17.66 56.55 -63.29
N LEU A 66 18.92 56.30 -63.65
CA LEU A 66 19.99 56.16 -62.62
C LEU A 66 20.37 57.52 -62.04
N HIS A 67 21.03 58.37 -62.84
CA HIS A 67 21.54 59.68 -62.33
C HIS A 67 20.40 60.66 -62.05
N LYS A 68 19.40 60.25 -61.25
CA LYS A 68 18.24 61.11 -60.92
C LYS A 68 17.68 61.74 -62.21
N HIS A 69 17.63 60.96 -63.29
CA HIS A 69 17.07 61.47 -64.58
C HIS A 69 15.71 60.82 -64.83
N GLY A 70 15.02 60.40 -63.78
CA GLY A 70 13.66 59.84 -63.93
C GLY A 70 12.63 60.95 -63.85
N GLU A 71 13.06 62.18 -63.56
CA GLU A 71 12.07 63.28 -63.39
C GLU A 71 11.85 63.95 -64.74
N LYS A 72 12.92 64.46 -65.34
CA LYS A 72 12.81 65.09 -66.67
C LYS A 72 11.93 64.18 -67.50
N LEU A 73 12.21 62.88 -67.45
CA LEU A 73 11.41 61.90 -68.21
C LEU A 73 9.94 62.26 -68.02
N TYR A 74 9.47 62.18 -66.78
CA TYR A 74 8.05 62.44 -66.49
C TYR A 74 7.69 63.77 -67.11
N THR A 75 8.43 64.80 -66.73
CA THR A 75 8.11 66.16 -67.22
C THR A 75 8.23 66.17 -68.74
N GLY A 76 8.88 65.18 -69.31
CA GLY A 76 8.94 65.11 -70.77
C GLY A 76 7.65 64.51 -71.24
N LEU A 77 7.39 63.28 -70.82
CA LEU A 77 6.11 62.64 -71.16
C LEU A 77 5.08 63.74 -71.04
N ARG A 78 5.05 64.36 -69.86
CA ARG A 78 4.12 65.47 -69.61
C ARG A 78 3.62 66.05 -70.93
N GLU A 79 4.50 66.70 -71.66
CA GLU A 79 4.00 67.36 -72.89
C GLU A 79 4.16 66.38 -74.04
N VAL A 80 5.31 65.71 -74.10
CA VAL A 80 5.59 64.83 -75.25
C VAL A 80 4.28 64.13 -75.61
N VAL A 81 3.62 63.58 -74.61
CA VAL A 81 2.41 62.80 -74.95
C VAL A 81 1.41 63.75 -75.61
N THR A 82 0.93 64.72 -74.86
CA THR A 82 -0.10 65.65 -75.39
C THR A 82 0.38 66.04 -76.77
N GLU A 83 1.56 66.62 -76.84
CA GLU A 83 2.16 67.06 -78.12
C GLU A 83 1.52 66.33 -79.29
N HIS A 84 1.54 65.00 -79.30
CA HIS A 84 1.04 64.28 -80.50
C HIS A 84 -0.43 64.58 -80.72
N LEU A 85 -1.30 63.83 -80.06
CA LEU A 85 -2.75 64.00 -80.27
C LEU A 85 -3.14 65.46 -80.13
N ILE A 86 -2.39 66.22 -79.32
CA ILE A 86 -2.66 67.68 -79.20
C ILE A 86 -3.06 68.11 -80.60
N ASN A 87 -2.30 67.65 -81.59
CA ASN A 87 -2.72 67.92 -82.98
C ASN A 87 -3.16 66.58 -83.54
N LYS A 88 -2.25 65.60 -83.55
CA LYS A 88 -2.53 64.28 -84.17
C LYS A 88 -3.98 64.15 -84.58
N VAL A 89 -4.90 64.05 -83.62
CA VAL A 89 -6.30 63.80 -84.06
C VAL A 89 -7.22 64.80 -83.41
N ARG A 90 -6.68 65.66 -82.55
CA ARG A 90 -7.62 66.56 -81.85
C ARG A 90 -8.43 67.28 -82.92
N GLU A 91 -7.72 67.85 -83.88
CA GLU A 91 -8.41 68.58 -84.96
C GLU A 91 -9.08 67.57 -85.88
N ASP A 92 -8.51 66.37 -85.97
CA ASP A 92 -9.22 65.35 -86.77
C ASP A 92 -10.59 65.25 -86.15
N VAL A 93 -10.63 65.03 -84.85
CA VAL A 93 -11.92 64.97 -84.13
C VAL A 93 -12.66 66.27 -84.40
N LEU A 94 -11.91 67.36 -84.52
CA LEU A 94 -12.61 68.66 -84.69
C LEU A 94 -13.26 68.72 -86.07
N ASN A 95 -12.48 68.54 -87.13
CA ASN A 95 -13.04 68.57 -88.51
C ASN A 95 -14.05 67.44 -88.57
N SER A 96 -14.07 66.64 -87.51
CA SER A 96 -14.99 65.54 -87.40
C SER A 96 -16.16 65.76 -86.51
N LEU A 97 -16.27 66.93 -85.92
CA LEU A 97 -17.37 67.08 -84.99
C LEU A 97 -18.59 66.73 -85.77
N ASN A 98 -18.71 67.33 -86.91
CA ASN A 98 -19.88 67.12 -87.68
C ASN A 98 -20.05 65.71 -88.11
N ASN A 99 -18.97 65.00 -88.34
CA ASN A 99 -19.17 63.69 -88.89
C ASN A 99 -18.45 62.56 -88.24
N ASN A 100 -19.05 61.39 -88.31
CA ASN A 100 -18.45 60.21 -87.73
C ASN A 100 -17.65 60.62 -86.57
N PHE A 101 -18.32 61.26 -85.66
CA PHE A 101 -17.62 61.78 -84.49
C PHE A 101 -17.17 60.64 -83.57
N LEU A 102 -18.12 59.82 -83.11
CA LEU A 102 -17.79 58.75 -82.17
C LEU A 102 -16.89 57.71 -82.82
N GLN A 103 -16.99 57.53 -84.14
CA GLN A 103 -16.14 56.56 -84.83
C GLN A 103 -14.67 56.91 -84.67
N THR A 104 -14.28 58.10 -85.14
CA THR A 104 -12.89 58.52 -84.99
C THR A 104 -12.53 58.75 -83.53
N LEU A 105 -13.53 59.04 -82.68
CA LEU A 105 -13.25 59.20 -81.25
C LEU A 105 -12.74 57.89 -80.66
N ASN A 106 -13.50 56.80 -80.81
CA ASN A 106 -13.04 55.52 -80.30
C ASN A 106 -11.81 55.02 -81.05
N GLN A 107 -11.67 55.39 -82.33
CA GLN A 107 -10.47 55.02 -83.07
C GLN A 107 -9.23 55.61 -82.42
N ALA A 108 -9.21 56.93 -82.23
CA ALA A 108 -8.09 57.57 -81.55
C ALA A 108 -7.95 57.07 -80.11
N TRP A 109 -9.06 56.71 -79.48
CA TRP A 109 -9.00 56.18 -78.12
C TRP A 109 -8.21 54.89 -78.06
N ASN A 110 -8.57 53.91 -78.90
CA ASN A 110 -7.84 52.64 -78.88
C ASN A 110 -6.42 52.78 -79.40
N ASP A 111 -6.20 53.71 -80.35
CA ASP A 111 -4.84 53.95 -80.82
C ASP A 111 -3.97 54.49 -79.70
N HIS A 112 -4.47 55.50 -78.96
CA HIS A 112 -3.73 56.03 -77.83
C HIS A 112 -3.55 54.98 -76.74
N GLN A 113 -4.53 54.09 -76.58
CA GLN A 113 -4.42 53.04 -75.58
C GLN A 113 -3.29 52.07 -75.93
N THR A 114 -3.22 51.64 -77.19
CA THR A 114 -2.13 50.77 -77.62
C THR A 114 -0.79 51.46 -77.48
N ALA A 115 -0.72 52.74 -77.88
CA ALA A 115 0.54 53.48 -77.79
C ALA A 115 1.01 53.61 -76.35
N MET A 116 0.09 53.95 -75.43
CA MET A 116 0.47 54.12 -74.04
C MET A 116 0.80 52.79 -73.38
N VAL A 117 0.17 51.69 -73.81
CA VAL A 117 0.53 50.37 -73.31
C VAL A 117 1.95 50.03 -73.74
N MET A 118 2.28 50.31 -75.00
CA MET A 118 3.64 50.06 -75.47
C MET A 118 4.65 50.91 -74.71
N ILE A 119 4.32 52.18 -74.46
CA ILE A 119 5.23 53.06 -73.72
C ILE A 119 5.41 52.55 -72.29
N ARG A 120 4.32 52.09 -71.67
CA ARG A 120 4.41 51.54 -70.32
C ARG A 120 5.30 50.30 -70.31
N ASP A 121 5.19 49.45 -71.33
CA ASP A 121 6.07 48.29 -71.43
C ASP A 121 7.51 48.71 -71.64
N ILE A 122 7.74 49.87 -72.27
CA ILE A 122 9.10 50.36 -72.44
C ILE A 122 9.63 50.95 -71.14
N LEU A 123 8.84 51.81 -70.49
CA LEU A 123 9.26 52.54 -69.30
C LEU A 123 8.73 51.89 -68.02
N MET A 124 8.66 50.56 -67.98
CA MET A 124 8.12 49.89 -66.80
C MET A 124 9.05 50.01 -65.60
N TYR A 125 10.37 49.99 -65.83
CA TYR A 125 11.30 50.11 -64.71
C TYR A 125 11.15 51.45 -64.00
N MET A 126 10.90 52.52 -64.76
CA MET A 126 10.62 53.81 -64.13
C MET A 126 9.36 53.73 -63.29
N ASP A 127 8.32 53.08 -63.81
CA ASP A 127 7.09 52.86 -63.04
C ASP A 127 7.36 52.06 -61.78
N ARG A 128 8.43 51.26 -61.76
CA ARG A 128 8.76 50.45 -60.59
C ARG A 128 9.57 51.21 -59.55
N VAL A 129 10.50 52.07 -59.97
CA VAL A 129 11.47 52.68 -59.07
C VAL A 129 11.13 54.13 -58.75
N TYR A 130 10.70 54.91 -59.75
CA TYR A 130 10.52 56.34 -59.58
C TYR A 130 9.10 56.75 -59.21
N VAL A 131 8.09 56.00 -59.66
CA VAL A 131 6.71 56.36 -59.38
C VAL A 131 6.43 56.32 -57.89
N GLN A 132 6.91 55.28 -57.19
CA GLN A 132 6.66 55.15 -55.77
C GLN A 132 7.44 56.15 -54.93
N GLN A 133 8.41 56.85 -55.52
CA GLN A 133 9.21 57.80 -54.75
C GLN A 133 8.47 59.11 -54.52
N ASN A 134 8.08 59.80 -55.59
CA ASN A 134 7.43 61.10 -55.49
C ASN A 134 5.92 60.98 -55.39
N ASN A 135 5.39 59.77 -55.15
CA ASN A 135 3.96 59.52 -55.00
C ASN A 135 3.15 59.95 -56.22
N VAL A 136 3.81 60.11 -57.37
CA VAL A 136 3.10 60.49 -58.58
C VAL A 136 2.46 59.27 -59.21
N GLU A 137 1.56 59.51 -60.17
CA GLU A 137 0.89 58.43 -60.87
C GLU A 137 1.82 57.80 -61.90
N ASN A 138 1.52 56.55 -62.25
CA ASN A 138 2.31 55.85 -63.25
C ASN A 138 2.05 56.43 -64.63
N VAL A 139 2.86 56.00 -65.60
CA VAL A 139 2.77 56.54 -66.96
C VAL A 139 1.44 56.18 -67.60
N TYR A 140 0.86 55.03 -67.23
CA TYR A 140 -0.44 54.66 -67.77
C TYR A 140 -1.54 55.54 -67.18
N ASN A 141 -1.53 55.72 -65.86
CA ASN A 141 -2.49 56.62 -65.24
C ASN A 141 -2.26 58.05 -65.69
N LEU A 142 -1.00 58.45 -65.87
CA LEU A 142 -0.72 59.81 -66.36
C LEU A 142 -1.26 60.01 -67.76
N GLY A 143 -1.05 59.03 -68.65
CA GLY A 143 -1.57 59.15 -70.00
C GLY A 143 -3.09 59.20 -70.03
N LEU A 144 -3.74 58.36 -69.21
CA LEU A 144 -5.20 58.38 -69.18
C LEU A 144 -5.72 59.68 -68.60
N ILE A 145 -5.03 60.24 -67.60
CA ILE A 145 -5.45 61.50 -67.01
C ILE A 145 -5.32 62.63 -68.03
N ILE A 146 -4.20 62.68 -68.75
CA ILE A 146 -4.00 63.77 -69.70
C ILE A 146 -4.92 63.60 -70.91
N PHE A 147 -5.27 62.35 -71.27
CA PHE A 147 -6.22 62.15 -72.35
C PHE A 147 -7.62 62.51 -71.91
N ARG A 148 -7.95 62.30 -70.64
CA ARG A 148 -9.26 62.69 -70.13
C ARG A 148 -9.39 64.21 -70.06
N ASP A 149 -8.33 64.88 -69.61
CA ASP A 149 -8.39 66.33 -69.40
C ASP A 149 -8.23 67.10 -70.70
N GLN A 150 -7.11 66.88 -71.39
CA GLN A 150 -6.77 67.68 -72.56
C GLN A 150 -7.61 67.33 -73.78
N VAL A 151 -8.03 66.09 -73.93
CA VAL A 151 -8.76 65.63 -75.11
C VAL A 151 -10.26 65.54 -74.84
N VAL A 152 -10.65 64.93 -73.73
CA VAL A 152 -12.06 64.70 -73.44
C VAL A 152 -12.69 65.86 -72.70
N ARG A 153 -12.03 66.36 -71.66
CA ARG A 153 -12.57 67.45 -70.84
C ARG A 153 -12.42 68.82 -71.49
N TYR A 154 -12.04 68.89 -72.77
CA TYR A 154 -11.92 70.19 -73.42
C TYR A 154 -13.31 70.76 -73.71
N GLY A 155 -13.35 72.08 -73.85
CA GLY A 155 -14.60 72.80 -74.00
C GLY A 155 -15.42 72.44 -75.21
N CYS A 156 -14.87 72.64 -76.41
CA CYS A 156 -15.63 72.48 -77.64
C CYS A 156 -15.94 71.03 -77.98
N ILE A 157 -15.38 70.06 -77.24
CA ILE A 157 -15.63 68.66 -77.54
C ILE A 157 -16.61 68.08 -76.53
N ARG A 158 -16.59 68.60 -75.31
CA ARG A 158 -17.48 68.09 -74.26
C ARG A 158 -18.94 68.32 -74.62
N ASP A 159 -19.29 69.56 -74.98
CA ASP A 159 -20.67 69.86 -75.36
C ASP A 159 -21.10 69.06 -76.58
N HIS A 160 -20.20 68.92 -77.56
CA HIS A 160 -20.54 68.17 -78.76
C HIS A 160 -20.82 66.71 -78.44
N LEU A 161 -19.95 66.08 -77.64
CA LEU A 161 -20.14 64.66 -77.33
C LEU A 161 -21.38 64.43 -76.49
N ARG A 162 -21.65 65.31 -75.51
CA ARG A 162 -22.84 65.12 -74.68
C ARG A 162 -24.11 65.34 -75.49
N GLN A 163 -24.09 66.31 -76.41
CA GLN A 163 -25.27 66.53 -77.25
C GLN A 163 -25.50 65.36 -78.19
N THR A 164 -24.43 64.80 -78.76
CA THR A 164 -24.59 63.65 -79.65
C THR A 164 -25.11 62.43 -78.89
N LEU A 165 -24.61 62.22 -77.67
CA LEU A 165 -25.09 61.08 -76.87
C LEU A 165 -26.55 61.27 -76.49
N LEU A 166 -26.93 62.48 -76.08
CA LEU A 166 -28.33 62.72 -75.74
C LEU A 166 -29.22 62.54 -76.96
N ASP A 167 -28.77 62.99 -78.13
CA ASP A 167 -29.57 62.86 -79.34
C ASP A 167 -29.74 61.40 -79.73
N MET A 168 -28.66 60.60 -79.64
CA MET A 168 -28.76 59.21 -80.04
C MET A 168 -29.61 58.40 -79.07
N ILE A 169 -29.52 58.68 -77.76
CA ILE A 169 -30.38 57.97 -76.84
C ILE A 169 -31.83 58.43 -76.97
N ALA A 170 -32.04 59.70 -77.33
CA ALA A 170 -33.40 60.18 -77.53
C ALA A 170 -34.05 59.52 -78.73
N ARG A 171 -33.32 59.41 -79.85
CA ARG A 171 -33.88 58.73 -81.01
C ARG A 171 -33.98 57.22 -80.77
N GLU A 172 -33.14 56.66 -79.88
CA GLU A 172 -33.31 55.28 -79.49
C GLU A 172 -34.59 55.08 -78.70
N ARG A 173 -34.98 56.07 -77.91
CA ARG A 173 -36.20 55.95 -77.12
C ARG A 173 -37.46 55.99 -77.99
N LYS A 174 -37.41 56.70 -79.10
CA LYS A 174 -38.58 56.84 -79.96
C LYS A 174 -38.53 55.95 -81.20
N GLY A 175 -37.78 54.85 -81.16
CA GLY A 175 -37.83 53.84 -82.18
C GLY A 175 -36.68 53.84 -83.18
N GLU A 176 -36.01 54.98 -83.36
CA GLU A 176 -34.92 55.05 -84.32
C GLU A 176 -33.74 54.23 -83.82
N VAL A 177 -33.33 53.23 -84.60
CA VAL A 177 -32.26 52.33 -84.19
C VAL A 177 -30.91 53.00 -84.39
N VAL A 178 -30.02 52.83 -83.42
CA VAL A 178 -28.66 53.34 -83.48
C VAL A 178 -27.71 52.21 -83.12
N ASP A 179 -26.49 52.27 -83.68
CA ASP A 179 -25.48 51.26 -83.42
C ASP A 179 -25.08 51.33 -81.95
N ARG A 180 -25.48 50.31 -81.18
CA ARG A 180 -25.19 50.30 -79.75
C ARG A 180 -23.70 50.14 -79.46
N GLY A 181 -22.92 49.70 -80.45
CA GLY A 181 -21.49 49.56 -80.22
C GLY A 181 -20.81 50.89 -79.93
N ALA A 182 -21.20 51.94 -80.64
CA ALA A 182 -20.60 53.25 -80.43
C ALA A 182 -20.88 53.77 -79.02
N ILE A 183 -22.14 53.71 -78.59
CA ILE A 183 -22.49 54.25 -77.28
C ILE A 183 -21.90 53.39 -76.16
N ARG A 184 -21.83 52.08 -76.36
CA ARG A 184 -21.25 51.23 -75.31
C ARG A 184 -19.74 51.44 -75.22
N ASN A 185 -19.08 51.67 -76.36
CA ASN A 185 -17.65 52.00 -76.32
C ASN A 185 -17.42 53.35 -75.65
N ALA A 186 -18.30 54.32 -75.93
CA ALA A 186 -18.18 55.63 -75.28
C ALA A 186 -18.35 55.52 -73.78
N CYS A 187 -19.36 54.76 -73.33
CA CYS A 187 -19.59 54.64 -71.89
C CYS A 187 -18.46 53.86 -71.21
N GLN A 188 -17.94 52.82 -71.86
CA GLN A 188 -16.87 52.05 -71.23
C GLN A 188 -15.58 52.86 -71.15
N MET A 189 -15.28 53.66 -72.18
CA MET A 189 -14.08 54.50 -72.09
C MET A 189 -14.27 55.63 -71.08
N LEU A 190 -15.50 56.13 -70.94
CA LEU A 190 -15.75 57.16 -69.94
C LEU A 190 -15.57 56.61 -68.53
N MET A 191 -16.07 55.40 -68.27
CA MET A 191 -15.87 54.81 -66.95
C MET A 191 -14.44 54.34 -66.74
N ILE A 192 -13.69 54.07 -67.81
CA ILE A 192 -12.28 53.74 -67.68
C ILE A 192 -11.47 54.98 -67.31
N LEU A 193 -11.84 56.13 -67.87
CA LEU A 193 -11.12 57.37 -67.58
C LEU A 193 -11.20 57.77 -66.11
N GLY A 194 -12.10 57.17 -65.33
CA GLY A 194 -12.20 57.54 -63.93
C GLY A 194 -11.02 57.06 -63.11
N LEU A 195 -10.47 55.89 -63.47
CA LEU A 195 -9.30 55.29 -62.83
C LEU A 195 -9.59 54.78 -61.42
N GLU A 196 -10.77 55.10 -60.90
CA GLU A 196 -11.23 54.60 -59.62
C GLU A 196 -12.63 54.00 -59.69
N GLY A 197 -13.44 54.51 -60.62
CA GLY A 197 -14.82 54.00 -60.78
C GLY A 197 -15.61 54.88 -61.74
N ARG A 198 -16.79 55.34 -61.31
CA ARG A 198 -17.64 56.20 -62.17
C ARG A 198 -17.55 57.65 -61.70
N SER A 199 -16.42 58.04 -61.11
CA SER A 199 -16.24 59.43 -60.66
C SER A 199 -16.52 60.41 -61.80
N VAL A 200 -15.72 60.33 -62.87
CA VAL A 200 -15.91 61.24 -64.01
C VAL A 200 -17.21 60.91 -64.75
N TYR A 201 -17.68 59.67 -64.68
CA TYR A 201 -18.90 59.29 -65.37
C TYR A 201 -20.12 59.98 -64.77
N GLU A 202 -20.10 60.23 -63.46
CA GLU A 202 -21.23 60.88 -62.81
C GLU A 202 -21.37 62.33 -63.25
N GLU A 203 -20.25 63.01 -63.51
CA GLU A 203 -20.28 64.43 -63.83
C GLU A 203 -20.29 64.72 -65.31
N ASP A 204 -19.75 63.82 -66.14
CA ASP A 204 -19.64 64.11 -67.56
C ASP A 204 -20.82 63.59 -68.36
N PHE A 205 -21.40 62.45 -67.96
CA PHE A 205 -22.50 61.85 -68.69
C PHE A 205 -23.73 61.59 -67.84
N GLU A 206 -23.55 61.16 -66.59
CA GLU A 206 -24.71 60.78 -65.77
C GLU A 206 -25.52 61.99 -65.37
N ALA A 207 -24.86 63.12 -65.10
CA ALA A 207 -25.59 64.31 -64.66
C ALA A 207 -26.55 64.83 -65.72
N PRO A 208 -26.18 64.96 -67.01
CA PRO A 208 -27.21 65.33 -68.00
C PRO A 208 -28.17 64.19 -68.30
N PHE A 209 -27.71 62.94 -68.21
CA PHE A 209 -28.57 61.81 -68.54
C PHE A 209 -29.75 61.71 -67.58
N LEU A 210 -29.49 61.90 -66.27
CA LEU A 210 -30.56 61.77 -65.30
C LEU A 210 -31.63 62.84 -65.50
N GLU A 211 -31.23 64.07 -65.78
CA GLU A 211 -32.21 65.14 -65.93
C GLU A 211 -32.97 65.02 -67.25
N MET A 212 -32.29 64.62 -68.33
CA MET A 212 -33.00 64.44 -69.58
C MET A 212 -33.97 63.25 -69.50
N SER A 213 -33.56 62.18 -68.83
CA SER A 213 -34.46 61.05 -68.63
C SER A 213 -35.64 61.46 -67.75
N ALA A 214 -35.39 62.28 -66.74
CA ALA A 214 -36.48 62.72 -65.87
C ALA A 214 -37.50 63.55 -66.63
N GLU A 215 -37.03 64.53 -67.43
CA GLU A 215 -37.98 65.35 -68.17
C GLU A 215 -38.69 64.54 -69.26
N PHE A 216 -38.00 63.57 -69.86
CA PHE A 216 -38.66 62.72 -70.85
C PHE A 216 -39.72 61.84 -70.20
N PHE A 217 -39.44 61.32 -69.01
CA PHE A 217 -40.43 60.51 -68.29
C PHE A 217 -41.63 61.37 -67.89
N GLN A 218 -41.38 62.61 -67.46
CA GLN A 218 -42.49 63.50 -67.13
C GLN A 218 -43.36 63.78 -68.36
N MET A 219 -42.73 64.05 -69.50
CA MET A 219 -43.49 64.32 -70.71
C MET A 219 -44.29 63.10 -71.15
N GLU A 220 -43.69 61.91 -71.12
CA GLU A 220 -44.41 60.72 -71.55
C GLU A 220 -45.53 60.37 -70.58
N SER A 221 -45.32 60.61 -69.28
CA SER A 221 -46.39 60.37 -68.31
C SER A 221 -47.55 61.33 -68.54
N GLN A 222 -47.24 62.60 -68.83
CA GLN A 222 -48.30 63.57 -69.09
C GLN A 222 -49.07 63.22 -70.35
N LYS A 223 -48.38 62.76 -71.40
CA LYS A 223 -49.06 62.40 -72.63
C LYS A 223 -49.72 61.03 -72.58
N PHE A 224 -49.43 60.22 -71.56
CA PHE A 224 -50.07 58.91 -71.43
C PHE A 224 -51.29 58.95 -70.53
N LEU A 225 -51.18 59.58 -69.36
CA LEU A 225 -52.30 59.56 -68.41
C LEU A 225 -53.46 60.43 -68.88
N ALA A 226 -53.24 61.29 -69.87
CA ALA A 226 -54.26 62.24 -70.29
C ALA A 226 -55.35 61.61 -71.14
N GLU A 227 -55.01 60.65 -72.00
CA GLU A 227 -56.00 60.03 -72.88
C GLU A 227 -55.91 58.51 -72.87
N ASN A 228 -55.56 57.91 -71.74
CA ASN A 228 -55.50 56.46 -71.62
C ASN A 228 -56.02 56.05 -70.25
N SER A 229 -56.45 54.79 -70.15
CA SER A 229 -56.96 54.25 -68.90
C SER A 229 -55.83 53.53 -68.15
N ALA A 230 -56.13 53.11 -66.92
CA ALA A 230 -55.11 52.45 -66.11
C ALA A 230 -54.77 51.06 -66.62
N SER A 231 -55.74 50.38 -67.25
CA SER A 231 -55.51 49.03 -67.74
C SER A 231 -54.40 48.99 -68.79
N VAL A 232 -54.35 49.99 -69.67
CA VAL A 232 -53.27 50.09 -70.62
C VAL A 232 -52.08 50.85 -70.05
N TYR A 233 -52.32 51.71 -69.05
CA TYR A 233 -51.22 52.48 -68.46
C TYR A 233 -50.24 51.57 -67.74
N ILE A 234 -50.75 50.57 -67.00
CA ILE A 234 -49.85 49.65 -66.31
C ILE A 234 -49.03 48.84 -67.30
N LYS A 235 -49.66 48.41 -68.41
CA LYS A 235 -48.93 47.63 -69.40
C LYS A 235 -47.85 48.46 -70.08
N LYS A 236 -48.19 49.70 -70.45
CA LYS A 236 -47.21 50.54 -71.14
C LYS A 236 -46.09 50.98 -70.21
N VAL A 237 -46.38 51.21 -68.93
CA VAL A 237 -45.32 51.58 -68.01
C VAL A 237 -44.44 50.37 -67.69
N GLU A 238 -45.02 49.16 -67.70
CA GLU A 238 -44.20 47.96 -67.54
C GLU A 238 -43.29 47.76 -68.75
N ALA A 239 -43.82 48.01 -69.95
CA ALA A 239 -42.98 47.95 -71.15
C ALA A 239 -41.87 48.99 -71.10
N ARG A 240 -42.18 50.19 -70.60
CA ARG A 240 -41.15 51.21 -70.44
C ARG A 240 -40.08 50.77 -69.46
N ILE A 241 -40.49 50.18 -68.33
CA ILE A 241 -39.52 49.69 -67.36
C ILE A 241 -38.63 48.62 -67.98
N ASN A 242 -39.22 47.68 -68.71
CA ASN A 242 -38.44 46.61 -69.32
C ASN A 242 -37.47 47.15 -70.37
N GLU A 243 -37.92 48.10 -71.20
CA GLU A 243 -37.04 48.64 -72.22
C GLU A 243 -35.93 49.49 -71.63
N GLU A 244 -36.20 50.20 -70.53
CA GLU A 244 -35.15 50.94 -69.86
C GLU A 244 -34.14 49.99 -69.21
N ILE A 245 -34.63 48.86 -68.67
CA ILE A 245 -33.72 47.87 -68.09
C ILE A 245 -32.80 47.31 -69.16
N GLU A 246 -33.36 46.89 -70.29
CA GLU A 246 -32.54 46.32 -71.35
C GLU A 246 -31.62 47.37 -71.97
N ARG A 247 -32.05 48.64 -71.99
CA ARG A 247 -31.18 49.69 -72.51
C ARG A 247 -29.99 49.93 -71.59
N VAL A 248 -30.25 50.07 -70.28
CA VAL A 248 -29.15 50.28 -69.35
C VAL A 248 -28.29 49.04 -69.20
N MET A 249 -28.79 47.88 -69.66
CA MET A 249 -28.00 46.63 -69.59
C MET A 249 -27.06 46.55 -70.80
N HIS A 250 -27.36 47.29 -71.88
CA HIS A 250 -26.54 47.18 -73.12
C HIS A 250 -25.85 48.52 -73.42
N CYS A 251 -26.61 49.53 -73.84
CA CYS A 251 -26.02 50.84 -74.22
C CYS A 251 -25.27 51.45 -73.03
N LEU A 252 -25.87 51.41 -71.84
CA LEU A 252 -25.25 52.05 -70.65
C LEU A 252 -24.53 50.99 -69.81
N ASP A 253 -23.96 51.40 -68.67
CA ASP A 253 -23.28 50.44 -67.77
C ASP A 253 -24.31 49.82 -66.82
N LYS A 254 -24.07 48.58 -66.38
CA LYS A 254 -24.99 47.92 -65.41
C LYS A 254 -24.79 48.55 -64.03
N SER A 255 -23.73 49.35 -63.87
CA SER A 255 -23.50 50.05 -62.58
C SER A 255 -24.44 51.25 -62.48
N THR A 256 -24.92 51.75 -63.63
CA THR A 256 -25.85 52.91 -63.65
C THR A 256 -27.30 52.42 -63.66
N GLU A 257 -27.52 51.16 -63.30
CA GLU A 257 -28.88 50.56 -63.29
C GLU A 257 -29.50 50.73 -61.90
N GLU A 258 -29.54 51.95 -61.36
CA GLU A 258 -30.03 52.08 -59.97
C GLU A 258 -30.91 53.33 -59.72
N PRO A 259 -30.40 54.60 -59.62
CA PRO A 259 -31.26 55.71 -59.18
C PRO A 259 -32.11 56.30 -60.30
N ILE A 260 -31.88 55.87 -61.52
CA ILE A 260 -32.73 56.36 -62.65
C ILE A 260 -34.15 55.91 -62.31
N VAL A 261 -34.30 54.65 -61.88
CA VAL A 261 -35.64 54.12 -61.56
C VAL A 261 -36.21 54.98 -60.43
N LYS A 262 -35.33 55.48 -59.57
CA LYS A 262 -35.83 56.39 -58.51
C LYS A 262 -36.49 57.58 -59.19
N VAL A 263 -35.80 58.21 -60.13
CA VAL A 263 -36.36 59.45 -60.74
C VAL A 263 -37.74 59.15 -61.30
N VAL A 264 -37.91 58.03 -62.00
CA VAL A 264 -39.25 57.83 -62.59
C VAL A 264 -40.19 57.70 -61.40
N GLU A 265 -39.86 56.82 -60.48
CA GLU A 265 -40.71 56.63 -59.29
C GLU A 265 -41.02 58.01 -58.79
N ARG A 266 -39.97 58.78 -58.53
CA ARG A 266 -40.17 60.13 -57.99
C ARG A 266 -41.28 60.81 -58.76
N GLU A 267 -41.07 61.07 -60.05
CA GLU A 267 -42.18 61.66 -60.83
C GLU A 267 -43.07 60.50 -61.25
N LEU A 268 -43.05 60.18 -62.54
CA LEU A 268 -43.84 59.05 -63.08
C LEU A 268 -44.68 58.41 -61.98
N ILE A 269 -44.07 57.47 -61.24
CA ILE A 269 -44.89 56.72 -60.25
C ILE A 269 -45.40 57.65 -59.17
N SER A 270 -44.57 57.92 -58.16
CA SER A 270 -45.06 58.74 -57.02
C SER A 270 -45.96 59.86 -57.54
N LYS A 271 -45.50 60.59 -58.56
CA LYS A 271 -46.31 61.72 -59.09
C LYS A 271 -47.73 61.24 -59.30
N HIS A 272 -47.90 60.16 -60.07
CA HIS A 272 -49.27 59.73 -60.43
C HIS A 272 -49.75 58.61 -59.49
N MET A 273 -48.91 58.22 -58.55
CA MET A 273 -49.29 57.11 -57.64
C MET A 273 -50.70 57.39 -57.20
N LYS A 274 -50.87 58.49 -56.48
CA LYS A 274 -52.22 58.90 -56.05
C LYS A 274 -53.15 58.82 -57.26
N THR A 275 -52.88 59.64 -58.26
CA THR A 275 -53.80 59.70 -59.42
C THR A 275 -54.44 58.35 -59.68
N ILE A 276 -53.64 57.36 -60.03
CA ILE A 276 -54.26 56.06 -60.41
C ILE A 276 -54.89 55.43 -59.17
N VAL A 277 -54.19 55.49 -58.03
CA VAL A 277 -54.72 54.77 -56.83
C VAL A 277 -56.14 55.27 -56.53
N GLU A 278 -56.55 56.37 -57.15
CA GLU A 278 -57.93 56.89 -56.97
C GLU A 278 -58.54 57.18 -58.34
N MET A 279 -59.15 58.36 -58.52
CA MET A 279 -59.75 58.77 -59.83
C MET A 279 -60.78 57.73 -60.29
N GLU A 280 -60.89 57.51 -61.60
CA GLU A 280 -61.88 56.55 -62.16
C GLU A 280 -61.32 55.94 -63.44
N ASN A 281 -62.10 55.94 -64.53
CA ASN A 281 -61.65 55.37 -65.83
C ASN A 281 -61.13 53.95 -65.62
N SER A 282 -62.03 53.00 -65.37
CA SER A 282 -61.62 51.59 -65.09
C SER A 282 -60.50 51.59 -64.04
N GLY A 283 -60.71 52.28 -62.92
CA GLY A 283 -59.67 52.38 -61.88
C GLY A 283 -59.75 51.26 -60.86
N LEU A 284 -59.04 51.39 -59.75
CA LEU A 284 -59.02 50.33 -58.69
C LEU A 284 -60.45 50.05 -58.23
N VAL A 285 -61.26 51.08 -58.01
CA VAL A 285 -62.60 50.90 -57.49
C VAL A 285 -63.52 50.26 -58.51
N HIS A 286 -63.19 50.36 -59.80
CA HIS A 286 -63.99 49.72 -60.84
C HIS A 286 -63.57 48.27 -61.09
N MET A 287 -62.26 47.99 -61.04
CA MET A 287 -61.80 46.63 -61.21
C MET A 287 -62.12 45.75 -59.99
N LEU A 288 -62.33 46.37 -58.82
CA LEU A 288 -62.74 45.60 -57.66
C LEU A 288 -64.16 45.06 -57.83
N LYS A 289 -65.05 45.88 -58.39
CA LYS A 289 -66.42 45.43 -58.60
C LYS A 289 -66.59 44.64 -59.89
N ASN A 290 -65.69 44.82 -60.86
CA ASN A 290 -65.73 44.02 -62.08
C ASN A 290 -65.07 42.66 -61.92
N GLY A 291 -63.93 42.62 -61.24
CA GLY A 291 -63.30 41.35 -60.93
C GLY A 291 -62.23 40.88 -61.89
N LYS A 292 -61.54 41.79 -62.55
CA LYS A 292 -60.41 41.42 -63.42
C LYS A 292 -59.18 41.27 -62.55
N THR A 293 -58.92 40.03 -62.12
CA THR A 293 -57.85 39.77 -61.16
C THR A 293 -56.47 40.02 -61.74
N GLU A 294 -56.32 39.88 -63.06
CA GLU A 294 -55.01 40.08 -63.68
C GLU A 294 -54.53 41.51 -63.50
N ASP A 295 -55.45 42.48 -63.56
CA ASP A 295 -55.07 43.87 -63.34
C ASP A 295 -54.62 44.09 -61.90
N LEU A 296 -55.31 43.47 -60.94
CA LEU A 296 -54.90 43.57 -59.54
C LEU A 296 -53.51 43.00 -59.33
N GLY A 297 -53.24 41.82 -59.88
CA GLY A 297 -51.91 41.26 -59.77
C GLY A 297 -50.84 42.10 -60.44
N CYS A 298 -51.17 42.67 -61.61
CA CYS A 298 -50.21 43.51 -62.31
C CYS A 298 -49.86 44.75 -61.51
N MET A 299 -50.87 45.47 -61.01
CA MET A 299 -50.59 46.65 -60.21
C MET A 299 -49.94 46.31 -58.89
N TYR A 300 -50.18 45.12 -58.35
CA TYR A 300 -49.48 44.70 -57.13
C TYR A 300 -48.00 44.50 -57.40
N LYS A 301 -47.67 43.80 -58.49
CA LYS A 301 -46.26 43.58 -58.81
C LYS A 301 -45.58 44.85 -59.30
N LEU A 302 -46.35 45.85 -59.75
CA LEU A 302 -45.74 47.10 -60.20
C LEU A 302 -45.52 48.05 -59.03
N PHE A 303 -46.54 48.29 -58.22
CA PHE A 303 -46.44 49.22 -57.10
C PHE A 303 -45.59 48.69 -55.95
N SER A 304 -45.04 47.48 -56.05
CA SER A 304 -44.21 46.95 -54.98
C SER A 304 -42.87 47.66 -54.91
N ARG A 305 -42.44 48.31 -55.99
CA ARG A 305 -41.15 48.99 -56.00
C ARG A 305 -41.27 50.42 -55.47
N VAL A 306 -42.31 51.13 -55.85
CA VAL A 306 -42.47 52.52 -55.43
C VAL A 306 -42.82 52.55 -53.95
N PRO A 307 -42.17 53.40 -53.15
CA PRO A 307 -42.51 53.48 -51.73
C PRO A 307 -43.89 54.08 -51.50
N ASN A 308 -44.53 53.63 -50.43
CA ASN A 308 -45.83 54.15 -49.98
C ASN A 308 -46.94 53.91 -51.00
N GLY A 309 -46.65 53.15 -52.06
CA GLY A 309 -47.70 52.82 -53.02
C GLY A 309 -48.69 51.82 -52.46
N LEU A 310 -48.19 50.84 -51.71
CA LEU A 310 -49.07 49.87 -51.07
C LEU A 310 -50.04 50.55 -50.12
N LYS A 311 -49.59 51.61 -49.44
CA LYS A 311 -50.49 52.35 -48.57
C LYS A 311 -51.54 53.10 -49.37
N THR A 312 -51.14 53.69 -50.51
CA THR A 312 -52.08 54.44 -51.32
C THR A 312 -53.14 53.54 -51.97
N MET A 313 -52.82 52.28 -52.19
CA MET A 313 -53.84 51.36 -52.68
C MET A 313 -54.63 50.71 -51.55
N CYS A 314 -54.00 50.51 -50.39
CA CYS A 314 -54.73 49.98 -49.23
C CYS A 314 -55.82 50.95 -48.77
N GLU A 315 -55.51 52.25 -48.78
CA GLU A 315 -56.50 53.23 -48.33
C GLU A 315 -57.71 53.26 -49.25
N CYS A 316 -57.47 53.16 -50.57
CA CYS A 316 -58.58 53.22 -51.51
C CYS A 316 -59.41 51.93 -51.47
N MET A 317 -58.75 50.77 -51.39
CA MET A 317 -59.52 49.54 -51.28
C MET A 317 -60.26 49.46 -49.95
N SER A 318 -59.71 50.05 -48.89
CA SER A 318 -60.43 50.09 -47.62
C SER A 318 -61.62 51.03 -47.69
N SER A 319 -61.48 52.15 -48.40
CA SER A 319 -62.63 53.04 -48.61
C SER A 319 -63.74 52.32 -49.37
N TYR A 320 -63.38 51.59 -50.43
CA TYR A 320 -64.38 50.85 -51.19
C TYR A 320 -65.03 49.77 -50.33
N LEU A 321 -64.24 49.07 -49.52
CA LEU A 321 -64.79 48.02 -48.66
C LEU A 321 -65.71 48.61 -47.60
N ARG A 322 -65.36 49.78 -47.05
CA ARG A 322 -66.23 50.43 -46.08
C ARG A 322 -67.52 50.89 -46.73
N GLU A 323 -67.45 51.37 -47.98
CA GLU A 323 -68.66 51.74 -48.70
C GLU A 323 -69.57 50.54 -48.88
N GLN A 324 -69.01 49.42 -49.36
CA GLN A 324 -69.81 48.20 -49.53
C GLN A 324 -70.36 47.73 -48.19
N GLY A 325 -69.59 47.88 -47.12
CA GLY A 325 -70.06 47.44 -45.81
C GLY A 325 -71.24 48.26 -45.32
N LYS A 326 -71.10 49.58 -45.31
CA LYS A 326 -72.20 50.43 -44.88
C LYS A 326 -73.39 50.34 -45.83
N ALA A 327 -73.18 49.91 -47.06
CA ALA A 327 -74.30 49.64 -47.95
C ALA A 327 -74.98 48.32 -47.61
N LEU A 328 -74.20 47.38 -47.05
CA LEU A 328 -74.74 46.02 -46.77
C LEU A 328 -75.33 45.95 -45.36
N VAL A 329 -74.59 46.41 -44.35
CA VAL A 329 -75.06 46.29 -42.93
C VAL A 329 -76.13 47.35 -42.64
N SER A 330 -76.51 48.15 -43.64
CA SER A 330 -77.60 49.15 -43.46
C SER A 330 -78.80 48.47 -42.81
N GLU A 331 -79.09 48.82 -41.55
CA GLU A 331 -80.20 48.16 -40.82
C GLU A 331 -81.52 48.41 -41.56
N GLU A 332 -81.72 49.63 -42.06
CA GLU A 332 -82.97 49.98 -42.81
C GLU A 332 -83.36 48.83 -43.73
N GLY A 333 -84.54 48.23 -43.50
CA GLY A 333 -84.98 47.09 -44.31
C GLY A 333 -84.68 45.77 -43.64
N GLU A 334 -85.49 45.38 -42.65
CA GLU A 334 -85.27 44.10 -41.92
C GLU A 334 -86.62 43.40 -41.73
N GLY A 335 -87.65 43.84 -42.45
CA GLY A 335 -88.99 43.23 -42.34
C GLY A 335 -89.03 41.82 -42.91
N LYS A 336 -88.11 41.51 -43.84
CA LYS A 336 -88.05 40.16 -44.46
C LYS A 336 -87.08 39.29 -43.65
N ASN A 337 -86.40 38.34 -44.31
CA ASN A 337 -85.38 37.52 -43.63
C ASN A 337 -84.00 37.82 -44.24
N PRO A 338 -83.23 38.79 -43.70
CA PRO A 338 -81.89 39.11 -44.20
C PRO A 338 -80.83 38.05 -43.83
N VAL A 339 -81.19 36.77 -43.83
CA VAL A 339 -80.17 35.70 -43.59
C VAL A 339 -79.32 35.64 -44.87
N ASP A 340 -79.88 36.10 -45.99
CA ASP A 340 -79.12 36.17 -47.27
C ASP A 340 -78.14 37.34 -47.19
N TYR A 341 -78.38 38.29 -46.29
CA TYR A 341 -77.41 39.40 -46.09
C TYR A 341 -76.14 38.79 -45.50
N ILE A 342 -76.29 37.77 -44.66
CA ILE A 342 -75.11 37.06 -44.07
C ILE A 342 -74.48 36.19 -45.17
N GLN A 343 -75.29 35.65 -46.07
CA GLN A 343 -74.75 34.88 -47.22
C GLN A 343 -74.06 35.87 -48.17
N GLY A 344 -74.59 37.10 -48.26
CA GLY A 344 -73.95 38.14 -49.09
C GLY A 344 -72.60 38.51 -48.49
N LEU A 345 -72.50 38.48 -47.16
CA LEU A 345 -71.19 38.73 -46.49
C LEU A 345 -70.28 37.54 -46.81
N LEU A 346 -70.84 36.32 -46.85
CA LEU A 346 -70.06 35.11 -47.20
C LEU A 346 -69.62 35.16 -48.65
N ASP A 347 -70.19 36.09 -49.43
CA ASP A 347 -69.83 36.25 -50.86
C ASP A 347 -68.82 37.39 -51.02
N LEU A 348 -68.92 38.44 -50.19
CA LEU A 348 -68.03 39.62 -50.39
C LEU A 348 -66.70 39.47 -49.64
N LYS A 349 -66.70 38.96 -48.41
CA LYS A 349 -65.43 38.75 -47.72
C LYS A 349 -64.63 37.62 -48.38
N SER A 350 -65.31 36.63 -48.95
CA SER A 350 -64.60 35.55 -49.63
C SER A 350 -63.99 36.03 -50.94
N ARG A 351 -64.72 36.84 -51.71
CA ARG A 351 -64.13 37.35 -52.94
C ARG A 351 -62.99 38.32 -52.64
N PHE A 352 -63.11 39.09 -51.56
CA PHE A 352 -62.01 39.96 -51.16
C PHE A 352 -60.78 39.14 -50.75
N ASP A 353 -60.99 38.08 -49.98
CA ASP A 353 -59.87 37.26 -49.53
C ASP A 353 -59.23 36.49 -50.69
N ARG A 354 -60.04 36.06 -51.67
CA ARG A 354 -59.47 35.36 -52.80
C ARG A 354 -58.71 36.31 -53.72
N PHE A 355 -59.21 37.54 -53.89
CA PHE A 355 -58.46 38.54 -54.64
C PHE A 355 -57.17 38.90 -53.91
N LEU A 356 -57.18 38.84 -52.58
CA LEU A 356 -55.97 39.11 -51.82
C LEU A 356 -54.95 38.00 -52.01
N LEU A 357 -55.40 36.74 -51.94
CA LEU A 357 -54.45 35.63 -52.02
C LEU A 357 -53.91 35.45 -53.43
N GLU A 358 -54.71 35.79 -54.46
CA GLU A 358 -54.24 35.59 -55.82
C GLU A 358 -53.37 36.76 -56.30
N SER A 359 -53.70 37.99 -55.87
CA SER A 359 -52.95 39.18 -56.28
C SER A 359 -51.88 39.56 -55.27
N PHE A 360 -52.29 39.82 -54.02
CA PHE A 360 -51.36 40.31 -53.01
C PHE A 360 -50.50 39.19 -52.42
N ASN A 361 -50.78 37.94 -52.76
CA ASN A 361 -49.98 36.78 -52.31
C ASN A 361 -49.90 36.73 -50.79
N ASN A 362 -51.06 36.85 -50.14
CA ASN A 362 -51.17 36.80 -48.69
C ASN A 362 -50.27 37.83 -48.02
N ASP A 363 -50.41 39.08 -48.45
CA ASP A 363 -49.60 40.16 -47.91
C ASP A 363 -50.10 40.57 -46.53
N ARG A 364 -49.16 40.98 -45.68
CA ARG A 364 -49.51 41.33 -44.30
C ARG A 364 -50.22 42.68 -44.23
N LEU A 365 -49.78 43.65 -45.05
CA LEU A 365 -50.38 44.98 -45.00
C LEU A 365 -51.83 44.94 -45.44
N PHE A 366 -52.12 44.29 -46.57
CA PHE A 366 -53.50 44.19 -47.03
C PHE A 366 -54.34 43.40 -46.03
N LYS A 367 -53.77 42.37 -45.42
CA LYS A 367 -54.51 41.57 -44.44
C LYS A 367 -54.89 42.41 -43.23
N GLN A 368 -53.95 43.20 -42.71
CA GLN A 368 -54.27 44.01 -41.54
C GLN A 368 -55.22 45.14 -41.89
N THR A 369 -55.15 45.68 -43.11
CA THR A 369 -56.07 46.73 -43.51
C THR A 369 -57.50 46.19 -43.62
N ILE A 370 -57.67 45.03 -44.25
CA ILE A 370 -59.01 44.46 -44.34
C ILE A 370 -59.49 43.99 -42.98
N ALA A 371 -58.57 43.59 -42.09
CA ALA A 371 -58.96 43.23 -40.74
C ALA A 371 -59.51 44.44 -39.99
N GLY A 372 -58.79 45.56 -40.02
CA GLY A 372 -59.29 46.78 -39.42
C GLY A 372 -60.59 47.25 -40.06
N ASP A 373 -60.73 47.08 -41.37
CA ASP A 373 -61.97 47.44 -42.05
C ASP A 373 -63.13 46.61 -41.52
N PHE A 374 -62.93 45.29 -41.40
CA PHE A 374 -63.97 44.44 -40.83
C PHE A 374 -64.30 44.83 -39.40
N GLU A 375 -63.28 45.16 -38.60
CA GLU A 375 -63.54 45.61 -37.23
C GLU A 375 -64.23 46.97 -37.19
N TYR A 376 -64.17 47.73 -38.29
CA TYR A 376 -64.75 49.08 -38.29
C TYR A 376 -66.28 49.05 -38.31
N PHE A 377 -66.86 48.47 -39.37
CA PHE A 377 -68.30 48.58 -39.57
C PHE A 377 -69.08 47.40 -39.01
N LEU A 378 -68.41 46.32 -38.61
CA LEU A 378 -69.12 45.21 -37.98
C LEU A 378 -69.58 45.56 -36.57
N ASN A 379 -69.05 46.65 -36.00
CA ASN A 379 -69.53 47.12 -34.68
C ASN A 379 -71.01 47.49 -34.81
N LEU A 380 -71.49 47.71 -36.04
CA LEU A 380 -72.92 48.08 -36.28
C LEU A 380 -73.69 46.85 -36.76
N ASN A 381 -75.02 46.93 -36.79
CA ASN A 381 -75.89 45.78 -37.22
C ASN A 381 -75.76 44.64 -36.21
N SER A 382 -76.56 44.68 -35.14
CA SER A 382 -76.38 43.78 -33.97
C SER A 382 -77.08 42.44 -34.20
N ARG A 383 -77.83 42.31 -35.30
CA ARG A 383 -78.56 41.06 -35.62
C ARG A 383 -77.65 40.13 -36.42
N SER A 384 -76.40 40.53 -36.65
CA SER A 384 -75.45 39.71 -37.45
C SER A 384 -75.21 38.33 -36.81
N PRO A 385 -74.77 38.13 -35.51
CA PRO A 385 -74.59 36.76 -35.03
C PRO A 385 -75.87 35.95 -35.03
N GLU A 386 -77.02 36.59 -34.81
CA GLU A 386 -78.29 35.88 -34.88
C GLU A 386 -78.53 35.33 -36.29
N TYR A 387 -78.28 36.16 -37.31
CA TYR A 387 -78.44 35.69 -38.68
C TYR A 387 -77.42 34.62 -39.03
N LEU A 388 -76.19 34.73 -38.51
CA LEU A 388 -75.20 33.67 -38.73
C LEU A 388 -75.67 32.37 -38.11
N SER A 389 -76.25 32.43 -36.92
CA SER A 389 -76.77 31.22 -36.27
C SER A 389 -77.93 30.64 -37.05
N LEU A 390 -78.81 31.49 -37.57
CA LEU A 390 -79.91 31.00 -38.40
C LEU A 390 -79.38 30.33 -39.67
N PHE A 391 -78.34 30.90 -40.27
CA PHE A 391 -77.75 30.30 -41.46
C PHE A 391 -77.12 28.95 -41.15
N ILE A 392 -76.36 28.85 -40.06
CA ILE A 392 -75.75 27.58 -39.71
C ILE A 392 -76.81 26.55 -39.32
N ASP A 393 -77.93 27.00 -38.76
CA ASP A 393 -79.03 26.08 -38.47
C ASP A 393 -79.68 25.57 -39.76
N ASP A 394 -79.88 26.46 -40.72
CA ASP A 394 -80.44 26.04 -42.01
C ASP A 394 -79.51 25.09 -42.73
N LYS A 395 -78.20 25.27 -42.56
CA LYS A 395 -77.23 24.39 -43.18
C LYS A 395 -77.05 23.06 -42.44
N LEU A 396 -77.33 23.04 -41.13
CA LEU A 396 -77.15 21.83 -40.34
C LEU A 396 -78.42 20.97 -40.23
N LYS A 397 -79.60 21.57 -40.42
CA LYS A 397 -80.84 20.81 -40.26
C LYS A 397 -80.95 19.68 -41.28
N LYS A 398 -80.44 19.91 -42.49
CA LYS A 398 -80.47 18.88 -43.53
C LYS A 398 -79.50 19.29 -44.63
N GLY A 399 -78.71 18.32 -45.08
CA GLY A 399 -77.77 18.57 -46.15
C GLY A 399 -78.33 18.26 -47.52
N VAL A 400 -79.52 18.82 -47.82
CA VAL A 400 -80.14 18.59 -49.11
C VAL A 400 -79.30 19.21 -50.23
N LYS A 401 -78.83 20.44 -50.03
CA LYS A 401 -77.93 21.08 -50.97
C LYS A 401 -76.51 20.63 -50.67
N GLY A 402 -75.88 19.94 -51.63
CA GLY A 402 -74.56 19.40 -51.40
C GLY A 402 -74.60 18.11 -50.59
N LEU A 403 -75.18 17.07 -51.18
CA LEU A 403 -75.33 15.80 -50.47
C LEU A 403 -73.99 15.24 -50.01
N THR A 404 -72.94 15.44 -50.79
CA THR A 404 -71.62 14.93 -50.42
C THR A 404 -71.02 15.76 -49.30
N GLU A 405 -69.88 15.32 -48.79
CA GLU A 405 -69.29 15.90 -47.60
C GLU A 405 -68.25 16.98 -47.90
N GLN A 406 -67.66 16.96 -49.09
CA GLN A 406 -66.57 17.90 -49.40
C GLN A 406 -67.05 19.33 -49.41
N GLU A 407 -68.14 19.62 -50.14
CA GLU A 407 -68.64 20.98 -50.23
C GLU A 407 -69.21 21.43 -48.88
N VAL A 408 -69.78 20.49 -48.12
CA VAL A 408 -70.26 20.78 -46.78
C VAL A 408 -69.10 21.24 -45.92
N GLU A 409 -67.99 20.50 -45.97
CA GLU A 409 -66.79 20.86 -45.22
C GLU A 409 -66.30 22.23 -45.61
N THR A 410 -66.26 22.51 -46.91
CA THR A 410 -65.77 23.81 -47.38
C THR A 410 -66.67 24.95 -46.90
N ILE A 411 -67.99 24.75 -46.96
CA ILE A 411 -68.92 25.81 -46.60
C ILE A 411 -68.87 26.02 -45.08
N LEU A 412 -68.61 24.95 -44.32
CA LEU A 412 -68.47 25.10 -42.88
C LEU A 412 -67.18 25.83 -42.52
N ASP A 413 -66.09 25.53 -43.24
CA ASP A 413 -64.84 26.24 -43.02
C ASP A 413 -65.00 27.72 -43.36
N LYS A 414 -65.69 28.02 -44.46
CA LYS A 414 -65.93 29.42 -44.83
C LYS A 414 -66.81 30.10 -43.79
N ALA A 415 -67.77 29.36 -43.23
CA ALA A 415 -68.66 29.93 -42.22
C ALA A 415 -67.89 30.28 -40.96
N MET A 416 -67.03 29.37 -40.49
CA MET A 416 -66.27 29.65 -39.28
C MET A 416 -65.21 30.73 -39.53
N VAL A 417 -64.70 30.82 -40.76
CA VAL A 417 -63.78 31.90 -41.10
C VAL A 417 -64.50 33.24 -41.05
N LEU A 418 -65.72 33.28 -41.59
CA LEU A 418 -66.53 34.50 -41.49
C LEU A 418 -66.84 34.84 -40.04
N PHE A 419 -67.07 33.82 -39.21
CA PHE A 419 -67.33 34.06 -37.80
C PHE A 419 -66.09 34.54 -37.06
N ARG A 420 -64.91 34.19 -37.57
CA ARG A 420 -63.65 34.60 -36.93
C ARG A 420 -63.57 36.12 -36.84
N PHE A 421 -63.99 36.81 -37.90
CA PHE A 421 -63.96 38.27 -37.91
C PHE A 421 -65.30 38.84 -37.43
N MET A 422 -65.74 38.38 -36.26
CA MET A 422 -67.01 38.82 -35.69
C MET A 422 -66.84 38.98 -34.18
N GLN A 423 -67.46 40.04 -33.64
CA GLN A 423 -67.43 40.28 -32.21
C GLN A 423 -68.79 39.90 -31.62
N GLU A 424 -68.96 40.13 -30.32
CA GLU A 424 -70.19 39.79 -29.59
C GLU A 424 -70.52 38.31 -29.74
N LYS A 425 -69.63 37.47 -29.23
CA LYS A 425 -69.80 36.03 -29.29
C LYS A 425 -70.84 35.51 -28.31
N ASP A 426 -71.23 36.32 -27.31
CA ASP A 426 -72.20 35.86 -26.33
C ASP A 426 -73.57 35.60 -26.96
N VAL A 427 -74.07 36.57 -27.74
CA VAL A 427 -75.35 36.38 -28.41
C VAL A 427 -75.24 35.26 -29.43
N PHE A 428 -74.07 35.11 -30.06
CA PHE A 428 -73.87 34.01 -31.01
C PHE A 428 -74.04 32.66 -30.31
N GLU A 429 -73.39 32.49 -29.15
CA GLU A 429 -73.50 31.23 -28.43
C GLU A 429 -74.92 31.02 -27.91
N ARG A 430 -75.57 32.09 -27.47
CA ARG A 430 -76.95 31.97 -26.98
C ARG A 430 -77.87 31.48 -28.09
N TYR A 431 -77.80 32.09 -29.27
CA TYR A 431 -78.66 31.68 -30.36
C TYR A 431 -78.27 30.31 -30.91
N TYR A 432 -76.98 29.96 -30.86
CA TYR A 432 -76.59 28.63 -31.27
C TYR A 432 -77.14 27.57 -30.33
N LYS A 433 -77.15 27.85 -29.03
CA LYS A 433 -77.74 26.92 -28.08
C LYS A 433 -79.25 26.83 -28.25
N GLN A 434 -79.90 27.96 -28.55
CA GLN A 434 -81.33 27.93 -28.85
C GLN A 434 -81.62 27.09 -30.09
N HIS A 435 -80.77 27.20 -31.12
CA HIS A 435 -80.96 26.40 -32.31
C HIS A 435 -80.69 24.93 -32.04
N LEU A 436 -79.71 24.63 -31.17
CA LEU A 436 -79.51 23.25 -30.73
C LEU A 436 -80.75 22.70 -30.05
N ALA A 437 -81.35 23.49 -29.16
CA ALA A 437 -82.57 23.05 -28.48
C ALA A 437 -83.71 22.85 -29.48
N ARG A 438 -83.79 23.72 -30.50
CA ARG A 438 -84.85 23.59 -31.48
C ARG A 438 -84.66 22.39 -32.40
N ARG A 439 -83.41 22.03 -32.70
CA ARG A 439 -83.15 20.92 -33.61
C ARG A 439 -83.06 19.57 -32.91
N LEU A 440 -82.83 19.55 -31.60
CA LEU A 440 -82.77 18.31 -30.86
C LEU A 440 -84.09 17.91 -30.22
N LEU A 441 -84.93 18.88 -29.88
CA LEU A 441 -86.25 18.60 -29.31
C LEU A 441 -87.32 18.42 -30.38
N THR A 442 -86.93 18.29 -31.64
CA THR A 442 -87.83 18.04 -32.76
C THR A 442 -87.46 16.70 -33.39
N ASN A 443 -88.05 16.43 -34.56
CA ASN A 443 -87.78 15.20 -35.29
C ASN A 443 -86.27 14.95 -35.41
N LYS A 444 -85.86 13.77 -34.97
CA LYS A 444 -84.44 13.42 -34.91
C LYS A 444 -83.94 13.01 -36.29
N SER A 445 -82.73 12.45 -36.33
CA SER A 445 -82.10 11.96 -37.56
C SER A 445 -81.96 13.09 -38.58
N VAL A 446 -81.41 14.22 -38.12
CA VAL A 446 -81.11 15.33 -39.03
C VAL A 446 -79.82 15.06 -39.79
N SER A 447 -78.72 14.90 -39.07
CA SER A 447 -77.45 14.51 -39.67
C SER A 447 -76.82 13.32 -38.98
N ASP A 448 -76.83 13.30 -37.64
CA ASP A 448 -76.33 12.23 -36.78
C ASP A 448 -74.81 12.08 -36.82
N ASP A 449 -74.12 12.83 -37.66
CA ASP A 449 -72.66 12.80 -37.71
C ASP A 449 -72.03 14.18 -37.68
N SER A 450 -72.71 15.19 -38.20
CA SER A 450 -72.15 16.53 -38.28
C SER A 450 -72.04 17.22 -36.93
N GLU A 451 -72.69 16.69 -35.89
CA GLU A 451 -72.58 17.31 -34.57
C GLU A 451 -71.15 17.24 -34.04
N LYS A 452 -70.46 16.13 -34.30
CA LYS A 452 -69.06 16.04 -33.88
C LYS A 452 -68.20 17.06 -34.61
N ASN A 453 -68.42 17.23 -35.92
CA ASN A 453 -67.68 18.25 -36.66
C ASN A 453 -67.98 19.64 -36.12
N MET A 454 -69.24 19.90 -35.78
CA MET A 454 -69.61 21.22 -35.25
C MET A 454 -68.92 21.48 -33.92
N ILE A 455 -68.95 20.51 -33.01
CA ILE A 455 -68.34 20.74 -31.71
C ILE A 455 -66.82 20.80 -31.83
N SER A 456 -66.23 20.09 -32.79
CA SER A 456 -64.79 20.20 -33.00
C SER A 456 -64.40 21.56 -33.53
N LYS A 457 -65.17 22.09 -34.50
CA LYS A 457 -64.91 23.43 -34.99
C LYS A 457 -65.12 24.48 -33.91
N LEU A 458 -66.08 24.26 -33.02
CA LEU A 458 -66.27 25.18 -31.90
C LEU A 458 -65.09 25.13 -30.94
N LYS A 459 -64.63 23.91 -30.61
CA LYS A 459 -63.54 23.77 -29.61
C LYS A 459 -62.26 24.44 -30.12
N THR A 460 -62.16 24.68 -31.43
CA THR A 460 -60.92 25.24 -32.00
C THR A 460 -61.11 26.72 -32.35
N GLU A 461 -62.33 27.12 -32.71
CA GLU A 461 -62.57 28.50 -33.17
C GLU A 461 -62.96 29.38 -31.98
N CYS A 462 -64.00 28.99 -31.22
CA CYS A 462 -64.49 29.84 -30.11
C CYS A 462 -63.78 29.42 -28.81
N GLY A 463 -63.33 28.17 -28.73
CA GLY A 463 -62.68 27.66 -27.50
C GLY A 463 -63.54 26.65 -26.78
N CYS A 464 -63.10 26.18 -25.62
CA CYS A 464 -63.85 25.13 -24.87
C CYS A 464 -64.59 25.76 -23.69
N GLN A 465 -64.67 27.09 -23.64
CA GLN A 465 -65.32 27.80 -22.50
C GLN A 465 -66.85 27.74 -22.66
N PHE A 466 -67.33 27.45 -23.87
CA PHE A 466 -68.79 27.42 -24.14
C PHE A 466 -69.21 25.99 -24.50
N THR A 467 -68.30 25.03 -24.31
CA THR A 467 -68.60 23.62 -24.70
C THR A 467 -69.11 22.82 -23.50
N SER A 468 -69.26 23.45 -22.34
CA SER A 468 -69.84 22.75 -21.17
C SER A 468 -71.34 22.59 -21.41
N LYS A 469 -72.05 23.70 -21.59
CA LYS A 469 -73.47 23.67 -21.90
C LYS A 469 -73.70 23.00 -23.24
N LEU A 470 -72.70 23.05 -24.12
CA LEU A 470 -72.80 22.33 -25.39
C LEU A 470 -72.82 20.82 -25.19
N GLU A 471 -71.75 20.26 -24.59
CA GLU A 471 -71.76 18.83 -24.30
C GLU A 471 -72.89 18.46 -23.35
N GLY A 472 -73.38 19.40 -22.56
CA GLY A 472 -74.53 19.14 -21.71
C GLY A 472 -75.81 18.98 -22.50
N MET A 473 -75.97 19.78 -23.56
CA MET A 473 -77.07 19.58 -24.49
C MET A 473 -77.02 18.18 -25.08
N PHE A 474 -75.85 17.75 -25.54
CA PHE A 474 -75.72 16.42 -26.12
C PHE A 474 -76.02 15.33 -25.09
N ARG A 475 -75.47 15.46 -23.88
CA ARG A 475 -75.70 14.47 -22.83
C ARG A 475 -77.16 14.44 -22.42
N ASP A 476 -77.83 15.60 -22.44
CA ASP A 476 -79.25 15.63 -22.13
C ASP A 476 -80.07 14.92 -23.20
N MET A 477 -79.69 15.10 -24.47
CA MET A 477 -80.36 14.34 -25.54
C MET A 477 -80.16 12.84 -25.36
N SER A 478 -78.94 12.45 -24.99
CA SER A 478 -78.65 11.03 -24.76
C SER A 478 -79.50 10.47 -23.62
N ILE A 479 -79.50 11.18 -22.47
CA ILE A 479 -80.29 10.74 -21.33
C ILE A 479 -81.78 10.72 -21.69
N SER A 480 -82.21 11.65 -22.54
CA SER A 480 -83.62 11.71 -22.93
C SER A 480 -84.01 10.47 -23.72
N ASN A 481 -83.19 10.08 -24.71
CA ASN A 481 -83.55 8.90 -25.50
C ASN A 481 -83.43 7.62 -24.67
N THR A 482 -82.45 7.57 -23.77
CA THR A 482 -82.32 6.41 -22.89
C THR A 482 -83.56 6.26 -22.00
N THR A 483 -83.99 7.36 -21.37
CA THR A 483 -85.18 7.33 -20.54
C THR A 483 -86.41 7.05 -21.39
N MET A 484 -86.39 7.47 -22.66
CA MET A 484 -87.50 7.16 -23.57
C MET A 484 -87.65 5.65 -23.76
N ASP A 485 -86.56 4.97 -24.10
CA ASP A 485 -86.65 3.53 -24.30
C ASP A 485 -86.94 2.81 -22.98
N GLU A 486 -86.40 3.32 -21.88
CA GLU A 486 -86.68 2.75 -20.57
C GLU A 486 -88.17 2.88 -20.20
N PHE A 487 -88.78 4.02 -20.50
CA PHE A 487 -90.19 4.21 -20.20
C PHE A 487 -91.05 3.39 -21.15
N ARG A 488 -90.59 3.20 -22.38
CA ARG A 488 -91.29 2.29 -23.29
C ARG A 488 -91.31 0.88 -22.72
N GLN A 489 -90.16 0.42 -22.21
CA GLN A 489 -90.09 -0.89 -21.58
C GLN A 489 -91.02 -0.98 -20.37
N HIS A 490 -90.98 0.04 -19.51
CA HIS A 490 -91.79 0.02 -18.29
C HIS A 490 -93.27 0.15 -18.61
N LEU A 491 -93.62 0.74 -19.75
CA LEU A 491 -95.01 0.83 -20.15
C LEU A 491 -95.49 -0.50 -20.73
N GLN A 492 -94.59 -1.18 -21.45
CA GLN A 492 -94.86 -2.55 -21.89
C GLN A 492 -95.05 -3.46 -20.69
N ALA A 493 -94.33 -3.17 -19.61
CA ALA A 493 -94.43 -3.99 -18.38
C ALA A 493 -95.81 -3.78 -17.75
N THR A 494 -96.36 -2.56 -17.89
CA THR A 494 -97.73 -2.29 -17.37
C THR A 494 -98.74 -2.49 -18.49
N GLY A 495 -99.16 -1.39 -19.15
CA GLY A 495 -100.13 -1.48 -20.26
C GLY A 495 -101.48 -1.96 -19.78
N VAL A 496 -101.85 -1.62 -18.54
CA VAL A 496 -103.17 -2.02 -17.97
C VAL A 496 -104.27 -1.37 -18.82
N SER A 497 -104.20 -0.05 -19.01
CA SER A 497 -105.17 0.65 -19.89
C SER A 497 -104.48 0.99 -21.22
N LEU A 498 -105.12 1.83 -22.05
CA LEU A 498 -104.49 2.27 -23.31
C LEU A 498 -104.01 3.71 -23.15
N GLY A 499 -103.58 4.07 -21.94
CA GLY A 499 -103.05 5.43 -21.69
C GLY A 499 -101.84 5.70 -22.58
N GLY A 500 -100.85 4.81 -22.52
CA GLY A 500 -99.65 4.98 -23.37
C GLY A 500 -99.58 3.93 -24.47
N VAL A 501 -100.40 4.05 -25.50
CA VAL A 501 -100.29 3.12 -26.66
C VAL A 501 -98.86 3.25 -27.17
N ASP A 502 -98.47 4.44 -27.63
CA ASP A 502 -97.07 4.69 -28.05
C ASP A 502 -96.60 5.95 -27.32
N LEU A 503 -95.43 5.93 -26.70
CA LEU A 503 -94.99 7.07 -25.86
C LEU A 503 -93.50 7.31 -26.05
N THR A 504 -92.94 8.44 -25.62
CA THR A 504 -91.56 8.90 -25.84
C THR A 504 -91.32 10.09 -24.93
N VAL A 505 -90.93 9.80 -23.68
CA VAL A 505 -90.73 10.89 -22.69
C VAL A 505 -89.23 11.15 -22.54
N ARG A 506 -88.80 12.37 -22.88
CA ARG A 506 -87.36 12.71 -22.82
C ARG A 506 -87.07 13.33 -21.46
N VAL A 507 -85.81 13.28 -21.00
CA VAL A 507 -85.47 13.79 -19.63
C VAL A 507 -84.21 14.65 -19.72
N LEU A 508 -84.28 15.90 -19.23
CA LEU A 508 -83.10 16.80 -19.21
C LEU A 508 -83.18 17.69 -17.96
N THR A 509 -82.16 18.51 -17.70
CA THR A 509 -82.15 19.34 -16.46
C THR A 509 -82.34 20.82 -16.79
N THR A 510 -82.89 21.61 -15.86
CA THR A 510 -83.21 23.05 -16.10
C THR A 510 -81.98 23.86 -16.55
N GLY A 511 -80.87 23.77 -15.82
CA GLY A 511 -79.69 24.60 -16.16
C GLY A 511 -79.41 24.65 -17.64
N TYR A 512 -79.38 23.50 -18.31
CA TYR A 512 -79.03 23.45 -19.76
C TYR A 512 -80.11 24.13 -20.60
N TRP A 513 -81.25 23.48 -20.79
CA TRP A 513 -82.33 24.03 -21.66
C TRP A 513 -83.15 25.03 -20.84
N PRO A 514 -83.12 26.35 -21.17
CA PRO A 514 -83.82 27.36 -20.39
C PRO A 514 -85.34 27.28 -20.56
N THR A 515 -86.09 27.83 -19.60
CA THR A 515 -87.54 27.84 -19.71
C THR A 515 -87.96 28.63 -20.94
N GLN A 516 -88.90 28.08 -21.71
CA GLN A 516 -89.27 28.71 -22.98
C GLN A 516 -89.90 30.08 -22.76
N SER A 517 -91.13 30.12 -22.24
CA SER A 517 -91.74 31.39 -21.83
C SER A 517 -92.11 31.41 -20.36
N ALA A 518 -92.98 30.49 -19.90
CA ALA A 518 -93.44 30.52 -18.53
C ALA A 518 -93.58 29.15 -17.88
N THR A 519 -93.35 28.05 -18.61
CA THR A 519 -93.64 26.70 -18.16
C THR A 519 -95.08 26.62 -17.65
N PRO A 520 -96.08 26.72 -18.52
CA PRO A 520 -97.47 26.81 -18.05
C PRO A 520 -98.00 25.50 -17.47
N LYS A 521 -99.26 25.52 -17.03
CA LYS A 521 -99.86 24.39 -16.33
C LYS A 521 -101.24 24.07 -16.90
N CYS A 522 -101.32 23.96 -18.22
CA CYS A 522 -102.57 23.66 -18.89
C CYS A 522 -103.01 22.22 -18.57
N ASN A 523 -104.18 21.85 -19.09
CA ASN A 523 -104.71 20.52 -18.82
C ASN A 523 -104.10 19.50 -19.78
N ILE A 524 -104.43 18.23 -19.54
CA ILE A 524 -103.85 17.12 -20.27
C ILE A 524 -104.96 16.17 -20.71
N PRO A 525 -104.92 15.64 -21.93
CA PRO A 525 -105.92 14.65 -22.36
C PRO A 525 -105.85 13.39 -21.52
N PRO A 526 -106.84 12.62 -21.27
CA PRO A 526 -106.75 11.57 -20.23
C PRO A 526 -105.73 10.50 -20.51
N ALA A 527 -105.63 10.00 -21.74
CA ALA A 527 -104.63 8.98 -22.03
C ALA A 527 -103.22 9.59 -21.97
N PRO A 528 -103.00 10.78 -22.54
CA PRO A 528 -101.72 11.45 -22.26
C PRO A 528 -101.53 11.78 -20.79
N ARG A 529 -102.61 12.02 -20.04
CA ARG A 529 -102.48 12.20 -18.59
C ARG A 529 -101.90 10.96 -17.94
N HIS A 530 -102.45 9.78 -18.27
CA HIS A 530 -101.94 8.54 -17.69
C HIS A 530 -100.50 8.28 -18.13
N ALA A 531 -100.19 8.57 -19.40
CA ALA A 531 -98.83 8.37 -19.88
C ALA A 531 -97.85 9.26 -19.14
N PHE A 532 -98.19 10.54 -18.96
CA PHE A 532 -97.31 11.45 -18.25
C PHE A 532 -97.18 11.07 -16.78
N GLU A 533 -98.26 10.58 -16.18
CA GLU A 533 -98.19 10.14 -14.79
C GLU A 533 -97.25 8.94 -14.65
N ILE A 534 -97.36 7.97 -15.57
CA ILE A 534 -96.48 6.81 -15.52
C ILE A 534 -95.02 7.25 -15.71
N PHE A 535 -94.78 8.14 -16.67
CA PHE A 535 -93.41 8.59 -16.92
C PHE A 535 -92.85 9.34 -15.72
N ARG A 536 -93.66 10.18 -15.09
CA ARG A 536 -93.19 10.94 -13.92
C ARG A 536 -92.93 10.02 -12.74
N ARG A 537 -93.80 9.01 -12.55
CA ARG A 537 -93.58 8.03 -11.46
C ARG A 537 -92.24 7.33 -11.69
N PHE A 538 -91.98 6.89 -12.93
CA PHE A 538 -90.70 6.19 -13.25
C PHE A 538 -89.50 7.10 -12.99
N TYR A 539 -89.60 8.36 -13.41
CA TYR A 539 -88.47 9.33 -13.23
C TYR A 539 -88.14 9.45 -11.74
N LEU A 540 -89.15 9.66 -10.90
CA LEU A 540 -88.92 9.83 -9.43
C LEU A 540 -88.32 8.54 -8.86
N ALA A 541 -88.83 7.38 -9.28
CA ALA A 541 -88.34 6.09 -8.76
C ALA A 541 -86.87 5.88 -9.15
N LYS A 542 -86.49 6.28 -10.37
CA LYS A 542 -85.10 6.08 -10.86
C LYS A 542 -84.21 7.23 -10.36
N HIS A 543 -84.21 8.36 -11.08
CA HIS A 543 -83.33 9.50 -10.71
C HIS A 543 -83.68 9.99 -9.30
N SER A 544 -82.70 9.97 -8.38
CA SER A 544 -82.93 10.47 -7.00
C SER A 544 -83.07 12.00 -7.03
N GLY A 545 -84.16 12.53 -6.48
CA GLY A 545 -84.40 13.98 -6.52
C GLY A 545 -84.69 14.44 -7.94
N ARG A 546 -85.85 14.07 -8.47
CA ARG A 546 -86.21 14.44 -9.87
C ARG A 546 -87.65 14.96 -9.89
N GLN A 547 -87.85 16.23 -9.52
CA GLN A 547 -89.20 16.84 -9.51
C GLN A 547 -89.68 17.03 -10.95
N LEU A 548 -90.48 16.09 -11.46
CA LEU A 548 -90.96 16.17 -12.87
C LEU A 548 -92.03 17.27 -12.98
N THR A 549 -91.63 18.47 -13.40
CA THR A 549 -92.60 19.59 -13.56
C THR A 549 -93.31 19.45 -14.91
N LEU A 550 -94.63 19.70 -14.94
CA LEU A 550 -95.38 19.55 -16.17
C LEU A 550 -95.38 20.84 -16.97
N GLN A 551 -95.35 20.70 -18.30
CA GLN A 551 -95.36 21.86 -19.19
C GLN A 551 -95.99 21.48 -20.53
N HIS A 552 -96.17 22.45 -21.41
CA HIS A 552 -96.81 22.19 -22.70
C HIS A 552 -96.03 22.78 -23.86
N HIS A 553 -95.12 23.72 -23.58
CA HIS A 553 -94.42 24.41 -24.64
C HIS A 553 -93.20 23.63 -25.13
N MET A 554 -93.39 22.33 -25.40
CA MET A 554 -92.33 21.51 -25.96
C MET A 554 -92.85 20.12 -26.34
N GLY A 555 -92.35 19.57 -27.44
CA GLY A 555 -92.64 18.21 -27.84
C GLY A 555 -93.59 18.17 -29.01
N SER A 556 -94.10 16.97 -29.30
CA SER A 556 -95.04 16.74 -30.38
C SER A 556 -95.89 15.52 -30.05
N ALA A 557 -96.69 15.10 -31.02
CA ALA A 557 -97.55 13.93 -30.87
C ALA A 557 -98.05 13.53 -32.25
N ASP A 558 -98.66 12.34 -32.31
CA ASP A 558 -99.22 11.81 -33.55
C ASP A 558 -100.68 11.46 -33.28
N LEU A 559 -101.59 12.30 -33.79
CA LEU A 559 -103.02 12.12 -33.58
C LEU A 559 -103.59 11.22 -34.67
N ASN A 560 -104.00 10.01 -34.29
CA ASN A 560 -104.57 9.05 -35.23
C ASN A 560 -106.02 9.42 -35.49
N ALA A 561 -106.26 10.01 -36.66
CA ALA A 561 -107.60 10.40 -37.05
C ALA A 561 -108.22 9.36 -37.97
N THR A 562 -109.51 9.49 -38.23
CA THR A 562 -110.22 8.58 -39.11
C THR A 562 -111.34 9.29 -39.87
N THR A 587 -112.23 7.13 -47.64
CA THR A 587 -112.22 7.04 -46.19
C THR A 587 -111.06 6.17 -45.70
N ARG A 588 -110.12 6.80 -45.00
CA ARG A 588 -108.95 6.10 -44.47
C ARG A 588 -108.62 6.67 -43.09
N LYS A 589 -107.60 6.09 -42.47
CA LYS A 589 -107.15 6.51 -41.15
C LYS A 589 -105.84 7.28 -41.31
N HIS A 590 -105.96 8.59 -41.47
CA HIS A 590 -104.80 9.46 -41.61
C HIS A 590 -104.38 9.98 -40.23
N ILE A 591 -103.12 9.78 -39.88
CA ILE A 591 -102.62 10.19 -38.58
C ILE A 591 -102.11 11.63 -38.67
N LEU A 592 -102.64 12.50 -37.81
CA LEU A 592 -102.23 13.89 -37.79
C LEU A 592 -101.02 14.08 -36.89
N GLN A 593 -100.68 15.33 -36.62
CA GLN A 593 -99.55 15.68 -35.77
C GLN A 593 -99.87 16.95 -35.00
N VAL A 594 -99.62 16.93 -33.70
CA VAL A 594 -99.86 18.08 -32.83
C VAL A 594 -98.64 18.29 -31.95
N SER A 595 -98.15 19.52 -31.89
CA SER A 595 -96.92 19.83 -31.17
C SER A 595 -97.23 20.32 -29.75
N THR A 596 -97.92 19.47 -29.00
CA THR A 596 -98.25 19.69 -27.59
C THR A 596 -99.05 20.98 -27.37
N PHE A 597 -99.61 21.56 -28.41
CA PHE A 597 -100.41 22.77 -28.30
C PHE A 597 -101.87 22.56 -28.64
N GLN A 598 -102.16 21.75 -29.65
CA GLN A 598 -103.53 21.48 -30.07
C GLN A 598 -104.12 20.23 -29.46
N MET A 599 -103.38 19.56 -28.56
CA MET A 599 -103.87 18.33 -27.96
C MET A 599 -105.07 18.60 -27.06
N THR A 600 -104.99 19.66 -26.24
CA THR A 600 -106.08 19.94 -25.30
C THR A 600 -107.34 20.39 -26.02
N ILE A 601 -107.20 21.24 -27.03
CA ILE A 601 -108.36 21.75 -27.76
C ILE A 601 -109.02 20.61 -28.53
N LEU A 602 -108.22 19.77 -29.19
CA LEU A 602 -108.76 18.64 -29.92
C LEU A 602 -109.39 17.61 -28.98
N MET A 603 -108.83 17.45 -27.77
CA MET A 603 -109.44 16.54 -26.80
C MET A 603 -110.78 17.08 -26.32
N LEU A 604 -110.86 18.39 -26.06
CA LEU A 604 -112.14 18.98 -25.70
C LEU A 604 -113.16 18.87 -26.83
N PHE A 605 -112.69 18.94 -28.08
CA PHE A 605 -113.59 18.72 -29.21
C PHE A 605 -114.06 17.27 -29.26
N ASN A 606 -113.17 16.33 -28.97
CA ASN A 606 -113.56 14.92 -28.92
C ASN A 606 -114.60 14.68 -27.83
N ASN A 607 -114.42 15.32 -26.67
CA ASN A 607 -115.40 15.18 -25.59
C ASN A 607 -116.74 15.79 -26.00
N ARG A 608 -116.71 16.96 -26.65
CA ARG A 608 -117.92 17.61 -27.11
C ARG A 608 -117.55 18.61 -28.19
N GLU A 609 -118.14 18.48 -29.37
CA GLU A 609 -117.85 19.37 -30.48
C GLU A 609 -118.67 20.65 -30.31
N LYS A 610 -118.59 21.56 -31.29
CA LYS A 610 -119.34 22.82 -31.29
C LYS A 610 -118.94 23.69 -30.09
N TYR A 611 -117.66 24.00 -30.02
CA TYR A 611 -117.10 24.87 -28.99
C TYR A 611 -116.69 26.20 -29.62
N THR A 612 -116.24 27.12 -28.77
CA THR A 612 -115.82 28.44 -29.20
C THR A 612 -114.66 28.89 -28.32
N PHE A 613 -114.31 30.18 -28.42
CA PHE A 613 -113.21 30.70 -27.63
C PHE A 613 -113.55 30.70 -26.14
N GLU A 614 -114.82 30.97 -25.80
CA GLU A 614 -115.22 30.99 -24.40
C GLU A 614 -115.09 29.62 -23.77
N GLU A 615 -115.46 28.57 -24.51
CA GLU A 615 -115.40 27.22 -23.97
C GLU A 615 -113.95 26.78 -23.73
N ILE A 616 -113.05 27.19 -24.62
CA ILE A 616 -111.64 26.78 -24.47
C ILE A 616 -110.90 27.72 -23.54
N GLN A 617 -111.51 28.85 -23.16
CA GLN A 617 -110.87 29.75 -22.22
C GLN A 617 -111.44 29.65 -20.82
N GLN A 618 -112.58 28.99 -20.65
CA GLN A 618 -113.25 28.89 -19.36
C GLN A 618 -112.95 27.58 -18.63
N GLU A 619 -113.12 26.44 -19.31
CA GLU A 619 -112.96 25.13 -18.70
C GLU A 619 -111.65 24.47 -19.11
N THR A 620 -110.60 25.28 -19.26
CA THR A 620 -109.30 24.75 -19.66
C THR A 620 -108.13 25.28 -18.84
N ASP A 621 -108.25 26.42 -18.17
CA ASP A 621 -107.14 27.07 -17.48
C ASP A 621 -105.99 27.32 -18.46
N ILE A 622 -106.31 28.05 -19.52
CA ILE A 622 -105.42 28.22 -20.67
C ILE A 622 -104.66 29.54 -20.50
N PRO A 623 -103.38 29.60 -20.89
CA PRO A 623 -102.63 30.85 -20.77
C PRO A 623 -103.02 31.92 -21.78
N GLU A 624 -102.19 32.94 -22.01
CA GLU A 624 -102.65 34.02 -22.92
C GLU A 624 -101.98 33.97 -24.31
N ARG A 625 -100.76 34.51 -24.41
CA ARG A 625 -100.06 34.62 -25.72
C ARG A 625 -100.00 33.27 -26.45
N GLU A 626 -99.54 32.21 -25.79
CA GLU A 626 -99.37 30.91 -26.51
C GLU A 626 -100.74 30.36 -26.93
N LEU A 627 -101.76 30.49 -26.09
CA LEU A 627 -103.12 30.08 -26.51
C LEU A 627 -103.45 30.80 -27.82
N VAL A 628 -103.35 32.13 -27.82
CA VAL A 628 -103.66 32.91 -29.06
C VAL A 628 -102.88 32.29 -30.22
N ARG A 629 -101.55 32.14 -30.07
CA ARG A 629 -100.69 31.58 -31.14
C ARG A 629 -101.27 30.27 -31.68
N ALA A 630 -101.46 29.26 -30.82
CA ALA A 630 -101.97 27.95 -31.26
C ALA A 630 -103.31 28.12 -32.01
N LEU A 631 -104.25 28.84 -31.41
CA LEU A 631 -105.60 29.00 -32.04
C LEU A 631 -105.43 29.55 -33.47
N GLN A 632 -104.61 30.60 -33.61
CA GLN A 632 -104.39 31.22 -34.94
C GLN A 632 -103.76 30.18 -35.89
N SER A 633 -102.66 29.54 -35.47
CA SER A 633 -101.98 28.53 -36.32
C SER A 633 -102.99 27.48 -36.80
N LEU A 634 -104.00 27.18 -35.99
CA LEU A 634 -104.97 26.10 -36.36
C LEU A 634 -106.11 26.60 -37.27
N ALA A 635 -106.68 27.78 -37.04
CA ALA A 635 -107.85 28.15 -37.90
C ALA A 635 -107.55 29.34 -38.82
N CYS A 636 -106.38 29.97 -38.66
CA CYS A 636 -105.96 31.17 -39.38
C CYS A 636 -104.70 30.89 -40.19
N GLY A 637 -104.65 31.49 -41.38
CA GLY A 637 -103.49 31.32 -42.24
C GLY A 637 -103.22 29.89 -42.65
N LYS A 638 -104.28 29.17 -43.02
CA LYS A 638 -104.15 27.74 -43.32
C LYS A 638 -104.29 27.50 -44.81
N PRO A 639 -103.44 26.65 -45.40
CA PRO A 639 -103.64 26.24 -46.79
C PRO A 639 -104.79 25.25 -46.90
N THR A 640 -105.02 24.68 -48.09
CA THR A 640 -106.14 23.77 -48.31
C THR A 640 -105.85 22.38 -47.73
N GLN A 641 -105.46 22.39 -46.47
CA GLN A 641 -105.29 21.21 -45.62
C GLN A 641 -105.87 21.47 -44.25
N ARG A 642 -106.99 22.20 -44.21
CA ARG A 642 -107.55 22.65 -42.94
C ARG A 642 -108.11 21.49 -42.15
N VAL A 643 -107.61 21.33 -40.92
CA VAL A 643 -108.11 20.31 -40.00
C VAL A 643 -109.04 20.89 -38.95
N LEU A 644 -109.22 22.22 -38.92
CA LEU A 644 -110.10 22.85 -37.94
C LEU A 644 -110.68 24.11 -38.61
N THR A 645 -111.89 24.00 -39.12
CA THR A 645 -112.55 25.10 -39.82
C THR A 645 -113.56 25.79 -38.91
N LYS A 646 -114.00 26.97 -39.33
CA LYS A 646 -114.99 27.75 -38.61
C LYS A 646 -115.96 28.38 -39.61
N GLU A 647 -117.14 28.75 -39.11
CA GLU A 647 -118.14 29.41 -39.93
C GLU A 647 -117.82 30.90 -40.11
N PRO A 648 -117.49 31.66 -39.05
CA PRO A 648 -117.14 33.07 -39.26
C PRO A 648 -115.77 33.25 -39.87
N LYS A 649 -115.67 33.09 -41.19
CA LYS A 649 -114.38 33.23 -41.87
C LYS A 649 -113.89 34.66 -41.79
N SER A 650 -112.79 34.86 -41.05
CA SER A 650 -112.23 36.19 -40.86
C SER A 650 -110.78 36.05 -40.40
N LYS A 651 -110.00 37.10 -40.62
CA LYS A 651 -108.59 37.09 -40.23
C LYS A 651 -108.45 37.21 -38.71
N GLU A 652 -109.04 38.25 -38.14
CA GLU A 652 -108.94 38.45 -36.70
C GLU A 652 -109.78 37.42 -35.94
N ILE A 653 -109.42 37.21 -34.69
CA ILE A 653 -110.03 36.18 -33.85
C ILE A 653 -111.16 36.81 -33.05
N GLU A 654 -112.34 36.21 -33.14
CA GLU A 654 -113.51 36.66 -32.40
C GLU A 654 -113.68 35.78 -31.16
N ASN A 655 -114.82 35.93 -30.48
CA ASN A 655 -115.14 35.14 -29.30
C ASN A 655 -116.13 34.02 -29.63
N GLY A 656 -117.31 34.39 -30.11
CA GLY A 656 -118.34 33.41 -30.42
C GLY A 656 -118.26 32.85 -31.83
N HIS A 657 -117.25 32.01 -32.08
CA HIS A 657 -117.03 31.39 -33.37
C HIS A 657 -116.98 29.88 -33.19
N ILE A 658 -117.87 29.17 -33.89
CA ILE A 658 -117.93 27.72 -33.77
C ILE A 658 -116.84 27.08 -34.61
N PHE A 659 -116.26 26.00 -34.10
CA PHE A 659 -115.20 25.28 -34.77
C PHE A 659 -115.73 23.95 -35.33
N THR A 660 -115.28 23.62 -36.55
CA THR A 660 -115.65 22.38 -37.20
C THR A 660 -114.42 21.67 -37.75
N VAL A 661 -114.63 20.56 -38.46
CA VAL A 661 -113.53 19.79 -39.01
C VAL A 661 -113.86 19.44 -40.46
N ASN A 662 -112.82 19.42 -41.30
CA ASN A 662 -112.96 19.10 -42.72
C ASN A 662 -112.11 17.89 -43.05
N ASP A 663 -112.48 17.19 -44.13
CA ASP A 663 -111.78 15.99 -44.54
C ASP A 663 -110.39 16.32 -45.10
N GLN A 664 -110.36 17.07 -46.20
CA GLN A 664 -109.11 17.49 -46.85
C GLN A 664 -108.27 16.26 -47.27
N PHE A 665 -108.81 15.55 -48.26
CA PHE A 665 -108.18 14.35 -48.79
C PHE A 665 -106.91 14.63 -49.57
N THR A 666 -106.44 15.88 -49.61
CA THR A 666 -105.21 16.20 -50.35
C THR A 666 -103.98 15.52 -49.77
N SER A 667 -104.06 15.05 -48.52
CA SER A 667 -102.95 14.33 -47.91
C SER A 667 -102.80 12.98 -48.61
N LYS A 668 -101.72 12.83 -49.38
CA LYS A 668 -101.47 11.61 -50.14
C LYS A 668 -100.83 10.51 -49.31
N LEU A 669 -100.86 10.61 -47.99
CA LEU A 669 -100.24 9.61 -47.12
C LEU A 669 -101.05 9.53 -45.82
N HIS A 670 -100.55 8.69 -44.90
CA HIS A 670 -101.21 8.48 -43.62
C HIS A 670 -100.57 9.29 -42.49
N ARG A 671 -99.45 9.94 -42.74
CA ARG A 671 -98.76 10.75 -41.73
C ARG A 671 -98.67 12.18 -42.26
N VAL A 672 -99.73 12.96 -42.03
CA VAL A 672 -99.77 14.36 -42.44
C VAL A 672 -99.60 15.23 -41.20
N LYS A 673 -98.66 16.17 -41.28
CA LYS A 673 -98.32 17.02 -40.15
C LYS A 673 -98.65 18.48 -40.48
N ILE A 674 -99.01 19.25 -39.45
CA ILE A 674 -99.29 20.66 -39.60
C ILE A 674 -98.13 21.45 -38.99
N GLN A 675 -97.16 21.80 -39.83
CA GLN A 675 -95.95 22.49 -39.37
C GLN A 675 -96.10 23.99 -39.56
N THR A 676 -97.04 24.57 -38.82
CA THR A 676 -97.27 26.04 -38.91
C THR A 676 -96.14 26.78 -38.18
N VAL A 677 -95.07 26.05 -37.82
CA VAL A 677 -93.91 26.66 -37.12
C VAL A 677 -92.71 26.67 -38.07
N ALA A 678 -91.52 27.07 -37.57
CA ALA A 678 -90.30 27.12 -38.40
C ALA A 678 -90.58 27.82 -39.73
N ALA A 679 -90.94 29.11 -39.68
CA ALA A 679 -91.26 29.87 -40.91
C ALA A 679 -90.19 30.93 -41.17
N LYS A 680 -90.60 32.18 -41.40
CA LYS A 680 -89.64 33.28 -41.68
C LYS A 680 -89.17 33.89 -40.36
N GLN A 681 -88.07 34.66 -40.39
CA GLN A 681 -87.52 35.28 -39.17
C GLN A 681 -87.64 36.81 -39.27
N GLY A 682 -88.55 37.41 -38.48
CA GLY A 682 -88.73 38.87 -38.50
C GLY A 682 -88.16 39.53 -37.25
N GLU A 683 -87.63 38.72 -36.31
CA GLU A 683 -87.02 39.26 -35.06
C GLU A 683 -87.99 40.24 -34.39
N SER A 684 -89.17 39.76 -34.01
CA SER A 684 -90.20 40.63 -33.37
C SER A 684 -89.68 41.23 -32.06
N ASP A 685 -90.07 42.46 -31.75
CA ASP A 685 -89.61 43.14 -30.51
C ASP A 685 -89.80 42.24 -29.27
N PRO A 686 -90.99 41.67 -28.98
CA PRO A 686 -91.17 40.74 -27.86
C PRO A 686 -89.94 39.88 -27.53
N GLU A 687 -89.56 38.98 -28.46
CA GLU A 687 -88.41 38.08 -28.20
C GLU A 687 -87.10 38.87 -28.25
N ARG A 688 -86.94 39.73 -29.27
CA ARG A 688 -85.69 40.51 -29.42
C ARG A 688 -85.33 41.22 -28.11
N LYS A 689 -86.33 41.68 -27.34
CA LYS A 689 -86.06 42.42 -26.13
C LYS A 689 -85.77 41.49 -24.96
N GLU A 690 -86.52 40.39 -24.84
CA GLU A 690 -86.31 39.50 -23.71
C GLU A 690 -84.98 38.75 -23.83
N THR A 691 -84.61 38.34 -25.05
CA THR A 691 -83.31 37.68 -25.19
C THR A 691 -82.16 38.66 -25.04
N ARG A 692 -82.38 39.94 -25.40
CA ARG A 692 -81.36 40.95 -25.15
C ARG A 692 -81.18 41.18 -23.66
N GLN A 693 -82.28 41.26 -22.90
CA GLN A 693 -82.17 41.38 -21.46
C GLN A 693 -81.49 40.16 -20.86
N LYS A 694 -81.80 38.97 -21.37
CA LYS A 694 -81.17 37.75 -20.86
C LYS A 694 -79.67 37.76 -21.11
N VAL A 695 -79.24 38.14 -22.31
CA VAL A 695 -77.81 38.14 -22.60
C VAL A 695 -77.11 39.29 -21.85
N ASP A 696 -77.83 40.38 -21.57
CA ASP A 696 -77.25 41.44 -20.77
C ASP A 696 -77.00 40.98 -19.34
N ASP A 697 -77.99 40.29 -18.75
CA ASP A 697 -77.79 39.72 -17.42
C ASP A 697 -76.67 38.68 -17.42
N ASP A 698 -76.59 37.89 -18.50
CA ASP A 698 -75.50 36.91 -18.62
C ASP A 698 -74.15 37.60 -18.63
N ARG A 699 -74.02 38.67 -19.43
CA ARG A 699 -72.71 39.38 -19.55
C ARG A 699 -72.37 40.03 -18.21
N LYS A 700 -73.37 40.26 -17.36
CA LYS A 700 -73.08 40.81 -16.01
C LYS A 700 -72.27 39.77 -15.23
N HIS A 701 -72.58 38.48 -15.41
CA HIS A 701 -71.76 37.42 -14.77
C HIS A 701 -70.38 37.39 -15.42
N GLU A 702 -70.32 37.61 -16.74
CA GLU A 702 -69.03 37.51 -17.46
C GLU A 702 -68.07 38.61 -16.99
N ILE A 703 -68.61 39.64 -16.30
CA ILE A 703 -67.75 40.74 -15.76
C ILE A 703 -67.67 40.64 -14.24
N GLU A 704 -68.40 39.70 -13.62
CA GLU A 704 -68.34 39.51 -12.15
C GLU A 704 -67.62 38.19 -11.84
N ALA A 705 -68.11 37.07 -12.36
CA ALA A 705 -67.41 35.79 -12.19
C ALA A 705 -65.94 35.92 -12.58
N ALA A 706 -65.67 36.58 -13.70
CA ALA A 706 -64.29 36.76 -14.15
C ALA A 706 -63.49 37.60 -13.17
N ILE A 707 -64.07 38.70 -12.67
CA ILE A 707 -63.32 39.57 -11.78
C ILE A 707 -63.02 38.85 -10.45
N VAL A 708 -63.99 38.10 -9.92
CA VAL A 708 -63.75 37.39 -8.67
C VAL A 708 -62.86 36.16 -8.86
N ARG A 709 -62.76 35.65 -10.09
CA ARG A 709 -61.83 34.56 -10.34
C ARG A 709 -60.41 35.05 -10.56
N ILE A 710 -60.25 36.24 -11.12
CA ILE A 710 -58.93 36.75 -11.49
C ILE A 710 -58.30 37.57 -10.38
N MET A 711 -59.00 38.60 -9.88
CA MET A 711 -58.37 39.56 -8.98
C MET A 711 -58.04 38.98 -7.61
N LYS A 712 -58.35 37.71 -7.35
CA LYS A 712 -57.95 37.08 -6.11
C LYS A 712 -56.48 36.65 -6.13
N SER A 713 -55.86 36.57 -7.30
CA SER A 713 -54.45 36.20 -7.41
C SER A 713 -53.64 37.27 -8.13
N ARG A 714 -54.14 38.51 -8.16
CA ARG A 714 -53.43 39.60 -8.82
C ARG A 714 -53.25 40.77 -7.88
N LYS A 715 -52.76 41.90 -8.41
CA LYS A 715 -52.50 43.07 -7.60
C LYS A 715 -53.78 43.90 -7.48
N LYS A 716 -53.67 45.08 -6.88
CA LYS A 716 -54.80 45.99 -6.69
C LYS A 716 -54.68 47.17 -7.64
N MET A 717 -55.82 47.82 -7.89
CA MET A 717 -55.87 49.01 -8.73
C MET A 717 -56.06 50.25 -7.86
N GLN A 718 -55.68 51.40 -8.42
CA GLN A 718 -55.89 52.68 -7.76
C GLN A 718 -57.12 53.40 -8.32
N HIS A 719 -57.12 53.68 -9.62
CA HIS A 719 -58.30 54.24 -10.27
C HIS A 719 -58.80 53.36 -11.42
N ASN A 720 -57.97 53.11 -12.43
CA ASN A 720 -58.38 52.39 -13.64
C ASN A 720 -57.31 51.41 -14.09
N VAL A 721 -56.72 50.67 -13.16
CA VAL A 721 -55.62 49.78 -13.49
C VAL A 721 -56.12 48.38 -13.86
N LEU A 722 -56.92 47.76 -12.99
CA LEU A 722 -57.39 46.41 -13.23
C LEU A 722 -58.53 46.34 -14.25
N VAL A 723 -59.19 47.47 -14.53
CA VAL A 723 -60.25 47.46 -15.53
C VAL A 723 -59.68 47.20 -16.91
N ALA A 724 -58.47 47.69 -17.19
CA ALA A 724 -57.83 47.38 -18.47
C ALA A 724 -57.61 45.88 -18.61
N GLU A 725 -57.18 45.22 -17.54
CA GLU A 725 -56.98 43.77 -17.58
C GLU A 725 -58.30 43.03 -17.75
N VAL A 726 -59.34 43.45 -17.02
CA VAL A 726 -60.61 42.73 -17.10
C VAL A 726 -61.26 42.98 -18.46
N THR A 727 -60.91 44.06 -19.15
CA THR A 727 -61.41 44.27 -20.50
C THR A 727 -60.59 43.50 -21.53
N GLN A 728 -59.27 43.40 -21.31
CA GLN A 728 -58.44 42.60 -22.21
C GLN A 728 -58.79 41.12 -22.13
N GLN A 729 -59.15 40.63 -20.94
CA GLN A 729 -59.57 39.24 -20.82
C GLN A 729 -60.89 39.00 -21.53
N LEU A 730 -61.72 40.03 -21.68
CA LEU A 730 -63.00 39.93 -22.37
C LEU A 730 -63.00 40.60 -23.73
N LYS A 731 -61.82 40.87 -24.29
CA LYS A 731 -61.75 41.51 -25.60
C LYS A 731 -62.33 40.60 -26.68
N ALA A 732 -62.03 39.30 -26.62
CA ALA A 732 -62.52 38.35 -27.60
C ALA A 732 -63.94 37.87 -27.31
N ARG A 733 -64.58 38.39 -26.27
CA ARG A 733 -65.95 38.00 -25.92
C ARG A 733 -66.98 38.98 -26.44
N PHE A 734 -66.85 40.25 -26.05
CA PHE A 734 -67.81 41.29 -26.44
C PHE A 734 -67.18 42.65 -26.16
N LEU A 735 -67.99 43.69 -26.29
CA LEU A 735 -67.52 45.05 -26.05
C LEU A 735 -67.19 45.23 -24.56
N PRO A 736 -66.26 46.13 -24.24
CA PRO A 736 -65.90 46.31 -22.82
C PRO A 736 -67.02 46.92 -21.99
N SER A 737 -67.85 47.79 -22.57
CA SER A 737 -68.94 48.48 -21.88
C SER A 737 -68.39 49.19 -20.64
N PRO A 738 -67.65 50.29 -20.81
CA PRO A 738 -67.02 50.93 -19.64
C PRO A 738 -68.01 51.38 -18.58
N VAL A 739 -69.12 52.01 -18.98
CA VAL A 739 -70.07 52.52 -18.00
C VAL A 739 -70.68 51.38 -17.20
N VAL A 740 -71.01 50.27 -17.87
CA VAL A 740 -71.66 49.15 -17.19
C VAL A 740 -70.72 48.53 -16.17
N ILE A 741 -69.47 48.27 -16.58
CA ILE A 741 -68.54 47.63 -15.66
C ILE A 741 -68.18 48.58 -14.52
N LYS A 742 -68.09 49.89 -14.79
CA LYS A 742 -67.81 50.84 -13.72
C LYS A 742 -68.96 50.92 -12.73
N LYS A 743 -70.19 50.82 -13.22
CA LYS A 743 -71.33 50.83 -12.30
C LYS A 743 -71.46 49.52 -11.53
N ARG A 744 -70.99 48.42 -12.10
CA ARG A 744 -71.14 47.12 -11.46
C ARG A 744 -70.00 46.78 -10.49
N ILE A 745 -68.80 47.34 -10.71
CA ILE A 745 -67.71 47.03 -9.79
C ILE A 745 -67.90 47.71 -8.45
N GLU A 746 -68.66 48.81 -8.41
CA GLU A 746 -68.90 49.56 -7.19
C GLU A 746 -70.14 49.08 -6.44
N GLY A 747 -70.76 47.99 -6.86
CA GLY A 747 -71.93 47.47 -6.18
C GLY A 747 -71.60 46.42 -5.14
N LEU A 748 -70.41 45.81 -5.29
CA LEU A 748 -69.94 44.79 -4.33
C LEU A 748 -69.32 45.49 -3.12
N ILE A 749 -69.44 46.82 -3.06
CA ILE A 749 -68.86 47.61 -1.93
C ILE A 749 -69.66 47.30 -0.66
N GLU A 750 -70.99 47.15 -0.78
CA GLU A 750 -71.85 46.89 0.39
C GLU A 750 -71.95 45.38 0.64
N ARG A 751 -70.89 44.63 0.32
CA ARG A 751 -70.89 43.15 0.55
C ARG A 751 -69.77 42.81 1.54
N GLU A 752 -69.01 41.74 1.27
CA GLU A 752 -67.93 41.30 2.19
C GLU A 752 -66.66 41.01 1.40
N TYR A 753 -66.67 39.93 0.60
CA TYR A 753 -65.47 39.53 -0.18
C TYR A 753 -64.94 40.71 -0.98
N LEU A 754 -63.67 41.12 -0.74
CA LEU A 754 -63.10 42.18 -1.57
C LEU A 754 -64.10 43.31 -1.77
N ALA A 755 -64.46 43.97 -0.68
CA ALA A 755 -65.36 45.12 -0.75
C ALA A 755 -64.87 46.20 -1.70
N ARG A 756 -63.54 46.31 -1.86
CA ARG A 756 -62.93 47.30 -2.76
C ARG A 756 -63.34 48.72 -2.34
N THR A 757 -62.91 49.08 -1.13
CA THR A 757 -63.21 50.35 -0.49
C THR A 757 -62.96 51.52 -1.43
N PRO A 758 -64.00 52.29 -1.77
CA PRO A 758 -63.80 53.38 -2.75
C PRO A 758 -62.93 54.52 -2.22
N GLU A 759 -63.21 55.02 -1.01
CA GLU A 759 -62.41 56.09 -0.45
C GLU A 759 -61.00 55.65 -0.09
N ASP A 760 -60.84 54.48 0.54
CA ASP A 760 -59.53 53.93 0.87
C ASP A 760 -59.04 53.04 -0.26
N ARG A 761 -58.96 53.63 -1.45
CA ARG A 761 -58.55 52.90 -2.64
C ARG A 761 -57.04 52.80 -2.74
N LYS A 762 -56.40 52.38 -1.64
CA LYS A 762 -54.92 52.20 -1.63
C LYS A 762 -54.64 50.74 -1.21
N VAL A 763 -55.56 50.16 -0.43
CA VAL A 763 -55.40 48.73 0.00
C VAL A 763 -56.78 48.07 -0.09
N TYR A 764 -56.88 46.94 -0.81
CA TYR A 764 -58.18 46.25 -0.97
C TYR A 764 -58.23 45.02 -0.06
N THR A 765 -59.31 44.87 0.71
CA THR A 765 -59.44 43.72 1.65
C THR A 765 -59.49 42.42 0.86
N TYR A 766 -58.37 41.67 0.82
CA TYR A 766 -58.31 40.42 0.03
C TYR A 766 -58.77 39.24 0.89
N VAL A 767 -60.05 39.24 1.28
CA VAL A 767 -60.61 38.13 2.11
C VAL A 767 -61.00 36.97 1.20
N ALA A 768 -60.49 35.78 1.48
CA ALA A 768 -60.82 34.59 0.66
C ALA A 768 -61.33 33.47 1.57
N MET B 25 -12.50 -0.36 -89.92
CA MET B 25 -13.45 -1.46 -89.79
C MET B 25 -13.30 -2.45 -90.94
N ASP B 26 -13.58 -1.99 -92.16
CA ASP B 26 -13.46 -2.84 -93.34
C ASP B 26 -11.99 -3.13 -93.62
N GLU B 27 -11.74 -4.33 -94.16
CA GLU B 27 -10.37 -4.74 -94.43
C GLU B 27 -9.73 -3.90 -95.53
N LYS B 28 -10.50 -3.49 -96.53
CA LYS B 28 -9.95 -2.63 -97.58
C LYS B 28 -9.60 -1.25 -97.03
N TYR B 29 -10.37 -0.77 -96.05
CA TYR B 29 -10.03 0.51 -95.42
C TYR B 29 -8.71 0.41 -94.66
N VAL B 30 -8.50 -0.69 -93.94
CA VAL B 30 -7.24 -0.90 -93.25
C VAL B 30 -6.09 -1.03 -94.24
N ASN B 31 -6.34 -1.69 -95.38
CA ASN B 31 -5.32 -1.82 -96.40
C ASN B 31 -4.95 -0.47 -97.01
N SER B 32 -5.96 0.39 -97.23
CA SER B 32 -5.69 1.72 -97.76
C SER B 32 -4.90 2.55 -96.75
N ILE B 33 -5.24 2.45 -95.47
CA ILE B 33 -4.48 3.14 -94.43
C ILE B 33 -3.05 2.64 -94.40
N TRP B 34 -2.85 1.33 -94.52
CA TRP B 34 -1.52 0.76 -94.48
C TRP B 34 -0.70 1.21 -95.70
N ASP B 35 -1.33 1.28 -96.86
CA ASP B 35 -0.64 1.79 -98.04
C ASP B 35 -0.28 3.26 -97.93
N LEU B 36 -1.16 4.06 -97.32
CA LEU B 36 -0.84 5.47 -97.09
C LEU B 36 0.34 5.59 -96.12
N LEU B 37 0.37 4.76 -95.09
CA LEU B 37 1.49 4.77 -94.15
C LEU B 37 2.78 4.33 -94.83
N LYS B 38 2.69 3.35 -95.74
CA LYS B 38 3.86 2.91 -96.48
C LYS B 38 4.41 4.05 -97.33
N ASN B 39 3.54 4.72 -98.09
CA ASN B 39 3.98 5.85 -98.91
C ASN B 39 4.59 6.94 -98.03
N ALA B 40 3.99 7.19 -96.86
CA ALA B 40 4.50 8.24 -95.98
C ALA B 40 5.89 7.91 -95.47
N ILE B 41 6.08 6.69 -94.96
CA ILE B 41 7.38 6.33 -94.40
C ILE B 41 8.43 6.22 -95.50
N GLN B 42 8.03 5.83 -96.72
CA GLN B 42 8.98 5.79 -97.82
C GLN B 42 9.39 7.19 -98.24
N GLU B 43 8.45 8.14 -98.23
CA GLU B 43 8.81 9.53 -98.49
C GLU B 43 9.71 10.09 -97.41
N ILE B 44 9.50 9.66 -96.16
CA ILE B 44 10.37 10.10 -95.07
C ILE B 44 11.77 9.54 -95.24
N GLN B 45 11.88 8.29 -95.67
CA GLN B 45 13.19 7.69 -95.88
C GLN B 45 13.94 8.38 -97.01
N ARG B 46 13.23 9.05 -97.91
CA ARG B 46 13.86 9.79 -98.99
C ARG B 46 14.41 11.15 -98.55
N LYS B 47 14.32 11.46 -97.25
CA LYS B 47 14.81 12.73 -96.70
C LYS B 47 14.09 13.93 -97.33
N ASN B 48 12.79 13.79 -97.55
CA ASN B 48 11.94 14.87 -98.06
C ASN B 48 10.64 14.91 -97.29
N ASN B 49 10.72 14.78 -95.96
CA ASN B 49 9.55 14.76 -95.10
C ASN B 49 9.08 16.16 -94.71
N SER B 50 9.48 17.18 -95.48
CA SER B 50 9.15 18.58 -95.11
C SER B 50 7.67 18.90 -95.34
N GLY B 51 7.32 19.43 -96.51
CA GLY B 51 5.92 19.84 -96.77
C GLY B 51 5.02 18.65 -97.05
N LEU B 52 4.53 17.99 -95.98
CA LEU B 52 3.66 16.79 -96.15
C LEU B 52 2.77 16.65 -94.91
N SER B 53 1.44 16.79 -95.09
CA SER B 53 0.48 16.66 -93.96
C SER B 53 0.59 15.24 -93.36
N PHE B 54 1.28 15.11 -92.23
CA PHE B 54 1.47 13.78 -91.59
C PHE B 54 0.73 13.76 -90.25
N GLU B 55 -0.08 14.79 -89.97
CA GLU B 55 -0.89 14.79 -88.73
C GLU B 55 -1.86 13.61 -88.81
N GLU B 56 -2.45 13.40 -89.99
CA GLU B 56 -3.37 12.25 -90.20
C GLU B 56 -2.58 10.95 -90.03
N LEU B 57 -1.33 10.93 -90.48
CA LEU B 57 -0.50 9.70 -90.42
C LEU B 57 -0.51 9.10 -89.02
N TYR B 58 -0.57 9.94 -87.98
CA TYR B 58 -0.68 9.40 -86.60
C TYR B 58 -2.11 8.92 -86.36
N ARG B 59 -3.11 9.81 -86.32
CA ARG B 59 -4.49 9.37 -86.28
C ARG B 59 -4.62 7.99 -86.93
N ASN B 60 -4.10 7.86 -88.14
CA ASN B 60 -4.19 6.59 -88.85
C ASN B 60 -3.58 5.44 -88.05
N ALA B 61 -2.36 5.62 -87.57
CA ALA B 61 -1.69 4.55 -86.82
C ALA B 61 -2.54 4.17 -85.63
N TYR B 62 -3.04 5.16 -84.90
CA TYR B 62 -3.87 4.93 -83.74
C TYR B 62 -5.04 4.05 -84.13
N THR B 63 -5.84 4.49 -85.10
CA THR B 63 -7.01 3.72 -85.47
C THR B 63 -6.62 2.28 -85.82
N MET B 64 -5.56 2.13 -86.60
CA MET B 64 -5.09 0.79 -86.96
C MET B 64 -4.83 -0.08 -85.74
N VAL B 65 -3.95 0.36 -84.84
CA VAL B 65 -3.61 -0.49 -83.69
C VAL B 65 -4.76 -0.65 -82.71
N LEU B 66 -5.76 0.23 -82.79
CA LEU B 66 -6.90 0.14 -81.90
C LEU B 66 -7.86 -0.93 -82.38
N HIS B 67 -7.84 -1.25 -83.67
CA HIS B 67 -8.76 -2.27 -84.08
C HIS B 67 -7.91 -3.46 -83.94
N LYS B 68 -7.01 -3.38 -83.01
CA LYS B 68 -6.14 -4.47 -82.78
C LYS B 68 -5.58 -5.02 -84.05
N HIS B 69 -4.72 -4.28 -84.70
CA HIS B 69 -4.19 -4.73 -85.96
C HIS B 69 -2.77 -4.38 -85.87
N GLY B 70 -2.24 -4.48 -84.65
CA GLY B 70 -0.88 -4.08 -84.40
C GLY B 70 0.10 -5.03 -85.02
N GLU B 71 -0.16 -6.33 -84.90
CA GLU B 71 0.71 -7.33 -85.50
C GLU B 71 0.99 -6.94 -86.93
N LYS B 72 -0.05 -6.88 -87.75
CA LYS B 72 0.09 -6.51 -89.14
C LYS B 72 0.98 -5.29 -89.29
N LEU B 73 0.59 -4.16 -88.70
CA LEU B 73 1.36 -2.93 -88.82
C LEU B 73 2.84 -3.19 -88.56
N TYR B 74 3.17 -3.67 -87.37
CA TYR B 74 4.56 -3.95 -86.99
C TYR B 74 5.29 -4.76 -88.05
N THR B 75 4.75 -5.92 -88.39
CA THR B 75 5.44 -6.79 -89.34
C THR B 75 5.67 -6.12 -90.70
N GLY B 76 4.65 -5.44 -91.20
CA GLY B 76 4.78 -4.78 -92.48
C GLY B 76 5.83 -3.68 -92.45
N LEU B 77 5.86 -2.92 -91.37
CA LEU B 77 6.83 -1.84 -91.24
C LEU B 77 8.21 -2.48 -91.26
N ARG B 78 8.37 -3.56 -90.51
CA ARG B 78 9.63 -4.26 -90.50
C ARG B 78 10.01 -4.58 -91.93
N GLU B 79 9.13 -5.27 -92.66
CA GLU B 79 9.40 -5.62 -94.05
C GLU B 79 9.87 -4.42 -94.88
N VAL B 80 9.10 -3.32 -94.85
CA VAL B 80 9.45 -2.14 -95.64
C VAL B 80 10.85 -1.63 -95.30
N VAL B 81 11.12 -1.43 -94.01
CA VAL B 81 12.41 -0.86 -93.66
C VAL B 81 13.53 -1.83 -94.07
N THR B 82 13.31 -3.13 -93.92
CA THR B 82 14.31 -4.12 -94.27
C THR B 82 14.60 -4.08 -95.75
N GLU B 83 13.57 -3.95 -96.58
CA GLU B 83 13.77 -3.85 -98.04
C GLU B 83 14.51 -2.56 -98.40
N HIS B 84 14.18 -1.46 -97.72
CA HIS B 84 14.88 -0.22 -97.99
C HIS B 84 16.34 -0.48 -97.71
N LEU B 85 16.61 -1.12 -96.59
CA LEU B 85 17.98 -1.45 -96.22
C LEU B 85 18.64 -2.24 -97.33
N ILE B 86 18.06 -3.38 -97.73
CA ILE B 86 18.62 -4.14 -98.84
C ILE B 86 19.01 -3.21 -99.99
N ASN B 87 18.06 -2.45 -100.54
CA ASN B 87 18.39 -1.62 -101.69
C ASN B 87 19.62 -0.76 -101.39
N LYS B 88 19.48 0.09 -100.39
CA LYS B 88 20.57 1.00 -100.06
C LYS B 88 21.93 0.34 -99.91
N VAL B 89 22.00 -0.74 -99.15
CA VAL B 89 23.31 -1.33 -98.87
C VAL B 89 23.87 -2.17 -99.99
N ARG B 90 23.01 -2.72 -100.84
CA ARG B 90 23.53 -3.41 -102.00
C ARG B 90 24.20 -2.31 -102.77
N GLU B 91 23.49 -1.19 -102.91
CA GLU B 91 24.08 -0.07 -103.62
C GLU B 91 25.44 0.28 -103.04
N ASP B 92 25.52 0.42 -101.71
CA ASP B 92 26.77 0.84 -101.07
C ASP B 92 27.92 -0.14 -101.21
N VAL B 93 27.64 -1.43 -101.17
CA VAL B 93 28.69 -2.44 -101.30
C VAL B 93 29.18 -2.39 -102.74
N LEU B 94 28.26 -2.20 -103.67
CA LEU B 94 28.66 -2.09 -105.05
C LEU B 94 29.49 -0.82 -105.29
N ASN B 95 29.23 0.27 -104.56
CA ASN B 95 29.98 1.52 -104.90
C ASN B 95 30.59 2.19 -103.66
N SER B 96 29.77 2.59 -102.68
CA SER B 96 30.28 3.34 -101.51
C SER B 96 31.39 2.58 -100.76
N LEU B 97 31.49 1.26 -100.95
CA LEU B 97 32.52 0.44 -100.27
C LEU B 97 33.91 1.06 -100.50
N ASN B 98 34.21 1.47 -101.74
CA ASN B 98 35.55 2.01 -102.05
C ASN B 98 35.59 3.53 -101.80
N ASN B 99 34.81 4.30 -102.56
CA ASN B 99 34.86 5.79 -102.43
C ASN B 99 34.49 6.22 -101.01
N ASN B 100 35.45 6.76 -100.26
CA ASN B 100 35.18 7.29 -98.89
C ASN B 100 34.32 6.29 -98.10
N PHE B 101 34.87 5.14 -97.73
CA PHE B 101 34.09 4.09 -97.04
C PHE B 101 33.48 4.59 -95.72
N LEU B 102 34.31 4.79 -94.69
CA LEU B 102 33.77 5.17 -93.38
C LEU B 102 32.96 6.46 -93.46
N GLN B 103 33.29 7.34 -94.40
CA GLN B 103 32.55 8.59 -94.56
C GLN B 103 31.08 8.32 -94.88
N THR B 104 30.83 7.64 -96.00
CA THR B 104 29.46 7.31 -96.35
C THR B 104 28.85 6.32 -95.36
N LEU B 105 29.68 5.53 -94.68
CA LEU B 105 29.16 4.62 -93.66
C LEU B 105 28.50 5.39 -92.52
N ASN B 106 29.23 6.33 -91.91
CA ASN B 106 28.65 7.13 -90.84
C ASN B 106 27.56 8.06 -91.37
N GLN B 107 27.66 8.47 -92.64
CA GLN B 107 26.60 9.29 -93.23
C GLN B 107 25.28 8.53 -93.25
N ALA B 108 25.28 7.33 -93.85
CA ALA B 108 24.09 6.50 -93.85
C ALA B 108 23.67 6.11 -92.43
N TRP B 109 24.63 5.98 -91.52
CA TRP B 109 24.31 5.65 -90.14
C TRP B 109 23.46 6.74 -89.49
N ASN B 110 23.94 7.99 -89.55
CA ASN B 110 23.17 9.08 -88.94
C ASN B 110 21.88 9.35 -89.69
N ASP B 111 21.86 9.15 -91.01
CA ASP B 111 20.62 9.31 -91.76
C ASP B 111 19.58 8.30 -91.31
N HIS B 112 19.98 7.03 -91.20
CA HIS B 112 19.06 6.00 -90.71
C HIS B 112 18.65 6.27 -89.27
N GLN B 113 19.56 6.83 -88.47
CA GLN B 113 19.23 7.15 -87.09
C GLN B 113 18.14 8.22 -87.02
N THR B 114 18.29 9.28 -87.80
CA THR B 114 17.27 10.32 -87.83
C THR B 114 15.95 9.78 -88.35
N ALA B 115 16.00 8.95 -89.40
CA ALA B 115 14.77 8.38 -89.96
C ALA B 115 14.06 7.51 -88.94
N MET B 116 14.81 6.64 -88.24
CA MET B 116 14.18 5.75 -87.28
C MET B 116 13.69 6.50 -86.05
N VAL B 117 14.35 7.60 -85.68
CA VAL B 117 13.85 8.43 -84.58
C VAL B 117 12.52 9.06 -84.98
N MET B 118 12.44 9.56 -86.22
CA MET B 118 11.18 10.12 -86.68
C MET B 118 10.08 9.07 -86.72
N ILE B 119 10.40 7.86 -87.19
CA ILE B 119 9.41 6.79 -87.23
C ILE B 119 8.96 6.42 -85.82
N ARG B 120 9.90 6.36 -84.88
CA ARG B 120 9.55 6.07 -83.49
C ARG B 120 8.62 7.14 -82.92
N ASP B 121 8.89 8.41 -83.24
CA ASP B 121 8.00 9.49 -82.82
C ASP B 121 6.62 9.36 -83.47
N ILE B 122 6.57 8.78 -84.67
CA ILE B 122 5.28 8.58 -85.33
C ILE B 122 4.55 7.39 -84.69
N LEU B 123 5.24 6.27 -84.53
CA LEU B 123 4.64 5.03 -84.05
C LEU B 123 4.90 4.80 -82.57
N MET B 124 4.90 5.87 -81.76
CA MET B 124 5.21 5.71 -80.35
C MET B 124 4.07 5.01 -79.60
N TYR B 125 2.82 5.25 -80.00
CA TYR B 125 1.71 4.59 -79.32
C TYR B 125 1.77 3.08 -79.48
N MET B 126 2.20 2.60 -80.66
CA MET B 126 2.40 1.17 -80.83
C MET B 126 3.49 0.68 -79.89
N ASP B 127 4.59 1.43 -79.78
CA ASP B 127 5.63 1.08 -78.82
C ASP B 127 5.12 1.05 -77.39
N ARG B 128 4.03 1.77 -77.11
CA ARG B 128 3.48 1.81 -75.76
C ARG B 128 2.52 0.65 -75.49
N VAL B 129 1.71 0.25 -76.47
CA VAL B 129 0.63 -0.69 -76.25
C VAL B 129 0.95 -2.08 -76.76
N TYR B 130 1.58 -2.20 -77.93
CA TYR B 130 1.77 -3.49 -78.58
C TYR B 130 3.12 -4.13 -78.26
N VAL B 131 4.15 -3.33 -78.03
CA VAL B 131 5.48 -3.89 -77.78
C VAL B 131 5.49 -4.72 -76.50
N GLN B 132 4.85 -4.21 -75.44
CA GLN B 132 4.84 -4.92 -74.18
C GLN B 132 3.95 -6.16 -74.20
N GLN B 133 3.14 -6.33 -75.24
CA GLN B 133 2.25 -7.49 -75.28
C GLN B 133 2.98 -8.76 -75.72
N ASN B 134 3.57 -8.75 -76.91
CA ASN B 134 4.25 -9.93 -77.44
C ASN B 134 5.72 -10.00 -77.04
N ASN B 135 6.14 -9.17 -76.08
CA ASN B 135 7.51 -9.15 -75.57
C ASN B 135 8.54 -8.88 -76.67
N VAL B 136 8.11 -8.32 -77.79
CA VAL B 136 9.04 -8.01 -78.87
C VAL B 136 9.74 -6.69 -78.57
N GLU B 137 10.80 -6.42 -79.34
CA GLU B 137 11.55 -5.19 -79.17
C GLU B 137 10.80 -4.02 -79.81
N ASN B 138 11.11 -2.81 -79.33
CA ASN B 138 10.49 -1.61 -79.87
C ASN B 138 11.02 -1.33 -81.27
N VAL B 139 10.38 -0.37 -81.94
CA VAL B 139 10.74 -0.06 -83.33
C VAL B 139 12.14 0.49 -83.41
N TYR B 140 12.60 1.19 -82.38
CA TYR B 140 13.96 1.70 -82.37
C TYR B 140 14.97 0.57 -82.22
N ASN B 141 14.73 -0.31 -81.24
CA ASN B 141 15.59 -1.48 -81.10
C ASN B 141 15.51 -2.40 -82.31
N LEU B 142 14.31 -2.53 -82.90
CA LEU B 142 14.16 -3.34 -84.10
C LEU B 142 14.97 -2.77 -85.26
N GLY B 143 14.89 -1.45 -85.46
CA GLY B 143 15.64 -0.82 -86.52
C GLY B 143 17.14 -0.94 -86.32
N LEU B 144 17.60 -0.76 -85.08
CA LEU B 144 19.03 -0.91 -84.82
C LEU B 144 19.48 -2.35 -85.00
N ILE B 145 18.64 -3.32 -84.62
CA ILE B 145 19.00 -4.72 -84.80
C ILE B 145 19.10 -5.06 -86.27
N ILE B 146 18.13 -4.62 -87.07
CA ILE B 146 18.15 -4.96 -88.49
C ILE B 146 19.26 -4.22 -89.21
N PHE B 147 19.61 -3.02 -88.74
CA PHE B 147 20.74 -2.30 -89.33
C PHE B 147 22.06 -2.95 -88.95
N ARG B 148 22.15 -3.52 -87.75
CA ARG B 148 23.36 -4.22 -87.34
C ARG B 148 23.52 -5.52 -88.12
N ASP B 149 22.43 -6.26 -88.32
CA ASP B 149 22.50 -7.57 -88.95
C ASP B 149 22.60 -7.46 -90.47
N GLN B 150 21.62 -6.80 -91.09
CA GLN B 150 21.52 -6.79 -92.54
C GLN B 150 22.55 -5.87 -93.20
N VAL B 151 22.96 -4.79 -92.53
CA VAL B 151 23.87 -3.81 -93.10
C VAL B 151 25.29 -3.99 -92.59
N VAL B 152 25.45 -4.15 -91.27
CA VAL B 152 26.78 -4.21 -90.66
C VAL B 152 27.30 -5.64 -90.63
N ARG B 153 26.48 -6.59 -90.18
CA ARG B 153 26.90 -7.98 -90.05
C ARG B 153 26.92 -8.74 -91.37
N TYR B 154 26.78 -8.05 -92.50
CA TYR B 154 26.83 -8.73 -93.78
C TYR B 154 28.27 -9.16 -94.11
N GLY B 155 28.39 -10.17 -94.96
CA GLY B 155 29.66 -10.77 -95.28
C GLY B 155 30.69 -9.85 -95.91
N CYS B 156 30.36 -9.30 -97.08
CA CYS B 156 31.32 -8.53 -97.85
C CYS B 156 31.65 -7.17 -97.26
N ILE B 157 30.92 -6.74 -96.21
CA ILE B 157 31.16 -5.43 -95.62
C ILE B 157 31.94 -5.60 -94.30
N ARG B 158 31.71 -6.72 -93.61
CA ARG B 158 32.37 -6.95 -92.33
C ARG B 158 33.88 -7.04 -92.50
N ASP B 159 34.34 -7.89 -93.44
CA ASP B 159 35.77 -8.02 -93.68
C ASP B 159 36.38 -6.70 -94.14
N HIS B 160 35.68 -5.97 -95.00
CA HIS B 160 36.20 -4.71 -95.49
C HIS B 160 36.36 -3.70 -94.36
N LEU B 161 35.35 -3.57 -93.50
CA LEU B 161 35.41 -2.60 -92.42
C LEU B 161 36.49 -2.98 -91.40
N ARG B 162 36.59 -4.25 -91.06
CA ARG B 162 37.61 -4.66 -90.09
C ARG B 162 39.01 -4.47 -90.65
N GLN B 163 39.21 -4.76 -91.94
CA GLN B 163 40.52 -4.55 -92.55
C GLN B 163 40.87 -3.08 -92.60
N THR B 164 39.90 -2.21 -92.93
CA THR B 164 40.18 -0.78 -92.96
C THR B 164 40.50 -0.25 -91.57
N LEU B 165 39.78 -0.72 -90.55
CA LEU B 165 40.06 -0.27 -89.19
C LEU B 165 41.44 -0.74 -88.73
N LEU B 166 41.79 -1.99 -89.02
CA LEU B 166 43.11 -2.48 -88.65
C LEU B 166 44.20 -1.72 -89.39
N ASP B 167 43.98 -1.40 -90.65
CA ASP B 167 44.98 -0.66 -91.43
C ASP B 167 45.16 0.75 -90.88
N MET B 168 44.07 1.42 -90.54
CA MET B 168 44.18 2.79 -90.07
C MET B 168 44.82 2.85 -88.68
N ILE B 169 44.50 1.89 -87.81
CA ILE B 169 45.15 1.90 -86.49
C ILE B 169 46.61 1.48 -86.62
N ALA B 170 46.93 0.62 -87.60
CA ALA B 170 48.33 0.24 -87.80
C ALA B 170 49.16 1.42 -88.28
N ARG B 171 48.64 2.19 -89.24
CA ARG B 171 49.37 3.36 -89.70
C ARG B 171 49.37 4.46 -88.64
N GLU B 172 48.37 4.47 -87.75
CA GLU B 172 48.41 5.40 -86.62
C GLU B 172 49.52 5.02 -85.66
N ARG B 173 49.80 3.72 -85.52
CA ARG B 173 50.85 3.29 -84.60
C ARG B 173 52.24 3.65 -85.10
N LYS B 174 52.43 3.70 -86.43
CA LYS B 174 53.74 3.98 -87.01
C LYS B 174 53.89 5.41 -87.50
N GLY B 175 53.09 6.35 -86.98
CA GLY B 175 53.29 7.76 -87.21
C GLY B 175 52.34 8.40 -88.21
N GLU B 176 51.76 7.62 -89.12
CA GLU B 176 50.85 8.17 -90.12
C GLU B 176 49.57 8.66 -89.45
N VAL B 177 49.28 9.94 -89.59
CA VAL B 177 48.12 10.52 -88.92
C VAL B 177 46.86 10.19 -89.69
N VAL B 178 45.80 9.86 -88.96
CA VAL B 178 44.49 9.57 -89.54
C VAL B 178 43.45 10.38 -88.77
N ASP B 179 42.36 10.73 -89.46
CA ASP B 179 41.27 11.48 -88.85
C ASP B 179 40.62 10.63 -87.76
N ARG B 180 40.84 11.00 -86.50
CA ARG B 180 40.30 10.23 -85.38
C ARG B 180 38.79 10.31 -85.32
N GLY B 181 38.17 11.28 -85.99
CA GLY B 181 36.72 11.37 -85.99
C GLY B 181 36.05 10.16 -86.60
N ALA B 182 36.60 9.67 -87.71
CA ALA B 182 36.01 8.51 -88.38
C ALA B 182 36.05 7.28 -87.49
N ILE B 183 37.21 7.00 -86.90
CA ILE B 183 37.35 5.78 -86.08
C ILE B 183 36.53 5.91 -84.80
N ARG B 184 36.45 7.10 -84.22
CA ARG B 184 35.66 7.25 -83.00
C ARG B 184 34.17 7.15 -83.30
N ASN B 185 33.73 7.64 -84.46
CA ASN B 185 32.33 7.44 -84.86
C ASN B 185 32.04 5.97 -85.11
N ALA B 186 32.98 5.27 -85.74
CA ALA B 186 32.79 3.84 -85.99
C ALA B 186 32.68 3.08 -84.68
N CYS B 187 33.57 3.37 -83.72
CA CYS B 187 33.52 2.65 -82.45
C CYS B 187 32.28 2.99 -81.65
N GLN B 188 31.84 4.25 -81.67
CA GLN B 188 30.64 4.60 -80.91
C GLN B 188 29.39 3.99 -81.53
N MET B 189 29.32 3.93 -82.86
CA MET B 189 28.15 3.28 -83.47
C MET B 189 28.20 1.77 -83.26
N LEU B 190 29.40 1.18 -83.23
CA LEU B 190 29.50 -0.25 -82.96
C LEU B 190 29.04 -0.57 -81.53
N MET B 191 29.44 0.23 -80.55
CA MET B 191 28.99 -0.01 -79.19
C MET B 191 27.53 0.37 -78.99
N ILE B 192 26.99 1.25 -79.84
CA ILE B 192 25.56 1.55 -79.78
C ILE B 192 24.74 0.37 -80.32
N LEU B 193 25.25 -0.29 -81.37
CA LEU B 193 24.52 -1.41 -81.95
C LEU B 193 24.35 -2.57 -80.98
N GLY B 194 25.10 -2.56 -79.88
CA GLY B 194 25.01 -3.64 -78.88
C GLY B 194 23.65 -3.65 -78.20
N LEU B 195 23.07 -2.47 -77.94
CA LEU B 195 21.75 -2.36 -77.25
C LEU B 195 21.79 -3.10 -75.92
N GLU B 196 22.98 -3.30 -75.35
CA GLU B 196 23.15 -4.03 -74.06
C GLU B 196 24.56 -3.73 -73.55
N GLY B 197 25.25 -2.79 -74.20
CA GLY B 197 26.64 -2.48 -73.82
C GLY B 197 27.58 -2.67 -75.00
N ARG B 198 28.80 -3.12 -74.75
CA ARG B 198 29.77 -3.38 -75.85
C ARG B 198 29.76 -4.89 -76.16
N SER B 199 28.58 -5.48 -76.34
CA SER B 199 28.46 -6.94 -76.60
C SER B 199 28.97 -7.24 -78.02
N VAL B 200 28.29 -6.72 -79.04
CA VAL B 200 28.72 -6.94 -80.46
C VAL B 200 30.14 -6.40 -80.62
N TYR B 201 30.53 -5.42 -79.80
CA TYR B 201 31.84 -4.80 -79.94
C TYR B 201 32.96 -5.81 -79.64
N GLU B 202 32.71 -6.74 -78.73
CA GLU B 202 33.73 -7.73 -78.38
C GLU B 202 34.00 -8.68 -79.54
N GLU B 203 32.97 -9.01 -80.32
CA GLU B 203 33.11 -10.01 -81.37
C GLU B 203 33.39 -9.41 -82.74
N ASP B 204 32.97 -8.16 -82.98
CA ASP B 204 33.14 -7.60 -84.31
C ASP B 204 34.43 -6.80 -84.46
N PHE B 205 34.88 -6.14 -83.40
CA PHE B 205 36.08 -5.31 -83.46
C PHE B 205 37.12 -5.66 -82.42
N GLU B 206 36.71 -5.99 -81.20
CA GLU B 206 37.68 -6.23 -80.12
C GLU B 206 38.45 -7.51 -80.35
N ALA B 207 37.79 -8.54 -80.88
CA ALA B 207 38.47 -9.83 -81.09
C ALA B 207 39.63 -9.72 -82.07
N PRO B 208 39.51 -9.08 -83.23
CA PRO B 208 40.70 -8.90 -84.07
C PRO B 208 41.66 -7.88 -83.51
N PHE B 209 41.15 -6.85 -82.81
CA PHE B 209 42.01 -5.81 -82.28
C PHE B 209 42.98 -6.35 -81.25
N LEU B 210 42.50 -7.22 -80.36
CA LEU B 210 43.38 -7.74 -79.31
C LEU B 210 44.51 -8.58 -79.89
N GLU B 211 44.21 -9.41 -80.89
CA GLU B 211 45.23 -10.28 -81.45
C GLU B 211 46.22 -9.50 -82.32
N MET B 212 45.73 -8.51 -83.07
CA MET B 212 46.65 -7.71 -83.87
C MET B 212 47.54 -6.84 -82.98
N SER B 213 46.98 -6.30 -81.89
CA SER B 213 47.79 -5.57 -80.94
C SER B 213 48.81 -6.47 -80.25
N ALA B 214 48.41 -7.71 -79.95
CA ALA B 214 49.34 -8.64 -79.31
C ALA B 214 50.51 -8.96 -80.22
N GLU B 215 50.24 -9.29 -81.50
CA GLU B 215 51.33 -9.61 -82.41
C GLU B 215 52.20 -8.39 -82.69
N PHE B 216 51.59 -7.20 -82.75
CA PHE B 216 52.37 -5.99 -82.96
C PHE B 216 53.28 -5.72 -81.76
N PHE B 217 52.76 -5.93 -80.55
CA PHE B 217 53.58 -5.75 -79.35
C PHE B 217 54.71 -6.76 -79.30
N GLN B 218 54.44 -8.00 -79.70
CA GLN B 218 55.50 -9.00 -79.75
C GLN B 218 56.58 -8.60 -80.75
N MET B 219 56.18 -8.15 -81.94
CA MET B 219 57.16 -7.74 -82.94
C MET B 219 57.99 -6.55 -82.47
N GLU B 220 57.34 -5.55 -81.86
CA GLU B 220 58.09 -4.37 -81.42
C GLU B 220 58.99 -4.71 -80.25
N SER B 221 58.56 -5.62 -79.37
CA SER B 221 59.44 -6.04 -78.28
C SER B 221 60.65 -6.79 -78.81
N GLN B 222 60.45 -7.65 -79.81
CA GLN B 222 61.56 -8.39 -80.39
C GLN B 222 62.54 -7.44 -81.08
N LYS B 223 62.04 -6.43 -81.78
CA LYS B 223 62.91 -5.48 -82.46
C LYS B 223 63.51 -4.44 -81.52
N PHE B 224 63.00 -4.32 -80.29
CA PHE B 224 63.56 -3.37 -79.34
C PHE B 224 64.60 -4.00 -78.43
N LEU B 225 64.30 -5.16 -77.85
CA LEU B 225 65.23 -5.76 -76.90
C LEU B 225 66.49 -6.30 -77.56
N ALA B 226 66.48 -6.43 -78.90
CA ALA B 226 67.59 -7.05 -79.59
C ALA B 226 68.80 -6.14 -79.75
N GLU B 227 68.58 -4.83 -79.95
CA GLU B 227 69.69 -3.90 -80.15
C GLU B 227 69.55 -2.64 -79.29
N ASN B 228 68.98 -2.76 -78.10
CA ASN B 228 68.85 -1.64 -77.19
C ASN B 228 69.10 -2.11 -75.76
N SER B 229 69.46 -1.16 -74.89
CA SER B 229 69.70 -1.45 -73.49
C SER B 229 68.43 -1.20 -72.68
N ALA B 230 68.49 -1.56 -71.39
CA ALA B 230 67.32 -1.41 -70.53
C ALA B 230 67.03 0.05 -70.23
N SER B 231 68.07 0.90 -70.19
CA SER B 231 67.88 2.30 -69.85
C SER B 231 66.98 3.00 -70.86
N VAL B 232 67.13 2.67 -72.14
CA VAL B 232 66.23 3.22 -73.16
C VAL B 232 65.00 2.35 -73.33
N TYR B 233 65.08 1.06 -72.97
CA TYR B 233 63.93 0.18 -73.10
C TYR B 233 62.80 0.60 -72.17
N ILE B 234 63.12 0.97 -70.94
CA ILE B 234 62.09 1.40 -70.00
C ILE B 234 61.43 2.69 -70.48
N LYS B 235 62.23 3.61 -71.02
CA LYS B 235 61.66 4.87 -71.51
C LYS B 235 60.76 4.65 -72.71
N LYS B 236 61.20 3.80 -73.66
CA LYS B 236 60.39 3.59 -74.85
C LYS B 236 59.13 2.77 -74.54
N VAL B 237 59.20 1.84 -73.59
CA VAL B 237 58.00 1.10 -73.23
C VAL B 237 57.05 1.99 -72.44
N GLU B 238 57.57 2.94 -71.66
CA GLU B 238 56.69 3.90 -71.00
C GLU B 238 56.01 4.80 -72.01
N ALA B 239 56.75 5.24 -73.04
CA ALA B 239 56.14 6.02 -74.10
C ALA B 239 55.09 5.22 -74.85
N ARG B 240 55.34 3.93 -75.07
CA ARG B 240 54.34 3.08 -75.69
C ARG B 240 53.09 2.95 -74.83
N ILE B 241 53.27 2.79 -73.52
CA ILE B 241 52.12 2.72 -72.62
C ILE B 241 51.32 4.00 -72.67
N ASN B 242 52.00 5.15 -72.63
CA ASN B 242 51.30 6.43 -72.64
C ASN B 242 50.55 6.65 -73.96
N GLU B 243 51.19 6.30 -75.09
CA GLU B 243 50.52 6.50 -76.37
C GLU B 243 49.35 5.54 -76.56
N GLU B 244 49.46 4.32 -76.03
CA GLU B 244 48.32 3.40 -76.08
C GLU B 244 47.18 3.90 -75.19
N ILE B 245 47.51 4.49 -74.05
CA ILE B 245 46.50 5.04 -73.16
C ILE B 245 45.75 6.18 -73.86
N GLU B 246 46.50 7.12 -74.45
CA GLU B 246 45.86 8.25 -75.11
C GLU B 246 45.11 7.80 -76.36
N ARG B 247 45.57 6.73 -77.02
CA ARG B 247 44.86 6.22 -78.18
C ARG B 247 43.53 5.60 -77.78
N VAL B 248 43.54 4.73 -76.76
CA VAL B 248 42.32 4.10 -76.31
C VAL B 248 41.39 5.11 -75.64
N MET B 249 41.91 6.26 -75.20
CA MET B 249 41.06 7.27 -74.59
C MET B 249 40.45 8.19 -75.64
N HIS B 250 41.18 8.51 -76.70
CA HIS B 250 40.69 9.44 -77.70
C HIS B 250 39.74 8.77 -78.68
N CYS B 251 40.23 7.77 -79.40
CA CYS B 251 39.48 7.16 -80.50
C CYS B 251 38.93 5.78 -80.16
N LEU B 252 38.92 5.39 -78.89
CA LEU B 252 38.31 4.14 -78.46
C LEU B 252 37.42 4.41 -77.26
N ASP B 253 36.63 3.40 -76.89
CA ASP B 253 35.77 3.52 -75.68
C ASP B 253 36.63 3.27 -74.43
N LYS B 254 36.18 3.76 -73.27
CA LYS B 254 36.96 3.59 -72.01
C LYS B 254 36.72 2.18 -71.45
N SER B 255 35.79 1.43 -72.04
CA SER B 255 35.50 0.05 -71.59
C SER B 255 36.58 -0.91 -72.11
N THR B 256 37.07 -0.66 -73.33
CA THR B 256 38.09 -1.55 -73.95
C THR B 256 39.46 -1.25 -73.35
N GLU B 257 39.59 -0.14 -72.63
CA GLU B 257 40.89 0.27 -72.03
C GLU B 257 41.53 -0.92 -71.30
N GLU B 258 40.75 -1.62 -70.46
CA GLU B 258 41.31 -2.73 -69.63
C GLU B 258 41.91 -3.83 -70.53
N PRO B 259 41.13 -4.58 -71.36
CA PRO B 259 41.68 -5.68 -72.15
C PRO B 259 42.98 -5.37 -72.91
N ILE B 260 43.02 -4.29 -73.68
CA ILE B 260 44.24 -3.98 -74.52
C ILE B 260 45.46 -3.83 -73.63
N VAL B 261 45.37 -3.02 -72.55
CA VAL B 261 46.56 -2.75 -71.69
C VAL B 261 46.84 -3.98 -70.80
N LYS B 262 45.88 -4.90 -70.70
CA LYS B 262 46.09 -6.14 -69.91
C LYS B 262 46.89 -7.14 -70.76
N VAL B 263 46.83 -6.99 -72.09
CA VAL B 263 47.62 -7.86 -73.00
C VAL B 263 49.11 -7.52 -72.80
N VAL B 264 49.48 -6.26 -73.03
CA VAL B 264 50.90 -5.82 -72.88
C VAL B 264 51.35 -6.05 -71.43
N GLU B 265 50.43 -5.92 -70.47
CA GLU B 265 50.77 -6.10 -69.03
C GLU B 265 51.63 -7.35 -68.81
N ARG B 266 51.45 -8.39 -69.62
CA ARG B 266 52.20 -9.66 -69.41
C ARG B 266 53.19 -9.90 -70.56
N GLU B 267 52.71 -10.11 -71.78
CA GLU B 267 53.61 -10.48 -72.92
C GLU B 267 54.74 -9.46 -73.11
N LEU B 268 54.45 -8.16 -73.09
CA LEU B 268 55.50 -7.14 -73.38
C LEU B 268 56.65 -7.28 -72.39
N ILE B 269 56.37 -7.68 -71.14
CA ILE B 269 57.44 -7.90 -70.13
C ILE B 269 57.72 -9.41 -70.05
N SER B 270 57.41 -10.04 -68.91
CA SER B 270 57.61 -11.50 -68.73
C SER B 270 58.93 -11.97 -69.35
N LYS B 271 58.87 -12.59 -70.54
CA LYS B 271 60.10 -13.10 -71.22
C LYS B 271 61.10 -11.96 -71.38
N HIS B 272 60.69 -10.84 -72.01
CA HIS B 272 61.59 -9.69 -72.25
C HIS B 272 62.08 -9.11 -70.91
N MET B 273 61.20 -9.08 -69.91
CA MET B 273 61.61 -8.59 -68.55
C MET B 273 62.82 -9.41 -68.08
N LYS B 274 62.73 -10.73 -68.16
CA LYS B 274 63.84 -11.61 -67.71
C LYS B 274 65.08 -11.30 -68.56
N THR B 275 64.94 -11.30 -69.88
CA THR B 275 66.09 -11.04 -70.79
C THR B 275 66.78 -9.74 -70.41
N ILE B 276 66.03 -8.74 -69.92
CA ILE B 276 66.61 -7.42 -69.57
C ILE B 276 67.45 -7.56 -68.28
N VAL B 277 66.99 -8.36 -67.30
CA VAL B 277 67.79 -8.57 -66.06
C VAL B 277 69.03 -9.42 -66.40
N GLU B 278 68.94 -10.32 -67.39
CA GLU B 278 70.13 -11.09 -67.83
C GLU B 278 71.08 -10.12 -68.57
N MET B 279 70.62 -9.55 -69.69
CA MET B 279 71.45 -8.68 -70.57
C MET B 279 72.49 -7.85 -69.82
N GLU B 280 72.17 -7.34 -68.63
CA GLU B 280 73.10 -6.42 -67.91
C GLU B 280 73.30 -5.20 -68.81
N ASN B 281 74.55 -4.89 -69.21
CA ASN B 281 74.85 -3.70 -70.05
C ASN B 281 73.98 -2.54 -69.55
N SER B 282 74.30 -1.98 -68.37
CA SER B 282 73.45 -0.93 -67.74
C SER B 282 72.13 -1.55 -67.29
N GLY B 283 72.19 -2.80 -66.81
CA GLY B 283 70.98 -3.50 -66.31
C GLY B 283 70.89 -3.41 -64.81
N LEU B 284 69.99 -4.18 -64.18
CA LEU B 284 69.77 -4.06 -62.72
C LEU B 284 71.09 -4.21 -61.95
N VAL B 285 71.84 -5.28 -62.19
CA VAL B 285 73.07 -5.53 -61.43
C VAL B 285 74.14 -4.49 -61.75
N HIS B 286 74.05 -3.82 -62.89
CA HIS B 286 75.00 -2.77 -63.24
C HIS B 286 74.57 -1.42 -62.69
N MET B 287 73.28 -1.11 -62.72
CA MET B 287 72.80 0.15 -62.16
C MET B 287 72.86 0.15 -60.63
N LEU B 288 72.87 -1.02 -60.00
CA LEU B 288 73.05 -1.07 -58.56
C LEU B 288 74.45 -0.64 -58.15
N LYS B 289 75.47 -1.07 -58.91
CA LYS B 289 76.83 -0.68 -58.59
C LYS B 289 77.20 0.69 -59.16
N ASN B 290 76.49 1.16 -60.19
CA ASN B 290 76.73 2.49 -60.73
C ASN B 290 76.00 3.57 -59.93
N GLY B 291 74.75 3.31 -59.54
CA GLY B 291 74.03 4.23 -58.68
C GLY B 291 73.14 5.23 -59.38
N LYS B 292 72.60 4.90 -60.55
CA LYS B 292 71.65 5.78 -61.23
C LYS B 292 70.27 5.50 -60.64
N THR B 293 69.89 6.30 -59.65
CA THR B 293 68.66 6.05 -58.90
C THR B 293 67.41 6.28 -59.75
N GLU B 294 67.50 7.15 -60.76
CA GLU B 294 66.34 7.43 -61.60
C GLU B 294 65.89 6.18 -62.33
N ASP B 295 66.83 5.35 -62.78
CA ASP B 295 66.47 4.10 -63.45
C ASP B 295 65.78 3.14 -62.48
N LEU B 296 66.25 3.08 -61.25
CA LEU B 296 65.61 2.23 -60.24
C LEU B 296 64.17 2.67 -59.99
N GLY B 297 63.97 3.98 -59.81
CA GLY B 297 62.62 4.48 -59.62
C GLY B 297 61.73 4.25 -60.83
N CYS B 298 62.28 4.41 -62.04
CA CYS B 298 61.49 4.19 -63.24
C CYS B 298 61.05 2.73 -63.36
N MET B 299 61.98 1.79 -63.18
CA MET B 299 61.61 0.38 -63.27
C MET B 299 60.71 -0.03 -62.10
N TYR B 300 60.81 0.63 -60.95
CA TYR B 300 59.89 0.34 -59.86
C TYR B 300 58.47 0.76 -60.21
N LYS B 301 58.32 1.98 -60.75
CA LYS B 301 56.98 2.45 -61.12
C LYS B 301 56.45 1.72 -62.35
N LEU B 302 57.32 1.10 -63.14
CA LEU B 302 56.86 0.37 -64.31
C LEU B 302 56.45 -1.05 -63.95
N PHE B 303 57.33 -1.79 -63.26
CA PHE B 303 57.05 -3.18 -62.91
C PHE B 303 55.99 -3.33 -61.83
N SER B 304 55.43 -2.23 -61.32
CA SER B 304 54.40 -2.33 -60.29
C SER B 304 53.09 -2.87 -60.85
N ARG B 305 52.90 -2.76 -62.17
CA ARG B 305 51.65 -3.22 -62.78
C ARG B 305 51.71 -4.70 -63.14
N VAL B 306 52.85 -5.14 -63.68
CA VAL B 306 52.98 -6.55 -64.10
C VAL B 306 53.05 -7.43 -62.86
N PRO B 307 52.29 -8.53 -62.81
CA PRO B 307 52.37 -9.42 -61.65
C PRO B 307 53.71 -10.14 -61.58
N ASN B 308 54.13 -10.42 -60.35
CA ASN B 308 55.34 -11.19 -60.06
C ASN B 308 56.61 -10.51 -60.55
N GLY B 309 56.49 -9.27 -61.04
CA GLY B 309 57.69 -8.54 -61.43
C GLY B 309 58.52 -8.10 -60.25
N LEU B 310 57.86 -7.67 -59.18
CA LEU B 310 58.56 -7.29 -57.97
C LEU B 310 59.38 -8.46 -57.42
N LYS B 311 58.85 -9.68 -57.55
CA LYS B 311 59.61 -10.85 -57.12
C LYS B 311 60.82 -11.09 -58.02
N THR B 312 60.65 -10.90 -59.33
CA THR B 312 61.74 -11.14 -60.25
C THR B 312 62.87 -10.12 -60.08
N MET B 313 62.55 -8.92 -59.60
CA MET B 313 63.60 -7.96 -59.30
C MET B 313 64.15 -8.12 -57.88
N CYS B 314 63.32 -8.58 -56.94
CA CYS B 314 63.81 -8.84 -55.59
C CYS B 314 64.83 -9.97 -55.58
N GLU B 315 64.58 -11.02 -56.37
CA GLU B 315 65.50 -12.15 -56.39
C GLU B 315 66.86 -11.74 -56.97
N CYS B 316 66.86 -10.90 -58.00
CA CYS B 316 68.12 -10.50 -58.60
C CYS B 316 68.89 -9.52 -57.70
N MET B 317 68.18 -8.57 -57.09
CA MET B 317 68.87 -7.66 -56.17
C MET B 317 69.36 -8.40 -54.94
N SER B 318 68.64 -9.44 -54.51
CA SER B 318 69.11 -10.25 -53.39
C SER B 318 70.34 -11.07 -53.78
N SER B 319 70.37 -11.58 -55.01
CA SER B 319 71.56 -12.27 -55.48
C SER B 319 72.77 -11.34 -55.50
N TYR B 320 72.58 -10.12 -56.00
CA TYR B 320 73.67 -9.15 -56.02
C TYR B 320 74.13 -8.80 -54.61
N LEU B 321 73.17 -8.62 -53.70
CA LEU B 321 73.53 -8.27 -52.32
C LEU B 321 74.25 -9.42 -51.64
N ARG B 322 73.85 -10.66 -51.92
CA ARG B 322 74.55 -11.82 -51.35
C ARG B 322 75.95 -11.93 -51.91
N GLU B 323 76.13 -11.61 -53.20
CA GLU B 323 77.46 -11.60 -53.79
C GLU B 323 78.36 -10.57 -53.11
N GLN B 324 77.85 -9.35 -52.96
CA GLN B 324 78.62 -8.31 -52.27
C GLN B 324 78.90 -8.71 -50.82
N GLY B 325 77.95 -9.38 -50.18
CA GLY B 325 78.16 -9.80 -48.80
C GLY B 325 79.27 -10.83 -48.66
N LYS B 326 79.17 -11.91 -49.42
CA LYS B 326 80.22 -12.93 -49.37
C LYS B 326 81.55 -12.41 -49.89
N ALA B 327 81.54 -11.34 -50.68
CA ALA B 327 82.80 -10.71 -51.06
C ALA B 327 83.34 -9.86 -49.91
N LEU B 328 82.46 -9.34 -49.06
CA LEU B 328 82.88 -8.52 -47.92
C LEU B 328 83.25 -9.36 -46.71
N VAL B 329 82.48 -10.41 -46.42
CA VAL B 329 82.69 -11.22 -45.23
C VAL B 329 83.77 -12.26 -45.48
N SER B 330 84.45 -12.15 -46.62
CA SER B 330 85.50 -13.12 -46.99
C SER B 330 86.34 -13.53 -45.76
N GLU B 331 86.11 -14.74 -45.24
CA GLU B 331 86.82 -15.21 -44.04
C GLU B 331 88.32 -15.33 -44.36
N GLU B 332 88.65 -15.76 -45.57
CA GLU B 332 90.07 -15.89 -46.00
C GLU B 332 90.84 -14.64 -45.56
N GLY B 333 91.90 -14.83 -44.76
CA GLY B 333 92.64 -13.67 -44.23
C GLY B 333 92.05 -13.18 -42.93
N GLU B 334 91.81 -14.10 -41.98
CA GLU B 334 91.20 -13.73 -40.68
C GLU B 334 92.01 -12.60 -40.04
N GLY B 335 91.44 -11.41 -39.91
CA GLY B 335 92.16 -10.26 -39.36
C GLY B 335 91.74 -8.97 -40.04
N LYS B 336 90.59 -9.00 -40.72
CA LYS B 336 90.08 -7.79 -41.43
C LYS B 336 89.99 -6.62 -40.44
N ASN B 337 90.60 -5.48 -40.78
CA ASN B 337 90.57 -4.29 -39.90
C ASN B 337 89.14 -4.09 -39.37
N PRO B 338 88.89 -4.22 -38.05
CA PRO B 338 87.54 -4.09 -37.50
C PRO B 338 86.81 -2.86 -38.04
N VAL B 339 87.42 -1.68 -37.89
CA VAL B 339 86.77 -0.41 -38.35
C VAL B 339 86.45 -0.51 -39.85
N ASP B 340 87.44 -0.84 -40.68
CA ASP B 340 87.23 -0.87 -42.15
C ASP B 340 86.10 -1.86 -42.50
N TYR B 341 86.08 -3.03 -41.86
CA TYR B 341 85.06 -4.07 -42.16
C TYR B 341 83.66 -3.54 -41.83
N ILE B 342 83.48 -3.02 -40.61
CA ILE B 342 82.13 -2.55 -40.16
C ILE B 342 81.76 -1.27 -40.92
N GLN B 343 82.77 -0.49 -41.34
CA GLN B 343 82.50 0.76 -42.12
C GLN B 343 82.01 0.34 -43.51
N GLY B 344 82.67 -0.63 -44.14
CA GLY B 344 82.20 -1.12 -45.44
C GLY B 344 80.76 -1.60 -45.32
N LEU B 345 80.49 -2.45 -44.31
CA LEU B 345 79.10 -2.95 -44.07
C LEU B 345 78.15 -1.76 -43.97
N LEU B 346 78.49 -0.76 -43.16
CA LEU B 346 77.63 0.45 -42.99
C LEU B 346 77.40 1.10 -44.35
N ASP B 347 78.46 1.30 -45.14
CA ASP B 347 78.35 2.01 -46.45
C ASP B 347 77.35 1.31 -47.37
N LEU B 348 77.46 -0.01 -47.55
CA LEU B 348 76.59 -0.70 -48.52
C LEU B 348 75.17 -0.76 -47.94
N LYS B 349 75.03 -1.10 -46.65
CA LYS B 349 73.64 -1.22 -46.20
C LYS B 349 72.94 0.13 -46.23
N SER B 350 73.67 1.22 -46.02
CA SER B 350 73.06 2.55 -46.07
C SER B 350 72.70 2.94 -47.50
N ARG B 351 73.59 2.66 -48.46
CA ARG B 351 73.26 2.96 -49.85
C ARG B 351 72.12 2.08 -50.34
N PHE B 352 72.06 0.82 -49.89
CA PHE B 352 70.94 -0.04 -50.23
C PHE B 352 69.64 0.50 -49.65
N ASP B 353 69.66 0.93 -48.39
CA ASP B 353 68.44 1.44 -47.76
C ASP B 353 68.01 2.76 -48.37
N ARG B 354 68.96 3.61 -48.78
CA ARG B 354 68.58 4.88 -49.39
C ARG B 354 68.03 4.66 -50.79
N PHE B 355 68.60 3.70 -51.54
CA PHE B 355 68.04 3.35 -52.84
C PHE B 355 66.65 2.74 -52.67
N LEU B 356 66.43 2.04 -51.57
CA LEU B 356 65.10 1.48 -51.31
C LEU B 356 64.09 2.58 -51.01
N LEU B 357 64.48 3.55 -50.17
CA LEU B 357 63.52 4.57 -49.76
C LEU B 357 63.24 5.56 -50.90
N GLU B 358 64.21 5.80 -51.77
CA GLU B 358 63.99 6.75 -52.85
C GLU B 358 63.28 6.11 -54.03
N SER B 359 63.56 4.85 -54.33
CA SER B 359 62.94 4.16 -55.46
C SER B 359 61.72 3.35 -55.04
N PHE B 360 61.90 2.40 -54.13
CA PHE B 360 60.82 1.50 -53.73
C PHE B 360 59.83 2.16 -52.77
N ASN B 361 60.12 3.36 -52.28
CA ASN B 361 59.22 4.11 -51.41
C ASN B 361 58.86 3.31 -50.16
N ASN B 362 59.89 2.76 -49.51
CA ASN B 362 59.73 1.98 -48.29
C ASN B 362 58.77 0.82 -48.49
N ASP B 363 59.03 0.01 -49.52
CA ASP B 363 58.17 -1.11 -49.83
C ASP B 363 58.43 -2.27 -48.86
N ARG B 364 57.36 -3.02 -48.57
CA ARG B 364 57.47 -4.10 -47.60
C ARG B 364 58.20 -5.30 -48.18
N LEU B 365 57.95 -5.61 -49.46
CA LEU B 365 58.59 -6.77 -50.08
C LEU B 365 60.09 -6.61 -50.16
N PHE B 366 60.55 -5.46 -50.66
CA PHE B 366 61.99 -5.21 -50.74
C PHE B 366 62.62 -5.19 -49.35
N LYS B 367 61.90 -4.64 -48.37
CA LYS B 367 62.42 -4.58 -47.01
C LYS B 367 62.60 -5.99 -46.44
N GLN B 368 61.62 -6.86 -46.62
CA GLN B 368 61.75 -8.22 -46.08
C GLN B 368 62.79 -9.02 -46.85
N THR B 369 62.95 -8.77 -48.14
CA THR B 369 63.98 -9.48 -48.90
C THR B 369 65.37 -9.08 -48.44
N ILE B 370 65.61 -7.77 -48.27
CA ILE B 370 66.93 -7.36 -47.80
C ILE B 370 67.14 -7.77 -46.34
N ALA B 371 66.06 -7.87 -45.56
CA ALA B 371 66.19 -8.36 -44.20
C ALA B 371 66.63 -9.82 -44.18
N GLY B 372 65.97 -10.66 -44.97
CA GLY B 372 66.41 -12.05 -45.09
C GLY B 372 67.81 -12.18 -45.65
N ASP B 373 68.18 -11.31 -46.60
CA ASP B 373 69.53 -11.31 -47.12
C ASP B 373 70.54 -11.01 -46.04
N PHE B 374 70.28 -9.98 -45.23
CA PHE B 374 71.17 -9.67 -44.11
C PHE B 374 71.25 -10.83 -43.12
N GLU B 375 70.12 -11.47 -42.83
CA GLU B 375 70.14 -12.63 -41.94
C GLU B 375 70.86 -13.82 -42.55
N TYR B 376 71.03 -13.83 -43.88
CA TYR B 376 71.64 -14.98 -44.55
C TYR B 376 73.14 -15.05 -44.30
N PHE B 377 73.89 -14.03 -44.72
CA PHE B 377 75.35 -14.11 -44.69
C PHE B 377 75.98 -13.51 -43.45
N LEU B 378 75.20 -12.80 -42.62
CA LEU B 378 75.74 -12.29 -41.37
C LEU B 378 75.96 -13.40 -40.36
N ASN B 379 75.28 -14.54 -40.56
CA ASN B 379 75.41 -15.69 -39.63
C ASN B 379 76.72 -16.43 -39.94
N LEU B 380 77.66 -15.75 -40.61
CA LEU B 380 78.97 -16.37 -40.94
C LEU B 380 80.06 -15.74 -40.06
N ASN B 381 81.33 -15.86 -40.48
CA ASN B 381 82.48 -15.29 -39.72
C ASN B 381 82.59 -15.93 -38.33
N SER B 382 83.30 -15.28 -37.41
CA SER B 382 83.47 -15.80 -36.03
C SER B 382 83.94 -14.65 -35.13
N ARG B 383 84.46 -13.59 -35.73
CA ARG B 383 84.98 -12.43 -34.95
C ARG B 383 84.17 -11.19 -35.29
N SER B 384 83.02 -11.36 -35.94
CA SER B 384 82.17 -10.20 -36.34
C SER B 384 81.72 -9.38 -35.11
N PRO B 385 81.11 -9.97 -34.04
CA PRO B 385 80.78 -9.19 -32.84
C PRO B 385 82.03 -8.58 -32.20
N GLU B 386 83.14 -9.31 -32.22
CA GLU B 386 84.42 -8.80 -31.62
C GLU B 386 84.89 -7.58 -32.41
N TYR B 387 84.73 -7.59 -33.74
CA TYR B 387 85.13 -6.43 -34.58
C TYR B 387 84.28 -5.22 -34.19
N LEU B 388 82.96 -5.42 -34.08
CA LEU B 388 82.05 -4.30 -33.72
C LEU B 388 82.41 -3.79 -32.31
N SER B 389 82.76 -4.69 -31.39
CA SER B 389 83.10 -4.29 -30.01
C SER B 389 84.41 -3.50 -30.01
N LEU B 390 85.40 -3.92 -30.80
CA LEU B 390 86.68 -3.18 -30.88
C LEU B 390 86.41 -1.80 -31.51
N PHE B 391 85.43 -1.73 -32.41
CA PHE B 391 85.08 -0.46 -33.05
C PHE B 391 84.39 0.48 -32.08
N ILE B 392 83.43 -0.03 -31.30
CA ILE B 392 82.74 0.84 -30.34
C ILE B 392 83.69 1.29 -29.25
N ASP B 393 84.70 0.48 -28.90
CA ASP B 393 85.70 0.91 -27.94
C ASP B 393 86.58 2.02 -28.52
N ASP B 394 86.99 1.88 -29.78
CA ASP B 394 87.77 2.93 -30.42
C ASP B 394 86.98 4.22 -30.53
N LYS B 395 85.66 4.11 -30.72
CA LYS B 395 84.82 5.29 -30.81
C LYS B 395 84.48 5.90 -29.45
N LEU B 396 84.50 5.10 -28.39
CA LEU B 396 84.16 5.58 -27.06
C LEU B 396 85.38 6.06 -26.25
N LYS B 397 86.58 5.58 -26.57
CA LYS B 397 87.75 5.94 -25.78
C LYS B 397 88.03 7.44 -25.86
N LYS B 398 87.78 8.05 -27.00
CA LYS B 398 87.99 9.48 -27.17
C LYS B 398 87.25 9.94 -28.42
N GLY B 399 86.54 11.07 -28.30
CA GLY B 399 85.83 11.62 -29.42
C GLY B 399 86.65 12.63 -30.20
N VAL B 400 87.87 12.24 -30.58
CA VAL B 400 88.73 13.14 -31.35
C VAL B 400 88.12 13.43 -32.72
N LYS B 401 87.64 12.39 -33.39
CA LYS B 401 86.94 12.55 -34.66
C LYS B 401 85.49 12.88 -34.38
N GLY B 402 85.05 14.07 -34.80
CA GLY B 402 83.70 14.50 -34.49
C GLY B 402 83.56 15.01 -33.08
N LEU B 403 84.23 16.14 -32.78
CA LEU B 403 84.22 16.68 -31.43
C LEU B 403 82.81 16.99 -30.94
N THR B 404 81.93 17.42 -31.84
CA THR B 404 80.57 17.74 -31.45
C THR B 404 79.77 16.46 -31.19
N GLU B 405 78.55 16.63 -30.69
CA GLU B 405 77.74 15.51 -30.24
C GLU B 405 76.81 14.95 -31.31
N GLN B 406 76.45 15.76 -32.31
CA GLN B 406 75.46 15.32 -33.29
C GLN B 406 75.96 14.14 -34.11
N GLU B 407 77.15 14.25 -34.68
CA GLU B 407 77.68 13.17 -35.51
C GLU B 407 78.00 11.94 -34.65
N VAL B 408 78.39 12.15 -33.40
CA VAL B 408 78.62 11.06 -32.47
C VAL B 408 77.32 10.30 -32.27
N GLU B 409 76.23 11.04 -32.02
CA GLU B 409 74.92 10.43 -31.86
C GLU B 409 74.51 9.64 -33.09
N THR B 410 74.74 10.20 -34.27
CA THR B 410 74.37 9.52 -35.51
C THR B 410 75.17 8.25 -35.70
N ILE B 411 76.47 8.30 -35.42
CA ILE B 411 77.34 7.15 -35.64
C ILE B 411 77.00 6.06 -34.61
N LEU B 412 76.59 6.47 -33.41
CA LEU B 412 76.17 5.48 -32.41
C LEU B 412 74.85 4.83 -32.79
N ASP B 413 73.92 5.62 -33.33
CA ASP B 413 72.65 5.07 -33.81
C ASP B 413 72.89 4.09 -34.94
N LYS B 414 73.78 4.45 -35.88
CA LYS B 414 74.11 3.54 -36.98
C LYS B 414 74.78 2.29 -36.46
N ALA B 415 75.61 2.42 -35.42
CA ALA B 415 76.30 1.27 -34.85
C ALA B 415 75.31 0.31 -34.22
N MET B 416 74.37 0.83 -33.44
CA MET B 416 73.38 -0.05 -32.79
C MET B 416 72.41 -0.63 -33.82
N VAL B 417 72.15 0.11 -34.91
CA VAL B 417 71.32 -0.45 -35.98
C VAL B 417 72.04 -1.61 -36.66
N LEU B 418 73.34 -1.45 -36.89
CA LEU B 418 74.13 -2.55 -37.45
C LEU B 418 74.16 -3.73 -36.49
N PHE B 419 74.21 -3.45 -35.18
CA PHE B 419 74.21 -4.53 -34.20
C PHE B 419 72.85 -5.22 -34.13
N ARG B 420 71.78 -4.51 -34.48
CA ARG B 420 70.44 -5.09 -34.45
C ARG B 420 70.37 -6.34 -35.33
N PHE B 421 70.98 -6.29 -36.51
CA PHE B 421 70.98 -7.42 -37.43
C PHE B 421 72.21 -8.29 -37.19
N MET B 422 72.41 -8.70 -35.93
CA MET B 422 73.55 -9.52 -35.57
C MET B 422 73.10 -10.55 -34.53
N GLN B 423 73.62 -11.77 -34.67
CA GLN B 423 73.33 -12.83 -33.72
C GLN B 423 74.54 -13.03 -32.81
N GLU B 424 74.46 -14.02 -31.92
CA GLU B 424 75.53 -14.34 -30.96
C GLU B 424 75.86 -13.11 -30.11
N LYS B 425 74.88 -12.67 -29.34
CA LYS B 425 75.04 -11.51 -28.47
C LYS B 425 75.86 -11.82 -27.23
N ASP B 426 76.07 -13.10 -26.90
CA ASP B 426 76.82 -13.44 -25.70
C ASP B 426 78.28 -13.00 -25.81
N VAL B 427 78.93 -13.34 -26.93
CA VAL B 427 80.32 -12.92 -27.13
C VAL B 427 80.39 -11.40 -27.24
N PHE B 428 79.36 -10.77 -27.81
CA PHE B 428 79.32 -9.33 -27.89
C PHE B 428 79.33 -8.70 -26.50
N GLU B 429 78.48 -9.20 -25.61
CA GLU B 429 78.44 -8.66 -24.26
C GLU B 429 79.72 -8.96 -23.51
N ARG B 430 80.30 -10.15 -23.72
CA ARG B 430 81.55 -10.49 -23.05
C ARG B 430 82.67 -9.53 -23.46
N TYR B 431 82.82 -9.29 -24.75
CA TYR B 431 83.87 -8.39 -25.20
C TYR B 431 83.57 -6.95 -24.85
N TYR B 432 82.30 -6.56 -24.79
CA TYR B 432 81.96 -5.22 -24.35
C TYR B 432 82.31 -5.01 -22.88
N LYS B 433 82.08 -6.03 -22.05
CA LYS B 433 82.46 -5.94 -20.65
C LYS B 433 83.98 -5.93 -20.49
N GLN B 434 84.69 -6.70 -21.32
CA GLN B 434 86.15 -6.65 -21.30
C GLN B 434 86.66 -5.26 -21.69
N HIS B 435 86.03 -4.63 -22.68
CA HIS B 435 86.43 -3.30 -23.08
C HIS B 435 86.10 -2.28 -22.00
N LEU B 436 84.97 -2.46 -21.31
CA LEU B 436 84.66 -1.62 -20.16
C LEU B 436 85.75 -1.74 -19.09
N ALA B 437 86.17 -2.97 -18.80
CA ALA B 437 87.23 -3.15 -17.81
C ALA B 437 88.53 -2.52 -18.28
N ARG B 438 88.82 -2.60 -19.58
CA ARG B 438 90.05 -2.01 -20.11
C ARG B 438 90.02 -0.49 -20.08
N ARG B 439 88.85 0.11 -20.30
CA ARG B 439 88.75 1.56 -20.36
C ARG B 439 88.51 2.21 -19.00
N LEU B 440 88.04 1.46 -18.02
CA LEU B 440 87.81 2.00 -16.68
C LEU B 440 88.98 1.78 -15.74
N LEU B 441 89.76 0.71 -15.94
CA LEU B 441 90.94 0.44 -15.13
C LEU B 441 92.19 1.12 -15.67
N THR B 442 92.05 2.03 -16.62
CA THR B 442 93.14 2.80 -17.18
C THR B 442 92.88 4.29 -16.90
N ASN B 443 93.68 5.14 -17.55
CA ASN B 443 93.53 6.58 -17.38
C ASN B 443 92.09 7.02 -17.56
N LYS B 444 91.56 7.74 -16.57
CA LYS B 444 90.16 8.11 -16.53
C LYS B 444 89.93 9.33 -17.42
N SER B 445 88.74 9.93 -17.29
CA SER B 445 88.36 11.13 -18.05
C SER B 445 88.42 10.87 -19.55
N VAL B 446 87.82 9.76 -19.98
CA VAL B 446 87.71 9.47 -21.40
C VAL B 446 86.58 10.28 -22.03
N SER B 447 85.36 10.09 -21.56
CA SER B 447 84.23 10.90 -21.98
C SER B 447 83.46 11.48 -20.80
N ASP B 448 83.21 10.70 -19.76
CA ASP B 448 82.54 11.06 -18.52
C ASP B 448 81.06 11.37 -18.70
N ASP B 449 80.54 11.36 -19.92
CA ASP B 449 79.12 11.57 -20.17
C ASP B 449 78.52 10.54 -21.10
N SER B 450 79.30 9.99 -22.02
CA SER B 450 78.78 9.04 -23.00
C SER B 450 78.43 7.69 -22.40
N GLU B 451 78.86 7.40 -21.17
CA GLU B 451 78.51 6.13 -20.55
C GLU B 451 77.01 6.01 -20.32
N LYS B 452 76.36 7.11 -19.95
CA LYS B 452 74.91 7.09 -19.79
C LYS B 452 74.21 6.82 -21.12
N ASN B 453 74.68 7.45 -22.19
CA ASN B 453 74.11 7.18 -23.51
C ASN B 453 74.32 5.73 -23.91
N MET B 454 75.50 5.18 -23.62
CA MET B 454 75.77 3.78 -23.95
C MET B 454 74.85 2.84 -23.21
N ILE B 455 74.70 3.04 -21.89
CA ILE B 455 73.85 2.15 -21.12
C ILE B 455 72.38 2.32 -21.51
N SER B 456 71.97 3.53 -21.90
CA SER B 456 70.60 3.73 -22.35
C SER B 456 70.34 3.02 -23.67
N LYS B 457 71.29 3.12 -24.61
CA LYS B 457 71.14 2.40 -25.87
C LYS B 457 71.16 0.89 -25.64
N LEU B 458 71.94 0.41 -24.68
CA LEU B 458 71.92 -1.02 -24.34
C LEU B 458 70.57 -1.42 -23.77
N LYS B 459 70.02 -0.61 -22.87
CA LYS B 459 68.68 -0.90 -22.32
C LYS B 459 67.64 -0.94 -23.43
N THR B 460 67.72 -0.02 -24.38
CA THR B 460 66.70 0.07 -25.42
C THR B 460 66.92 -0.93 -26.56
N GLU B 461 68.12 -1.51 -26.67
CA GLU B 461 68.44 -2.40 -27.79
C GLU B 461 68.31 -3.87 -27.40
N CYS B 462 69.04 -4.32 -26.38
CA CYS B 462 69.03 -5.73 -26.02
C CYS B 462 68.02 -5.99 -24.91
N GLY B 463 67.85 -5.05 -23.99
CA GLY B 463 66.95 -5.22 -22.88
C GLY B 463 67.71 -5.34 -21.58
N CYS B 464 66.97 -5.31 -20.47
CA CYS B 464 67.56 -5.37 -19.14
C CYS B 464 67.99 -6.78 -18.73
N GLN B 465 69.07 -7.32 -19.32
CA GLN B 465 69.54 -8.63 -18.89
C GLN B 465 71.06 -8.64 -18.69
N PHE B 466 71.78 -7.72 -19.30
CA PHE B 466 73.26 -7.74 -19.20
C PHE B 466 73.58 -6.31 -18.83
N THR B 467 72.56 -5.49 -19.07
CA THR B 467 72.72 -4.07 -18.72
C THR B 467 72.74 -4.03 -17.20
N SER B 468 72.23 -5.09 -16.56
CA SER B 468 72.26 -5.17 -15.08
C SER B 468 73.70 -5.32 -14.62
N LYS B 469 74.45 -6.25 -15.21
CA LYS B 469 75.88 -6.42 -14.88
C LYS B 469 76.61 -5.13 -15.25
N LEU B 470 76.07 -4.41 -16.26
CA LEU B 470 76.74 -3.16 -16.69
C LEU B 470 76.63 -2.14 -15.55
N GLU B 471 75.42 -2.00 -15.04
CA GLU B 471 75.22 -1.10 -13.89
C GLU B 471 76.13 -1.61 -12.78
N GLY B 472 76.22 -2.93 -12.59
CA GLY B 472 77.12 -3.50 -11.57
C GLY B 472 78.50 -2.90 -11.68
N MET B 473 79.12 -3.06 -12.85
CA MET B 473 80.48 -2.51 -13.09
C MET B 473 80.54 -1.00 -12.81
N PHE B 474 79.61 -0.24 -13.37
CA PHE B 474 79.73 1.24 -13.20
C PHE B 474 79.63 1.62 -11.72
N ARG B 475 78.80 0.88 -11.00
CA ARG B 475 78.59 1.17 -9.56
C ARG B 475 79.91 0.85 -8.88
N ASP B 476 80.44 -0.35 -9.13
CA ASP B 476 81.78 -0.68 -8.60
C ASP B 476 82.67 0.55 -8.80
N MET B 477 82.78 1.06 -10.03
CA MET B 477 83.66 2.23 -10.33
C MET B 477 83.40 3.43 -9.40
N SER B 478 82.19 3.99 -9.45
CA SER B 478 81.96 5.22 -8.65
C SER B 478 82.18 4.94 -7.15
N ILE B 479 81.87 3.73 -6.72
CA ILE B 479 81.95 3.41 -5.26
C ILE B 479 83.42 3.33 -4.88
N SER B 480 84.25 2.77 -5.76
CA SER B 480 85.71 2.70 -5.50
C SER B 480 86.28 4.11 -5.55
N ASN B 481 85.68 5.03 -6.32
CA ASN B 481 86.15 6.46 -6.25
C ASN B 481 85.83 7.04 -4.87
N THR B 482 84.61 6.76 -4.38
CA THR B 482 84.35 7.24 -3.00
C THR B 482 85.32 6.57 -2.02
N THR B 483 85.70 5.32 -2.30
CA THR B 483 86.55 4.55 -1.35
C THR B 483 87.94 5.17 -1.40
N MET B 484 88.36 5.65 -2.57
CA MET B 484 89.65 6.36 -2.73
C MET B 484 89.59 7.62 -1.86
N ASP B 485 88.52 8.41 -1.95
CA ASP B 485 88.55 9.58 -1.02
C ASP B 485 88.60 9.12 0.46
N GLU B 486 87.87 8.05 0.80
CA GLU B 486 87.83 7.57 2.21
C GLU B 486 89.23 7.16 2.67
N PHE B 487 89.97 6.44 1.81
CA PHE B 487 91.32 5.94 2.17
C PHE B 487 92.31 7.10 2.26
N ARG B 488 92.06 8.19 1.52
CA ARG B 488 92.95 9.38 1.59
C ARG B 488 92.89 9.95 3.01
N GLN B 489 91.69 10.06 3.57
CA GLN B 489 91.53 10.58 4.97
C GLN B 489 92.12 9.57 5.95
N HIS B 490 92.00 8.27 5.64
CA HIS B 490 92.57 7.21 6.52
C HIS B 490 94.09 7.27 6.51
N LEU B 491 94.68 7.60 5.36
CA LEU B 491 96.17 7.72 5.24
C LEU B 491 96.63 9.00 5.96
N GLN B 492 95.77 10.02 5.99
CA GLN B 492 96.11 11.28 6.72
C GLN B 492 96.01 11.01 8.23
N ALA B 493 95.15 10.08 8.64
CA ALA B 493 95.00 9.73 10.07
C ALA B 493 96.10 8.75 10.48
N THR B 494 96.53 7.90 9.55
CA THR B 494 97.57 6.88 9.86
C THR B 494 98.68 6.93 8.81
N GLY B 495 98.62 6.05 7.80
CA GLY B 495 99.66 6.01 6.75
C GLY B 495 101.00 5.60 7.33
N VAL B 496 101.04 4.47 8.05
CA VAL B 496 102.30 4.00 8.70
C VAL B 496 103.34 3.70 7.61
N SER B 497 103.02 2.78 6.69
CA SER B 497 103.97 2.41 5.62
C SER B 497 104.32 3.64 4.77
N LEU B 498 105.60 4.01 4.72
CA LEU B 498 106.04 5.17 3.91
C LEU B 498 105.87 4.85 2.42
N GLY B 499 106.09 3.58 2.05
CA GLY B 499 105.91 3.15 0.65
C GLY B 499 104.54 3.50 0.12
N GLY B 500 103.50 3.40 0.96
CA GLY B 500 102.14 3.78 0.56
C GLY B 500 101.99 5.29 0.49
N VAL B 501 102.24 5.88 -0.67
CA VAL B 501 102.13 7.37 -0.84
C VAL B 501 100.83 7.67 -1.60
N ASP B 502 100.92 8.35 -2.74
CA ASP B 502 99.73 8.62 -3.58
C ASP B 502 99.13 7.28 -4.03
N LEU B 503 97.98 6.89 -3.47
CA LEU B 503 97.41 5.55 -3.79
C LEU B 503 96.00 5.70 -4.37
N THR B 504 95.75 5.07 -5.52
CA THR B 504 94.39 5.08 -6.11
C THR B 504 93.81 3.66 -5.99
N VAL B 505 93.74 3.14 -4.76
CA VAL B 505 93.25 1.74 -4.55
C VAL B 505 91.76 1.67 -4.88
N ARG B 506 91.38 0.82 -5.83
CA ARG B 506 89.94 0.64 -6.18
C ARG B 506 89.45 -0.68 -5.59
N VAL B 507 88.34 -0.65 -4.86
CA VAL B 507 87.79 -1.89 -4.24
C VAL B 507 86.65 -2.42 -5.12
N LEU B 508 86.98 -3.32 -6.05
CA LEU B 508 85.96 -3.88 -6.98
C LEU B 508 85.58 -5.30 -6.51
N THR B 509 84.50 -5.85 -7.04
CA THR B 509 84.02 -7.20 -6.61
C THR B 509 84.37 -8.24 -7.69
N THR B 510 84.84 -9.42 -7.27
CA THR B 510 85.13 -10.51 -8.25
C THR B 510 83.84 -10.92 -8.95
N GLY B 511 82.68 -10.59 -8.36
CA GLY B 511 81.39 -10.98 -8.94
C GLY B 511 81.08 -10.24 -10.23
N TYR B 512 81.96 -9.31 -10.64
CA TYR B 512 81.74 -8.51 -11.88
C TYR B 512 83.03 -8.47 -12.70
N TRP B 513 84.18 -8.46 -12.04
CA TRP B 513 85.47 -8.33 -12.76
C TRP B 513 86.19 -9.70 -12.84
N PRO B 514 86.33 -10.39 -14.02
CA PRO B 514 86.98 -11.69 -14.04
C PRO B 514 88.47 -11.57 -13.79
N THR B 515 89.05 -12.70 -13.36
CA THR B 515 90.50 -12.80 -13.20
C THR B 515 91.16 -12.72 -14.58
N GLN B 516 92.21 -11.91 -14.69
CA GLN B 516 92.83 -11.68 -16.00
C GLN B 516 93.43 -12.96 -16.57
N SER B 517 94.54 -13.44 -16.00
CA SER B 517 95.07 -14.74 -16.38
C SER B 517 95.16 -15.70 -15.19
N ALA B 518 95.90 -15.36 -14.14
CA ALA B 518 96.10 -16.26 -13.02
C ALA B 518 96.09 -15.59 -11.66
N THR B 519 96.04 -14.26 -11.61
CA THR B 519 96.15 -13.50 -10.32
C THR B 519 97.51 -13.83 -9.69
N PRO B 520 98.63 -13.23 -10.16
CA PRO B 520 99.97 -13.60 -9.67
C PRO B 520 100.38 -12.97 -8.33
N LYS B 521 101.49 -13.46 -7.75
CA LYS B 521 101.98 -12.92 -6.45
C LYS B 521 103.50 -12.82 -6.50
N CYS B 522 104.05 -12.16 -7.53
CA CYS B 522 105.53 -12.05 -7.69
C CYS B 522 106.09 -11.07 -6.66
N ASN B 523 107.42 -11.02 -6.51
CA ASN B 523 108.06 -10.11 -5.52
C ASN B 523 107.50 -8.70 -5.67
N ILE B 524 107.00 -8.12 -4.58
CA ILE B 524 106.45 -6.74 -4.61
C ILE B 524 107.60 -5.76 -4.31
N PRO B 525 107.69 -4.60 -5.00
CA PRO B 525 108.80 -3.66 -4.81
C PRO B 525 108.71 -2.77 -3.56
N PRO B 526 109.67 -2.76 -2.60
CA PRO B 526 109.66 -1.87 -1.44
C PRO B 526 108.62 -0.75 -1.41
N ALA B 527 108.66 0.22 -2.33
CA ALA B 527 107.58 1.23 -2.34
C ALA B 527 106.23 0.55 -2.57
N PRO B 528 105.88 -0.02 -3.76
CA PRO B 528 104.63 -0.79 -3.90
C PRO B 528 104.49 -2.02 -2.98
N ARG B 529 105.59 -2.56 -2.43
CA ARG B 529 105.51 -3.67 -1.46
C ARG B 529 104.93 -3.09 -0.18
N HIS B 530 105.68 -2.20 0.49
CA HIS B 530 105.10 -1.51 1.63
C HIS B 530 103.68 -1.02 1.33
N ALA B 531 103.47 -0.51 0.11
CA ALA B 531 102.14 -0.04 -0.27
C ALA B 531 101.12 -1.18 -0.25
N PHE B 532 101.49 -2.33 -0.83
CA PHE B 532 100.59 -3.47 -0.84
C PHE B 532 100.35 -4.00 0.55
N GLU B 533 101.38 -3.99 1.40
CA GLU B 533 101.20 -4.42 2.78
C GLU B 533 100.22 -3.52 3.53
N ILE B 534 100.37 -2.21 3.36
CA ILE B 534 99.46 -1.27 4.01
C ILE B 534 98.02 -1.48 3.51
N PHE B 535 97.88 -1.65 2.19
CA PHE B 535 96.54 -1.84 1.63
C PHE B 535 95.91 -3.14 2.12
N ARG B 536 96.71 -4.21 2.20
CA ARG B 536 96.18 -5.49 2.66
C ARG B 536 95.81 -5.42 4.15
N ARG B 537 96.64 -4.76 4.96
CA ARG B 537 96.31 -4.60 6.37
C ARG B 537 95.02 -3.81 6.54
N PHE B 538 94.84 -2.74 5.76
CA PHE B 538 93.61 -1.97 5.84
C PHE B 538 92.41 -2.81 5.41
N TYR B 539 92.55 -3.57 4.31
CA TYR B 539 91.43 -4.33 3.79
C TYR B 539 91.08 -5.50 4.70
N LEU B 540 92.04 -5.97 5.49
CA LEU B 540 91.75 -7.04 6.45
C LEU B 540 91.30 -6.50 7.79
N ALA B 541 91.59 -5.23 8.08
CA ALA B 541 91.08 -4.62 9.33
C ALA B 541 89.56 -4.73 9.34
N LYS B 542 88.95 -4.69 8.15
CA LYS B 542 87.47 -4.84 8.04
C LYS B 542 87.13 -6.34 7.98
N HIS B 543 87.35 -6.97 6.83
CA HIS B 543 87.10 -8.43 6.69
C HIS B 543 88.25 -9.20 7.34
N SER B 544 88.10 -9.60 8.60
CA SER B 544 89.17 -10.32 9.33
C SER B 544 89.73 -11.46 8.47
N GLY B 545 91.01 -11.37 8.08
CA GLY B 545 91.63 -12.42 7.25
C GLY B 545 91.64 -12.05 5.78
N ARG B 546 90.45 -11.84 5.20
CA ARG B 546 90.34 -11.48 3.75
C ARG B 546 91.01 -10.13 3.52
N GLN B 547 92.20 -10.13 2.93
CA GLN B 547 92.96 -8.87 2.69
C GLN B 547 92.90 -8.51 1.20
N LEU B 548 93.72 -7.54 0.78
CA LEU B 548 93.76 -7.15 -0.66
C LEU B 548 94.28 -8.34 -1.48
N THR B 549 93.52 -8.75 -2.50
CA THR B 549 93.94 -9.91 -3.35
C THR B 549 95.31 -9.63 -3.96
N LEU B 550 96.23 -10.59 -3.86
CA LEU B 550 97.59 -10.42 -4.43
C LEU B 550 97.51 -10.53 -5.96
N GLN B 551 97.69 -9.42 -6.68
CA GLN B 551 97.68 -9.43 -8.16
C GLN B 551 98.64 -8.38 -8.68
N HIS B 552 99.14 -8.55 -9.92
CA HIS B 552 100.08 -7.57 -10.53
C HIS B 552 99.62 -7.27 -11.95
N HIS B 553 98.62 -8.02 -12.44
CA HIS B 553 98.14 -7.84 -13.81
C HIS B 553 97.03 -6.79 -13.90
N MET B 554 97.25 -5.63 -13.27
CA MET B 554 96.30 -4.53 -13.37
C MET B 554 96.87 -3.26 -12.71
N GLY B 555 96.58 -2.10 -13.31
CA GLY B 555 96.93 -0.83 -12.73
C GLY B 555 98.08 -0.18 -13.46
N SER B 556 98.61 0.88 -12.85
CA SER B 556 99.74 1.61 -13.41
C SER B 556 100.51 2.28 -12.25
N ALA B 557 101.46 3.11 -12.62
CA ALA B 557 102.27 3.84 -11.65
C ALA B 557 103.01 4.96 -12.38
N ASP B 558 103.60 5.87 -11.60
CA ASP B 558 104.38 6.97 -12.13
C ASP B 558 105.77 6.93 -11.48
N LEU B 559 106.76 6.49 -12.25
CA LEU B 559 108.13 6.34 -11.75
C LEU B 559 108.88 7.64 -11.94
N ASN B 560 109.19 8.32 -10.83
CA ASN B 560 109.91 9.60 -10.88
C ASN B 560 111.39 9.30 -11.08
N ALA B 561 111.86 9.52 -12.31
CA ALA B 561 113.27 9.32 -12.64
C ALA B 561 114.03 10.63 -12.60
N THR B 562 115.35 10.54 -12.68
CA THR B 562 116.20 11.72 -12.68
C THR B 562 117.45 11.49 -13.53
N THR B 587 119.79 17.83 -18.04
CA THR B 587 119.50 17.01 -16.86
C THR B 587 118.25 17.52 -16.14
N ARG B 588 117.20 16.70 -16.13
CA ARG B 588 115.95 17.06 -15.48
C ARG B 588 115.36 15.81 -14.84
N LYS B 589 114.23 15.99 -14.15
CA LYS B 589 113.54 14.92 -13.45
C LYS B 589 112.30 14.55 -14.26
N HIS B 590 112.47 13.59 -15.19
CA HIS B 590 111.36 13.12 -16.01
C HIS B 590 110.71 11.92 -15.35
N ILE B 591 109.39 12.00 -15.14
CA ILE B 591 108.65 10.93 -14.47
C ILE B 591 108.20 9.92 -15.51
N LEU B 592 108.56 8.66 -15.30
CA LEU B 592 108.19 7.59 -16.21
C LEU B 592 106.82 7.02 -15.82
N GLN B 593 106.45 5.91 -16.45
CA GLN B 593 105.18 5.24 -16.19
C GLN B 593 105.37 3.74 -16.33
N VAL B 594 104.88 2.99 -15.35
CA VAL B 594 104.97 1.53 -15.34
C VAL B 594 103.60 0.96 -14.99
N SER B 595 103.12 0.02 -15.78
CA SER B 595 101.78 -0.54 -15.62
C SER B 595 101.82 -1.81 -14.78
N THR B 596 102.34 -1.68 -13.56
CA THR B 596 102.41 -2.74 -12.56
C THR B 596 103.16 -3.98 -13.04
N PHE B 597 103.93 -3.86 -14.12
CA PHE B 597 104.70 -4.97 -14.67
C PHE B 597 106.20 -4.75 -14.56
N GLN B 598 106.67 -3.53 -14.80
CA GLN B 598 108.08 -3.21 -14.75
C GLN B 598 108.52 -2.66 -13.40
N MET B 599 107.62 -2.61 -12.41
CA MET B 599 107.97 -2.05 -11.12
C MET B 599 108.98 -2.94 -10.40
N THR B 600 108.76 -4.26 -10.43
CA THR B 600 109.65 -5.17 -9.71
C THR B 600 111.03 -5.22 -10.34
N ILE B 601 111.09 -5.27 -11.67
CA ILE B 601 112.39 -5.34 -12.35
C ILE B 601 113.17 -4.05 -12.14
N LEU B 602 112.49 -2.91 -12.26
CA LEU B 602 113.15 -1.63 -12.04
C LEU B 602 113.57 -1.46 -10.58
N MET B 603 112.80 -2.00 -9.64
CA MET B 603 113.20 -1.95 -8.24
C MET B 603 114.42 -2.81 -7.97
N LEU B 604 114.47 -4.00 -8.58
CA LEU B 604 115.66 -4.83 -8.46
C LEU B 604 116.88 -4.16 -9.10
N PHE B 605 116.65 -3.40 -10.19
CA PHE B 605 117.75 -2.64 -10.78
C PHE B 605 118.21 -1.52 -9.85
N ASN B 606 117.26 -0.86 -9.18
CA ASN B 606 117.62 0.17 -8.21
C ASN B 606 118.42 -0.41 -7.06
N ASN B 607 118.04 -1.60 -6.58
CA ASN B 607 118.80 -2.25 -5.51
C ASN B 607 120.19 -2.63 -5.99
N ARG B 608 120.29 -3.15 -7.21
CA ARG B 608 121.59 -3.51 -7.79
C ARG B 608 121.44 -3.61 -9.29
N GLU B 609 122.24 -2.84 -10.02
CA GLU B 609 122.19 -2.84 -11.48
C GLU B 609 122.97 -4.05 -12.01
N LYS B 610 123.10 -4.15 -13.34
CA LYS B 610 123.84 -5.22 -13.99
C LYS B 610 123.25 -6.59 -13.67
N TYR B 611 121.97 -6.74 -14.00
CA TYR B 611 121.24 -8.00 -13.84
C TYR B 611 120.97 -8.61 -15.21
N THR B 612 120.39 -9.81 -15.19
CA THR B 612 120.08 -10.54 -16.41
C THR B 612 118.77 -11.29 -16.19
N PHE B 613 118.47 -12.21 -17.12
CA PHE B 613 117.24 -12.99 -17.00
C PHE B 613 117.30 -13.93 -15.80
N GLU B 614 118.47 -14.49 -15.51
CA GLU B 614 118.61 -15.40 -14.38
C GLU B 614 118.34 -14.69 -13.06
N GLU B 615 118.83 -13.45 -12.93
CA GLU B 615 118.64 -12.70 -11.69
C GLU B 615 117.18 -12.37 -11.47
N ILE B 616 116.46 -12.03 -12.54
CA ILE B 616 115.05 -11.65 -12.40
C ILE B 616 114.15 -12.88 -12.39
N GLN B 617 114.69 -14.07 -12.69
CA GLN B 617 113.90 -15.28 -12.63
C GLN B 617 114.19 -16.11 -11.40
N GLN B 618 115.27 -15.82 -10.67
CA GLN B 618 115.68 -16.59 -9.51
C GLN B 618 115.23 -15.97 -8.19
N GLU B 619 115.51 -14.69 -7.98
CA GLU B 619 115.22 -14.01 -6.73
C GLU B 619 113.99 -13.10 -6.85
N THR B 620 113.01 -13.53 -7.62
CA THR B 620 111.80 -12.73 -7.82
C THR B 620 110.50 -13.52 -7.70
N ASP B 621 110.51 -14.84 -7.86
CA ASP B 621 109.29 -15.66 -7.91
C ASP B 621 108.36 -15.13 -9.00
N ILE B 622 108.89 -15.10 -10.21
CA ILE B 622 108.23 -14.45 -11.35
C ILE B 622 107.48 -15.49 -12.17
N PRO B 623 106.30 -15.16 -12.70
CA PRO B 623 105.54 -16.15 -13.50
C PRO B 623 106.14 -16.41 -14.87
N GLU B 624 105.38 -16.95 -15.83
CA GLU B 624 106.05 -17.17 -17.15
C GLU B 624 105.61 -16.17 -18.22
N ARG B 625 104.38 -16.33 -18.74
CA ARG B 625 103.88 -15.49 -19.86
C ARG B 625 104.10 -14.00 -19.59
N GLU B 626 103.52 -13.46 -18.52
CA GLU B 626 103.62 -11.99 -18.30
C GLU B 626 105.08 -11.58 -18.10
N LEU B 627 105.88 -12.38 -17.41
CA LEU B 627 107.33 -12.05 -17.29
C LEU B 627 107.89 -11.82 -18.70
N VAL B 628 107.81 -12.83 -19.56
CA VAL B 628 108.44 -12.64 -20.91
C VAL B 628 107.81 -11.42 -21.59
N ARG B 629 106.49 -11.24 -21.46
CA ARG B 629 105.79 -10.11 -22.13
C ARG B 629 106.44 -8.79 -21.70
N ALA B 630 106.54 -8.52 -20.40
CA ALA B 630 107.11 -7.25 -19.89
C ALA B 630 108.57 -7.12 -20.31
N LEU B 631 109.34 -8.21 -20.23
CA LEU B 631 110.76 -8.15 -20.68
C LEU B 631 110.78 -7.58 -22.11
N GLN B 632 109.98 -8.18 -23.01
CA GLN B 632 109.96 -7.74 -24.43
C GLN B 632 109.51 -6.27 -24.49
N SER B 633 108.40 -5.92 -23.83
CA SER B 633 107.85 -4.55 -23.85
C SER B 633 108.95 -3.54 -23.48
N LEU B 634 109.86 -3.91 -22.57
CA LEU B 634 110.89 -2.95 -22.11
C LEU B 634 112.17 -2.95 -22.96
N ALA B 635 112.60 -4.09 -23.52
CA ALA B 635 113.90 -4.02 -24.27
C ALA B 635 113.75 -4.35 -25.75
N CYS B 636 112.65 -4.98 -26.15
CA CYS B 636 112.38 -5.44 -27.51
C CYS B 636 111.30 -4.60 -28.17
N GLY B 637 111.48 -4.33 -29.46
CA GLY B 637 110.50 -3.55 -30.20
C GLY B 637 110.30 -2.16 -29.67
N LYS B 638 111.40 -1.47 -29.34
CA LYS B 638 111.30 -0.15 -28.72
C LYS B 638 111.73 0.94 -29.69
N PRO B 639 111.00 2.05 -29.76
CA PRO B 639 111.46 3.20 -30.54
C PRO B 639 112.59 3.92 -29.84
N THR B 640 113.04 5.06 -30.36
CA THR B 640 114.16 5.79 -29.79
C THR B 640 113.74 6.56 -28.54
N GLN B 641 113.12 5.83 -27.63
CA GLN B 641 112.78 6.26 -26.28
C GLN B 641 113.10 5.16 -25.28
N ARG B 642 114.18 4.44 -25.53
CA ARG B 642 114.50 3.25 -24.75
C ARG B 642 114.89 3.62 -23.32
N VAL B 643 114.16 3.06 -22.36
CA VAL B 643 114.46 3.25 -20.94
C VAL B 643 115.18 2.05 -20.34
N LEU B 644 115.37 0.98 -21.10
CA LEU B 644 116.06 -0.21 -20.62
C LEU B 644 116.75 -0.86 -21.80
N THR B 645 118.05 -0.60 -21.94
CA THR B 645 118.84 -1.11 -23.05
C THR B 645 119.68 -2.31 -22.61
N LYS B 646 120.21 -3.02 -23.60
CA LYS B 646 121.05 -4.18 -23.37
C LYS B 646 122.21 -4.18 -24.37
N GLU B 647 123.27 -4.90 -24.02
CA GLU B 647 124.42 -5.03 -24.91
C GLU B 647 124.16 -6.05 -26.02
N PRO B 648 123.64 -7.27 -25.72
CA PRO B 648 123.36 -8.21 -26.82
C PRO B 648 122.13 -7.83 -27.60
N LYS B 649 122.28 -6.90 -28.54
CA LYS B 649 121.16 -6.45 -29.36
C LYS B 649 120.68 -7.59 -30.25
N SER B 650 119.46 -8.06 -29.99
CA SER B 650 118.89 -9.15 -30.76
C SER B 650 117.38 -9.18 -30.53
N LYS B 651 116.67 -9.78 -31.48
CA LYS B 651 115.21 -9.86 -31.39
C LYS B 651 114.78 -10.87 -30.32
N GLU B 652 115.27 -12.10 -30.43
CA GLU B 652 114.89 -13.12 -29.46
C GLU B 652 115.55 -12.85 -28.11
N ILE B 653 114.96 -13.42 -27.07
CA ILE B 653 115.38 -13.18 -25.68
C ILE B 653 116.35 -14.28 -25.28
N GLU B 654 117.52 -13.89 -24.80
CA GLU B 654 118.54 -14.80 -24.31
C GLU B 654 118.45 -14.90 -22.79
N ASN B 655 119.44 -15.55 -22.18
CA ASN B 655 119.51 -15.67 -20.73
C ASN B 655 120.54 -14.71 -20.14
N GLY B 656 121.80 -14.82 -20.54
CA GLY B 656 122.86 -13.98 -20.02
C GLY B 656 123.02 -12.68 -20.77
N HIS B 657 122.08 -11.76 -20.60
CA HIS B 657 122.11 -10.45 -21.25
C HIS B 657 122.00 -9.37 -20.19
N ILE B 658 122.98 -8.49 -20.14
CA ILE B 658 123.01 -7.42 -19.15
C ILE B 658 122.10 -6.29 -19.58
N PHE B 659 121.41 -5.68 -18.61
CA PHE B 659 120.49 -4.59 -18.84
C PHE B 659 121.09 -3.27 -18.39
N THR B 660 120.88 -2.23 -19.19
CA THR B 660 121.36 -0.89 -18.86
C THR B 660 120.24 0.13 -19.05
N VAL B 661 120.56 1.42 -18.88
CA VAL B 661 119.58 2.48 -18.99
C VAL B 661 120.17 3.59 -19.86
N ASN B 662 119.33 4.24 -20.65
CA ASN B 662 119.72 5.33 -21.52
C ASN B 662 118.93 6.58 -21.17
N ASP B 663 119.50 7.74 -21.51
CA ASP B 663 118.86 9.01 -21.19
C ASP B 663 117.62 9.25 -22.04
N GLN B 664 117.80 9.33 -23.36
CA GLN B 664 116.71 9.53 -24.32
C GLN B 664 115.96 10.83 -24.02
N PHE B 665 116.66 11.95 -24.26
CA PHE B 665 116.13 13.28 -24.03
C PHE B 665 115.03 13.67 -25.00
N THR B 666 114.60 12.77 -25.88
CA THR B 666 113.55 13.09 -26.85
C THR B 666 112.21 13.39 -26.16
N SER B 667 112.04 12.99 -24.91
CA SER B 667 110.83 13.32 -24.16
C SER B 667 110.79 14.82 -23.90
N LYS B 668 109.89 15.52 -24.57
CA LYS B 668 109.77 16.97 -24.44
C LYS B 668 108.96 17.41 -23.22
N LEU B 669 108.74 16.52 -22.26
CA LEU B 669 107.95 16.84 -21.08
C LEU B 669 108.49 16.04 -19.90
N HIS B 670 107.82 16.18 -18.75
CA HIS B 670 108.21 15.50 -17.53
C HIS B 670 107.39 14.25 -17.26
N ARG B 671 106.33 14.01 -18.03
CA ARG B 671 105.48 12.82 -17.87
C ARG B 671 105.52 12.04 -19.17
N VAL B 672 106.51 11.17 -19.30
CA VAL B 672 106.66 10.31 -20.47
C VAL B 672 106.26 8.90 -20.09
N LYS B 673 105.37 8.29 -20.87
CA LYS B 673 104.84 6.97 -20.59
C LYS B 673 105.25 6.00 -21.68
N ILE B 674 105.40 4.73 -21.30
CA ILE B 674 105.73 3.67 -22.25
C ILE B 674 104.49 2.82 -22.45
N GLN B 675 103.70 3.15 -23.48
CA GLN B 675 102.44 2.46 -23.73
C GLN B 675 102.64 1.38 -24.78
N THR B 676 103.43 0.38 -24.40
CA THR B 676 103.62 -0.78 -25.26
C THR B 676 102.44 -1.73 -25.21
N VAL B 677 101.71 -1.74 -24.09
CA VAL B 677 100.52 -2.57 -23.96
C VAL B 677 99.41 -1.96 -24.81
N ALA B 678 98.33 -2.73 -25.04
CA ALA B 678 97.21 -2.31 -25.86
C ALA B 678 97.68 -1.89 -27.26
N ALA B 679 98.45 -2.76 -27.89
CA ALA B 679 98.96 -2.52 -29.24
C ALA B 679 97.90 -2.85 -30.28
N LYS B 680 98.33 -3.00 -31.53
CA LYS B 680 97.41 -3.40 -32.59
C LYS B 680 96.69 -4.69 -32.22
N GLN B 681 95.39 -4.74 -32.51
CA GLN B 681 94.55 -5.86 -32.12
C GLN B 681 94.99 -7.11 -32.88
N GLY B 682 95.63 -8.04 -32.18
CA GLY B 682 96.06 -9.29 -32.77
C GLY B 682 95.08 -10.41 -32.55
N GLU B 683 94.62 -10.57 -31.30
CA GLU B 683 93.71 -11.63 -30.90
C GLU B 683 94.29 -13.01 -31.21
N SER B 684 95.34 -13.34 -30.45
CA SER B 684 96.09 -14.55 -30.67
C SER B 684 95.23 -15.80 -30.41
N ASP B 685 95.76 -16.95 -30.81
CA ASP B 685 95.02 -18.20 -30.64
C ASP B 685 94.78 -18.57 -29.18
N PRO B 686 95.74 -18.47 -28.26
CA PRO B 686 95.43 -18.87 -26.88
C PRO B 686 94.32 -18.05 -26.23
N GLU B 687 94.37 -16.73 -26.34
CA GLU B 687 93.34 -15.90 -25.71
C GLU B 687 91.99 -16.12 -26.37
N ARG B 688 91.96 -16.29 -27.70
CA ARG B 688 90.71 -16.55 -28.38
C ARG B 688 90.12 -17.88 -27.95
N LYS B 689 90.96 -18.91 -27.83
CA LYS B 689 90.48 -20.21 -27.39
C LYS B 689 89.95 -20.16 -25.96
N GLU B 690 90.65 -19.44 -25.08
CA GLU B 690 90.22 -19.40 -23.69
C GLU B 690 88.93 -18.61 -23.53
N THR B 691 88.78 -17.50 -24.28
CA THR B 691 87.53 -16.76 -24.18
C THR B 691 86.39 -17.50 -24.86
N ARG B 692 86.69 -18.31 -25.88
CA ARG B 692 85.66 -19.14 -26.48
C ARG B 692 85.19 -20.21 -25.51
N GLN B 693 86.13 -20.85 -24.79
CA GLN B 693 85.75 -21.81 -23.77
C GLN B 693 84.94 -21.15 -22.66
N LYS B 694 85.33 -19.93 -22.27
CA LYS B 694 84.60 -19.21 -21.23
C LYS B 694 83.17 -18.91 -21.67
N VAL B 695 82.99 -18.43 -22.90
CA VAL B 695 81.64 -18.11 -23.35
C VAL B 695 80.83 -19.38 -23.59
N ASP B 696 81.52 -20.47 -23.92
CA ASP B 696 80.82 -21.78 -24.10
C ASP B 696 80.34 -22.24 -22.73
N ASP B 697 81.19 -22.14 -21.71
CA ASP B 697 80.80 -22.52 -20.32
C ASP B 697 79.70 -21.57 -19.83
N ASP B 698 79.79 -20.29 -20.20
CA ASP B 698 78.73 -19.32 -19.83
C ASP B 698 77.40 -19.78 -20.43
N ARG B 699 77.39 -20.07 -21.74
CA ARG B 699 76.16 -20.55 -22.43
C ARG B 699 75.70 -21.86 -21.77
N LYS B 700 76.64 -22.73 -21.40
CA LYS B 700 76.30 -24.02 -20.77
C LYS B 700 75.45 -23.77 -19.51
N HIS B 701 75.93 -22.93 -18.60
CA HIS B 701 75.19 -22.69 -17.33
C HIS B 701 73.95 -21.83 -17.60
N GLU B 702 73.96 -21.05 -18.68
CA GLU B 702 72.82 -20.16 -19.01
C GLU B 702 71.62 -21.02 -19.45
N ILE B 703 71.85 -22.00 -20.33
CA ILE B 703 70.71 -22.82 -20.85
C ILE B 703 70.13 -23.64 -19.69
N GLU B 704 70.91 -23.87 -18.63
CA GLU B 704 70.40 -24.59 -17.47
C GLU B 704 69.63 -23.65 -16.54
N ALA B 705 70.14 -22.44 -16.33
CA ALA B 705 69.41 -21.46 -15.53
C ALA B 705 68.05 -21.17 -16.14
N ALA B 706 68.00 -20.98 -17.45
CA ALA B 706 66.74 -20.69 -18.12
C ALA B 706 65.77 -21.87 -18.02
N ILE B 707 66.27 -23.10 -18.20
CA ILE B 707 65.37 -24.25 -18.18
C ILE B 707 64.82 -24.46 -16.77
N VAL B 708 65.65 -24.29 -15.74
CA VAL B 708 65.16 -24.48 -14.38
C VAL B 708 64.32 -23.30 -13.91
N ARG B 709 64.44 -22.13 -14.55
CA ARG B 709 63.56 -21.02 -14.22
C ARG B 709 62.22 -21.11 -14.92
N ILE B 710 62.18 -21.69 -16.11
CA ILE B 710 60.97 -21.73 -16.93
C ILE B 710 60.15 -22.99 -16.67
N MET B 711 60.76 -24.18 -16.81
CA MET B 711 59.98 -25.41 -16.80
C MET B 711 59.39 -25.75 -15.44
N LYS B 712 59.63 -24.94 -14.41
CA LYS B 712 58.98 -25.16 -13.13
C LYS B 712 57.54 -24.65 -13.11
N SER B 713 57.15 -23.80 -14.06
CA SER B 713 55.79 -23.30 -14.14
C SER B 713 55.14 -23.62 -15.49
N ARG B 714 55.66 -24.62 -16.20
CA ARG B 714 55.11 -25.00 -17.49
C ARG B 714 54.76 -26.48 -17.53
N LYS B 715 54.39 -27.00 -18.70
CA LYS B 715 54.01 -28.38 -18.84
C LYS B 715 55.25 -29.25 -19.06
N LYS B 716 55.04 -30.53 -19.34
CA LYS B 716 56.13 -31.48 -19.58
C LYS B 716 56.21 -31.83 -21.06
N MET B 717 57.38 -32.30 -21.47
CA MET B 717 57.61 -32.73 -22.84
C MET B 717 57.66 -34.25 -22.91
N GLN B 718 57.39 -34.77 -24.11
CA GLN B 718 57.49 -36.21 -24.36
C GLN B 718 58.80 -36.57 -25.04
N HIS B 719 59.07 -36.00 -26.22
CA HIS B 719 60.37 -36.16 -26.88
C HIS B 719 61.05 -34.82 -27.12
N ASN B 720 60.43 -33.93 -27.90
CA ASN B 720 61.06 -32.68 -28.32
C ASN B 720 60.07 -31.52 -28.23
N VAL B 721 59.32 -31.44 -27.15
CA VAL B 721 58.28 -30.41 -27.02
C VAL B 721 58.82 -29.15 -26.36
N LEU B 722 59.43 -29.28 -25.19
CA LEU B 722 59.93 -28.11 -24.47
C LEU B 722 61.23 -27.57 -25.03
N VAL B 723 61.94 -28.35 -25.84
CA VAL B 723 63.18 -27.85 -26.42
C VAL B 723 62.89 -26.73 -27.43
N ALA B 724 61.76 -26.82 -28.14
CA ALA B 724 61.37 -25.74 -29.03
C ALA B 724 61.16 -24.45 -28.25
N GLU B 725 60.53 -24.53 -27.09
CA GLU B 725 60.32 -23.35 -26.27
C GLU B 725 61.63 -22.81 -25.72
N VAL B 726 62.52 -23.69 -25.25
CA VAL B 726 63.78 -23.21 -24.68
C VAL B 726 64.69 -22.65 -25.77
N THR B 727 64.48 -23.05 -27.02
CA THR B 727 65.23 -22.44 -28.11
C THR B 727 64.61 -21.12 -28.57
N GLN B 728 63.27 -21.03 -28.53
CA GLN B 728 62.62 -19.77 -28.87
C GLN B 728 62.92 -18.69 -27.84
N GLN B 729 63.04 -19.06 -26.57
CA GLN B 729 63.42 -18.09 -25.55
C GLN B 729 64.85 -17.61 -25.74
N LEU B 730 65.70 -18.42 -26.36
CA LEU B 730 67.09 -18.06 -26.62
C LEU B 730 67.35 -17.77 -28.08
N LYS B 731 66.31 -17.50 -28.87
CA LYS B 731 66.50 -17.20 -30.29
C LYS B 731 67.25 -15.89 -30.47
N ALA B 732 66.94 -14.88 -29.67
CA ALA B 732 67.60 -13.58 -29.76
C ALA B 732 68.93 -13.54 -29.01
N ARG B 733 69.37 -14.65 -28.43
CA ARG B 733 70.62 -14.70 -27.70
C ARG B 733 71.76 -15.28 -28.54
N PHE B 734 71.58 -16.50 -29.05
CA PHE B 734 72.61 -17.17 -29.83
C PHE B 734 71.95 -18.34 -30.56
N LEU B 735 72.79 -19.17 -31.17
CA LEU B 735 72.30 -20.33 -31.89
C LEU B 735 71.70 -21.35 -30.92
N PRO B 736 70.73 -22.15 -31.37
CA PRO B 736 70.11 -23.12 -30.45
C PRO B 736 71.05 -24.23 -30.01
N SER B 737 72.00 -24.63 -30.86
CA SER B 737 72.94 -25.72 -30.58
C SER B 737 72.18 -26.98 -30.15
N PRO B 738 71.50 -27.66 -31.07
CA PRO B 738 70.67 -28.81 -30.67
C PRO B 738 71.43 -29.91 -29.97
N VAL B 739 72.60 -30.29 -30.49
CA VAL B 739 73.37 -31.38 -29.91
C VAL B 739 73.80 -31.03 -28.49
N VAL B 740 74.24 -29.79 -28.26
CA VAL B 740 74.73 -29.39 -26.95
C VAL B 740 73.60 -29.42 -25.93
N ILE B 741 72.45 -28.84 -26.27
CA ILE B 741 71.34 -28.80 -25.33
C ILE B 741 70.78 -30.20 -25.09
N LYS B 742 70.78 -31.05 -26.12
CA LYS B 742 70.30 -32.42 -25.94
C LYS B 742 71.24 -33.21 -25.03
N LYS B 743 72.55 -32.96 -25.14
CA LYS B 743 73.50 -33.65 -24.26
C LYS B 743 73.45 -33.10 -22.85
N ARG B 744 73.09 -31.82 -22.67
CA ARG B 744 73.09 -31.23 -21.35
C ARG B 744 71.78 -31.43 -20.59
N ILE B 745 70.65 -31.60 -21.28
CA ILE B 745 69.39 -31.80 -20.56
C ILE B 745 69.35 -33.18 -19.92
N GLU B 746 70.10 -34.14 -20.45
CA GLU B 746 70.11 -35.49 -19.93
C GLU B 746 71.17 -35.71 -18.85
N GLY B 747 71.79 -34.62 -18.39
CA GLY B 747 72.75 -34.72 -17.28
C GLY B 747 72.09 -34.29 -15.98
N LEU B 748 70.76 -34.13 -15.99
CA LEU B 748 70.01 -33.66 -14.80
C LEU B 748 69.14 -34.81 -14.27
N ILE B 749 69.57 -36.06 -14.47
CA ILE B 749 68.81 -37.24 -13.97
C ILE B 749 69.47 -37.73 -12.68
N GLU B 750 70.46 -36.99 -12.18
CA GLU B 750 71.18 -37.38 -10.94
C GLU B 750 70.15 -37.60 -9.82
N ARG B 751 69.29 -36.61 -9.57
CA ARG B 751 68.25 -36.73 -8.50
C ARG B 751 66.86 -36.80 -9.16
N GLU B 752 65.82 -36.97 -8.33
CA GLU B 752 64.43 -37.05 -8.86
C GLU B 752 63.98 -35.66 -9.31
N TYR B 753 64.54 -34.60 -8.73
CA TYR B 753 64.19 -33.21 -9.12
C TYR B 753 64.33 -33.06 -10.64
N LEU B 754 63.23 -32.73 -11.32
CA LEU B 754 63.25 -32.59 -12.81
C LEU B 754 64.03 -33.75 -13.42
N ALA B 755 63.66 -34.99 -13.08
CA ALA B 755 64.38 -36.18 -13.60
C ALA B 755 64.43 -36.14 -15.12
N ARG B 756 63.28 -35.89 -15.77
CA ARG B 756 63.22 -35.86 -17.26
C ARG B 756 63.85 -37.15 -17.79
N THR B 757 63.45 -38.31 -17.24
CA THR B 757 64.04 -39.61 -17.65
C THR B 757 63.65 -39.92 -19.09
N PRO B 758 64.57 -40.44 -19.94
CA PRO B 758 64.21 -40.84 -21.31
C PRO B 758 63.29 -42.07 -21.28
N GLU B 759 63.23 -42.76 -20.14
CA GLU B 759 62.32 -43.93 -19.99
C GLU B 759 60.97 -43.43 -19.49
N ASP B 760 60.95 -42.69 -18.38
CA ASP B 760 59.68 -42.12 -17.85
C ASP B 760 59.55 -40.68 -18.36
N ARG B 761 59.15 -40.51 -19.62
CA ARG B 761 58.93 -39.15 -20.19
C ARG B 761 57.44 -38.86 -20.16
N LYS B 762 56.66 -39.70 -19.46
CA LYS B 762 55.19 -39.53 -19.40
C LYS B 762 54.82 -38.42 -18.41
N VAL B 763 55.53 -38.33 -17.28
CA VAL B 763 55.17 -37.34 -16.27
C VAL B 763 56.42 -36.91 -15.52
N TYR B 764 56.75 -35.62 -15.60
CA TYR B 764 57.93 -35.10 -14.92
C TYR B 764 57.57 -34.64 -13.52
N THR B 765 58.55 -34.72 -12.63
CA THR B 765 58.35 -34.37 -11.23
C THR B 765 58.18 -32.86 -11.08
N TYR B 766 56.95 -32.42 -10.83
CA TYR B 766 56.67 -31.00 -10.60
C TYR B 766 56.91 -30.62 -9.13
N VAL B 767 58.09 -30.93 -8.64
CA VAL B 767 58.48 -30.65 -7.26
C VAL B 767 59.81 -29.90 -7.29
N ALA B 768 60.32 -29.58 -6.10
CA ALA B 768 61.58 -28.86 -5.97
C ALA B 768 62.65 -29.76 -5.37
N MET C 25 11.00 -61.72 69.96
CA MET C 25 11.96 -62.51 69.20
C MET C 25 11.78 -64.00 69.47
N ASP C 26 12.03 -64.40 70.70
CA ASP C 26 11.87 -65.81 71.08
C ASP C 26 10.39 -66.20 71.08
N GLU C 27 10.13 -67.46 70.73
CA GLU C 27 8.75 -67.92 70.64
C GLU C 27 8.07 -67.94 72.01
N LYS C 28 8.81 -68.29 73.07
CA LYS C 28 8.23 -68.25 74.41
C LYS C 28 7.88 -66.84 74.84
N TYR C 29 8.68 -65.85 74.41
CA TYR C 29 8.36 -64.46 74.70
C TYR C 29 7.07 -64.04 74.02
N VAL C 30 6.87 -64.44 72.76
CA VAL C 30 5.63 -64.14 72.06
C VAL C 30 4.47 -64.86 72.72
N ASN C 31 4.69 -66.08 73.19
CA ASN C 31 3.62 -66.82 73.87
C ASN C 31 3.24 -66.14 75.18
N SER C 32 4.23 -65.64 75.92
CA SER C 32 3.94 -64.92 77.17
C SER C 32 3.17 -63.63 76.89
N ILE C 33 3.56 -62.91 75.83
CA ILE C 33 2.84 -61.71 75.44
C ILE C 33 1.40 -62.05 75.08
N TRP C 34 1.21 -63.15 74.33
CA TRP C 34 -0.13 -63.54 73.91
C TRP C 34 -0.99 -63.94 75.11
N ASP C 35 -0.39 -64.63 76.08
CA ASP C 35 -1.12 -64.98 77.29
C ASP C 35 -1.48 -63.74 78.13
N LEU C 36 -0.59 -62.75 78.19
CA LEU C 36 -0.91 -61.50 78.87
C LEU C 36 -2.06 -60.79 78.17
N LEU C 37 -2.05 -60.78 76.84
CA LEU C 37 -3.14 -60.17 76.10
C LEU C 37 -4.44 -60.91 76.31
N LYS C 38 -4.38 -62.25 76.39
CA LYS C 38 -5.57 -63.04 76.67
C LYS C 38 -6.16 -62.69 78.03
N ASN C 39 -5.31 -62.66 79.06
CA ASN C 39 -5.78 -62.29 80.39
C ASN C 39 -6.36 -60.88 80.38
N ALA C 40 -5.74 -59.96 79.65
CA ALA C 40 -6.22 -58.58 79.62
C ALA C 40 -7.60 -58.49 78.97
N ILE C 41 -7.76 -59.11 77.79
CA ILE C 41 -9.05 -59.02 77.10
C ILE C 41 -10.12 -59.79 77.86
N GLN C 42 -9.76 -60.86 78.57
CA GLN C 42 -10.75 -61.56 79.37
C GLN C 42 -11.18 -60.73 80.57
N GLU C 43 -10.24 -60.01 81.18
CA GLU C 43 -10.62 -59.09 82.26
C GLU C 43 -11.48 -57.95 81.73
N ILE C 44 -11.23 -57.50 80.50
CA ILE C 44 -12.06 -56.46 79.91
C ILE C 44 -13.47 -56.98 79.65
N GLN C 45 -13.58 -58.22 79.18
CA GLN C 45 -14.91 -58.80 78.94
C GLN C 45 -15.69 -58.97 80.24
N ARG C 46 -15.01 -59.01 81.38
CA ARG C 46 -15.68 -59.11 82.67
C ARG C 46 -16.22 -57.78 83.16
N LYS C 47 -16.10 -56.71 82.36
CA LYS C 47 -16.57 -55.38 82.71
C LYS C 47 -15.89 -54.84 83.97
N ASN C 48 -14.59 -55.11 84.09
CA ASN C 48 -13.76 -54.61 85.18
C ASN C 48 -12.42 -54.11 84.65
N ASN C 49 -12.47 -53.39 83.54
CA ASN C 49 -11.28 -52.87 82.89
C ASN C 49 -10.80 -51.55 83.48
N SER C 50 -11.21 -51.22 84.71
CA SER C 50 -10.80 -49.96 85.31
C SER C 50 -9.31 -49.96 85.61
N GLY C 51 -8.81 -51.02 86.24
CA GLY C 51 -7.41 -51.10 86.60
C GLY C 51 -6.53 -51.73 85.54
N LEU C 52 -6.57 -51.19 84.33
CA LEU C 52 -5.74 -51.68 83.23
C LEU C 52 -5.05 -50.50 82.56
N SER C 53 -3.82 -50.73 82.13
CA SER C 53 -2.99 -49.72 81.46
C SER C 53 -2.85 -50.13 80.00
N PHE C 54 -3.34 -49.31 79.10
CA PHE C 54 -3.34 -49.69 77.71
C PHE C 54 -2.10 -49.48 77.06
N GLU C 55 -1.21 -48.90 77.76
CA GLU C 55 -0.05 -48.60 77.04
C GLU C 55 0.45 -49.91 76.82
N GLU C 56 0.42 -50.68 77.89
CA GLU C 56 1.04 -51.95 77.81
C GLU C 56 0.46 -52.76 76.75
N LEU C 57 -0.82 -52.69 76.63
CA LEU C 57 -1.40 -53.54 75.73
C LEU C 57 -1.10 -53.20 74.32
N TYR C 58 -1.16 -51.95 73.96
CA TYR C 58 -0.98 -51.63 72.55
C TYR C 58 0.36 -51.98 72.26
N ARG C 59 1.18 -51.90 73.26
CA ARG C 59 2.56 -52.13 72.99
C ARG C 59 2.78 -53.52 72.64
N ASN C 60 2.28 -54.37 73.48
CA ASN C 60 2.39 -55.76 73.18
C ASN C 60 1.81 -56.10 71.82
N ALA C 61 0.78 -55.41 71.44
CA ALA C 61 0.20 -55.78 70.21
C ALA C 61 1.00 -55.40 69.08
N TYR C 62 1.56 -54.25 69.15
CA TYR C 62 2.25 -53.78 68.02
C TYR C 62 3.35 -54.68 67.91
N THR C 63 3.82 -55.14 69.00
CA THR C 63 4.98 -55.89 68.81
C THR C 63 4.71 -57.14 68.14
N MET C 64 3.69 -57.78 68.61
CA MET C 64 3.32 -59.01 68.00
C MET C 64 3.16 -58.85 66.57
N VAL C 65 2.53 -57.81 66.15
CA VAL C 65 2.31 -57.79 64.76
C VAL C 65 3.49 -57.43 63.96
N LEU C 66 4.45 -56.76 64.59
CA LEU C 66 5.71 -56.40 63.87
C LEU C 66 6.75 -57.51 64.05
N HIS C 67 6.40 -58.58 64.78
CA HIS C 67 7.32 -59.73 64.95
C HIS C 67 6.97 -60.81 63.93
N LYS C 68 6.31 -60.42 62.82
CA LYS C 68 5.89 -61.39 61.77
C LYS C 68 4.89 -62.38 62.35
N HIS C 69 4.22 -62.00 63.45
CA HIS C 69 3.16 -62.86 64.04
C HIS C 69 1.82 -62.16 63.86
N GLY C 70 1.25 -62.22 62.65
CA GLY C 70 0.03 -61.45 62.36
C GLY C 70 -1.27 -62.20 62.55
N GLU C 71 -1.31 -63.51 62.25
CA GLU C 71 -2.57 -64.15 62.33
C GLU C 71 -2.89 -64.78 63.63
N LYS C 72 -1.89 -65.16 64.36
CA LYS C 72 -2.16 -65.84 65.57
C LYS C 72 -3.12 -64.97 66.20
N LEU C 73 -2.78 -63.71 66.27
CA LEU C 73 -3.62 -62.83 66.99
C LEU C 73 -4.97 -62.92 66.45
N TYR C 74 -5.05 -62.73 65.17
CA TYR C 74 -6.35 -62.65 64.64
C TYR C 74 -7.10 -63.80 65.02
N THR C 75 -6.56 -64.92 64.69
CA THR C 75 -7.32 -66.07 64.87
C THR C 75 -7.59 -66.20 66.29
N GLY C 76 -6.67 -65.72 67.06
CA GLY C 76 -6.87 -65.95 68.44
C GLY C 76 -8.09 -65.23 68.81
N LEU C 77 -8.24 -64.05 68.27
CA LEU C 77 -9.31 -63.28 68.73
C LEU C 77 -10.50 -64.06 68.55
N ARG C 78 -10.61 -64.69 67.39
CA ARG C 78 -11.83 -65.34 67.10
C ARG C 78 -12.05 -66.21 68.20
N GLU C 79 -11.05 -66.97 68.45
CA GLU C 79 -11.23 -67.92 69.48
C GLU C 79 -11.58 -67.26 70.73
N VAL C 80 -10.93 -66.17 70.98
CA VAL C 80 -11.19 -65.62 72.24
C VAL C 80 -12.58 -65.28 72.31
N VAL C 81 -12.93 -64.33 71.51
CA VAL C 81 -14.25 -63.88 71.68
C VAL C 81 -15.25 -64.96 71.53
N THR C 82 -14.95 -65.96 70.73
CA THR C 82 -15.98 -66.92 70.51
C THR C 82 -16.29 -67.58 71.79
N GLU C 83 -15.27 -68.05 72.43
CA GLU C 83 -15.55 -68.76 73.60
C GLU C 83 -16.27 -67.84 74.46
N HIS C 84 -15.84 -66.62 74.48
CA HIS C 84 -16.39 -65.73 75.39
C HIS C 84 -17.80 -65.84 75.38
N LEU C 85 -18.34 -65.64 74.22
CA LEU C 85 -19.74 -65.56 74.16
C LEU C 85 -20.37 -66.86 74.23
N ILE C 86 -19.76 -67.86 73.63
CA ILE C 86 -20.44 -69.12 73.55
C ILE C 86 -21.00 -69.44 74.87
N ASN C 87 -20.21 -69.19 75.87
CA ASN C 87 -20.68 -69.53 77.13
C ASN C 87 -21.43 -68.36 77.53
N LYS C 88 -20.73 -67.40 78.03
CA LYS C 88 -21.34 -66.23 78.56
C LYS C 88 -22.72 -66.03 78.16
N VAL C 89 -22.88 -65.55 76.98
CA VAL C 89 -24.20 -65.18 76.66
C VAL C 89 -25.18 -66.22 76.34
N ARG C 90 -24.77 -67.30 75.78
CA ARG C 90 -25.78 -68.18 75.35
C ARG C 90 -26.77 -68.56 76.43
N GLU C 91 -26.27 -68.89 77.58
CA GLU C 91 -27.17 -69.34 78.59
C GLU C 91 -27.72 -68.10 79.09
N ASP C 92 -26.88 -67.09 79.11
CA ASP C 92 -27.32 -65.89 79.67
C ASP C 92 -28.56 -65.45 78.98
N VAL C 93 -28.67 -65.76 77.68
CA VAL C 93 -29.93 -65.44 76.96
C VAL C 93 -30.97 -66.54 77.22
N LEU C 94 -30.52 -67.80 77.27
CA LEU C 94 -31.45 -68.95 77.44
C LEU C 94 -32.15 -68.91 78.82
N ASN C 95 -31.40 -68.65 79.90
CA ASN C 95 -32.01 -68.68 81.25
C ASN C 95 -33.12 -67.63 81.34
N SER C 96 -32.98 -66.51 80.62
CA SER C 96 -34.03 -65.46 80.59
C SER C 96 -34.79 -65.55 79.26
N LEU C 97 -35.46 -66.69 79.01
CA LEU C 97 -36.22 -66.87 77.74
C LEU C 97 -37.61 -66.25 77.90
N ASN C 98 -38.58 -67.04 78.36
CA ASN C 98 -39.98 -66.54 78.51
C ASN C 98 -39.98 -65.26 79.36
N ASN C 99 -39.14 -65.21 80.40
CA ASN C 99 -39.12 -64.04 81.32
C ASN C 99 -38.08 -63.02 80.81
N ASN C 100 -38.49 -61.76 80.64
CA ASN C 100 -37.56 -60.67 80.23
C ASN C 100 -36.57 -61.16 79.16
N PHE C 101 -37.06 -61.50 77.97
CA PHE C 101 -36.18 -62.01 76.89
C PHE C 101 -35.35 -60.87 76.30
N LEU C 102 -36.01 -59.83 75.79
CA LEU C 102 -35.26 -58.73 75.12
C LEU C 102 -34.44 -57.95 76.16
N GLN C 103 -34.99 -57.72 77.36
CA GLN C 103 -34.29 -56.91 78.40
C GLN C 103 -32.81 -57.33 78.47
N THR C 104 -32.54 -58.64 78.51
CA THR C 104 -31.17 -59.14 78.62
C THR C 104 -30.53 -59.29 77.25
N LEU C 105 -31.33 -59.45 76.19
CA LEU C 105 -30.79 -59.53 74.85
C LEU C 105 -30.09 -58.22 74.47
N ASN C 106 -30.80 -57.11 74.56
CA ASN C 106 -30.19 -55.82 74.25
C ASN C 106 -29.13 -55.45 75.28
N GLN C 107 -29.26 -55.92 76.52
CA GLN C 107 -28.24 -55.68 77.52
C GLN C 107 -26.91 -56.31 77.09
N ALA C 108 -26.92 -57.61 76.81
CA ALA C 108 -25.72 -58.27 76.32
C ALA C 108 -25.25 -57.69 74.99
N TRP C 109 -26.19 -57.20 74.17
CA TRP C 109 -25.82 -56.60 72.90
C TRP C 109 -24.96 -55.36 73.10
N ASN C 110 -25.45 -54.42 73.92
CA ASN C 110 -24.68 -53.19 74.15
C ASN C 110 -23.41 -53.47 74.95
N ASP C 111 -23.43 -54.46 75.84
CA ASP C 111 -22.21 -54.82 76.55
C ASP C 111 -21.15 -55.35 75.60
N HIS C 112 -21.54 -56.26 74.71
CA HIS C 112 -20.60 -56.77 73.71
C HIS C 112 -20.14 -55.66 72.77
N GLN C 113 -21.04 -54.71 72.47
CA GLN C 113 -20.66 -53.59 71.61
C GLN C 113 -19.58 -52.73 72.25
N THR C 114 -19.76 -52.39 73.53
CA THR C 114 -18.74 -51.62 74.24
C THR C 114 -17.43 -52.40 74.34
N ALA C 115 -17.51 -53.69 74.63
CA ALA C 115 -16.30 -54.50 74.74
C ALA C 115 -15.55 -54.57 73.42
N MET C 116 -16.27 -54.78 72.31
CA MET C 116 -15.62 -54.88 71.01
C MET C 116 -15.08 -53.53 70.55
N VAL C 117 -15.75 -52.43 70.93
CA VAL C 117 -15.22 -51.12 70.61
C VAL C 117 -13.90 -50.89 71.35
N MET C 118 -13.85 -51.28 72.63
CA MET C 118 -12.61 -51.16 73.39
C MET C 118 -11.51 -52.02 72.79
N ILE C 119 -11.84 -53.24 72.39
CA ILE C 119 -10.85 -54.12 71.76
C ILE C 119 -10.35 -53.52 70.45
N ARG C 120 -11.26 -52.96 69.66
CA ARG C 120 -10.86 -52.32 68.41
C ARG C 120 -9.93 -51.14 68.67
N ASP C 121 -10.21 -50.35 69.71
CA ASP C 121 -9.30 -49.28 70.08
C ASP C 121 -7.96 -49.81 70.55
N ILE C 122 -7.94 -51.01 71.12
CA ILE C 122 -6.66 -51.60 71.53
C ILE C 122 -5.90 -52.13 70.32
N LEU C 123 -6.58 -52.89 69.46
CA LEU C 123 -5.97 -53.56 68.32
C LEU C 123 -6.18 -52.81 67.02
N MET C 124 -6.17 -51.47 67.07
CA MET C 124 -6.42 -50.69 65.86
C MET C 124 -5.27 -50.78 64.87
N TYR C 125 -4.03 -50.87 65.36
CA TYR C 125 -2.90 -50.97 64.45
C TYR C 125 -2.95 -52.26 63.63
N MET C 126 -3.41 -53.36 64.23
CA MET C 126 -3.62 -54.57 63.46
C MET C 126 -4.67 -54.35 62.38
N ASP C 127 -5.77 -53.68 62.73
CA ASP C 127 -6.79 -53.33 61.74
C ASP C 127 -6.22 -52.46 60.63
N ARG C 128 -5.13 -51.74 60.90
CA ARG C 128 -4.53 -50.87 59.88
C ARG C 128 -3.55 -51.61 58.98
N VAL C 129 -2.78 -52.55 59.51
CA VAL C 129 -1.68 -53.15 58.77
C VAL C 129 -2.01 -54.57 58.29
N TYR C 130 -2.69 -55.38 59.11
CA TYR C 130 -2.89 -56.78 58.79
C TYR C 130 -4.21 -57.06 58.11
N VAL C 131 -5.25 -56.28 58.39
CA VAL C 131 -6.57 -56.54 57.81
C VAL C 131 -6.54 -56.38 56.30
N GLN C 132 -5.87 -55.33 55.82
CA GLN C 132 -5.81 -55.08 54.38
C GLN C 132 -4.91 -56.07 53.64
N GLN C 133 -4.13 -56.87 54.36
CA GLN C 133 -3.24 -57.81 53.70
C GLN C 133 -3.97 -59.06 53.22
N ASN C 134 -4.61 -59.79 54.13
CA ASN C 134 -5.30 -61.03 53.79
C ASN C 134 -6.75 -60.81 53.40
N ASN C 135 -7.15 -59.56 53.15
CA ASN C 135 -8.50 -59.20 52.73
C ASN C 135 -9.57 -59.66 53.72
N VAL C 136 -9.17 -59.94 54.96
CA VAL C 136 -10.13 -60.36 55.97
C VAL C 136 -10.83 -59.14 56.56
N GLU C 137 -11.92 -59.39 57.28
CA GLU C 137 -12.66 -58.31 57.91
C GLU C 137 -11.95 -57.83 59.16
N ASN C 138 -12.25 -56.58 59.54
CA ASN C 138 -11.65 -56.00 60.73
C ASN C 138 -12.23 -56.66 61.99
N VAL C 139 -11.61 -56.34 63.13
CA VAL C 139 -12.01 -56.98 64.38
C VAL C 139 -13.43 -56.56 64.77
N TYR C 140 -13.85 -55.36 64.39
CA TYR C 140 -15.22 -54.94 64.67
C TYR C 140 -16.21 -55.71 63.81
N ASN C 141 -15.94 -55.79 62.50
CA ASN C 141 -16.79 -56.58 61.62
C ASN C 141 -16.74 -58.06 62.01
N LEU C 142 -15.56 -58.56 62.40
CA LEU C 142 -15.46 -59.95 62.83
C LEU C 142 -16.29 -60.21 64.08
N GLY C 143 -16.22 -59.32 65.06
CA GLY C 143 -17.01 -59.50 66.26
C GLY C 143 -18.51 -59.44 65.98
N LEU C 144 -18.93 -58.51 65.11
CA LEU C 144 -20.34 -58.42 64.78
C LEU C 144 -20.80 -59.66 64.00
N ILE C 145 -19.94 -60.18 63.12
CA ILE C 145 -20.30 -61.38 62.37
C ILE C 145 -20.44 -62.58 63.30
N ILE C 146 -19.49 -62.75 64.22
CA ILE C 146 -19.56 -63.90 65.11
C ILE C 146 -20.70 -63.76 66.11
N PHE C 147 -21.05 -62.52 66.48
CA PHE C 147 -22.20 -62.33 67.37
C PHE C 147 -23.50 -62.58 66.63
N ARG C 148 -23.54 -62.25 65.32
CA ARG C 148 -24.73 -62.52 64.54
C ARG C 148 -24.91 -64.02 64.31
N ASP C 149 -23.83 -64.73 64.04
CA ASP C 149 -23.92 -66.14 63.70
C ASP C 149 -24.06 -67.01 64.95
N GLN C 150 -23.10 -66.91 65.88
CA GLN C 150 -23.05 -67.82 67.01
C GLN C 150 -24.11 -67.51 68.07
N VAL C 151 -24.49 -66.23 68.22
CA VAL C 151 -25.43 -65.82 69.26
C VAL C 151 -26.83 -65.61 68.69
N VAL C 152 -26.95 -64.91 67.58
CA VAL C 152 -28.26 -64.56 67.03
C VAL C 152 -28.77 -65.63 66.08
N ARG C 153 -27.93 -66.10 65.16
CA ARG C 153 -28.35 -67.09 64.18
C ARG C 153 -28.40 -68.50 64.73
N TYR C 154 -28.30 -68.69 66.03
CA TYR C 154 -28.39 -70.03 66.60
C TYR C 154 -29.83 -70.53 66.54
N GLY C 155 -29.97 -71.85 66.58
CA GLY C 155 -31.26 -72.49 66.41
C GLY C 155 -32.30 -72.16 67.45
N CYS C 156 -32.02 -72.48 68.72
CA CYS C 156 -33.01 -72.36 69.77
C CYS C 156 -33.32 -70.92 70.15
N ILE C 157 -32.57 -69.94 69.63
CA ILE C 157 -32.80 -68.55 69.98
C ILE C 157 -33.52 -67.84 68.84
N ARG C 158 -33.27 -68.28 67.60
CA ARG C 158 -33.90 -67.64 66.45
C ARG C 158 -35.41 -67.79 66.48
N ASP C 159 -35.88 -69.03 66.67
CA ASP C 159 -37.32 -69.26 66.73
C ASP C 159 -37.95 -68.52 67.90
N HIS C 160 -37.28 -68.51 69.05
CA HIS C 160 -37.83 -67.82 70.20
C HIS C 160 -37.96 -66.32 69.95
N LEU C 161 -36.91 -65.69 69.39
CA LEU C 161 -36.96 -64.26 69.18
C LEU C 161 -37.99 -63.90 68.11
N ARG C 162 -38.08 -64.68 67.03
CA ARG C 162 -39.06 -64.36 66.00
C ARG C 162 -40.48 -64.54 66.52
N GLN C 163 -40.72 -65.58 67.34
CA GLN C 163 -42.05 -65.78 67.90
C GLN C 163 -42.41 -64.66 68.86
N THR C 164 -41.46 -64.21 69.69
CA THR C 164 -41.74 -63.12 70.60
C THR C 164 -42.02 -61.82 69.85
N LEU C 165 -41.27 -61.55 68.78
CA LEU C 165 -41.51 -60.34 68.00
C LEU C 165 -42.87 -60.40 67.31
N LEU C 166 -43.22 -61.54 66.73
CA LEU C 166 -44.53 -61.68 66.10
C LEU C 166 -45.64 -61.52 67.12
N ASP C 167 -45.47 -62.08 68.32
CA ASP C 167 -46.50 -61.98 69.35
C ASP C 167 -46.68 -60.54 69.80
N MET C 168 -45.56 -59.82 70.00
CA MET C 168 -45.67 -58.45 70.49
C MET C 168 -46.26 -57.52 69.43
N ILE C 169 -45.91 -57.72 68.15
CA ILE C 169 -46.52 -56.89 67.13
C ILE C 169 -47.99 -57.26 66.93
N ALA C 170 -48.33 -58.54 67.13
CA ALA C 170 -49.73 -58.95 67.01
C ALA C 170 -50.58 -58.31 68.10
N ARG C 171 -50.09 -58.33 69.34
CA ARG C 171 -50.85 -57.69 70.42
C ARG C 171 -50.82 -56.17 70.29
N GLU C 172 -49.79 -55.62 69.64
CA GLU C 172 -49.80 -54.20 69.33
C GLU C 172 -50.88 -53.86 68.32
N ARG C 173 -51.14 -54.78 67.38
CA ARG C 173 -52.17 -54.51 66.37
C ARG C 173 -53.57 -54.53 66.96
N LYS C 174 -53.80 -55.32 68.00
CA LYS C 174 -55.14 -55.44 68.59
C LYS C 174 -55.30 -54.64 69.88
N GLY C 175 -54.50 -53.60 70.09
CA GLY C 175 -54.71 -52.65 71.15
C GLY C 175 -53.80 -52.79 72.34
N GLU C 176 -53.24 -53.98 72.58
CA GLU C 176 -52.37 -54.20 73.74
C GLU C 176 -51.07 -53.42 73.55
N VAL C 177 -50.79 -52.50 74.48
CA VAL C 177 -49.62 -51.65 74.36
C VAL C 177 -48.37 -52.42 74.79
N VAL C 178 -47.28 -52.24 74.03
CA VAL C 178 -45.99 -52.85 74.33
C VAL C 178 -44.93 -51.75 74.27
N ASP C 179 -43.87 -51.93 75.06
CA ASP C 179 -42.77 -50.98 75.09
C ASP C 179 -42.09 -50.97 73.73
N ARG C 180 -42.26 -49.88 72.98
CA ARG C 180 -41.69 -49.78 71.65
C ARG C 180 -40.15 -49.71 71.68
N GLY C 181 -39.57 -49.39 72.84
CA GLY C 181 -38.12 -49.34 72.92
C GLY C 181 -37.47 -50.68 72.67
N ALA C 182 -38.06 -51.75 73.19
CA ALA C 182 -37.48 -53.08 73.01
C ALA C 182 -37.48 -53.48 71.54
N ILE C 183 -38.62 -53.30 70.86
CA ILE C 183 -38.73 -53.73 69.47
C ILE C 183 -37.87 -52.84 68.58
N ARG C 184 -37.78 -51.55 68.89
CA ARG C 184 -36.95 -50.68 68.05
C ARG C 184 -35.47 -50.97 68.25
N ASN C 185 -35.06 -51.33 69.48
CA ASN C 185 -33.69 -51.74 69.70
C ASN C 185 -33.40 -53.05 68.99
N ALA C 186 -34.35 -53.98 69.00
CA ALA C 186 -34.17 -55.25 68.30
C ALA C 186 -34.01 -55.03 66.80
N CYS C 187 -34.86 -54.18 66.21
CA CYS C 187 -34.78 -53.95 64.78
C CYS C 187 -33.51 -53.20 64.41
N GLN C 188 -33.07 -52.24 65.23
CA GLN C 188 -31.86 -51.50 64.90
C GLN C 188 -30.62 -52.38 65.03
N MET C 189 -30.58 -53.28 66.02
CA MET C 189 -29.45 -54.18 66.12
C MET C 189 -29.47 -55.23 65.01
N LEU C 190 -30.67 -55.65 64.57
CA LEU C 190 -30.75 -56.57 63.46
C LEU C 190 -30.25 -55.94 62.16
N MET C 191 -30.62 -54.69 61.90
CA MET C 191 -30.13 -54.03 60.70
C MET C 191 -28.66 -53.64 60.83
N ILE C 192 -28.15 -53.49 62.05
CA ILE C 192 -26.72 -53.25 62.23
C ILE C 192 -25.92 -54.51 61.94
N LEU C 193 -26.45 -55.68 62.32
CA LEU C 193 -25.75 -56.93 62.09
C LEU C 193 -25.53 -57.23 60.60
N GLY C 194 -26.23 -56.51 59.72
CA GLY C 194 -26.05 -56.77 58.30
C GLY C 194 -24.70 -56.32 57.77
N LEU C 195 -24.18 -55.22 58.32
CA LEU C 195 -22.87 -54.66 57.99
C LEU C 195 -22.84 -54.04 56.59
N GLU C 196 -23.90 -54.24 55.83
CA GLU C 196 -24.06 -53.63 54.51
C GLU C 196 -25.40 -52.95 54.34
N GLY C 197 -26.44 -53.43 55.03
CA GLY C 197 -27.77 -52.87 54.91
C GLY C 197 -28.80 -53.75 55.58
N ARG C 198 -29.88 -54.04 54.86
CA ARG C 198 -30.95 -54.90 55.36
C ARG C 198 -30.83 -56.34 54.86
N SER C 199 -29.60 -56.83 54.64
CA SER C 199 -29.41 -58.17 54.13
C SER C 199 -29.96 -59.22 55.10
N VAL C 200 -29.41 -59.26 56.31
CA VAL C 200 -29.88 -60.22 57.31
C VAL C 200 -31.28 -59.87 57.79
N TYR C 201 -31.67 -58.59 57.72
CA TYR C 201 -32.98 -58.18 58.19
C TYR C 201 -34.08 -58.75 57.30
N GLU C 202 -33.80 -58.91 56.01
CA GLU C 202 -34.80 -59.44 55.09
C GLU C 202 -35.10 -60.91 55.38
N GLU C 203 -34.10 -61.67 55.81
CA GLU C 203 -34.26 -63.11 55.99
C GLU C 203 -34.60 -63.49 57.41
N ASP C 204 -34.19 -62.69 58.40
CA ASP C 204 -34.40 -63.09 59.79
C ASP C 204 -35.71 -62.53 60.37
N PHE C 205 -36.12 -61.35 59.95
CA PHE C 205 -37.33 -60.72 60.49
C PHE C 205 -38.34 -60.32 59.43
N GLU C 206 -37.88 -59.81 58.28
CA GLU C 206 -38.80 -59.31 57.28
C GLU C 206 -39.59 -60.44 56.61
N ALA C 207 -38.94 -61.58 56.40
CA ALA C 207 -39.61 -62.70 55.73
C ALA C 207 -40.80 -63.22 56.52
N PRO C 208 -40.72 -63.46 57.84
CA PRO C 208 -41.94 -63.83 58.57
C PRO C 208 -42.89 -62.65 58.76
N PHE C 209 -42.37 -61.43 58.87
CA PHE C 209 -43.21 -60.27 59.10
C PHE C 209 -44.15 -60.03 57.92
N LEU C 210 -43.64 -60.15 56.70
CA LEU C 210 -44.48 -59.89 55.53
C LEU C 210 -45.62 -60.88 55.43
N GLU C 211 -45.35 -62.16 55.69
CA GLU C 211 -46.40 -63.17 55.54
C GLU C 211 -47.40 -63.10 56.68
N MET C 212 -46.94 -62.81 57.90
CA MET C 212 -47.90 -62.67 59.00
C MET C 212 -48.75 -61.42 58.83
N SER C 213 -48.16 -60.33 58.34
CA SER C 213 -48.94 -59.14 58.04
C SER C 213 -49.93 -59.40 56.92
N ALA C 214 -49.53 -60.17 55.91
CA ALA C 214 -50.43 -60.48 54.80
C ALA C 214 -51.63 -61.29 55.27
N GLU C 215 -51.39 -62.34 56.06
CA GLU C 215 -52.51 -63.15 56.54
C GLU C 215 -53.38 -62.38 57.51
N PHE C 216 -52.79 -61.50 58.32
CA PHE C 216 -53.59 -60.67 59.21
C PHE C 216 -54.45 -59.68 58.43
N PHE C 217 -53.90 -59.10 57.37
CA PHE C 217 -54.68 -58.19 56.54
C PHE C 217 -55.81 -58.93 55.82
N GLN C 218 -55.55 -60.15 55.36
CA GLN C 218 -56.59 -60.95 54.74
C GLN C 218 -57.72 -61.24 55.74
N MET C 219 -57.35 -61.64 56.96
CA MET C 219 -58.36 -61.95 57.97
C MET C 219 -59.18 -60.70 58.32
N GLU C 220 -58.52 -59.56 58.51
CA GLU C 220 -59.26 -58.36 58.88
C GLU C 220 -60.13 -57.87 57.74
N SER C 221 -59.67 -58.03 56.50
CA SER C 221 -60.50 -57.66 55.36
C SER C 221 -61.73 -58.56 55.26
N GLN C 222 -61.55 -59.86 55.50
CA GLN C 222 -62.68 -60.77 55.46
C GLN C 222 -63.69 -60.45 56.57
N LYS C 223 -63.21 -60.11 57.77
CA LYS C 223 -64.11 -59.80 58.86
C LYS C 223 -64.68 -58.39 58.76
N PHE C 224 -64.13 -57.53 57.90
CA PHE C 224 -64.67 -56.18 57.75
C PHE C 224 -65.68 -56.08 56.62
N LEU C 225 -65.35 -56.62 55.44
CA LEU C 225 -66.25 -56.48 54.30
C LEU C 225 -67.52 -57.29 54.45
N ALA C 226 -67.56 -58.23 55.40
CA ALA C 226 -68.69 -59.13 55.52
C ALA C 226 -69.91 -58.50 56.18
N GLU C 227 -69.71 -57.62 57.17
CA GLU C 227 -70.82 -56.99 57.87
C GLU C 227 -70.66 -55.49 58.00
N ASN C 228 -70.05 -54.84 57.01
CA ASN C 228 -69.89 -53.38 57.02
C ASN C 228 -70.10 -52.86 55.61
N SER C 229 -70.43 -51.57 55.52
CA SER C 229 -70.64 -50.91 54.25
C SER C 229 -69.35 -50.22 53.80
N ALA C 230 -69.35 -49.70 52.57
CA ALA C 230 -68.16 -49.06 52.04
C ALA C 230 -67.87 -47.73 52.73
N SER C 231 -68.91 -47.03 53.19
CA SER C 231 -68.71 -45.73 53.83
C SER C 231 -67.84 -45.85 55.07
N VAL C 232 -68.05 -46.90 55.87
CA VAL C 232 -67.18 -47.13 57.01
C VAL C 232 -65.94 -47.94 56.64
N TYR C 233 -66.00 -48.70 55.55
CA TYR C 233 -64.85 -49.49 55.13
C TYR C 233 -63.70 -48.60 54.70
N ILE C 234 -63.99 -47.52 53.96
CA ILE C 234 -62.93 -46.62 53.54
C ILE C 234 -62.30 -45.94 54.73
N LYS C 235 -63.11 -45.54 55.73
CA LYS C 235 -62.57 -44.88 56.90
C LYS C 235 -61.70 -45.83 57.72
N LYS C 236 -62.16 -47.07 57.91
CA LYS C 236 -61.40 -48.00 58.72
C LYS C 236 -60.13 -48.46 58.01
N VAL C 237 -60.16 -48.57 56.68
CA VAL C 237 -58.94 -48.96 55.97
C VAL C 237 -57.97 -47.78 55.93
N GLU C 238 -58.47 -46.55 55.92
CA GLU C 238 -57.57 -45.39 56.03
C GLU C 238 -56.93 -45.34 57.41
N ALA C 239 -57.71 -45.64 58.45
CA ALA C 239 -57.14 -45.70 59.81
C ALA C 239 -56.10 -46.81 59.90
N ARG C 240 -56.36 -47.95 59.25
CA ARG C 240 -55.37 -49.03 59.22
C ARG C 240 -54.10 -48.59 58.52
N ILE C 241 -54.22 -47.90 57.39
CA ILE C 241 -53.05 -47.40 56.67
C ILE C 241 -52.26 -46.45 57.54
N ASN C 242 -52.94 -45.52 58.22
CA ASN C 242 -52.25 -44.55 59.06
C ASN C 242 -51.55 -45.22 60.23
N GLU C 243 -52.21 -46.20 60.87
CA GLU C 243 -51.60 -46.85 62.02
C GLU C 243 -50.43 -47.74 61.58
N GLU C 244 -50.51 -48.35 60.40
CA GLU C 244 -49.36 -49.11 59.90
C GLU C 244 -48.20 -48.19 59.56
N ILE C 245 -48.51 -47.00 59.02
CA ILE C 245 -47.45 -46.03 58.72
C ILE C 245 -46.75 -45.60 60.00
N GLU C 246 -47.52 -45.23 61.02
CA GLU C 246 -46.89 -44.78 62.27
C GLU C 246 -46.19 -45.93 62.98
N ARG C 247 -46.67 -47.16 62.81
CA ARG C 247 -45.99 -48.31 63.40
C ARG C 247 -44.64 -48.56 62.73
N VAL C 248 -44.62 -48.58 61.40
CA VAL C 248 -43.37 -48.81 60.68
C VAL C 248 -42.43 -47.62 60.83
N MET C 249 -42.97 -46.47 61.25
CA MET C 249 -42.12 -45.26 61.45
C MET C 249 -41.45 -45.33 62.83
N HIS C 250 -42.01 -46.11 63.76
CA HIS C 250 -41.45 -46.15 65.15
C HIS C 250 -40.91 -47.54 65.47
N CYS C 251 -41.80 -48.53 65.65
CA CYS C 251 -41.37 -49.90 66.04
C CYS C 251 -40.42 -50.48 64.99
N LEU C 252 -40.74 -50.29 63.69
CA LEU C 252 -39.91 -50.90 62.61
C LEU C 252 -39.15 -49.80 61.87
N ASP C 253 -38.73 -50.08 60.62
CA ASP C 253 -38.01 -49.07 59.81
C ASP C 253 -38.87 -48.73 58.59
N LYS C 254 -39.03 -47.43 58.28
CA LYS C 254 -39.91 -47.00 57.15
C LYS C 254 -39.53 -47.71 55.85
N SER C 255 -38.26 -48.10 55.69
CA SER C 255 -37.79 -48.76 54.44
C SER C 255 -38.60 -50.02 54.14
N THR C 256 -39.10 -50.72 55.18
CA THR C 256 -39.83 -52.00 54.97
C THR C 256 -41.30 -51.74 54.61
N GLU C 257 -41.76 -50.49 54.71
CA GLU C 257 -43.20 -50.18 54.47
C GLU C 257 -43.57 -50.37 53.00
N GLU C 258 -42.73 -49.91 52.07
CA GLU C 258 -43.08 -49.94 50.61
C GLU C 258 -43.54 -51.35 50.16
N PRO C 259 -42.76 -52.46 50.25
CA PRO C 259 -43.25 -53.75 49.74
C PRO C 259 -44.62 -54.08 50.33
N ILE C 260 -44.76 -53.88 51.63
CA ILE C 260 -46.05 -54.21 52.30
C ILE C 260 -47.14 -53.32 51.70
N VAL C 261 -46.92 -52.01 51.61
CA VAL C 261 -48.04 -51.14 51.13
C VAL C 261 -48.44 -51.61 49.74
N LYS C 262 -47.52 -52.25 49.02
CA LYS C 262 -47.91 -52.81 47.70
C LYS C 262 -49.00 -53.83 47.97
N VAL C 263 -48.68 -54.85 48.76
CA VAL C 263 -49.72 -55.86 49.12
C VAL C 263 -50.87 -55.15 49.83
N VAL C 264 -50.59 -54.04 50.52
CA VAL C 264 -51.65 -53.37 51.32
C VAL C 264 -52.62 -52.70 50.36
N GLU C 265 -52.16 -52.43 49.15
CA GLU C 265 -53.11 -51.89 48.15
C GLU C 265 -53.45 -53.03 47.20
N ARG C 266 -52.72 -54.14 47.31
CA ARG C 266 -52.94 -55.24 46.35
C ARG C 266 -53.70 -56.36 47.07
N GLU C 267 -52.95 -57.26 47.71
CA GLU C 267 -53.58 -58.41 48.41
C GLU C 267 -54.61 -57.88 49.41
N LEU C 268 -54.55 -56.59 49.74
CA LEU C 268 -55.59 -56.02 50.62
C LEU C 268 -56.59 -55.27 49.76
N ILE C 269 -56.22 -54.08 49.28
CA ILE C 269 -57.23 -53.27 48.53
C ILE C 269 -57.64 -54.06 47.29
N SER C 270 -56.76 -54.15 46.29
CA SER C 270 -57.14 -54.80 45.02
C SER C 270 -58.00 -56.04 45.30
N LYS C 271 -57.57 -56.86 46.26
CA LYS C 271 -58.31 -58.11 46.58
C LYS C 271 -59.81 -57.84 46.60
N HIS C 272 -60.30 -57.07 47.57
CA HIS C 272 -61.77 -56.86 47.69
C HIS C 272 -62.15 -55.64 46.87
N MET C 273 -61.15 -54.87 46.43
CA MET C 273 -61.43 -53.65 45.64
C MET C 273 -62.43 -54.04 44.56
N LYS C 274 -62.25 -55.21 43.96
CA LYS C 274 -63.22 -55.69 42.95
C LYS C 274 -64.63 -55.59 43.55
N THR C 275 -64.93 -56.44 44.52
CA THR C 275 -66.28 -56.41 45.16
C THR C 275 -66.65 -54.95 45.40
N ILE C 276 -65.68 -54.17 45.87
CA ILE C 276 -65.97 -52.75 46.21
C ILE C 276 -66.30 -51.94 44.95
N VAL C 277 -65.51 -52.07 43.88
CA VAL C 277 -65.71 -51.21 42.67
C VAL C 277 -67.00 -51.60 41.97
N GLU C 278 -67.89 -52.26 42.71
CA GLU C 278 -69.22 -52.68 42.20
C GLU C 278 -70.13 -53.01 43.39
N MET C 279 -70.82 -54.16 43.34
CA MET C 279 -71.69 -54.61 44.46
C MET C 279 -72.75 -53.55 44.79
N GLU C 280 -73.11 -53.40 46.06
CA GLU C 280 -74.16 -52.43 46.48
C GLU C 280 -73.84 -51.94 47.89
N ASN C 281 -74.83 -51.96 48.79
CA ASN C 281 -74.63 -51.52 50.20
C ASN C 281 -74.01 -50.13 50.22
N SER C 282 -74.79 -49.09 49.86
CA SER C 282 -74.27 -47.71 49.78
C SER C 282 -72.95 -47.71 49.00
N GLY C 283 -72.95 -48.29 47.80
CA GLY C 283 -71.72 -48.40 46.99
C GLY C 283 -71.54 -47.20 46.06
N LEU C 284 -70.61 -47.30 45.12
CA LEU C 284 -70.32 -46.19 44.18
C LEU C 284 -71.61 -45.79 43.46
N VAL C 285 -72.41 -46.75 42.99
CA VAL C 285 -73.60 -46.44 42.23
C VAL C 285 -74.69 -45.81 43.09
N HIS C 286 -74.63 -46.02 44.40
CA HIS C 286 -75.60 -45.40 45.30
C HIS C 286 -75.16 -44.01 45.74
N MET C 287 -73.86 -43.81 45.99
CA MET C 287 -73.38 -42.48 46.36
C MET C 287 -73.39 -41.52 45.17
N LEU C 288 -73.39 -42.04 43.95
CA LEU C 288 -73.51 -41.16 42.79
C LEU C 288 -74.90 -40.55 42.70
N LYS C 289 -75.93 -41.34 43.00
CA LYS C 289 -77.29 -40.82 42.97
C LYS C 289 -77.67 -40.11 44.25
N ASN C 290 -77.01 -40.41 45.37
CA ASN C 290 -77.27 -39.70 46.61
C ASN C 290 -76.53 -38.37 46.69
N GLY C 291 -75.27 -38.36 46.27
CA GLY C 291 -74.52 -37.11 46.20
C GLY C 291 -73.66 -36.79 47.39
N LYS C 292 -73.16 -37.79 48.11
CA LYS C 292 -72.23 -37.55 49.21
C LYS C 292 -70.83 -37.42 48.62
N THR C 293 -70.42 -36.17 48.37
CA THR C 293 -69.17 -35.92 47.66
C THR C 293 -67.95 -36.29 48.50
N GLU C 294 -68.07 -36.25 49.83
CA GLU C 294 -66.94 -36.59 50.69
C GLU C 294 -66.50 -38.03 50.49
N ASP C 295 -67.46 -38.94 50.28
CA ASP C 295 -67.10 -40.33 50.03
C ASP C 295 -66.39 -40.48 48.69
N LEU C 296 -66.82 -39.74 47.67
CA LEU C 296 -66.14 -39.77 46.38
C LEU C 296 -64.71 -39.29 46.51
N GLY C 297 -64.50 -38.18 47.20
CA GLY C 297 -63.15 -37.69 47.41
C GLY C 297 -62.29 -38.65 48.21
N CYS C 298 -62.88 -39.27 49.23
CA CYS C 298 -62.13 -40.21 50.06
C CYS C 298 -61.69 -41.42 49.24
N MET C 299 -62.61 -42.03 48.50
CA MET C 299 -62.23 -43.18 47.68
C MET C 299 -61.29 -42.79 46.54
N TYR C 300 -61.36 -41.54 46.07
CA TYR C 300 -60.40 -41.10 45.06
C TYR C 300 -59.00 -41.02 45.64
N LYS C 301 -58.86 -40.41 46.82
CA LYS C 301 -57.55 -40.31 47.44
C LYS C 301 -57.05 -41.64 47.96
N LEU C 302 -57.95 -42.61 48.16
CA LEU C 302 -57.51 -43.93 48.61
C LEU C 302 -57.09 -44.82 47.45
N PHE C 303 -57.94 -44.93 46.43
CA PHE C 303 -57.65 -45.80 45.28
C PHE C 303 -56.55 -45.24 44.38
N SER C 304 -55.98 -44.08 44.69
CA SER C 304 -54.92 -43.54 43.85
C SER C 304 -53.63 -44.33 44.00
N ARG C 305 -53.47 -45.07 45.09
CA ARG C 305 -52.25 -45.84 45.31
C ARG C 305 -52.32 -47.21 44.66
N VAL C 306 -53.45 -47.88 44.77
CA VAL C 306 -53.59 -49.22 44.21
C VAL C 306 -53.62 -49.14 42.69
N PRO C 307 -52.86 -49.97 41.98
CA PRO C 307 -52.90 -49.92 40.50
C PRO C 307 -54.22 -50.43 39.96
N ASN C 308 -54.62 -49.87 38.82
CA ASN C 308 -55.81 -50.26 38.07
C ASN C 308 -57.10 -50.02 38.85
N GLY C 309 -57.00 -49.36 40.01
CA GLY C 309 -58.20 -49.03 40.75
C GLY C 309 -59.01 -47.92 40.09
N LEU C 310 -58.31 -46.92 39.54
CA LEU C 310 -58.99 -45.86 38.82
C LEU C 310 -59.77 -46.41 37.63
N LYS C 311 -59.24 -47.45 36.98
CA LYS C 311 -59.98 -48.07 35.88
C LYS C 311 -61.21 -48.80 36.40
N THR C 312 -61.09 -49.49 37.54
CA THR C 312 -62.22 -50.24 38.08
C THR C 312 -63.33 -49.32 38.56
N MET C 313 -63.00 -48.08 38.95
CA MET C 313 -64.06 -47.13 39.29
C MET C 313 -64.56 -46.37 38.07
N CYS C 314 -63.69 -46.13 37.08
CA CYS C 314 -64.14 -45.48 35.86
C CYS C 314 -65.15 -46.34 35.11
N GLU C 315 -64.92 -47.66 35.07
CA GLU C 315 -65.85 -48.53 34.34
C GLU C 315 -67.21 -48.55 35.01
N CYS C 316 -67.25 -48.55 36.35
CA CYS C 316 -68.54 -48.60 37.04
C CYS C 316 -69.28 -47.27 36.92
N MET C 317 -68.56 -46.15 37.07
CA MET C 317 -69.22 -44.85 36.91
C MET C 317 -69.67 -44.65 35.47
N SER C 318 -68.94 -45.20 34.49
CA SER C 318 -69.37 -45.11 33.11
C SER C 318 -70.61 -45.98 32.86
N SER C 319 -70.67 -47.15 33.49
CA SER C 319 -71.87 -47.96 33.40
C SER C 319 -73.08 -47.23 33.96
N TYR C 320 -72.92 -46.59 35.13
CA TYR C 320 -74.02 -45.84 35.72
C TYR C 320 -74.42 -44.67 34.84
N LEU C 321 -73.44 -43.97 34.26
CA LEU C 321 -73.75 -42.83 33.40
C LEU C 321 -74.45 -43.29 32.13
N ARG C 322 -74.05 -44.44 31.57
CA ARG C 322 -74.72 -44.97 30.40
C ARG C 322 -76.15 -45.38 30.72
N GLU C 323 -76.37 -45.94 31.91
CA GLU C 323 -77.72 -46.28 32.33
C GLU C 323 -78.59 -45.04 32.43
N GLN C 324 -78.09 -44.00 33.10
CA GLN C 324 -78.83 -42.75 33.20
C GLN C 324 -79.08 -42.14 31.83
N GLY C 325 -78.10 -42.28 30.91
CA GLY C 325 -78.27 -41.72 29.58
C GLY C 325 -79.36 -42.42 28.80
N LYS C 326 -79.28 -43.75 28.70
CA LYS C 326 -80.32 -44.49 27.99
C LYS C 326 -81.67 -44.39 28.68
N ALA C 327 -81.70 -44.06 29.97
CA ALA C 327 -82.97 -43.78 30.63
C ALA C 327 -83.49 -42.39 30.26
N LEU C 328 -82.57 -41.47 29.96
CA LEU C 328 -82.96 -40.11 29.57
C LEU C 328 -83.29 -39.99 28.09
N VAL C 329 -82.46 -40.60 27.23
CA VAL C 329 -82.66 -40.46 25.76
C VAL C 329 -83.81 -41.36 25.33
N SER C 330 -84.42 -42.08 26.29
CA SER C 330 -85.56 -42.99 25.98
C SER C 330 -86.52 -42.34 24.99
N GLU C 331 -86.51 -42.80 23.73
CA GLU C 331 -87.41 -42.24 22.69
C GLU C 331 -88.82 -42.83 22.88
N GLU C 332 -88.90 -44.00 23.53
CA GLU C 332 -90.22 -44.64 23.80
C GLU C 332 -91.14 -43.63 24.47
N GLY C 333 -92.39 -43.52 24.00
CA GLY C 333 -93.31 -42.51 24.54
C GLY C 333 -93.02 -41.14 23.95
N GLU C 334 -93.19 -41.01 22.62
CA GLU C 334 -92.89 -39.72 21.94
C GLU C 334 -93.62 -38.58 22.63
N GLY C 335 -92.87 -37.62 23.20
CA GLY C 335 -93.47 -36.49 23.93
C GLY C 335 -92.46 -35.83 24.85
N LYS C 336 -91.18 -36.20 24.70
CA LYS C 336 -90.10 -35.62 25.54
C LYS C 336 -90.14 -34.09 25.42
N ASN C 337 -90.48 -33.40 26.52
CA ASN C 337 -90.55 -31.92 26.48
C ASN C 337 -89.21 -31.35 26.03
N PRO C 338 -89.15 -30.57 24.93
CA PRO C 338 -87.88 -30.07 24.39
C PRO C 338 -87.02 -29.28 25.40
N VAL C 339 -87.56 -28.19 25.94
CA VAL C 339 -86.76 -27.31 26.85
C VAL C 339 -86.47 -28.01 28.18
N ASP C 340 -87.06 -29.19 28.43
CA ASP C 340 -86.88 -29.84 29.72
C ASP C 340 -85.95 -31.05 29.61
N TYR C 341 -85.98 -31.75 28.47
CA TYR C 341 -85.09 -32.88 28.25
C TYR C 341 -83.63 -32.42 28.26
N ILE C 342 -83.33 -31.39 27.47
CA ILE C 342 -81.94 -30.85 27.39
C ILE C 342 -81.60 -30.18 28.71
N GLN C 343 -82.59 -29.64 29.42
CA GLN C 343 -82.34 -29.04 30.76
C GLN C 343 -81.88 -30.16 31.70
N GLY C 344 -82.61 -31.29 31.72
CA GLY C 344 -82.21 -32.44 32.54
C GLY C 344 -80.84 -32.97 32.12
N LEU C 345 -80.55 -32.97 30.81
CA LEU C 345 -79.22 -33.40 30.31
C LEU C 345 -78.16 -32.48 30.91
N LEU C 346 -78.36 -31.16 30.82
CA LEU C 346 -77.41 -30.19 31.43
C LEU C 346 -77.30 -30.48 32.92
N ASP C 347 -78.44 -30.71 33.59
CA ASP C 347 -78.44 -30.93 35.06
C ASP C 347 -77.54 -32.13 35.42
N LEU C 348 -77.63 -33.23 34.67
CA LEU C 348 -76.85 -34.44 35.05
C LEU C 348 -75.39 -34.32 34.61
N LYS C 349 -75.11 -33.66 33.48
CA LYS C 349 -73.71 -33.50 33.08
C LYS C 349 -73.01 -32.48 33.98
N SER C 350 -73.75 -31.48 34.48
CA SER C 350 -73.15 -30.50 35.37
C SER C 350 -72.83 -31.10 36.74
N ARG C 351 -73.75 -31.91 37.28
CA ARG C 351 -73.46 -32.55 38.55
C ARG C 351 -72.33 -33.57 38.42
N PHE C 352 -72.26 -34.25 37.27
CA PHE C 352 -71.14 -35.16 37.04
C PHE C 352 -69.82 -34.40 36.96
N ASP C 353 -69.81 -33.26 36.24
CA ASP C 353 -68.58 -32.49 36.11
C ASP C 353 -68.17 -31.86 37.43
N ARG C 354 -69.13 -31.44 38.26
CA ARG C 354 -68.77 -30.85 39.53
C ARG C 354 -68.28 -31.92 40.51
N PHE C 355 -68.87 -33.11 40.47
CA PHE C 355 -68.34 -34.21 41.28
C PHE C 355 -66.94 -34.60 40.80
N LEU C 356 -66.68 -34.46 39.50
CA LEU C 356 -65.35 -34.75 38.99
C LEU C 356 -64.34 -33.72 39.47
N LEU C 357 -64.70 -32.44 39.42
CA LEU C 357 -63.73 -31.40 39.77
C LEU C 357 -63.50 -31.35 41.28
N GLU C 358 -64.50 -31.70 42.08
CA GLU C 358 -64.31 -31.64 43.53
C GLU C 358 -63.64 -32.89 44.07
N SER C 359 -63.92 -34.06 43.50
CA SER C 359 -63.33 -35.31 43.95
C SER C 359 -62.09 -35.69 43.16
N PHE C 360 -62.24 -35.85 41.84
CA PHE C 360 -61.15 -36.32 41.01
C PHE C 360 -60.13 -35.24 40.69
N ASN C 361 -60.42 -33.99 41.06
CA ASN C 361 -59.49 -32.86 40.89
C ASN C 361 -59.09 -32.70 39.41
N ASN C 362 -60.09 -32.71 38.54
CA ASN C 362 -59.90 -32.55 37.10
C ASN C 362 -58.92 -33.60 36.55
N ASP C 363 -59.22 -34.86 36.84
CA ASP C 363 -58.37 -35.95 36.39
C ASP C 363 -58.58 -36.23 34.91
N ARG C 364 -57.50 -36.65 34.24
CA ARG C 364 -57.58 -36.87 32.80
C ARG C 364 -58.32 -38.17 32.48
N LEU C 365 -58.11 -39.21 33.29
CA LEU C 365 -58.76 -40.50 33.01
C LEU C 365 -60.27 -40.40 33.14
N PHE C 366 -60.75 -39.82 34.25
CA PHE C 366 -62.18 -39.64 34.42
C PHE C 366 -62.77 -38.74 33.34
N LYS C 367 -62.02 -37.71 32.94
CA LYS C 367 -62.50 -36.80 31.90
C LYS C 367 -62.66 -37.53 30.57
N GLN C 368 -61.67 -38.33 30.18
CA GLN C 368 -61.78 -39.05 28.92
C GLN C 368 -62.84 -40.14 28.97
N THR C 369 -63.05 -40.75 30.14
CA THR C 369 -64.09 -41.76 30.25
C THR C 369 -65.48 -41.14 30.11
N ILE C 370 -65.71 -40.02 30.79
CA ILE C 370 -67.02 -39.38 30.65
C ILE C 370 -67.18 -38.78 29.26
N ALA C 371 -66.07 -38.38 28.61
CA ALA C 371 -66.16 -37.91 27.24
C ALA C 371 -66.60 -39.02 26.29
N GLY C 372 -65.96 -40.19 26.40
CA GLY C 372 -66.39 -41.33 25.61
C GLY C 372 -67.81 -41.76 25.93
N ASP C 373 -68.20 -41.67 27.19
CA ASP C 373 -69.58 -42.00 27.56
C ASP C 373 -70.56 -41.05 26.88
N PHE C 374 -70.28 -39.75 26.91
CA PHE C 374 -71.13 -38.80 26.22
C PHE C 374 -71.18 -39.06 24.71
N GLU C 375 -70.03 -39.40 24.12
CA GLU C 375 -70.02 -39.74 22.69
C GLU C 375 -70.76 -41.03 22.40
N TYR C 376 -70.96 -41.89 23.42
CA TYR C 376 -71.59 -43.19 23.20
C TYR C 376 -73.09 -43.06 22.91
N PHE C 377 -73.81 -42.42 23.84
CA PHE C 377 -75.30 -42.32 23.69
C PHE C 377 -75.73 -41.09 22.85
N LEU C 378 -74.78 -40.25 22.41
CA LEU C 378 -75.21 -39.03 21.68
C LEU C 378 -75.37 -39.34 20.20
N ASN C 379 -75.13 -40.61 19.80
CA ASN C 379 -75.36 -41.01 18.39
C ASN C 379 -76.87 -41.19 18.19
N LEU C 380 -77.61 -41.40 19.28
CA LEU C 380 -79.10 -41.53 19.18
C LEU C 380 -79.73 -40.18 19.53
N ASN C 381 -81.07 -40.12 19.59
CA ASN C 381 -81.81 -38.86 19.90
C ASN C 381 -81.41 -37.76 18.90
N SER C 382 -81.90 -37.88 17.65
CA SER C 382 -81.49 -36.98 16.54
C SER C 382 -82.32 -35.68 16.59
N ARG C 383 -83.29 -35.60 17.49
CA ARG C 383 -84.13 -34.38 17.63
C ARG C 383 -83.47 -33.42 18.62
N SER C 384 -82.33 -33.83 19.19
CA SER C 384 -81.62 -32.99 20.20
C SER C 384 -81.17 -31.64 19.63
N PRO C 385 -80.50 -31.53 18.46
CA PRO C 385 -80.16 -30.23 17.89
C PRO C 385 -81.43 -29.37 17.74
N GLU C 386 -82.53 -29.98 17.29
CA GLU C 386 -83.82 -29.24 17.13
C GLU C 386 -84.32 -28.79 18.50
N TYR C 387 -84.22 -29.67 19.51
CA TYR C 387 -84.68 -29.33 20.89
C TYR C 387 -83.85 -28.17 21.42
N LEU C 388 -82.53 -28.20 21.21
CA LEU C 388 -81.63 -27.12 21.71
C LEU C 388 -81.90 -25.83 20.94
N SER C 389 -82.19 -25.93 19.63
CA SER C 389 -82.52 -24.73 18.82
C SER C 389 -83.84 -24.13 19.31
N LEU C 390 -84.81 -24.97 19.67
CA LEU C 390 -86.09 -24.47 20.22
C LEU C 390 -85.83 -23.84 21.58
N PHE C 391 -84.88 -24.38 22.33
CA PHE C 391 -84.52 -23.84 23.68
C PHE C 391 -83.90 -22.45 23.51
N ILE C 392 -82.95 -22.30 22.58
CA ILE C 392 -82.27 -21.03 22.40
C ILE C 392 -83.22 -19.98 21.81
N ASP C 393 -84.22 -20.40 21.03
CA ASP C 393 -85.22 -19.46 20.53
C ASP C 393 -86.12 -18.98 21.66
N ASP C 394 -86.52 -19.88 22.56
CA ASP C 394 -87.33 -19.49 23.69
C ASP C 394 -86.55 -18.54 24.62
N LYS C 395 -85.25 -18.75 24.72
CA LYS C 395 -84.42 -17.87 25.55
C LYS C 395 -84.08 -16.55 24.88
N LEU C 396 -84.08 -16.49 23.54
CA LEU C 396 -83.74 -15.26 22.83
C LEU C 396 -84.95 -14.40 22.48
N LYS C 397 -86.14 -14.99 22.41
CA LYS C 397 -87.31 -14.21 22.01
C LYS C 397 -87.63 -13.10 23.01
N LYS C 398 -87.39 -13.35 24.29
CA LYS C 398 -87.63 -12.35 25.33
C LYS C 398 -86.91 -12.78 26.60
N GLY C 399 -86.21 -11.83 27.22
CA GLY C 399 -85.51 -12.11 28.46
C GLY C 399 -86.36 -11.82 29.68
N VAL C 400 -87.57 -12.38 29.72
CA VAL C 400 -88.45 -12.16 30.86
C VAL C 400 -87.86 -12.81 32.11
N LYS C 401 -87.37 -14.04 31.99
CA LYS C 401 -86.69 -14.71 33.08
C LYS C 401 -85.23 -14.26 33.10
N GLY C 402 -84.81 -13.61 34.17
CA GLY C 402 -83.47 -13.07 34.24
C GLY C 402 -83.32 -11.77 33.46
N LEU C 403 -84.02 -10.72 33.93
CA LEU C 403 -84.00 -9.43 33.24
C LEU C 403 -82.58 -8.89 33.07
N THR C 404 -81.72 -9.12 34.05
CA THR C 404 -80.36 -8.61 33.98
C THR C 404 -79.54 -9.44 32.98
N GLU C 405 -78.32 -8.99 32.73
CA GLU C 405 -77.49 -9.56 31.67
C GLU C 405 -76.55 -10.65 32.16
N GLN C 406 -76.23 -10.66 33.45
CA GLN C 406 -75.23 -11.61 33.96
C GLN C 406 -75.71 -13.06 33.84
N GLU C 407 -76.92 -13.33 34.33
CA GLU C 407 -77.44 -14.70 34.28
C GLU C 407 -77.73 -15.11 32.83
N VAL C 408 -78.12 -14.16 31.99
CA VAL C 408 -78.32 -14.41 30.57
C VAL C 408 -77.01 -14.86 29.96
N GLU C 409 -75.93 -14.13 30.26
CA GLU C 409 -74.60 -14.49 29.76
C GLU C 409 -74.20 -15.89 30.21
N THR C 410 -74.44 -16.20 31.49
CA THR C 410 -74.08 -17.50 32.03
C THR C 410 -74.86 -18.62 31.35
N ILE C 411 -76.16 -18.41 31.14
CA ILE C 411 -77.01 -19.44 30.57
C ILE C 411 -76.64 -19.64 29.10
N LEU C 412 -76.22 -18.56 28.43
CA LEU C 412 -75.79 -18.68 27.04
C LEU C 412 -74.45 -19.42 26.94
N ASP C 413 -73.54 -19.14 27.88
CA ASP C 413 -72.27 -19.86 27.91
C ASP C 413 -72.51 -21.35 28.18
N LYS C 414 -73.41 -21.66 29.10
CA LYS C 414 -73.73 -23.05 29.39
C LYS C 414 -74.39 -23.71 28.18
N ALA C 415 -75.21 -22.95 27.45
CA ALA C 415 -75.87 -23.50 26.27
C ALA C 415 -74.87 -23.83 25.17
N MET C 416 -73.92 -22.92 24.92
CA MET C 416 -72.93 -23.19 23.88
C MET C 416 -71.95 -24.28 24.32
N VAL C 417 -71.70 -24.40 25.64
CA VAL C 417 -70.88 -25.50 26.13
C VAL C 417 -71.58 -26.83 25.91
N LEU C 418 -72.89 -26.87 26.18
CA LEU C 418 -73.67 -28.08 25.90
C LEU C 418 -73.67 -28.39 24.40
N PHE C 419 -73.72 -27.35 23.56
CA PHE C 419 -73.69 -27.55 22.13
C PHE C 419 -72.33 -28.04 21.66
N ARG C 420 -71.26 -27.70 22.40
CA ARG C 420 -69.92 -28.12 22.02
C ARG C 420 -69.82 -29.64 21.92
N PHE C 421 -70.45 -30.35 22.86
CA PHE C 421 -70.45 -31.82 22.85
C PHE C 421 -71.65 -32.35 22.09
N MET C 422 -71.84 -31.86 20.86
CA MET C 422 -72.97 -32.28 20.03
C MET C 422 -72.50 -32.41 18.59
N GLN C 423 -72.99 -33.45 17.92
CA GLN C 423 -72.67 -33.68 16.51
C GLN C 423 -73.88 -33.27 15.67
N GLU C 424 -73.78 -33.47 14.35
CA GLU C 424 -74.83 -33.11 13.40
C GLU C 424 -75.18 -31.63 13.50
N LYS C 425 -74.19 -30.79 13.20
CA LYS C 425 -74.36 -29.34 13.26
C LYS C 425 -75.17 -28.80 12.09
N ASP C 426 -75.35 -29.58 11.02
CA ASP C 426 -76.09 -29.10 9.86
C ASP C 426 -77.56 -28.84 10.21
N VAL C 427 -78.22 -29.81 10.84
CA VAL C 427 -79.61 -29.61 11.25
C VAL C 427 -79.71 -28.52 12.29
N PHE C 428 -78.70 -28.39 13.15
CA PHE C 428 -78.68 -27.32 14.13
C PHE C 428 -78.69 -25.96 13.45
N GLU C 429 -77.81 -25.77 12.45
CA GLU C 429 -77.77 -24.49 11.74
C GLU C 429 -79.05 -24.26 10.95
N ARG C 430 -79.60 -25.32 10.36
CA ARG C 430 -80.85 -25.17 9.60
C ARG C 430 -81.98 -24.68 10.50
N TYR C 431 -82.15 -25.33 11.66
CA TYR C 431 -83.23 -24.92 12.56
C TYR C 431 -82.94 -23.57 13.21
N TYR C 432 -81.67 -23.23 13.42
CA TYR C 432 -81.35 -21.90 13.94
C TYR C 432 -81.69 -20.82 12.92
N LYS C 433 -81.44 -21.08 11.65
CA LYS C 433 -81.81 -20.12 10.61
C LYS C 433 -83.33 -20.03 10.48
N GLN C 434 -84.03 -21.15 10.62
CA GLN C 434 -85.49 -21.11 10.60
C GLN C 434 -86.02 -20.30 11.77
N HIS C 435 -85.41 -20.44 12.95
CA HIS C 435 -85.84 -19.65 14.11
C HIS C 435 -85.51 -18.17 13.92
N LEU C 436 -84.37 -17.87 13.28
CA LEU C 436 -84.06 -16.49 12.92
C LEU C 436 -85.14 -15.91 12.01
N ALA C 437 -85.55 -16.68 11.00
CA ALA C 437 -86.60 -16.21 10.10
C ALA C 437 -87.91 -16.03 10.84
N ARG C 438 -88.20 -16.90 11.79
CA ARG C 438 -89.45 -16.79 12.54
C ARG C 438 -89.44 -15.60 13.50
N ARG C 439 -88.29 -15.27 14.06
CA ARG C 439 -88.21 -14.18 15.03
C ARG C 439 -87.98 -12.82 14.39
N LEU C 440 -87.47 -12.78 13.16
CA LEU C 440 -87.25 -11.51 12.47
C LEU C 440 -88.41 -11.10 11.58
N LEU C 441 -89.17 -12.05 11.04
CA LEU C 441 -90.34 -11.75 10.23
C LEU C 441 -91.60 -11.58 11.06
N THR C 442 -91.47 -11.48 12.37
CA THR C 442 -92.59 -11.23 13.29
C THR C 442 -92.35 -9.91 14.00
N ASN C 443 -93.16 -9.66 15.04
CA ASN C 443 -93.05 -8.44 15.82
C ASN C 443 -91.60 -8.21 16.26
N LYS C 444 -91.09 -7.02 15.95
CA LYS C 444 -89.69 -6.69 16.18
C LYS C 444 -89.48 -6.31 17.64
N SER C 445 -88.30 -5.76 17.94
CA SER C 445 -87.94 -5.30 19.28
C SER C 445 -88.01 -6.46 20.29
N VAL C 446 -87.40 -7.58 19.94
CA VAL C 446 -87.30 -8.71 20.85
C VAL C 446 -86.19 -8.47 21.88
N SER C 447 -84.96 -8.31 21.41
CA SER C 447 -83.84 -7.94 22.26
C SER C 447 -83.07 -6.74 21.73
N ASP C 448 -82.80 -6.70 20.43
CA ASP C 448 -82.13 -5.61 19.70
C ASP C 448 -80.65 -5.49 20.07
N ASP C 449 -80.15 -6.26 21.02
CA ASP C 449 -78.73 -6.24 21.36
C ASP C 449 -78.11 -7.62 21.44
N SER C 450 -78.90 -8.65 21.79
CA SER C 450 -78.38 -9.99 21.96
C SER C 450 -78.00 -10.66 20.65
N GLU C 451 -78.42 -10.11 19.50
CA GLU C 451 -78.05 -10.70 18.22
C GLU C 451 -76.54 -10.64 18.00
N LYS C 452 -75.90 -9.54 18.42
CA LYS C 452 -74.44 -9.45 18.30
C LYS C 452 -73.76 -10.49 19.16
N ASN C 453 -74.26 -10.69 20.40
CA ASN C 453 -73.68 -11.72 21.25
C ASN C 453 -73.87 -13.10 20.64
N MET C 454 -75.05 -13.35 20.05
CA MET C 454 -75.30 -14.65 19.42
C MET C 454 -74.35 -14.89 18.26
N ILE C 455 -74.19 -13.90 17.38
CA ILE C 455 -73.33 -14.11 16.22
C ILE C 455 -71.87 -14.21 16.66
N SER C 456 -71.48 -13.51 17.73
CA SER C 456 -70.11 -13.63 18.23
C SER C 456 -69.85 -15.02 18.81
N LYS C 457 -70.85 -15.55 19.54
CA LYS C 457 -70.72 -16.91 20.13
C LYS C 457 -70.71 -17.95 19.01
N LEU C 458 -71.43 -17.68 17.91
CA LEU C 458 -71.51 -18.66 16.79
C LEU C 458 -70.21 -18.63 16.00
N LYS C 459 -69.50 -17.50 16.02
CA LYS C 459 -68.17 -17.43 15.33
C LYS C 459 -67.17 -18.32 16.09
N THR C 460 -67.36 -18.48 17.41
CA THR C 460 -66.47 -19.35 18.22
C THR C 460 -66.99 -20.79 18.20
N GLU C 461 -68.28 -20.98 17.94
CA GLU C 461 -68.87 -22.34 17.99
C GLU C 461 -68.94 -22.94 16.58
N CYS C 462 -69.94 -22.53 15.80
CA CYS C 462 -70.11 -23.10 14.43
C CYS C 462 -68.94 -22.67 13.53
N GLY C 463 -68.43 -21.45 13.70
CA GLY C 463 -67.36 -20.94 12.84
C GLY C 463 -67.84 -19.80 11.96
N CYS C 464 -67.19 -19.58 10.82
CA CYS C 464 -67.57 -18.47 9.91
C CYS C 464 -68.09 -19.02 8.59
N GLN C 465 -68.28 -20.34 8.51
CA GLN C 465 -68.77 -20.99 7.26
C GLN C 465 -70.29 -20.82 7.15
N PHE C 466 -70.96 -20.51 8.26
CA PHE C 466 -72.44 -20.38 8.25
C PHE C 466 -72.83 -18.92 8.47
N THR C 467 -71.83 -18.02 8.48
CA THR C 467 -72.11 -16.59 8.73
C THR C 467 -72.37 -15.87 7.40
N SER C 468 -72.16 -16.55 6.28
CA SER C 468 -72.49 -15.94 4.96
C SER C 468 -74.00 -15.76 4.89
N LYS C 469 -74.76 -16.77 5.32
CA LYS C 469 -76.21 -16.71 5.30
C LYS C 469 -76.73 -16.03 6.56
N LEU C 470 -75.95 -16.12 7.65
CA LEU C 470 -76.32 -15.39 8.87
C LEU C 470 -76.25 -13.87 8.67
N GLU C 471 -75.06 -13.34 8.33
CA GLU C 471 -74.97 -11.92 8.06
C GLU C 471 -75.84 -11.51 6.88
N GLY C 472 -76.17 -12.44 6.00
CA GLY C 472 -77.08 -12.15 4.91
C GLY C 472 -78.51 -11.96 5.39
N MET C 473 -78.92 -12.75 6.38
CA MET C 473 -80.20 -12.52 7.03
C MET C 473 -80.25 -11.13 7.63
N PHE C 474 -79.19 -10.73 8.34
CA PHE C 474 -79.17 -9.40 8.95
C PHE C 474 -79.20 -8.30 7.89
N ARG C 475 -78.39 -8.44 6.83
CA ARG C 475 -78.36 -7.45 5.77
C ARG C 475 -79.69 -7.39 5.03
N ASP C 476 -80.38 -8.52 4.89
CA ASP C 476 -81.69 -8.52 4.27
C ASP C 476 -82.70 -7.79 5.15
N MET C 477 -82.64 -7.97 6.46
CA MET C 477 -83.51 -7.20 7.35
C MET C 477 -83.23 -5.71 7.23
N SER C 478 -81.95 -5.34 7.16
CA SER C 478 -81.59 -3.94 7.00
C SER C 478 -82.14 -3.36 5.70
N ILE C 479 -81.91 -4.05 4.58
CA ILE C 479 -82.40 -3.60 3.29
C ILE C 479 -83.92 -3.53 3.31
N SER C 480 -84.56 -4.46 4.03
CA SER C 480 -86.02 -4.48 4.10
C SER C 480 -86.56 -3.23 4.79
N ASN C 481 -85.97 -2.87 5.93
CA ASN C 481 -86.47 -1.68 6.63
C ASN C 481 -86.13 -0.40 5.85
N THR C 482 -84.97 -0.37 5.20
CA THR C 482 -84.63 0.78 4.37
C THR C 482 -85.61 0.96 3.23
N THR C 483 -85.92 -0.13 2.52
CA THR C 483 -86.90 -0.07 1.44
C THR C 483 -88.29 0.25 1.99
N MET C 484 -88.56 -0.16 3.23
CA MET C 484 -89.83 0.16 3.87
C MET C 484 -89.99 1.67 4.03
N ASP C 485 -88.98 2.33 4.61
CA ASP C 485 -89.09 3.77 4.79
C ASP C 485 -89.05 4.50 3.45
N GLU C 486 -88.29 3.97 2.48
CA GLU C 486 -88.26 4.55 1.15
C GLU C 486 -89.61 4.46 0.46
N PHE C 487 -90.31 3.33 0.61
CA PHE C 487 -91.62 3.18 -0.01
C PHE C 487 -92.65 4.02 0.73
N ARG C 488 -92.48 4.20 2.04
CA ARG C 488 -93.33 5.13 2.77
C ARG C 488 -93.19 6.54 2.22
N GLN C 489 -91.95 6.97 1.99
CA GLN C 489 -91.70 8.29 1.40
C GLN C 489 -92.33 8.40 0.01
N HIS C 490 -92.13 7.37 -0.83
CA HIS C 490 -92.64 7.41 -2.20
C HIS C 490 -94.16 7.33 -2.23
N LEU C 491 -94.76 6.75 -1.20
CA LEU C 491 -96.22 6.69 -1.12
C LEU C 491 -96.77 8.03 -0.65
N GLN C 492 -96.04 8.69 0.25
CA GLN C 492 -96.47 10.04 0.72
C GLN C 492 -96.43 10.99 -0.49
N ALA C 493 -95.55 10.71 -1.45
CA ALA C 493 -95.46 11.53 -2.68
C ALA C 493 -96.62 11.16 -3.61
N THR C 494 -96.75 9.88 -3.94
CA THR C 494 -97.86 9.42 -4.83
C THR C 494 -99.00 8.87 -3.97
N GLY C 495 -99.14 7.54 -3.90
CA GLY C 495 -100.19 6.91 -3.07
C GLY C 495 -101.56 7.52 -3.30
N VAL C 496 -101.99 7.59 -4.56
CA VAL C 496 -103.31 8.19 -4.91
C VAL C 496 -104.42 7.27 -4.39
N SER C 497 -104.21 5.95 -4.49
CA SER C 497 -105.22 4.97 -4.03
C SER C 497 -105.17 4.83 -2.50
N LEU C 498 -106.27 4.36 -1.90
CA LEU C 498 -106.31 4.16 -0.43
C LEU C 498 -105.55 2.88 -0.08
N GLY C 499 -105.27 2.03 -1.07
CA GLY C 499 -104.49 0.80 -0.84
C GLY C 499 -103.14 1.10 -0.19
N GLY C 500 -102.51 2.22 -0.56
CA GLY C 500 -101.23 2.63 0.07
C GLY C 500 -101.46 3.47 1.31
N VAL C 501 -101.94 2.86 2.40
CA VAL C 501 -102.14 3.59 3.69
C VAL C 501 -100.93 3.30 4.59
N ASP C 502 -101.17 2.80 5.81
CA ASP C 502 -100.04 2.41 6.69
C ASP C 502 -99.39 1.15 6.11
N LEU C 503 -98.30 1.30 5.36
CA LEU C 503 -97.68 0.16 4.70
C LEU C 503 -96.33 -0.15 5.31
N THR C 504 -96.05 -1.45 5.44
CA THR C 504 -94.76 -1.93 5.93
C THR C 504 -94.34 -3.10 5.07
N VAL C 505 -93.66 -2.79 3.95
CA VAL C 505 -93.24 -3.86 2.99
C VAL C 505 -91.75 -4.12 3.16
N ARG C 506 -91.37 -5.34 3.55
CA ARG C 506 -89.94 -5.69 3.72
C ARG C 506 -89.44 -6.29 2.41
N VAL C 507 -88.13 -6.22 2.15
CA VAL C 507 -87.55 -6.73 0.87
C VAL C 507 -86.31 -7.59 1.17
N LEU C 508 -86.33 -8.86 0.77
CA LEU C 508 -85.16 -9.77 0.97
C LEU C 508 -85.02 -10.65 -0.28
N THR C 509 -83.98 -11.48 -0.35
CA THR C 509 -83.74 -12.28 -1.58
C THR C 509 -83.98 -13.79 -1.33
N THR C 510 -84.34 -14.54 -2.38
CA THR C 510 -84.68 -15.99 -2.25
C THR C 510 -83.56 -16.80 -1.60
N GLY C 511 -82.33 -16.71 -2.12
CA GLY C 511 -81.24 -17.55 -1.58
C GLY C 511 -81.24 -17.60 -0.07
N TYR C 512 -81.30 -16.44 0.59
CA TYR C 512 -81.22 -16.38 2.08
C TYR C 512 -82.48 -17.00 2.69
N TRP C 513 -83.64 -16.39 2.48
CA TRP C 513 -84.90 -16.87 3.12
C TRP C 513 -85.58 -17.89 2.21
N PRO C 514 -85.64 -19.19 2.59
CA PRO C 514 -86.20 -20.24 1.72
C PRO C 514 -87.68 -20.03 1.35
N THR C 515 -88.08 -20.53 0.18
CA THR C 515 -89.50 -20.40 -0.25
C THR C 515 -90.41 -21.16 0.72
N GLN C 516 -91.48 -20.52 1.20
CA GLN C 516 -92.42 -21.17 2.14
C GLN C 516 -93.20 -22.26 1.39
N SER C 517 -93.84 -21.89 0.27
CA SER C 517 -94.60 -22.88 -0.55
C SER C 517 -94.42 -22.56 -2.03
N ALA C 518 -95.44 -22.84 -2.85
CA ALA C 518 -95.37 -22.52 -4.30
C ALA C 518 -95.93 -21.12 -4.53
N THR C 519 -95.35 -20.10 -3.89
CA THR C 519 -95.81 -18.69 -4.03
C THR C 519 -97.35 -18.62 -4.10
N PRO C 520 -98.08 -18.84 -2.99
CA PRO C 520 -99.55 -18.85 -3.01
C PRO C 520 -100.12 -17.65 -3.78
N LYS C 521 -101.09 -17.90 -4.67
CA LYS C 521 -101.68 -16.82 -5.50
C LYS C 521 -103.18 -16.73 -5.22
N CYS C 522 -103.58 -16.82 -3.95
CA CYS C 522 -105.02 -16.78 -3.58
C CYS C 522 -105.55 -15.35 -3.68
N ASN C 523 -106.88 -15.19 -3.80
CA ASN C 523 -107.49 -13.84 -3.90
C ASN C 523 -107.04 -12.99 -2.71
N ILE C 524 -106.61 -11.75 -2.96
CA ILE C 524 -106.13 -10.85 -1.87
C ILE C 524 -107.14 -9.71 -1.71
N PRO C 525 -107.28 -9.08 -0.53
CA PRO C 525 -108.17 -7.92 -0.37
C PRO C 525 -107.74 -6.76 -1.29
N PRO C 526 -108.66 -5.90 -1.77
CA PRO C 526 -108.32 -4.81 -2.70
C PRO C 526 -107.19 -3.89 -2.20
N ALA C 527 -107.18 -3.57 -0.90
CA ALA C 527 -106.10 -2.74 -0.33
C ALA C 527 -104.76 -3.50 -0.41
N PRO C 528 -104.56 -4.70 0.21
CA PRO C 528 -103.29 -5.43 0.02
C PRO C 528 -102.97 -5.69 -1.44
N ARG C 529 -103.98 -5.85 -2.31
CA ARG C 529 -103.72 -5.97 -3.74
C ARG C 529 -103.02 -4.73 -4.27
N HIS C 530 -103.55 -3.55 -3.95
CA HIS C 530 -102.93 -2.31 -4.41
C HIS C 530 -101.54 -2.14 -3.81
N ALA C 531 -101.36 -2.49 -2.54
CA ALA C 531 -100.05 -2.38 -1.92
C ALA C 531 -99.04 -3.28 -2.61
N PHE C 532 -99.41 -4.53 -2.87
CA PHE C 532 -98.50 -5.46 -3.54
C PHE C 532 -98.22 -5.01 -4.97
N GLU C 533 -99.22 -4.46 -5.66
CA GLU C 533 -98.99 -3.95 -7.01
C GLU C 533 -98.00 -2.80 -6.99
N ILE C 534 -98.14 -1.86 -6.05
CA ILE C 534 -97.21 -0.75 -5.96
C ILE C 534 -95.81 -1.25 -5.65
N PHE C 535 -95.70 -2.19 -4.70
CA PHE C 535 -94.38 -2.72 -4.35
C PHE C 535 -93.73 -3.44 -5.52
N ARG C 536 -94.51 -4.22 -6.27
CA ARG C 536 -93.96 -4.95 -7.42
C ARG C 536 -93.55 -3.99 -8.52
N ARG C 537 -94.35 -2.95 -8.77
CA ARG C 537 -93.98 -1.95 -9.77
C ARG C 537 -92.68 -1.25 -9.37
N PHE C 538 -92.54 -0.89 -8.10
CA PHE C 538 -91.30 -0.26 -7.65
C PHE C 538 -90.12 -1.21 -7.79
N TYR C 539 -90.30 -2.47 -7.41
CA TYR C 539 -89.19 -3.43 -7.43
C TYR C 539 -88.80 -3.79 -8.86
N LEU C 540 -89.73 -3.65 -9.80
CA LEU C 540 -89.40 -3.89 -11.20
C LEU C 540 -88.90 -2.65 -11.92
N ALA C 541 -89.20 -1.46 -11.38
CA ALA C 541 -88.80 -0.20 -12.05
C ALA C 541 -87.41 0.24 -11.57
N LYS C 542 -87.32 0.69 -10.32
CA LYS C 542 -86.01 1.17 -9.78
C LYS C 542 -84.98 0.06 -9.93
N HIS C 543 -85.31 -1.15 -9.47
CA HIS C 543 -84.38 -2.30 -9.60
C HIS C 543 -84.55 -2.93 -10.98
N SER C 544 -83.93 -2.35 -12.01
CA SER C 544 -84.01 -2.91 -13.38
C SER C 544 -83.37 -4.31 -13.39
N GLY C 545 -84.11 -5.32 -13.84
CA GLY C 545 -83.60 -6.70 -13.82
C GLY C 545 -84.23 -7.49 -12.69
N ARG C 546 -84.41 -6.85 -11.53
CA ARG C 546 -85.09 -7.53 -10.38
C ARG C 546 -86.60 -7.40 -10.57
N GLN C 547 -87.37 -8.31 -9.95
CA GLN C 547 -88.85 -8.28 -10.07
C GLN C 547 -89.49 -8.55 -8.71
N LEU C 548 -90.64 -9.23 -8.69
CA LEU C 548 -91.36 -9.51 -7.42
C LEU C 548 -92.08 -10.85 -7.53
N THR C 549 -92.48 -11.44 -6.40
CA THR C 549 -93.25 -12.71 -6.40
C THR C 549 -94.27 -12.64 -5.26
N LEU C 550 -95.58 -12.50 -5.58
CA LEU C 550 -96.57 -12.35 -4.53
C LEU C 550 -96.73 -13.67 -3.77
N GLN C 551 -96.97 -13.55 -2.47
CA GLN C 551 -97.17 -14.72 -1.61
C GLN C 551 -98.07 -14.35 -0.44
N HIS C 552 -98.44 -15.35 0.38
CA HIS C 552 -99.34 -15.10 1.50
C HIS C 552 -98.82 -15.73 2.78
N HIS C 553 -97.87 -16.66 2.68
CA HIS C 553 -97.40 -17.38 3.86
C HIS C 553 -96.32 -16.62 4.61
N MET C 554 -96.54 -15.32 4.85
CA MET C 554 -95.62 -14.52 5.64
C MET C 554 -96.19 -13.14 5.92
N GLY C 555 -95.93 -12.61 7.13
CA GLY C 555 -96.29 -11.26 7.48
C GLY C 555 -97.46 -11.22 8.43
N SER C 556 -98.00 -10.03 8.63
CA SER C 556 -99.14 -9.81 9.50
C SER C 556 -99.91 -8.59 9.02
N ALA C 557 -100.88 -8.16 9.82
CA ALA C 557 -101.69 -6.99 9.52
C ALA C 557 -102.45 -6.60 10.77
N ASP C 558 -103.05 -5.40 10.73
CA ASP C 558 -103.85 -4.89 11.84
C ASP C 558 -105.23 -4.53 11.27
N LEU C 559 -106.23 -5.36 11.58
CA LEU C 559 -107.58 -5.17 11.08
C LEU C 559 -108.37 -4.28 12.04
N ASN C 560 -108.67 -3.06 11.60
CA ASN C 560 -109.41 -2.11 12.43
C ASN C 560 -110.89 -2.47 12.38
N ALA C 561 -111.38 -3.08 13.46
CA ALA C 561 -112.77 -3.45 13.56
C ALA C 561 -113.56 -2.41 14.36
N THR C 562 -114.88 -2.55 14.34
CA THR C 562 -115.75 -1.63 15.07
C THR C 562 -117.01 -2.36 15.56
N THR C 587 -119.46 -0.33 23.03
CA THR C 587 -119.16 -0.20 21.61
C THR C 587 -117.92 0.65 21.39
N ARG C 588 -116.85 0.03 20.88
CA ARG C 588 -115.59 0.72 20.62
C ARG C 588 -114.99 0.17 19.34
N LYS C 589 -113.86 0.76 18.94
CA LYS C 589 -113.14 0.36 17.73
C LYS C 589 -111.91 -0.43 18.15
N HIS C 590 -112.06 -1.75 18.25
CA HIS C 590 -110.96 -2.63 18.61
C HIS C 590 -110.29 -3.13 17.35
N ILE C 591 -108.97 -2.94 17.26
CA ILE C 591 -108.20 -3.33 16.08
C ILE C 591 -107.74 -4.77 16.25
N LEU C 592 -108.09 -5.62 15.28
CA LEU C 592 -107.70 -7.02 15.31
C LEU C 592 -106.32 -7.21 14.68
N GLN C 593 -105.94 -8.45 14.47
CA GLN C 593 -104.66 -8.80 13.87
C GLN C 593 -104.83 -10.05 13.02
N VAL C 594 -104.32 -10.01 11.80
CA VAL C 594 -104.39 -11.14 10.87
C VAL C 594 -103.01 -11.34 10.26
N SER C 595 -102.52 -12.58 10.28
CA SER C 595 -101.17 -12.90 9.82
C SER C 595 -101.19 -13.36 8.36
N THR C 596 -101.70 -12.48 7.50
CA THR C 596 -101.73 -12.67 6.05
C THR C 596 -102.47 -13.94 5.64
N PHE C 597 -103.25 -14.54 6.53
CA PHE C 597 -104.01 -15.75 6.23
C PHE C 597 -105.51 -15.52 6.27
N GLN C 598 -106.00 -14.72 7.21
CA GLN C 598 -107.42 -14.46 7.36
C GLN C 598 -107.85 -13.18 6.66
N MET C 599 -106.95 -12.51 5.95
CA MET C 599 -107.30 -11.25 5.27
C MET C 599 -108.29 -11.50 4.15
N THR C 600 -108.05 -12.53 3.34
CA THR C 600 -108.92 -12.79 2.19
C THR C 600 -110.31 -13.25 2.63
N ILE C 601 -110.37 -14.12 3.62
CA ILE C 601 -111.68 -14.62 4.09
C ILE C 601 -112.47 -13.49 4.73
N LEU C 602 -111.81 -12.68 5.55
CA LEU C 602 -112.50 -11.55 6.17
C LEU C 602 -112.90 -10.50 5.15
N MET C 603 -112.12 -10.33 4.09
CA MET C 603 -112.50 -9.40 3.03
C MET C 603 -113.71 -9.91 2.27
N LEU C 604 -113.75 -11.21 1.98
CA LEU C 604 -114.93 -11.79 1.34
C LEU C 604 -116.15 -11.68 2.25
N PHE C 605 -115.96 -11.78 3.56
CA PHE C 605 -117.06 -11.56 4.49
C PHE C 605 -117.53 -10.12 4.47
N ASN C 606 -116.59 -9.17 4.38
CA ASN C 606 -116.95 -7.76 4.28
C ASN C 606 -117.74 -7.48 3.01
N ASN C 607 -117.34 -8.11 1.89
CA ASN C 607 -118.08 -7.94 0.64
C ASN C 607 -119.47 -8.55 0.76
N ARG C 608 -119.58 -9.72 1.37
CA ARG C 608 -120.87 -10.38 1.56
C ARG C 608 -120.73 -11.40 2.67
N GLU C 609 -121.55 -11.28 3.71
CA GLU C 609 -121.51 -12.20 4.84
C GLU C 609 -122.28 -13.47 4.47
N LYS C 610 -122.41 -14.38 5.43
CA LYS C 610 -123.14 -15.64 5.26
C LYS C 610 -122.52 -16.49 4.15
N TYR C 611 -121.25 -16.81 4.32
CA TYR C 611 -120.51 -17.67 3.42
C TYR C 611 -120.23 -19.02 4.10
N THR C 612 -119.63 -19.92 3.33
CA THR C 612 -119.32 -21.26 3.82
C THR C 612 -118.00 -21.70 3.19
N PHE C 613 -117.68 -23.00 3.33
CA PHE C 613 -116.45 -23.53 2.77
C PHE C 613 -116.48 -23.48 1.25
N GLU C 614 -117.65 -23.75 0.66
CA GLU C 614 -117.75 -23.73 -0.81
C GLU C 614 -117.50 -22.34 -1.37
N GLU C 615 -118.00 -21.30 -0.70
CA GLU C 615 -117.81 -19.94 -1.19
C GLU C 615 -116.35 -19.53 -1.12
N ILE C 616 -115.64 -19.95 -0.07
CA ILE C 616 -114.25 -19.56 0.09
C ILE C 616 -113.33 -20.49 -0.69
N GLN C 617 -113.85 -21.61 -1.20
CA GLN C 617 -113.03 -22.50 -2.01
C GLN C 617 -113.31 -22.37 -3.50
N GLN C 618 -114.39 -21.69 -3.89
CA GLN C 618 -114.77 -21.56 -5.28
C GLN C 618 -114.32 -20.23 -5.90
N GLU C 619 -114.62 -19.11 -5.26
CA GLU C 619 -114.33 -17.78 -5.79
C GLU C 619 -113.12 -17.15 -5.11
N THR C 620 -112.13 -17.98 -4.76
CA THR C 620 -110.94 -17.48 -4.09
C THR C 620 -109.63 -18.00 -4.65
N ASP C 621 -109.62 -19.13 -5.37
CA ASP C 621 -108.39 -19.78 -5.83
C ASP C 621 -107.47 -20.05 -4.64
N ILE C 622 -108.01 -20.80 -3.68
CA ILE C 622 -107.37 -21.01 -2.38
C ILE C 622 -106.61 -22.32 -2.41
N PRO C 623 -105.44 -22.41 -1.76
CA PRO C 623 -104.68 -23.66 -1.74
C PRO C 623 -105.28 -24.75 -0.86
N GLU C 624 -104.52 -25.78 -0.50
CA GLU C 624 -105.18 -26.86 0.29
C GLU C 624 -104.79 -26.84 1.78
N ARG C 625 -103.63 -27.41 2.12
CA ARG C 625 -103.22 -27.54 3.54
C ARG C 625 -103.31 -26.22 4.30
N GLU C 626 -102.71 -25.15 3.77
CA GLU C 626 -102.68 -23.86 4.54
C GLU C 626 -104.10 -23.31 4.68
N LEU C 627 -104.93 -23.41 3.63
CA LEU C 627 -106.35 -22.98 3.78
C LEU C 627 -106.94 -23.72 4.98
N VAL C 628 -106.85 -25.07 4.97
CA VAL C 628 -107.41 -25.86 6.11
C VAL C 628 -106.89 -25.27 7.41
N ARG C 629 -105.56 -25.13 7.54
CA ARG C 629 -104.93 -24.60 8.78
C ARG C 629 -105.61 -23.30 9.21
N ALA C 630 -105.61 -22.27 8.36
CA ALA C 630 -106.19 -20.96 8.71
C ALA C 630 -107.65 -21.12 9.16
N LEU C 631 -108.46 -21.82 8.36
CA LEU C 631 -109.90 -21.98 8.70
C LEU C 631 -110.03 -22.56 10.11
N GLN C 632 -109.28 -23.63 10.41
CA GLN C 632 -109.34 -24.27 11.75
C GLN C 632 -108.91 -23.25 12.81
N SER C 633 -107.75 -22.62 12.66
CA SER C 633 -107.24 -21.63 13.64
C SER C 633 -108.32 -20.57 13.93
N LEU C 634 -109.14 -20.24 12.92
CA LEU C 634 -110.16 -19.17 13.11
C LEU C 634 -111.47 -19.67 13.76
N ALA C 635 -111.99 -20.85 13.39
CA ALA C 635 -113.32 -21.22 13.98
C ALA C 635 -113.22 -22.44 14.92
N CYS C 636 -112.05 -23.06 15.00
CA CYS C 636 -111.79 -24.28 15.76
C CYS C 636 -110.73 -24.03 16.82
N GLY C 637 -110.92 -24.65 17.99
CA GLY C 637 -109.96 -24.52 19.07
C GLY C 637 -109.78 -23.09 19.54
N LYS C 638 -110.88 -22.35 19.71
CA LYS C 638 -110.80 -20.95 20.06
C LYS C 638 -111.25 -20.73 21.49
N PRO C 639 -110.53 -19.90 22.26
CA PRO C 639 -111.02 -19.51 23.59
C PRO C 639 -112.16 -18.51 23.48
N THR C 640 -112.62 -17.96 24.60
CA THR C 640 -113.76 -17.05 24.60
C THR C 640 -113.34 -15.65 24.13
N GLN C 641 -112.70 -15.64 22.97
CA GLN C 641 -112.36 -14.44 22.21
C GLN C 641 -112.64 -14.67 20.74
N ARG C 642 -113.73 -15.39 20.45
CA ARG C 642 -114.01 -15.82 19.08
C ARG C 642 -114.39 -14.63 18.21
N VAL C 643 -113.66 -14.45 17.12
CA VAL C 643 -113.95 -13.42 16.14
C VAL C 643 -114.65 -13.96 14.91
N LEU C 644 -114.82 -15.28 14.82
CA LEU C 644 -115.48 -15.90 13.67
C LEU C 644 -116.19 -17.16 14.18
N THR C 645 -117.49 -17.05 14.42
CA THR C 645 -118.29 -18.15 14.94
C THR C 645 -119.10 -18.81 13.83
N LYS C 646 -119.62 -19.99 14.14
CA LYS C 646 -120.45 -20.75 13.22
C LYS C 646 -121.60 -21.38 13.97
N GLU C 647 -122.65 -21.74 13.23
CA GLU C 647 -123.80 -22.40 13.82
C GLU C 647 -123.53 -23.89 14.04
N PRO C 648 -123.01 -24.64 13.04
CA PRO C 648 -122.72 -26.06 13.29
C PRO C 648 -121.49 -26.26 14.17
N LYS C 649 -121.67 -26.13 15.49
CA LYS C 649 -120.56 -26.29 16.42
C LYS C 649 -120.06 -27.73 16.40
N SER C 650 -118.84 -27.94 15.92
CA SER C 650 -118.26 -29.26 15.82
C SER C 650 -116.76 -29.12 15.66
N LYS C 651 -116.03 -30.19 16.02
CA LYS C 651 -114.58 -30.18 15.93
C LYS C 651 -114.13 -30.28 14.47
N GLU C 652 -114.59 -31.30 13.76
CA GLU C 652 -114.20 -31.48 12.37
C GLU C 652 -114.85 -30.42 11.49
N ILE C 653 -114.24 -30.20 10.33
CA ILE C 653 -114.66 -29.15 9.41
C ILE C 653 -115.61 -29.75 8.38
N GLU C 654 -116.78 -29.14 8.24
CA GLU C 654 -117.77 -29.55 7.27
C GLU C 654 -117.67 -28.66 6.03
N ASN C 655 -118.65 -28.79 5.13
CA ASN C 655 -118.71 -27.96 3.93
C ASN C 655 -119.75 -26.85 4.06
N GLY C 656 -121.00 -27.20 4.28
CA GLY C 656 -122.07 -26.23 4.40
C GLY C 656 -122.26 -25.70 5.80
N HIS C 657 -121.33 -24.87 6.27
CA HIS C 657 -121.39 -24.28 7.59
C HIS C 657 -121.29 -22.76 7.45
N ILE C 658 -122.28 -22.05 7.97
CA ILE C 658 -122.32 -20.59 7.86
C ILE C 658 -121.42 -19.99 8.93
N PHE C 659 -120.74 -18.91 8.57
CA PHE C 659 -119.84 -18.20 9.46
C PHE C 659 -120.46 -16.89 9.93
N THR C 660 -120.27 -16.59 11.22
CA THR C 660 -120.77 -15.35 11.80
C THR C 660 -119.66 -14.67 12.61
N VAL C 661 -120.00 -13.57 13.28
CA VAL C 661 -119.04 -12.81 14.07
C VAL C 661 -119.66 -12.49 15.43
N ASN C 662 -118.82 -12.49 16.46
CA ASN C 662 -119.25 -12.20 17.82
C ASN C 662 -118.47 -11.00 18.35
N ASP C 663 -119.06 -10.33 19.34
CA ASP C 663 -118.44 -9.13 19.90
C ASP C 663 -117.21 -9.49 20.73
N GLN C 664 -117.40 -10.26 21.81
CA GLN C 664 -116.32 -10.70 22.69
C GLN C 664 -115.58 -9.49 23.29
N PHE C 665 -116.31 -8.80 24.17
CA PHE C 665 -115.79 -7.61 24.84
C PHE C 665 -114.70 -7.91 25.86
N THR C 666 -114.26 -9.17 25.98
CA THR C 666 -113.23 -9.51 26.95
C THR C 666 -111.90 -8.85 26.64
N SER C 667 -111.71 -8.36 25.42
CA SER C 667 -110.49 -7.63 25.07
C SER C 667 -110.48 -6.30 25.80
N LYS C 668 -109.59 -6.17 26.77
CA LYS C 668 -109.50 -4.96 27.60
C LYS C 668 -108.68 -3.86 26.95
N LEU C 669 -108.44 -3.93 25.64
CA LEU C 669 -107.65 -2.93 24.94
C LEU C 669 -108.16 -2.81 23.52
N HIS C 670 -107.49 -1.97 22.73
CA HIS C 670 -107.86 -1.72 21.35
C HIS C 670 -107.01 -2.52 20.36
N ARG C 671 -105.96 -3.19 20.81
CA ARG C 671 -105.08 -3.99 19.96
C ARG C 671 -105.12 -5.43 20.46
N VAL C 672 -106.11 -6.18 20.00
CA VAL C 672 -106.25 -7.59 20.36
C VAL C 672 -105.83 -8.45 19.17
N LYS C 673 -104.93 -9.40 19.42
CA LYS C 673 -104.37 -10.24 18.37
C LYS C 673 -104.78 -11.69 18.59
N ILE C 674 -104.92 -12.43 17.49
CA ILE C 674 -105.23 -13.85 17.56
C ILE C 674 -103.98 -14.64 17.19
N GLN C 675 -103.21 -15.02 18.21
CA GLN C 675 -101.94 -15.70 17.99
C GLN C 675 -102.12 -17.21 18.12
N THR C 676 -102.91 -17.76 17.17
CA THR C 676 -103.08 -19.20 17.11
C THR C 676 -101.89 -19.89 16.48
N VAL C 677 -101.15 -19.19 15.62
CA VAL C 677 -99.93 -19.73 15.02
C VAL C 677 -98.84 -19.79 16.07
N ALA C 678 -97.77 -20.53 15.78
CA ALA C 678 -96.65 -20.71 16.71
C ALA C 678 -97.14 -21.27 18.05
N ALA C 679 -97.91 -22.36 17.97
CA ALA C 679 -98.43 -23.02 19.16
C ALA C 679 -97.37 -23.94 19.78
N LYS C 680 -97.80 -24.85 20.64
CA LYS C 680 -96.90 -25.82 21.22
C LYS C 680 -96.15 -26.58 20.13
N GLN C 681 -94.85 -26.78 20.35
CA GLN C 681 -93.99 -27.41 19.34
C GLN C 681 -94.42 -28.85 19.14
N GLY C 682 -95.04 -29.13 18.00
CA GLY C 682 -95.46 -30.48 17.66
C GLY C 682 -94.45 -31.20 16.79
N GLU C 683 -93.99 -30.53 15.74
CA GLU C 683 -93.05 -31.10 14.77
C GLU C 683 -93.62 -32.37 14.13
N SER C 684 -94.65 -32.14 13.32
CA SER C 684 -95.38 -33.23 12.70
C SER C 684 -94.50 -34.02 11.73
N ASP C 685 -95.02 -35.17 11.30
CA ASP C 685 -94.26 -36.03 10.40
C ASP C 685 -93.99 -35.41 9.03
N PRO C 686 -94.96 -34.73 8.37
CA PRO C 686 -94.63 -34.17 7.04
C PRO C 686 -93.53 -33.12 7.08
N GLU C 687 -93.60 -32.17 8.00
CA GLU C 687 -92.58 -31.12 8.06
C GLU C 687 -91.23 -31.69 8.45
N ARG C 688 -91.21 -32.66 9.38
CA ARG C 688 -89.96 -33.29 9.76
C ARG C 688 -89.34 -34.05 8.59
N LYS C 689 -90.17 -34.77 7.83
CA LYS C 689 -89.66 -35.50 6.68
C LYS C 689 -89.12 -34.55 5.61
N GLU C 690 -89.83 -33.44 5.36
CA GLU C 690 -89.38 -32.53 4.32
C GLU C 690 -88.10 -31.81 4.73
N THR C 691 -87.98 -31.42 6.01
CA THR C 691 -86.75 -30.77 6.42
C THR C 691 -85.59 -31.77 6.49
N ARG C 692 -85.89 -33.05 6.77
CA ARG C 692 -84.84 -34.07 6.72
C ARG C 692 -84.36 -34.27 5.30
N GLN C 693 -85.28 -34.32 4.33
CA GLN C 693 -84.88 -34.42 2.93
C GLN C 693 -84.08 -33.20 2.50
N LYS C 694 -84.48 -32.01 2.98
CA LYS C 694 -83.75 -30.79 2.64
C LYS C 694 -82.34 -30.82 3.18
N VAL C 695 -82.19 -31.24 4.44
CA VAL C 695 -80.84 -31.31 5.06
C VAL C 695 -80.05 -32.46 4.44
N ASP C 696 -80.76 -33.47 3.91
CA ASP C 696 -80.07 -34.59 3.22
C ASP C 696 -79.48 -34.05 1.91
N ASP C 697 -80.28 -33.30 1.15
CA ASP C 697 -79.80 -32.67 -0.12
C ASP C 697 -78.68 -31.68 0.22
N ASP C 698 -78.82 -30.97 1.35
CA ASP C 698 -77.75 -30.02 1.78
C ASP C 698 -76.47 -30.81 2.06
N ARG C 699 -76.57 -31.89 2.82
CA ARG C 699 -75.39 -32.76 3.12
C ARG C 699 -74.80 -33.26 1.79
N LYS C 700 -75.66 -33.74 0.88
CA LYS C 700 -75.20 -34.25 -0.43
C LYS C 700 -74.39 -33.16 -1.15
N HIS C 701 -74.96 -31.96 -1.28
CA HIS C 701 -74.25 -30.85 -1.97
C HIS C 701 -72.98 -30.48 -1.20
N GLU C 702 -73.03 -30.48 0.14
CA GLU C 702 -71.86 -30.08 0.97
C GLU C 702 -70.68 -31.02 0.66
N ILE C 703 -70.91 -32.34 0.68
CA ILE C 703 -69.79 -33.30 0.48
C ILE C 703 -69.27 -33.19 -0.96
N GLU C 704 -70.16 -32.91 -1.92
CA GLU C 704 -69.75 -32.85 -3.36
C GLU C 704 -69.19 -31.46 -3.68
N ALA C 705 -69.29 -30.50 -2.75
CA ALA C 705 -68.71 -29.17 -2.97
C ALA C 705 -67.36 -29.09 -2.25
N ALA C 706 -67.20 -29.86 -1.17
CA ALA C 706 -65.91 -29.87 -0.44
C ALA C 706 -64.90 -30.68 -1.24
N ILE C 707 -65.34 -31.76 -1.88
CA ILE C 707 -64.43 -32.63 -2.62
C ILE C 707 -63.85 -31.90 -3.83
N VAL C 708 -64.69 -31.12 -4.54
CA VAL C 708 -64.18 -30.39 -5.70
C VAL C 708 -63.36 -29.18 -5.30
N ARG C 709 -63.50 -28.69 -4.07
CA ARG C 709 -62.64 -27.61 -3.61
C ARG C 709 -61.30 -28.13 -3.11
N ILE C 710 -61.26 -29.32 -2.55
CA ILE C 710 -60.05 -29.87 -1.93
C ILE C 710 -59.21 -30.67 -2.91
N MET C 711 -59.80 -31.68 -3.55
CA MET C 711 -59.00 -32.63 -4.33
C MET C 711 -58.40 -32.03 -5.58
N LYS C 712 -58.64 -30.74 -5.87
CA LYS C 712 -57.98 -30.10 -7.00
C LYS C 712 -56.55 -29.69 -6.68
N SER C 713 -56.18 -29.63 -5.39
CA SER C 713 -54.83 -29.28 -4.98
C SER C 713 -54.18 -30.38 -4.14
N ARG C 714 -54.69 -31.60 -4.22
CA ARG C 714 -54.14 -32.71 -3.46
C ARG C 714 -53.78 -33.88 -4.37
N LYS C 715 -53.41 -35.01 -3.77
CA LYS C 715 -53.01 -36.18 -4.54
C LYS C 715 -54.24 -36.99 -4.93
N LYS C 716 -54.02 -38.16 -5.52
CA LYS C 716 -55.08 -39.05 -5.96
C LYS C 716 -55.17 -40.26 -5.04
N MET C 717 -56.33 -40.89 -5.03
CA MET C 717 -56.56 -42.09 -4.25
C MET C 717 -56.59 -43.32 -5.15
N GLN C 718 -56.33 -44.48 -4.55
CA GLN C 718 -56.41 -45.75 -5.27
C GLN C 718 -57.73 -46.46 -4.99
N HIS C 719 -58.01 -46.77 -3.73
CA HIS C 719 -59.31 -47.32 -3.34
C HIS C 719 -60.01 -46.46 -2.31
N ASN C 720 -59.41 -46.24 -1.13
CA ASN C 720 -60.07 -45.54 -0.03
C ASN C 720 -59.10 -44.58 0.66
N VAL C 721 -58.32 -43.84 -0.12
CA VAL C 721 -57.31 -42.95 0.46
C VAL C 721 -57.87 -41.56 0.73
N LEU C 722 -58.46 -40.92 -0.28
CA LEU C 722 -58.97 -39.57 -0.11
C LEU C 722 -60.28 -39.51 0.66
N VAL C 723 -61.00 -40.63 0.78
CA VAL C 723 -62.24 -40.63 1.53
C VAL C 723 -61.98 -40.40 3.01
N ALA C 724 -60.86 -40.90 3.52
CA ALA C 724 -60.49 -40.63 4.91
C ALA C 724 -60.29 -39.13 5.13
N GLU C 725 -59.65 -38.45 4.18
CA GLU C 725 -59.45 -37.01 4.30
C GLU C 725 -60.77 -36.26 4.20
N VAL C 726 -61.64 -36.65 3.26
CA VAL C 726 -62.90 -35.94 3.10
C VAL C 726 -63.82 -36.18 4.29
N THR C 727 -63.62 -37.29 5.00
CA THR C 727 -64.39 -37.51 6.22
C THR C 727 -63.79 -36.78 7.42
N GLN C 728 -62.46 -36.68 7.48
CA GLN C 728 -61.82 -35.91 8.54
C GLN C 728 -62.14 -34.42 8.43
N GLN C 729 -62.24 -33.91 7.19
CA GLN C 729 -62.63 -32.51 7.01
C GLN C 729 -64.07 -32.26 7.44
N LEU C 730 -64.91 -33.29 7.40
CA LEU C 730 -66.29 -33.19 7.80
C LEU C 730 -66.58 -33.90 9.13
N LYS C 731 -65.55 -34.18 9.92
CA LYS C 731 -65.76 -34.84 11.20
C LYS C 731 -66.53 -33.94 12.16
N ALA C 732 -66.23 -32.65 12.18
CA ALA C 732 -66.90 -31.71 13.05
C ALA C 732 -68.23 -31.21 12.49
N ARG C 733 -68.64 -31.71 11.33
CA ARG C 733 -69.90 -31.29 10.71
C ARG C 733 -71.02 -32.28 10.98
N PHE C 734 -70.84 -33.54 10.61
CA PHE C 734 -71.86 -34.57 10.77
C PHE C 734 -71.19 -35.93 10.60
N LEU C 735 -72.02 -36.97 10.54
CA LEU C 735 -71.52 -38.32 10.37
C LEU C 735 -70.90 -38.49 8.98
N PRO C 736 -69.92 -39.39 8.83
CA PRO C 736 -69.28 -39.55 7.52
C PRO C 736 -70.20 -40.14 6.47
N SER C 737 -71.15 -41.00 6.85
CA SER C 737 -72.06 -41.67 5.93
C SER C 737 -71.29 -42.36 4.82
N PRO C 738 -70.60 -43.47 5.11
CA PRO C 738 -69.75 -44.10 4.09
C PRO C 738 -70.49 -44.53 2.84
N VAL C 739 -71.67 -45.15 2.99
CA VAL C 739 -72.40 -45.63 1.83
C VAL C 739 -72.83 -44.46 0.94
N VAL C 740 -73.28 -43.37 1.55
CA VAL C 740 -73.77 -42.23 0.77
C VAL C 740 -72.63 -41.59 -0.01
N ILE C 741 -71.49 -41.35 0.64
CA ILE C 741 -70.38 -40.71 -0.06
C ILE C 741 -69.81 -41.64 -1.11
N LYS C 742 -69.78 -42.96 -0.85
CA LYS C 742 -69.29 -43.90 -1.86
C LYS C 742 -70.21 -43.94 -3.06
N LYS C 743 -71.53 -43.84 -2.85
CA LYS C 743 -72.45 -43.82 -3.97
C LYS C 743 -72.40 -42.49 -4.73
N ARG C 744 -72.06 -41.40 -4.05
CA ARG C 744 -72.05 -40.09 -4.69
C ARG C 744 -70.74 -39.76 -5.39
N ILE C 745 -69.62 -40.32 -4.95
CA ILE C 745 -68.35 -40.01 -5.61
C ILE C 745 -68.28 -40.68 -6.98
N GLU C 746 -69.05 -41.75 -7.16
CA GLU C 746 -69.09 -42.44 -8.49
C GLU C 746 -69.98 -41.62 -9.43
N GLY C 747 -70.48 -40.48 -8.96
CA GLY C 747 -71.31 -39.60 -9.81
C GLY C 747 -70.49 -38.47 -10.38
N LEU C 748 -69.18 -38.47 -10.13
CA LEU C 748 -68.29 -37.41 -10.68
C LEU C 748 -67.79 -37.84 -12.07
N ILE C 749 -68.12 -39.07 -12.49
CA ILE C 749 -67.72 -39.55 -13.85
C ILE C 749 -68.52 -38.76 -14.88
N GLU C 750 -69.79 -38.45 -14.58
CA GLU C 750 -70.63 -37.67 -15.52
C GLU C 750 -70.21 -36.20 -15.46
N ARG C 751 -69.54 -35.79 -14.38
CA ARG C 751 -69.06 -34.39 -14.25
C ARG C 751 -67.77 -34.21 -15.06
N GLU C 752 -67.59 -33.05 -15.67
CA GLU C 752 -66.37 -32.77 -16.47
C GLU C 752 -65.15 -32.74 -15.53
N TYR C 753 -65.26 -32.03 -14.41
CA TYR C 753 -64.12 -31.90 -13.47
C TYR C 753 -63.81 -33.25 -12.81
N LEU C 754 -62.63 -33.81 -13.08
CA LEU C 754 -62.19 -35.08 -12.43
C LEU C 754 -63.23 -36.19 -12.62
N ALA C 755 -63.28 -36.84 -13.79
CA ALA C 755 -64.18 -37.97 -13.94
C ALA C 755 -63.90 -39.07 -12.93
N ARG C 756 -62.65 -39.19 -12.49
CA ARG C 756 -62.23 -40.20 -11.51
C ARG C 756 -62.55 -41.62 -12.02
N THR C 757 -61.88 -41.95 -13.13
CA THR C 757 -62.06 -43.21 -13.84
C THR C 757 -62.02 -44.41 -12.90
N PRO C 758 -63.11 -45.17 -12.79
CA PRO C 758 -63.12 -46.29 -11.83
C PRO C 758 -62.17 -47.41 -12.18
N GLU C 759 -62.20 -47.88 -13.43
CA GLU C 759 -61.30 -48.96 -13.85
C GLU C 759 -59.85 -48.52 -13.89
N ASP C 760 -59.57 -47.34 -14.46
CA ASP C 760 -58.20 -46.80 -14.49
C ASP C 760 -57.95 -45.94 -13.27
N ARG C 761 -58.15 -46.53 -12.08
CA ARG C 761 -57.98 -45.77 -10.81
C ARG C 761 -56.49 -45.53 -10.54
N LYS C 762 -55.62 -46.02 -11.42
CA LYS C 762 -54.15 -45.87 -11.23
C LYS C 762 -53.79 -44.39 -11.29
N VAL C 763 -54.35 -43.65 -12.25
CA VAL C 763 -54.02 -42.21 -12.42
C VAL C 763 -55.33 -41.40 -12.55
N TYR C 764 -55.46 -40.31 -11.80
CA TYR C 764 -56.66 -39.45 -11.90
C TYR C 764 -56.31 -38.16 -12.63
N THR C 765 -57.32 -37.46 -13.17
CA THR C 765 -57.07 -36.21 -13.94
C THR C 765 -57.08 -35.01 -12.99
N TYR C 766 -56.77 -33.81 -13.49
CA TYR C 766 -56.80 -32.58 -12.67
C TYR C 766 -57.28 -31.42 -13.54
N VAL C 767 -58.26 -31.67 -14.41
CA VAL C 767 -58.75 -30.61 -15.34
C VAL C 767 -59.38 -29.48 -14.52
N ALA C 768 -58.81 -28.27 -14.61
CA ALA C 768 -59.35 -27.11 -13.89
C ALA C 768 -59.57 -25.95 -14.87
N MET D 25 -29.14 -0.72 86.78
CA MET D 25 -30.00 0.43 86.52
C MET D 25 -30.06 1.35 87.73
N ASP D 26 -30.62 0.85 88.82
CA ASP D 26 -30.73 1.63 90.05
C ASP D 26 -29.34 1.84 90.66
N GLU D 27 -29.16 2.99 91.31
CA GLU D 27 -27.86 3.32 91.89
C GLU D 27 -27.51 2.40 93.05
N LYS D 28 -28.50 1.98 93.84
CA LYS D 28 -28.22 1.04 94.92
C LYS D 28 -27.82 -0.32 94.39
N TYR D 29 -28.38 -0.73 93.24
CA TYR D 29 -27.96 -1.97 92.62
C TYR D 29 -26.51 -1.91 92.17
N VAL D 30 -26.09 -0.79 91.58
CA VAL D 30 -24.70 -0.62 91.18
C VAL D 30 -23.80 -0.60 92.41
N ASN D 31 -24.27 0.02 93.50
CA ASN D 31 -23.47 0.05 94.72
C ASN D 31 -23.32 -1.35 95.31
N SER D 32 -24.38 -2.15 95.27
CA SER D 32 -24.28 -3.52 95.76
C SER D 32 -23.32 -4.35 94.91
N ILE D 33 -23.38 -4.16 93.59
CA ILE D 33 -22.44 -4.84 92.70
C ILE D 33 -21.01 -4.43 93.01
N TRP D 34 -20.80 -3.12 93.23
CA TRP D 34 -19.45 -2.63 93.52
C TRP D 34 -18.94 -3.18 94.85
N ASP D 35 -19.81 -3.28 95.86
CA ASP D 35 -19.42 -3.87 97.12
C ASP D 35 -19.11 -5.35 97.00
N LEU D 36 -19.87 -6.08 96.18
CA LEU D 36 -19.55 -7.48 95.93
C LEU D 36 -18.19 -7.61 95.25
N LEU D 37 -17.91 -6.75 94.28
CA LEU D 37 -16.62 -6.77 93.61
C LEU D 37 -15.50 -6.43 94.58
N LYS D 38 -15.74 -5.48 95.49
CA LYS D 38 -14.73 -5.15 96.50
C LYS D 38 -14.43 -6.35 97.39
N ASN D 39 -15.47 -7.01 97.89
CA ASN D 39 -15.26 -8.19 98.71
C ASN D 39 -14.53 -9.28 97.94
N ALA D 40 -14.86 -9.44 96.66
CA ALA D 40 -14.22 -10.46 95.84
C ALA D 40 -12.74 -10.18 95.66
N ILE D 41 -12.39 -8.95 95.27
CA ILE D 41 -10.99 -8.64 95.03
C ILE D 41 -10.19 -8.63 96.33
N GLN D 42 -10.84 -8.27 97.45
CA GLN D 42 -10.15 -8.34 98.74
C GLN D 42 -9.89 -9.78 99.14
N GLU D 43 -10.85 -10.68 98.89
CA GLU D 43 -10.61 -12.10 99.14
C GLU D 43 -9.52 -12.65 98.24
N ILE D 44 -9.44 -12.16 97.00
CA ILE D 44 -8.37 -12.59 96.09
C ILE D 44 -7.01 -12.11 96.60
N GLN D 45 -6.95 -10.87 97.11
CA GLN D 45 -5.69 -10.37 97.64
C GLN D 45 -5.23 -11.14 98.86
N ARG D 46 -6.16 -11.82 99.54
CA ARG D 46 -5.81 -12.65 100.69
C ARG D 46 -5.23 -14.00 100.29
N LYS D 47 -5.05 -14.25 99.00
CA LYS D 47 -4.50 -15.51 98.49
C LYS D 47 -5.37 -16.70 98.88
N ASN D 48 -6.69 -16.51 98.82
CA ASN D 48 -7.67 -17.57 99.08
C ASN D 48 -8.78 -17.50 98.04
N ASN D 49 -8.41 -17.31 96.78
CA ASN D 49 -9.36 -17.20 95.68
C ASN D 49 -9.79 -18.55 95.12
N SER D 50 -9.62 -19.63 95.89
CA SER D 50 -10.01 -20.95 95.39
C SER D 50 -11.52 -21.06 95.24
N GLY D 51 -12.26 -20.65 96.26
CA GLY D 51 -13.71 -20.76 96.24
C GLY D 51 -14.40 -19.53 95.68
N LEU D 52 -14.04 -19.13 94.46
CA LEU D 52 -14.65 -17.99 93.80
C LEU D 52 -15.02 -18.38 92.38
N SER D 53 -16.16 -17.85 91.91
CA SER D 53 -16.67 -18.11 90.58
C SER D 53 -16.55 -16.83 89.76
N PHE D 54 -15.53 -16.81 88.90
CA PHE D 54 -15.25 -15.62 88.12
C PHE D 54 -16.26 -15.37 87.03
N GLU D 55 -17.07 -16.35 86.67
CA GLU D 55 -18.11 -16.10 85.68
C GLU D 55 -19.00 -14.97 86.19
N GLU D 56 -19.48 -15.13 87.42
CA GLU D 56 -20.33 -14.10 88.00
C GLU D 56 -19.60 -12.77 88.08
N LEU D 57 -18.32 -12.79 88.45
CA LEU D 57 -17.58 -11.54 88.60
C LEU D 57 -17.56 -10.84 87.27
N TYR D 58 -17.25 -11.58 86.23
CA TYR D 58 -17.20 -11.02 84.90
C TYR D 58 -18.53 -10.43 84.51
N ARG D 59 -19.60 -11.19 84.69
CA ARG D 59 -20.93 -10.67 84.39
C ARG D 59 -21.14 -9.32 85.08
N ASN D 60 -20.90 -9.26 86.38
CA ASN D 60 -21.08 -8.03 87.12
C ASN D 60 -20.28 -6.88 86.53
N ALA D 61 -18.97 -7.10 86.33
CA ALA D 61 -18.12 -6.03 85.80
C ALA D 61 -18.67 -5.55 84.47
N TYR D 62 -19.05 -6.48 83.60
CA TYR D 62 -19.60 -6.15 82.30
C TYR D 62 -20.78 -5.24 82.48
N THR D 63 -21.79 -5.68 83.23
CA THR D 63 -22.99 -4.86 83.39
C THR D 63 -22.63 -3.47 83.89
N MET D 64 -21.75 -3.40 84.89
CA MET D 64 -21.31 -2.11 85.42
C MET D 64 -20.76 -1.20 84.34
N VAL D 65 -19.73 -1.64 83.62
CA VAL D 65 -19.12 -0.76 82.63
C VAL D 65 -20.02 -0.49 81.43
N LEU D 66 -21.05 -1.32 81.25
CA LEU D 66 -21.96 -1.13 80.14
C LEU D 66 -22.97 -0.03 80.46
N HIS D 67 -23.21 0.23 81.74
CA HIS D 67 -24.15 1.26 81.99
C HIS D 67 -23.26 2.41 82.12
N LYS D 68 -22.17 2.34 81.40
CA LYS D 68 -21.22 3.39 81.43
C LYS D 68 -20.94 3.85 82.81
N HIS D 69 -20.27 3.04 83.60
CA HIS D 69 -20.00 3.39 84.96
C HIS D 69 -18.62 2.98 85.15
N GLY D 70 -17.83 3.11 84.07
CA GLY D 70 -16.46 2.66 84.11
C GLY D 70 -15.60 3.52 84.97
N GLU D 71 -15.78 4.84 84.88
CA GLU D 71 -15.02 5.75 85.71
C GLU D 71 -15.07 5.28 87.15
N LYS D 72 -16.27 5.24 87.71
CA LYS D 72 -16.44 4.79 89.08
C LYS D 72 -15.66 3.52 89.34
N LEU D 73 -15.96 2.45 88.62
CA LEU D 73 -15.27 1.18 88.83
C LEU D 73 -13.77 1.37 88.90
N TYR D 74 -13.17 1.89 87.85
CA TYR D 74 -11.73 2.11 87.79
C TYR D 74 -11.20 2.83 89.02
N THR D 75 -11.76 4.01 89.31
CA THR D 75 -11.26 4.80 90.44
C THR D 75 -11.36 4.05 91.76
N GLY D 76 -12.49 3.40 91.99
CA GLY D 76 -12.66 2.67 93.24
C GLY D 76 -11.68 1.53 93.36
N LEU D 77 -11.44 0.81 92.27
CA LEU D 77 -10.51 -0.30 92.29
C LEU D 77 -9.15 0.26 92.65
N ARG D 78 -8.79 1.37 92.01
CA ARG D 78 -7.52 2.00 92.32
C ARG D 78 -7.45 2.23 93.81
N GLU D 79 -8.43 2.93 94.37
CA GLU D 79 -8.46 3.19 95.81
C GLU D 79 -8.24 1.93 96.64
N VAL D 80 -9.02 0.88 96.39
CA VAL D 80 -8.91 -0.36 97.16
C VAL D 80 -7.48 -0.92 97.10
N VAL D 81 -6.95 -1.08 95.89
CA VAL D 81 -5.63 -1.68 95.80
C VAL D 81 -4.59 -0.81 96.49
N THR D 82 -4.73 0.51 96.37
CA THR D 82 -3.79 1.44 96.99
C THR D 82 -3.83 1.31 98.50
N GLU D 83 -5.01 1.20 99.08
CA GLU D 83 -5.14 1.02 100.52
C GLU D 83 -4.54 -0.33 100.97
N HIS D 84 -4.77 -1.37 100.17
CA HIS D 84 -4.19 -2.66 100.51
C HIS D 84 -2.69 -2.47 100.57
N LEU D 85 -2.15 -1.78 99.56
CA LEU D 85 -0.73 -1.51 99.52
C LEU D 85 -0.30 -0.81 100.78
N ILE D 86 -0.90 0.34 101.12
CA ILE D 86 -0.57 1.01 102.37
C ILE D 86 -0.48 0.00 103.51
N ASN D 87 -1.55 -0.72 103.81
CA ASN D 87 -1.50 -1.61 104.96
C ASN D 87 -0.28 -2.51 104.87
N LYS D 88 -0.24 -3.32 103.82
CA LYS D 88 0.86 -4.28 103.68
C LYS D 88 2.25 -3.68 103.86
N VAL D 89 2.53 -2.56 103.20
CA VAL D 89 3.89 -2.03 103.24
C VAL D 89 4.23 -1.27 104.51
N ARG D 90 3.23 -0.73 105.18
CA ARG D 90 3.50 -0.11 106.46
C ARG D 90 3.95 -1.29 107.29
N GLU D 91 3.18 -2.37 107.22
CA GLU D 91 3.56 -3.55 107.97
C GLU D 91 4.99 -3.95 107.66
N ASP D 92 5.35 -4.02 106.39
CA ASP D 92 6.69 -4.47 106.00
C ASP D 92 7.84 -3.57 106.45
N VAL D 93 7.62 -2.26 106.42
CA VAL D 93 8.65 -1.32 106.83
C VAL D 93 8.82 -1.45 108.33
N LEU D 94 7.71 -1.64 109.02
CA LEU D 94 7.80 -1.85 110.46
C LEU D 94 8.51 -3.15 110.80
N ASN D 95 8.36 -4.20 109.97
CA ASN D 95 8.97 -5.50 110.38
C ASN D 95 9.80 -6.14 109.27
N SER D 96 9.21 -6.44 108.12
CA SER D 96 9.92 -7.17 107.03
C SER D 96 11.20 -6.45 106.59
N LEU D 97 11.31 -5.13 106.87
CA LEU D 97 12.50 -4.34 106.48
C LEU D 97 13.78 -5.04 106.97
N ASN D 98 13.79 -5.53 108.21
CA ASN D 98 15.01 -6.15 108.78
C ASN D 98 15.03 -7.64 108.46
N ASN D 99 14.08 -8.41 108.97
CA ASN D 99 14.09 -9.89 108.79
C ASN D 99 14.02 -10.24 107.29
N ASN D 100 15.10 -10.80 106.72
CA ASN D 100 15.12 -11.23 105.31
C ASN D 100 14.49 -10.16 104.41
N PHE D 101 15.16 -9.03 104.23
CA PHE D 101 14.58 -7.90 103.44
C PHE D 101 14.26 -8.31 102.01
N LEU D 102 15.27 -8.49 101.16
CA LEU D 102 15.02 -8.79 99.76
C LEU D 102 14.16 -10.04 99.59
N GLN D 103 14.25 -10.98 100.52
CA GLN D 103 13.43 -12.20 100.45
C GLN D 103 11.95 -11.86 100.46
N THR D 104 11.49 -11.22 101.54
CA THR D 104 10.08 -10.84 101.60
C THR D 104 9.74 -9.78 100.57
N LEU D 105 10.74 -9.00 100.12
CA LEU D 105 10.49 -8.02 99.07
C LEU D 105 10.05 -8.69 97.78
N ASN D 106 10.86 -9.63 97.28
CA ASN D 106 10.49 -10.36 96.07
C ASN D 106 9.28 -11.25 96.30
N GLN D 107 9.09 -11.74 97.53
CA GLN D 107 7.90 -12.52 97.84
C GLN D 107 6.63 -11.69 97.62
N ALA D 108 6.55 -10.53 98.26
CA ALA D 108 5.41 -9.64 98.06
C ALA D 108 5.33 -9.17 96.62
N TRP D 109 6.48 -9.03 95.94
CA TRP D 109 6.47 -8.63 94.53
C TRP D 109 5.74 -9.64 93.66
N ASN D 110 6.15 -10.91 93.75
CA ASN D 110 5.50 -11.92 92.93
C ASN D 110 4.05 -12.18 93.36
N ASP D 111 3.76 -12.03 94.66
CA ASP D 111 2.38 -12.16 95.12
C ASP D 111 1.50 -11.08 94.51
N HIS D 112 1.96 -9.83 94.57
CA HIS D 112 1.22 -8.74 93.95
C HIS D 112 1.12 -8.91 92.44
N GLN D 113 2.16 -9.48 91.83
CA GLN D 113 2.12 -9.71 90.38
C GLN D 113 1.03 -10.72 90.02
N THR D 114 0.98 -11.83 90.76
CA THR D 114 -0.08 -12.82 90.51
C THR D 114 -1.46 -12.23 90.76
N ALA D 115 -1.60 -11.46 91.85
CA ALA D 115 -2.90 -10.85 92.15
C ALA D 115 -3.34 -9.88 91.06
N MET D 116 -2.42 -9.04 90.59
CA MET D 116 -2.78 -8.06 89.57
C MET D 116 -3.03 -8.73 88.23
N VAL D 117 -2.35 -9.84 87.94
CA VAL D 117 -2.63 -10.59 86.72
C VAL D 117 -4.04 -11.17 86.79
N MET D 118 -4.41 -11.72 87.95
CA MET D 118 -5.76 -12.25 88.10
C MET D 118 -6.81 -11.14 87.96
N ILE D 119 -6.54 -9.98 88.55
CA ILE D 119 -7.47 -8.86 88.45
C ILE D 119 -7.59 -8.40 86.99
N ARG D 120 -6.47 -8.34 86.28
CA ARG D 120 -6.51 -7.97 84.86
C ARG D 120 -7.32 -8.97 84.06
N ASP D 121 -7.18 -10.26 84.36
CA ASP D 121 -8.00 -11.27 83.68
C ASP D 121 -9.48 -11.10 84.04
N ILE D 122 -9.77 -10.58 85.23
CA ILE D 122 -11.16 -10.33 85.61
C ILE D 122 -11.69 -9.09 84.89
N LEU D 123 -10.93 -8.00 84.95
CA LEU D 123 -11.37 -6.69 84.42
C LEU D 123 -10.79 -6.41 83.04
N MET D 124 -10.64 -7.44 82.20
CA MET D 124 -10.04 -7.24 80.89
C MET D 124 -10.95 -6.45 79.96
N TYR D 125 -12.26 -6.64 80.06
CA TYR D 125 -13.18 -5.89 79.21
C TYR D 125 -13.09 -4.39 79.47
N MET D 126 -12.92 -4.00 80.73
CA MET D 126 -12.69 -2.58 81.03
C MET D 126 -11.41 -2.10 80.37
N ASP D 127 -10.34 -2.90 80.46
CA ASP D 127 -9.10 -2.56 79.77
C ASP D 127 -9.30 -2.44 78.26
N ARG D 128 -10.31 -3.09 77.71
CA ARG D 128 -10.57 -3.03 76.27
C ARG D 128 -11.40 -1.82 75.87
N VAL D 129 -12.38 -1.42 76.68
CA VAL D 129 -13.36 -0.42 76.28
C VAL D 129 -13.10 0.93 76.94
N TYR D 130 -12.73 0.96 78.22
CA TYR D 130 -12.64 2.20 78.97
C TYR D 130 -11.23 2.79 78.98
N VAL D 131 -10.20 1.95 78.93
CA VAL D 131 -8.83 2.45 79.01
C VAL D 131 -8.51 3.34 77.81
N GLN D 132 -8.93 2.91 76.61
CA GLN D 132 -8.63 3.69 75.41
C GLN D 132 -9.46 4.97 75.31
N GLN D 133 -10.47 5.13 76.16
CA GLN D 133 -11.30 6.33 76.09
C GLN D 133 -10.63 7.54 76.73
N ASN D 134 -10.31 7.44 78.03
CA ASN D 134 -9.72 8.55 78.76
C ASN D 134 -8.20 8.56 78.69
N ASN D 135 -7.61 7.76 77.79
CA ASN D 135 -6.16 7.70 77.59
C ASN D 135 -5.41 7.32 78.86
N VAL D 136 -6.09 6.73 79.83
CA VAL D 136 -5.43 6.32 81.07
C VAL D 136 -4.73 4.98 80.86
N GLU D 137 -3.87 4.63 81.81
CA GLU D 137 -3.16 3.36 81.73
C GLU D 137 -4.07 2.21 82.13
N ASN D 138 -3.72 1.01 81.65
CA ASN D 138 -4.49 -0.18 81.98
C ASN D 138 -4.28 -0.56 83.45
N VAL D 139 -5.10 -1.51 83.92
CA VAL D 139 -5.06 -1.90 85.32
C VAL D 139 -3.72 -2.54 85.68
N TYR D 140 -3.09 -3.22 84.71
CA TYR D 140 -1.78 -3.79 84.97
C TYR D 140 -0.72 -2.70 85.11
N ASN D 141 -0.70 -1.76 84.16
CA ASN D 141 0.22 -0.63 84.27
C ASN D 141 -0.09 0.23 85.48
N LEU D 142 -1.37 0.39 85.81
CA LEU D 142 -1.75 1.16 86.99
C LEU D 142 -1.25 0.48 88.26
N GLY D 143 -1.42 -0.83 88.36
CA GLY D 143 -0.94 -1.55 89.54
C GLY D 143 0.57 -1.50 89.66
N LEU D 144 1.28 -1.64 88.54
CA LEU D 144 2.74 -1.56 88.59
C LEU D 144 3.20 -0.16 88.95
N ILE D 145 2.50 0.88 88.46
CA ILE D 145 2.86 2.25 88.79
C ILE D 145 2.66 2.51 90.27
N ILE D 146 1.52 2.08 90.82
CA ILE D 146 1.25 2.35 92.22
C ILE D 146 2.15 1.52 93.12
N PHE D 147 2.55 0.32 92.67
CA PHE D 147 3.49 -0.47 93.45
C PHE D 147 4.89 0.13 93.40
N ARG D 148 5.25 0.74 92.27
CA ARG D 148 6.55 1.40 92.18
C ARG D 148 6.59 2.65 93.03
N ASP D 149 5.51 3.43 93.04
CA ASP D 149 5.50 4.71 93.76
C ASP D 149 5.26 4.52 95.25
N GLN D 150 4.14 3.89 95.61
CA GLN D 150 3.73 3.81 97.00
C GLN D 150 4.56 2.81 97.81
N VAL D 151 5.06 1.74 97.18
CA VAL D 151 5.78 0.69 97.88
C VAL D 151 7.28 0.82 97.69
N VAL D 152 7.74 1.04 96.45
CA VAL D 152 9.16 1.07 96.15
C VAL D 152 9.74 2.47 96.31
N ARG D 153 9.07 3.47 95.75
CA ARG D 153 9.57 4.84 95.78
C ARG D 153 9.34 5.53 97.13
N TYR D 154 8.93 4.80 98.16
CA TYR D 154 8.72 5.42 99.47
C TYR D 154 10.06 5.75 100.11
N GLY D 155 10.03 6.71 101.03
CA GLY D 155 11.24 7.23 101.64
C GLY D 155 12.07 6.23 102.43
N CYS D 156 11.47 5.64 103.47
CA CYS D 156 12.21 4.79 104.39
C CYS D 156 12.59 3.44 103.78
N ILE D 157 12.11 3.11 102.59
CA ILE D 157 12.42 1.82 101.99
C ILE D 157 13.46 2.00 100.89
N ARG D 158 13.44 3.17 100.23
CA ARG D 158 14.37 3.43 99.13
C ARG D 158 15.81 3.43 99.63
N ASP D 159 16.08 4.19 100.69
CA ASP D 159 17.44 4.25 101.23
C ASP D 159 17.88 2.88 101.74
N HIS D 160 16.97 2.15 102.39
CA HIS D 160 17.33 0.83 102.90
C HIS D 160 17.69 -0.12 101.77
N LEU D 161 16.88 -0.15 100.71
CA LEU D 161 17.15 -1.09 99.62
C LEU D 161 18.42 -0.72 98.88
N ARG D 162 18.66 0.58 98.64
CA ARG D 162 19.86 0.97 97.94
C ARG D 162 21.11 0.69 98.77
N GLN D 163 21.03 0.90 100.09
CA GLN D 163 22.16 0.59 100.95
C GLN D 163 22.45 -0.89 100.99
N THR D 164 21.39 -1.72 101.06
CA THR D 164 21.60 -3.17 101.06
C THR D 164 22.20 -3.64 99.75
N LEU D 165 21.73 -3.10 98.62
CA LEU D 165 22.28 -3.49 97.33
C LEU D 165 23.74 -3.08 97.20
N LEU D 166 24.07 -1.85 97.63
CA LEU D 166 25.47 -1.41 97.59
C LEU D 166 26.34 -2.26 98.49
N ASP D 167 25.82 -2.64 99.67
CA ASP D 167 26.61 -3.45 100.59
C ASP D 167 26.86 -4.84 100.02
N MET D 168 25.83 -5.44 99.41
CA MET D 168 26.00 -6.80 98.90
C MET D 168 26.90 -6.82 97.67
N ILE D 169 26.83 -5.81 96.81
CA ILE D 169 27.74 -5.78 95.67
C ILE D 169 29.16 -5.45 96.13
N ALA D 170 29.30 -4.66 97.20
CA ALA D 170 30.63 -4.35 97.72
C ALA D 170 31.29 -5.59 98.30
N ARG D 171 30.54 -6.38 99.09
CA ARG D 171 31.11 -7.61 99.61
C ARG D 171 31.30 -8.66 98.51
N GLU D 172 30.51 -8.58 97.44
CA GLU D 172 30.75 -9.44 96.29
C GLU D 172 32.07 -9.08 95.61
N ARG D 173 32.42 -7.79 95.60
CA ARG D 173 33.66 -7.38 94.96
C ARG D 173 34.88 -7.84 95.73
N LYS D 174 34.79 -7.95 97.06
CA LYS D 174 35.93 -8.33 97.88
C LYS D 174 35.91 -9.79 98.32
N GLY D 175 35.21 -10.65 97.58
CA GLY D 175 35.29 -12.08 97.77
C GLY D 175 34.13 -12.72 98.51
N GLU D 176 33.40 -11.96 99.32
CA GLU D 176 32.28 -12.51 100.06
C GLU D 176 31.15 -12.89 99.10
N VAL D 177 30.78 -14.18 99.10
CA VAL D 177 29.78 -14.66 98.17
C VAL D 177 28.38 -14.30 98.68
N VAL D 178 27.53 -13.88 97.76
CA VAL D 178 26.13 -13.54 98.05
C VAL D 178 25.25 -14.26 97.03
N ASP D 179 24.03 -14.59 97.45
CA ASP D 179 23.07 -15.26 96.58
C ASP D 179 22.71 -14.31 95.43
N ARG D 180 23.18 -14.65 94.23
CA ARG D 180 22.92 -13.80 93.06
C ARG D 180 21.45 -13.79 92.67
N GLY D 181 20.67 -14.76 93.14
CA GLY D 181 19.25 -14.78 92.81
C GLY D 181 18.51 -13.56 93.34
N ALA D 182 18.83 -13.15 94.57
CA ALA D 182 18.15 -12.00 95.17
C ALA D 182 18.44 -10.73 94.38
N ILE D 183 19.71 -10.47 94.07
CA ILE D 183 20.06 -9.24 93.38
C ILE D 183 19.54 -9.26 91.94
N ARG D 184 19.55 -10.43 91.29
CA ARG D 184 19.03 -10.47 89.93
C ARG D 184 17.51 -10.30 89.90
N ASN D 185 16.81 -10.82 90.90
CA ASN D 185 15.38 -10.58 91.00
C ASN D 185 15.09 -9.11 91.28
N ALA D 186 15.90 -8.48 92.14
CA ALA D 186 15.72 -7.06 92.41
C ALA D 186 15.93 -6.22 91.16
N CYS D 187 16.99 -6.52 90.39
CA CYS D 187 17.25 -5.74 89.20
C CYS D 187 16.19 -5.97 88.12
N GLN D 188 15.70 -7.21 87.98
CA GLN D 188 14.70 -7.47 86.96
C GLN D 188 13.37 -6.82 87.32
N MET D 189 13.00 -6.81 88.61
CA MET D 189 11.77 -6.14 88.99
C MET D 189 11.92 -4.63 88.89
N LEU D 190 13.11 -4.10 89.15
CA LEU D 190 13.33 -2.66 88.98
C LEU D 190 13.20 -2.25 87.52
N MET D 191 13.78 -3.03 86.60
CA MET D 191 13.65 -2.70 85.19
C MET D 191 12.24 -2.99 84.66
N ILE D 192 11.49 -3.88 85.32
CA ILE D 192 10.10 -4.10 84.94
C ILE D 192 9.24 -2.92 85.36
N LEU D 193 9.52 -2.33 86.53
CA LEU D 193 8.74 -1.21 87.01
C LEU D 193 8.83 0.01 86.09
N GLY D 194 9.78 0.03 85.16
CA GLY D 194 9.90 1.18 84.27
C GLY D 194 8.76 1.27 83.27
N LEU D 195 8.26 0.11 82.81
CA LEU D 195 7.14 -0.01 81.89
C LEU D 195 7.49 0.46 80.48
N GLU D 196 8.66 1.05 80.33
CA GLU D 196 9.18 1.45 79.02
C GLU D 196 10.60 0.98 78.78
N GLY D 197 11.39 0.83 79.84
CA GLY D 197 12.76 0.41 79.72
C GLY D 197 13.52 0.57 81.02
N ARG D 198 14.69 1.20 80.97
CA ARG D 198 15.50 1.45 82.15
C ARG D 198 15.32 2.85 82.70
N SER D 199 14.13 3.43 82.57
CA SER D 199 13.90 4.79 83.04
C SER D 199 14.08 4.90 84.54
N VAL D 200 13.28 4.16 85.31
CA VAL D 200 13.40 4.19 86.76
C VAL D 200 14.69 3.52 87.22
N TYR D 201 15.23 2.59 86.42
CA TYR D 201 16.45 1.90 86.81
C TYR D 201 17.64 2.85 86.82
N GLU D 202 17.64 3.85 85.93
CA GLU D 202 18.74 4.80 85.86
C GLU D 202 18.79 5.67 87.11
N GLU D 203 17.63 6.02 87.66
CA GLU D 203 17.58 6.96 88.78
C GLU D 203 17.54 6.28 90.14
N ASP D 204 17.03 5.05 90.22
CA ASP D 204 16.88 4.41 91.52
C ASP D 204 18.08 3.54 91.89
N PHE D 205 18.72 2.91 90.92
CA PHE D 205 19.84 2.02 91.19
C PHE D 205 21.10 2.36 90.41
N GLU D 206 20.97 2.78 89.15
CA GLU D 206 22.16 3.01 88.33
C GLU D 206 22.92 4.25 88.79
N ALA D 207 22.20 5.28 89.22
CA ALA D 207 22.86 6.51 89.64
C ALA D 207 23.79 6.31 90.84
N PRO D 208 23.39 5.62 91.92
CA PRO D 208 24.36 5.34 92.98
C PRO D 208 25.38 4.29 92.57
N PHE D 209 24.98 3.32 91.73
CA PHE D 209 25.91 2.26 91.33
C PHE D 209 27.10 2.80 90.57
N LEU D 210 26.86 3.74 89.64
CA LEU D 210 27.96 4.27 88.84
C LEU D 210 28.97 5.02 89.70
N GLU D 211 28.49 5.81 90.66
CA GLU D 211 29.42 6.60 91.48
C GLU D 211 30.15 5.73 92.49
N MET D 212 29.47 4.74 93.06
CA MET D 212 30.17 3.84 93.98
C MET D 212 31.18 2.98 93.25
N SER D 213 30.85 2.52 92.04
CA SER D 213 31.81 1.78 91.24
C SER D 213 32.99 2.67 90.85
N ALA D 214 32.73 3.94 90.54
CA ALA D 214 33.81 4.86 90.17
C ALA D 214 34.76 5.07 91.34
N GLU D 215 34.23 5.35 92.52
CA GLU D 215 35.11 5.57 93.67
C GLU D 215 35.85 4.30 94.06
N PHE D 216 35.20 3.14 93.93
CA PHE D 216 35.88 1.88 94.23
C PHE D 216 37.00 1.62 93.23
N PHE D 217 36.76 1.92 91.96
CA PHE D 217 37.81 1.75 90.96
C PHE D 217 38.97 2.70 91.20
N GLN D 218 38.67 3.94 91.61
CA GLN D 218 39.74 4.88 91.94
C GLN D 218 40.56 4.38 93.12
N MET D 219 39.89 3.88 94.17
CA MET D 219 40.61 3.38 95.34
C MET D 219 41.48 2.17 94.98
N GLU D 220 40.93 1.24 94.20
CA GLU D 220 41.71 0.04 93.86
C GLU D 220 42.87 0.40 92.93
N SER D 221 42.67 1.37 92.03
CA SER D 221 43.78 1.80 91.18
C SER D 221 44.88 2.45 92.00
N GLN D 222 44.50 3.28 92.98
CA GLN D 222 45.49 3.92 93.83
C GLN D 222 46.26 2.90 94.66
N LYS D 223 45.56 1.88 95.17
CA LYS D 223 46.24 0.85 95.97
C LYS D 223 46.98 -0.17 95.12
N PHE D 224 46.74 -0.21 93.81
CA PHE D 224 47.46 -1.15 92.95
C PHE D 224 48.70 -0.53 92.32
N LEU D 225 48.58 0.68 91.75
CA LEU D 225 49.71 1.28 91.05
C LEU D 225 50.81 1.72 92.00
N ALA D 226 50.53 1.79 93.31
CA ALA D 226 51.50 2.32 94.27
C ALA D 226 52.59 1.33 94.62
N GLU D 227 52.29 0.03 94.70
CA GLU D 227 53.29 -0.96 95.07
C GLU D 227 53.29 -2.17 94.14
N ASN D 228 53.00 -1.96 92.86
CA ASN D 228 53.02 -3.03 91.88
C ASN D 228 53.59 -2.51 90.56
N SER D 229 54.08 -3.44 89.74
CA SER D 229 54.64 -3.09 88.45
C SER D 229 53.57 -3.23 87.37
N ALA D 230 53.92 -2.81 86.14
CA ALA D 230 52.96 -2.87 85.04
C ALA D 230 52.68 -4.30 84.60
N SER D 231 53.68 -5.18 84.73
CA SER D 231 53.51 -6.57 84.28
C SER D 231 52.37 -7.26 85.04
N VAL D 232 52.26 -7.01 86.34
CA VAL D 232 51.15 -7.54 87.11
C VAL D 232 49.94 -6.62 87.06
N TYR D 233 50.15 -5.33 86.80
CA TYR D 233 49.03 -4.40 86.74
C TYR D 233 48.11 -4.71 85.56
N ILE D 234 48.68 -5.04 84.40
CA ILE D 234 47.86 -5.38 83.25
C ILE D 234 47.06 -6.65 83.50
N LYS D 235 47.68 -7.64 84.15
CA LYS D 235 46.98 -8.89 84.42
C LYS D 235 45.85 -8.67 85.42
N LYS D 236 46.10 -7.90 86.48
CA LYS D 236 45.06 -7.69 87.49
C LYS D 236 43.94 -6.80 86.96
N VAL D 237 44.26 -5.84 86.09
CA VAL D 237 43.18 -5.01 85.53
C VAL D 237 42.39 -5.81 84.51
N GLU D 238 43.03 -6.75 83.81
CA GLU D 238 42.28 -7.63 82.92
C GLU D 238 41.36 -8.55 83.72
N ALA D 239 41.84 -9.07 84.84
CA ALA D 239 40.99 -9.88 85.71
C ALA D 239 39.82 -9.06 86.25
N ARG D 240 40.08 -7.79 86.59
CA ARG D 240 39.00 -6.91 87.04
C ARG D 240 37.98 -6.69 85.93
N ILE D 241 38.44 -6.47 84.70
CA ILE D 241 37.52 -6.30 83.58
C ILE D 241 36.67 -7.54 83.39
N ASN D 242 37.30 -8.72 83.43
CA ASN D 242 36.56 -9.96 83.22
C ASN D 242 35.54 -10.21 84.33
N GLU D 243 35.92 -9.93 85.59
CA GLU D 243 35.00 -10.17 86.69
C GLU D 243 33.86 -9.15 86.67
N GLU D 244 34.11 -7.91 86.25
CA GLU D 244 33.03 -6.95 86.10
C GLU D 244 32.10 -7.34 84.97
N ILE D 245 32.65 -7.89 83.88
CA ILE D 245 31.81 -8.35 82.78
C ILE D 245 30.91 -9.49 83.23
N GLU D 246 31.47 -10.49 83.91
CA GLU D 246 30.64 -11.60 84.36
C GLU D 246 29.67 -11.19 85.44
N ARG D 247 30.01 -10.18 86.25
CA ARG D 247 29.09 -9.68 87.26
C ARG D 247 27.91 -8.97 86.62
N VAL D 248 28.18 -8.06 85.67
CA VAL D 248 27.10 -7.34 85.00
C VAL D 248 26.30 -8.28 84.09
N MET D 249 26.86 -9.45 83.78
CA MET D 249 26.14 -10.43 82.94
C MET D 249 25.15 -11.23 83.79
N HIS D 250 25.41 -11.35 85.10
CA HIS D 250 24.54 -12.20 85.98
C HIS D 250 23.83 -11.33 87.02
N CYS D 251 24.54 -10.92 88.07
CA CYS D 251 23.93 -10.13 89.17
C CYS D 251 23.18 -8.91 88.62
N LEU D 252 23.82 -8.13 87.75
CA LEU D 252 23.20 -6.88 87.23
C LEU D 252 22.59 -7.14 85.85
N ASP D 253 22.02 -6.10 85.23
CA ASP D 253 21.42 -6.24 83.88
C ASP D 253 22.53 -6.05 82.84
N LYS D 254 22.49 -6.80 81.74
CA LYS D 254 23.55 -6.71 80.69
C LYS D 254 23.34 -5.44 79.85
N SER D 255 22.22 -4.73 80.07
CA SER D 255 21.97 -3.45 79.35
C SER D 255 22.86 -2.36 79.94
N THR D 256 23.10 -2.41 81.26
CA THR D 256 23.93 -1.37 81.95
C THR D 256 25.40 -1.59 81.61
N GLU D 257 25.76 -2.76 81.08
CA GLU D 257 27.17 -3.10 80.79
C GLU D 257 27.83 -2.04 79.91
N GLU D 258 27.59 -2.06 78.60
CA GLU D 258 28.28 -1.15 77.64
C GLU D 258 28.70 0.18 78.27
N PRO D 259 27.80 1.18 78.52
CA PRO D 259 28.24 2.50 79.01
C PRO D 259 29.20 2.41 80.19
N ILE D 260 28.72 1.86 81.31
CA ILE D 260 29.56 1.78 82.55
C ILE D 260 30.93 1.19 82.19
N VAL D 261 30.96 -0.01 81.59
CA VAL D 261 32.28 -0.66 81.34
C VAL D 261 33.17 0.28 80.50
N LYS D 262 32.67 0.77 79.37
CA LYS D 262 33.44 1.73 78.54
C LYS D 262 34.04 2.80 79.47
N VAL D 263 33.18 3.62 80.08
CA VAL D 263 33.68 4.72 80.98
C VAL D 263 34.81 4.21 81.89
N VAL D 264 34.52 3.22 82.75
CA VAL D 264 35.57 2.81 83.73
C VAL D 264 36.86 2.50 82.97
N GLU D 265 36.81 1.51 82.08
CA GLU D 265 38.04 1.09 81.37
C GLU D 265 38.75 2.37 80.93
N ARG D 266 38.14 3.16 80.05
CA ARG D 266 38.79 4.39 79.54
C ARG D 266 39.50 5.12 80.68
N GLU D 267 38.73 5.78 81.56
CA GLU D 267 39.42 6.62 82.58
C GLU D 267 40.57 5.87 83.26
N LEU D 268 40.25 4.74 83.91
CA LEU D 268 41.30 4.04 84.70
C LEU D 268 42.54 3.84 83.83
N ILE D 269 42.40 3.06 82.76
CA ILE D 269 43.58 2.71 81.92
C ILE D 269 44.34 3.99 81.59
N SER D 270 43.70 4.97 80.95
CA SER D 270 44.45 6.18 80.52
C SER D 270 45.25 6.75 81.70
N LYS D 271 44.56 7.15 82.77
CA LYS D 271 45.30 7.84 83.88
C LYS D 271 46.45 6.98 84.40
N HIS D 272 46.20 5.70 84.65
CA HIS D 272 47.25 4.89 85.31
C HIS D 272 48.41 4.55 84.36
N MET D 273 48.17 4.46 83.05
CA MET D 273 49.27 4.24 82.09
C MET D 273 50.10 5.51 82.04
N LYS D 274 49.41 6.66 82.05
CA LYS D 274 50.19 7.92 82.13
C LYS D 274 51.11 7.75 83.34
N THR D 275 50.56 7.50 84.53
CA THR D 275 51.39 7.44 85.76
C THR D 275 52.40 6.28 85.68
N ILE D 276 52.10 5.22 84.93
CA ILE D 276 52.99 4.01 84.91
C ILE D 276 54.26 4.32 84.10
N VAL D 277 54.16 5.14 83.05
CA VAL D 277 55.36 5.51 82.25
C VAL D 277 56.11 6.62 83.00
N GLU D 278 55.48 7.22 84.01
CA GLU D 278 56.14 8.27 84.83
C GLU D 278 56.75 7.60 86.07
N MET D 279 56.38 6.34 86.33
CA MET D 279 56.91 5.59 87.51
C MET D 279 57.75 4.42 87.02
N GLU D 280 57.99 4.33 85.71
CA GLU D 280 58.77 3.19 85.13
C GLU D 280 58.16 1.86 85.58
N ASN D 281 58.76 1.22 86.59
CA ASN D 281 58.27 -0.10 87.08
C ASN D 281 58.17 -1.07 85.90
N SER D 282 59.31 -1.50 85.35
CA SER D 282 59.32 -2.38 84.15
C SER D 282 58.30 -1.84 83.13
N GLY D 283 58.44 -0.57 82.75
CA GLY D 283 57.46 0.06 81.83
C GLY D 283 57.71 -0.30 80.39
N LEU D 284 57.01 0.38 79.46
CA LEU D 284 57.14 0.07 78.02
C LEU D 284 58.61 0.18 77.59
N VAL D 285 59.35 1.16 78.11
CA VAL D 285 60.71 1.38 77.64
C VAL D 285 61.64 0.28 78.12
N HIS D 286 61.28 -0.44 79.19
CA HIS D 286 62.09 -1.56 79.66
C HIS D 286 61.73 -2.86 78.95
N MET D 287 60.45 -3.10 78.68
CA MET D 287 60.07 -4.31 77.97
C MET D 287 60.45 -4.24 76.49
N LEU D 288 60.65 -3.04 75.94
CA LEU D 288 61.13 -2.92 74.57
C LEU D 288 62.57 -3.41 74.45
N LYS D 289 63.40 -3.07 75.44
CA LYS D 289 64.80 -3.52 75.40
C LYS D 289 64.97 -4.92 75.95
N ASN D 290 64.05 -5.40 76.79
CA ASN D 290 64.10 -6.77 77.28
C ASN D 290 63.52 -7.77 76.28
N GLY D 291 62.40 -7.43 75.66
CA GLY D 291 61.85 -8.26 74.61
C GLY D 291 60.79 -9.26 75.04
N LYS D 292 60.03 -8.95 76.08
CA LYS D 292 58.91 -9.81 76.49
C LYS D 292 57.70 -9.43 75.64
N THR D 293 57.51 -10.17 74.54
CA THR D 293 56.49 -9.82 73.56
C THR D 293 55.08 -10.03 74.11
N GLU D 294 54.91 -10.95 75.06
CA GLU D 294 53.59 -11.20 75.62
C GLU D 294 53.03 -9.97 76.31
N ASP D 295 53.89 -9.21 77.00
CA ASP D 295 53.44 -7.99 77.64
C ASP D 295 53.01 -6.94 76.61
N LEU D 296 53.76 -6.84 75.50
CA LEU D 296 53.38 -5.91 74.44
C LEU D 296 52.02 -6.28 73.87
N GLY D 297 51.80 -7.56 73.57
CA GLY D 297 50.51 -7.98 73.07
C GLY D 297 49.39 -7.76 74.06
N CYS D 298 49.66 -8.00 75.35
CA CYS D 298 48.63 -7.80 76.37
C CYS D 298 48.24 -6.32 76.46
N MET D 299 49.22 -5.43 76.55
CA MET D 299 48.89 -4.01 76.63
C MET D 299 48.29 -3.50 75.34
N TYR D 300 48.60 -4.11 74.19
CA TYR D 300 47.95 -3.71 72.95
C TYR D 300 46.48 -4.08 72.97
N LYS D 301 46.16 -5.31 73.38
CA LYS D 301 44.76 -5.73 73.44
C LYS D 301 44.00 -5.04 74.56
N LEU D 302 44.71 -4.50 75.56
CA LEU D 302 44.03 -3.80 76.64
C LEU D 302 43.77 -2.34 76.28
N PHE D 303 44.81 -1.63 75.84
CA PHE D 303 44.67 -0.21 75.51
C PHE D 303 43.88 0.04 74.24
N SER D 304 43.39 -1.00 73.56
CA SER D 304 42.61 -0.79 72.34
C SER D 304 41.23 -0.21 72.65
N ARG D 305 40.76 -0.38 73.88
CA ARG D 305 39.43 0.12 74.23
C ARG D 305 39.47 1.58 74.69
N VAL D 306 40.48 1.93 75.48
CA VAL D 306 40.56 3.31 76.00
C VAL D 306 40.94 4.25 74.86
N PRO D 307 40.26 5.38 74.71
CA PRO D 307 40.63 6.32 73.64
C PRO D 307 41.97 6.98 73.91
N ASN D 308 42.67 7.29 72.81
CA ASN D 308 43.94 8.01 72.84
C ASN D 308 45.05 7.24 73.55
N GLY D 309 44.78 5.99 73.92
CA GLY D 309 45.81 5.18 74.53
C GLY D 309 46.87 4.75 73.52
N LEU D 310 46.44 4.41 72.31
CA LEU D 310 47.38 4.05 71.26
C LEU D 310 48.34 5.20 70.97
N LYS D 311 47.84 6.44 71.05
CA LYS D 311 48.72 7.59 70.86
C LYS D 311 49.72 7.72 72.00
N THR D 312 49.26 7.49 73.24
CA THR D 312 50.15 7.62 74.39
C THR D 312 51.24 6.55 74.39
N MET D 313 50.97 5.39 73.79
CA MET D 313 52.03 4.40 73.67
C MET D 313 52.88 4.60 72.43
N CYS D 314 52.30 5.14 71.35
CA CYS D 314 53.08 5.44 70.16
C CYS D 314 54.10 6.52 70.43
N GLU D 315 53.74 7.54 71.20
CA GLU D 315 54.68 8.61 71.49
C GLU D 315 55.87 8.11 72.31
N CYS D 316 55.61 7.23 73.28
CA CYS D 316 56.70 6.73 74.11
C CYS D 316 57.59 5.76 73.35
N MET D 317 57.00 4.88 72.55
CA MET D 317 57.84 3.99 71.74
C MET D 317 58.61 4.75 70.68
N SER D 318 58.05 5.85 70.17
CA SER D 318 58.78 6.68 69.23
C SER D 318 59.93 7.42 69.92
N SER D 319 59.71 7.87 71.16
CA SER D 319 60.80 8.47 71.91
C SER D 319 61.93 7.48 72.13
N TYR D 320 61.59 6.25 72.51
CA TYR D 320 62.62 5.22 72.71
C TYR D 320 63.34 4.91 71.41
N LEU D 321 62.60 4.83 70.30
CA LEU D 321 63.24 4.54 69.02
C LEU D 321 64.14 5.68 68.57
N ARG D 322 63.74 6.92 68.83
CA ARG D 322 64.58 8.06 68.50
C ARG D 322 65.84 8.08 69.36
N GLU D 323 65.72 7.69 70.63
CA GLU D 323 66.89 7.59 71.49
C GLU D 323 67.86 6.54 70.95
N GLN D 324 67.36 5.35 70.63
CA GLN D 324 68.21 4.31 70.06
C GLN D 324 68.82 4.76 68.74
N GLY D 325 68.06 5.52 67.94
CA GLY D 325 68.58 5.97 66.66
C GLY D 325 69.73 6.96 66.82
N LYS D 326 69.52 8.01 67.62
CA LYS D 326 70.59 8.98 67.84
C LYS D 326 71.76 8.36 68.59
N ALA D 327 71.54 7.26 69.31
CA ALA D 327 72.65 6.54 69.91
C ALA D 327 73.40 5.72 68.87
N LEU D 328 72.69 5.29 67.82
CA LEU D 328 73.31 4.42 66.78
C LEU D 328 73.96 5.28 65.69
N VAL D 329 73.27 6.32 65.22
CA VAL D 329 73.80 7.19 64.12
C VAL D 329 74.76 8.22 64.71
N SER D 330 75.01 8.17 66.03
CA SER D 330 75.92 9.11 66.71
C SER D 330 77.15 9.38 65.84
N GLU D 331 77.27 10.60 65.30
CA GLU D 331 78.44 10.96 64.45
C GLU D 331 79.69 11.00 65.32
N GLU D 332 79.57 11.52 66.55
CA GLU D 332 80.73 11.61 67.49
C GLU D 332 81.55 10.32 67.44
N GLY D 333 82.85 10.43 67.13
CA GLY D 333 83.71 9.24 67.02
C GLY D 333 83.95 8.88 65.56
N GLU D 334 83.68 9.81 64.65
CA GLU D 334 83.87 9.57 63.19
C GLU D 334 85.22 8.90 62.95
N GLY D 335 85.23 7.64 62.49
CA GLY D 335 86.48 6.91 62.27
C GLY D 335 86.36 5.47 62.75
N LYS D 336 85.14 5.00 62.97
CA LYS D 336 84.90 3.60 63.44
C LYS D 336 84.58 2.73 62.22
N ASN D 337 83.67 1.77 62.38
CA ASN D 337 83.25 0.91 61.24
C ASN D 337 81.73 0.99 61.07
N PRO D 338 81.20 1.99 60.32
CA PRO D 338 79.75 2.15 60.16
C PRO D 338 79.15 1.10 59.22
N VAL D 339 79.97 0.19 58.69
CA VAL D 339 79.43 -0.92 57.86
C VAL D 339 78.64 -1.84 58.80
N ASP D 340 79.11 -1.98 60.05
CA ASP D 340 78.40 -2.81 61.05
C ASP D 340 77.22 -1.99 61.61
N TYR D 341 77.24 -0.67 61.44
CA TYR D 341 76.10 0.18 61.87
C TYR D 341 74.89 -0.14 60.99
N ILE D 342 75.13 -0.52 59.73
CA ILE D 342 74.01 -0.91 58.83
C ILE D 342 73.40 -2.23 59.33
N GLN D 343 74.23 -3.14 59.84
CA GLN D 343 73.74 -4.43 60.38
C GLN D 343 73.01 -4.15 61.69
N GLY D 344 73.56 -3.28 62.53
CA GLY D 344 72.87 -2.89 63.77
C GLY D 344 71.55 -2.22 63.44
N LEU D 345 71.53 -1.38 62.40
CA LEU D 345 70.26 -0.74 61.95
C LEU D 345 69.28 -1.84 61.55
N LEU D 346 69.71 -2.79 60.70
CA LEU D 346 68.85 -3.92 60.31
C LEU D 346 68.34 -4.61 61.58
N ASP D 347 69.24 -4.91 62.52
CA ASP D 347 68.85 -5.63 63.77
C ASP D 347 67.72 -4.89 64.47
N LEU D 348 67.89 -3.59 64.73
CA LEU D 348 66.84 -2.87 65.52
C LEU D 348 65.55 -2.71 64.71
N LYS D 349 65.64 -2.43 63.40
CA LYS D 349 64.40 -2.22 62.67
C LYS D 349 63.64 -3.53 62.47
N SER D 350 64.36 -4.66 62.35
CA SER D 350 63.71 -5.95 62.20
C SER D 350 63.04 -6.38 63.49
N ARG D 351 63.70 -6.19 64.64
CA ARG D 351 63.07 -6.54 65.90
C ARG D 351 61.88 -5.63 66.19
N PHE D 352 61.98 -4.35 65.80
CA PHE D 352 60.84 -3.46 65.96
C PHE D 352 59.68 -3.90 65.08
N ASP D 353 59.95 -4.26 63.82
CA ASP D 353 58.88 -4.67 62.92
C ASP D 353 58.27 -6.00 63.35
N ARG D 354 59.08 -6.92 63.89
CA ARG D 354 58.52 -8.19 64.34
C ARG D 354 57.69 -8.01 65.61
N PHE D 355 58.12 -7.12 66.51
CA PHE D 355 57.30 -6.81 67.67
C PHE D 355 56.02 -6.13 67.26
N LEU D 356 56.06 -5.36 66.16
CA LEU D 356 54.85 -4.72 65.65
C LEU D 356 53.89 -5.74 65.09
N LEU D 357 54.40 -6.69 64.30
CA LEU D 357 53.52 -7.65 63.64
C LEU D 357 52.96 -8.66 64.62
N GLU D 358 53.72 -9.00 65.67
CA GLU D 358 53.22 -10.00 66.61
C GLU D 358 52.29 -9.38 67.66
N SER D 359 52.55 -8.14 68.08
CA SER D 359 51.73 -7.47 69.09
C SER D 359 50.66 -6.59 68.46
N PHE D 360 51.07 -5.60 67.66
CA PHE D 360 50.15 -4.64 67.10
C PHE D 360 49.36 -5.18 65.92
N ASN D 361 49.71 -6.38 65.43
CA ASN D 361 48.99 -7.05 64.34
C ASN D 361 48.94 -6.17 63.10
N ASN D 362 50.11 -5.64 62.72
CA ASN D 362 50.25 -4.79 61.54
C ASN D 362 49.30 -3.59 61.59
N ASP D 363 49.38 -2.85 62.70
CA ASP D 363 48.52 -1.70 62.88
C ASP D 363 49.02 -0.52 62.07
N ARG D 364 48.08 0.30 61.59
CA ARG D 364 48.44 1.42 60.73
C ARG D 364 49.07 2.55 61.52
N LEU D 365 48.57 2.81 62.73
CA LEU D 365 49.09 3.92 63.54
C LEU D 365 50.54 3.67 63.94
N PHE D 366 50.83 2.47 64.46
CA PHE D 366 52.20 2.15 64.82
C PHE D 366 53.11 2.16 63.60
N LYS D 367 52.61 1.70 62.46
CA LYS D 367 53.40 1.68 61.24
C LYS D 367 53.77 3.10 60.81
N GLN D 368 52.80 4.01 60.82
CA GLN D 368 53.10 5.37 60.40
C GLN D 368 53.98 6.10 61.42
N THR D 369 53.84 5.77 62.70
CA THR D 369 54.71 6.39 63.70
C THR D 369 56.15 5.94 63.53
N ILE D 370 56.38 4.64 63.34
CA ILE D 370 57.75 4.17 63.14
C ILE D 370 58.28 4.64 61.79
N ALA D 371 57.40 4.84 60.80
CA ALA D 371 57.84 5.39 59.53
C ALA D 371 58.34 6.81 59.70
N GLY D 372 57.55 7.66 60.37
CA GLY D 372 58.01 9.01 60.66
C GLY D 372 59.27 9.03 61.51
N ASP D 373 59.37 8.11 62.46
CA ASP D 373 60.58 8.01 63.27
C ASP D 373 61.80 7.71 62.41
N PHE D 374 61.67 6.74 61.51
CA PHE D 374 62.77 6.44 60.59
C PHE D 374 63.11 7.63 59.71
N GLU D 375 62.10 8.35 59.22
CA GLU D 375 62.36 9.54 58.42
C GLU D 375 62.98 10.66 59.25
N TYR D 376 62.85 10.60 60.58
CA TYR D 376 63.36 11.69 61.42
C TYR D 376 64.87 11.69 61.51
N PHE D 377 65.46 10.57 61.92
CA PHE D 377 66.94 10.50 62.07
C PHE D 377 67.61 10.06 60.76
N LEU D 378 66.85 9.98 59.66
CA LEU D 378 67.43 9.46 58.38
C LEU D 378 68.51 10.42 57.88
N ASN D 379 68.29 11.73 58.04
CA ASN D 379 69.27 12.75 57.59
C ASN D 379 70.65 12.46 58.22
N LEU D 380 70.67 12.21 59.53
CA LEU D 380 71.95 11.93 60.23
C LEU D 380 72.58 10.66 59.68
N ASN D 381 73.90 10.68 59.40
CA ASN D 381 74.63 9.52 58.83
C ASN D 381 74.16 9.24 57.40
N SER D 382 74.70 9.97 56.42
CA SER D 382 74.28 9.79 55.00
C SER D 382 75.27 8.86 54.28
N ARG D 383 75.90 7.94 55.02
CA ARG D 383 76.84 6.97 54.40
C ARG D 383 76.05 5.72 54.01
N SER D 384 74.79 5.63 54.41
CA SER D 384 73.94 4.44 54.12
C SER D 384 73.98 4.06 52.63
N PRO D 385 73.63 4.94 51.65
CA PRO D 385 73.59 4.53 50.24
C PRO D 385 74.93 3.95 49.76
N GLU D 386 76.03 4.66 50.05
CA GLU D 386 77.37 4.20 49.61
C GLU D 386 77.70 2.85 50.25
N TYR D 387 77.37 2.68 51.53
CA TYR D 387 77.70 1.42 52.25
C TYR D 387 76.81 0.27 51.73
N LEU D 388 75.56 0.58 51.38
CA LEU D 388 74.65 -0.46 50.82
C LEU D 388 75.20 -0.92 49.46
N SER D 389 75.69 0.03 48.66
CA SER D 389 76.29 -0.32 47.34
C SER D 389 77.57 -1.13 47.56
N LEU D 390 78.37 -0.76 48.56
CA LEU D 390 79.60 -1.53 48.87
C LEU D 390 79.21 -2.93 49.36
N PHE D 391 78.07 -3.04 50.04
CA PHE D 391 77.61 -4.35 50.58
C PHE D 391 77.12 -5.24 49.43
N ILE D 392 76.31 -4.68 48.51
CA ILE D 392 75.81 -5.44 47.38
C ILE D 392 76.95 -5.85 46.45
N ASP D 393 78.02 -5.06 46.37
CA ASP D 393 79.19 -5.45 45.59
C ASP D 393 79.91 -6.62 46.24
N ASP D 394 80.06 -6.60 47.57
CA ASP D 394 80.69 -7.72 48.27
C ASP D 394 79.86 -8.99 48.11
N LYS D 395 78.53 -8.85 48.06
CA LYS D 395 77.66 -10.00 47.88
C LYS D 395 77.58 -10.49 46.44
N LEU D 396 77.83 -9.61 45.47
CA LEU D 396 77.75 -9.99 44.06
C LEU D 396 79.08 -10.45 43.47
N LYS D 397 80.21 -10.04 44.05
CA LYS D 397 81.50 -10.38 43.47
C LYS D 397 81.74 -11.88 43.49
N LYS D 398 81.24 -12.58 44.52
CA LYS D 398 81.39 -14.03 44.61
C LYS D 398 80.41 -14.55 45.65
N GLY D 399 79.72 -15.64 45.31
CA GLY D 399 78.78 -16.25 46.23
C GLY D 399 79.41 -17.33 47.07
N VAL D 400 80.54 -17.02 47.71
CA VAL D 400 81.22 -18.00 48.55
C VAL D 400 80.35 -18.37 49.75
N LYS D 401 79.77 -17.36 50.40
CA LYS D 401 78.84 -17.59 51.50
C LYS D 401 77.46 -17.85 50.90
N GLY D 402 76.91 -19.04 51.14
CA GLY D 402 75.65 -19.40 50.55
C GLY D 402 75.77 -19.81 49.10
N LEU D 403 76.46 -20.92 48.85
CA LEU D 403 76.71 -21.38 47.48
C LEU D 403 75.41 -21.59 46.71
N THR D 404 74.36 -22.05 47.38
CA THR D 404 73.09 -22.29 46.71
C THR D 404 72.40 -20.97 46.40
N GLU D 405 71.29 -21.05 45.68
CA GLU D 405 70.61 -19.87 45.16
C GLU D 405 69.50 -19.36 46.07
N GLN D 406 68.93 -20.23 46.91
CA GLN D 406 67.77 -19.83 47.72
C GLN D 406 68.13 -18.73 48.71
N GLU D 407 69.19 -18.92 49.49
CA GLU D 407 69.58 -17.93 50.48
C GLU D 407 70.07 -16.65 49.80
N VAL D 408 70.70 -16.79 48.64
CA VAL D 408 71.14 -15.64 47.85
C VAL D 408 69.92 -14.82 47.46
N GLU D 409 68.88 -15.50 46.97
CA GLU D 409 67.63 -14.83 46.59
C GLU D 409 67.02 -14.11 47.79
N THR D 410 66.99 -14.77 48.94
CA THR D 410 66.40 -14.17 50.13
C THR D 410 67.18 -12.94 50.57
N ILE D 411 68.51 -13.02 50.54
CA ILE D 411 69.35 -11.92 51.01
C ILE D 411 69.23 -10.75 50.03
N LEU D 412 69.05 -11.05 48.76
CA LEU D 412 68.86 -9.99 47.77
C LEU D 412 67.51 -9.32 47.93
N ASP D 413 66.47 -10.11 48.22
CA ASP D 413 65.15 -9.55 48.49
C ASP D 413 65.18 -8.66 49.72
N LYS D 414 65.86 -9.11 50.77
CA LYS D 414 65.99 -8.31 51.99
C LYS D 414 66.79 -7.04 51.72
N ALA D 415 67.77 -7.13 50.81
CA ALA D 415 68.59 -5.95 50.46
C ALA D 415 67.72 -4.85 49.85
N MET D 416 66.89 -5.19 48.85
CA MET D 416 66.06 -4.16 48.17
C MET D 416 64.91 -3.73 49.08
N VAL D 417 64.54 -4.55 50.06
CA VAL D 417 63.48 -4.15 51.04
C VAL D 417 64.05 -3.01 51.89
N LEU D 418 65.29 -3.18 52.38
CA LEU D 418 65.95 -2.09 53.15
C LEU D 418 66.07 -0.86 52.25
N PHE D 419 66.40 -1.08 50.97
CA PHE D 419 66.57 0.05 50.01
C PHE D 419 65.23 0.74 49.76
N ARG D 420 64.12 0.00 49.85
CA ARG D 420 62.77 0.59 49.65
C ARG D 420 62.62 1.82 50.57
N PHE D 421 63.10 1.71 51.81
CA PHE D 421 62.98 2.84 52.78
C PHE D 421 64.29 3.65 52.78
N MET D 422 64.80 4.03 51.61
CA MET D 422 66.01 4.83 51.53
C MET D 422 65.80 5.94 50.51
N GLN D 423 66.29 7.14 50.84
CA GLN D 423 66.22 8.28 49.94
C GLN D 423 67.59 8.51 49.30
N GLU D 424 67.71 9.56 48.49
CA GLU D 424 68.95 9.89 47.79
C GLU D 424 69.42 8.73 46.92
N LYS D 425 68.58 8.38 45.94
CA LYS D 425 68.89 7.28 45.02
C LYS D 425 69.95 7.64 43.99
N ASP D 426 70.24 8.94 43.81
CA ASP D 426 71.23 9.34 42.81
C ASP D 426 72.62 8.84 43.17
N VAL D 427 73.06 9.07 44.41
CA VAL D 427 74.36 8.58 44.84
C VAL D 427 74.38 7.07 44.86
N PHE D 428 73.25 6.44 45.17
CA PHE D 428 73.16 4.98 45.12
C PHE D 428 73.44 4.47 43.72
N GLU D 429 72.77 5.06 42.71
CA GLU D 429 72.99 4.62 41.34
C GLU D 429 74.41 4.93 40.87
N ARG D 430 74.95 6.07 41.29
CA ARG D 430 76.31 6.42 40.91
C ARG D 430 77.31 5.39 41.43
N TYR D 431 77.21 5.06 42.73
CA TYR D 431 78.13 4.09 43.30
C TYR D 431 77.87 2.68 42.78
N TYR D 432 76.62 2.35 42.44
CA TYR D 432 76.35 1.05 41.84
C TYR D 432 76.97 0.94 40.46
N LYS D 433 76.94 2.03 39.68
CA LYS D 433 77.58 2.02 38.37
C LYS D 433 79.10 1.96 38.51
N GLN D 434 79.65 2.64 39.53
CA GLN D 434 81.08 2.55 39.77
C GLN D 434 81.48 1.12 40.15
N HIS D 435 80.65 0.45 40.95
CA HIS D 435 80.94 -0.93 41.32
C HIS D 435 80.79 -1.86 40.11
N LEU D 436 79.82 -1.58 39.23
CA LEU D 436 79.73 -2.32 37.98
C LEU D 436 81.01 -2.17 37.16
N ALA D 437 81.52 -0.95 37.04
CA ALA D 437 82.75 -0.72 36.30
C ALA D 437 83.93 -1.43 36.96
N ARG D 438 83.95 -1.48 38.29
CA ARG D 438 85.04 -2.13 38.99
C ARG D 438 84.98 -3.65 38.85
N ARG D 439 83.78 -4.21 38.79
CA ARG D 439 83.64 -5.67 38.71
C ARG D 439 83.66 -6.20 37.29
N LEU D 440 83.40 -5.36 36.29
CA LEU D 440 83.42 -5.80 34.90
C LEU D 440 84.76 -5.54 34.22
N LEU D 441 85.50 -4.52 34.65
CA LEU D 441 86.83 -4.24 34.11
C LEU D 441 87.93 -5.01 34.82
N THR D 442 87.58 -5.98 35.66
CA THR D 442 88.53 -6.83 36.35
C THR D 442 88.30 -8.28 35.91
N ASN D 443 88.93 -9.21 36.63
CA ASN D 443 88.79 -10.63 36.34
C ASN D 443 87.33 -11.03 36.19
N LYS D 444 87.01 -11.64 35.07
CA LYS D 444 85.62 -11.96 34.72
C LYS D 444 85.20 -13.24 35.45
N SER D 445 84.05 -13.78 35.05
CA SER D 445 83.49 -15.01 35.62
C SER D 445 83.26 -14.87 37.13
N VAL D 446 82.62 -13.78 37.51
CA VAL D 446 82.24 -13.58 38.91
C VAL D 446 81.00 -14.40 39.24
N SER D 447 79.90 -14.13 38.57
CA SER D 447 78.68 -14.93 38.69
C SER D 447 78.14 -15.39 37.35
N ASP D 448 78.13 -14.52 36.34
CA ASP D 448 77.70 -14.77 34.97
C ASP D 448 76.20 -15.04 34.84
N ASP D 449 75.46 -15.09 35.93
CA ASP D 449 74.02 -15.28 35.88
C ASP D 449 73.26 -14.28 36.76
N SER D 450 73.87 -13.83 37.85
CA SER D 450 73.19 -12.94 38.78
C SER D 450 72.99 -11.54 38.24
N GLU D 451 73.65 -11.18 37.14
CA GLU D 451 73.47 -9.85 36.56
C GLU D 451 72.04 -9.67 36.07
N LYS D 452 71.44 -10.70 35.49
CA LYS D 452 70.05 -10.62 35.05
C LYS D 452 69.12 -10.43 36.23
N ASN D 453 69.36 -11.15 37.33
CA ASN D 453 68.54 -10.96 38.53
C ASN D 453 68.71 -9.54 39.08
N MET D 454 69.93 -9.01 39.06
CA MET D 454 70.17 -7.66 39.55
C MET D 454 69.43 -6.64 38.72
N ILE D 455 69.52 -6.74 37.38
CA ILE D 455 68.86 -5.76 36.54
C ILE D 455 67.34 -5.91 36.62
N SER D 456 66.84 -7.12 36.83
CA SER D 456 65.41 -7.31 36.99
C SER D 456 64.91 -6.69 38.29
N LYS D 457 65.65 -6.88 39.38
CA LYS D 457 65.28 -6.25 40.64
C LYS D 457 65.37 -4.73 40.54
N LEU D 458 66.34 -4.21 39.78
CA LEU D 458 66.41 -2.77 39.57
C LEU D 458 65.21 -2.27 38.78
N LYS D 459 64.82 -2.99 37.72
CA LYS D 459 63.63 -2.62 36.95
C LYS D 459 62.39 -2.61 37.85
N THR D 460 62.26 -3.61 38.73
CA THR D 460 61.06 -3.73 39.53
C THR D 460 61.07 -2.83 40.76
N GLU D 461 62.25 -2.30 41.15
CA GLU D 461 62.36 -1.51 42.37
C GLU D 461 62.34 -0.01 42.09
N CYS D 462 63.27 0.48 41.26
CA CYS D 462 63.36 1.91 41.01
C CYS D 462 62.58 2.30 39.76
N GLY D 463 62.58 1.43 38.76
CA GLY D 463 61.91 1.71 37.51
C GLY D 463 62.91 1.90 36.39
N CYS D 464 62.40 1.98 35.15
CA CYS D 464 63.25 2.12 33.98
C CYS D 464 63.79 3.52 33.77
N GLN D 465 64.73 3.98 34.59
CA GLN D 465 65.32 5.30 34.37
C GLN D 465 66.84 5.28 34.47
N PHE D 466 67.40 4.28 35.13
CA PHE D 466 68.88 4.25 35.32
C PHE D 466 69.23 2.85 34.91
N THR D 467 68.17 2.06 34.88
CA THR D 467 68.36 0.66 34.46
C THR D 467 68.68 0.73 32.97
N SER D 468 68.33 1.85 32.34
CA SER D 468 68.64 2.04 30.90
C SER D 468 70.16 2.17 30.74
N LYS D 469 70.78 3.02 31.54
CA LYS D 469 72.26 3.15 31.50
C LYS D 469 72.88 1.82 31.90
N LEU D 470 72.14 1.05 32.71
CA LEU D 470 72.68 -0.25 33.18
C LEU D 470 72.76 -1.18 31.97
N GLU D 471 71.68 -1.23 31.22
CA GLU D 471 71.70 -2.05 29.98
C GLU D 471 72.82 -1.49 29.11
N GLY D 472 72.96 -0.17 29.04
CA GLY D 472 74.05 0.45 28.27
C GLY D 472 75.38 -0.20 28.60
N MET D 473 75.77 -0.16 29.87
CA MET D 473 77.04 -0.77 30.33
C MET D 473 77.11 -2.26 29.94
N PHE D 474 76.08 -3.03 30.25
CA PHE D 474 76.19 -4.49 29.99
C PHE D 474 76.38 -4.76 28.50
N ARG D 475 75.72 -3.93 27.69
CA ARG D 475 75.79 -4.11 26.23
C ARG D 475 77.22 -3.79 25.85
N ASP D 476 77.72 -2.64 26.28
CA ASP D 476 79.15 -2.32 26.05
C ASP D 476 79.95 -3.59 26.32
N MET D 477 79.81 -4.19 27.50
CA MET D 477 80.59 -5.41 27.86
C MET D 477 80.48 -6.53 26.82
N SER D 478 79.28 -7.05 26.59
CA SER D 478 79.19 -8.21 25.65
C SER D 478 79.70 -7.83 24.26
N ILE D 479 79.50 -6.57 23.87
CA ILE D 479 79.88 -6.15 22.49
C ILE D 479 81.39 -6.10 22.41
N SER D 480 82.05 -5.64 23.47
CA SER D 480 83.52 -5.60 23.51
C SER D 480 84.05 -7.03 23.56
N ASN D 481 83.30 -7.99 24.12
CA ASN D 481 83.73 -9.41 24.03
C ASN D 481 83.67 -9.89 22.57
N THR D 482 82.59 -9.54 21.88
CA THR D 482 82.59 -9.90 20.43
C THR D 482 83.74 -9.19 19.72
N THR D 483 84.09 -7.98 20.16
CA THR D 483 85.13 -7.19 19.47
C THR D 483 86.46 -7.86 19.73
N MET D 484 86.64 -8.44 20.91
CA MET D 484 87.86 -9.19 21.27
C MET D 484 87.94 -10.38 20.30
N ASP D 485 86.86 -11.15 20.13
CA ASP D 485 87.04 -12.25 19.13
C ASP D 485 87.39 -11.68 17.72
N GLU D 486 86.76 -10.56 17.34
CA GLU D 486 87.00 -9.97 15.99
C GLU D 486 88.48 -9.58 15.84
N PHE D 487 89.07 -9.00 16.90
CA PHE D 487 90.47 -8.53 16.86
C PHE D 487 91.38 -9.75 16.87
N ARG D 488 91.01 -10.82 17.56
CA ARG D 488 91.80 -12.07 17.48
C ARG D 488 91.87 -12.46 16.00
N GLN D 489 90.72 -12.52 15.32
CA GLN D 489 90.80 -12.79 13.86
C GLN D 489 91.73 -11.82 13.12
N HIS D 490 91.56 -10.52 13.37
CA HIS D 490 92.34 -9.53 12.57
C HIS D 490 93.84 -9.58 12.89
N LEU D 491 94.22 -10.05 14.09
CA LEU D 491 95.65 -10.14 14.49
C LEU D 491 96.20 -11.48 14.01
N GLN D 492 95.32 -12.41 13.62
CA GLN D 492 95.81 -13.70 13.05
C GLN D 492 96.19 -13.40 11.60
N ALA D 493 95.45 -12.51 10.94
CA ALA D 493 95.80 -12.11 9.56
C ALA D 493 97.06 -11.25 9.60
N THR D 494 97.15 -10.34 10.57
CA THR D 494 98.35 -9.47 10.73
C THR D 494 99.17 -9.96 11.92
N GLY D 495 99.35 -9.10 12.94
CA GLY D 495 100.10 -9.49 14.15
C GLY D 495 101.44 -10.12 13.84
N VAL D 496 102.28 -9.44 13.05
CA VAL D 496 103.61 -10.00 12.66
C VAL D 496 104.62 -9.74 13.78
N SER D 497 104.40 -8.66 14.55
CA SER D 497 105.35 -8.31 15.65
C SER D 497 105.18 -9.27 16.83
N LEU D 498 106.28 -9.57 17.52
CA LEU D 498 106.22 -10.45 18.72
C LEU D 498 105.66 -9.62 19.88
N GLY D 499 104.92 -8.56 19.57
CA GLY D 499 104.30 -7.72 20.58
C GLY D 499 102.85 -8.08 20.81
N GLY D 500 102.29 -8.82 19.85
CA GLY D 500 100.89 -9.22 19.97
C GLY D 500 100.73 -10.70 20.26
N VAL D 501 101.57 -11.23 21.16
CA VAL D 501 101.54 -12.64 21.52
C VAL D 501 100.15 -13.00 22.05
N ASP D 502 99.73 -12.34 23.13
CA ASP D 502 98.41 -12.57 23.72
C ASP D 502 97.83 -11.21 24.10
N LEU D 503 96.79 -10.79 23.38
CA LEU D 503 96.21 -9.48 23.55
C LEU D 503 94.74 -9.60 23.93
N THR D 504 94.29 -8.75 24.86
CA THR D 504 92.87 -8.77 25.32
C THR D 504 92.31 -7.35 25.33
N VAL D 505 92.39 -6.64 24.19
CA VAL D 505 91.93 -5.23 24.13
C VAL D 505 90.40 -5.19 24.09
N ARG D 506 89.78 -4.33 24.91
CA ARG D 506 88.30 -4.17 24.91
C ARG D 506 87.96 -2.78 24.36
N VAL D 507 86.69 -2.55 24.00
CA VAL D 507 86.29 -1.24 23.40
C VAL D 507 85.03 -0.73 24.11
N LEU D 508 85.14 0.35 24.88
CA LEU D 508 83.99 0.90 25.60
C LEU D 508 83.70 2.31 25.09
N THR D 509 82.55 2.84 25.49
CA THR D 509 82.13 4.18 25.10
C THR D 509 82.22 5.12 26.29
N THR D 510 82.59 6.38 26.02
CA THR D 510 82.68 7.39 27.11
C THR D 510 81.28 7.78 27.57
N GLY D 511 80.27 7.54 26.72
CA GLY D 511 78.87 7.90 27.05
C GLY D 511 78.35 7.10 28.24
N TYR D 512 79.04 6.01 28.59
CA TYR D 512 78.60 5.15 29.71
C TYR D 512 79.72 5.02 30.75
N TRP D 513 80.98 5.01 30.29
CA TRP D 513 82.12 4.82 31.22
C TRP D 513 82.86 6.15 31.42
N PRO D 514 82.76 6.79 32.61
CA PRO D 514 83.40 8.08 32.86
C PRO D 514 84.92 7.98 33.04
N THR D 515 85.62 9.12 32.94
CA THR D 515 87.09 9.14 33.16
C THR D 515 87.39 8.83 34.63
N GLN D 516 88.43 8.05 34.90
CA GLN D 516 88.78 7.71 36.28
C GLN D 516 89.28 8.92 37.05
N SER D 517 90.48 9.39 36.74
CA SER D 517 90.97 10.65 37.31
C SER D 517 91.30 11.68 36.25
N ALA D 518 92.23 11.38 35.34
CA ALA D 518 92.66 12.36 34.35
C ALA D 518 92.91 11.80 32.96
N THR D 519 92.79 10.47 32.77
CA THR D 519 93.20 9.79 31.54
C THR D 519 94.62 10.20 31.16
N PRO D 520 95.63 9.78 31.92
CA PRO D 520 96.99 10.27 31.68
C PRO D 520 97.63 9.73 30.41
N LYS D 521 98.87 10.14 30.14
CA LYS D 521 99.55 9.84 28.89
C LYS D 521 100.96 9.34 29.17
N CYS D 522 101.10 8.47 30.19
CA CYS D 522 102.45 8.01 30.63
C CYS D 522 103.17 7.24 29.52
N ASN D 523 104.50 7.12 29.61
CA ASN D 523 105.24 6.28 28.64
C ASN D 523 104.70 4.84 28.78
N ILE D 524 104.47 4.17 27.65
CA ILE D 524 104.04 2.75 27.72
C ILE D 524 105.30 1.89 27.63
N PRO D 525 105.30 0.59 27.99
CA PRO D 525 106.49 -0.26 27.79
C PRO D 525 106.67 -0.89 26.40
N PRO D 526 107.85 -0.94 25.74
CA PRO D 526 108.08 -1.65 24.48
C PRO D 526 107.08 -2.72 24.00
N ALA D 527 106.87 -3.81 24.76
CA ALA D 527 105.94 -4.79 24.20
C ALA D 527 104.50 -4.29 24.32
N PRO D 528 104.09 -3.74 25.47
CA PRO D 528 102.79 -3.04 25.50
C PRO D 528 102.74 -1.86 24.55
N ARG D 529 103.86 -1.19 24.28
CA ARG D 529 103.87 -0.14 23.26
C ARG D 529 103.48 -0.69 21.90
N HIS D 530 104.10 -1.80 21.49
CA HIS D 530 103.78 -2.40 20.20
C HIS D 530 102.34 -2.89 20.18
N ALA D 531 101.87 -3.47 21.29
CA ALA D 531 100.49 -3.95 21.33
C ALA D 531 99.51 -2.80 21.18
N PHE D 532 99.74 -1.69 21.89
CA PHE D 532 98.86 -0.53 21.79
C PHE D 532 98.93 0.09 20.41
N GLU D 533 100.11 0.11 19.79
CA GLU D 533 100.23 0.64 18.44
C GLU D 533 99.43 -0.21 17.45
N ILE D 534 99.53 -1.53 17.57
CA ILE D 534 98.78 -2.40 16.67
C ILE D 534 97.28 -2.20 16.88
N PHE D 535 96.85 -2.12 18.13
CA PHE D 535 95.43 -1.94 18.41
C PHE D 535 94.92 -0.60 17.88
N ARG D 536 95.72 0.46 18.04
CA ARG D 536 95.29 1.77 17.56
C ARG D 536 95.26 1.80 16.03
N ARG D 537 96.24 1.18 15.38
CA ARG D 537 96.22 1.11 13.92
C ARG D 537 94.99 0.36 13.43
N PHE D 538 94.65 -0.75 14.08
CA PHE D 538 93.46 -1.50 13.69
C PHE D 538 92.19 -0.68 13.91
N TYR D 539 92.11 0.01 15.05
CA TYR D 539 90.90 0.76 15.38
C TYR D 539 90.75 1.99 14.50
N LEU D 540 91.88 2.58 14.10
CA LEU D 540 91.82 3.86 13.32
C LEU D 540 91.65 3.51 11.85
N ALA D 541 90.79 2.53 11.55
CA ALA D 541 90.66 2.07 10.15
C ALA D 541 89.23 1.61 9.87
N LYS D 542 88.88 0.38 10.26
CA LYS D 542 87.53 -0.17 9.91
C LYS D 542 86.44 0.41 10.81
N HIS D 543 86.81 1.18 11.84
CA HIS D 543 85.80 1.70 12.80
C HIS D 543 85.14 2.97 12.26
N SER D 544 83.94 3.29 12.74
CA SER D 544 83.19 4.47 12.25
C SER D 544 83.71 5.74 12.95
N GLY D 545 84.82 6.30 12.47
CA GLY D 545 85.39 7.53 13.05
C GLY D 545 85.64 7.40 14.54
N ARG D 546 86.13 6.24 14.99
CA ARG D 546 86.40 6.01 16.44
C ARG D 546 87.84 6.43 16.75
N GLN D 547 88.07 7.01 17.94
CA GLN D 547 89.44 7.50 18.28
C GLN D 547 89.99 6.73 19.49
N LEU D 548 90.82 5.71 19.23
CA LEU D 548 91.44 4.91 20.32
C LEU D 548 92.14 5.85 21.31
N THR D 549 91.70 5.84 22.58
CA THR D 549 92.28 6.77 23.59
C THR D 549 93.39 6.06 24.39
N LEU D 550 94.40 6.80 24.83
CA LEU D 550 95.50 6.22 25.63
C LEU D 550 95.19 6.43 27.12
N GLN D 551 95.07 5.34 27.88
CA GLN D 551 94.79 5.44 29.33
C GLN D 551 95.58 4.36 30.07
N HIS D 552 96.17 4.70 31.22
CA HIS D 552 96.87 3.70 32.03
C HIS D 552 96.06 3.30 33.26
N HIS D 553 95.07 4.11 33.63
CA HIS D 553 94.33 3.84 34.86
C HIS D 553 93.21 2.83 34.65
N MET D 554 93.51 1.71 33.98
CA MET D 554 92.54 0.63 33.81
C MET D 554 93.19 -0.59 33.19
N GLY D 555 92.77 -1.78 33.62
CA GLY D 555 93.19 -3.03 33.02
C GLY D 555 94.17 -3.76 33.90
N SER D 556 94.79 -4.80 33.32
CA SER D 556 95.77 -5.61 34.02
C SER D 556 96.72 -6.21 33.00
N ALA D 557 97.57 -7.12 33.47
CA ALA D 557 98.54 -7.81 32.62
C ALA D 557 99.10 -8.99 33.40
N ASP D 558 99.81 -9.86 32.67
CA ASP D 558 100.46 -11.03 33.26
C ASP D 558 101.93 -10.99 32.89
N LEU D 559 102.78 -10.65 33.87
CA LEU D 559 104.20 -10.51 33.65
C LEU D 559 104.88 -11.86 33.89
N ASN D 560 105.39 -12.46 32.82
CA ASN D 560 106.06 -13.76 32.89
C ASN D 560 107.48 -13.54 33.40
N ALA D 561 107.69 -13.86 34.67
CA ALA D 561 109.01 -13.73 35.27
C ALA D 561 109.73 -15.07 35.29
N THR D 562 111.01 -15.03 35.63
CA THR D 562 111.83 -16.24 35.70
C THR D 562 112.89 -16.12 36.79
N THR D 587 114.16 -22.84 41.15
CA THR D 587 114.13 -21.94 40.01
C THR D 587 113.04 -22.35 39.02
N ARG D 588 112.03 -21.49 38.87
CA ARG D 588 110.92 -21.75 37.98
C ARG D 588 110.50 -20.44 37.32
N LYS D 589 109.52 -20.53 36.42
CA LYS D 589 109.00 -19.38 35.69
C LYS D 589 107.63 -19.02 36.28
N HIS D 590 107.64 -18.15 37.28
CA HIS D 590 106.41 -17.70 37.91
C HIS D 590 105.91 -16.43 37.23
N ILE D 591 104.67 -16.45 36.77
CA ILE D 591 104.10 -15.31 36.06
C ILE D 591 103.47 -14.35 37.07
N LEU D 592 103.89 -13.09 37.03
CA LEU D 592 103.37 -12.08 37.92
C LEU D 592 102.12 -11.43 37.32
N GLN D 593 101.66 -10.36 37.96
CA GLN D 593 100.48 -9.63 37.51
C GLN D 593 100.67 -8.15 37.81
N VAL D 594 100.40 -7.31 36.81
CA VAL D 594 100.52 -5.86 36.94
C VAL D 594 99.26 -5.23 36.37
N SER D 595 98.66 -4.32 37.13
CA SER D 595 97.38 -3.70 36.76
C SER D 595 97.62 -2.37 36.04
N THR D 596 98.36 -2.44 34.94
CA THR D 596 98.64 -1.31 34.06
C THR D 596 99.31 -0.14 34.78
N PHE D 597 99.85 -0.36 35.97
CA PHE D 597 100.53 0.67 36.73
C PHE D 597 102.01 0.41 36.90
N GLN D 598 102.40 -0.84 37.12
CA GLN D 598 103.80 -1.20 37.33
C GLN D 598 104.48 -1.68 36.05
N MET D 599 103.78 -1.63 34.91
CA MET D 599 104.37 -2.10 33.66
C MET D 599 105.52 -1.19 33.23
N THR D 600 105.32 0.13 33.31
CA THR D 600 106.35 1.06 32.85
C THR D 600 107.59 1.01 33.74
N ILE D 601 107.39 0.96 35.06
CA ILE D 601 108.53 0.94 35.98
C ILE D 601 109.30 -0.36 35.82
N LEU D 602 108.59 -1.49 35.71
CA LEU D 602 109.26 -2.77 35.53
C LEU D 602 109.95 -2.85 34.18
N MET D 603 109.38 -2.21 33.14
CA MET D 603 110.05 -2.19 31.85
C MET D 603 111.32 -1.35 31.90
N LEU D 604 111.28 -0.21 32.59
CA LEU D 604 112.48 0.58 32.77
C LEU D 604 113.53 -0.17 33.57
N PHE D 605 113.10 -0.99 34.54
CA PHE D 605 114.03 -1.84 35.26
C PHE D 605 114.64 -2.91 34.35
N ASN D 606 113.83 -3.48 33.46
CA ASN D 606 114.34 -4.46 32.51
C ASN D 606 115.37 -3.82 31.58
N ASN D 607 115.11 -2.59 31.14
CA ASN D 607 116.07 -1.90 30.29
C ASN D 607 117.36 -1.60 31.05
N ARG D 608 117.24 -1.17 32.32
CA ARG D 608 118.41 -0.90 33.14
C ARG D 608 117.96 -0.90 34.60
N GLU D 609 118.58 -1.75 35.41
CA GLU D 609 118.25 -1.86 36.83
C GLU D 609 118.95 -0.73 37.59
N LYS D 610 118.82 -0.72 38.92
CA LYS D 610 119.44 0.27 39.79
C LYS D 610 118.94 1.68 39.46
N TYR D 611 117.64 1.85 39.55
CA TYR D 611 116.98 3.14 39.36
C TYR D 611 116.46 3.66 40.69
N THR D 612 115.92 4.88 40.65
CA THR D 612 115.39 5.53 41.85
C THR D 612 114.17 6.35 41.44
N PHE D 613 113.71 7.21 42.35
CA PHE D 613 112.55 8.05 42.07
C PHE D 613 112.86 9.06 40.98
N GLU D 614 114.08 9.60 40.96
CA GLU D 614 114.44 10.58 39.95
C GLU D 614 114.43 9.98 38.56
N GLU D 615 114.90 8.74 38.43
CA GLU D 615 114.95 8.09 37.11
C GLU D 615 113.54 7.82 36.59
N ILE D 616 112.62 7.44 37.47
CA ILE D 616 111.27 7.13 37.03
C ILE D 616 110.42 8.38 36.95
N GLN D 617 110.91 9.51 37.45
CA GLN D 617 110.17 10.76 37.32
C GLN D 617 110.72 11.68 36.24
N GLN D 618 111.91 11.39 35.72
CA GLN D 618 112.55 12.23 34.72
C GLN D 618 112.36 11.73 33.29
N GLU D 619 112.65 10.45 33.04
CA GLU D 619 112.59 9.87 31.71
C GLU D 619 111.35 9.01 31.52
N THR D 620 110.24 9.42 32.12
CA THR D 620 108.99 8.65 32.02
C THR D 620 107.76 9.50 31.71
N ASP D 621 107.77 10.80 31.97
CA ASP D 621 106.59 11.65 31.85
C ASP D 621 105.44 11.08 32.69
N ILE D 622 105.73 10.94 33.99
CA ILE D 622 104.85 10.23 34.92
C ILE D 622 103.97 11.24 35.65
N PRO D 623 102.71 10.92 35.92
CA PRO D 623 101.83 11.86 36.63
C PRO D 623 102.16 12.01 38.12
N GLU D 624 101.23 12.50 38.94
CA GLU D 624 101.64 12.60 40.37
C GLU D 624 100.97 11.54 41.27
N ARG D 625 99.67 11.72 41.55
CA ARG D 625 98.94 10.82 42.49
C ARG D 625 99.17 9.34 42.15
N GLU D 626 98.81 8.91 40.94
CA GLU D 626 98.91 7.46 40.63
C GLU D 626 100.37 6.99 40.68
N LEU D 627 101.32 7.82 40.22
CA LEU D 627 102.75 7.45 40.36
C LEU D 627 103.02 7.08 41.82
N VAL D 628 102.79 8.04 42.74
CA VAL D 628 103.15 7.73 44.16
C VAL D 628 102.37 6.49 44.61
N ARG D 629 101.10 6.36 44.22
CA ARG D 629 100.25 5.22 44.64
C ARG D 629 100.94 3.91 44.25
N ALA D 630 101.29 3.73 42.98
CA ALA D 630 101.92 2.48 42.49
C ALA D 630 103.28 2.27 43.17
N LEU D 631 104.07 3.33 43.31
CA LEU D 631 105.36 3.17 44.04
C LEU D 631 105.10 2.52 45.39
N GLN D 632 104.15 3.08 46.16
CA GLN D 632 103.84 2.53 47.51
C GLN D 632 103.36 1.08 47.37
N SER D 633 102.39 0.83 46.48
CA SER D 633 101.82 -0.54 46.29
C SER D 633 102.95 -1.55 46.06
N LEU D 634 104.03 -1.14 45.39
CA LEU D 634 105.10 -2.11 45.05
C LEU D 634 106.19 -2.21 46.12
N ALA D 635 106.53 -1.14 46.85
CA ALA D 635 107.66 -1.30 47.82
C ALA D 635 107.24 -1.08 49.28
N CYS D 636 106.08 -0.44 49.50
CA CYS D 636 105.57 -0.08 50.81
C CYS D 636 104.36 -0.92 51.18
N GLY D 637 104.29 -1.29 52.45
CA GLY D 637 103.16 -2.08 52.94
C GLY D 637 103.04 -3.43 52.27
N LYS D 638 104.16 -4.13 52.10
CA LYS D 638 104.15 -5.40 51.37
C LYS D 638 104.35 -6.56 52.32
N PRO D 639 103.61 -7.65 52.16
CA PRO D 639 103.88 -8.87 52.93
C PRO D 639 105.12 -9.58 52.39
N THR D 640 105.42 -10.77 52.91
CA THR D 640 106.63 -11.50 52.52
C THR D 640 106.44 -12.16 51.14
N GLN D 641 106.01 -11.34 50.18
CA GLN D 641 105.94 -11.67 48.77
C GLN D 641 106.47 -10.50 47.94
N ARG D 642 107.51 -9.84 48.45
CA ARG D 642 107.99 -8.61 47.84
C ARG D 642 108.64 -8.89 46.49
N VAL D 643 108.14 -8.24 45.45
CA VAL D 643 108.69 -8.33 44.10
C VAL D 643 109.55 -7.13 43.75
N LEU D 644 109.61 -6.11 44.62
CA LEU D 644 110.40 -4.92 44.37
C LEU D 644 110.88 -4.38 45.72
N THR D 645 112.10 -4.70 46.08
CA THR D 645 112.68 -4.31 47.36
C THR D 645 113.61 -3.11 47.19
N LYS D 646 113.95 -2.48 48.32
CA LYS D 646 114.85 -1.34 48.34
C LYS D 646 115.78 -1.46 49.54
N GLU D 647 116.90 -0.76 49.46
CA GLU D 647 117.86 -0.73 50.56
C GLU D 647 117.42 0.21 51.67
N PRO D 648 117.00 1.47 51.38
CA PRO D 648 116.53 2.34 52.47
C PRO D 648 115.16 1.94 52.98
N LYS D 649 115.10 0.93 53.85
CA LYS D 649 113.83 0.47 54.39
C LYS D 649 113.21 1.56 55.26
N SER D 650 112.08 2.10 54.81
CA SER D 650 111.39 3.16 55.54
C SER D 650 109.96 3.25 55.03
N LYS D 651 109.09 3.81 55.87
CA LYS D 651 107.68 3.94 55.50
C LYS D 651 107.49 5.04 54.45
N GLU D 652 107.97 6.25 54.74
CA GLU D 652 107.82 7.35 53.81
C GLU D 652 108.72 7.15 52.59
N ILE D 653 108.35 7.82 51.50
CA ILE D 653 109.04 7.67 50.22
C ILE D 653 110.09 8.76 50.09
N GLU D 654 111.32 8.36 49.82
CA GLU D 654 112.43 9.27 49.61
C GLU D 654 112.65 9.48 48.11
N ASN D 655 113.75 10.13 47.75
CA ASN D 655 114.11 10.36 46.36
C ASN D 655 115.21 9.40 45.90
N GLY D 656 116.36 9.44 46.55
CA GLY D 656 117.49 8.60 46.18
C GLY D 656 117.48 7.24 46.84
N HIS D 657 116.56 6.37 46.42
CA HIS D 657 116.44 5.02 46.97
C HIS D 657 116.51 4.02 45.82
N ILE D 658 117.47 3.10 45.89
CA ILE D 658 117.66 2.11 44.84
C ILE D 658 116.65 0.99 45.00
N PHE D 659 116.16 0.49 43.87
CA PHE D 659 115.19 -0.59 43.84
C PHE D 659 115.84 -1.89 43.40
N THR D 660 115.46 -2.98 44.07
CA THR D 660 115.96 -4.31 43.73
C THR D 660 114.81 -5.30 43.62
N VAL D 661 115.13 -6.57 43.41
CA VAL D 661 114.12 -7.61 43.25
C VAL D 661 114.50 -8.81 44.12
N ASN D 662 113.50 -9.47 44.68
CA ASN D 662 113.70 -10.64 45.53
C ASN D 662 112.96 -11.84 44.93
N ASP D 663 113.43 -13.04 45.29
CA ASP D 663 112.84 -14.26 44.74
C ASP D 663 111.45 -14.50 45.33
N GLN D 664 111.37 -14.69 46.64
CA GLN D 664 110.11 -14.92 47.35
C GLN D 664 109.40 -16.17 46.81
N PHE D 665 110.02 -17.31 47.09
CA PHE D 665 109.51 -18.61 46.66
C PHE D 665 108.23 -19.03 47.38
N THR D 666 107.66 -18.19 48.22
CA THR D 666 106.43 -18.54 48.93
C THR D 666 105.25 -18.74 47.99
N SER D 667 105.34 -18.25 46.76
CA SER D 667 104.29 -18.47 45.77
C SER D 667 104.28 -19.94 45.38
N LYS D 668 103.23 -20.66 45.81
CA LYS D 668 103.11 -22.09 45.55
C LYS D 668 102.55 -22.41 44.17
N LEU D 669 102.54 -21.44 43.25
CA LEU D 669 101.99 -21.65 41.92
C LEU D 669 102.76 -20.79 40.93
N HIS D 670 102.33 -20.82 39.67
CA HIS D 670 102.96 -20.06 38.60
C HIS D 670 102.25 -18.77 38.28
N ARG D 671 101.06 -18.53 38.84
CA ARG D 671 100.29 -17.32 38.61
C ARG D 671 100.08 -16.63 39.95
N VAL D 672 101.06 -15.82 40.35
CA VAL D 672 100.99 -15.05 41.59
C VAL D 672 100.70 -13.60 41.24
N LYS D 673 99.69 -13.02 41.89
CA LYS D 673 99.25 -11.66 41.61
C LYS D 673 99.46 -10.78 42.84
N ILE D 674 99.72 -9.50 42.59
CA ILE D 674 99.87 -8.53 43.67
C ILE D 674 98.63 -7.64 43.70
N GLN D 675 97.65 -8.02 44.52
CA GLN D 675 96.38 -7.31 44.58
C GLN D 675 96.39 -6.32 45.74
N THR D 676 97.27 -5.32 45.59
CA THR D 676 97.32 -4.23 46.57
C THR D 676 96.19 -3.23 46.35
N VAL D 677 95.69 -3.11 45.13
CA VAL D 677 94.55 -2.24 44.83
C VAL D 677 93.30 -2.87 45.39
N ALA D 678 92.22 -2.08 45.47
CA ALA D 678 90.94 -2.52 46.03
C ALA D 678 91.12 -3.06 47.45
N ALA D 679 91.77 -2.26 48.29
CA ALA D 679 92.01 -2.62 49.68
C ALA D 679 90.77 -2.32 50.53
N LYS D 680 90.95 -2.28 51.84
CA LYS D 680 89.86 -1.93 52.74
C LYS D 680 89.24 -0.60 52.34
N GLN D 681 87.91 -0.51 52.37
CA GLN D 681 87.20 0.67 51.92
C GLN D 681 87.51 1.84 52.84
N GLY D 682 88.29 2.79 52.35
CA GLY D 682 88.63 3.98 53.12
C GLY D 682 87.73 5.15 52.80
N GLU D 683 87.52 5.42 51.50
CA GLU D 683 86.73 6.54 51.01
C GLU D 683 87.27 7.87 51.54
N SER D 684 88.46 8.21 51.02
CA SER D 684 89.18 9.38 51.47
C SER D 684 88.40 10.67 51.15
N ASP D 685 88.87 11.76 51.73
CA ASP D 685 88.21 13.05 51.53
C ASP D 685 88.26 13.54 50.09
N PRO D 686 89.38 13.47 49.36
CA PRO D 686 89.36 13.99 47.98
C PRO D 686 88.39 13.26 47.07
N GLU D 687 88.38 11.93 47.09
CA GLU D 687 87.48 11.19 46.21
C GLU D 687 86.02 11.40 46.61
N ARG D 688 85.75 11.48 47.91
CA ARG D 688 84.39 11.73 48.36
C ARG D 688 83.92 13.11 47.92
N LYS D 689 84.80 14.12 48.06
CA LYS D 689 84.43 15.46 47.63
C LYS D 689 84.20 15.54 46.13
N GLU D 690 85.04 14.86 45.35
CA GLU D 690 84.89 14.94 43.90
C GLU D 690 83.63 14.21 43.43
N THR D 691 83.32 13.05 44.04
CA THR D 691 82.09 12.36 43.65
C THR D 691 80.86 13.10 44.15
N ARG D 692 80.97 13.81 45.28
CA ARG D 692 79.86 14.64 45.73
C ARG D 692 79.62 15.80 44.77
N GLN D 693 80.69 16.44 44.31
CA GLN D 693 80.54 17.49 43.31
C GLN D 693 79.94 16.95 42.01
N LYS D 694 80.37 15.74 41.62
CA LYS D 694 79.86 15.13 40.40
C LYS D 694 78.36 14.86 40.52
N VAL D 695 77.93 14.29 41.65
CA VAL D 695 76.51 13.99 41.81
C VAL D 695 75.70 15.27 41.99
N ASP D 696 76.31 16.32 42.53
CA ASP D 696 75.61 17.61 42.63
C ASP D 696 75.38 18.20 41.25
N ASP D 697 76.41 18.16 40.39
CA ASP D 697 76.22 18.61 39.01
C ASP D 697 75.22 17.75 38.27
N ASP D 698 75.22 16.43 38.55
CA ASP D 698 74.23 15.55 37.94
C ASP D 698 72.82 15.93 38.34
N ARG D 699 72.61 16.22 39.63
CA ARG D 699 71.30 16.67 40.08
C ARG D 699 70.92 18.00 39.44
N LYS D 700 71.88 18.92 39.35
CA LYS D 700 71.61 20.24 38.78
C LYS D 700 71.25 20.16 37.31
N HIS D 701 71.79 19.17 36.60
CA HIS D 701 71.40 18.98 35.20
C HIS D 701 70.11 18.20 35.05
N GLU D 702 69.85 17.23 35.96
CA GLU D 702 68.63 16.46 35.88
C GLU D 702 67.40 17.29 36.21
N ILE D 703 67.52 18.22 37.16
CA ILE D 703 66.37 19.07 37.47
C ILE D 703 66.02 19.96 36.28
N GLU D 704 67.04 20.47 35.58
CA GLU D 704 66.78 21.29 34.40
C GLU D 704 66.19 20.44 33.27
N ALA D 705 66.70 19.23 33.07
CA ALA D 705 66.13 18.34 32.06
C ALA D 705 64.66 18.06 32.37
N ALA D 706 64.35 17.78 33.64
CA ALA D 706 62.97 17.49 34.03
C ALA D 706 62.08 18.70 33.83
N ILE D 707 62.55 19.89 34.21
CA ILE D 707 61.70 21.08 34.10
C ILE D 707 61.44 21.41 32.63
N VAL D 708 62.45 21.28 31.77
CA VAL D 708 62.24 21.59 30.36
C VAL D 708 61.49 20.48 29.65
N ARG D 709 61.45 19.27 30.21
CA ARG D 709 60.64 18.21 29.62
C ARG D 709 59.18 18.31 30.06
N ILE D 710 58.93 18.80 31.27
CA ILE D 710 57.58 18.82 31.83
C ILE D 710 56.85 20.12 31.51
N MET D 711 57.44 21.27 31.86
CA MET D 711 56.70 22.54 31.81
C MET D 711 56.40 23.00 30.39
N LYS D 712 56.82 22.25 29.37
CA LYS D 712 56.44 22.59 27.99
C LYS D 712 55.02 22.14 27.66
N SER D 713 54.44 21.24 28.46
CA SER D 713 53.07 20.77 28.23
C SER D 713 52.19 21.02 29.44
N ARG D 714 52.57 21.95 30.32
CA ARG D 714 51.79 22.25 31.52
C ARG D 714 51.48 23.74 31.59
N LYS D 715 50.90 24.18 32.71
CA LYS D 715 50.53 25.57 32.88
C LYS D 715 51.73 26.36 33.41
N LYS D 716 51.48 27.63 33.74
CA LYS D 716 52.52 28.51 34.25
C LYS D 716 52.32 28.76 35.74
N MET D 717 53.39 29.15 36.41
CA MET D 717 53.36 29.48 37.83
C MET D 717 53.43 30.98 38.03
N GLN D 718 52.95 31.43 39.19
CA GLN D 718 53.04 32.83 39.57
C GLN D 718 54.20 33.10 40.51
N HIS D 719 54.22 32.44 41.66
CA HIS D 719 55.36 32.50 42.57
C HIS D 719 55.95 31.13 42.85
N ASN D 720 55.17 30.20 43.42
CA ASN D 720 55.69 28.90 43.84
C ASN D 720 54.70 27.79 43.49
N VAL D 721 54.17 27.82 42.27
CA VAL D 721 53.16 26.83 41.87
C VAL D 721 53.79 25.60 41.23
N LEU D 722 54.62 25.80 40.20
CA LEU D 722 55.22 24.67 39.50
C LEU D 722 56.37 24.04 40.26
N VAL D 723 56.94 24.74 41.25
CA VAL D 723 58.03 24.15 42.03
C VAL D 723 57.52 22.98 42.86
N ALA D 724 56.28 23.05 43.35
CA ALA D 724 55.69 21.92 44.06
C ALA D 724 55.61 20.70 43.15
N GLU D 725 55.22 20.90 41.89
CA GLU D 725 55.14 19.78 40.96
C GLU D 725 56.53 19.23 40.64
N VAL D 726 57.51 20.11 40.42
CA VAL D 726 58.85 19.63 40.07
C VAL D 726 59.52 18.95 41.26
N THR D 727 59.08 19.27 42.48
CA THR D 727 59.59 18.55 43.65
C THR D 727 58.85 17.24 43.86
N GLN D 728 57.56 17.19 43.57
CA GLN D 728 56.82 15.94 43.68
C GLN D 728 57.29 14.93 42.64
N GLN D 729 57.67 15.39 41.45
CA GLN D 729 58.22 14.48 40.44
C GLN D 729 59.57 13.93 40.87
N LEU D 730 60.30 14.66 41.71
CA LEU D 730 61.60 14.24 42.19
C LEU D 730 61.58 13.82 43.66
N LYS D 731 60.38 13.55 44.21
CA LYS D 731 60.30 13.13 45.61
C LYS D 731 60.97 11.78 45.82
N ALA D 732 60.79 10.84 44.90
CA ALA D 732 61.39 9.53 45.01
C ALA D 732 62.83 9.48 44.54
N ARG D 733 63.41 10.63 44.15
CA ARG D 733 64.79 10.68 43.68
C ARG D 733 65.75 11.15 44.76
N PHE D 734 65.50 12.33 45.31
CA PHE D 734 66.37 12.91 46.33
C PHE D 734 65.61 14.06 47.01
N LEU D 735 66.33 14.80 47.85
CA LEU D 735 65.73 15.92 48.54
C LEU D 735 65.36 17.03 47.55
N PRO D 736 64.34 17.83 47.87
CA PRO D 736 63.93 18.89 46.93
C PRO D 736 64.97 19.99 46.76
N SER D 737 65.74 20.30 47.81
CA SER D 737 66.73 21.37 47.80
C SER D 737 66.10 22.68 47.33
N PRO D 738 65.27 23.31 48.16
CA PRO D 738 64.55 24.51 47.69
C PRO D 738 65.48 25.65 47.25
N VAL D 739 66.53 25.93 48.02
CA VAL D 739 67.42 27.04 47.67
C VAL D 739 68.11 26.78 46.33
N VAL D 740 68.54 25.55 46.11
CA VAL D 740 69.28 25.22 44.89
C VAL D 740 68.37 25.37 43.67
N ILE D 741 67.16 24.80 43.74
CA ILE D 741 66.27 24.87 42.60
C ILE D 741 65.79 26.30 42.36
N LYS D 742 65.60 27.08 43.44
CA LYS D 742 65.20 28.47 43.27
C LYS D 742 66.32 29.30 42.64
N LYS D 743 67.58 28.99 42.97
CA LYS D 743 68.68 29.70 42.35
C LYS D 743 68.91 29.26 40.92
N ARG D 744 68.55 28.03 40.59
CA ARG D 744 68.80 27.52 39.24
C ARG D 744 67.67 27.83 38.26
N ILE D 745 66.44 28.02 38.74
CA ILE D 745 65.35 28.42 37.81
C ILE D 745 65.65 29.84 37.30
N GLU D 746 66.76 30.43 37.76
CA GLU D 746 67.15 31.80 37.29
C GLU D 746 68.01 31.66 36.03
N GLY D 747 68.30 30.43 35.60
CA GLY D 747 69.08 30.21 34.37
C GLY D 747 68.19 30.18 33.15
N LEU D 748 66.87 30.12 33.35
CA LEU D 748 65.89 30.10 32.22
C LEU D 748 65.59 31.54 31.80
N ILE D 749 65.99 32.51 32.63
CA ILE D 749 65.74 33.96 32.32
C ILE D 749 66.83 34.48 31.38
N GLU D 750 67.83 33.65 31.10
CA GLU D 750 68.94 34.05 30.20
C GLU D 750 68.37 34.52 28.86
N ARG D 751 67.45 33.74 28.28
CA ARG D 751 66.84 34.12 26.97
C ARG D 751 65.32 34.16 27.11
N GLU D 752 64.61 34.39 26.00
CA GLU D 752 63.12 34.47 26.02
C GLU D 752 62.52 33.07 26.20
N TYR D 753 63.25 32.04 25.77
CA TYR D 753 62.78 30.64 25.93
C TYR D 753 62.44 30.40 27.41
N LEU D 754 61.18 30.10 27.72
CA LEU D 754 60.75 29.90 29.12
C LEU D 754 61.39 30.98 30.00
N ALA D 755 61.31 32.25 29.59
CA ALA D 755 61.90 33.36 30.37
C ALA D 755 61.63 33.16 31.87
N ARG D 756 60.38 32.94 32.26
CA ARG D 756 60.02 32.81 33.70
C ARG D 756 60.57 34.03 34.43
N THR D 757 60.31 35.23 33.91
CA THR D 757 60.84 36.47 34.52
C THR D 757 60.18 36.69 35.90
N PRO D 758 60.92 37.12 36.94
CA PRO D 758 60.31 37.43 38.24
C PRO D 758 59.45 38.69 38.12
N GLU D 759 59.63 39.47 37.05
CA GLU D 759 58.79 40.67 36.84
C GLU D 759 57.54 40.26 36.04
N ASP D 760 57.73 39.61 34.89
CA ASP D 760 56.58 39.13 34.09
C ASP D 760 56.31 37.66 34.44
N ARG D 761 55.67 37.41 35.60
CA ARG D 761 55.32 36.02 36.00
C ARG D 761 53.85 35.79 35.66
N LYS D 762 53.25 36.70 34.87
CA LYS D 762 51.82 36.56 34.48
C LYS D 762 51.73 35.62 33.26
N VAL D 763 52.70 35.70 32.35
CA VAL D 763 52.69 34.83 31.14
C VAL D 763 54.09 34.27 30.91
N TYR D 764 54.20 32.96 30.68
CA TYR D 764 55.52 32.31 30.45
C TYR D 764 55.67 31.98 28.96
N THR D 765 56.71 32.50 28.32
CA THR D 765 56.92 32.26 26.87
C THR D 765 57.18 30.78 26.60
N TYR D 766 56.31 30.13 25.83
CA TYR D 766 56.50 28.69 25.50
C TYR D 766 57.09 28.58 24.09
N VAL D 767 58.38 28.91 23.93
CA VAL D 767 59.03 28.88 22.59
C VAL D 767 60.02 27.71 22.55
N ALA D 768 61.12 27.87 21.80
CA ALA D 768 62.14 26.80 21.70
C ALA D 768 63.53 27.39 21.97
N LYS E 20 -114.34 6.83 -31.01
CA LYS E 20 -114.08 8.26 -31.05
C LYS E 20 -113.59 8.68 -32.44
N ARG E 21 -113.50 10.00 -32.65
CA ARG E 21 -113.06 10.52 -33.94
C ARG E 21 -111.57 10.80 -33.99
N PHE E 22 -110.96 11.18 -32.87
CA PHE E 22 -109.52 11.44 -32.81
C PHE E 22 -108.96 10.72 -31.59
N GLU E 23 -107.97 9.86 -31.82
CA GLU E 23 -107.36 9.06 -30.76
C GLU E 23 -105.85 9.26 -30.81
N VAL E 24 -105.25 9.55 -29.66
CA VAL E 24 -103.81 9.78 -29.58
C VAL E 24 -103.10 8.43 -29.55
N LYS E 25 -102.12 8.27 -30.45
CA LYS E 25 -101.31 7.02 -30.45
C LYS E 25 -99.94 7.29 -29.84
N LYS E 26 -99.22 8.29 -30.36
CA LYS E 26 -97.83 8.55 -29.88
C LYS E 26 -97.77 9.88 -29.12
N TRP E 27 -96.89 9.98 -28.13
CA TRP E 27 -96.71 11.21 -27.37
C TRP E 27 -95.22 11.45 -27.19
N ASN E 28 -94.74 12.65 -27.08
CA ASN E 28 -93.30 12.75 -26.83
C ASN E 28 -92.90 13.83 -25.88
N ALA E 29 -93.60 13.88 -24.75
CA ALA E 29 -93.31 14.92 -23.79
C ALA E 29 -91.86 14.94 -23.34
N VAL E 30 -91.38 16.07 -22.88
CA VAL E 30 -90.07 16.07 -22.37
C VAL E 30 -90.26 16.50 -20.98
N ALA E 31 -89.71 15.71 -20.09
CA ALA E 31 -89.93 15.94 -18.65
C ALA E 31 -88.66 16.50 -18.02
N LEU E 32 -88.79 17.74 -17.56
CA LEU E 32 -87.70 18.39 -16.82
C LEU E 32 -87.70 17.92 -15.37
N TRP E 33 -86.56 18.03 -14.71
CA TRP E 33 -86.43 17.57 -13.33
C TRP E 33 -85.58 18.54 -12.52
N ALA E 34 -85.95 18.61 -11.23
CA ALA E 34 -85.28 19.52 -10.27
C ALA E 34 -84.80 18.69 -9.07
N TRP E 35 -83.54 18.87 -8.64
CA TRP E 35 -82.97 18.12 -7.49
C TRP E 35 -83.49 18.69 -6.17
N ASP E 36 -82.60 18.89 -5.20
CA ASP E 36 -83.02 19.54 -3.93
C ASP E 36 -82.77 21.03 -4.09
N ILE E 37 -83.27 21.62 -5.18
CA ILE E 37 -83.16 23.10 -5.35
C ILE E 37 -83.96 23.73 -4.21
N VAL E 38 -84.91 22.99 -3.63
CA VAL E 38 -85.82 23.53 -2.57
C VAL E 38 -86.36 24.90 -2.99
N VAL E 39 -87.36 24.92 -3.89
CA VAL E 39 -88.00 26.17 -4.38
C VAL E 39 -88.79 26.83 -3.25
N ASP E 40 -88.23 26.87 -2.03
CA ASP E 40 -88.92 27.47 -0.86
C ASP E 40 -87.92 27.70 0.28
N ASN E 41 -86.65 27.33 0.08
CA ASN E 41 -85.65 27.46 1.17
C ASN E 41 -84.23 27.22 0.66
N CYS E 42 -83.44 28.28 0.45
CA CYS E 42 -82.05 28.11 0.05
C CYS E 42 -81.34 27.26 1.08
N ALA E 43 -80.55 26.30 0.64
CA ALA E 43 -79.93 25.36 1.59
C ALA E 43 -78.66 25.92 2.27
N ILE E 44 -78.17 27.06 1.79
CA ILE E 44 -76.96 27.67 2.36
C ILE E 44 -77.29 28.65 3.49
N CYS E 45 -78.26 29.54 3.28
CA CYS E 45 -78.61 30.54 4.28
C CYS E 45 -79.97 30.33 4.95
N ARG E 46 -80.85 29.55 4.31
CA ARG E 46 -82.21 29.23 4.86
C ARG E 46 -83.12 30.46 4.97
N ASN E 47 -83.55 31.04 3.84
CA ASN E 47 -84.51 32.15 3.84
C ASN E 47 -85.69 31.89 2.90
N HIS E 48 -85.37 31.52 1.66
CA HIS E 48 -86.34 31.18 0.60
C HIS E 48 -85.54 31.12 -0.70
N ILE E 49 -86.06 30.44 -1.72
CA ILE E 49 -85.33 30.39 -3.04
C ILE E 49 -85.14 31.83 -3.54
N MET E 50 -86.12 32.70 -3.34
CA MET E 50 -86.01 34.11 -3.65
C MET E 50 -86.07 34.88 -2.34
N ASP E 51 -86.59 36.11 -2.38
CA ASP E 51 -86.78 36.96 -1.19
C ASP E 51 -85.48 37.30 -0.45
N LEU E 52 -84.49 37.79 -1.20
CA LEU E 52 -83.19 38.23 -0.65
C LEU E 52 -82.46 37.08 0.07
N CYS E 53 -81.35 37.39 0.74
CA CYS E 53 -80.60 36.39 1.50
C CYS E 53 -80.27 36.89 2.92
N ILE E 54 -79.32 36.23 3.59
CA ILE E 54 -78.91 36.67 4.97
C ILE E 54 -77.98 37.88 4.85
N GLU E 55 -77.25 37.99 3.73
CA GLU E 55 -76.27 39.11 3.56
C GLU E 55 -76.96 40.27 2.83
N CYS E 56 -78.29 40.23 2.73
CA CYS E 56 -79.04 41.32 2.05
C CYS E 56 -80.22 41.75 2.94
N GLN E 57 -81.25 40.90 3.07
CA GLN E 57 -82.45 41.20 3.91
C GLN E 57 -83.21 42.39 3.34
N ALA E 58 -82.69 43.61 3.52
CA ALA E 58 -83.34 44.82 2.95
C ALA E 58 -83.34 44.72 1.42
N ASN E 59 -84.50 44.96 0.79
CA ASN E 59 -84.62 44.89 -0.69
C ASN E 59 -83.98 46.13 -1.30
N GLN E 60 -83.84 47.20 -0.51
CA GLN E 60 -83.23 48.47 -1.01
C GLN E 60 -81.87 48.67 -0.32
N ALA E 61 -81.62 49.87 0.20
CA ALA E 61 -80.33 50.18 0.87
C ALA E 61 -79.16 49.94 -0.11
N SER E 62 -78.95 50.85 -1.07
CA SER E 62 -77.87 50.73 -2.06
C SER E 62 -77.83 49.31 -2.66
N ALA E 63 -78.95 48.86 -3.24
CA ALA E 63 -79.01 47.52 -3.86
C ALA E 63 -79.15 47.67 -5.37
N THR E 64 -79.96 48.63 -5.85
CA THR E 64 -80.19 48.90 -7.26
C THR E 64 -80.72 47.66 -7.97
N SER E 65 -82.02 47.62 -8.22
CA SER E 65 -82.62 46.45 -8.85
C SER E 65 -82.15 45.20 -8.12
N GLU E 66 -82.05 45.31 -6.80
CA GLU E 66 -81.54 44.19 -5.95
C GLU E 66 -80.54 43.29 -6.68
N GLU E 67 -79.27 43.71 -6.70
CA GLU E 67 -78.22 42.89 -7.30
C GLU E 67 -78.03 41.66 -6.45
N CYS E 68 -78.97 40.73 -6.53
CA CYS E 68 -78.90 39.54 -5.67
C CYS E 68 -79.85 38.44 -6.16
N THR E 69 -79.44 37.69 -7.18
CA THR E 69 -80.31 36.70 -7.84
C THR E 69 -80.00 35.23 -7.52
N VAL E 70 -80.74 34.28 -8.12
CA VAL E 70 -80.57 32.87 -7.82
C VAL E 70 -79.52 32.26 -8.75
N ALA E 71 -78.68 31.36 -8.22
CA ALA E 71 -77.67 30.68 -9.03
C ALA E 71 -78.03 29.21 -9.27
N TRP E 72 -77.87 28.76 -10.51
CA TRP E 72 -78.22 27.40 -10.90
C TRP E 72 -76.99 26.58 -11.26
N GLY E 73 -76.80 25.44 -10.60
CA GLY E 73 -75.60 24.61 -10.84
C GLY E 73 -75.81 23.56 -11.91
N VAL E 74 -74.76 22.79 -12.23
CA VAL E 74 -74.85 21.72 -13.26
C VAL E 74 -75.57 20.51 -12.65
N CYS E 75 -75.51 20.37 -11.31
CA CYS E 75 -76.23 19.26 -10.62
C CYS E 75 -77.65 19.71 -10.32
N ASN E 76 -78.16 20.70 -11.07
CA ASN E 76 -79.55 21.20 -10.90
C ASN E 76 -79.82 21.58 -9.44
N HIS E 77 -78.91 22.34 -8.82
CA HIS E 77 -79.14 22.82 -7.43
C HIS E 77 -79.24 24.35 -7.48
N ALA E 78 -80.20 24.95 -6.78
CA ALA E 78 -80.39 26.42 -6.90
C ALA E 78 -80.31 27.10 -5.53
N PHE E 79 -79.46 28.14 -5.40
CA PHE E 79 -79.34 28.92 -4.14
C PHE E 79 -79.00 30.36 -4.51
N HIS E 80 -79.17 31.31 -3.57
CA HIS E 80 -78.92 32.72 -3.86
C HIS E 80 -77.50 32.84 -4.41
N PHE E 81 -77.34 33.60 -5.50
CA PHE E 81 -76.02 33.76 -6.09
C PHE E 81 -75.00 34.07 -4.99
N HIS E 82 -75.35 35.05 -4.15
CA HIS E 82 -74.50 35.51 -3.06
C HIS E 82 -74.07 34.42 -2.09
N CYS E 83 -75.01 33.55 -1.71
CA CYS E 83 -74.75 32.53 -0.69
C CYS E 83 -73.84 31.40 -1.15
N ILE E 84 -73.86 31.10 -2.44
CA ILE E 84 -72.97 30.08 -2.97
C ILE E 84 -71.62 30.72 -3.35
N SER E 85 -71.65 31.98 -3.79
CA SER E 85 -70.39 32.70 -4.12
C SER E 85 -69.55 32.92 -2.85
N ARG E 86 -70.21 33.28 -1.75
CA ARG E 86 -69.50 33.48 -0.46
C ARG E 86 -69.05 32.12 0.09
N TRP E 87 -69.89 31.09 -0.10
CA TRP E 87 -69.55 29.72 0.38
C TRP E 87 -68.35 29.18 -0.40
N LEU E 88 -68.24 29.52 -1.69
CA LEU E 88 -67.13 29.02 -2.54
C LEU E 88 -65.78 29.34 -1.90
N LYS E 89 -65.65 30.53 -1.31
CA LYS E 89 -64.39 30.94 -0.63
C LYS E 89 -64.00 29.88 0.41
N THR E 90 -64.98 29.40 1.18
CA THR E 90 -64.71 28.34 2.20
C THR E 90 -64.58 26.98 1.50
N ARG E 91 -65.71 26.34 1.18
CA ARG E 91 -65.69 25.03 0.47
C ARG E 91 -66.14 25.22 -0.98
N GLN E 92 -65.65 24.40 -1.90
CA GLN E 92 -65.95 24.58 -3.32
C GLN E 92 -66.58 23.37 -4.03
N VAL E 93 -67.38 22.57 -3.31
CA VAL E 93 -67.89 21.29 -3.90
C VAL E 93 -69.38 21.02 -3.66
N CYS E 94 -70.27 22.03 -3.64
CA CYS E 94 -71.74 21.90 -3.50
C CYS E 94 -72.22 21.04 -2.32
N PRO E 95 -72.85 21.68 -1.31
CA PRO E 95 -73.09 21.04 -0.02
C PRO E 95 -74.16 19.93 -0.03
N LEU E 96 -74.83 19.74 -1.15
CA LEU E 96 -75.99 18.83 -1.22
C LEU E 96 -75.73 17.52 -2.00
N ASP E 97 -74.48 17.29 -2.35
CA ASP E 97 -74.03 16.03 -2.96
C ASP E 97 -72.53 15.84 -2.72
N ASN E 98 -71.71 16.08 -3.77
CA ASN E 98 -70.23 15.98 -3.69
C ASN E 98 -69.63 16.63 -4.95
N ARG E 99 -70.46 16.74 -6.00
CA ARG E 99 -70.01 17.29 -7.31
C ARG E 99 -69.33 18.66 -7.16
N GLU E 100 -68.24 18.87 -7.90
CA GLU E 100 -67.48 20.11 -7.82
C GLU E 100 -68.32 21.36 -8.07
N TRP E 101 -69.46 21.21 -8.76
CA TRP E 101 -70.42 22.35 -8.96
C TRP E 101 -69.95 23.35 -10.03
N GLU E 102 -70.80 23.54 -11.04
CA GLU E 102 -70.48 24.56 -12.05
C GLU E 102 -71.48 25.71 -11.89
N PHE E 103 -71.71 26.46 -12.96
CA PHE E 103 -72.60 27.61 -12.93
C PHE E 103 -73.37 27.58 -14.25
N GLN E 104 -74.58 27.01 -14.24
CA GLN E 104 -75.31 26.88 -15.52
C GLN E 104 -76.22 28.10 -15.75
N LYS E 105 -77.45 28.07 -15.24
CA LYS E 105 -78.41 29.18 -15.49
C LYS E 105 -78.21 30.30 -14.46
N TYR E 106 -78.72 31.49 -14.74
CA TYR E 106 -78.62 32.63 -13.78
C TYR E 106 -80.02 33.23 -13.59
N GLY E 107 -80.47 33.40 -12.34
CA GLY E 107 -81.84 33.89 -12.09
C GLY E 107 -82.81 32.72 -12.11
N HIS E 108 -84.05 32.92 -11.62
CA HIS E 108 -84.99 31.80 -11.55
C HIS E 108 -85.46 31.39 -12.94
N LYS F 20 118.67 7.73 -4.70
CA LYS F 20 118.45 6.65 -5.66
C LYS F 20 118.24 7.21 -7.07
N ARG F 21 118.21 6.33 -8.06
CA ARG F 21 118.03 6.73 -9.44
C ARG F 21 116.58 6.71 -9.89
N PHE F 22 115.77 5.80 -9.36
CA PHE F 22 114.35 5.71 -9.70
C PHE F 22 113.56 5.60 -8.41
N GLU F 23 112.62 6.52 -8.21
CA GLU F 23 111.80 6.56 -7.01
C GLU F 23 110.33 6.60 -7.40
N VAL F 24 109.53 5.74 -6.78
CA VAL F 24 108.10 5.66 -7.08
C VAL F 24 107.38 6.78 -6.36
N LYS F 25 106.59 7.56 -7.11
CA LYS F 25 105.80 8.65 -6.54
C LYS F 25 104.34 8.26 -6.36
N LYS F 26 103.69 7.82 -7.44
CA LYS F 26 102.30 7.42 -7.41
C LYS F 26 102.17 5.91 -7.62
N TRP F 27 101.03 5.36 -7.20
CA TRP F 27 100.73 3.96 -7.40
C TRP F 27 99.24 3.81 -7.65
N ASN F 28 98.75 2.86 -8.38
CA ASN F 28 97.30 2.78 -8.48
C ASN F 28 96.75 1.40 -8.47
N ALA F 29 97.21 0.60 -7.53
CA ALA F 29 96.75 -0.77 -7.47
C ALA F 29 95.25 -0.90 -7.37
N VAL F 30 94.71 -2.03 -7.79
CA VAL F 30 93.32 -2.19 -7.60
C VAL F 30 93.25 -3.39 -6.76
N ALA F 31 92.54 -3.26 -5.67
CA ALA F 31 92.48 -4.33 -4.68
C ALA F 31 91.12 -5.03 -4.74
N LEU F 32 91.17 -6.30 -5.13
CA LEU F 32 89.97 -7.14 -5.14
C LEU F 32 89.69 -7.64 -3.73
N TRP F 33 88.43 -8.02 -3.47
CA TRP F 33 88.05 -8.48 -2.14
C TRP F 33 87.06 -9.64 -2.24
N ALA F 34 87.13 -10.49 -1.21
CA ALA F 34 86.26 -11.69 -1.13
C ALA F 34 85.56 -11.70 0.22
N TRP F 35 84.25 -11.96 0.27
CA TRP F 35 83.46 -11.96 1.54
C TRP F 35 83.79 -13.21 2.37
N ASP F 36 82.76 -13.93 2.81
CA ASP F 36 82.99 -15.20 3.56
C ASP F 36 82.90 -16.37 2.57
N ILE F 37 83.59 -16.27 1.43
CA ILE F 37 83.62 -17.39 0.45
C ILE F 37 84.37 -18.56 1.10
N VAL F 38 85.25 -18.27 2.08
CA VAL F 38 86.07 -19.31 2.75
C VAL F 38 86.70 -20.22 1.68
N VAL F 39 87.70 -19.72 0.97
CA VAL F 39 88.38 -20.51 -0.10
C VAL F 39 88.92 -21.80 0.52
N ASP F 40 88.17 -22.91 0.37
CA ASP F 40 88.59 -24.20 0.98
C ASP F 40 87.37 -24.86 1.65
N ASN F 41 86.20 -24.22 1.57
CA ASN F 41 84.97 -24.84 2.12
C ASN F 41 83.70 -24.17 1.61
N CYS F 42 82.64 -24.95 1.40
CA CYS F 42 81.34 -24.43 0.98
C CYS F 42 80.44 -24.32 2.19
N ALA F 43 79.72 -23.21 2.32
CA ALA F 43 78.91 -22.98 3.51
C ALA F 43 77.55 -23.70 3.50
N ILE F 44 77.17 -24.25 2.34
CA ILE F 44 75.90 -24.95 2.22
C ILE F 44 76.01 -26.45 2.55
N CYS F 45 77.01 -27.12 1.99
CA CYS F 45 77.18 -28.56 2.19
C CYS F 45 78.39 -28.94 3.05
N ARG F 46 79.29 -27.98 3.29
CA ARG F 46 80.60 -28.20 3.94
C ARG F 46 81.41 -29.42 3.43
N ASN F 47 82.09 -29.22 2.30
CA ASN F 47 82.94 -30.30 1.72
C ASN F 47 84.32 -29.68 1.46
N HIS F 48 84.40 -28.79 0.47
CA HIS F 48 85.67 -28.08 0.14
C HIS F 48 85.38 -27.10 -1.00
N ILE F 49 86.33 -26.23 -1.35
CA ILE F 49 86.12 -25.36 -2.54
C ILE F 49 86.15 -26.30 -3.76
N MET F 50 86.81 -27.46 -3.62
CA MET F 50 86.81 -28.49 -4.68
C MET F 50 86.24 -29.77 -4.06
N ASP F 51 86.84 -30.94 -4.36
CA ASP F 51 86.39 -32.23 -3.75
C ASP F 51 84.91 -32.49 -4.04
N LEU F 52 84.31 -31.76 -4.97
CA LEU F 52 82.89 -31.97 -5.37
C LEU F 52 81.92 -31.70 -4.21
N CYS F 53 80.64 -32.08 -4.34
CA CYS F 53 79.75 -31.68 -3.24
C CYS F 53 79.16 -32.90 -2.52
N ILE F 54 78.10 -32.68 -1.73
CA ILE F 54 77.44 -33.83 -1.03
C ILE F 54 76.59 -34.61 -2.03
N GLU F 55 75.99 -33.93 -3.01
CA GLU F 55 75.10 -34.61 -4.00
C GLU F 55 75.96 -35.45 -4.94
N CYS F 56 77.15 -34.98 -5.29
CA CYS F 56 78.02 -35.70 -6.25
C CYS F 56 79.03 -36.58 -5.50
N GLN F 57 79.20 -36.34 -4.20
CA GLN F 57 80.12 -37.16 -3.35
C GLN F 57 81.52 -37.20 -3.96
N ALA F 58 81.88 -38.31 -4.61
CA ALA F 58 83.25 -38.47 -5.17
C ALA F 58 83.49 -37.49 -6.32
N ASN F 59 84.76 -37.25 -6.65
CA ASN F 59 85.11 -36.30 -7.76
C ASN F 59 84.32 -36.67 -9.02
N GLN F 60 84.33 -37.95 -9.41
CA GLN F 60 83.53 -38.38 -10.58
C GLN F 60 82.13 -38.78 -10.12
N ALA F 61 81.88 -40.08 -9.91
CA ALA F 61 80.54 -40.56 -9.52
C ALA F 61 79.48 -39.88 -10.40
N SER F 62 79.60 -40.02 -11.72
CA SER F 62 78.63 -39.39 -12.66
C SER F 62 78.55 -37.88 -12.42
N ALA F 63 79.65 -37.15 -12.63
CA ALA F 63 79.65 -35.69 -12.46
C ALA F 63 79.35 -35.02 -13.81
N THR F 64 79.02 -35.81 -14.83
CA THR F 64 78.69 -35.28 -16.19
C THR F 64 79.80 -34.34 -16.69
N SER F 65 80.91 -34.90 -17.18
CA SER F 65 82.04 -34.07 -17.70
C SER F 65 82.38 -32.94 -16.72
N GLU F 66 82.34 -33.23 -15.42
CA GLU F 66 82.67 -32.22 -14.38
C GLU F 66 81.88 -30.93 -14.61
N GLU F 67 80.54 -31.01 -14.67
CA GLU F 67 79.71 -29.79 -14.80
C GLU F 67 79.40 -29.25 -13.40
N CYS F 68 79.74 -30.02 -12.36
CA CYS F 68 79.50 -29.61 -10.98
C CYS F 68 80.51 -28.55 -10.53
N THR F 69 80.29 -27.29 -10.92
CA THR F 69 81.24 -26.20 -10.69
C THR F 69 80.87 -25.21 -9.57
N VAL F 70 81.69 -24.17 -9.34
CA VAL F 70 81.45 -23.23 -8.26
C VAL F 70 80.60 -22.07 -8.77
N ALA F 71 79.66 -21.61 -7.94
CA ALA F 71 78.81 -20.46 -8.31
C ALA F 71 79.18 -19.20 -7.51
N TRP F 72 79.27 -18.08 -8.23
CA TRP F 72 79.66 -16.80 -7.64
C TRP F 72 78.51 -15.81 -7.60
N GLY F 73 78.17 -15.34 -6.41
CA GLY F 73 77.10 -14.35 -6.23
C GLY F 73 77.56 -12.92 -6.38
N VAL F 74 76.60 -11.99 -6.39
CA VAL F 74 76.93 -10.53 -6.48
C VAL F 74 77.55 -10.10 -5.16
N CYS F 75 77.27 -10.83 -4.07
CA CYS F 75 77.81 -10.48 -2.73
C CYS F 75 79.12 -11.26 -2.49
N ASN F 76 79.82 -11.62 -3.57
CA ASN F 76 81.12 -12.35 -3.46
C ASN F 76 80.99 -13.53 -2.49
N HIS F 77 79.97 -14.36 -2.66
CA HIS F 77 79.84 -15.59 -1.82
C HIS F 77 79.95 -16.81 -2.74
N ALA F 78 80.83 -17.76 -2.44
CA ALA F 78 81.05 -18.87 -3.39
C ALA F 78 80.62 -20.24 -2.85
N PHE F 79 79.66 -20.88 -3.52
CA PHE F 79 79.24 -22.25 -3.18
C PHE F 79 79.32 -23.11 -4.42
N HIS F 80 79.25 -24.43 -4.25
CA HIS F 80 79.07 -25.35 -5.38
C HIS F 80 77.79 -24.96 -6.11
N PHE F 81 77.85 -24.88 -7.44
CA PHE F 81 76.67 -24.49 -8.21
C PHE F 81 75.46 -25.31 -7.71
N HIS F 82 75.66 -26.62 -7.61
CA HIS F 82 74.62 -27.56 -7.19
C HIS F 82 74.00 -27.24 -5.84
N CYS F 83 74.84 -26.88 -4.85
CA CYS F 83 74.37 -26.67 -3.48
C CYS F 83 73.54 -25.41 -3.28
N ILE F 84 73.81 -24.39 -4.08
CA ILE F 84 73.03 -23.17 -4.02
C ILE F 84 71.79 -23.30 -4.91
N SER F 85 71.93 -24.00 -6.04
CA SER F 85 70.81 -24.27 -6.94
C SER F 85 69.67 -24.95 -6.18
N ARG F 86 70.04 -25.98 -5.41
CA ARG F 86 69.07 -26.73 -4.62
C ARG F 86 68.56 -25.92 -3.45
N TRP F 87 69.35 -24.93 -3.02
CA TRP F 87 68.94 -24.01 -1.95
C TRP F 87 67.95 -22.97 -2.48
N LEU F 88 67.83 -22.88 -3.80
CA LEU F 88 66.86 -21.99 -4.45
C LEU F 88 65.50 -22.67 -4.74
N LYS F 89 65.40 -23.92 -4.32
CA LYS F 89 64.13 -24.67 -4.47
C LYS F 89 63.42 -24.61 -3.11
N THR F 90 64.14 -24.15 -2.08
CA THR F 90 63.57 -24.00 -0.72
C THR F 90 63.59 -22.52 -0.33
N ARG F 91 64.78 -21.95 -0.18
CA ARG F 91 64.90 -20.50 0.13
C ARG F 91 65.32 -19.75 -1.13
N GLN F 92 65.82 -18.51 -0.99
CA GLN F 92 66.25 -17.70 -2.16
C GLN F 92 66.88 -16.37 -1.68
N VAL F 93 67.63 -16.39 -0.58
CA VAL F 93 68.13 -15.08 -0.04
C VAL F 93 69.57 -15.21 0.50
N CYS F 94 70.39 -16.15 0.01
CA CYS F 94 71.80 -16.28 0.44
C CYS F 94 72.04 -16.37 1.96
N PRO F 95 72.48 -17.56 2.44
CA PRO F 95 72.46 -17.85 3.87
C PRO F 95 73.49 -17.11 4.71
N LEU F 96 74.37 -16.34 4.06
CA LEU F 96 75.50 -15.71 4.75
C LEU F 96 75.38 -14.18 4.93
N ASP F 97 74.21 -13.64 4.59
CA ASP F 97 73.87 -12.24 4.84
C ASP F 97 72.35 -12.07 4.90
N ASN F 98 71.77 -11.51 3.82
CA ASN F 98 70.32 -11.42 3.66
C ASN F 98 69.96 -11.08 2.21
N ARG F 99 70.90 -10.47 1.49
CA ARG F 99 70.76 -10.13 0.06
C ARG F 99 70.09 -11.24 -0.76
N GLU F 100 69.18 -10.85 -1.64
CA GLU F 100 68.43 -11.79 -2.47
C GLU F 100 69.32 -12.72 -3.30
N TRP F 101 70.53 -12.26 -3.59
CA TRP F 101 71.56 -13.06 -4.28
C TRP F 101 71.31 -13.21 -5.78
N GLU F 102 72.35 -12.93 -6.58
CA GLU F 102 72.21 -13.05 -8.06
C GLU F 102 73.13 -14.16 -8.57
N PHE F 103 73.10 -14.42 -9.89
CA PHE F 103 73.97 -15.46 -10.49
C PHE F 103 74.88 -14.77 -11.52
N GLN F 104 75.84 -13.97 -11.06
CA GLN F 104 76.69 -13.19 -11.99
C GLN F 104 77.91 -14.03 -12.43
N LYS F 105 79.06 -13.81 -11.79
CA LYS F 105 80.31 -14.53 -12.17
C LYS F 105 80.14 -16.03 -11.92
N TYR F 106 80.93 -16.87 -12.59
CA TYR F 106 80.86 -18.34 -12.37
C TYR F 106 82.28 -18.90 -12.27
N GLY F 107 82.42 -20.23 -12.29
CA GLY F 107 83.75 -20.86 -12.18
C GLY F 107 84.51 -20.31 -10.99
N HIS F 108 85.63 -19.63 -11.22
CA HIS F 108 86.41 -19.01 -10.12
C HIS F 108 87.03 -17.69 -10.60
N LYS G 20 -118.10 0.30 6.32
CA LYS G 20 -117.86 -1.14 6.40
C LYS G 20 -117.67 -1.59 7.84
N ARG G 21 -117.63 -2.90 8.05
CA ARG G 21 -117.47 -3.47 9.38
C ARG G 21 -116.03 -3.76 9.74
N PHE G 22 -115.20 -4.13 8.77
CA PHE G 22 -113.78 -4.40 8.99
C PHE G 22 -112.98 -3.67 7.93
N GLU G 23 -112.06 -2.80 8.37
CA GLU G 23 -111.22 -2.01 7.49
C GLU G 23 -109.76 -2.22 7.84
N VAL G 24 -108.94 -2.49 6.83
CA VAL G 24 -107.52 -2.74 7.04
C VAL G 24 -106.80 -1.40 7.19
N LYS G 25 -106.03 -1.27 8.27
CA LYS G 25 -105.24 -0.03 8.47
C LYS G 25 -103.77 -0.30 8.15
N LYS G 26 -103.18 -1.32 8.78
CA LYS G 26 -101.72 -1.58 8.60
C LYS G 26 -101.51 -2.89 7.84
N TRP G 27 -100.44 -2.99 7.05
CA TRP G 27 -100.12 -4.21 6.33
C TRP G 27 -98.63 -4.46 6.44
N ASN G 28 -98.14 -5.67 6.41
CA ASN G 28 -96.69 -5.78 6.46
C ASN G 28 -96.11 -6.83 5.59
N ALA G 29 -96.55 -6.86 4.35
CA ALA G 29 -96.08 -7.89 3.44
C ALA G 29 -94.57 -7.92 3.31
N VAL G 30 -94.02 -9.04 2.93
CA VAL G 30 -92.63 -9.05 2.70
C VAL G 30 -92.53 -9.44 1.30
N ALA G 31 -91.80 -8.65 0.54
CA ALA G 31 -91.72 -8.85 -0.90
C ALA G 31 -90.35 -9.42 -1.28
N LEU G 32 -90.38 -10.65 -1.77
CA LEU G 32 -89.17 -11.29 -2.28
C LEU G 32 -88.87 -10.79 -3.69
N TRP G 33 -87.62 -10.90 -4.10
CA TRP G 33 -87.20 -10.43 -5.42
C TRP G 33 -86.21 -11.38 -6.07
N ALA G 34 -86.32 -11.43 -7.40
CA ALA G 34 -85.46 -12.33 -8.22
C ALA G 34 -84.74 -11.48 -9.28
N TRP G 35 -83.43 -11.66 -9.44
CA TRP G 35 -82.62 -10.90 -10.43
C TRP G 35 -82.87 -11.44 -11.85
N ASP G 36 -81.80 -11.63 -12.61
CA ASP G 36 -81.95 -12.25 -13.95
C ASP G 36 -81.74 -13.75 -13.78
N ILE G 37 -82.45 -14.35 -12.82
CA ILE G 37 -82.40 -15.84 -12.66
C ILE G 37 -82.94 -16.44 -13.95
N VAL G 38 -83.76 -15.69 -14.71
CA VAL G 38 -84.43 -16.19 -15.94
C VAL G 38 -85.06 -17.56 -15.67
N VAL G 39 -86.22 -17.58 -15.00
CA VAL G 39 -86.95 -18.85 -14.68
C VAL G 39 -87.50 -19.47 -15.96
N ASP G 40 -86.70 -19.49 -17.03
CA ASP G 40 -87.14 -20.06 -18.33
C ASP G 40 -85.93 -20.28 -19.25
N ASN G 41 -84.72 -19.94 -18.78
CA ASN G 41 -83.51 -20.05 -19.65
C ASN G 41 -82.23 -19.84 -18.84
N CYS G 42 -81.52 -20.91 -18.49
CA CYS G 42 -80.23 -20.77 -17.83
C CYS G 42 -79.32 -19.90 -18.67
N ALA G 43 -78.62 -18.96 -18.05
CA ALA G 43 -77.82 -18.02 -18.83
C ALA G 43 -76.44 -18.57 -19.25
N ILE G 44 -76.07 -19.73 -18.70
CA ILE G 44 -74.77 -20.34 -19.02
C ILE G 44 -74.85 -21.29 -20.22
N CYS G 45 -75.86 -22.17 -20.23
CA CYS G 45 -76.01 -23.16 -21.30
C CYS G 45 -77.20 -22.92 -22.23
N ARG G 46 -78.18 -22.14 -21.76
CA ARG G 46 -79.39 -21.79 -22.58
C ARG G 46 -80.28 -23.01 -22.90
N ASN G 47 -80.93 -23.61 -21.90
CA ASN G 47 -81.88 -24.70 -22.11
C ASN G 47 -83.23 -24.45 -21.43
N HIS G 48 -83.17 -24.11 -20.15
CA HIS G 48 -84.34 -23.78 -19.30
C HIS G 48 -83.83 -23.75 -17.87
N ILE G 49 -84.53 -23.07 -16.95
CA ILE G 49 -84.10 -23.07 -15.52
C ILE G 49 -84.02 -24.52 -15.02
N MET G 50 -84.95 -25.37 -15.43
CA MET G 50 -84.91 -26.79 -15.13
C MET G 50 -84.70 -27.53 -16.45
N ASP G 51 -85.23 -28.76 -16.53
CA ASP G 51 -85.18 -29.57 -17.76
C ASP G 51 -83.75 -29.92 -18.21
N LEU G 52 -82.89 -30.36 -17.28
CA LEU G 52 -81.52 -30.82 -17.61
C LEU G 52 -80.60 -29.70 -18.14
N CYS G 53 -79.33 -30.04 -18.39
CA CYS G 53 -78.36 -29.04 -18.92
C CYS G 53 -77.78 -29.58 -20.24
N ILE G 54 -76.74 -28.95 -20.79
CA ILE G 54 -76.19 -29.38 -22.11
C ILE G 54 -75.27 -30.59 -21.92
N GLU G 55 -74.61 -30.69 -20.77
CA GLU G 55 -73.69 -31.84 -20.49
C GLU G 55 -74.52 -33.08 -20.12
N CYS G 56 -75.84 -32.90 -19.96
CA CYS G 56 -76.72 -34.03 -19.55
C CYS G 56 -77.77 -34.30 -20.64
N GLN G 57 -78.76 -33.41 -20.79
CA GLN G 57 -79.83 -33.55 -21.82
C GLN G 57 -80.77 -34.71 -21.47
N ALA G 58 -80.26 -35.96 -21.52
CA ALA G 58 -81.08 -37.14 -21.19
C ALA G 58 -81.53 -37.06 -19.73
N ASN G 59 -82.84 -37.20 -19.47
CA ASN G 59 -83.38 -37.14 -18.09
C ASN G 59 -82.91 -38.37 -17.32
N GLN G 60 -82.50 -39.43 -18.02
CA GLN G 60 -82.07 -40.68 -17.36
C GLN G 60 -80.58 -40.81 -17.64
N ALA G 61 -80.14 -41.96 -18.17
CA ALA G 61 -78.75 -42.20 -18.53
C ALA G 61 -77.84 -42.10 -17.32
N SER G 62 -77.66 -43.21 -16.61
CA SER G 62 -76.78 -43.22 -15.44
C SER G 62 -76.85 -41.90 -14.69
N ALA G 63 -78.05 -41.44 -14.39
CA ALA G 63 -78.21 -40.19 -13.65
C ALA G 63 -78.65 -40.45 -12.22
N THR G 64 -79.54 -41.41 -12.03
CA THR G 64 -80.06 -41.70 -10.70
C THR G 64 -80.72 -40.47 -10.09
N SER G 65 -82.05 -40.42 -10.11
CA SER G 65 -82.75 -39.25 -9.60
C SER G 65 -82.13 -37.99 -10.18
N GLU G 66 -81.76 -38.09 -11.46
CA GLU G 66 -81.08 -36.96 -12.16
C GLU G 66 -80.25 -36.08 -11.22
N GLU G 67 -79.02 -36.51 -10.95
CA GLU G 67 -78.11 -35.72 -10.14
C GLU G 67 -77.74 -34.47 -10.90
N CYS G 68 -78.65 -33.53 -11.00
CA CYS G 68 -78.41 -32.33 -11.80
C CYS G 68 -79.44 -31.22 -11.49
N THR G 69 -79.24 -30.50 -10.39
CA THR G 69 -80.20 -29.51 -9.91
C THR G 69 -79.83 -28.03 -10.13
N VAL G 70 -80.68 -27.10 -9.68
CA VAL G 70 -80.43 -25.67 -9.91
C VAL G 70 -79.60 -25.09 -8.77
N ALA G 71 -78.67 -24.20 -9.10
CA ALA G 71 -77.84 -23.55 -8.08
C ALA G 71 -78.22 -22.07 -7.90
N TRP G 72 -78.34 -21.65 -6.64
CA TRP G 72 -78.74 -20.29 -6.30
C TRP G 72 -77.61 -19.50 -5.68
N GLY G 73 -77.26 -18.37 -6.30
CA GLY G 73 -76.20 -17.50 -5.79
C GLY G 73 -76.70 -16.48 -4.78
N VAL G 74 -75.77 -15.76 -4.16
CA VAL G 74 -76.18 -14.69 -3.22
C VAL G 74 -76.70 -13.54 -4.08
N CYS G 75 -76.07 -13.33 -5.23
CA CYS G 75 -76.53 -12.31 -6.17
C CYS G 75 -77.93 -12.66 -6.70
N ASN G 76 -78.47 -13.79 -6.23
CA ASN G 76 -79.84 -14.24 -6.52
C ASN G 76 -80.10 -14.71 -7.96
N HIS G 77 -79.04 -14.81 -8.76
CA HIS G 77 -79.14 -15.42 -10.07
C HIS G 77 -79.23 -16.93 -9.92
N ALA G 78 -79.63 -17.61 -10.99
CA ALA G 78 -79.79 -19.05 -10.93
C ALA G 78 -79.32 -19.71 -12.22
N PHE G 79 -78.65 -20.84 -12.07
CA PHE G 79 -78.21 -21.68 -13.18
C PHE G 79 -78.28 -23.15 -12.77
N HIS G 80 -78.04 -24.05 -13.73
CA HIS G 80 -77.93 -25.48 -13.35
C HIS G 80 -76.63 -25.62 -12.55
N PHE G 81 -76.67 -26.32 -11.41
CA PHE G 81 -75.45 -26.55 -10.61
C PHE G 81 -74.30 -26.94 -11.54
N HIS G 82 -74.50 -27.96 -12.37
CA HIS G 82 -73.45 -28.45 -13.30
C HIS G 82 -72.83 -27.29 -14.10
N CYS G 83 -73.67 -26.49 -14.77
CA CYS G 83 -73.15 -25.41 -15.64
C CYS G 83 -72.26 -24.44 -14.86
N ILE G 84 -72.75 -23.88 -13.75
CA ILE G 84 -71.98 -22.89 -13.02
C ILE G 84 -70.74 -23.55 -12.40
N SER G 85 -70.88 -24.78 -11.92
CA SER G 85 -69.74 -25.45 -11.24
C SER G 85 -68.67 -25.80 -12.29
N ARG G 86 -69.08 -26.05 -13.53
CA ARG G 86 -68.11 -26.34 -14.63
C ARG G 86 -67.56 -25.00 -15.12
N TRP G 87 -68.39 -23.95 -15.06
CA TRP G 87 -67.93 -22.60 -15.46
C TRP G 87 -66.92 -22.09 -14.42
N LEU G 88 -67.12 -22.44 -13.15
CA LEU G 88 -66.24 -21.97 -12.05
C LEU G 88 -64.79 -22.45 -12.29
N LYS G 89 -64.62 -23.62 -12.90
CA LYS G 89 -63.26 -24.15 -13.23
C LYS G 89 -62.40 -23.00 -13.74
N THR G 90 -62.88 -22.29 -14.78
CA THR G 90 -62.12 -21.14 -15.34
C THR G 90 -62.61 -19.84 -14.68
N ARG G 91 -63.52 -19.12 -15.33
CA ARG G 91 -64.03 -17.84 -14.78
C ARG G 91 -64.77 -18.10 -13.46
N GLN G 92 -64.55 -17.26 -12.45
CA GLN G 92 -65.15 -17.47 -11.13
C GLN G 92 -65.90 -16.26 -10.55
N VAL G 93 -66.54 -15.45 -11.41
CA VAL G 93 -67.15 -14.17 -10.89
C VAL G 93 -68.55 -13.88 -11.44
N CYS G 94 -69.42 -14.88 -11.66
CA CYS G 94 -70.83 -14.72 -12.09
C CYS G 94 -71.05 -13.85 -13.33
N PRO G 95 -71.47 -14.46 -14.46
CA PRO G 95 -71.43 -13.78 -15.75
C PRO G 95 -72.47 -12.68 -15.95
N LEU G 96 -73.37 -12.50 -14.99
CA LEU G 96 -74.50 -11.58 -15.13
C LEU G 96 -74.40 -10.29 -14.30
N ASP G 97 -73.25 -10.07 -13.68
CA ASP G 97 -72.92 -8.82 -12.98
C ASP G 97 -71.41 -8.64 -12.89
N ASN G 98 -70.83 -8.92 -11.70
CA ASN G 98 -69.35 -8.83 -11.48
C ASN G 98 -69.03 -9.51 -10.14
N ARG G 99 -70.05 -9.63 -9.28
CA ARG G 99 -69.90 -10.21 -7.91
C ARG G 99 -69.22 -11.58 -7.95
N GLU G 100 -68.29 -11.81 -7.01
CA GLU G 100 -67.54 -13.06 -6.96
C GLU G 100 -68.42 -14.31 -6.91
N TRP G 101 -69.69 -14.14 -6.49
CA TRP G 101 -70.68 -15.26 -6.47
C TRP G 101 -70.47 -16.18 -5.27
N GLU G 102 -71.48 -16.30 -4.40
CA GLU G 102 -71.40 -17.25 -3.26
C GLU G 102 -72.54 -18.26 -3.40
N PHE G 103 -72.85 -18.99 -2.33
CA PHE G 103 -73.91 -20.03 -2.40
C PHE G 103 -74.83 -19.92 -1.19
N GLN G 104 -76.07 -20.43 -1.31
CA GLN G 104 -77.05 -20.34 -0.20
C GLN G 104 -78.12 -21.41 -0.37
N LYS G 105 -78.82 -21.41 -1.52
CA LYS G 105 -79.93 -22.37 -1.73
C LYS G 105 -79.58 -23.31 -2.90
N TYR G 106 -79.96 -24.59 -2.80
CA TYR G 106 -79.74 -25.55 -3.91
C TYR G 106 -81.10 -26.09 -4.34
N GLY G 107 -81.27 -26.45 -5.61
CA GLY G 107 -82.63 -26.83 -6.03
C GLY G 107 -83.48 -25.60 -6.25
N HIS G 108 -84.62 -25.76 -6.91
CA HIS G 108 -85.53 -24.64 -7.16
C HIS G 108 -86.27 -24.24 -5.87
N LYS H 20 115.90 -11.76 28.68
CA LYS H 20 115.51 -10.76 29.67
C LYS H 20 115.02 -11.41 30.95
N ARG H 21 114.81 -10.60 31.99
CA ARG H 21 114.36 -11.09 33.28
C ARG H 21 112.85 -11.05 33.44
N PHE H 22 112.18 -10.08 32.84
CA PHE H 22 110.73 -9.96 32.89
C PHE H 22 110.20 -9.72 31.49
N GLU H 23 109.31 -10.60 31.04
CA GLU H 23 108.73 -10.52 29.70
C GLU H 23 107.21 -10.53 29.80
N VAL H 24 106.56 -9.60 29.12
CA VAL H 24 105.12 -9.49 29.14
C VAL H 24 104.52 -10.54 28.20
N LYS H 25 103.59 -11.33 28.72
CA LYS H 25 102.90 -12.35 27.93
C LYS H 25 101.50 -11.89 27.51
N LYS H 26 100.67 -11.51 28.47
CA LYS H 26 99.31 -11.05 28.21
C LYS H 26 99.19 -9.57 28.50
N TRP H 27 98.16 -8.95 27.91
CA TRP H 27 97.85 -7.55 28.16
C TRP H 27 96.34 -7.37 28.13
N ASN H 28 95.76 -6.44 28.82
CA ASN H 28 94.31 -6.33 28.64
C ASN H 28 93.81 -4.93 28.64
N ALA H 29 94.46 -4.08 27.87
CA ALA H 29 94.05 -2.69 27.84
C ALA H 29 92.60 -2.50 27.46
N VAL H 30 92.02 -1.39 27.84
CA VAL H 30 90.69 -1.17 27.41
C VAL H 30 90.82 0.09 26.67
N ALA H 31 90.32 0.08 25.45
CA ALA H 31 90.48 1.22 24.56
C ALA H 31 89.15 1.95 24.41
N LEU H 32 89.15 3.19 24.90
CA LEU H 32 87.99 4.06 24.74
C LEU H 32 88.00 4.69 23.35
N TRP H 33 86.83 5.13 22.88
CA TRP H 33 86.72 5.69 21.55
C TRP H 33 85.77 6.89 21.55
N ALA H 34 86.05 7.81 20.61
CA ALA H 34 85.23 9.04 20.47
C ALA H 34 84.82 9.17 19.01
N TRP H 35 83.55 9.48 18.74
CA TRP H 35 83.02 9.60 17.35
C TRP H 35 83.52 10.89 16.69
N ASP H 36 82.63 11.69 16.12
CA ASP H 36 83.02 13.00 15.52
C ASP H 36 82.77 14.09 16.56
N ILE H 37 83.22 13.88 17.80
CA ILE H 37 83.08 14.92 18.85
C ILE H 37 83.97 16.11 18.46
N VAL H 38 85.01 15.86 17.66
CA VAL H 38 85.97 16.93 17.23
C VAL H 38 86.40 17.73 18.47
N VAL H 39 87.23 17.13 19.33
CA VAL H 39 87.70 17.82 20.56
C VAL H 39 88.38 19.14 20.16
N ASP H 40 87.65 20.25 20.24
CA ASP H 40 88.20 21.57 19.84
C ASP H 40 87.16 22.32 19.00
N ASN H 41 85.98 21.73 18.80
CA ASN H 41 84.89 22.43 18.07
C ASN H 41 83.53 21.77 18.27
N CYS H 42 82.47 22.58 18.34
CA CYS H 42 81.10 22.07 18.46
C CYS H 42 80.45 22.07 17.09
N ALA H 43 79.75 21.00 16.74
CA ALA H 43 79.19 20.90 15.40
C ALA H 43 77.86 21.66 15.21
N ILE H 44 77.28 22.14 16.30
CA ILE H 44 76.02 22.88 16.24
C ILE H 44 76.23 24.38 16.06
N CYS H 45 77.11 24.98 16.84
CA CYS H 45 77.36 26.42 16.79
C CYS H 45 78.72 26.82 16.21
N ARG H 46 79.63 25.84 16.08
CA ARG H 46 81.04 26.07 15.71
C ARG H 46 81.75 27.22 16.46
N ASN H 47 82.20 26.92 17.68
CA ASN H 47 82.95 27.92 18.49
C ASN H 47 84.23 27.24 18.97
N HIS H 48 84.10 26.26 19.89
CA HIS H 48 85.26 25.48 20.39
C HIS H 48 84.73 24.44 21.38
N ILE H 49 85.59 23.51 21.83
CA ILE H 49 85.13 22.57 22.90
C ILE H 49 84.94 23.42 24.16
N MET H 50 85.63 24.56 24.23
CA MET H 50 85.45 25.50 25.36
C MET H 50 85.04 26.84 24.75
N ASP H 51 85.59 27.96 25.24
CA ASP H 51 85.31 29.31 24.67
C ASP H 51 83.81 29.61 24.67
N LEU H 52 83.01 28.83 25.42
CA LEU H 52 81.54 29.06 25.56
C LEU H 52 80.82 28.90 24.22
N CYS H 53 79.55 29.33 24.12
CA CYS H 53 78.88 29.04 22.85
C CYS H 53 78.47 30.32 22.11
N ILE H 54 77.58 30.21 21.12
CA ILE H 54 77.09 31.44 20.40
C ILE H 54 76.02 32.14 21.26
N GLU H 55 75.37 31.39 22.15
CA GLU H 55 74.30 31.98 23.01
C GLU H 55 74.94 32.61 24.25
N CYS H 56 76.24 32.40 24.44
CA CYS H 56 76.92 32.92 25.66
C CYS H 56 78.08 33.84 25.25
N GLN H 57 78.62 33.66 24.03
CA GLN H 57 79.72 34.51 23.52
C GLN H 57 80.90 34.51 24.50
N ALA H 58 81.03 35.58 25.30
CA ALA H 58 82.17 35.70 26.24
C ALA H 58 82.12 34.57 27.29
N ASN H 59 83.28 34.21 27.84
CA ASN H 59 83.36 33.12 28.85
C ASN H 59 82.32 33.35 29.95
N GLN H 60 82.33 34.52 30.58
CA GLN H 60 81.31 34.84 31.62
C GLN H 60 80.06 35.39 30.93
N ALA H 61 79.96 36.72 30.80
CA ALA H 61 78.75 37.35 30.21
C ALA H 61 77.50 36.71 30.80
N SER H 62 77.39 36.69 32.14
CA SER H 62 76.22 36.08 32.82
C SER H 62 76.06 34.61 32.41
N ALA H 63 77.04 33.77 32.75
CA ALA H 63 76.94 32.32 32.44
C ALA H 63 76.41 31.58 33.66
N THR H 64 75.83 32.30 34.63
CA THR H 64 75.26 31.67 35.87
C THR H 64 76.26 30.68 36.47
N SER H 65 77.37 31.17 37.03
CA SER H 65 78.41 30.30 37.63
C SER H 65 78.88 29.23 36.65
N GLU H 66 79.08 29.61 35.38
CA GLU H 66 79.58 28.66 34.34
C GLU H 66 78.73 27.38 34.32
N GLU H 67 77.42 27.52 34.12
CA GLU H 67 76.54 26.32 33.99
C GLU H 67 76.49 25.90 32.52
N CYS H 68 77.06 26.73 31.64
CA CYS H 68 77.07 26.43 30.21
C CYS H 68 78.13 25.36 29.87
N THR H 69 77.82 24.09 30.12
CA THR H 69 78.78 22.99 29.99
C THR H 69 78.60 22.09 28.74
N VAL H 70 79.44 21.05 28.59
CA VAL H 70 79.38 20.19 27.41
C VAL H 70 78.42 19.04 27.66
N ALA H 71 77.65 18.66 26.63
CA ALA H 71 76.73 17.53 26.74
C ALA H 71 77.21 16.32 25.94
N TRP H 72 77.13 15.14 26.56
CA TRP H 72 77.61 13.90 25.95
C TRP H 72 76.47 12.96 25.63
N GLY H 73 76.35 12.59 24.36
CA GLY H 73 75.31 11.65 23.90
C GLY H 73 75.71 10.19 24.02
N VAL H 74 74.75 9.30 23.80
CA VAL H 74 75.02 7.86 23.78
C VAL H 74 75.78 7.51 22.50
N CYS H 75 75.50 8.26 21.43
CA CYS H 75 76.22 8.15 20.18
C CYS H 75 77.65 8.68 20.32
N ASN H 76 78.03 9.03 21.55
CA ASN H 76 79.42 9.50 21.83
C ASN H 76 79.70 10.79 21.07
N HIS H 77 78.71 11.67 20.95
CA HIS H 77 78.93 12.98 20.30
C HIS H 77 78.93 14.05 21.40
N ALA H 78 79.61 15.18 21.20
CA ALA H 78 79.72 16.17 22.30
C ALA H 78 79.53 17.60 21.79
N PHE H 79 78.41 18.24 22.14
CA PHE H 79 78.16 19.66 21.76
C PHE H 79 77.75 20.43 23.02
N HIS H 80 77.67 21.76 22.95
CA HIS H 80 77.35 22.56 24.17
C HIS H 80 75.94 22.25 24.65
N PHE H 81 75.69 22.46 25.95
CA PHE H 81 74.34 22.20 26.53
C PHE H 81 73.31 23.08 25.81
N HIS H 82 73.52 24.41 25.80
CA HIS H 82 72.56 25.34 25.15
C HIS H 82 72.32 24.91 23.70
N CYS H 83 73.38 24.68 22.93
CA CYS H 83 73.25 24.30 21.50
C CYS H 83 72.40 23.03 21.36
N ILE H 84 72.72 21.99 22.12
CA ILE H 84 72.00 20.69 21.99
C ILE H 84 70.56 20.87 22.49
N SER H 85 70.34 21.73 23.50
CA SER H 85 68.97 22.00 23.99
C SER H 85 68.10 22.49 22.82
N ARG H 86 68.61 23.44 22.04
CA ARG H 86 67.85 23.98 20.88
C ARG H 86 67.59 22.86 19.86
N TRP H 87 68.59 22.01 19.61
CA TRP H 87 68.44 20.90 18.64
C TRP H 87 67.37 19.92 19.13
N LEU H 88 67.42 19.55 20.42
CA LEU H 88 66.42 18.62 21.00
C LEU H 88 65.03 19.27 20.96
N LYS H 89 64.97 20.58 21.18
CA LYS H 89 63.66 21.31 21.17
C LYS H 89 62.97 21.07 19.81
N THR H 90 63.73 21.02 18.72
CA THR H 90 63.16 20.74 17.38
C THR H 90 63.13 19.23 17.14
N ARG H 91 64.11 18.71 16.39
CA ARG H 91 64.16 17.26 16.07
C ARG H 91 65.37 16.64 16.76
N GLN H 92 65.17 15.52 17.48
CA GLN H 92 66.29 14.85 18.20
C GLN H 92 66.83 13.70 17.34
N VAL H 93 67.76 14.01 16.43
CA VAL H 93 68.33 12.96 15.52
C VAL H 93 69.85 13.12 15.45
N CYS H 94 70.44 14.03 16.23
CA CYS H 94 71.91 14.27 16.26
C CYS H 94 72.40 14.88 14.93
N PRO H 95 73.00 16.10 14.95
CA PRO H 95 73.47 16.75 13.72
C PRO H 95 74.47 15.91 12.93
N LEU H 96 75.22 15.04 13.60
CA LEU H 96 76.27 14.22 12.91
C LEU H 96 75.63 12.94 12.35
N ASP H 97 75.38 11.95 13.21
CA ASP H 97 74.84 10.65 12.73
C ASP H 97 73.30 10.68 12.77
N ASN H 98 72.67 9.59 13.23
CA ASN H 98 71.19 9.52 13.30
C ASN H 98 70.77 8.80 14.58
N ARG H 99 71.12 9.37 15.74
CA ARG H 99 70.73 8.76 17.04
C ARG H 99 69.81 9.72 17.79
N GLU H 100 68.86 9.17 18.58
CA GLU H 100 67.88 10.03 19.30
C GLU H 100 68.61 11.00 20.24
N TRP H 101 69.82 10.67 20.68
CA TRP H 101 70.62 11.53 21.61
C TRP H 101 70.03 11.49 23.02
N GLU H 102 70.78 10.95 23.98
CA GLU H 102 70.30 10.94 25.40
C GLU H 102 71.28 11.74 26.25
N PHE H 103 70.82 12.25 27.41
CA PHE H 103 71.72 12.97 28.33
C PHE H 103 72.41 11.96 29.24
N GLN H 104 73.12 10.99 28.66
CA GLN H 104 73.76 9.91 29.45
C GLN H 104 74.93 10.49 30.24
N LYS H 105 76.07 10.73 29.59
CA LYS H 105 77.25 11.34 30.26
C LYS H 105 77.15 12.86 30.17
N TYR H 106 77.97 13.59 30.93
CA TYR H 106 77.98 15.07 30.88
C TYR H 106 79.40 15.57 31.09
N GLY H 107 79.57 16.89 31.25
CA GLY H 107 80.91 17.48 31.43
C GLY H 107 81.88 16.99 30.37
N HIS H 108 82.93 16.27 30.77
CA HIS H 108 83.88 15.68 29.78
C HIS H 108 84.52 14.42 30.36
N ARG I 7 -8.28 27.36 -54.41
CA ARG I 7 -8.19 25.96 -54.91
C ARG I 7 -6.83 25.39 -54.55
N GLN I 8 -6.74 24.07 -54.35
CA GLN I 8 -5.45 23.41 -54.04
C GLN I 8 -4.68 23.14 -55.34
N ILE I 9 -4.13 24.20 -55.94
CA ILE I 9 -3.40 24.05 -57.23
C ILE I 9 -2.39 22.90 -57.12
N ASN I 10 -2.44 21.94 -58.05
CA ASN I 10 -1.56 20.75 -57.98
C ASN I 10 -0.09 21.18 -57.95
N THR I 11 0.67 20.67 -56.97
CA THR I 11 2.13 21.00 -56.88
C THR I 11 2.93 19.77 -57.32
N GLU I 12 2.32 18.59 -57.25
CA GLU I 12 3.02 17.33 -57.68
C GLU I 12 3.20 17.37 -59.20
N TYR I 13 2.19 17.85 -59.93
CA TYR I 13 2.32 17.99 -61.41
C TYR I 13 3.26 19.16 -61.69
N ALA I 14 3.23 20.18 -60.83
CA ALA I 14 4.06 21.39 -61.06
C ALA I 14 5.55 21.04 -61.03
N VAL I 15 5.99 20.17 -60.10
CA VAL I 15 7.42 19.91 -60.00
C VAL I 15 7.88 18.95 -61.10
N SER I 16 7.01 18.01 -61.51
CA SER I 16 7.37 17.13 -62.62
C SER I 16 7.48 17.93 -63.92
N LEU I 17 6.56 18.86 -64.16
CA LEU I 17 6.64 19.69 -65.35
C LEU I 17 7.88 20.56 -65.32
N LEU I 18 8.24 21.08 -64.14
CA LEU I 18 9.42 21.93 -64.03
C LEU I 18 10.70 21.14 -64.32
N GLU I 19 10.78 19.93 -63.76
CA GLU I 19 12.00 19.08 -63.98
C GLU I 19 12.05 18.62 -65.45
N GLN I 20 10.88 18.41 -66.08
CA GLN I 20 10.87 18.06 -67.49
C GLN I 20 11.31 19.23 -68.36
N LEU I 21 10.88 20.44 -68.01
CA LEU I 21 11.34 21.64 -68.71
C LEU I 21 12.83 21.83 -68.55
N LYS I 22 13.37 21.56 -67.36
CA LYS I 22 14.81 21.65 -67.15
C LYS I 22 15.54 20.62 -68.01
N LEU I 23 15.02 19.39 -68.06
CA LEU I 23 15.65 18.36 -68.87
C LEU I 23 15.63 18.75 -70.35
N PHE I 24 14.54 19.37 -70.80
CA PHE I 24 14.47 19.81 -72.20
C PHE I 24 15.42 20.97 -72.46
N TYR I 25 15.59 21.85 -71.47
CA TYR I 25 16.48 22.99 -71.65
C TYR I 25 17.95 22.55 -71.68
N GLU I 26 18.29 21.52 -70.89
CA GLU I 26 19.67 21.05 -70.87
C GLU I 26 20.06 20.46 -72.23
N GLN I 27 19.14 19.80 -72.92
CA GLN I 27 19.41 19.24 -74.23
C GLN I 27 18.99 20.16 -75.37
N GLN I 28 18.56 21.38 -75.06
CA GLN I 28 18.27 22.41 -76.05
C GLN I 28 17.15 21.98 -77.00
N LEU I 29 15.97 21.76 -76.45
CA LEU I 29 14.77 21.47 -77.24
C LEU I 29 13.84 22.68 -77.23
N PHE I 30 13.23 22.93 -78.39
CA PHE I 30 12.23 23.99 -78.54
C PHE I 30 12.81 25.37 -78.21
N THR I 31 14.10 25.55 -78.40
CA THR I 31 14.74 26.85 -78.16
C THR I 31 14.31 27.82 -79.26
N ASP I 32 13.47 28.78 -78.90
CA ASP I 32 12.92 29.72 -79.87
C ASP I 32 13.61 31.07 -79.88
N ILE I 33 14.30 31.46 -78.80
CA ILE I 33 15.01 32.72 -78.77
C ILE I 33 16.49 32.45 -78.49
N VAL I 34 17.34 33.35 -78.99
CA VAL I 34 18.78 33.26 -78.80
C VAL I 34 19.26 34.62 -78.30
N LEU I 35 19.66 34.67 -77.04
CA LEU I 35 20.17 35.89 -76.43
C LEU I 35 21.68 35.98 -76.65
N ILE I 36 22.13 37.13 -77.16
CA ILE I 36 23.54 37.39 -77.42
C ILE I 36 24.02 38.40 -76.40
N VAL I 37 24.91 37.94 -75.52
CA VAL I 37 25.51 38.84 -74.50
C VAL I 37 27.02 38.81 -74.75
N GLU I 38 27.64 39.95 -75.03
CA GLU I 38 29.09 40.11 -75.26
C GLU I 38 29.68 38.89 -75.95
N GLY I 39 29.11 38.54 -77.10
CA GLY I 39 29.60 37.46 -77.92
C GLY I 39 29.08 36.08 -77.57
N THR I 40 28.70 35.86 -76.31
CA THR I 40 28.22 34.56 -75.87
C THR I 40 26.75 34.38 -76.25
N GLU I 41 26.40 33.19 -76.72
CA GLU I 41 25.05 32.87 -77.15
C GLU I 41 24.36 32.02 -76.10
N PHE I 42 23.06 32.24 -75.93
CA PHE I 42 22.24 31.47 -75.00
C PHE I 42 20.90 31.16 -75.63
N PRO I 43 20.65 29.92 -76.02
CA PRO I 43 19.32 29.55 -76.50
C PRO I 43 18.37 29.33 -75.34
N CYS I 44 17.15 29.85 -75.47
CA CYS I 44 16.18 29.78 -74.40
C CYS I 44 14.77 29.89 -74.98
N HIS I 45 13.79 29.69 -74.10
CA HIS I 45 12.39 29.80 -74.44
C HIS I 45 11.86 31.17 -74.04
N LYS I 46 10.98 31.72 -74.88
CA LYS I 46 10.41 33.04 -74.59
C LYS I 46 9.42 32.98 -73.43
N MET I 47 8.70 31.86 -73.29
CA MET I 47 7.68 31.76 -72.25
C MET I 47 8.30 31.80 -70.86
N VAL I 48 9.41 31.09 -70.66
CA VAL I 48 10.04 31.06 -69.34
C VAL I 48 10.56 32.44 -68.97
N LEU I 49 11.22 33.12 -69.91
CA LEU I 49 11.74 34.46 -69.64
C LEU I 49 10.60 35.45 -69.40
N ALA I 50 9.46 35.27 -70.06
CA ALA I 50 8.33 36.15 -69.84
C ALA I 50 7.71 35.91 -68.47
N THR I 51 7.48 34.65 -68.12
CA THR I 51 6.74 34.35 -66.87
C THR I 51 7.69 34.43 -65.67
N CYS I 52 8.93 34.88 -65.87
CA CYS I 52 9.88 35.06 -64.75
C CYS I 52 10.30 36.53 -64.66
N SER I 53 10.68 37.12 -65.79
CA SER I 53 11.09 38.55 -65.81
C SER I 53 10.02 39.38 -66.52
N SER I 54 9.62 40.50 -65.90
CA SER I 54 8.59 41.39 -66.51
C SER I 54 9.18 42.10 -67.74
N TYR I 55 10.50 42.24 -67.80
CA TYR I 55 11.16 42.86 -68.97
C TYR I 55 10.87 42.02 -70.21
N PHE I 56 11.29 40.75 -70.21
CA PHE I 56 11.09 39.89 -71.36
C PHE I 56 9.61 39.74 -71.69
N ARG I 57 8.74 39.77 -70.68
CA ARG I 57 7.30 39.70 -70.93
C ARG I 57 6.85 40.89 -71.77
N ALA I 58 7.28 42.09 -71.40
CA ALA I 58 6.92 43.28 -72.17
C ALA I 58 7.59 43.29 -73.54
N MET I 59 8.80 42.72 -73.64
CA MET I 59 9.48 42.70 -74.93
C MET I 59 8.84 41.72 -75.89
N PHE I 60 8.26 40.63 -75.39
CA PHE I 60 7.64 39.63 -76.25
C PHE I 60 6.18 39.94 -76.54
N MET I 61 5.46 40.51 -75.59
CA MET I 61 4.05 40.82 -75.79
C MET I 61 3.84 42.10 -76.59
N SER I 62 4.91 42.79 -76.99
CA SER I 62 4.76 44.00 -77.79
C SER I 62 4.37 43.69 -79.22
N GLY I 63 4.54 42.44 -79.68
CA GLY I 63 4.17 42.06 -81.02
C GLY I 63 5.05 42.61 -82.11
N LEU I 64 6.22 43.13 -81.78
CA LEU I 64 7.12 43.70 -82.78
C LEU I 64 8.09 42.63 -83.27
N SER I 65 9.17 43.06 -83.93
CA SER I 65 10.14 42.12 -84.47
C SER I 65 10.88 41.37 -83.37
N GLU I 66 10.85 41.89 -82.13
CA GLU I 66 11.52 41.20 -81.03
C GLU I 66 10.85 39.86 -80.73
N SER I 67 9.54 39.76 -80.96
CA SER I 67 8.84 38.49 -80.79
C SER I 67 8.96 37.61 -82.03
N LYS I 68 9.46 38.15 -83.14
CA LYS I 68 9.62 37.39 -84.37
C LYS I 68 11.07 37.03 -84.66
N GLN I 69 12.03 37.88 -84.30
CA GLN I 69 13.43 37.59 -84.54
C GLN I 69 13.96 36.64 -83.47
N THR I 70 14.71 35.63 -83.90
CA THR I 70 15.24 34.64 -82.96
C THR I 70 16.49 35.11 -82.23
N HIS I 71 17.19 36.11 -82.76
CA HIS I 71 18.41 36.62 -82.16
C HIS I 71 18.13 37.99 -81.54
N VAL I 72 18.33 38.09 -80.23
CA VAL I 72 18.14 39.33 -79.49
C VAL I 72 19.45 39.68 -78.79
N HIS I 73 19.95 40.88 -79.05
CA HIS I 73 21.22 41.34 -78.48
C HIS I 73 20.93 42.13 -77.21
N LEU I 74 21.34 41.58 -76.08
CA LEU I 74 21.18 42.24 -74.78
C LEU I 74 22.52 42.80 -74.35
N ARG I 75 22.58 44.12 -74.14
CA ARG I 75 23.81 44.79 -73.75
C ARG I 75 23.76 45.21 -72.29
N ASN I 76 24.94 45.51 -71.75
CA ASN I 76 25.11 45.92 -70.36
C ASN I 76 24.61 44.85 -69.39
N VAL I 77 24.68 43.59 -69.80
CA VAL I 77 24.28 42.46 -68.97
C VAL I 77 25.42 41.46 -68.93
N ASP I 78 25.80 41.05 -67.72
CA ASP I 78 26.88 40.08 -67.56
C ASP I 78 26.40 38.69 -67.95
N ALA I 79 27.30 37.89 -68.52
CA ALA I 79 26.94 36.55 -68.94
C ALA I 79 26.67 35.64 -67.76
N ALA I 80 27.49 35.74 -66.71
CA ALA I 80 27.29 34.90 -65.53
C ALA I 80 25.98 35.23 -64.83
N THR I 81 25.66 36.52 -64.72
CA THR I 81 24.41 36.91 -64.07
C THR I 81 23.21 36.45 -64.89
N LEU I 82 23.29 36.56 -66.22
CA LEU I 82 22.20 36.07 -67.06
C LEU I 82 22.05 34.56 -66.94
N GLN I 83 23.17 33.84 -66.85
CA GLN I 83 23.10 32.39 -66.67
C GLN I 83 22.46 32.04 -65.33
N ILE I 84 22.80 32.78 -64.28
CA ILE I 84 22.19 32.54 -62.96
C ILE I 84 20.70 32.85 -63.01
N ILE I 85 20.31 33.90 -63.71
CA ILE I 85 18.90 34.24 -63.83
C ILE I 85 18.14 33.14 -64.56
N ILE I 86 18.71 32.63 -65.64
CA ILE I 86 18.06 31.55 -66.39
C ILE I 86 17.98 30.28 -65.54
N THR I 87 19.04 30.00 -64.77
CA THR I 87 19.03 28.84 -63.89
C THR I 87 17.94 28.96 -62.83
N TYR I 88 17.67 30.21 -62.42
CA TYR I 88 16.54 30.48 -61.49
C TYR I 88 15.24 30.34 -62.29
N ALA I 89 15.22 30.85 -63.52
CA ALA I 89 13.99 30.80 -64.35
C ALA I 89 13.58 29.35 -64.57
N TYR I 90 14.56 28.43 -64.66
CA TYR I 90 14.25 27.01 -64.93
C TYR I 90 14.23 26.18 -63.65
N THR I 91 14.66 26.75 -62.52
CA THR I 91 14.57 26.03 -61.22
C THR I 91 13.84 26.91 -60.19
N GLY I 92 14.45 28.02 -59.78
CA GLY I 92 13.83 28.92 -58.79
C GLY I 92 14.75 29.09 -57.58
N ASN I 93 15.71 28.18 -57.42
CA ASN I 93 16.68 28.29 -56.31
C ASN I 93 17.79 29.27 -56.73
N LEU I 94 18.12 30.23 -55.85
CA LEU I 94 19.15 31.24 -56.17
C LEU I 94 20.44 30.93 -55.41
N ALA I 95 21.58 30.84 -56.12
CA ALA I 95 22.86 30.61 -55.45
C ALA I 95 23.59 31.95 -55.38
N MET I 96 23.37 32.68 -54.30
CA MET I 96 23.98 33.99 -54.10
C MET I 96 25.24 33.87 -53.26
N ASN I 97 26.16 34.80 -53.48
CA ASN I 97 27.39 34.87 -52.72
C ASN I 97 27.79 36.34 -52.54
N ASP I 98 28.64 36.58 -51.55
CA ASP I 98 29.05 37.95 -51.24
C ASP I 98 29.95 38.55 -52.32
N SER I 99 30.43 37.73 -53.26
CA SER I 99 31.32 38.24 -54.29
C SER I 99 30.56 38.77 -55.51
N THR I 100 29.43 38.14 -55.87
CA THR I 100 28.68 38.54 -57.05
C THR I 100 27.22 38.84 -56.73
N VAL I 101 26.95 39.45 -55.56
CA VAL I 101 25.57 39.76 -55.21
C VAL I 101 25.16 41.10 -55.79
N GLU I 102 26.09 42.06 -55.86
CA GLU I 102 25.74 43.38 -56.36
C GLU I 102 25.50 43.35 -57.87
N GLN I 103 26.33 42.62 -58.62
CA GLN I 103 26.10 42.51 -60.06
C GLN I 103 24.83 41.73 -60.35
N LEU I 104 24.54 40.70 -59.54
CA LEU I 104 23.29 39.97 -59.70
C LEU I 104 22.08 40.86 -59.44
N TYR I 105 22.17 41.71 -58.40
CA TYR I 105 21.06 42.62 -58.12
C TYR I 105 20.90 43.64 -59.23
N GLU I 106 22.01 44.13 -59.79
CA GLU I 106 21.93 45.07 -60.91
C GLU I 106 21.27 44.41 -62.12
N THR I 107 21.68 43.19 -62.45
CA THR I 107 21.07 42.49 -63.58
C THR I 107 19.59 42.22 -63.32
N ALA I 108 19.24 41.88 -62.09
CA ALA I 108 17.83 41.62 -61.76
C ALA I 108 16.99 42.89 -61.88
N CYS I 109 17.50 44.02 -61.38
CA CYS I 109 16.76 45.27 -61.49
C CYS I 109 16.68 45.74 -62.93
N PHE I 110 17.67 45.39 -63.75
CA PHE I 110 17.58 45.69 -65.17
C PHE I 110 16.58 44.77 -65.88
N LEU I 111 16.38 43.57 -65.35
CA LEU I 111 15.43 42.62 -65.93
C LEU I 111 14.12 42.54 -65.18
N GLN I 112 14.04 43.13 -63.98
CA GLN I 112 12.81 43.17 -63.18
C GLN I 112 12.27 41.77 -62.89
N VAL I 113 13.05 41.02 -62.14
CA VAL I 113 12.64 39.72 -61.63
C VAL I 113 12.27 39.94 -60.16
N GLU I 114 10.97 39.99 -59.87
CA GLU I 114 10.52 40.34 -58.53
C GLU I 114 11.08 39.39 -57.48
N ASP I 115 11.07 38.08 -57.75
CA ASP I 115 11.56 37.12 -56.78
C ASP I 115 13.06 37.29 -56.54
N VAL I 116 13.84 37.36 -57.62
CA VAL I 116 15.28 37.53 -57.48
C VAL I 116 15.61 38.87 -56.84
N LEU I 117 14.86 39.92 -57.22
CA LEU I 117 15.08 41.23 -56.63
C LEU I 117 14.86 41.19 -55.12
N GLN I 118 13.73 40.60 -54.68
CA GLN I 118 13.44 40.54 -53.25
C GLN I 118 14.47 39.69 -52.52
N ARG I 119 14.87 38.56 -53.11
CA ARG I 119 15.84 37.69 -52.44
C ARG I 119 17.19 38.39 -52.30
N CYS I 120 17.67 39.03 -53.37
CA CYS I 120 18.93 39.75 -53.29
C CYS I 120 18.83 40.93 -52.31
N ARG I 121 17.68 41.60 -52.26
CA ARG I 121 17.51 42.71 -51.33
C ARG I 121 17.60 42.23 -49.89
N GLU I 122 16.86 41.16 -49.55
CA GLU I 122 16.92 40.66 -48.18
C GLU I 122 18.28 40.08 -47.85
N TYR I 123 18.97 39.49 -48.83
CA TYR I 123 20.31 38.97 -48.59
C TYR I 123 21.29 40.11 -48.30
N LEU I 124 21.21 41.19 -49.07
CA LEU I 124 22.07 42.35 -48.81
C LEU I 124 21.73 42.98 -47.46
N ILE I 125 20.45 42.99 -47.09
CA ILE I 125 20.06 43.55 -45.80
C ILE I 125 20.64 42.73 -44.66
N LYS I 126 20.52 41.41 -44.74
CA LYS I 126 21.01 40.55 -43.67
C LYS I 126 22.52 40.32 -43.73
N LYS I 127 23.22 41.08 -44.59
CA LYS I 127 24.69 40.92 -44.74
C LYS I 127 25.40 42.29 -44.64
N ILE I 128 24.72 43.30 -44.11
CA ILE I 128 25.38 44.64 -43.90
C ILE I 128 26.37 44.52 -42.75
N ASN I 129 27.67 44.73 -43.02
CA ASN I 129 28.69 44.71 -41.94
C ASN I 129 29.30 46.12 -41.83
N ALA I 130 30.43 46.24 -41.12
CA ALA I 130 31.05 47.57 -40.90
C ALA I 130 32.17 47.79 -41.92
N GLU I 131 32.20 46.99 -43.00
CA GLU I 131 33.29 47.12 -44.01
C GLU I 131 32.69 47.45 -45.38
N ASN I 132 31.40 47.16 -45.57
CA ASN I 132 30.73 47.41 -46.88
C ASN I 132 29.56 48.36 -46.69
N CYS I 133 29.33 48.85 -45.46
CA CYS I 133 28.16 49.72 -45.19
C CYS I 133 28.13 50.90 -46.17
N VAL I 134 29.24 51.61 -46.35
CA VAL I 134 29.25 52.78 -47.22
C VAL I 134 29.05 52.37 -48.67
N ARG I 135 29.70 51.27 -49.08
CA ARG I 135 29.54 50.81 -50.46
C ARG I 135 28.11 50.37 -50.74
N LEU I 136 27.51 49.62 -49.81
CA LEU I 136 26.12 49.22 -50.00
C LEU I 136 25.18 50.41 -49.97
N LEU I 137 25.49 51.44 -49.16
CA LEU I 137 24.68 52.64 -49.16
C LEU I 137 24.74 53.36 -50.51
N SER I 138 25.94 53.50 -51.06
CA SER I 138 26.08 54.10 -52.38
C SER I 138 25.37 53.28 -53.44
N PHE I 139 25.44 51.95 -53.34
CA PHE I 139 24.76 51.07 -54.28
C PHE I 139 23.25 51.27 -54.22
N ALA I 140 22.70 51.31 -53.00
CA ALA I 140 21.25 51.49 -52.83
C ALA I 140 20.82 52.86 -53.31
N ASP I 141 21.66 53.88 -53.10
CA ASP I 141 21.31 55.21 -53.59
C ASP I 141 21.32 55.25 -55.11
N LEU I 142 22.28 54.56 -55.73
CA LEU I 142 22.34 54.54 -57.19
C LEU I 142 21.19 53.75 -57.80
N PHE I 143 20.75 52.68 -57.13
CA PHE I 143 19.71 51.81 -57.66
C PHE I 143 18.35 52.04 -57.02
N SER I 144 18.24 53.01 -56.11
CA SER I 144 16.96 53.41 -55.51
C SER I 144 16.26 52.23 -54.83
N CYS I 145 16.92 51.69 -53.81
CA CYS I 145 16.36 50.64 -52.97
C CYS I 145 16.19 51.23 -51.57
N GLU I 146 14.94 51.57 -51.22
CA GLU I 146 14.70 52.34 -50.00
C GLU I 146 15.05 51.54 -48.75
N GLU I 147 14.72 50.25 -48.73
CA GLU I 147 14.98 49.45 -47.53
C GLU I 147 16.48 49.28 -47.30
N LEU I 148 17.20 48.88 -48.35
CA LEU I 148 18.65 48.74 -48.22
C LEU I 148 19.31 50.07 -47.92
N LYS I 149 18.79 51.17 -48.50
CA LYS I 149 19.34 52.48 -48.23
C LYS I 149 19.17 52.85 -46.76
N GLN I 150 17.98 52.64 -46.21
CA GLN I 150 17.75 52.95 -44.81
C GLN I 150 18.60 52.08 -43.90
N SER I 151 18.71 50.79 -44.21
CA SER I 151 19.51 49.90 -43.37
C SER I 151 20.98 50.30 -43.39
N ALA I 152 21.53 50.61 -44.57
CA ALA I 152 22.92 51.03 -44.66
C ALA I 152 23.15 52.37 -44.00
N LYS I 153 22.16 53.28 -44.09
CA LYS I 153 22.29 54.57 -43.41
C LYS I 153 22.32 54.38 -41.90
N ARG I 154 21.46 53.52 -41.36
CA ARG I 154 21.48 53.24 -39.93
C ARG I 154 22.80 52.60 -39.51
N MET I 155 23.31 51.68 -40.34
CA MET I 155 24.60 51.05 -40.01
C MET I 155 25.73 52.06 -40.02
N VAL I 156 25.71 53.00 -40.97
CA VAL I 156 26.73 54.05 -41.01
C VAL I 156 26.62 54.95 -39.79
N GLU I 157 25.40 55.33 -39.42
CA GLU I 157 25.19 56.14 -38.24
C GLU I 157 25.62 55.41 -36.97
N HIS I 158 25.59 54.07 -36.97
CA HIS I 158 25.97 53.33 -35.76
C HIS I 158 27.49 53.32 -35.57
N LYS I 159 28.25 53.28 -36.66
CA LYS I 159 29.71 53.16 -36.60
C LYS I 159 30.37 54.17 -37.53
N PHE I 160 29.93 55.43 -37.46
CA PHE I 160 30.48 56.46 -38.33
C PHE I 160 31.96 56.71 -38.05
N THR I 161 32.33 56.76 -36.77
CA THR I 161 33.72 57.03 -36.40
C THR I 161 34.66 55.89 -36.80
N ALA I 162 34.12 54.72 -37.12
CA ALA I 162 34.94 53.58 -37.54
C ALA I 162 34.94 53.38 -39.04
N VAL I 163 34.02 53.99 -39.77
CA VAL I 163 33.94 53.79 -41.22
C VAL I 163 34.20 55.06 -42.01
N TYR I 164 34.35 56.21 -41.35
CA TYR I 164 34.62 57.43 -42.11
C TYR I 164 36.04 57.49 -42.66
N HIS I 165 36.88 56.51 -42.36
CA HIS I 165 38.23 56.44 -42.91
C HIS I 165 38.29 55.64 -44.22
N GLN I 166 37.25 54.88 -44.54
CA GLN I 166 37.28 54.03 -45.72
C GLN I 166 37.26 54.87 -46.99
N ASP I 167 37.83 54.31 -48.06
CA ASP I 167 37.87 55.02 -49.34
C ASP I 167 36.49 55.20 -49.94
N ALA I 168 35.54 54.33 -49.59
CA ALA I 168 34.19 54.46 -50.12
C ALA I 168 33.48 55.68 -49.58
N PHE I 169 33.92 56.20 -48.44
CA PHE I 169 33.26 57.35 -47.85
C PHE I 169 33.64 58.65 -48.56
N MET I 170 34.87 58.75 -49.07
CA MET I 170 35.28 59.97 -49.74
C MET I 170 34.74 60.05 -51.16
N GLN I 171 34.32 58.93 -51.74
CA GLN I 171 33.77 58.89 -53.08
C GLN I 171 32.25 58.98 -53.10
N LEU I 172 31.64 59.36 -51.98
CA LEU I 172 30.20 59.47 -51.92
C LEU I 172 29.71 60.72 -52.65
N SER I 173 28.42 60.72 -52.98
CA SER I 173 27.81 61.85 -53.66
C SER I 173 27.48 62.96 -52.67
N HIS I 174 26.96 64.06 -53.22
CA HIS I 174 26.63 65.22 -52.38
C HIS I 174 25.40 64.94 -51.52
N ASP I 175 24.38 64.32 -52.11
CA ASP I 175 23.16 64.03 -51.36
C ASP I 175 23.43 63.06 -50.21
N LEU I 176 24.27 62.06 -50.44
CA LEU I 176 24.62 61.13 -49.38
C LEU I 176 25.31 61.84 -48.23
N LEU I 177 26.24 62.76 -48.54
CA LEU I 177 26.93 63.49 -47.50
C LEU I 177 25.96 64.38 -46.72
N ILE I 178 25.10 65.10 -47.42
CA ILE I 178 24.22 66.04 -46.73
C ILE I 178 23.11 65.31 -45.98
N ASP I 179 22.85 64.05 -46.32
CA ASP I 179 21.84 63.30 -45.58
C ASP I 179 22.46 62.49 -44.44
N ILE I 180 23.77 62.23 -44.51
CA ILE I 180 24.44 61.55 -43.40
C ILE I 180 24.82 62.55 -42.32
N LEU I 181 25.39 63.69 -42.72
CA LEU I 181 25.83 64.67 -41.74
C LEU I 181 24.65 65.33 -41.02
N SER I 182 23.52 65.50 -41.71
CA SER I 182 22.37 66.14 -41.10
C SER I 182 21.64 65.23 -40.11
N SER I 183 21.88 63.92 -40.19
CA SER I 183 21.22 62.98 -39.29
C SER I 183 21.80 63.09 -37.88
N ASP I 184 20.91 63.13 -36.89
CA ASP I 184 21.33 63.23 -35.50
C ASP I 184 21.72 61.89 -34.89
N ASN I 185 21.83 60.84 -35.69
CA ASN I 185 22.18 59.51 -35.21
C ASN I 185 23.66 59.20 -35.34
N LEU I 186 24.50 60.20 -35.57
CA LEU I 186 25.94 59.98 -35.69
C LEU I 186 26.51 59.53 -34.35
N ASN I 187 27.10 58.34 -34.32
CA ASN I 187 27.72 57.80 -33.10
C ASN I 187 29.14 58.34 -33.00
N VAL I 188 29.25 59.57 -32.51
CA VAL I 188 30.53 60.24 -32.33
C VAL I 188 30.56 60.88 -30.95
N GLU I 189 31.70 60.75 -30.27
CA GLU I 189 31.85 61.32 -28.94
C GLU I 189 32.11 62.82 -28.96
N LYS I 190 32.61 63.35 -30.08
CA LYS I 190 32.90 64.77 -30.21
C LYS I 190 32.56 65.22 -31.63
N GLU I 191 32.17 66.49 -31.75
CA GLU I 191 31.86 67.05 -33.05
C GLU I 191 33.11 67.26 -33.90
N GLU I 192 34.29 67.28 -33.28
CA GLU I 192 35.53 67.41 -34.03
C GLU I 192 35.72 66.26 -35.01
N THR I 193 35.25 65.07 -34.65
CA THR I 193 35.35 63.93 -35.57
C THR I 193 34.55 64.17 -36.83
N VAL I 194 33.31 64.64 -36.69
CA VAL I 194 32.48 64.94 -37.86
C VAL I 194 33.07 66.10 -38.65
N ARG I 195 33.64 67.10 -37.96
CA ARG I 195 34.27 68.21 -38.66
C ARG I 195 35.43 67.72 -39.52
N GLU I 196 36.30 66.90 -38.94
CA GLU I 196 37.43 66.38 -39.70
C GLU I 196 36.99 65.45 -40.82
N ALA I 197 35.90 64.71 -40.61
CA ALA I 197 35.36 63.88 -41.68
C ALA I 197 34.89 64.74 -42.86
N ALA I 198 34.16 65.81 -42.56
CA ALA I 198 33.73 66.73 -43.62
C ALA I 198 34.94 67.36 -44.31
N MET I 199 35.96 67.71 -43.54
CA MET I 199 37.15 68.33 -44.12
C MET I 199 37.86 67.37 -45.07
N LEU I 200 38.05 66.12 -44.65
CA LEU I 200 38.72 65.15 -45.52
C LEU I 200 37.87 64.83 -46.74
N TRP I 201 36.54 64.82 -46.58
CA TRP I 201 35.67 64.60 -47.73
C TRP I 201 35.78 65.73 -48.74
N LEU I 202 35.81 66.98 -48.27
CA LEU I 202 35.88 68.10 -49.19
C LEU I 202 37.27 68.24 -49.81
N GLU I 203 38.31 67.81 -49.10
CA GLU I 203 39.65 67.89 -49.66
C GLU I 203 40.03 66.66 -50.48
N TYR I 204 39.22 65.62 -50.46
CA TYR I 204 39.49 64.45 -51.30
C TYR I 204 39.50 64.81 -52.77
N ASN I 205 38.48 65.58 -53.21
CA ASN I 205 38.39 66.04 -54.59
C ASN I 205 37.95 67.50 -54.55
N THR I 206 38.92 68.41 -54.56
CA THR I 206 38.64 69.83 -54.39
C THR I 206 38.08 70.46 -55.67
N GLU I 207 38.57 70.05 -56.84
CA GLU I 207 38.17 70.70 -58.08
C GLU I 207 36.69 70.49 -58.38
N SER I 208 36.10 69.42 -57.88
CA SER I 208 34.70 69.13 -58.12
C SER I 208 33.80 69.44 -56.94
N ARG I 209 34.37 69.68 -55.75
CA ARG I 209 33.60 69.94 -54.55
C ARG I 209 33.85 71.34 -53.97
N SER I 210 34.58 72.19 -54.70
CA SER I 210 34.82 73.54 -54.22
C SER I 210 33.53 74.35 -54.13
N GLN I 211 32.52 73.99 -54.92
CA GLN I 211 31.25 74.70 -54.89
C GLN I 211 30.33 74.22 -53.77
N TYR I 212 30.65 73.10 -53.13
CA TYR I 212 29.81 72.52 -52.09
C TYR I 212 30.32 72.84 -50.69
N LEU I 213 31.27 73.76 -50.55
CA LEU I 213 31.82 74.07 -49.24
C LEU I 213 30.76 74.69 -48.33
N SER I 214 29.86 75.50 -48.90
CA SER I 214 28.79 76.09 -48.09
C SER I 214 27.83 75.03 -47.59
N SER I 215 27.42 74.10 -48.46
CA SER I 215 26.55 73.02 -48.03
C SER I 215 27.23 72.11 -47.03
N VAL I 216 28.55 71.98 -47.12
CA VAL I 216 29.28 71.16 -46.15
C VAL I 216 29.30 71.84 -44.79
N LEU I 217 29.63 73.13 -44.76
CA LEU I 217 29.72 73.84 -43.48
C LEU I 217 28.34 74.08 -42.87
N SER I 218 27.28 74.10 -43.67
CA SER I 218 25.95 74.32 -43.13
C SER I 218 25.38 73.12 -42.41
N GLN I 219 25.99 71.94 -42.56
CA GLN I 219 25.47 70.72 -41.94
C GLN I 219 26.21 70.35 -40.66
N ILE I 220 27.42 70.82 -40.46
CA ILE I 220 28.20 70.52 -39.26
C ILE I 220 27.79 71.52 -38.19
N ARG I 221 27.39 71.01 -37.02
CA ARG I 221 26.99 71.87 -35.92
C ARG I 221 28.22 72.47 -35.25
N ILE I 222 28.35 73.80 -35.35
CA ILE I 222 29.48 74.50 -34.76
C ILE I 222 29.09 75.21 -33.47
N ASP I 223 27.92 75.87 -33.44
CA ASP I 223 27.44 76.55 -32.26
C ASP I 223 26.60 75.65 -31.37
N ALA I 224 26.75 74.33 -31.48
CA ALA I 224 25.98 73.42 -30.65
C ALA I 224 26.39 73.52 -29.18
N LEU I 225 27.67 73.28 -28.91
CA LEU I 225 28.21 73.29 -27.54
C LEU I 225 27.40 72.38 -26.63
N SER I 226 27.33 71.10 -27.02
CA SER I 226 26.45 70.15 -26.35
C SER I 226 26.87 69.91 -24.91
N GLU I 227 28.05 69.31 -24.71
CA GLU I 227 28.47 68.86 -23.40
C GLU I 227 29.72 69.60 -22.92
N VAL I 228 30.03 70.73 -23.54
CA VAL I 228 31.17 71.54 -23.10
C VAL I 228 30.67 72.63 -22.17
N THR I 229 29.42 73.06 -22.37
CA THR I 229 28.83 74.09 -21.51
C THR I 229 28.70 73.59 -20.08
N GLN I 230 28.43 72.30 -19.89
CA GLN I 230 28.41 71.75 -18.55
C GLN I 230 29.80 71.73 -17.94
N ARG I 231 30.83 71.61 -18.78
CA ARG I 231 32.20 71.63 -18.27
C ARG I 231 32.65 73.05 -17.93
N ALA I 232 31.94 74.05 -18.45
CA ALA I 232 32.32 75.44 -18.20
C ALA I 232 31.83 75.89 -16.83
N TRP I 233 30.52 75.84 -16.60
CA TRP I 233 29.95 76.30 -15.34
C TRP I 233 30.46 75.47 -14.16
N PHE I 234 30.03 74.21 -14.09
CA PHE I 234 30.46 73.27 -13.06
C PHE I 234 29.76 71.93 -13.26
N GLN I 235 30.16 70.92 -12.48
CA GLN I 235 29.44 69.66 -12.40
C GLN I 235 28.50 69.61 -11.20
N GLY I 236 28.20 70.76 -10.60
CA GLY I 236 27.39 70.82 -9.40
C GLY I 236 25.95 70.42 -9.62
N LEU I 237 25.60 69.23 -9.13
CA LEU I 237 24.28 68.65 -9.32
C LEU I 237 24.13 67.52 -8.32
N PRO I 238 22.95 66.91 -8.22
CA PRO I 238 22.82 65.62 -7.54
C PRO I 238 23.79 64.62 -8.15
N PRO I 239 24.12 63.54 -7.41
CA PRO I 239 25.22 62.66 -7.85
C PRO I 239 25.14 62.22 -9.30
N ASN I 240 26.08 62.71 -10.11
CA ASN I 240 26.20 62.39 -11.54
C ASN I 240 24.86 62.61 -12.26
N ASP I 241 24.32 63.81 -12.13
CA ASP I 241 23.00 64.12 -12.77
C ASP I 241 23.24 64.70 -14.16
N LYS I 242 24.45 64.56 -14.71
CA LYS I 242 24.72 65.03 -16.09
C LYS I 242 23.89 64.19 -17.06
N SER I 243 23.61 62.94 -16.69
CA SER I 243 22.82 62.03 -17.55
C SER I 243 21.38 62.53 -17.67
N VAL I 244 20.85 63.16 -16.62
CA VAL I 244 19.48 63.73 -16.66
C VAL I 244 19.46 64.87 -17.69
N VAL I 245 20.51 65.70 -17.69
CA VAL I 245 20.62 66.81 -18.69
C VAL I 245 20.68 66.19 -20.09
N VAL I 246 21.39 65.06 -20.24
CA VAL I 246 21.47 64.37 -21.56
C VAL I 246 20.06 64.03 -22.03
N GLN I 247 19.25 63.39 -21.17
CA GLN I 247 17.88 62.96 -21.59
C GLN I 247 16.89 64.11 -21.42
N GLY I 248 17.37 65.36 -21.29
CA GLY I 248 16.48 66.53 -21.17
C GLY I 248 16.75 67.57 -22.23
N LEU I 249 17.94 68.19 -22.20
CA LEU I 249 18.31 69.25 -23.18
C LEU I 249 18.20 68.68 -24.61
N TYR I 250 18.72 67.48 -24.83
CA TYR I 250 18.68 66.85 -26.18
C TYR I 250 17.24 66.83 -26.70
N LYS I 251 16.33 66.17 -25.97
CA LYS I 251 14.91 66.04 -26.42
C LYS I 251 14.41 67.37 -27.02
N ASP I 252 14.31 68.40 -26.20
CA ASP I 252 13.79 69.72 -26.67
C ASP I 252 14.93 70.50 -27.34
N MET I 253 15.10 70.32 -28.66
CA MET I 253 16.18 71.01 -29.39
C MET I 253 15.79 71.24 -30.87
N PRO I 254 16.02 72.44 -31.51
CA PRO I 254 15.57 72.67 -32.89
C PRO I 254 16.26 71.79 -33.93
N LYS I 255 17.01 70.80 -33.47
CA LYS I 255 17.66 69.79 -34.32
C LYS I 255 18.81 70.36 -35.14
N PHE I 256 19.08 71.66 -35.03
CA PHE I 256 20.27 72.20 -35.65
C PHE I 256 21.45 72.24 -34.68
N PHE I 257 21.17 72.51 -33.40
CA PHE I 257 22.17 72.45 -32.35
C PHE I 257 22.01 71.21 -31.49
N LYS I 258 21.35 70.19 -32.02
CA LYS I 258 21.10 68.99 -31.26
C LYS I 258 22.40 68.23 -30.97
N PRO I 259 22.61 67.78 -29.75
CA PRO I 259 23.73 66.86 -29.49
C PRO I 259 23.50 65.55 -30.22
N ARG I 260 24.49 65.14 -31.00
CA ARG I 260 24.36 63.92 -31.78
C ARG I 260 24.16 62.72 -30.86
N LEU I 261 23.66 61.62 -31.45
CA LEU I 261 23.34 60.44 -30.67
C LEU I 261 24.57 59.91 -29.94
N GLY I 262 25.76 60.04 -30.54
CA GLY I 262 26.97 59.61 -29.87
C GLY I 262 27.25 60.39 -28.60
N MET I 263 26.74 61.62 -28.50
CA MET I 263 26.94 62.40 -27.24
C MET I 263 25.83 62.05 -26.23
N THR I 264 25.12 60.94 -26.45
CA THR I 264 24.10 60.50 -25.46
C THR I 264 24.53 59.13 -24.93
N LYS I 265 25.40 58.43 -25.66
CA LYS I 265 25.91 57.10 -25.22
C LYS I 265 26.53 57.23 -23.82
N GLU I 266 25.95 56.56 -22.84
CA GLU I 266 26.45 56.62 -21.44
C GLU I 266 26.45 55.22 -20.84
N GLU I 267 27.41 54.93 -19.94
CA GLU I 267 27.50 53.59 -19.32
C GLU I 267 26.13 53.15 -18.81
N MET I 268 25.61 52.02 -19.31
CA MET I 268 24.27 51.53 -18.89
C MET I 268 24.39 50.09 -18.39
N MET I 269 23.51 49.68 -17.47
CA MET I 269 23.51 48.29 -16.95
C MET I 269 22.58 47.43 -17.80
N ILE I 270 23.10 46.84 -18.89
CA ILE I 270 22.28 45.95 -19.77
C ILE I 270 21.93 44.68 -18.99
N PHE I 271 20.76 44.65 -18.36
CA PHE I 271 20.34 43.46 -17.57
C PHE I 271 19.69 42.44 -18.51
N ILE I 272 20.49 41.49 -19.01
CA ILE I 272 19.97 40.48 -19.97
C ILE I 272 19.34 39.32 -19.17
N GLU I 273 18.21 38.79 -19.63
CA GLU I 273 17.52 37.67 -18.93
C GLU I 273 17.31 38.03 -17.45
N ALA I 274 16.91 39.27 -17.17
CA ALA I 274 16.75 39.72 -15.77
C ALA I 274 15.34 39.37 -15.27
N SER I 275 15.03 39.73 -14.02
CA SER I 275 13.68 39.48 -13.47
C SER I 275 13.01 40.81 -13.12
N SER I 276 11.68 40.81 -12.95
CA SER I 276 10.96 42.05 -12.57
C SER I 276 10.12 41.79 -11.32
N GLU I 277 9.35 42.79 -10.87
CA GLU I 277 8.47 42.62 -9.70
C GLU I 277 7.43 41.52 -10.01
N ASN I 278 6.87 41.54 -11.22
CA ASN I 278 5.89 40.51 -11.63
C ASN I 278 6.56 39.13 -11.65
N PRO I 279 6.03 38.11 -10.93
CA PRO I 279 6.67 36.79 -10.86
C PRO I 279 6.61 36.07 -12.21
N CYS I 280 5.63 36.40 -13.06
CA CYS I 280 5.53 35.80 -14.41
C CYS I 280 6.71 36.27 -15.25
N SER I 281 7.07 37.55 -15.13
CA SER I 281 8.23 38.11 -15.90
C SER I 281 9.53 37.90 -15.11
N LEU I 282 9.92 36.64 -14.91
CA LEU I 282 11.17 36.31 -14.17
C LEU I 282 12.32 36.17 -15.18
N TYR I 283 12.00 36.17 -16.47
CA TYR I 283 13.05 36.09 -17.52
C TYR I 283 12.89 37.28 -18.48
N SER I 284 12.50 38.43 -17.93
CA SER I 284 12.31 39.66 -18.75
C SER I 284 13.63 40.42 -18.85
N SER I 285 13.57 41.76 -18.75
CA SER I 285 14.80 42.60 -18.86
C SER I 285 14.49 44.04 -18.45
N VAL I 286 15.27 44.61 -17.53
CA VAL I 286 15.08 46.03 -17.12
C VAL I 286 16.45 46.71 -17.09
N CYS I 287 16.70 47.62 -18.04
CA CYS I 287 17.99 48.36 -18.08
C CYS I 287 18.02 49.39 -16.94
N TYR I 288 19.22 49.73 -16.46
CA TYR I 288 19.35 50.72 -15.36
C TYR I 288 20.51 51.67 -15.66
N SER I 289 20.45 52.91 -15.13
CA SER I 289 21.58 53.85 -15.31
C SER I 289 22.31 53.99 -13.98
N PRO I 290 23.60 53.57 -13.87
CA PRO I 290 24.36 53.72 -12.63
C PRO I 290 24.83 55.17 -12.41
N GLN I 291 24.28 56.12 -13.18
CA GLN I 291 24.67 57.55 -13.05
C GLN I 291 23.41 58.38 -12.76
N ALA I 292 22.37 58.24 -13.57
CA ALA I 292 21.13 59.01 -13.38
C ALA I 292 20.18 58.26 -12.43
N GLU I 293 20.56 57.04 -12.02
CA GLU I 293 19.71 56.22 -11.10
C GLU I 293 18.27 56.19 -11.63
N LYS I 294 18.09 55.72 -12.87
CA LYS I 294 16.73 55.68 -13.48
C LYS I 294 16.43 54.25 -13.93
N VAL I 295 15.15 53.88 -13.98
CA VAL I 295 14.75 52.51 -14.43
C VAL I 295 14.30 52.59 -15.89
N TYR I 296 14.92 51.78 -16.77
CA TYR I 296 14.52 51.75 -18.20
C TYR I 296 13.98 50.36 -18.53
N LYS I 297 13.32 50.22 -19.68
CA LYS I 297 12.82 48.88 -20.10
C LYS I 297 13.81 48.30 -21.12
N LEU I 298 13.84 46.97 -21.26
CA LEU I 298 14.74 46.31 -22.24
C LEU I 298 13.95 45.19 -22.93
N CYS I 299 14.46 44.68 -24.05
CA CYS I 299 13.79 43.59 -24.79
C CYS I 299 14.74 42.41 -24.94
N SER I 300 15.56 42.12 -23.92
CA SER I 300 16.58 41.03 -23.99
C SER I 300 16.05 39.79 -24.72
N PRO I 301 14.91 39.16 -24.34
CA PRO I 301 14.39 38.02 -25.11
C PRO I 301 13.78 38.47 -26.45
N PRO I 302 14.37 38.08 -27.61
CA PRO I 302 13.81 38.43 -28.92
C PRO I 302 12.55 37.57 -29.14
N ALA I 303 12.74 36.31 -29.54
CA ALA I 303 11.59 35.38 -29.69
C ALA I 303 11.50 34.52 -28.44
N ASP I 304 11.43 35.13 -27.26
CA ASP I 304 11.42 34.37 -25.97
C ASP I 304 12.66 33.49 -25.92
N LEU I 305 13.79 33.96 -26.46
CA LEU I 305 15.04 33.15 -26.48
C LEU I 305 15.71 33.25 -25.12
N HIS I 306 15.84 32.12 -24.42
CA HIS I 306 16.45 32.13 -23.06
C HIS I 306 17.77 31.34 -23.10
N LYS I 307 18.46 31.25 -21.95
CA LYS I 307 19.79 30.57 -21.91
C LYS I 307 20.66 31.08 -23.06
N VAL I 308 20.83 32.41 -23.15
CA VAL I 308 21.65 33.02 -24.24
C VAL I 308 22.93 33.58 -23.62
N GLY I 309 23.76 34.25 -24.42
CA GLY I 309 25.03 34.80 -23.91
C GLY I 309 25.29 36.21 -24.44
N THR I 310 25.21 37.21 -23.56
CA THR I 310 25.41 38.63 -23.99
C THR I 310 26.88 38.89 -24.31
N VAL I 311 27.17 39.48 -25.47
CA VAL I 311 28.57 39.82 -25.85
C VAL I 311 28.63 41.29 -26.28
N VAL I 312 29.02 42.19 -25.37
CA VAL I 312 29.17 43.63 -25.72
C VAL I 312 30.56 43.84 -26.33
N THR I 313 30.63 44.29 -27.58
CA THR I 313 31.94 44.55 -28.25
C THR I 313 32.49 45.88 -27.75
N PRO I 314 33.77 46.25 -27.99
CA PRO I 314 34.29 47.57 -27.60
C PRO I 314 33.49 48.72 -28.22
N ASP I 315 32.83 48.47 -29.36
CA ASP I 315 31.99 49.51 -30.02
C ASP I 315 30.61 49.56 -29.35
N ASN I 316 30.43 48.80 -28.26
CA ASN I 316 29.13 48.78 -27.50
C ASN I 316 28.03 48.15 -28.35
N ASP I 317 28.28 46.97 -28.93
CA ASP I 317 27.23 46.26 -29.69
C ASP I 317 26.92 44.94 -28.99
N ILE I 318 25.88 44.91 -28.16
CA ILE I 318 25.49 43.68 -27.41
C ILE I 318 25.07 42.60 -28.41
N TYR I 319 25.50 41.35 -28.20
CA TYR I 319 25.11 40.23 -29.09
C TYR I 319 24.52 39.09 -28.25
N ILE I 320 24.12 37.99 -28.89
CA ILE I 320 23.59 36.81 -28.14
C ILE I 320 24.04 35.54 -28.87
N ALA I 321 24.14 34.41 -28.16
CA ALA I 321 24.65 33.16 -28.76
C ALA I 321 23.78 31.97 -28.34
N GLY I 322 23.61 30.98 -29.22
CA GLY I 322 22.78 29.80 -28.91
C GLY I 322 21.32 30.18 -28.75
N GLY I 323 20.74 29.92 -27.58
CA GLY I 323 19.33 30.31 -27.32
C GLY I 323 18.44 29.10 -27.06
N GLN I 324 17.24 29.34 -26.53
CA GLN I 324 16.28 28.24 -26.26
C GLN I 324 14.85 28.78 -26.34
N VAL I 325 14.12 28.39 -27.39
CA VAL I 325 12.69 28.81 -27.54
C VAL I 325 11.85 27.90 -26.64
N PRO I 326 10.74 28.38 -26.04
CA PRO I 326 9.86 27.51 -25.23
C PRO I 326 9.43 26.27 -26.02
N LEU I 327 9.54 25.08 -25.42
CA LEU I 327 9.17 23.81 -26.10
C LEU I 327 7.82 23.99 -26.80
N LYS I 328 7.79 23.85 -28.13
CA LYS I 328 6.54 24.03 -28.91
C LYS I 328 5.94 22.66 -29.24
N PHE I 344 13.03 22.92 -22.98
CA PHE I 344 12.94 24.08 -23.90
C PHE I 344 13.50 23.69 -25.26
N ARG I 345 12.76 23.98 -26.34
CA ARG I 345 13.23 23.65 -27.71
C ARG I 345 14.58 24.31 -27.97
N THR I 346 15.65 23.52 -28.02
CA THR I 346 17.02 24.09 -28.23
C THR I 346 17.11 24.68 -29.65
N VAL I 347 17.35 25.99 -29.74
CA VAL I 347 17.49 26.66 -31.08
C VAL I 347 18.89 27.28 -31.16
N ASN I 348 19.23 27.87 -32.31
CA ASN I 348 20.59 28.44 -32.51
C ASN I 348 20.46 29.83 -33.16
N CYS I 349 19.24 30.27 -33.46
CA CYS I 349 19.03 31.57 -34.14
C CYS I 349 19.88 32.65 -33.48
N PHE I 350 20.75 33.30 -34.25
CA PHE I 350 21.65 34.35 -33.69
C PHE I 350 20.93 35.70 -33.69
N TYR I 351 21.21 36.53 -32.69
CA TYR I 351 20.55 37.87 -32.59
C TYR I 351 21.57 38.91 -32.12
N TRP I 352 21.53 40.10 -32.71
CA TRP I 352 22.47 41.19 -32.31
C TRP I 352 21.69 42.40 -31.80
N PHE I 353 21.82 42.73 -30.52
CA PHE I 353 21.13 43.91 -29.94
C PHE I 353 21.76 45.19 -30.49
N ASP I 354 21.00 45.97 -31.25
CA ASP I 354 21.52 47.27 -31.76
C ASP I 354 21.37 48.31 -30.63
N ALA I 355 21.96 49.50 -30.82
CA ALA I 355 21.84 50.57 -29.80
C ALA I 355 20.93 51.67 -30.35
N GLN I 356 21.07 52.01 -31.64
CA GLN I 356 20.26 53.09 -32.25
C GLN I 356 18.79 52.66 -32.34
N GLN I 357 18.54 51.51 -32.96
CA GLN I 357 17.14 50.99 -33.09
C GLN I 357 16.81 50.13 -31.88
N ASN I 358 17.83 49.73 -31.11
CA ASN I 358 17.62 48.89 -29.89
C ASN I 358 16.75 47.69 -30.23
N THR I 359 17.15 46.89 -31.23
CA THR I 359 16.38 45.68 -31.63
C THR I 359 17.34 44.50 -31.80
N TRP I 360 16.82 43.27 -31.77
CA TRP I 360 17.67 42.08 -32.00
C TRP I 360 17.62 41.71 -33.49
N PHE I 361 18.78 41.51 -34.12
CA PHE I 361 18.81 41.25 -35.59
C PHE I 361 19.10 39.77 -35.85
N PRO I 362 18.14 39.01 -36.44
CA PRO I 362 18.35 37.60 -36.76
C PRO I 362 19.43 37.40 -37.83
N LYS I 363 20.25 36.34 -37.69
CA LYS I 363 21.30 36.05 -38.69
C LYS I 363 21.55 34.54 -38.75
N THR I 364 22.67 34.12 -39.34
CA THR I 364 22.99 32.68 -39.48
C THR I 364 23.01 31.99 -38.12
N PRO I 365 22.29 30.86 -37.92
CA PRO I 365 22.35 30.11 -36.66
C PRO I 365 23.65 29.30 -36.57
N MET I 366 24.01 28.87 -35.36
CA MET I 366 25.27 28.10 -35.16
C MET I 366 25.02 26.61 -35.39
N LEU I 367 26.02 25.77 -35.13
CA LEU I 367 25.88 24.30 -35.30
C LEU I 367 25.74 23.66 -33.92
N PHE I 368 26.17 24.36 -32.86
CA PHE I 368 26.06 23.83 -31.48
C PHE I 368 25.22 24.78 -30.62
N VAL I 369 24.14 24.27 -30.03
CA VAL I 369 23.26 25.11 -29.16
C VAL I 369 24.01 25.43 -27.87
N ARG I 370 24.46 26.67 -27.69
CA ARG I 370 25.20 27.07 -26.47
C ARG I 370 24.21 27.36 -25.35
N ILE I 371 24.28 26.60 -24.25
CA ILE I 371 23.36 26.79 -23.10
C ILE I 371 23.95 27.88 -22.18
N LYS I 372 23.41 29.10 -22.25
CA LYS I 372 23.93 30.24 -21.44
C LYS I 372 25.45 30.31 -21.54
N PRO I 373 26.03 30.63 -22.72
CA PRO I 373 27.49 30.62 -22.89
C PRO I 373 28.25 31.83 -22.31
N SER I 374 29.50 31.63 -21.92
CA SER I 374 30.34 32.76 -21.42
C SER I 374 31.34 33.12 -22.52
N LEU I 375 31.04 34.18 -23.30
CA LEU I 375 31.91 34.55 -24.45
C LEU I 375 32.38 36.01 -24.28
N VAL I 376 33.53 36.35 -24.88
CA VAL I 376 34.04 37.75 -24.84
C VAL I 376 34.66 38.07 -26.20
N CYS I 377 34.93 39.35 -26.47
CA CYS I 377 35.58 39.76 -27.74
C CYS I 377 37.10 39.62 -27.60
N CYS I 378 37.61 38.39 -27.51
CA CYS I 378 39.06 38.15 -27.34
C CYS I 378 39.81 38.68 -28.56
N GLU I 379 40.70 39.66 -28.37
CA GLU I 379 41.44 40.29 -29.51
C GLU I 379 40.43 40.91 -30.48
N GLY I 380 39.35 41.49 -29.95
CA GLY I 380 38.31 42.09 -30.80
C GLY I 380 37.56 41.06 -31.62
N TYR I 381 37.58 39.79 -31.19
CA TYR I 381 36.92 38.70 -31.95
C TYR I 381 36.19 37.78 -30.97
N ILE I 382 34.85 37.78 -31.02
CA ILE I 382 34.04 36.93 -30.09
C ILE I 382 34.36 35.46 -30.36
N TYR I 383 34.63 34.69 -29.31
CA TYR I 383 34.87 33.22 -29.49
C TYR I 383 33.83 32.47 -28.64
N ALA I 384 33.35 31.32 -29.13
CA ALA I 384 32.29 30.58 -28.40
C ALA I 384 32.88 29.71 -27.29
N ILE I 385 33.57 30.33 -26.31
CA ILE I 385 34.24 29.56 -25.22
C ILE I 385 33.20 28.68 -24.51
N GLY I 386 33.26 27.36 -24.76
CA GLY I 386 32.33 26.40 -24.10
C GLY I 386 30.95 26.97 -23.86
N GLY I 387 30.55 27.11 -22.59
CA GLY I 387 29.21 27.62 -22.26
C GLY I 387 28.12 26.73 -22.82
N ASP I 388 28.23 25.43 -22.61
CA ASP I 388 27.23 24.47 -23.15
C ASP I 388 26.72 23.59 -22.00
N SER I 389 26.66 22.27 -22.22
CA SER I 389 26.17 21.33 -21.17
C SER I 389 27.17 20.17 -21.01
N VAL I 390 26.70 19.01 -20.54
CA VAL I 390 27.58 17.83 -20.37
C VAL I 390 27.06 16.69 -21.25
N GLY I 391 27.92 16.08 -22.06
CA GLY I 391 27.52 14.96 -22.93
C GLY I 391 28.32 14.94 -24.22
N GLY I 392 29.64 14.78 -24.12
CA GLY I 392 30.51 14.73 -25.31
C GLY I 392 31.33 16.00 -25.47
N GLU I 393 32.64 15.87 -25.65
CA GLU I 393 33.52 17.05 -25.82
C GLU I 393 33.45 17.52 -27.29
N LEU I 394 33.03 16.63 -28.20
CA LEU I 394 32.91 16.98 -29.63
C LEU I 394 31.57 17.69 -29.87
N ASN I 395 30.64 17.55 -28.94
CA ASN I 395 29.31 18.20 -29.07
C ASN I 395 29.28 19.47 -28.20
N ARG I 396 29.36 19.28 -26.87
CA ARG I 396 29.33 20.45 -25.94
C ARG I 396 30.76 20.98 -25.73
N ARG I 397 30.94 21.94 -24.82
CA ARG I 397 32.27 22.55 -24.56
C ARG I 397 33.05 22.66 -25.88
N THR I 398 32.55 23.47 -26.83
CA THR I 398 33.20 23.57 -28.15
C THR I 398 33.51 25.04 -28.46
N VAL I 399 34.76 25.47 -28.22
CA VAL I 399 35.17 26.86 -28.54
C VAL I 399 35.13 27.05 -30.06
N GLU I 400 34.45 28.10 -30.54
CA GLU I 400 34.36 28.36 -32.01
C GLU I 400 34.91 29.77 -32.29
N ARG I 401 34.78 30.23 -33.53
CA ARG I 401 35.24 31.60 -33.92
C ARG I 401 34.08 32.34 -34.58
N TYR I 402 34.00 33.66 -34.40
CA TYR I 402 32.86 34.44 -34.95
C TYR I 402 33.34 35.26 -36.15
N ASP I 403 33.35 34.66 -37.33
CA ASP I 403 33.75 35.40 -38.57
C ASP I 403 32.87 36.64 -38.70
N THR I 404 33.48 37.83 -38.71
CA THR I 404 32.67 39.10 -38.74
C THR I 404 32.23 39.40 -40.18
N GLU I 405 33.17 39.48 -41.12
CA GLU I 405 32.82 39.86 -42.52
C GLU I 405 32.23 38.66 -43.24
N LYS I 406 32.61 37.45 -42.85
CA LYS I 406 32.11 36.22 -43.52
C LYS I 406 30.80 35.77 -42.86
N ASP I 407 30.50 36.32 -41.67
CA ASP I 407 29.25 35.96 -40.94
C ASP I 407 29.15 34.44 -40.82
N GLU I 408 30.24 33.77 -40.45
CA GLU I 408 30.25 32.28 -40.36
C GLU I 408 30.72 31.86 -38.97
N TRP I 409 30.54 30.59 -38.62
CA TRP I 409 30.94 30.08 -37.27
C TRP I 409 31.94 28.95 -37.42
N THR I 410 33.21 29.28 -37.70
CA THR I 410 34.26 28.24 -37.88
C THR I 410 34.58 27.61 -36.52
N MET I 411 34.62 26.27 -36.45
CA MET I 411 34.93 25.57 -35.19
C MET I 411 36.45 25.61 -34.93
N VAL I 412 36.86 25.65 -33.66
CA VAL I 412 38.31 25.65 -33.32
C VAL I 412 38.53 24.66 -32.16
N SER I 413 39.78 24.46 -31.72
CA SER I 413 40.08 23.55 -30.59
C SER I 413 38.99 23.65 -29.52
N PRO I 414 38.25 22.55 -29.23
CA PRO I 414 37.16 22.58 -28.25
C PRO I 414 37.65 22.48 -26.80
N LEU I 415 36.87 23.01 -25.86
CA LEU I 415 37.24 22.92 -24.41
C LEU I 415 37.30 21.43 -24.03
N PRO I 416 38.42 20.94 -23.45
CA PRO I 416 38.56 19.51 -23.13
C PRO I 416 37.43 18.97 -22.23
N CYS I 417 37.33 19.45 -20.99
CA CYS I 417 36.31 18.92 -20.04
C CYS I 417 35.11 19.86 -19.97
N ALA I 418 34.04 19.43 -19.30
CA ALA I 418 32.81 20.25 -19.17
C ALA I 418 33.04 21.36 -18.13
N TRP I 419 33.10 22.61 -18.58
CA TRP I 419 33.34 23.75 -17.64
C TRP I 419 32.14 24.70 -17.66
N GLN I 420 31.28 24.62 -16.63
CA GLN I 420 30.06 25.46 -16.58
C GLN I 420 30.27 26.59 -15.58
N TRP I 421 29.49 27.68 -15.70
CA TRP I 421 29.61 28.85 -14.78
C TRP I 421 31.07 29.28 -14.66
N SER I 422 31.78 29.39 -15.79
CA SER I 422 33.20 29.84 -15.79
C SER I 422 33.30 31.20 -16.50
N ALA I 423 33.37 32.29 -15.73
CA ALA I 423 33.41 33.64 -16.31
C ALA I 423 34.59 33.76 -17.29
N ALA I 424 34.31 34.15 -18.54
CA ALA I 424 35.38 34.31 -19.55
C ALA I 424 35.92 35.74 -19.51
N VAL I 425 37.19 35.91 -19.14
CA VAL I 425 37.80 37.27 -19.04
C VAL I 425 39.09 37.31 -19.87
N VAL I 426 39.18 38.22 -20.85
CA VAL I 426 40.43 38.36 -21.66
C VAL I 426 41.45 39.14 -20.83
N VAL I 427 42.73 38.75 -20.90
CA VAL I 427 43.81 39.48 -20.17
C VAL I 427 45.01 39.62 -21.11
N HIS I 428 45.41 40.86 -21.43
CA HIS I 428 46.55 41.13 -22.35
C HIS I 428 46.33 40.37 -23.67
N ASP I 429 45.16 40.56 -24.30
CA ASP I 429 44.85 39.91 -25.60
C ASP I 429 45.01 38.38 -25.49
N CYS I 430 44.63 37.80 -24.35
CA CYS I 430 44.72 36.33 -24.17
C CYS I 430 43.63 35.90 -23.18
N ILE I 431 42.65 35.12 -23.65
CA ILE I 431 41.52 34.69 -22.78
C ILE I 431 42.07 33.96 -21.56
N TYR I 432 41.66 34.38 -20.35
CA TYR I 432 42.11 33.69 -19.12
C TYR I 432 40.87 33.21 -18.36
N VAL I 433 40.15 32.22 -18.92
CA VAL I 433 38.91 31.71 -18.29
C VAL I 433 39.29 30.75 -17.15
N MET I 434 39.10 31.17 -15.90
CA MET I 434 39.35 30.25 -14.76
C MET I 434 38.16 29.32 -14.61
N THR I 435 38.41 28.00 -14.59
CA THR I 435 37.30 27.01 -14.52
C THR I 435 37.04 26.63 -13.06
N LEU I 436 36.65 25.38 -12.81
CA LEU I 436 36.43 24.91 -11.41
C LEU I 436 37.79 24.85 -10.70
N ASN I 437 38.73 24.07 -11.24
CA ASN I 437 40.09 23.97 -10.61
C ASN I 437 41.12 23.60 -11.68
N LEU I 438 40.82 23.88 -12.96
CA LEU I 438 41.77 23.58 -14.06
C LEU I 438 41.84 24.76 -15.02
N MET I 439 42.46 25.87 -14.59
CA MET I 439 42.63 27.05 -15.47
C MET I 439 43.62 26.70 -16.58
N TYR I 440 43.36 27.16 -17.80
CA TYR I 440 44.29 26.92 -18.93
C TYR I 440 44.73 28.26 -19.53
N CYS I 441 45.66 28.22 -20.50
CA CYS I 441 46.08 29.46 -21.19
C CYS I 441 45.27 29.59 -22.48
N TYR I 442 43.95 29.75 -22.36
CA TYR I 442 43.05 29.85 -23.55
C TYR I 442 43.70 30.79 -24.57
N PHE I 443 44.21 30.24 -25.67
CA PHE I 443 44.94 31.09 -26.66
C PHE I 443 43.98 31.49 -27.78
N PRO I 444 43.84 32.80 -28.09
CA PRO I 444 43.00 33.24 -29.21
C PRO I 444 43.76 33.17 -30.55
N ARG I 445 45.01 32.70 -30.51
CA ARG I 445 45.84 32.61 -31.74
C ARG I 445 46.39 31.19 -31.88
N SER I 446 47.02 30.66 -30.83
CA SER I 446 47.61 29.30 -30.86
C SER I 446 46.54 28.26 -30.53
N ASP I 447 45.42 28.70 -29.94
CA ASP I 447 44.30 27.78 -29.60
C ASP I 447 44.83 26.56 -28.82
N SER I 448 45.38 26.78 -27.64
CA SER I 448 45.93 25.66 -26.82
C SER I 448 45.45 25.79 -25.37
N TRP I 449 45.63 24.74 -24.57
CA TRP I 449 45.18 24.74 -23.15
C TRP I 449 46.36 24.51 -22.23
N VAL I 450 47.40 25.35 -22.31
CA VAL I 450 48.56 25.24 -21.37
C VAL I 450 48.06 25.46 -19.95
N GLU I 451 48.00 24.40 -19.13
CA GLU I 451 47.48 24.52 -17.74
C GLU I 451 48.09 25.74 -17.06
N MET I 452 47.28 26.75 -16.76
CA MET I 452 47.77 27.99 -16.10
C MET I 452 47.60 27.86 -14.58
N ALA I 453 48.27 28.71 -13.81
CA ALA I 453 48.14 28.67 -12.34
C ALA I 453 46.66 28.69 -11.94
N MET I 454 46.21 27.66 -11.23
CA MET I 454 44.79 27.58 -10.81
C MET I 454 44.70 27.72 -9.28
N ARG I 455 43.57 27.31 -8.69
CA ARG I 455 43.40 27.39 -7.22
C ARG I 455 43.34 25.97 -6.64
N GLN I 456 42.76 25.82 -5.45
CA GLN I 456 42.61 24.48 -4.82
C GLN I 456 41.12 24.26 -4.53
N THR I 457 40.32 25.32 -4.67
CA THR I 457 38.85 25.22 -4.43
C THR I 457 38.15 24.86 -5.74
N SER I 458 37.72 23.61 -5.89
CA SER I 458 37.06 23.16 -7.15
C SER I 458 35.57 23.52 -7.13
N ARG I 459 35.24 24.80 -7.33
CA ARG I 459 33.83 25.24 -7.34
C ARG I 459 33.60 26.18 -8.53
N SER I 460 32.35 26.27 -9.01
CA SER I 460 32.02 27.19 -10.13
C SER I 460 31.34 28.44 -9.58
N PHE I 461 30.38 29.01 -10.32
CA PHE I 461 29.65 30.23 -9.87
C PHE I 461 30.65 31.30 -9.44
N ALA I 462 31.77 31.43 -10.15
CA ALA I 462 32.81 32.42 -9.79
C ALA I 462 32.64 33.68 -10.64
N SER I 463 31.83 34.64 -10.17
CA SER I 463 31.56 35.87 -10.95
C SER I 463 32.84 36.68 -11.15
N ALA I 464 33.15 37.06 -12.39
CA ALA I 464 34.34 37.87 -12.69
C ALA I 464 34.07 38.75 -13.92
N ALA I 465 34.48 40.02 -13.87
CA ALA I 465 34.31 40.92 -15.04
C ALA I 465 35.69 41.39 -15.49
N ALA I 466 35.74 42.31 -16.47
CA ALA I 466 37.03 42.87 -16.93
C ALA I 466 37.69 43.64 -15.79
N PHE I 467 38.60 43.00 -15.06
CA PHE I 467 39.22 43.65 -13.87
C PHE I 467 40.68 44.00 -14.18
N GLY I 468 41.05 44.01 -15.47
CA GLY I 468 42.42 44.38 -15.87
C GLY I 468 43.44 43.29 -15.57
N ASP I 469 44.66 43.68 -15.20
CA ASP I 469 45.75 42.70 -14.93
C ASP I 469 45.28 41.66 -13.91
N LYS I 470 44.94 42.09 -12.70
CA LYS I 470 44.53 41.14 -11.63
C LYS I 470 43.01 40.95 -11.68
N ILE I 471 42.55 39.78 -12.10
CA ILE I 471 41.09 39.47 -12.13
C ILE I 471 40.66 39.01 -10.74
N PHE I 472 39.35 38.99 -10.48
CA PHE I 472 38.82 38.54 -9.16
C PHE I 472 37.59 37.66 -9.40
N TYR I 473 37.74 36.34 -9.20
CA TYR I 473 36.62 35.39 -9.45
C TYR I 473 35.84 35.18 -8.16
N ILE I 474 35.31 36.25 -7.58
CA ILE I 474 34.53 36.16 -6.31
C ILE I 474 33.30 35.25 -6.54
N GLY I 475 33.16 34.20 -5.74
CA GLY I 475 31.98 33.32 -5.85
C GLY I 475 32.33 31.85 -5.72
N GLY I 476 31.37 31.04 -5.28
CA GLY I 476 31.59 29.59 -5.12
C GLY I 476 30.33 28.88 -4.66
N LEU I 477 29.24 29.64 -4.44
CA LEU I 477 27.96 29.06 -3.99
C LEU I 477 28.21 28.04 -2.87
N SER I 496 32.11 31.19 1.05
CA SER I 496 32.69 30.68 -0.22
C SER I 496 32.82 31.83 -1.23
N VAL I 497 32.86 33.08 -0.73
CA VAL I 497 33.00 34.27 -1.62
C VAL I 497 34.44 34.79 -1.52
N THR I 498 35.43 33.89 -1.66
CA THR I 498 36.85 34.29 -1.56
C THR I 498 37.20 35.23 -2.72
N VAL I 499 37.77 36.40 -2.41
CA VAL I 499 38.18 37.37 -3.46
C VAL I 499 39.63 37.06 -3.86
N GLU I 500 39.84 35.96 -4.60
CA GLU I 500 41.22 35.54 -4.99
C GLU I 500 41.80 36.54 -6.00
N ILE I 501 43.08 36.89 -5.85
CA ILE I 501 43.75 37.82 -6.80
C ILE I 501 44.34 36.99 -7.94
N TYR I 502 44.04 37.35 -9.20
CA TYR I 502 44.52 36.57 -10.36
C TYR I 502 45.60 37.34 -11.10
N ASP I 503 46.80 37.44 -10.51
CA ASP I 503 47.93 38.12 -11.19
C ASP I 503 48.31 37.32 -12.44
N VAL I 504 48.36 37.98 -13.61
CA VAL I 504 48.66 37.27 -14.88
C VAL I 504 50.07 37.64 -15.35
N ASN I 505 50.39 38.94 -15.34
CA ASN I 505 51.74 39.40 -15.77
C ASN I 505 52.81 38.72 -14.91
N LYS I 506 52.70 38.86 -13.59
CA LYS I 506 53.67 38.23 -12.65
C LYS I 506 53.30 36.76 -12.44
N ASN I 507 52.12 36.36 -12.93
CA ASN I 507 51.63 34.96 -12.76
C ASN I 507 51.70 34.56 -11.28
N GLU I 508 51.25 35.45 -10.39
CA GLU I 508 51.26 35.16 -8.93
C GLU I 508 49.84 34.79 -8.49
N TRP I 509 49.67 34.41 -7.22
CA TRP I 509 48.33 33.98 -6.73
C TRP I 509 48.13 34.42 -5.29
N LYS I 510 47.55 35.61 -5.08
CA LYS I 510 47.30 36.12 -3.71
C LYS I 510 45.80 36.05 -3.40
N MET I 511 45.36 36.66 -2.30
CA MET I 511 43.93 36.65 -1.92
C MET I 511 43.61 37.93 -1.14
N ALA I 512 42.40 38.47 -1.30
CA ALA I 512 41.99 39.67 -0.52
C ALA I 512 41.32 39.21 0.78
N ALA I 513 40.00 39.12 0.79
CA ALA I 513 39.25 38.67 1.99
C ALA I 513 37.94 38.00 1.57
N ASN I 514 36.81 38.48 2.11
CA ASN I 514 35.48 37.90 1.79
C ASN I 514 34.44 39.02 1.79
N ILE I 515 33.24 38.75 1.25
CA ILE I 515 32.14 39.76 1.22
C ILE I 515 31.53 39.87 2.63
N PRO I 516 31.47 41.08 3.23
CA PRO I 516 30.87 41.27 4.55
C PRO I 516 29.42 40.78 4.61
N ALA I 517 29.09 39.94 5.61
CA ALA I 517 27.70 39.43 5.78
C ALA I 517 27.39 39.27 7.26
N LYS I 518 26.75 38.15 7.64
CA LYS I 518 26.41 37.88 9.07
C LYS I 518 27.06 36.55 9.46
N ARG I 519 26.30 35.63 10.09
CA ARG I 519 26.87 34.28 10.37
C ARG I 519 27.41 33.75 9.04
N TYR I 520 26.60 33.82 7.97
CA TYR I 520 27.05 33.44 6.61
C TYR I 520 26.01 33.91 5.60
N SER I 521 26.39 34.83 4.70
CA SER I 521 25.42 35.37 3.70
C SER I 521 25.33 34.45 2.49
N ASP I 522 24.28 34.61 1.68
CA ASP I 522 24.13 33.78 0.45
C ASP I 522 24.98 34.38 -0.67
N PRO I 523 25.90 33.61 -1.30
CA PRO I 523 26.78 34.13 -2.35
C PRO I 523 26.06 34.48 -3.66
N CYS I 524 25.45 35.67 -3.75
CA CYS I 524 24.79 36.12 -5.01
C CYS I 524 25.69 37.16 -5.69
N VAL I 525 26.99 36.86 -5.79
CA VAL I 525 27.97 37.83 -6.37
C VAL I 525 27.65 38.09 -7.84
N ARG I 526 27.60 39.36 -8.26
CA ARG I 526 27.36 39.69 -9.69
C ARG I 526 28.43 40.70 -10.12
N ALA I 527 29.67 40.24 -10.32
CA ALA I 527 30.79 41.13 -10.68
C ALA I 527 30.43 41.98 -11.90
N VAL I 528 30.49 43.31 -11.76
CA VAL I 528 30.18 44.22 -12.90
C VAL I 528 31.43 45.06 -13.20
N VAL I 529 31.47 45.72 -14.36
CA VAL I 529 32.62 46.61 -14.71
C VAL I 529 32.05 47.94 -15.21
N ILE I 530 31.64 48.81 -14.28
CA ILE I 530 31.04 50.13 -14.66
C ILE I 530 32.19 51.09 -14.97
N SER I 531 32.21 51.68 -16.17
CA SER I 531 33.29 52.63 -16.57
C SER I 531 34.67 52.08 -16.17
N ASN I 532 34.97 50.83 -16.56
CA ASN I 532 36.29 50.21 -16.26
C ASN I 532 36.62 50.36 -14.76
N SER I 533 35.82 49.74 -13.89
CA SER I 533 36.10 49.78 -12.43
C SER I 533 35.94 48.40 -11.81
N LEU I 534 36.50 48.19 -10.62
CA LEU I 534 36.42 46.87 -9.93
C LEU I 534 35.23 46.88 -8.97
N CYS I 535 34.04 46.51 -9.45
CA CYS I 535 32.83 46.57 -8.58
C CYS I 535 32.07 45.25 -8.64
N VAL I 536 31.01 45.12 -7.83
CA VAL I 536 30.17 43.88 -7.82
C VAL I 536 28.72 44.32 -7.61
N PHE I 537 27.75 43.46 -7.95
CA PHE I 537 26.33 43.77 -7.69
C PHE I 537 25.78 42.72 -6.73
N MET I 538 26.46 42.53 -5.59
CA MET I 538 26.05 41.48 -4.60
C MET I 538 24.58 41.68 -4.22
N ARG I 539 23.75 40.65 -4.44
CA ARG I 539 22.32 40.71 -4.05
C ARG I 539 22.08 39.75 -2.90
N GLU I 540 22.92 39.80 -1.86
CA GLU I 540 22.79 38.89 -0.69
C GLU I 540 21.53 39.25 0.11
N THR I 541 20.41 38.58 -0.16
CA THR I 541 19.14 38.86 0.55
C THR I 541 19.35 38.68 2.06
N HIS I 542 19.05 39.72 2.85
CA HIS I 542 19.19 39.64 4.33
C HIS I 542 17.83 39.85 4.98
N LEU I 543 17.43 41.11 5.16
CA LEU I 543 16.11 41.43 5.79
C LEU I 543 15.06 41.57 4.67
N ASN I 544 14.62 40.44 4.10
CA ASN I 544 13.60 40.46 3.02
C ASN I 544 13.98 41.49 1.95
N GLU I 545 13.08 42.44 1.65
CA GLU I 545 13.34 43.46 0.60
C GLU I 545 13.89 42.77 -0.65
N ARG I 546 13.13 41.84 -1.23
CA ARG I 546 13.61 41.06 -2.42
C ARG I 546 15.04 40.59 -2.16
N ALA I 547 16.02 41.17 -2.88
CA ALA I 547 17.44 40.84 -2.62
C ALA I 547 18.17 42.14 -2.27
N LYS I 548 19.10 42.09 -1.31
CA LYS I 548 19.79 43.33 -0.86
C LYS I 548 20.82 43.75 -1.91
N TYR I 549 20.41 44.54 -2.91
CA TYR I 549 21.34 44.98 -3.99
C TYR I 549 22.33 46.00 -3.42
N VAL I 550 23.55 45.56 -3.11
CA VAL I 550 24.60 46.48 -2.58
C VAL I 550 25.84 46.37 -3.47
N THR I 551 26.23 47.47 -4.12
CA THR I 551 27.46 47.47 -4.94
C THR I 551 28.67 47.67 -4.01
N TYR I 552 29.79 47.01 -4.31
CA TYR I 552 30.96 47.09 -3.39
C TYR I 552 32.16 47.72 -4.10
N GLN I 553 33.03 48.39 -3.33
CA GLN I 553 34.24 49.04 -3.90
C GLN I 553 35.45 48.16 -3.60
N TYR I 554 36.12 47.65 -4.65
CA TYR I 554 37.28 46.76 -4.44
C TYR I 554 38.58 47.56 -4.57
N ASP I 555 39.46 47.44 -3.57
CA ASP I 555 40.76 48.15 -3.61
C ASP I 555 41.85 47.16 -4.07
N LEU I 556 42.83 47.64 -4.84
CA LEU I 556 43.95 46.78 -5.29
C LEU I 556 45.26 47.36 -4.74
N GLU I 557 45.46 48.67 -4.89
CA GLU I 557 46.67 49.34 -4.33
C GLU I 557 46.62 49.22 -2.80
N LEU I 558 45.45 49.41 -2.21
CA LEU I 558 45.30 49.28 -0.73
C LEU I 558 44.95 47.82 -0.41
N ASP I 559 44.38 47.10 -1.39
CA ASP I 559 43.97 45.68 -1.17
C ASP I 559 43.10 45.59 0.10
N ARG I 560 42.09 46.46 0.21
CA ARG I 560 41.21 46.48 1.40
C ARG I 560 39.80 46.05 1.01
N TRP I 561 38.79 46.52 1.74
CA TRP I 561 37.38 46.14 1.44
C TRP I 561 36.45 47.32 1.76
N SER I 562 35.74 47.84 0.75
CA SER I 562 34.84 49.00 0.97
C SER I 562 33.53 48.80 0.19
N LEU I 563 32.61 49.77 0.28
CA LEU I 563 31.33 49.69 -0.47
C LEU I 563 31.24 50.90 -1.39
N ARG I 564 30.77 50.69 -2.63
CA ARG I 564 30.64 51.80 -3.61
C ARG I 564 29.28 52.48 -3.43
N GLN I 565 28.24 51.94 -4.08
CA GLN I 565 26.87 52.52 -3.97
C GLN I 565 25.93 51.49 -3.35
N HIS I 566 24.68 51.88 -3.09
CA HIS I 566 23.68 50.94 -2.53
C HIS I 566 22.36 51.10 -3.31
N ILE I 567 22.20 50.35 -4.40
CA ILE I 567 20.97 50.47 -5.25
C ILE I 567 19.74 50.22 -4.38
N SER I 568 18.88 51.24 -4.23
CA SER I 568 17.68 51.12 -3.35
C SER I 568 16.70 50.09 -3.92
N GLU I 569 15.98 49.39 -3.04
CA GLU I 569 14.99 48.37 -3.48
C GLU I 569 13.65 49.06 -3.78
N ARG I 570 13.52 50.33 -3.40
CA ARG I 570 12.26 51.09 -3.63
C ARG I 570 11.86 50.99 -5.12
N VAL I 571 12.83 51.02 -6.03
CA VAL I 571 12.54 50.89 -7.48
C VAL I 571 13.04 49.53 -7.96
N LEU I 572 14.28 49.16 -7.60
CA LEU I 572 14.88 47.87 -8.03
C LEU I 572 14.22 46.73 -7.26
N TRP I 573 13.24 46.06 -7.87
CA TRP I 573 12.57 44.91 -7.20
C TRP I 573 13.27 43.60 -7.60
N ASP I 574 12.60 42.46 -7.42
CA ASP I 574 13.21 41.14 -7.72
C ASP I 574 13.96 41.20 -9.06
N LEU I 575 15.24 40.80 -9.06
CA LEU I 575 16.05 40.87 -10.31
C LEU I 575 16.86 39.56 -10.46
N GLY I 576 16.67 38.62 -9.52
CA GLY I 576 17.40 37.33 -9.59
C GLY I 576 18.63 37.34 -8.70
N ARG I 577 19.43 36.26 -8.75
CA ARG I 577 20.65 36.15 -7.92
C ARG I 577 21.87 35.91 -8.81
N ASP I 578 21.66 35.28 -9.97
CA ASP I 578 22.78 34.98 -10.90
C ASP I 578 22.32 35.18 -12.35
N PHE I 579 21.75 36.36 -12.65
CA PHE I 579 21.28 36.66 -14.02
C PHE I 579 22.33 37.51 -14.74
N ARG I 580 22.26 37.58 -16.08
CA ARG I 580 23.27 38.33 -16.87
C ARG I 580 23.13 39.83 -16.58
N CYS I 581 24.22 40.49 -16.20
CA CYS I 581 24.19 41.95 -15.89
C CYS I 581 25.41 42.62 -16.54
N THR I 582 25.42 42.71 -17.87
CA THR I 582 26.58 43.31 -18.58
C THR I 582 26.53 44.83 -18.47
N VAL I 583 27.68 45.50 -18.63
CA VAL I 583 27.72 47.00 -18.58
C VAL I 583 28.23 47.51 -19.93
N GLY I 584 27.42 48.31 -20.63
CA GLY I 584 27.82 48.84 -21.95
C GLY I 584 27.23 50.22 -22.19
N LYS I 585 28.02 51.13 -22.77
CA LYS I 585 27.54 52.51 -23.06
C LYS I 585 26.34 52.41 -24.00
N LEU I 586 25.19 52.97 -23.59
CA LEU I 586 23.95 52.91 -24.40
C LEU I 586 23.25 54.26 -24.37
N TYR I 587 22.47 54.57 -25.41
CA TYR I 587 21.71 55.85 -25.45
C TYR I 587 20.46 55.73 -24.58
N PRO I 588 20.24 56.61 -23.58
CA PRO I 588 19.01 56.58 -22.77
C PRO I 588 17.82 57.04 -23.61
N SER I 589 18.06 57.84 -24.65
CA SER I 589 16.98 58.33 -25.54
C SER I 589 16.39 57.14 -26.33
N CYS I 590 17.25 56.25 -26.81
CA CYS I 590 16.79 55.07 -27.61
C CYS I 590 16.32 53.98 -26.66
N LEU I 591 16.89 53.91 -25.45
CA LEU I 591 16.43 52.92 -24.45
C LEU I 591 14.96 53.21 -24.12
N GLU I 592 14.11 52.18 -24.14
CA GLU I 592 12.68 52.38 -23.76
C GLU I 592 12.62 53.00 -22.36
N GLU I 593 12.19 54.26 -22.27
CA GLU I 593 12.15 54.96 -20.95
C GLU I 593 10.89 54.54 -20.20
N SER I 594 10.89 53.34 -19.62
CA SER I 594 9.69 52.83 -18.89
C SER I 594 10.10 52.26 -17.53
N PRO I 595 9.93 53.00 -16.41
CA PRO I 595 10.23 52.48 -15.08
C PRO I 595 9.28 51.36 -14.67
N TRP I 596 7.96 51.64 -14.63
CA TRP I 596 6.94 50.62 -14.28
C TRP I 596 7.21 50.04 -12.88
N LYS I 597 7.76 50.85 -11.97
CA LYS I 597 8.11 50.35 -10.61
C LYS I 597 7.86 51.46 -9.57
N PRO I 598 6.70 51.46 -8.88
CA PRO I 598 6.39 52.49 -7.88
C PRO I 598 7.41 52.50 -6.73
N PRO I 599 8.00 53.66 -6.38
CA PRO I 599 9.03 53.74 -5.34
C PRO I 599 8.50 53.60 -3.91
N THR I 600 7.85 54.64 -3.38
CA THR I 600 7.38 54.61 -1.96
C THR I 600 6.27 53.57 -1.78
N TYR I 601 6.25 52.91 -0.61
CA TYR I 601 5.20 51.90 -0.31
C TYR I 601 4.97 51.87 1.20
N LEU I 602 4.23 50.85 1.69
CA LEU I 602 4.00 50.68 3.16
C LEU I 602 3.68 52.02 3.83
N PHE I 603 2.50 52.59 3.54
CA PHE I 603 2.07 53.85 4.19
C PHE I 603 1.84 53.60 5.68
N SER I 604 2.10 54.61 6.51
CA SER I 604 1.95 54.45 7.98
C SER I 604 0.52 54.81 8.41
N THR I 605 -0.40 54.95 7.46
CA THR I 605 -1.81 55.25 7.77
C THR I 605 -2.43 54.06 8.51
N ASP I 606 -2.30 52.85 7.95
CA ASP I 606 -2.85 51.63 8.59
C ASP I 606 -4.27 51.90 9.10
N GLN J 433 -23.53 48.17 20.18
CA GLN J 433 -24.90 47.73 19.86
C GLN J 433 -25.71 48.94 19.39
N ASP J 434 -25.48 50.10 20.04
CA ASP J 434 -26.20 51.35 19.66
C ASP J 434 -25.89 51.69 18.19
N GLN J 435 -24.71 51.31 17.70
CA GLN J 435 -24.31 51.61 16.30
C GLN J 435 -24.85 50.52 15.36
N VAL J 436 -24.18 50.29 14.23
CA VAL J 436 -24.66 49.28 13.22
C VAL J 436 -26.16 49.48 13.03
N VAL J 437 -26.62 50.73 12.90
CA VAL J 437 -28.08 51.05 12.70
C VAL J 437 -28.95 50.15 13.59
N LYS J 438 -28.61 50.04 14.89
CA LYS J 438 -29.39 49.22 15.85
C LYS J 438 -29.98 47.97 15.17
N GLU J 439 -29.13 47.06 14.69
CA GLU J 439 -29.62 45.80 14.07
C GLU J 439 -29.04 44.62 14.87
N ASP J 440 -29.65 43.43 14.74
CA ASP J 440 -29.19 42.24 15.52
C ASP J 440 -29.58 40.95 14.79
N ASN J 441 -29.91 41.03 13.50
CA ASN J 441 -30.22 39.81 12.71
C ASN J 441 -28.94 38.97 12.59
N ILE J 442 -27.79 39.56 12.93
CA ILE J 442 -26.47 38.89 12.90
C ILE J 442 -26.06 38.66 11.45
N GLU J 443 -26.90 37.98 10.68
CA GLU J 443 -26.64 37.77 9.27
C GLU J 443 -26.73 39.09 8.50
N ALA J 444 -27.70 39.93 8.88
CA ALA J 444 -27.89 41.26 8.26
C ALA J 444 -26.80 42.24 8.66
N VAL J 445 -26.41 42.14 9.93
CA VAL J 445 -25.30 42.89 10.49
C VAL J 445 -24.00 42.50 9.78
N GLY J 446 -23.84 41.21 9.48
CA GLY J 446 -22.70 40.73 8.68
C GLY J 446 -22.68 41.21 7.24
N LYS J 447 -23.85 41.40 6.65
CA LYS J 447 -23.96 41.89 5.26
C LYS J 447 -23.50 43.35 5.18
N LYS J 448 -23.84 44.13 6.21
CA LYS J 448 -23.35 45.49 6.37
C LYS J 448 -21.84 45.47 6.44
N LEU J 449 -21.33 44.63 7.34
CA LEU J 449 -19.90 44.45 7.48
C LEU J 449 -19.23 44.33 6.11
N HIS J 450 -19.78 43.50 5.21
CA HIS J 450 -19.21 43.35 3.86
C HIS J 450 -19.30 44.63 3.02
N GLU J 451 -20.47 45.28 3.03
CA GLU J 451 -20.69 46.53 2.31
C GLU J 451 -19.62 47.55 2.69
N TYR J 452 -19.41 47.74 4.00
CA TYR J 452 -18.33 48.65 4.48
C TYR J 452 -16.97 48.11 4.00
N ASN J 453 -16.79 46.78 4.01
CA ASN J 453 -15.52 46.16 3.54
C ASN J 453 -15.19 46.67 2.15
N THR J 454 -16.17 46.58 1.22
CA THR J 454 -15.96 47.10 -0.15
C THR J 454 -15.47 48.55 -0.06
N GLN J 455 -16.29 49.45 0.48
CA GLN J 455 -15.91 50.89 0.57
C GLN J 455 -14.46 51.04 1.04
N PHE J 456 -14.09 50.36 2.13
CA PHE J 456 -12.72 50.47 2.70
C PHE J 456 -11.68 50.05 1.65
N GLN J 457 -11.89 48.89 1.01
CA GLN J 457 -10.93 48.37 0.01
C GLN J 457 -10.78 49.38 -1.14
N GLU J 458 -11.90 49.91 -1.64
CA GLU J 458 -11.84 50.82 -2.77
C GLU J 458 -10.92 51.96 -2.40
N LYS J 459 -11.09 52.47 -1.18
CA LYS J 459 -10.26 53.56 -0.73
C LYS J 459 -8.78 53.20 -0.71
N SER J 460 -8.40 52.05 -0.15
CA SER J 460 -6.97 51.81 -0.09
C SER J 460 -6.35 51.78 -1.49
N ARG J 461 -7.10 51.26 -2.47
CA ARG J 461 -6.60 51.23 -3.84
C ARG J 461 -6.41 52.64 -4.37
N GLU J 462 -7.43 53.50 -4.24
CA GLU J 462 -7.27 54.87 -4.69
C GLU J 462 -6.26 55.63 -3.82
N TYR J 463 -6.07 55.21 -2.57
CA TYR J 463 -5.08 55.86 -1.72
C TYR J 463 -3.67 55.61 -2.22
N ASP J 464 -3.30 54.34 -2.45
CA ASP J 464 -1.97 54.07 -2.97
C ASP J 464 -1.83 54.55 -4.42
N ARG J 465 -2.94 54.65 -5.15
CA ARG J 465 -2.88 55.24 -6.49
C ARG J 465 -2.54 56.72 -6.40
N LEU J 466 -3.14 57.45 -5.45
CA LEU J 466 -2.80 58.85 -5.27
C LEU J 466 -1.38 59.00 -4.76
N TYR J 467 -0.89 58.05 -3.97
CA TYR J 467 0.50 58.08 -3.54
C TYR J 467 1.45 57.91 -4.73
N GLU J 468 1.13 56.97 -5.62
CA GLU J 468 1.94 56.79 -6.82
C GLU J 468 1.90 58.02 -7.70
N GLU J 469 0.73 58.67 -7.79
CA GLU J 469 0.64 59.92 -8.54
C GLU J 469 1.48 61.01 -7.90
N TYR J 470 1.47 61.09 -6.57
CA TYR J 470 2.31 62.04 -5.85
C TYR J 470 3.79 61.82 -6.17
N THR J 471 4.22 60.55 -6.16
CA THR J 471 5.62 60.24 -6.42
C THR J 471 6.01 60.57 -7.85
N ARG J 472 5.17 60.20 -8.82
CA ARG J 472 5.50 60.47 -10.21
C ARG J 472 5.50 61.98 -10.49
N THR J 473 4.57 62.72 -9.89
CA THR J 473 4.59 64.18 -10.05
C THR J 473 5.82 64.78 -9.40
N SER J 474 6.26 64.22 -8.26
CA SER J 474 7.47 64.72 -7.61
C SER J 474 8.69 64.54 -8.50
N GLN J 475 8.85 63.34 -9.07
CA GLN J 475 10.01 63.10 -9.99
C GLN J 475 9.81 63.86 -11.30
N GLU J 476 8.56 64.19 -11.64
CA GLU J 476 8.30 64.97 -12.89
C GLU J 476 8.82 66.40 -12.70
N ILE J 477 8.43 67.06 -11.61
CA ILE J 477 8.91 68.44 -11.34
C ILE J 477 10.41 68.42 -11.03
N GLN J 478 10.93 67.28 -10.55
CA GLN J 478 12.40 67.18 -10.32
C GLN J 478 13.09 67.17 -11.69
N MET J 479 12.62 66.31 -12.61
CA MET J 479 13.21 66.23 -13.97
C MET J 479 13.03 67.57 -14.69
N LYS J 480 12.04 68.37 -14.29
CA LYS J 480 11.76 69.65 -14.98
C LYS J 480 12.57 70.79 -14.35
N ARG J 481 12.70 70.80 -13.02
CA ARG J 481 13.49 71.86 -12.34
C ARG J 481 14.94 71.75 -12.79
N THR J 482 15.39 70.54 -13.15
CA THR J 482 16.74 70.34 -13.64
C THR J 482 16.85 70.75 -15.10
N ALA J 483 15.83 70.43 -15.91
CA ALA J 483 15.85 70.83 -17.30
C ALA J 483 15.78 72.35 -17.45
N ILE J 484 14.98 73.02 -16.60
CA ILE J 484 14.84 74.46 -16.74
C ILE J 484 16.09 75.18 -16.24
N GLU J 485 16.78 74.63 -15.23
CA GLU J 485 18.04 75.24 -14.83
C GLU J 485 19.14 74.98 -15.85
N ALA J 486 19.08 73.84 -16.53
CA ALA J 486 19.98 73.61 -17.66
C ALA J 486 19.70 74.61 -18.77
N PHE J 487 18.44 74.88 -19.05
CA PHE J 487 18.06 75.90 -20.02
C PHE J 487 18.60 77.25 -19.62
N ASN J 488 18.50 77.59 -18.33
CA ASN J 488 18.99 78.86 -17.82
C ASN J 488 20.50 78.99 -17.99
N GLU J 489 21.25 77.96 -17.63
CA GLU J 489 22.70 78.03 -17.74
C GLU J 489 23.14 78.04 -19.20
N THR J 490 22.38 77.38 -20.08
CA THR J 490 22.69 77.44 -21.50
C THR J 490 22.43 78.84 -22.06
N ILE J 491 21.32 79.48 -21.63
CA ILE J 491 21.08 80.85 -22.04
C ILE J 491 22.18 81.77 -21.51
N LYS J 492 22.68 81.51 -20.30
CA LYS J 492 23.75 82.32 -19.75
C LYS J 492 25.03 82.17 -20.57
N ILE J 493 25.39 80.94 -20.92
CA ILE J 493 26.62 80.75 -21.69
C ILE J 493 26.43 81.24 -23.12
N PHE J 494 25.20 81.28 -23.62
CA PHE J 494 24.96 81.83 -24.95
C PHE J 494 25.09 83.36 -24.93
N GLU J 495 24.64 83.99 -23.85
CA GLU J 495 24.91 85.41 -23.67
C GLU J 495 26.40 85.67 -23.50
N GLU J 496 27.11 84.74 -22.87
CA GLU J 496 28.56 84.84 -22.78
C GLU J 496 29.19 84.79 -24.17
N GLN J 497 28.67 83.92 -25.05
CA GLN J 497 29.15 83.90 -26.43
C GLN J 497 28.75 85.17 -27.16
N CYS J 498 27.59 85.74 -26.83
CA CYS J 498 27.16 86.99 -27.48
C CYS J 498 28.11 88.13 -27.15
N GLN J 499 28.52 88.24 -25.88
CA GLN J 499 29.50 89.26 -25.52
C GLN J 499 30.91 88.88 -25.98
N THR J 500 31.18 87.58 -26.16
CA THR J 500 32.43 87.16 -26.77
C THR J 500 32.50 87.61 -28.22
N GLN J 501 31.36 87.71 -28.89
CA GLN J 501 31.33 88.28 -30.23
C GLN J 501 31.77 89.75 -30.20
N GLU J 502 31.30 90.51 -29.21
CA GLU J 502 31.75 91.89 -29.06
C GLU J 502 33.23 91.94 -28.72
N ARG J 503 33.73 90.97 -27.96
CA ARG J 503 35.17 90.89 -27.69
C ARG J 503 35.95 90.62 -28.97
N TYR J 504 35.42 89.75 -29.84
CA TYR J 504 36.06 89.49 -31.12
C TYR J 504 35.99 90.71 -32.03
N SER J 505 34.98 91.56 -31.85
CA SER J 505 34.90 92.80 -32.61
C SER J 505 36.02 93.78 -32.26
N LYS J 506 36.90 93.42 -31.31
CA LYS J 506 38.09 94.20 -31.01
C LYS J 506 39.35 93.36 -30.93
N GLU J 507 39.24 92.04 -30.87
CA GLU J 507 40.42 91.18 -30.73
C GLU J 507 41.07 90.91 -32.09
N TYR J 508 40.35 90.25 -32.99
CA TYR J 508 40.90 89.83 -34.29
C TYR J 508 39.99 90.20 -35.45
N ILE J 509 39.15 91.23 -35.30
CA ILE J 509 38.30 91.64 -36.41
C ILE J 509 39.01 92.61 -37.35
N GLU J 510 40.18 93.13 -36.96
CA GLU J 510 40.87 94.11 -37.76
C GLU J 510 41.35 93.56 -39.10
N LYS J 511 41.67 92.27 -39.16
CA LYS J 511 42.18 91.66 -40.38
C LYS J 511 41.13 90.88 -41.15
N PHE J 512 39.85 91.16 -40.92
CA PHE J 512 38.77 90.44 -41.61
C PHE J 512 37.62 91.34 -42.05
N LYS J 513 37.75 92.65 -41.93
CA LYS J 513 36.65 93.55 -42.32
C LYS J 513 37.12 94.63 -43.29
N ARG J 514 38.40 94.99 -43.23
CA ARG J 514 38.94 96.04 -44.07
C ARG J 514 39.56 95.51 -45.36
N GLU J 515 39.43 94.21 -45.63
CA GLU J 515 39.96 93.61 -46.84
C GLU J 515 38.95 93.47 -47.97
N GLY J 516 37.69 93.83 -47.74
CA GLY J 516 36.68 93.73 -48.78
C GLY J 516 36.23 92.32 -49.05
N ASN J 517 36.13 91.50 -48.00
CA ASN J 517 35.71 90.12 -48.11
C ASN J 517 34.64 89.83 -47.08
N GLU J 518 33.69 88.96 -47.44
CA GLU J 518 32.59 88.59 -46.57
C GLU J 518 32.56 87.10 -46.22
N LYS J 519 33.23 86.25 -46.99
CA LYS J 519 33.21 84.82 -46.69
C LYS J 519 34.08 84.47 -45.49
N GLU J 520 35.17 85.22 -45.28
CA GLU J 520 36.05 84.95 -44.15
C GLU J 520 35.39 85.30 -42.82
N ILE J 521 34.54 86.34 -42.83
CA ILE J 521 33.92 86.83 -41.56
C ILE J 521 32.72 85.95 -41.18
N GLN J 522 32.30 85.02 -42.05
CA GLN J 522 31.11 84.18 -41.77
C GLN J 522 31.32 83.32 -40.53
N ARG J 523 32.57 83.14 -40.10
CA ARG J 523 32.88 82.30 -38.91
C ARG J 523 32.35 82.94 -37.63
N ILE J 524 32.03 84.24 -37.66
CA ILE J 524 31.44 84.91 -36.47
C ILE J 524 30.21 85.73 -36.89
N MET J 525 30.13 86.12 -38.17
CA MET J 525 29.01 86.99 -38.61
C MET J 525 27.82 86.11 -39.02
N HIS J 526 28.09 85.00 -39.72
CA HIS J 526 26.98 84.05 -40.04
C HIS J 526 26.73 83.16 -38.82
N ASN J 527 27.61 83.25 -37.80
CA ASN J 527 27.41 82.49 -36.55
C ASN J 527 26.76 83.41 -35.52
N TYR J 528 26.36 84.62 -35.93
CA TYR J 528 25.75 85.59 -34.99
C TYR J 528 24.23 85.63 -35.20
N ASP J 529 23.78 85.82 -36.44
CA ASP J 529 22.34 85.89 -36.71
C ASP J 529 21.64 84.60 -36.34
N LYS J 530 22.24 83.46 -36.68
CA LYS J 530 21.65 82.18 -36.28
C LYS J 530 21.74 81.95 -34.78
N LEU J 531 22.72 82.56 -34.10
CA LEU J 531 22.75 82.49 -32.65
C LEU J 531 21.62 83.32 -32.05
N LYS J 532 21.32 84.47 -32.64
CA LYS J 532 20.18 85.26 -32.17
C LYS J 532 18.87 84.52 -32.40
N SER J 533 18.73 83.87 -33.57
CA SER J 533 17.55 83.05 -33.81
C SER J 533 17.48 81.88 -32.83
N ARG J 534 18.63 81.31 -32.47
CA ARG J 534 18.66 80.26 -31.47
C ARG J 534 18.20 80.79 -30.12
N ILE J 535 18.62 82.00 -29.76
CA ILE J 535 18.17 82.63 -28.52
C ILE J 535 16.65 82.76 -28.53
N SER J 536 16.10 83.23 -29.65
CA SER J 536 14.65 83.40 -29.75
C SER J 536 13.92 82.07 -29.61
N GLU J 537 14.41 81.03 -30.28
CA GLU J 537 13.70 79.76 -30.26
C GLU J 537 13.87 79.03 -28.93
N ILE J 538 15.00 79.23 -28.24
CA ILE J 538 15.13 78.62 -26.92
C ILE J 538 14.33 79.40 -25.89
N ILE J 539 14.12 80.70 -26.10
CA ILE J 539 13.18 81.43 -25.25
C ILE J 539 11.76 80.91 -25.45
N ASP J 540 11.39 80.64 -26.70
CA ASP J 540 10.10 80.02 -26.97
C ASP J 540 10.00 78.64 -26.33
N SER J 541 11.09 77.88 -26.38
CA SER J 541 11.10 76.55 -25.75
C SER J 541 10.98 76.67 -24.24
N ARG J 542 11.61 77.69 -23.65
CA ARG J 542 11.47 77.91 -22.22
C ARG J 542 10.05 78.28 -21.85
N ARG J 543 9.39 79.07 -22.70
CA ARG J 543 7.97 79.36 -22.48
C ARG J 543 7.12 78.11 -22.59
N ARG J 544 7.47 77.22 -23.53
CA ARG J 544 6.77 75.94 -23.64
C ARG J 544 6.95 75.10 -22.38
N LEU J 545 8.18 75.08 -21.84
CA LEU J 545 8.42 74.33 -20.61
C LEU J 545 7.68 74.96 -19.43
N GLU J 546 7.57 76.28 -19.42
CA GLU J 546 6.87 76.96 -18.33
C GLU J 546 5.37 76.68 -18.39
N GLU J 547 4.78 76.69 -19.58
CA GLU J 547 3.36 76.37 -19.68
C GLU J 547 3.11 74.89 -19.40
N ASP J 548 4.04 74.02 -19.78
CA ASP J 548 3.96 72.62 -19.36
C ASP J 548 4.00 72.51 -17.84
N LEU J 549 4.88 73.27 -17.20
CA LEU J 549 4.98 73.26 -15.75
C LEU J 549 3.67 73.70 -15.10
N LYS J 550 3.09 74.78 -15.59
CA LYS J 550 1.87 75.28 -14.96
C LYS J 550 0.68 74.36 -15.24
N LYS J 551 0.62 73.72 -16.41
CA LYS J 551 -0.49 72.83 -16.69
C LYS J 551 -0.37 71.53 -15.90
N GLN J 552 0.85 71.01 -15.72
CA GLN J 552 1.02 69.82 -14.90
C GLN J 552 0.79 70.14 -13.43
N ALA J 553 1.16 71.35 -13.00
CA ALA J 553 0.88 71.77 -11.63
C ALA J 553 -0.63 71.90 -11.40
N ALA J 554 -1.36 72.38 -12.42
CA ALA J 554 -2.81 72.48 -12.29
C ALA J 554 -3.45 71.10 -12.23
N GLU J 555 -3.06 70.20 -13.13
CA GLU J 555 -3.63 68.85 -13.13
C GLU J 555 -3.17 68.03 -11.92
N TYR J 556 -2.11 68.45 -11.24
CA TYR J 556 -1.68 67.81 -10.01
C TYR J 556 -2.37 68.38 -8.78
N ARG J 557 -2.65 69.69 -8.77
CA ARG J 557 -3.32 70.29 -7.64
C ARG J 557 -4.82 70.03 -7.66
N GLU J 558 -5.41 69.81 -8.84
CA GLU J 558 -6.83 69.48 -8.90
C GLU J 558 -7.14 68.13 -8.28
N ILE J 559 -6.14 67.24 -8.20
CA ILE J 559 -6.29 65.98 -7.48
C ILE J 559 -5.60 65.98 -6.13
N ASP J 560 -4.68 66.92 -5.92
CA ASP J 560 -4.00 67.05 -4.59
C ASP J 560 -5.06 67.50 -3.57
N LYS J 561 -6.01 68.33 -4.01
CA LYS J 561 -7.10 68.78 -3.11
C LYS J 561 -8.02 67.58 -2.84
N ARG J 562 -8.17 66.68 -3.81
CA ARG J 562 -8.98 65.46 -3.59
C ARG J 562 -8.30 64.62 -2.51
N MET J 563 -6.97 64.47 -2.56
CA MET J 563 -6.24 63.75 -1.49
C MET J 563 -6.55 64.41 -0.14
N ASN J 564 -6.46 65.75 -0.08
CA ASN J 564 -6.67 66.48 1.19
C ASN J 564 -8.09 66.26 1.73
N SER J 565 -9.05 65.93 0.87
CA SER J 565 -10.47 65.78 1.31
C SER J 565 -10.83 64.31 1.50
N ILE J 566 -10.11 63.40 0.83
CA ILE J 566 -10.48 61.95 0.89
C ILE J 566 -9.86 61.32 2.14
N LYS J 567 -8.79 61.91 2.69
CA LYS J 567 -8.08 61.33 3.83
C LYS J 567 -8.87 61.45 5.13
N PRO J 568 -9.50 62.58 5.46
CA PRO J 568 -10.38 62.60 6.63
C PRO J 568 -11.53 61.61 6.52
N ASP J 569 -12.18 61.53 5.36
CA ASP J 569 -13.23 60.55 5.16
C ASP J 569 -12.68 59.12 5.24
N LEU J 570 -11.47 58.90 4.72
CA LEU J 570 -10.87 57.58 4.78
C LEU J 570 -10.60 57.15 6.22
N ILE J 571 -9.99 58.03 7.02
CA ILE J 571 -9.70 57.66 8.40
C ILE J 571 -10.98 57.56 9.22
N GLN J 572 -12.01 58.33 8.86
CA GLN J 572 -13.29 58.19 9.54
C GLN J 572 -13.93 56.83 9.23
N LEU J 573 -13.90 56.41 7.97
CA LEU J 573 -14.42 55.09 7.62
C LEU J 573 -13.62 53.98 8.30
N ARG J 574 -12.29 54.16 8.40
CA ARG J 574 -11.47 53.16 9.07
C ARG J 574 -11.77 53.12 10.56
N LYS J 575 -12.04 54.27 11.18
CA LYS J 575 -12.41 54.29 12.58
C LYS J 575 -13.75 53.61 12.81
N THR J 576 -14.72 53.85 11.93
CA THR J 576 -16.01 53.17 12.04
C THR J 576 -15.86 51.67 11.85
N ARG J 577 -14.98 51.25 10.93
CA ARG J 577 -14.72 49.83 10.75
C ARG J 577 -14.08 49.22 11.98
N ASP J 578 -13.13 49.94 12.60
CA ASP J 578 -12.49 49.44 13.81
C ASP J 578 -13.47 49.37 14.97
N GLN J 579 -14.43 50.31 15.03
CA GLN J 579 -15.44 50.27 16.07
C GLN J 579 -16.40 49.10 15.86
N TYR J 580 -16.72 48.82 14.61
CA TYR J 580 -17.62 47.67 14.29
C TYR J 580 -16.85 46.36 14.49
N LEU J 581 -15.51 46.43 14.54
CA LEU J 581 -14.69 45.19 14.69
C LEU J 581 -14.70 44.75 16.14
N MET J 582 -15.18 45.61 17.04
CA MET J 582 -15.23 45.27 18.50
C MET J 582 -16.55 44.55 18.81
N TRP J 583 -17.64 44.94 18.15
CA TRP J 583 -18.96 44.34 18.50
C TRP J 583 -19.50 43.46 17.38
N LEU J 584 -19.60 43.99 16.16
CA LEU J 584 -20.23 43.23 15.09
C LEU J 584 -19.46 41.96 14.75
N THR J 585 -18.13 41.99 14.85
CA THR J 585 -17.34 40.82 14.51
C THR J 585 -17.50 39.70 15.53
N GLN J 586 -17.76 40.04 16.80
CA GLN J 586 -17.93 39.03 17.85
C GLN J 586 -19.35 38.49 17.91
N LYS J 587 -20.12 38.58 16.84
CA LYS J 587 -21.50 38.09 16.80
C LYS J 587 -21.64 36.85 15.92
N GLY J 588 -20.55 36.10 15.78
CA GLY J 588 -20.60 34.82 15.10
C GLY J 588 -19.98 34.75 13.71
N VAL J 589 -19.06 35.65 13.38
CA VAL J 589 -18.38 35.62 12.09
C VAL J 589 -16.95 35.14 12.30
N ARG J 590 -16.39 34.50 11.28
CA ARG J 590 -15.05 33.95 11.33
C ARG J 590 -14.06 34.86 10.61
N GLN J 591 -12.79 34.74 11.00
CA GLN J 591 -11.74 35.52 10.35
C GLN J 591 -11.61 35.15 8.88
N LYS J 592 -11.77 33.87 8.54
CA LYS J 592 -11.76 33.47 7.14
C LYS J 592 -12.91 34.11 6.38
N LYS J 593 -14.07 34.23 7.02
CA LYS J 593 -15.19 34.93 6.40
C LYS J 593 -14.86 36.39 6.15
N LEU J 594 -14.16 37.03 7.10
CA LEU J 594 -13.75 38.42 6.90
C LEU J 594 -12.76 38.54 5.75
N ASN J 595 -11.84 37.58 5.63
CA ASN J 595 -10.90 37.61 4.52
C ASN J 595 -11.61 37.41 3.18
N GLU J 596 -12.60 36.52 3.14
CA GLU J 596 -13.38 36.34 1.91
C GLU J 596 -14.20 37.58 1.58
N TRP J 597 -14.62 38.31 2.61
CA TRP J 597 -15.36 39.58 2.38
C TRP J 597 -14.35 40.69 2.04
N LEU J 598 -13.08 40.48 2.38
CA LEU J 598 -12.01 41.46 2.04
C LEU J 598 -11.68 41.31 0.55
N GLY J 599 -11.82 40.10 0.02
CA GLY J 599 -11.54 39.85 -1.42
C GLY J 599 -12.54 40.59 -2.31
N ASN J 600 -13.79 40.71 -1.86
CA ASN J 600 -14.82 41.43 -2.65
C ASN J 600 -15.09 42.79 -2.01
N ARG K 7 20.37 23.45 -53.04
CA ARG K 7 20.51 24.00 -54.41
C ARG K 7 19.87 23.04 -55.42
N GLN K 8 18.55 23.15 -55.61
CA GLN K 8 17.83 22.25 -56.55
C GLN K 8 16.67 23.01 -57.21
N ILE K 9 15.48 22.41 -57.24
CA ILE K 9 14.29 23.06 -57.85
C ILE K 9 13.44 23.65 -56.72
N ASN K 10 12.83 24.83 -56.94
CA ASN K 10 12.02 25.49 -55.88
C ASN K 10 10.53 25.35 -56.21
N THR K 11 9.69 25.14 -55.19
CA THR K 11 8.24 24.94 -55.41
C THR K 11 7.50 26.27 -55.27
N GLU K 12 7.93 27.13 -54.34
CA GLU K 12 7.31 28.47 -54.18
C GLU K 12 7.40 29.22 -55.52
N TYR K 13 8.31 28.79 -56.39
CA TYR K 13 8.49 29.41 -57.70
C TYR K 13 7.77 28.62 -58.78
N ALA K 14 7.71 27.30 -58.63
CA ALA K 14 6.99 26.47 -59.60
C ALA K 14 5.49 26.73 -59.52
N VAL K 15 4.96 26.86 -58.29
CA VAL K 15 3.53 27.10 -58.13
C VAL K 15 3.17 28.50 -58.61
N SER K 16 4.14 29.41 -58.68
CA SER K 16 3.87 30.75 -59.18
C SER K 16 4.01 30.80 -60.70
N LEU K 17 4.96 30.03 -61.25
CA LEU K 17 5.13 29.99 -62.70
C LEU K 17 3.96 29.30 -63.37
N LEU K 18 3.37 28.31 -62.71
CA LEU K 18 2.24 27.59 -63.30
C LEU K 18 1.01 28.48 -63.40
N GLU K 19 0.68 29.20 -62.33
CA GLU K 19 -0.48 30.07 -62.35
C GLU K 19 -0.26 31.27 -63.26
N GLN K 20 1.00 31.67 -63.47
CA GLN K 20 1.28 32.74 -64.42
C GLN K 20 1.04 32.26 -65.85
N LEU K 21 1.33 30.99 -66.12
CA LEU K 21 1.07 30.43 -67.44
C LEU K 21 -0.43 30.34 -67.70
N LYS K 22 -1.21 29.96 -66.68
CA LYS K 22 -2.66 29.92 -66.83
C LYS K 22 -3.22 31.32 -67.11
N LEU K 23 -2.67 32.34 -66.44
CA LEU K 23 -3.12 33.70 -66.67
C LEU K 23 -2.89 34.12 -68.11
N PHE K 24 -1.83 33.62 -68.74
CA PHE K 24 -1.59 33.94 -70.14
C PHE K 24 -2.45 33.08 -71.06
N TYR K 25 -2.80 31.86 -70.61
CA TYR K 25 -3.64 31.00 -71.43
C TYR K 25 -5.08 31.51 -71.50
N GLU K 26 -5.60 32.04 -70.39
CA GLU K 26 -6.97 32.54 -70.37
C GLU K 26 -7.12 33.77 -71.26
N GLN K 27 -6.11 34.63 -71.31
CA GLN K 27 -6.14 35.82 -72.14
C GLN K 27 -5.51 35.58 -73.51
N GLN K 28 -5.10 34.35 -73.81
CA GLN K 28 -4.64 33.95 -75.15
C GLN K 28 -3.40 34.75 -75.57
N LEU K 29 -2.32 34.59 -74.82
CA LEU K 29 -1.03 35.16 -75.17
C LEU K 29 -0.09 34.07 -75.64
N PHE K 30 0.81 34.42 -76.57
CA PHE K 30 1.83 33.51 -77.09
C PHE K 30 1.21 32.26 -77.72
N THR K 31 0.01 32.39 -78.29
CA THR K 31 -0.64 31.28 -78.95
C THR K 31 0.06 30.99 -80.28
N ASP K 32 0.82 29.89 -80.33
CA ASP K 32 1.58 29.53 -81.51
C ASP K 32 0.94 28.42 -82.34
N ILE K 33 -0.05 27.72 -81.79
CA ILE K 33 -0.73 26.64 -82.50
C ILE K 33 -2.22 26.71 -82.20
N VAL K 34 -3.03 26.35 -83.19
CA VAL K 34 -4.48 26.33 -83.08
C VAL K 34 -4.93 24.92 -83.44
N LEU K 35 -5.55 24.23 -82.47
CA LEU K 35 -6.03 22.87 -82.69
C LEU K 35 -7.49 22.92 -83.15
N ILE K 36 -7.77 22.25 -84.26
CA ILE K 36 -9.10 22.20 -84.84
C ILE K 36 -9.69 20.81 -84.58
N VAL K 37 -10.78 20.76 -83.82
CA VAL K 37 -11.47 19.52 -83.52
C VAL K 37 -12.95 19.74 -83.79
N GLU K 38 -13.50 18.95 -84.73
CA GLU K 38 -14.90 19.01 -85.17
C GLU K 38 -15.41 20.46 -85.23
N GLY K 39 -14.61 21.32 -85.88
CA GLY K 39 -14.97 22.69 -86.09
C GLY K 39 -14.62 23.64 -84.97
N THR K 40 -14.46 23.13 -83.75
CA THR K 40 -14.14 23.97 -82.60
C THR K 40 -12.64 24.25 -82.55
N GLU K 41 -12.30 25.50 -82.24
CA GLU K 41 -10.91 25.95 -82.18
C GLU K 41 -10.44 26.00 -80.74
N PHE K 42 -9.18 25.61 -80.52
CA PHE K 42 -8.57 25.62 -79.19
C PHE K 42 -7.12 26.09 -79.30
N PRO K 43 -6.89 27.40 -79.22
CA PRO K 43 -5.50 27.89 -79.24
C PRO K 43 -4.76 27.49 -77.97
N CYS K 44 -3.51 27.07 -78.15
CA CYS K 44 -2.70 26.63 -77.03
C CYS K 44 -1.23 26.81 -77.38
N HIS K 45 -0.36 26.34 -76.49
CA HIS K 45 1.08 26.44 -76.66
C HIS K 45 1.67 25.08 -77.01
N LYS K 46 2.61 25.06 -77.96
CA LYS K 46 3.26 23.82 -78.32
C LYS K 46 4.14 23.30 -77.19
N MET K 47 4.64 24.19 -76.33
CA MET K 47 5.48 23.76 -75.22
C MET K 47 4.67 23.02 -74.16
N VAL K 48 3.49 23.53 -73.83
CA VAL K 48 2.72 22.95 -72.73
C VAL K 48 2.18 21.57 -73.13
N LEU K 49 1.68 21.43 -74.35
CA LEU K 49 1.12 20.17 -74.78
C LEU K 49 2.18 19.07 -74.85
N ALA K 50 3.43 19.43 -75.15
CA ALA K 50 4.48 18.43 -75.24
C ALA K 50 4.87 17.92 -73.85
N THR K 51 4.87 18.80 -72.84
CA THR K 51 5.24 18.38 -71.50
C THR K 51 4.17 17.49 -70.87
N CYS K 52 2.92 17.62 -71.30
CA CYS K 52 1.83 16.84 -70.74
C CYS K 52 1.54 15.58 -71.56
N SER K 53 1.48 15.69 -72.88
CA SER K 53 1.18 14.58 -73.77
C SER K 53 2.38 14.25 -74.61
N SER K 54 2.76 12.97 -74.65
CA SER K 54 3.90 12.56 -75.46
C SER K 54 3.56 12.56 -76.94
N TYR K 55 2.27 12.53 -77.28
CA TYR K 55 1.86 12.60 -78.69
C TYR K 55 2.27 13.93 -79.31
N PHE K 56 1.90 15.04 -78.66
CA PHE K 56 2.30 16.35 -79.15
C PHE K 56 3.82 16.51 -79.12
N ARG K 57 4.49 15.88 -78.15
CA ARG K 57 5.95 15.92 -78.10
C ARG K 57 6.55 15.27 -79.33
N ALA K 58 5.91 14.21 -79.85
CA ALA K 58 6.40 13.54 -81.03
C ALA K 58 6.07 14.30 -82.31
N MET K 59 4.91 14.95 -82.34
CA MET K 59 4.49 15.65 -83.55
C MET K 59 5.19 17.00 -83.71
N PHE K 60 5.64 17.58 -82.59
CA PHE K 60 6.26 18.94 -82.64
C PHE K 60 7.77 18.81 -82.83
N MET K 61 8.40 17.83 -82.17
CA MET K 61 9.86 17.61 -82.37
C MET K 61 10.07 17.15 -83.81
N SER K 62 9.03 16.62 -84.45
CA SER K 62 9.14 16.23 -85.89
C SER K 62 9.52 17.47 -86.71
N GLY K 63 8.86 18.60 -86.47
CA GLY K 63 9.16 19.84 -87.20
C GLY K 63 8.80 19.74 -88.67
N LEU K 64 7.68 19.08 -88.98
CA LEU K 64 7.27 18.89 -90.40
C LEU K 64 6.11 19.84 -90.71
N SER K 65 5.41 19.61 -91.83
CA SER K 65 4.29 20.51 -92.24
C SER K 65 3.31 20.69 -91.08
N GLU K 66 3.02 19.60 -90.34
CA GLU K 66 2.08 19.66 -89.19
C GLU K 66 2.62 20.65 -88.14
N SER K 67 3.89 20.50 -87.75
CA SER K 67 4.47 21.37 -86.69
C SER K 67 4.81 22.75 -87.25
N LYS K 68 4.82 22.90 -88.58
CA LYS K 68 5.10 24.22 -89.20
C LYS K 68 3.78 24.98 -89.39
N GLN K 69 2.66 24.25 -89.47
CA GLN K 69 1.35 24.89 -89.69
C GLN K 69 0.69 25.21 -88.34
N THR K 70 0.48 26.49 -88.04
CA THR K 70 -0.21 26.87 -86.82
C THR K 70 -1.55 26.17 -86.64
N HIS K 71 -2.13 25.65 -87.72
CA HIS K 71 -3.43 24.99 -87.68
C HIS K 71 -3.21 23.49 -87.85
N VAL K 72 -3.60 22.73 -86.84
CA VAL K 72 -3.50 21.27 -86.84
C VAL K 72 -4.89 20.68 -86.62
N HIS K 73 -5.31 19.80 -87.52
CA HIS K 73 -6.62 19.17 -87.46
C HIS K 73 -6.48 17.83 -86.76
N LEU K 74 -7.05 17.72 -85.57
CA LEU K 74 -7.06 16.47 -84.80
C LEU K 74 -8.42 15.81 -84.95
N ARG K 75 -8.43 14.60 -85.48
CA ARG K 75 -9.66 13.86 -85.71
C ARG K 75 -9.86 12.78 -84.64
N ASN K 76 -11.10 12.33 -84.53
CA ASN K 76 -11.50 11.30 -83.56
C ASN K 76 -11.17 11.71 -82.13
N VAL K 77 -11.24 13.00 -81.83
CA VAL K 77 -10.98 13.53 -80.50
C VAL K 77 -12.15 14.40 -80.11
N ASP K 78 -12.73 14.13 -78.94
CA ASP K 78 -13.87 14.90 -78.46
C ASP K 78 -13.40 16.27 -77.96
N ALA K 79 -14.20 17.30 -78.25
CA ALA K 79 -13.84 18.65 -77.83
C ALA K 79 -13.92 18.80 -76.31
N ALA K 80 -14.87 18.11 -75.68
CA ALA K 80 -15.01 18.21 -74.22
C ALA K 80 -13.84 17.54 -73.52
N THR K 81 -13.43 16.36 -73.98
CA THR K 81 -12.30 15.68 -73.35
C THR K 81 -10.99 16.41 -73.62
N LEU K 82 -10.85 17.00 -74.81
CA LEU K 82 -9.63 17.74 -75.12
C LEU K 82 -9.48 18.96 -74.21
N GLN K 83 -10.59 19.64 -73.91
CA GLN K 83 -10.52 20.78 -73.00
C GLN K 83 -10.10 20.35 -71.61
N ILE K 84 -10.54 19.17 -71.17
CA ILE K 84 -10.12 18.68 -69.85
C ILE K 84 -8.63 18.34 -69.85
N ILE K 85 -8.15 17.78 -70.96
CA ILE K 85 -6.70 17.44 -71.09
C ILE K 85 -5.89 18.73 -70.99
N ILE K 86 -6.31 19.77 -71.73
CA ILE K 86 -5.59 21.08 -71.71
C ILE K 86 -5.68 21.68 -70.32
N THR K 87 -6.87 21.62 -69.69
CA THR K 87 -7.02 22.13 -68.30
C THR K 87 -5.96 21.48 -67.40
N TYR K 88 -5.86 20.15 -67.44
CA TYR K 88 -4.85 19.42 -66.61
C TYR K 88 -3.45 19.93 -66.93
N ALA K 89 -3.15 20.17 -68.21
CA ALA K 89 -1.80 20.61 -68.63
C ALA K 89 -1.46 21.97 -68.02
N TYR K 90 -2.47 22.74 -67.59
CA TYR K 90 -2.20 24.11 -67.08
C TYR K 90 -2.50 24.21 -65.58
N THR K 91 -3.13 23.18 -65.00
CA THR K 91 -3.53 23.26 -63.57
C THR K 91 -3.04 22.02 -62.81
N GLY K 92 -3.23 20.83 -63.38
CA GLY K 92 -2.88 19.59 -62.66
C GLY K 92 -4.09 19.00 -61.98
N ASN K 93 -5.27 19.60 -62.20
CA ASN K 93 -6.53 19.04 -61.64
C ASN K 93 -7.25 18.27 -62.74
N LEU K 94 -7.86 17.12 -62.38
CA LEU K 94 -8.51 16.27 -63.41
C LEU K 94 -9.98 16.07 -63.06
N ALA K 95 -10.89 16.38 -64.00
CA ALA K 95 -12.34 16.16 -63.76
C ALA K 95 -12.68 14.70 -64.11
N MET K 96 -12.81 13.85 -63.10
CA MET K 96 -13.08 12.40 -63.35
C MET K 96 -14.46 12.03 -62.79
N ASN K 97 -15.50 12.10 -63.64
CA ASN K 97 -16.83 11.70 -63.21
C ASN K 97 -17.18 10.37 -63.88
N ASP K 98 -18.16 9.68 -63.30
CA ASP K 98 -18.56 8.38 -63.82
C ASP K 98 -19.26 8.47 -65.17
N SER K 99 -19.57 9.68 -65.62
CA SER K 99 -20.28 9.83 -66.90
C SER K 99 -19.31 9.99 -68.07
N THR K 100 -18.17 10.64 -67.86
CA THR K 100 -17.23 10.91 -68.94
C THR K 100 -15.83 10.36 -68.64
N VAL K 101 -15.73 9.30 -67.85
CA VAL K 101 -14.41 8.73 -67.56
C VAL K 101 -13.97 7.78 -68.67
N GLU K 102 -14.93 7.07 -69.27
CA GLU K 102 -14.59 6.14 -70.34
C GLU K 102 -14.21 6.89 -71.62
N GLN K 103 -14.79 8.07 -71.83
CA GLN K 103 -14.44 8.85 -73.00
C GLN K 103 -13.14 9.61 -72.79
N LEU K 104 -12.87 10.03 -71.55
CA LEU K 104 -11.61 10.70 -71.25
C LEU K 104 -10.44 9.74 -71.39
N TYR K 105 -10.63 8.48 -70.99
CA TYR K 105 -9.56 7.50 -71.11
C TYR K 105 -9.24 7.21 -72.56
N GLU K 106 -10.27 7.21 -73.43
CA GLU K 106 -10.03 7.01 -74.85
C GLU K 106 -9.25 8.18 -75.45
N THR K 107 -9.56 9.40 -75.02
CA THR K 107 -8.82 10.56 -75.50
C THR K 107 -7.42 10.61 -74.91
N ALA K 108 -7.28 10.18 -73.65
CA ALA K 108 -5.97 10.21 -73.00
C ALA K 108 -5.01 9.19 -73.64
N CYS K 109 -5.50 7.97 -73.90
CA CYS K 109 -4.63 6.97 -74.51
C CYS K 109 -4.30 7.32 -75.95
N PHE K 110 -5.20 8.02 -76.65
CA PHE K 110 -4.89 8.47 -78.00
C PHE K 110 -3.82 9.56 -78.00
N LEU K 111 -3.78 10.36 -76.93
CA LEU K 111 -2.74 11.37 -76.77
C LEU K 111 -1.59 10.90 -75.90
N GLN K 112 -1.72 9.75 -75.24
CA GLN K 112 -0.65 9.14 -74.46
C GLN K 112 -0.14 10.10 -73.38
N VAL K 113 -1.02 10.42 -72.45
CA VAL K 113 -0.70 11.25 -71.30
C VAL K 113 -0.46 10.31 -70.12
N GLU K 114 0.80 10.19 -69.68
CA GLU K 114 1.13 9.27 -68.61
C GLU K 114 0.40 9.63 -67.32
N ASP K 115 0.20 10.92 -67.07
CA ASP K 115 -0.42 11.34 -65.82
C ASP K 115 -1.92 11.08 -65.83
N VAL K 116 -2.59 11.43 -66.92
CA VAL K 116 -4.05 11.26 -66.98
C VAL K 116 -4.40 9.77 -67.10
N LEU K 117 -3.62 9.01 -67.88
CA LEU K 117 -3.91 7.60 -68.04
C LEU K 117 -3.78 6.86 -66.72
N GLN K 118 -2.80 7.24 -65.90
CA GLN K 118 -2.62 6.56 -64.62
C GLN K 118 -3.73 6.90 -63.64
N ARG K 119 -4.18 8.16 -63.64
CA ARG K 119 -5.26 8.55 -62.74
C ARG K 119 -6.59 7.97 -63.20
N CYS K 120 -6.85 7.97 -64.50
CA CYS K 120 -8.09 7.39 -65.01
C CYS K 120 -8.12 5.88 -64.85
N ARG K 121 -6.94 5.23 -64.85
CA ARG K 121 -6.90 3.79 -64.67
C ARG K 121 -7.28 3.40 -63.24
N GLU K 122 -6.65 4.03 -62.25
CA GLU K 122 -6.97 3.71 -60.86
C GLU K 122 -8.38 4.14 -60.49
N TYR K 123 -8.91 5.18 -61.14
CA TYR K 123 -10.27 5.61 -60.85
C TYR K 123 -11.28 4.58 -61.33
N LEU K 124 -11.06 3.99 -62.50
CA LEU K 124 -11.97 2.96 -63.00
C LEU K 124 -11.89 1.70 -62.15
N ILE K 125 -10.69 1.40 -61.64
CA ILE K 125 -10.50 0.15 -60.83
C ILE K 125 -11.43 0.19 -59.61
N LYS K 126 -11.65 1.37 -59.04
CA LYS K 126 -12.49 1.49 -57.82
C LYS K 126 -13.93 1.82 -58.20
N LYS K 127 -14.24 1.85 -59.50
CA LYS K 127 -15.61 2.20 -59.97
C LYS K 127 -16.33 0.95 -60.47
N ILE K 128 -15.63 -0.18 -60.51
CA ILE K 128 -16.25 -1.46 -60.99
C ILE K 128 -17.28 -1.91 -59.95
N ASN K 129 -18.57 -1.88 -60.31
CA ASN K 129 -19.65 -2.34 -59.39
C ASN K 129 -20.29 -3.61 -59.98
N ALA K 130 -21.61 -3.77 -59.79
CA ALA K 130 -22.31 -4.97 -60.29
C ALA K 130 -23.16 -4.61 -61.52
N GLU K 131 -22.78 -3.55 -62.24
CA GLU K 131 -23.58 -3.10 -63.41
C GLU K 131 -22.62 -2.75 -64.57
N ASN K 132 -21.47 -2.16 -64.26
CA ASN K 132 -20.52 -1.73 -65.33
C ASN K 132 -19.39 -2.75 -65.47
N CYS K 133 -19.36 -3.77 -64.61
CA CYS K 133 -18.25 -4.77 -64.63
C CYS K 133 -18.06 -5.31 -66.05
N VAL K 134 -19.14 -5.79 -66.68
CA VAL K 134 -19.03 -6.40 -68.04
C VAL K 134 -18.62 -5.32 -69.05
N ARG K 135 -19.19 -4.13 -68.94
CA ARG K 135 -18.89 -3.05 -69.88
C ARG K 135 -17.44 -2.61 -69.76
N LEU K 136 -16.93 -2.49 -68.52
CA LEU K 136 -15.53 -2.11 -68.34
C LEU K 136 -14.59 -3.22 -68.78
N LEU K 137 -15.03 -4.48 -68.74
CA LEU K 137 -14.19 -5.57 -69.18
C LEU K 137 -13.94 -5.50 -70.68
N SER K 138 -14.99 -5.26 -71.46
CA SER K 138 -14.82 -5.08 -72.91
C SER K 138 -14.09 -3.78 -73.21
N PHE K 139 -14.24 -2.77 -72.35
CA PHE K 139 -13.53 -1.52 -72.54
C PHE K 139 -12.03 -1.72 -72.33
N ALA K 140 -11.65 -2.54 -71.36
CA ALA K 140 -10.24 -2.77 -71.08
C ALA K 140 -9.59 -3.60 -72.19
N ASP K 141 -10.30 -4.59 -72.71
CA ASP K 141 -9.74 -5.43 -73.78
C ASP K 141 -9.57 -4.63 -75.06
N LEU K 142 -10.48 -3.68 -75.32
CA LEU K 142 -10.39 -2.90 -76.55
C LEU K 142 -9.17 -1.96 -76.53
N PHE K 143 -8.81 -1.45 -75.36
CA PHE K 143 -7.69 -0.53 -75.23
C PHE K 143 -6.45 -1.19 -74.61
N SER K 144 -6.50 -2.49 -74.32
CA SER K 144 -5.37 -3.26 -73.82
C SER K 144 -4.82 -2.67 -72.53
N CYS K 145 -5.67 -2.65 -71.51
CA CYS K 145 -5.30 -2.22 -70.16
C CYS K 145 -5.26 -3.47 -69.27
N GLU K 146 -4.06 -3.99 -69.06
CA GLU K 146 -3.92 -5.27 -68.33
C GLU K 146 -4.33 -5.12 -66.88
N GLU K 147 -4.23 -3.91 -66.32
CA GLU K 147 -4.59 -3.71 -64.92
C GLU K 147 -6.10 -3.67 -64.74
N LEU K 148 -6.80 -2.96 -65.63
CA LEU K 148 -8.25 -2.89 -65.53
C LEU K 148 -8.90 -4.20 -65.98
N LYS K 149 -8.27 -4.90 -66.94
CA LYS K 149 -8.85 -6.15 -67.43
C LYS K 149 -8.86 -7.22 -66.34
N GLN K 150 -7.76 -7.32 -65.59
CA GLN K 150 -7.70 -8.31 -64.52
C GLN K 150 -8.67 -7.97 -63.39
N SER K 151 -8.78 -6.68 -63.05
CA SER K 151 -9.69 -6.28 -61.98
C SER K 151 -11.14 -6.47 -62.39
N ALA K 152 -11.47 -6.17 -63.65
CA ALA K 152 -12.84 -6.34 -64.11
C ALA K 152 -13.19 -7.81 -64.27
N LYS K 153 -12.23 -8.64 -64.67
CA LYS K 153 -12.49 -10.06 -64.85
C LYS K 153 -12.81 -10.73 -63.53
N ARG K 154 -12.09 -10.37 -62.46
CA ARG K 154 -12.34 -10.97 -61.16
C ARG K 154 -13.71 -10.59 -60.63
N MET K 155 -14.19 -9.39 -60.97
CA MET K 155 -15.53 -8.98 -60.56
C MET K 155 -16.59 -9.77 -61.30
N VAL K 156 -16.36 -10.08 -62.58
CA VAL K 156 -17.30 -10.89 -63.34
C VAL K 156 -17.37 -12.30 -62.77
N GLU K 157 -16.21 -12.86 -62.41
CA GLU K 157 -16.18 -14.19 -61.81
C GLU K 157 -16.88 -14.24 -60.45
N HIS K 158 -16.96 -13.11 -59.75
CA HIS K 158 -17.55 -13.12 -58.42
C HIS K 158 -19.07 -13.10 -58.47
N LYS K 159 -19.63 -12.41 -59.46
CA LYS K 159 -21.08 -12.26 -59.60
C LYS K 159 -21.53 -12.65 -61.01
N PHE K 160 -21.04 -13.80 -61.49
CA PHE K 160 -21.38 -14.23 -62.84
C PHE K 160 -22.85 -14.61 -62.94
N THR K 161 -23.42 -15.14 -61.85
CA THR K 161 -24.82 -15.56 -61.88
C THR K 161 -25.78 -14.38 -61.86
N ALA K 162 -25.28 -13.16 -61.65
CA ALA K 162 -26.13 -11.98 -61.58
C ALA K 162 -25.90 -10.99 -62.72
N VAL K 163 -24.79 -11.12 -63.44
CA VAL K 163 -24.46 -10.16 -64.51
C VAL K 163 -24.59 -10.77 -65.90
N TYR K 164 -24.84 -12.07 -66.01
CA TYR K 164 -24.93 -12.68 -67.33
C TYR K 164 -26.26 -12.39 -68.03
N HIS K 165 -27.18 -11.69 -67.36
CA HIS K 165 -28.43 -11.27 -67.99
C HIS K 165 -28.33 -9.89 -68.63
N GLN K 166 -27.28 -9.14 -68.33
CA GLN K 166 -27.14 -7.79 -68.89
C GLN K 166 -26.88 -7.86 -70.39
N ASP K 167 -27.27 -6.79 -71.08
CA ASP K 167 -27.07 -6.73 -72.53
C ASP K 167 -25.60 -6.65 -72.89
N ALA K 168 -24.76 -6.15 -71.98
CA ALA K 168 -23.33 -6.05 -72.28
C ALA K 168 -22.68 -7.42 -72.34
N PHE K 169 -23.31 -8.45 -71.78
CA PHE K 169 -22.70 -9.77 -71.77
C PHE K 169 -22.87 -10.48 -73.11
N MET K 170 -24.00 -10.26 -73.79
CA MET K 170 -24.21 -10.94 -75.08
C MET K 170 -23.46 -10.26 -76.21
N GLN K 171 -22.98 -9.03 -75.99
CA GLN K 171 -22.24 -8.30 -77.00
C GLN K 171 -20.72 -8.43 -76.82
N LEU K 172 -20.28 -9.35 -75.96
CA LEU K 172 -18.85 -9.55 -75.75
C LEU K 172 -18.22 -10.26 -76.94
N SER K 173 -16.92 -10.06 -77.11
CA SER K 173 -16.19 -10.68 -78.20
C SER K 173 -15.96 -12.17 -77.91
N HIS K 174 -15.41 -12.87 -78.90
CA HIS K 174 -15.18 -14.30 -78.76
C HIS K 174 -14.08 -14.57 -77.74
N ASP K 175 -13.00 -13.79 -77.79
CA ASP K 175 -11.90 -14.00 -76.84
C ASP K 175 -12.33 -13.63 -75.43
N LEU K 176 -13.27 -12.70 -75.28
CA LEU K 176 -13.75 -12.33 -73.96
C LEU K 176 -14.64 -13.41 -73.37
N LEU K 177 -15.08 -14.36 -74.19
CA LEU K 177 -15.94 -15.43 -73.69
C LEU K 177 -15.13 -16.66 -73.34
N ILE K 178 -14.08 -16.96 -74.11
CA ILE K 178 -13.34 -18.20 -73.92
C ILE K 178 -12.53 -18.17 -72.62
N ASP K 179 -12.20 -16.97 -72.14
CA ASP K 179 -11.42 -16.88 -70.91
C ASP K 179 -12.31 -16.81 -69.67
N ILE K 180 -13.55 -16.38 -69.82
CA ILE K 180 -14.47 -16.33 -68.68
C ILE K 180 -15.01 -17.71 -68.38
N LEU K 181 -15.41 -18.45 -69.41
CA LEU K 181 -15.97 -19.79 -69.20
C LEU K 181 -14.90 -20.78 -68.77
N SER K 182 -13.68 -20.66 -69.30
CA SER K 182 -12.61 -21.57 -68.93
C SER K 182 -12.04 -21.29 -67.55
N SER K 183 -12.24 -20.09 -67.02
CA SER K 183 -11.74 -19.74 -65.70
C SER K 183 -12.54 -20.47 -64.63
N ASP K 184 -11.83 -21.11 -63.70
CA ASP K 184 -12.46 -21.86 -62.63
C ASP K 184 -12.94 -20.98 -61.48
N ASN K 185 -13.01 -19.66 -61.68
CA ASN K 185 -13.44 -18.73 -60.64
C ASN K 185 -14.90 -18.33 -60.77
N LEU K 186 -15.66 -18.99 -61.63
CA LEU K 186 -17.07 -18.66 -61.81
C LEU K 186 -17.84 -19.00 -60.55
N ASN K 187 -18.49 -17.99 -59.96
CA ASN K 187 -19.29 -18.18 -58.75
C ASN K 187 -20.69 -18.64 -59.16
N VAL K 188 -20.82 -19.95 -59.35
CA VAL K 188 -22.08 -20.57 -59.75
C VAL K 188 -22.31 -21.80 -58.89
N GLU K 189 -23.56 -21.97 -58.44
CA GLU K 189 -23.90 -23.12 -57.61
C GLU K 189 -24.13 -24.38 -58.43
N LYS K 190 -24.48 -24.25 -59.71
CA LYS K 190 -24.72 -25.39 -60.58
C LYS K 190 -24.11 -25.13 -61.94
N GLU K 191 -23.71 -26.22 -62.61
CA GLU K 191 -23.10 -26.09 -63.93
C GLU K 191 -24.12 -25.73 -65.00
N GLU K 192 -25.41 -25.90 -64.73
CA GLU K 192 -26.44 -25.55 -65.72
C GLU K 192 -26.50 -24.04 -65.94
N THR K 193 -26.17 -23.26 -64.91
CA THR K 193 -26.17 -21.80 -65.06
C THR K 193 -25.12 -21.36 -66.07
N VAL K 194 -23.94 -21.97 -66.04
CA VAL K 194 -22.92 -21.65 -67.03
C VAL K 194 -23.33 -22.14 -68.42
N ARG K 195 -23.99 -23.29 -68.48
CA ARG K 195 -24.45 -23.81 -69.77
C ARG K 195 -25.49 -22.88 -70.40
N GLU K 196 -26.51 -22.51 -69.63
CA GLU K 196 -27.54 -21.62 -70.16
C GLU K 196 -26.97 -20.24 -70.47
N ALA K 197 -25.96 -19.79 -69.73
CA ALA K 197 -25.31 -18.53 -70.04
C ALA K 197 -24.61 -18.59 -71.38
N ALA K 198 -24.06 -19.76 -71.72
CA ALA K 198 -23.43 -19.91 -73.03
C ALA K 198 -24.46 -20.08 -74.13
N MET K 199 -25.64 -20.64 -73.79
CA MET K 199 -26.68 -20.82 -74.78
C MET K 199 -27.28 -19.49 -75.20
N LEU K 200 -27.53 -18.60 -74.24
CA LEU K 200 -28.11 -17.30 -74.57
C LEU K 200 -27.12 -16.43 -75.34
N TRP K 201 -25.82 -16.71 -75.21
CA TRP K 201 -24.83 -15.91 -75.90
C TRP K 201 -24.77 -16.27 -77.39
N LEU K 202 -24.90 -17.55 -77.71
CA LEU K 202 -24.79 -17.96 -79.11
C LEU K 202 -26.05 -17.65 -79.90
N GLU K 203 -27.20 -17.60 -79.23
CA GLU K 203 -28.45 -17.27 -79.92
C GLU K 203 -28.68 -15.78 -80.06
N TYR K 204 -27.85 -14.95 -79.43
CA TYR K 204 -28.01 -13.50 -79.56
C TYR K 204 -27.75 -13.05 -80.98
N ASN K 205 -26.68 -13.55 -81.59
CA ASN K 205 -26.33 -13.25 -82.99
C ASN K 205 -25.88 -14.57 -83.63
N THR K 206 -26.84 -15.28 -84.24
CA THR K 206 -26.55 -16.60 -84.76
C THR K 206 -25.77 -16.56 -86.08
N GLU K 207 -26.03 -15.56 -86.91
CA GLU K 207 -25.39 -15.52 -88.23
C GLU K 207 -23.88 -15.27 -88.12
N SER K 208 -23.43 -14.65 -87.03
CA SER K 208 -22.02 -14.36 -86.85
C SER K 208 -21.34 -15.30 -85.85
N ARG K 209 -22.10 -16.06 -85.09
CA ARG K 209 -21.56 -16.96 -84.08
C ARG K 209 -21.86 -18.42 -84.37
N SER K 210 -22.39 -18.73 -85.55
CA SER K 210 -22.68 -20.13 -85.89
C SER K 210 -21.40 -20.94 -86.04
N GLN K 211 -20.29 -20.28 -86.40
CA GLN K 211 -19.02 -20.98 -86.57
C GLN K 211 -18.31 -21.22 -85.25
N TYR K 212 -18.73 -20.53 -84.18
CA TYR K 212 -18.10 -20.66 -82.87
C TYR K 212 -18.83 -21.64 -81.96
N LEU K 213 -19.72 -22.47 -82.51
CA LEU K 213 -20.49 -23.38 -81.68
C LEU K 213 -19.60 -24.46 -81.06
N SER K 214 -18.52 -24.81 -81.74
CA SER K 214 -17.61 -25.82 -81.21
C SER K 214 -16.76 -25.26 -80.07
N SER K 215 -16.33 -24.01 -80.19
CA SER K 215 -15.52 -23.40 -79.14
C SER K 215 -16.34 -23.15 -77.88
N VAL K 216 -17.65 -22.97 -78.02
CA VAL K 216 -18.50 -22.72 -76.86
C VAL K 216 -18.66 -23.99 -76.03
N LEU K 217 -19.00 -25.10 -76.68
CA LEU K 217 -19.19 -26.35 -75.96
C LEU K 217 -17.89 -26.92 -75.41
N SER K 218 -16.75 -26.54 -75.99
CA SER K 218 -15.47 -27.04 -75.52
C SER K 218 -15.02 -26.38 -74.23
N GLN K 219 -15.67 -25.31 -73.79
CA GLN K 219 -15.28 -24.62 -72.56
C GLN K 219 -16.19 -24.93 -71.38
N ILE K 220 -17.42 -25.34 -71.63
CA ILE K 220 -18.36 -25.67 -70.57
C ILE K 220 -18.10 -27.12 -70.15
N ARG K 221 -17.94 -27.34 -68.85
CA ARG K 221 -17.70 -28.68 -68.33
C ARG K 221 -19.00 -29.47 -68.29
N ILE K 222 -19.09 -30.52 -69.11
CA ILE K 222 -20.26 -31.36 -69.16
C ILE K 222 -20.04 -32.69 -68.45
N ASP K 223 -18.88 -33.31 -68.65
CA ASP K 223 -18.53 -34.55 -67.96
C ASP K 223 -17.83 -34.31 -66.63
N ALA K 224 -17.98 -33.12 -66.05
CA ALA K 224 -17.33 -32.82 -64.77
C ALA K 224 -17.98 -33.62 -63.64
N LEU K 225 -19.29 -33.44 -63.45
CA LEU K 225 -20.03 -34.10 -62.38
C LEU K 225 -19.40 -33.79 -61.03
N SER K 226 -19.42 -32.50 -60.67
CA SER K 226 -18.71 -32.03 -59.49
C SER K 226 -19.28 -32.63 -58.21
N GLU K 227 -20.53 -32.27 -57.88
CA GLU K 227 -21.13 -32.66 -56.61
C GLU K 227 -22.38 -33.52 -56.81
N VAL K 228 -22.64 -33.93 -58.05
CA VAL K 228 -23.78 -34.79 -58.34
C VAL K 228 -23.38 -36.24 -58.13
N THR K 229 -22.07 -36.46 -57.94
CA THR K 229 -21.58 -37.82 -57.69
C THR K 229 -21.70 -38.19 -56.21
N GLN K 230 -21.53 -37.22 -55.31
CA GLN K 230 -21.65 -37.52 -53.89
C GLN K 230 -23.10 -37.82 -53.51
N ARG K 231 -24.04 -37.08 -54.10
CA ARG K 231 -25.45 -37.36 -53.83
C ARG K 231 -25.88 -38.68 -54.46
N ALA K 232 -25.12 -39.17 -55.44
CA ALA K 232 -25.46 -40.43 -56.09
C ALA K 232 -25.18 -41.61 -55.17
N TRP K 233 -23.92 -41.78 -54.75
CA TRP K 233 -23.54 -42.90 -53.89
C TRP K 233 -24.26 -42.82 -52.55
N PHE K 234 -23.88 -41.82 -51.73
CA PHE K 234 -24.52 -41.56 -50.44
C PHE K 234 -23.85 -40.38 -49.77
N GLN K 235 -24.41 -39.91 -48.64
CA GLN K 235 -23.77 -38.91 -47.80
C GLN K 235 -22.99 -39.55 -46.65
N GLY K 236 -22.70 -40.84 -46.75
CA GLY K 236 -22.04 -41.55 -45.67
C GLY K 236 -20.61 -41.10 -45.43
N LEU K 237 -20.41 -40.38 -44.34
CA LEU K 237 -19.11 -39.81 -43.99
C LEU K 237 -19.17 -39.38 -42.54
N PRO K 238 -18.03 -39.01 -41.95
CA PRO K 238 -18.07 -38.31 -40.66
C PRO K 238 -18.94 -37.06 -40.76
N PRO K 239 -19.40 -36.52 -39.61
CA PRO K 239 -20.43 -35.47 -39.66
C PRO K 239 -20.14 -34.33 -40.62
N ASN K 240 -20.93 -34.27 -41.69
CA ASN K 240 -20.84 -33.23 -42.72
C ASN K 240 -19.41 -33.09 -43.25
N ASP K 241 -18.85 -34.22 -43.70
CA ASP K 241 -17.53 -34.25 -44.31
C ASP K 241 -17.57 -34.09 -45.82
N LYS K 242 -18.72 -33.66 -46.35
CA LYS K 242 -18.79 -33.38 -47.81
C LYS K 242 -17.89 -32.18 -48.07
N SER K 243 -17.51 -31.48 -46.99
CA SER K 243 -16.66 -30.28 -47.10
C SER K 243 -15.20 -30.67 -47.34
N VAL K 244 -14.76 -31.79 -46.74
CA VAL K 244 -13.36 -32.28 -46.94
C VAL K 244 -13.18 -32.69 -48.40
N VAL K 245 -14.23 -33.20 -49.03
CA VAL K 245 -14.16 -33.59 -50.47
C VAL K 245 -14.03 -32.31 -51.31
N VAL K 246 -14.72 -31.23 -50.91
CA VAL K 246 -14.61 -29.93 -51.64
C VAL K 246 -13.13 -29.54 -51.68
N GLN K 247 -12.43 -29.57 -50.54
CA GLN K 247 -10.99 -29.21 -50.49
C GLN K 247 -10.14 -30.47 -50.79
N GLY K 248 -10.53 -31.24 -51.82
CA GLY K 248 -9.77 -32.45 -52.20
C GLY K 248 -9.89 -32.72 -53.68
N LEU K 249 -11.11 -32.72 -54.21
CA LEU K 249 -11.32 -32.92 -55.67
C LEU K 249 -10.84 -31.65 -56.40
N TYR K 250 -11.11 -30.48 -55.82
CA TYR K 250 -10.69 -29.19 -56.44
C TYR K 250 -9.21 -28.94 -56.19
N LYS K 251 -8.58 -29.79 -55.36
CA LYS K 251 -7.14 -29.62 -55.03
C LYS K 251 -6.30 -30.42 -56.03
N ASP K 252 -6.90 -31.42 -56.70
CA ASP K 252 -6.17 -32.25 -57.69
C ASP K 252 -7.11 -32.61 -58.84
N MET K 253 -7.00 -31.93 -59.97
CA MET K 253 -7.85 -32.20 -61.12
C MET K 253 -7.25 -31.59 -62.38
N PRO K 254 -7.62 -32.09 -63.58
CA PRO K 254 -6.98 -31.59 -64.81
C PRO K 254 -7.43 -30.20 -65.24
N LYS K 255 -8.16 -29.50 -64.37
CA LYS K 255 -8.61 -28.13 -64.61
C LYS K 255 -9.65 -28.04 -65.72
N PHE K 256 -9.99 -29.16 -66.36
CA PHE K 256 -11.06 -29.16 -67.34
C PHE K 256 -12.37 -29.65 -66.73
N PHE K 257 -12.30 -30.54 -65.75
CA PHE K 257 -13.46 -31.03 -65.03
C PHE K 257 -13.51 -30.53 -63.59
N LYS K 258 -12.77 -29.46 -63.29
CA LYS K 258 -12.74 -28.93 -61.94
C LYS K 258 -14.10 -28.34 -61.58
N PRO K 259 -14.56 -28.52 -60.34
CA PRO K 259 -15.74 -27.77 -59.89
C PRO K 259 -15.41 -26.30 -59.79
N ARG K 260 -16.27 -25.48 -60.39
CA ARG K 260 -16.04 -24.04 -60.40
C ARG K 260 -16.02 -23.50 -58.97
N LEU K 261 -15.45 -22.29 -58.83
CA LEU K 261 -15.27 -21.73 -57.49
C LEU K 261 -16.61 -21.54 -56.77
N GLY K 262 -17.66 -21.32 -57.53
CA GLY K 262 -18.97 -21.12 -56.93
C GLY K 262 -19.40 -22.40 -56.27
N MET K 263 -19.13 -23.53 -56.93
CA MET K 263 -19.47 -24.82 -56.34
C MET K 263 -18.70 -25.01 -55.05
N THR K 264 -17.52 -24.41 -54.96
CA THR K 264 -16.69 -24.56 -53.77
C THR K 264 -17.01 -23.49 -52.73
N LYS K 265 -18.08 -23.71 -51.97
CA LYS K 265 -18.47 -22.74 -50.96
C LYS K 265 -18.85 -23.40 -49.64
N GLU K 266 -18.63 -22.71 -48.53
CA GLU K 266 -18.91 -23.26 -47.21
C GLU K 266 -19.36 -22.16 -46.27
N GLU K 267 -20.44 -22.41 -45.54
CA GLU K 267 -20.93 -21.46 -44.54
C GLU K 267 -20.04 -21.51 -43.32
N MET K 268 -19.41 -20.38 -43.00
CA MET K 268 -18.47 -20.31 -41.89
C MET K 268 -18.86 -19.17 -40.96
N MET K 269 -18.68 -19.40 -39.66
CA MET K 269 -18.93 -18.36 -38.67
C MET K 269 -17.76 -17.39 -38.68
N ILE K 270 -17.96 -16.22 -39.27
CA ILE K 270 -16.91 -15.23 -39.44
C ILE K 270 -16.74 -14.46 -38.14
N PHE K 271 -15.58 -14.61 -37.52
CA PHE K 271 -15.25 -13.89 -36.30
C PHE K 271 -14.19 -12.85 -36.62
N ILE K 272 -14.54 -11.58 -36.46
CA ILE K 272 -13.66 -10.46 -36.73
C ILE K 272 -13.28 -9.82 -35.40
N GLU K 273 -12.05 -9.29 -35.33
CA GLU K 273 -11.51 -8.67 -34.13
C GLU K 273 -11.42 -9.68 -32.98
N ALA K 274 -11.03 -10.91 -33.27
CA ALA K 274 -10.92 -11.96 -32.24
C ALA K 274 -9.54 -11.88 -31.58
N SER K 275 -9.30 -12.67 -30.53
CA SER K 275 -7.96 -12.71 -29.90
C SER K 275 -7.00 -13.51 -30.80
N SER K 276 -5.69 -13.34 -30.62
CA SER K 276 -4.69 -14.09 -31.42
C SER K 276 -3.99 -15.13 -30.53
N GLU K 277 -3.72 -16.32 -31.07
CA GLU K 277 -3.05 -17.40 -30.29
C GLU K 277 -1.65 -16.94 -29.91
N ASN K 278 -0.84 -16.58 -30.91
CA ASN K 278 0.53 -16.06 -30.64
C ASN K 278 0.43 -14.56 -30.36
N PRO K 279 1.34 -13.96 -29.55
CA PRO K 279 1.32 -12.51 -29.33
C PRO K 279 1.44 -11.75 -30.66
N CYS K 280 0.31 -11.29 -31.21
CA CYS K 280 0.32 -10.58 -32.52
C CYS K 280 -0.81 -9.54 -32.54
N SER K 281 -1.56 -9.49 -33.64
CA SER K 281 -2.70 -8.54 -33.75
C SER K 281 -3.72 -8.84 -32.65
N LEU K 282 -3.91 -7.92 -31.71
CA LEU K 282 -4.89 -8.11 -30.60
C LEU K 282 -6.28 -8.35 -31.18
N TYR K 283 -6.56 -7.78 -32.35
CA TYR K 283 -7.89 -7.93 -33.00
C TYR K 283 -7.74 -8.69 -34.31
N SER K 284 -7.63 -10.02 -34.24
CA SER K 284 -7.46 -10.82 -35.44
C SER K 284 -8.82 -11.28 -35.98
N SER K 285 -8.80 -11.87 -37.16
CA SER K 285 -10.01 -12.31 -37.83
C SER K 285 -9.84 -13.74 -38.30
N VAL K 286 -10.67 -14.65 -37.77
CA VAL K 286 -10.67 -16.05 -38.18
C VAL K 286 -12.11 -16.53 -38.26
N CYS K 287 -12.30 -17.59 -39.05
CA CYS K 287 -13.62 -18.16 -39.26
C CYS K 287 -13.56 -19.66 -39.03
N TYR K 288 -14.69 -20.23 -38.58
CA TYR K 288 -14.73 -21.69 -38.30
C TYR K 288 -15.84 -22.33 -39.12
N SER K 289 -15.51 -23.37 -39.90
CA SER K 289 -16.55 -24.10 -40.65
C SER K 289 -17.09 -25.23 -39.76
N PRO K 290 -18.37 -25.19 -39.33
CA PRO K 290 -18.95 -26.26 -38.51
C PRO K 290 -18.91 -27.59 -39.26
N GLN K 291 -19.03 -27.55 -40.59
CA GLN K 291 -19.03 -28.79 -41.41
C GLN K 291 -17.62 -29.38 -41.48
N ALA K 292 -16.64 -28.59 -41.94
CA ALA K 292 -15.26 -29.09 -42.12
C ALA K 292 -14.55 -29.20 -40.76
N GLU K 293 -15.13 -28.60 -39.71
CA GLU K 293 -14.49 -28.59 -38.37
C GLU K 293 -13.06 -28.04 -38.50
N LYS K 294 -12.90 -26.94 -39.23
CA LYS K 294 -11.55 -26.36 -39.46
C LYS K 294 -11.60 -24.84 -39.24
N VAL K 295 -10.50 -24.25 -38.76
CA VAL K 295 -10.45 -22.77 -38.57
C VAL K 295 -9.63 -22.16 -39.72
N TYR K 296 -10.22 -21.21 -40.46
CA TYR K 296 -9.51 -20.59 -41.61
C TYR K 296 -9.08 -19.17 -41.21
N LYS K 297 -7.82 -18.81 -41.47
CA LYS K 297 -7.30 -17.51 -41.10
C LYS K 297 -7.65 -16.47 -42.16
N LEU K 298 -8.01 -15.28 -41.72
CA LEU K 298 -8.38 -14.19 -42.61
C LEU K 298 -7.39 -13.04 -42.44
N CYS K 299 -6.94 -12.49 -43.56
CA CYS K 299 -6.03 -11.35 -43.52
C CYS K 299 -6.77 -10.10 -43.11
N SER K 300 -6.02 -9.11 -42.61
CA SER K 300 -6.59 -7.83 -42.17
C SER K 300 -5.90 -6.67 -42.86
N PRO K 301 -6.24 -6.41 -44.12
CA PRO K 301 -5.77 -5.18 -44.79
C PRO K 301 -6.19 -3.91 -44.06
N PRO K 302 -7.29 -3.93 -43.26
CA PRO K 302 -7.57 -2.77 -42.40
C PRO K 302 -6.38 -2.22 -41.62
N ALA K 303 -5.32 -3.01 -41.47
CA ALA K 303 -4.07 -2.55 -40.86
C ALA K 303 -4.30 -2.02 -39.44
N ASP K 304 -4.72 -2.94 -38.57
CA ASP K 304 -4.93 -2.72 -37.14
C ASP K 304 -6.15 -1.86 -36.85
N LEU K 305 -7.23 -2.03 -37.60
CA LEU K 305 -8.49 -1.38 -37.24
C LEU K 305 -9.01 -1.96 -35.93
N HIS K 306 -9.71 -1.12 -35.16
CA HIS K 306 -10.20 -1.54 -33.87
C HIS K 306 -11.63 -1.05 -33.70
N LYS K 307 -12.44 -1.86 -33.02
CA LYS K 307 -13.83 -1.53 -32.69
C LYS K 307 -14.64 -1.26 -33.96
N VAL K 308 -14.62 -2.23 -34.87
CA VAL K 308 -15.28 -2.08 -36.16
C VAL K 308 -16.59 -2.85 -36.15
N GLY K 309 -17.43 -2.56 -37.14
CA GLY K 309 -18.68 -3.27 -37.30
C GLY K 309 -18.65 -4.27 -38.44
N THR K 310 -19.66 -5.14 -38.46
CA THR K 310 -19.74 -6.19 -39.46
C THR K 310 -21.12 -6.17 -40.10
N VAL K 311 -21.22 -6.76 -41.29
CA VAL K 311 -22.49 -6.85 -42.01
C VAL K 311 -22.34 -7.91 -43.10
N VAL K 312 -23.41 -8.68 -43.28
CA VAL K 312 -23.50 -9.66 -44.36
C VAL K 312 -24.84 -9.49 -45.07
N THR K 313 -24.78 -9.15 -46.34
CA THR K 313 -25.99 -8.98 -47.13
C THR K 313 -26.57 -10.33 -47.50
N PRO K 314 -27.87 -10.37 -47.83
CA PRO K 314 -28.45 -11.61 -48.37
C PRO K 314 -27.77 -12.08 -49.64
N ASP K 315 -27.10 -11.18 -50.35
CA ASP K 315 -26.32 -11.54 -51.53
C ASP K 315 -24.92 -12.04 -51.18
N ASN K 316 -24.69 -12.40 -49.92
CA ASN K 316 -23.43 -12.95 -49.43
C ASN K 316 -22.26 -11.99 -49.61
N ASP K 317 -22.49 -10.69 -49.43
CA ASP K 317 -21.44 -9.70 -49.51
C ASP K 317 -21.04 -9.27 -48.10
N ILE K 318 -19.75 -9.10 -47.88
CA ILE K 318 -19.20 -8.76 -46.56
C ILE K 318 -18.61 -7.37 -46.61
N TYR K 319 -18.90 -6.56 -45.59
CA TYR K 319 -18.36 -5.21 -45.49
C TYR K 319 -18.04 -4.89 -44.04
N ILE K 320 -17.15 -3.93 -43.85
CA ILE K 320 -16.83 -3.39 -42.54
C ILE K 320 -16.82 -1.87 -42.65
N ALA K 321 -17.22 -1.20 -41.58
CA ALA K 321 -17.29 0.25 -41.57
C ALA K 321 -16.93 0.78 -40.18
N GLY K 322 -16.56 2.05 -40.14
CA GLY K 322 -16.22 2.68 -38.88
C GLY K 322 -14.93 2.13 -38.28
N GLY K 323 -14.90 2.11 -36.96
CA GLY K 323 -13.74 1.62 -36.24
C GLY K 323 -12.81 2.73 -35.80
N GLN K 324 -11.67 2.32 -35.25
CA GLN K 324 -10.65 3.25 -34.80
C GLN K 324 -9.27 2.67 -35.09
N VAL K 325 -8.34 3.54 -35.44
CA VAL K 325 -6.97 3.15 -35.72
C VAL K 325 -6.07 3.77 -34.65
N PRO K 326 -4.95 3.13 -34.30
CA PRO K 326 -4.05 3.71 -33.28
C PRO K 326 -3.48 5.05 -33.72
N LEU K 327 -3.71 6.08 -32.91
CA LEU K 327 -3.23 7.42 -33.22
C LEU K 327 -1.71 7.45 -33.22
N LYS K 328 -1.11 7.71 -34.38
CA LYS K 328 0.34 7.75 -34.50
C LYS K 328 0.90 9.05 -33.93
N PHE K 344 -5.44 6.37 -30.15
CA PHE K 344 -6.45 5.86 -31.08
C PHE K 344 -7.37 6.98 -31.57
N ARG K 345 -7.59 7.03 -32.88
CA ARG K 345 -8.46 8.02 -33.51
C ARG K 345 -9.55 7.31 -34.30
N THR K 346 -10.74 7.91 -34.33
CA THR K 346 -11.84 7.33 -35.08
C THR K 346 -11.79 7.79 -36.53
N VAL K 347 -12.05 6.86 -37.44
CA VAL K 347 -12.02 7.13 -38.87
C VAL K 347 -13.34 6.68 -39.49
N ASN K 348 -13.51 7.02 -40.77
CA ASN K 348 -14.69 6.63 -41.53
C ASN K 348 -14.36 5.64 -42.65
N CYS K 349 -13.45 4.71 -42.41
CA CYS K 349 -13.03 3.79 -43.46
C CYS K 349 -14.13 2.79 -43.77
N PHE K 350 -14.04 2.18 -44.95
CA PHE K 350 -15.02 1.21 -45.41
C PHE K 350 -14.35 0.27 -46.41
N TYR K 351 -14.35 -1.01 -46.10
CA TYR K 351 -13.65 -1.99 -46.92
C TYR K 351 -14.58 -3.14 -47.29
N TRP K 352 -14.41 -3.65 -48.50
CA TRP K 352 -15.13 -4.82 -48.98
C TRP K 352 -14.19 -6.00 -49.09
N PHE K 353 -14.62 -7.15 -48.58
CA PHE K 353 -13.80 -8.35 -48.54
C PHE K 353 -13.89 -9.05 -49.90
N ASP K 354 -12.76 -9.56 -50.37
CA ASP K 354 -12.71 -10.32 -51.62
C ASP K 354 -12.67 -11.80 -51.28
N ALA K 355 -13.73 -12.53 -51.66
CA ALA K 355 -13.83 -13.94 -51.32
C ALA K 355 -12.78 -14.79 -52.03
N GLN K 356 -12.18 -14.28 -53.11
CA GLN K 356 -11.22 -15.08 -53.85
C GLN K 356 -9.79 -14.64 -53.57
N GLN K 357 -9.53 -13.34 -53.58
CA GLN K 357 -8.18 -12.83 -53.35
C GLN K 357 -7.84 -12.65 -51.88
N ASN K 358 -8.82 -12.83 -51.01
CA ASN K 358 -8.57 -12.75 -49.59
C ASN K 358 -7.92 -11.44 -49.27
N THR K 359 -8.58 -10.36 -49.64
CA THR K 359 -8.06 -9.05 -49.32
C THR K 359 -9.14 -8.22 -48.69
N TRP K 360 -8.97 -6.90 -48.75
CA TRP K 360 -9.99 -6.03 -48.21
C TRP K 360 -9.97 -4.71 -48.97
N PHE K 361 -10.43 -4.72 -50.21
CA PHE K 361 -10.44 -3.52 -51.00
C PHE K 361 -11.17 -2.43 -50.29
N PRO K 362 -10.84 -1.20 -50.63
CA PRO K 362 -11.48 -0.08 -49.96
C PRO K 362 -12.58 0.48 -50.81
N LYS K 363 -13.60 1.03 -50.18
CA LYS K 363 -14.71 1.59 -50.91
C LYS K 363 -15.03 2.98 -50.38
N THR K 364 -15.79 3.75 -51.15
CA THR K 364 -16.17 5.11 -50.74
C THR K 364 -16.37 5.24 -49.25
N PRO K 365 -15.56 6.07 -48.58
CA PRO K 365 -15.66 6.21 -47.12
C PRO K 365 -16.99 6.79 -46.66
N MET K 366 -17.26 6.77 -45.35
CA MET K 366 -18.49 7.33 -44.84
C MET K 366 -18.36 8.84 -44.66
N LEU K 367 -19.50 9.51 -44.44
CA LEU K 367 -19.48 10.94 -44.23
C LEU K 367 -19.01 11.31 -42.83
N PHE K 368 -19.29 10.46 -41.84
CA PHE K 368 -18.91 10.69 -40.47
C PHE K 368 -18.16 9.47 -39.92
N VAL K 369 -17.15 9.75 -39.11
CA VAL K 369 -16.38 8.68 -38.47
C VAL K 369 -17.28 7.93 -37.49
N ARG K 370 -17.03 6.64 -37.33
CA ARG K 370 -17.90 5.79 -36.53
C ARG K 370 -17.08 4.74 -35.79
N ILE K 371 -17.67 4.19 -34.73
CA ILE K 371 -17.08 3.09 -33.96
C ILE K 371 -18.16 2.04 -33.75
N LYS K 372 -17.90 0.83 -34.26
CA LYS K 372 -18.85 -0.27 -34.20
C LYS K 372 -20.26 0.14 -34.62
N PRO K 373 -20.51 0.63 -35.87
CA PRO K 373 -21.87 0.95 -36.28
C PRO K 373 -22.73 -0.30 -36.52
N SER K 374 -24.02 -0.22 -36.22
CA SER K 374 -24.94 -1.37 -36.47
C SER K 374 -25.23 -1.44 -37.97
N LEU K 375 -24.36 -2.12 -38.74
CA LEU K 375 -24.52 -2.16 -40.22
C LEU K 375 -25.58 -3.20 -40.60
N VAL K 376 -26.58 -2.79 -41.38
CA VAL K 376 -27.64 -3.70 -41.83
C VAL K 376 -27.90 -3.45 -43.31
N CYS K 377 -28.31 -4.51 -44.01
CA CYS K 377 -28.63 -4.46 -45.42
C CYS K 377 -30.15 -4.56 -45.57
N CYS K 378 -30.73 -3.58 -46.25
CA CYS K 378 -32.18 -3.55 -46.46
C CYS K 378 -32.48 -3.07 -47.87
N GLU K 379 -33.10 -3.94 -48.67
CA GLU K 379 -33.50 -3.62 -50.03
C GLU K 379 -32.29 -3.16 -50.86
N GLY K 380 -31.15 -3.81 -50.63
CA GLY K 380 -29.94 -3.49 -51.36
C GLY K 380 -29.15 -2.32 -50.85
N TYR K 381 -29.63 -1.64 -49.81
CA TYR K 381 -28.93 -0.50 -49.23
C TYR K 381 -28.28 -0.90 -47.92
N ILE K 382 -27.10 -0.34 -47.66
CA ILE K 382 -26.37 -0.57 -46.42
C ILE K 382 -26.54 0.66 -45.54
N TYR K 383 -26.88 0.45 -44.28
CA TYR K 383 -27.16 1.54 -43.35
C TYR K 383 -26.19 1.48 -42.19
N ALA K 384 -25.60 2.63 -41.85
CA ALA K 384 -24.66 2.75 -40.74
C ALA K 384 -25.37 3.46 -39.59
N ILE K 385 -25.68 2.71 -38.54
CA ILE K 385 -26.47 3.21 -37.42
C ILE K 385 -25.54 3.37 -36.21
N GLY K 386 -25.76 4.44 -35.46
CA GLY K 386 -24.94 4.69 -34.27
C GLY K 386 -23.54 5.09 -34.67
N GLY K 387 -22.56 4.34 -34.20
CA GLY K 387 -21.19 4.56 -34.62
C GLY K 387 -20.54 5.82 -34.11
N ASP K 388 -20.25 5.87 -32.80
CA ASP K 388 -19.42 6.94 -32.24
C ASP K 388 -20.01 8.32 -32.50
N SER K 389 -21.13 8.62 -31.86
CA SER K 389 -21.78 9.92 -31.99
C SER K 389 -20.77 11.06 -31.97
N VAL K 390 -20.83 11.90 -32.99
CA VAL K 390 -19.93 13.05 -33.15
C VAL K 390 -20.81 14.30 -33.04
N GLY K 391 -20.35 15.28 -32.28
CA GLY K 391 -21.11 16.51 -32.13
C GLY K 391 -22.38 16.36 -31.32
N GLY K 392 -22.26 16.08 -30.03
CA GLY K 392 -23.43 15.90 -29.17
C GLY K 392 -24.38 17.08 -29.18
N GLU K 393 -23.85 18.29 -29.40
CA GLU K 393 -24.68 19.47 -29.49
C GLU K 393 -25.56 19.44 -30.73
N LEU K 394 -24.98 19.03 -31.86
CA LEU K 394 -25.74 18.98 -33.10
C LEU K 394 -26.66 17.76 -33.14
N ASN K 395 -26.08 16.56 -33.09
CA ASN K 395 -26.86 15.33 -33.14
C ASN K 395 -25.99 14.18 -32.66
N ARG K 396 -26.63 13.20 -32.02
CA ARG K 396 -25.91 12.05 -31.50
C ARG K 396 -26.37 10.77 -32.20
N ARG K 397 -27.64 10.73 -32.59
CA ARG K 397 -28.20 9.58 -33.29
C ARG K 397 -27.89 9.59 -34.78
N THR K 398 -26.60 9.68 -35.14
CA THR K 398 -26.22 9.78 -36.54
C THR K 398 -26.43 8.45 -37.25
N VAL K 399 -27.09 8.52 -38.41
CA VAL K 399 -27.33 7.35 -39.24
C VAL K 399 -27.35 7.80 -40.70
N GLU K 400 -26.80 6.95 -41.57
CA GLU K 400 -26.70 7.28 -42.98
C GLU K 400 -26.72 6.00 -43.79
N ARG K 401 -27.17 6.09 -45.03
CA ARG K 401 -27.25 4.96 -45.94
C ARG K 401 -26.22 5.10 -47.05
N TYR K 402 -25.92 3.98 -47.69
CA TYR K 402 -24.96 3.91 -48.78
C TYR K 402 -25.60 3.23 -49.97
N ASP K 403 -25.30 3.74 -51.18
CA ASP K 403 -25.83 3.12 -52.42
C ASP K 403 -24.71 2.31 -53.07
N THR K 404 -24.92 1.00 -53.30
CA THR K 404 -23.86 0.12 -53.84
C THR K 404 -23.45 0.56 -55.25
N GLU K 405 -24.42 0.72 -56.16
CA GLU K 405 -24.07 1.04 -57.58
C GLU K 405 -23.61 2.50 -57.70
N LYS K 406 -24.18 3.41 -56.90
CA LYS K 406 -23.84 4.85 -57.01
C LYS K 406 -22.56 5.14 -56.22
N ASP K 407 -22.15 4.24 -55.33
CA ASP K 407 -20.95 4.46 -54.48
C ASP K 407 -21.09 5.83 -53.80
N GLU K 408 -22.21 6.08 -53.10
CA GLU K 408 -22.44 7.41 -52.49
C GLU K 408 -23.13 7.26 -51.13
N TRP K 409 -22.81 8.13 -50.18
CA TRP K 409 -23.44 8.12 -48.87
C TRP K 409 -24.45 9.25 -48.77
N THR K 410 -25.52 9.01 -48.01
CA THR K 410 -26.60 9.99 -47.85
C THR K 410 -27.16 9.88 -46.44
N MET K 411 -27.44 11.03 -45.83
CA MET K 411 -28.02 11.05 -44.49
C MET K 411 -29.51 10.75 -44.55
N VAL K 412 -30.02 10.12 -43.49
CA VAL K 412 -31.43 9.76 -43.42
C VAL K 412 -32.00 10.22 -42.08
N SER K 413 -33.25 9.85 -41.81
CA SER K 413 -33.89 10.23 -40.56
C SER K 413 -33.13 9.64 -39.37
N PRO K 414 -32.62 10.47 -38.46
CA PRO K 414 -31.86 9.94 -37.33
C PRO K 414 -32.75 9.16 -36.37
N LEU K 415 -32.11 8.45 -35.46
CA LEU K 415 -32.83 7.71 -34.44
C LEU K 415 -33.61 8.69 -33.56
N PRO K 416 -34.78 8.30 -33.05
CA PRO K 416 -35.55 9.22 -32.21
C PRO K 416 -34.82 9.66 -30.95
N CYS K 417 -33.98 8.80 -30.39
CA CYS K 417 -33.20 9.14 -29.21
C CYS K 417 -31.81 8.56 -29.33
N ALA K 418 -30.88 9.14 -28.58
CA ALA K 418 -29.49 8.70 -28.60
C ALA K 418 -29.32 7.57 -27.59
N TRP K 419 -28.93 6.39 -28.07
CA TRP K 419 -28.67 5.24 -27.23
C TRP K 419 -27.24 4.76 -27.45
N GLN K 420 -26.84 3.78 -26.64
CA GLN K 420 -25.49 3.21 -26.71
C GLN K 420 -25.57 1.70 -26.67
N TRP K 421 -24.69 1.04 -27.42
CA TRP K 421 -24.60 -0.42 -27.48
C TRP K 421 -25.92 -1.04 -27.93
N SER K 422 -26.48 -0.46 -28.99
CA SER K 422 -27.73 -0.94 -29.55
C SER K 422 -27.46 -1.89 -30.71
N ALA K 423 -28.47 -2.68 -31.05
CA ALA K 423 -28.37 -3.64 -32.15
C ALA K 423 -29.36 -3.27 -33.24
N ALA K 424 -29.11 -3.78 -34.45
CA ALA K 424 -29.98 -3.52 -35.59
C ALA K 424 -30.13 -4.79 -36.42
N VAL K 425 -31.36 -5.05 -36.85
CA VAL K 425 -31.68 -6.22 -37.68
C VAL K 425 -32.60 -5.78 -38.81
N VAL K 426 -32.83 -6.70 -39.74
CA VAL K 426 -33.69 -6.47 -40.88
C VAL K 426 -34.62 -7.66 -41.05
N VAL K 427 -35.93 -7.41 -41.07
CA VAL K 427 -36.93 -8.44 -41.29
C VAL K 427 -37.98 -7.90 -42.25
N HIS K 428 -38.18 -8.60 -43.36
CA HIS K 428 -39.18 -8.24 -44.35
C HIS K 428 -39.01 -6.81 -44.84
N ASP K 429 -37.78 -6.49 -45.26
CA ASP K 429 -37.41 -5.18 -45.80
C ASP K 429 -37.68 -4.05 -44.81
N CYS K 430 -37.61 -4.32 -43.51
CA CYS K 430 -37.81 -3.32 -42.48
C CYS K 430 -36.60 -3.27 -41.56
N ILE K 431 -36.18 -2.05 -41.22
CA ILE K 431 -35.03 -1.82 -40.37
C ILE K 431 -35.49 -1.70 -38.93
N TYR K 432 -35.08 -2.63 -38.09
CA TYR K 432 -35.44 -2.65 -36.69
C TYR K 432 -34.21 -2.34 -35.84
N VAL K 433 -34.30 -1.32 -34.99
CA VAL K 433 -33.27 -0.97 -34.04
C VAL K 433 -33.84 -1.16 -32.65
N MET K 434 -33.06 -1.79 -31.77
CA MET K 434 -33.50 -2.09 -30.41
C MET K 434 -32.60 -1.39 -29.42
N THR K 435 -33.13 -1.12 -28.22
CA THR K 435 -32.39 -0.42 -27.18
C THR K 435 -32.69 -1.08 -25.84
N LEU K 436 -32.41 -0.35 -24.77
CA LEU K 436 -32.56 -0.82 -23.40
C LEU K 436 -33.84 -1.59 -23.17
N ASN K 437 -34.99 -0.95 -23.44
CA ASN K 437 -36.29 -1.59 -23.29
C ASN K 437 -37.24 -1.28 -24.43
N LEU K 438 -36.85 -0.41 -25.36
CA LEU K 438 -37.73 -0.01 -26.45
C LEU K 438 -37.23 -0.56 -27.78
N MET K 439 -38.01 -0.31 -28.83
CA MET K 439 -37.65 -0.70 -30.19
C MET K 439 -38.37 0.20 -31.17
N TYR K 440 -37.63 0.73 -32.14
CA TYR K 440 -38.17 1.57 -33.19
C TYR K 440 -37.97 0.90 -34.53
N CYS K 441 -38.99 0.99 -35.39
CA CYS K 441 -38.95 0.41 -36.73
C CYS K 441 -38.86 1.54 -37.75
N TYR K 442 -37.87 1.46 -38.63
CA TYR K 442 -37.67 2.45 -39.67
C TYR K 442 -38.22 1.90 -40.98
N PHE K 443 -38.95 2.75 -41.71
CA PHE K 443 -39.48 2.37 -43.01
C PHE K 443 -38.80 3.20 -44.09
N PRO K 444 -37.94 2.62 -44.92
CA PRO K 444 -37.33 3.41 -46.00
C PRO K 444 -38.35 3.97 -46.98
N ARG K 445 -39.53 3.37 -47.06
CA ARG K 445 -40.57 3.90 -47.94
C ARG K 445 -41.16 5.19 -47.39
N SER K 446 -41.07 5.40 -46.07
CA SER K 446 -41.57 6.61 -45.44
C SER K 446 -40.47 7.47 -44.85
N ASP K 447 -39.27 6.92 -44.65
CA ASP K 447 -38.15 7.65 -44.07
C ASP K 447 -38.51 8.24 -42.72
N SER K 448 -39.10 7.41 -41.86
CA SER K 448 -39.52 7.82 -40.53
C SER K 448 -39.34 6.66 -39.56
N TRP K 449 -39.48 6.97 -38.28
CA TRP K 449 -39.32 5.98 -37.21
C TRP K 449 -40.64 5.79 -36.48
N VAL K 450 -41.01 4.53 -36.28
CA VAL K 450 -42.25 4.16 -35.59
C VAL K 450 -41.88 3.32 -34.38
N GLU K 451 -42.33 3.76 -33.20
CA GLU K 451 -42.05 3.03 -31.98
C GLU K 451 -42.85 1.73 -31.95
N MET K 452 -42.18 0.64 -31.63
CA MET K 452 -42.79 -0.67 -31.58
C MET K 452 -43.00 -1.10 -30.13
N ALA K 453 -43.45 -2.34 -29.95
CA ALA K 453 -43.71 -2.86 -28.61
C ALA K 453 -42.44 -2.81 -27.77
N MET K 454 -42.59 -2.36 -26.52
CA MET K 454 -41.45 -2.25 -25.63
C MET K 454 -41.04 -3.62 -25.11
N ARG K 455 -39.75 -3.74 -24.77
CA ARG K 455 -39.25 -4.99 -24.21
C ARG K 455 -39.52 -5.04 -22.72
N GLN K 456 -39.77 -6.26 -22.21
CA GLN K 456 -40.11 -6.41 -20.81
C GLN K 456 -38.90 -6.28 -19.90
N THR K 457 -37.73 -6.68 -20.38
CA THR K 457 -36.51 -6.63 -19.59
C THR K 457 -35.54 -5.60 -20.19
N SER K 458 -34.88 -4.85 -19.32
CA SER K 458 -33.87 -3.89 -19.75
C SER K 458 -32.52 -4.58 -19.79
N ARG K 459 -31.96 -4.73 -20.98
CA ARG K 459 -30.69 -5.42 -21.17
C ARG K 459 -29.82 -4.64 -22.14
N SER K 460 -28.51 -4.71 -21.92
CA SER K 460 -27.54 -4.03 -22.75
C SER K 460 -26.46 -5.00 -23.19
N PHE K 461 -25.73 -4.63 -24.23
CA PHE K 461 -24.67 -5.43 -24.84
C PHE K 461 -25.16 -6.78 -25.33
N ALA K 462 -26.44 -6.88 -25.69
CA ALA K 462 -27.00 -8.17 -26.10
C ALA K 462 -26.74 -8.44 -27.57
N SER K 463 -27.12 -9.64 -28.00
CA SER K 463 -27.03 -10.05 -29.39
C SER K 463 -28.41 -10.11 -30.01
N ALA K 464 -28.48 -9.80 -31.29
CA ALA K 464 -29.74 -9.80 -32.02
C ALA K 464 -29.61 -10.63 -33.28
N ALA K 465 -30.72 -11.26 -33.67
CA ALA K 465 -30.75 -12.12 -34.84
C ALA K 465 -32.14 -12.11 -35.45
N ALA K 466 -32.21 -12.49 -36.71
CA ALA K 466 -33.47 -12.54 -37.44
C ALA K 466 -33.66 -13.91 -38.07
N PHE K 467 -34.88 -14.43 -37.99
CA PHE K 467 -35.19 -15.72 -38.58
C PHE K 467 -36.69 -15.77 -38.87
N GLY K 468 -37.04 -15.96 -40.13
CA GLY K 468 -38.44 -16.05 -40.50
C GLY K 468 -39.20 -14.79 -40.16
N ASP K 469 -40.28 -14.96 -39.38
CA ASP K 469 -41.09 -13.84 -38.93
C ASP K 469 -40.87 -13.51 -37.47
N LYS K 470 -39.74 -13.92 -36.90
CA LYS K 470 -39.46 -13.70 -35.48
C LYS K 470 -38.10 -13.05 -35.33
N ILE K 471 -38.06 -12.02 -34.48
CA ILE K 471 -36.83 -11.31 -34.15
C ILE K 471 -36.39 -11.74 -32.76
N PHE K 472 -35.13 -12.15 -32.62
CA PHE K 472 -34.60 -12.66 -31.37
C PHE K 472 -33.62 -11.65 -30.80
N TYR K 473 -33.91 -11.15 -29.60
CA TYR K 473 -33.01 -10.29 -28.84
C TYR K 473 -32.54 -11.08 -27.64
N ILE K 474 -31.42 -11.78 -27.79
CA ILE K 474 -30.94 -12.74 -26.81
C ILE K 474 -29.73 -12.15 -26.10
N GLY K 475 -29.49 -12.57 -24.87
CA GLY K 475 -28.37 -12.06 -24.11
C GLY K 475 -28.69 -10.69 -23.52
N GLY K 476 -27.70 -10.12 -22.84
CA GLY K 476 -27.86 -8.80 -22.28
C GLY K 476 -28.07 -8.80 -20.78
N LEU K 477 -27.66 -7.71 -20.12
CA LEU K 477 -27.80 -7.59 -18.67
C LEU K 477 -28.98 -6.70 -18.32
N SER K 495 -24.30 -10.65 -18.76
CA SER K 495 -25.53 -10.87 -19.52
C SER K 495 -26.46 -11.81 -18.78
N SER K 496 -27.25 -12.56 -19.53
CA SER K 496 -28.20 -13.53 -18.97
C SER K 496 -28.48 -14.58 -20.04
N VAL K 497 -29.30 -15.57 -19.70
CA VAL K 497 -29.67 -16.62 -20.64
C VAL K 497 -31.09 -16.36 -21.13
N THR K 498 -31.63 -15.20 -20.80
CA THR K 498 -32.99 -14.86 -21.19
C THR K 498 -33.10 -14.71 -22.71
N VAL K 499 -34.15 -15.29 -23.28
CA VAL K 499 -34.38 -15.26 -24.72
C VAL K 499 -35.73 -14.61 -24.95
N GLU K 500 -35.76 -13.58 -25.81
CA GLU K 500 -36.99 -12.88 -26.15
C GLU K 500 -37.32 -13.10 -27.62
N ILE K 501 -38.55 -13.53 -27.88
CA ILE K 501 -39.05 -13.78 -29.23
C ILE K 501 -40.11 -12.74 -29.54
N TYR K 502 -39.84 -11.90 -30.53
CA TYR K 502 -40.76 -10.86 -30.96
C TYR K 502 -41.37 -11.23 -32.30
N ASP K 503 -42.63 -10.88 -32.49
CA ASP K 503 -43.34 -11.17 -33.73
C ASP K 503 -43.56 -9.86 -34.47
N VAL K 504 -43.25 -9.84 -35.77
CA VAL K 504 -43.50 -8.65 -36.58
C VAL K 504 -44.98 -8.54 -36.88
N ASN K 505 -45.66 -9.67 -37.10
CA ASN K 505 -47.07 -9.65 -37.44
C ASN K 505 -47.96 -9.33 -36.25
N LYS K 506 -47.50 -9.66 -35.03
CA LYS K 506 -48.30 -9.40 -33.84
C LYS K 506 -47.79 -8.23 -33.01
N ASN K 507 -46.54 -7.82 -33.20
CA ASN K 507 -45.93 -6.73 -32.45
C ASN K 507 -46.03 -6.97 -30.94
N GLU K 508 -45.51 -8.12 -30.51
CA GLU K 508 -45.57 -8.52 -29.12
C GLU K 508 -44.23 -9.10 -28.70
N TRP K 509 -43.80 -8.74 -27.49
CA TRP K 509 -42.60 -9.30 -26.88
C TRP K 509 -42.99 -10.32 -25.83
N LYS K 510 -42.42 -11.52 -25.93
CA LYS K 510 -42.75 -12.63 -25.04
C LYS K 510 -41.51 -13.44 -24.73
N MET K 511 -41.49 -14.03 -23.54
CA MET K 511 -40.42 -14.93 -23.15
C MET K 511 -40.75 -16.36 -23.58
N ALA K 512 -39.74 -17.05 -24.10
CA ALA K 512 -39.91 -18.43 -24.56
C ALA K 512 -39.12 -19.43 -23.75
N ALA K 513 -37.81 -19.24 -23.61
CA ALA K 513 -36.98 -20.18 -22.87
C ALA K 513 -35.68 -19.53 -22.42
N ASN K 514 -34.86 -20.26 -21.68
CA ASN K 514 -33.58 -19.77 -21.18
C ASN K 514 -32.50 -20.66 -21.78
N ILE K 515 -31.36 -20.06 -22.12
CA ILE K 515 -30.22 -20.78 -22.67
C ILE K 515 -29.71 -21.75 -21.62
N PRO K 516 -29.73 -23.06 -21.88
CA PRO K 516 -29.22 -24.01 -20.87
C PRO K 516 -27.71 -23.94 -20.74
N ALA K 517 -27.25 -23.36 -19.63
CA ALA K 517 -25.84 -23.18 -19.36
C ALA K 517 -25.53 -23.61 -17.93
N LYS K 518 -24.27 -23.89 -17.67
CA LYS K 518 -23.85 -24.28 -16.33
C LYS K 518 -23.93 -23.09 -15.38
N ARG K 519 -24.26 -23.38 -14.12
CA ARG K 519 -24.40 -22.33 -13.13
C ARG K 519 -23.05 -21.69 -12.82
N TYR K 520 -23.09 -20.43 -12.41
CA TYR K 520 -21.92 -19.63 -12.06
C TYR K 520 -20.97 -19.42 -13.23
N SER K 521 -21.39 -19.74 -14.45
CA SER K 521 -20.58 -19.53 -15.63
C SER K 521 -20.77 -18.13 -16.17
N ASP K 522 -19.85 -17.72 -17.05
CA ASP K 522 -19.90 -16.40 -17.70
C ASP K 522 -19.97 -16.59 -19.20
N PRO K 523 -21.12 -16.98 -19.76
CA PRO K 523 -21.22 -17.22 -21.21
C PRO K 523 -21.45 -15.92 -21.96
N CYS K 524 -20.52 -15.59 -22.86
CA CYS K 524 -20.70 -14.48 -23.79
C CYS K 524 -21.28 -15.04 -25.09
N VAL K 525 -22.59 -14.93 -25.23
CA VAL K 525 -23.33 -15.59 -26.30
C VAL K 525 -23.42 -14.67 -27.51
N ARG K 526 -23.58 -15.26 -28.68
CA ARG K 526 -23.78 -14.54 -29.93
C ARG K 526 -24.80 -15.29 -30.76
N ALA K 527 -25.91 -14.64 -31.09
CA ALA K 527 -26.96 -15.27 -31.86
C ALA K 527 -26.61 -15.28 -33.33
N VAL K 528 -26.67 -16.45 -33.95
CA VAL K 528 -26.37 -16.63 -35.37
C VAL K 528 -27.37 -17.60 -35.98
N VAL K 529 -27.74 -17.33 -37.22
CA VAL K 529 -28.66 -18.17 -37.97
C VAL K 529 -27.90 -18.90 -39.05
N ILE K 530 -27.97 -20.24 -39.02
CA ILE K 530 -27.24 -21.07 -39.97
C ILE K 530 -28.12 -22.26 -40.33
N SER K 531 -28.04 -22.71 -41.58
CA SER K 531 -28.81 -23.85 -42.07
C SER K 531 -30.31 -23.61 -41.89
N ASN K 532 -30.71 -22.36 -42.08
CA ASN K 532 -32.11 -21.95 -41.91
C ASN K 532 -32.62 -22.30 -40.52
N SER K 533 -31.81 -22.03 -39.50
CA SER K 533 -32.17 -22.32 -38.11
C SER K 533 -31.37 -21.40 -37.20
N LEU K 534 -32.05 -20.86 -36.18
CA LEU K 534 -31.41 -19.98 -35.22
C LEU K 534 -30.49 -20.81 -34.32
N CYS K 535 -29.30 -20.30 -34.07
CA CYS K 535 -28.33 -20.95 -33.18
C CYS K 535 -27.69 -19.91 -32.29
N VAL K 536 -26.99 -20.38 -31.26
CA VAL K 536 -26.30 -19.53 -30.31
C VAL K 536 -24.88 -20.06 -30.15
N PHE K 537 -23.91 -19.26 -30.57
CA PHE K 537 -22.50 -19.59 -30.40
C PHE K 537 -22.07 -19.16 -29.00
N MET K 538 -22.11 -20.09 -28.05
CA MET K 538 -21.91 -19.78 -26.64
C MET K 538 -20.49 -20.15 -26.23
N ARG K 539 -19.71 -19.14 -25.86
CA ARG K 539 -18.38 -19.32 -25.30
C ARG K 539 -18.50 -19.26 -23.78
N GLU K 540 -18.31 -20.40 -23.12
CA GLU K 540 -18.47 -20.52 -21.68
C GLU K 540 -17.10 -20.52 -21.00
N THR K 541 -16.92 -19.62 -20.06
CA THR K 541 -15.73 -19.55 -19.22
C THR K 541 -16.14 -19.74 -17.77
N HIS K 542 -15.67 -20.82 -17.15
CA HIS K 542 -16.04 -21.15 -15.78
C HIS K 542 -14.88 -20.82 -14.84
N LEU K 543 -15.14 -20.94 -13.54
CA LEU K 543 -14.15 -20.66 -12.52
C LEU K 543 -12.94 -21.59 -12.66
N ASN K 544 -11.77 -20.99 -12.83
CA ASN K 544 -10.49 -21.70 -12.97
C ASN K 544 -10.45 -22.63 -14.17
N GLU K 545 -11.33 -22.43 -15.15
CA GLU K 545 -11.37 -23.25 -16.35
C GLU K 545 -11.19 -22.38 -17.59
N ARG K 546 -10.64 -23.00 -18.63
CA ARG K 546 -10.40 -22.28 -19.88
C ARG K 546 -11.70 -22.06 -20.64
N ALA K 547 -11.60 -21.32 -21.74
CA ALA K 547 -12.77 -20.98 -22.54
C ALA K 547 -13.29 -22.23 -23.25
N LYS K 548 -14.60 -22.44 -23.19
CA LYS K 548 -15.25 -23.54 -23.87
C LYS K 548 -16.29 -23.01 -24.85
N TYR K 549 -16.18 -23.47 -26.10
CA TYR K 549 -17.06 -23.03 -27.17
C TYR K 549 -18.03 -24.15 -27.52
N VAL K 550 -19.28 -23.79 -27.77
CA VAL K 550 -20.32 -24.76 -28.07
C VAL K 550 -21.50 -24.02 -28.70
N THR K 551 -22.17 -24.67 -29.64
CA THR K 551 -23.30 -24.09 -30.35
C THR K 551 -24.52 -24.99 -30.19
N TYR K 552 -25.65 -24.39 -29.83
CA TYR K 552 -26.90 -25.11 -29.63
C TYR K 552 -27.91 -24.69 -30.69
N GLN K 553 -28.90 -25.56 -30.93
CA GLN K 553 -29.98 -25.30 -31.86
C GLN K 553 -31.29 -25.20 -31.09
N TYR K 554 -32.08 -24.19 -31.43
CA TYR K 554 -33.36 -23.92 -30.76
C TYR K 554 -34.49 -24.61 -31.50
N ASP K 555 -35.44 -25.16 -30.75
CA ASP K 555 -36.62 -25.80 -31.33
C ASP K 555 -37.74 -24.77 -31.39
N LEU K 556 -38.18 -24.44 -32.60
CA LEU K 556 -39.24 -23.43 -32.74
C LEU K 556 -40.60 -23.98 -32.33
N GLU K 557 -40.89 -25.23 -32.65
CA GLU K 557 -42.20 -25.79 -32.33
C GLU K 557 -42.30 -26.23 -30.88
N LEU K 558 -41.22 -26.78 -30.32
CA LEU K 558 -41.24 -27.25 -28.95
C LEU K 558 -40.69 -26.24 -27.95
N ASP K 559 -40.18 -25.11 -28.42
CA ASP K 559 -39.62 -24.07 -27.57
C ASP K 559 -38.52 -24.64 -26.66
N ARG K 560 -37.62 -25.39 -27.30
CA ARG K 560 -36.54 -26.06 -26.59
C ARG K 560 -35.22 -25.76 -27.28
N TRP K 561 -34.13 -25.97 -26.55
CA TRP K 561 -32.78 -25.81 -27.07
C TRP K 561 -32.09 -27.16 -27.13
N SER K 562 -31.72 -27.59 -28.33
CA SER K 562 -31.12 -28.90 -28.54
C SER K 562 -29.62 -28.75 -28.78
N LEU K 563 -28.85 -29.68 -28.23
CA LEU K 563 -27.41 -29.69 -28.44
C LEU K 563 -27.09 -30.00 -29.90
N ARG K 564 -26.55 -29.01 -30.60
CA ARG K 564 -26.27 -29.20 -32.02
C ARG K 564 -24.86 -29.74 -32.28
N GLN K 565 -23.84 -29.02 -31.83
CA GLN K 565 -22.47 -29.44 -32.09
C GLN K 565 -21.55 -28.82 -31.05
N HIS K 566 -20.65 -29.64 -30.51
CA HIS K 566 -19.64 -29.16 -29.58
C HIS K 566 -18.42 -28.69 -30.36
N ILE K 567 -18.04 -27.42 -30.16
CA ILE K 567 -16.90 -26.84 -30.94
C ILE K 567 -15.61 -27.42 -30.36
N SER K 568 -14.92 -28.29 -31.12
CA SER K 568 -13.69 -28.94 -30.64
C SER K 568 -12.73 -27.92 -30.04
N GLU K 569 -12.19 -28.20 -28.85
CA GLU K 569 -11.23 -27.27 -28.19
C GLU K 569 -9.83 -27.50 -28.76
N ARG K 570 -9.67 -28.51 -29.63
CA ARG K 570 -8.36 -28.73 -30.30
C ARG K 570 -8.18 -27.62 -31.35
N VAL K 571 -9.27 -26.93 -31.69
CA VAL K 571 -9.19 -25.75 -32.61
C VAL K 571 -9.93 -24.61 -31.92
N LEU K 572 -10.14 -23.48 -32.62
CA LEU K 572 -10.91 -22.37 -32.05
C LEU K 572 -10.40 -21.98 -30.68
N TRP K 573 -9.20 -21.40 -30.62
CA TRP K 573 -8.63 -20.91 -29.36
C TRP K 573 -9.49 -19.76 -28.85
N ASP K 574 -9.17 -19.28 -27.65
CA ASP K 574 -9.93 -18.22 -27.00
C ASP K 574 -10.03 -16.98 -27.89
N LEU K 575 -11.24 -16.45 -28.04
CA LEU K 575 -11.49 -15.28 -28.89
C LEU K 575 -11.91 -14.06 -28.09
N GLY K 576 -11.85 -14.13 -26.76
CA GLY K 576 -12.24 -13.00 -25.95
C GLY K 576 -13.75 -12.81 -25.92
N ARG K 577 -14.15 -11.60 -25.54
CA ARG K 577 -15.56 -11.25 -25.40
C ARG K 577 -16.02 -10.16 -26.36
N ASP K 578 -15.15 -9.21 -26.70
CA ASP K 578 -15.53 -8.12 -27.59
C ASP K 578 -15.51 -8.51 -29.06
N PHE K 579 -15.46 -9.80 -29.38
CA PHE K 579 -15.40 -10.23 -30.77
C PHE K 579 -16.73 -10.01 -31.46
N ARG K 580 -16.65 -9.64 -32.74
CA ARG K 580 -17.83 -9.55 -33.58
C ARG K 580 -17.98 -10.84 -34.38
N CYS K 581 -19.23 -11.24 -34.62
CA CYS K 581 -19.53 -12.48 -35.30
C CYS K 581 -20.63 -12.25 -36.33
N THR K 582 -20.65 -13.09 -37.37
CA THR K 582 -21.67 -13.05 -38.39
C THR K 582 -21.66 -14.37 -39.17
N VAL K 583 -22.64 -14.53 -40.04
CA VAL K 583 -22.80 -15.75 -40.83
C VAL K 583 -22.55 -15.40 -42.29
N GLY K 584 -21.72 -16.21 -42.95
CA GLY K 584 -21.42 -16.00 -44.35
C GLY K 584 -20.79 -17.23 -44.97
N LYS K 585 -20.77 -17.24 -46.30
CA LYS K 585 -20.15 -18.32 -47.07
C LYS K 585 -18.85 -17.83 -47.68
N LEU K 586 -17.80 -18.63 -47.55
CA LEU K 586 -16.48 -18.28 -48.05
C LEU K 586 -15.92 -19.44 -48.87
N TYR K 587 -14.77 -19.22 -49.49
CA TYR K 587 -14.18 -20.24 -50.34
C TYR K 587 -13.25 -21.14 -49.53
N PRO K 588 -13.74 -22.31 -49.11
CA PRO K 588 -12.83 -23.22 -48.43
C PRO K 588 -11.73 -23.53 -49.41
N SER K 589 -12.11 -23.70 -50.68
CA SER K 589 -11.13 -23.94 -51.72
C SER K 589 -9.97 -22.98 -51.60
N CYS K 590 -10.27 -21.71 -51.37
CA CYS K 590 -9.20 -20.72 -51.32
C CYS K 590 -9.44 -19.60 -50.32
N LEU K 591 -8.73 -19.64 -49.19
CA LEU K 591 -8.83 -18.54 -48.25
C LEU K 591 -7.52 -18.37 -47.49
N GLU K 592 -7.18 -19.36 -46.67
CA GLU K 592 -5.94 -19.39 -45.90
C GLU K 592 -5.88 -20.72 -45.17
N GLU K 593 -4.66 -21.22 -44.95
CA GLU K 593 -4.47 -22.53 -44.28
C GLU K 593 -3.48 -22.39 -43.13
N SER K 594 -3.97 -22.36 -41.88
CA SER K 594 -3.07 -22.28 -40.70
C SER K 594 -3.50 -23.30 -39.64
N PRO K 595 -2.98 -24.56 -39.67
CA PRO K 595 -3.31 -25.55 -38.66
C PRO K 595 -2.93 -25.05 -37.26
N TRP K 596 -1.63 -24.87 -36.99
CA TRP K 596 -1.16 -24.35 -35.67
C TRP K 596 -1.94 -25.01 -34.53
N LYS K 597 -2.60 -24.21 -33.68
CA LYS K 597 -3.42 -24.74 -32.55
C LYS K 597 -2.82 -26.04 -32.01
N PRO K 598 -1.67 -26.02 -31.30
CA PRO K 598 -1.01 -27.25 -30.83
C PRO K 598 -1.99 -28.24 -30.20
N PRO K 599 -2.23 -29.42 -30.82
CA PRO K 599 -3.20 -30.40 -30.31
C PRO K 599 -2.64 -31.33 -29.22
N THR K 600 -3.46 -32.29 -28.75
CA THR K 600 -3.05 -33.24 -27.68
C THR K 600 -2.10 -32.59 -26.67
N TYR K 601 -2.61 -31.74 -25.77
CA TYR K 601 -1.70 -31.17 -24.78
C TYR K 601 -1.93 -31.92 -23.46
N LEU K 602 -1.39 -31.38 -22.37
CA LEU K 602 -1.51 -31.97 -21.04
C LEU K 602 -1.03 -33.42 -21.01
N GLN L 433 24.30 -41.95 -2.73
CA GLN L 433 25.60 -41.80 -2.03
C GLN L 433 26.61 -41.13 -2.98
N ASP L 434 26.51 -41.42 -4.28
CA ASP L 434 27.44 -40.83 -5.28
C ASP L 434 26.69 -39.82 -6.14
N GLN L 435 25.82 -39.02 -5.52
CA GLN L 435 25.05 -37.98 -6.28
C GLN L 435 26.04 -37.04 -6.97
N VAL L 436 26.04 -37.02 -8.31
CA VAL L 436 27.00 -36.17 -9.09
C VAL L 436 28.43 -36.47 -8.63
N VAL L 437 28.83 -37.75 -8.64
CA VAL L 437 30.20 -38.17 -8.21
C VAL L 437 30.49 -37.70 -6.78
N LYS L 438 29.47 -37.66 -5.90
CA LYS L 438 29.62 -37.23 -4.49
C LYS L 438 30.58 -36.04 -4.40
N GLU L 439 30.40 -35.02 -5.24
CA GLU L 439 31.28 -33.82 -5.23
C GLU L 439 31.03 -33.06 -3.93
N ASP L 440 32.08 -32.87 -3.12
CA ASP L 440 31.90 -32.20 -1.80
C ASP L 440 31.90 -30.68 -1.97
N ASN L 441 31.99 -30.20 -3.21
CA ASN L 441 31.93 -28.74 -3.48
C ASN L 441 30.48 -28.27 -3.33
N ILE L 442 29.51 -29.15 -3.61
CA ILE L 442 28.05 -28.82 -3.51
C ILE L 442 27.67 -27.85 -4.65
N GLU L 443 28.42 -26.77 -4.83
CA GLU L 443 28.16 -25.85 -5.98
C GLU L 443 28.43 -26.64 -7.27
N ALA L 444 29.35 -27.59 -7.24
CA ALA L 444 29.65 -28.41 -8.42
C ALA L 444 28.53 -29.40 -8.73
N VAL L 445 27.95 -29.93 -7.65
CA VAL L 445 26.79 -30.79 -7.72
C VAL L 445 25.60 -30.00 -8.28
N GLY L 446 25.48 -28.74 -7.90
CA GLY L 446 24.45 -27.85 -8.47
C GLY L 446 24.64 -27.50 -9.94
N LYS L 447 25.89 -27.45 -10.40
CA LYS L 447 26.21 -27.17 -11.80
C LYS L 447 25.79 -28.34 -12.68
N LYS L 448 25.99 -29.56 -12.17
CA LYS L 448 25.50 -30.77 -12.80
C LYS L 448 23.99 -30.69 -12.94
N LEU L 449 23.31 -30.38 -11.83
CA LEU L 449 21.83 -30.26 -11.84
C LEU L 449 21.42 -29.35 -13.00
N HIS L 450 22.17 -28.28 -13.26
CA HIS L 450 21.82 -27.33 -14.35
C HIS L 450 22.03 -28.00 -15.72
N GLU L 451 23.08 -28.80 -15.87
CA GLU L 451 23.30 -29.55 -17.15
C GLU L 451 22.12 -30.51 -17.35
N TYR L 452 21.71 -31.22 -16.29
CA TYR L 452 20.55 -32.14 -16.38
C TYR L 452 19.30 -31.34 -16.74
N ASN L 453 19.17 -30.12 -16.19
CA ASN L 453 18.03 -29.24 -16.52
C ASN L 453 17.98 -29.07 -18.03
N THR L 454 19.09 -28.62 -18.64
CA THR L 454 19.15 -28.45 -20.11
C THR L 454 18.66 -29.74 -20.78
N GLN L 455 19.33 -30.87 -20.54
CA GLN L 455 18.96 -32.16 -21.18
C GLN L 455 17.45 -32.37 -21.13
N PHE L 456 16.84 -32.26 -19.94
CA PHE L 456 15.39 -32.51 -19.78
C PHE L 456 14.58 -31.52 -20.63
N GLN L 457 14.92 -30.22 -20.56
CA GLN L 457 14.16 -29.18 -21.29
C GLN L 457 14.19 -29.45 -22.79
N GLU L 458 15.38 -29.74 -23.35
CA GLU L 458 15.49 -29.93 -24.78
C GLU L 458 14.54 -31.03 -25.16
N LYS L 459 14.48 -32.07 -24.34
CA LYS L 459 13.58 -33.17 -24.61
C LYS L 459 12.12 -32.78 -24.57
N SER L 460 11.66 -32.05 -23.55
CA SER L 460 10.22 -31.79 -23.56
C SER L 460 9.82 -31.00 -24.80
N ARG L 461 10.68 -30.09 -25.25
CA ARG L 461 10.39 -29.33 -26.46
C ARG L 461 10.30 -30.25 -27.67
N GLU L 462 11.32 -31.11 -27.87
CA GLU L 462 11.25 -32.04 -28.98
C GLU L 462 10.15 -33.07 -28.79
N TYR L 463 9.76 -33.34 -27.54
CA TYR L 463 8.68 -34.28 -27.28
C TYR L 463 7.34 -33.74 -27.77
N ASP L 464 6.99 -32.52 -27.35
CA ASP L 464 5.74 -31.94 -27.83
C ASP L 464 5.82 -31.59 -29.31
N ARG L 465 7.02 -31.35 -29.83
CA ARG L 465 7.18 -31.17 -31.28
C ARG L 465 6.85 -32.45 -32.02
N LEU L 466 7.33 -33.59 -31.52
CA LEU L 466 7.00 -34.87 -32.14
C LEU L 466 5.52 -35.18 -31.99
N TYR L 467 4.90 -34.75 -30.88
CA TYR L 467 3.46 -34.93 -30.73
C TYR L 467 2.69 -34.10 -31.76
N GLU L 468 3.11 -32.85 -31.99
CA GLU L 468 2.48 -32.03 -33.01
C GLU L 468 2.67 -32.64 -34.39
N GLU L 469 3.85 -33.20 -34.65
CA GLU L 469 4.09 -33.89 -35.91
C GLU L 469 3.18 -35.11 -36.06
N TYR L 470 3.00 -35.86 -34.97
CA TYR L 470 2.08 -36.99 -34.98
C TYR L 470 0.67 -36.54 -35.34
N THR L 471 0.21 -35.45 -34.72
CA THR L 471 -1.15 -34.98 -34.96
C THR L 471 -1.32 -34.48 -36.40
N ARG L 472 -0.35 -33.72 -36.91
CA ARG L 472 -0.47 -33.21 -38.27
C ARG L 472 -0.41 -34.34 -39.28
N THR L 473 0.44 -35.35 -39.04
CA THR L 473 0.48 -36.51 -39.93
C THR L 473 -0.82 -37.29 -39.87
N SER L 474 -1.43 -37.37 -38.68
CA SER L 474 -2.70 -38.07 -38.54
C SER L 474 -3.80 -37.38 -39.36
N GLN L 475 -3.90 -36.05 -39.24
CA GLN L 475 -4.92 -35.31 -40.02
C GLN L 475 -4.53 -35.29 -41.51
N GLU L 476 -3.23 -35.40 -41.82
CA GLU L 476 -2.77 -35.42 -43.23
C GLU L 476 -3.32 -36.68 -43.90
N ILE L 477 -3.07 -37.85 -43.31
CA ILE L 477 -3.53 -39.14 -43.91
C ILE L 477 -5.06 -39.20 -43.86
N GLN L 478 -5.69 -38.49 -42.91
CA GLN L 478 -7.17 -38.47 -42.85
C GLN L 478 -7.70 -37.71 -44.07
N MET L 479 -7.15 -36.52 -44.34
CA MET L 479 -7.58 -35.72 -45.51
C MET L 479 -7.20 -36.47 -46.80
N LYS L 480 -6.10 -37.22 -46.77
CA LYS L 480 -5.61 -37.91 -48.00
C LYS L 480 -6.43 -39.19 -48.24
N ARG L 481 -6.97 -39.79 -47.18
CA ARG L 481 -7.82 -41.00 -47.35
C ARG L 481 -9.24 -40.56 -47.74
N THR L 482 -9.68 -39.40 -47.28
CA THR L 482 -11.02 -38.91 -47.73
C THR L 482 -10.90 -38.46 -49.18
N ALA L 483 -9.68 -38.15 -49.63
CA ALA L 483 -9.48 -37.77 -51.02
C ALA L 483 -9.36 -38.99 -51.93
N ILE L 484 -8.69 -40.04 -51.46
CA ILE L 484 -8.50 -41.22 -52.30
C ILE L 484 -9.79 -42.01 -52.42
N GLU L 485 -10.62 -42.04 -51.38
CA GLU L 485 -11.91 -42.70 -51.53
C GLU L 485 -12.85 -41.88 -52.39
N ALA L 486 -12.73 -40.54 -52.37
CA ALA L 486 -13.46 -39.71 -53.32
C ALA L 486 -13.02 -40.01 -54.74
N PHE L 487 -11.71 -40.17 -54.95
CA PHE L 487 -11.17 -40.55 -56.24
C PHE L 487 -11.75 -41.88 -56.69
N ASN L 488 -11.83 -42.84 -55.76
CA ASN L 488 -12.36 -44.17 -56.06
C ASN L 488 -13.81 -44.10 -56.48
N GLU L 489 -14.64 -43.36 -55.73
CA GLU L 489 -16.06 -43.29 -56.06
C GLU L 489 -16.28 -42.51 -57.36
N THR L 490 -15.41 -41.54 -57.65
CA THR L 490 -15.51 -40.84 -58.92
C THR L 490 -15.14 -41.76 -60.08
N ILE L 491 -14.10 -42.58 -59.90
CA ILE L 491 -13.78 -43.56 -60.94
C ILE L 491 -14.92 -44.55 -61.12
N LYS L 492 -15.58 -44.92 -60.03
CA LYS L 492 -16.72 -45.85 -60.13
C LYS L 492 -17.87 -45.22 -60.91
N ILE L 493 -18.20 -43.96 -60.61
CA ILE L 493 -19.30 -43.32 -61.32
C ILE L 493 -18.91 -43.02 -62.77
N PHE L 494 -17.61 -42.86 -63.04
CA PHE L 494 -17.19 -42.66 -64.42
C PHE L 494 -17.27 -43.96 -65.21
N GLU L 495 -16.97 -45.09 -64.57
CA GLU L 495 -17.23 -46.38 -65.20
C GLU L 495 -18.73 -46.61 -65.39
N GLU L 496 -19.55 -46.10 -64.46
CA GLU L 496 -20.99 -46.14 -64.64
C GLU L 496 -21.41 -45.34 -65.87
N GLN L 497 -20.79 -44.17 -66.08
CA GLN L 497 -21.06 -43.41 -67.30
C GLN L 497 -20.53 -44.14 -68.53
N CYS L 498 -19.43 -44.87 -68.39
CA CYS L 498 -18.88 -45.62 -69.52
C CYS L 498 -19.85 -46.71 -69.97
N GLN L 499 -20.43 -47.44 -69.02
CA GLN L 499 -21.44 -48.43 -69.38
C GLN L 499 -22.77 -47.78 -69.76
N THR L 500 -23.03 -46.57 -69.25
CA THR L 500 -24.20 -45.83 -69.72
C THR L 500 -24.06 -45.45 -71.19
N GLN L 501 -22.81 -45.25 -71.66
CA GLN L 501 -22.59 -45.06 -73.08
C GLN L 501 -22.99 -46.29 -73.88
N GLU L 502 -22.65 -47.48 -73.37
CA GLU L 502 -23.10 -48.72 -74.03
C GLU L 502 -24.62 -48.85 -73.97
N ARG L 503 -25.24 -48.39 -72.89
CA ARG L 503 -26.69 -48.37 -72.82
C ARG L 503 -27.29 -47.43 -73.86
N TYR L 504 -26.66 -46.26 -74.06
CA TYR L 504 -27.11 -45.34 -75.09
C TYR L 504 -26.89 -45.92 -76.49
N SER L 505 -25.90 -46.79 -76.64
CA SER L 505 -25.69 -47.47 -77.92
C SER L 505 -26.82 -48.42 -78.28
N LYS L 506 -27.83 -48.55 -77.42
CA LYS L 506 -29.04 -49.30 -77.72
C LYS L 506 -30.32 -48.56 -77.39
N GLU L 507 -30.24 -47.46 -76.63
CA GLU L 507 -31.45 -46.73 -76.23
C GLU L 507 -31.90 -45.76 -77.32
N TYR L 508 -31.07 -44.76 -77.64
CA TYR L 508 -31.44 -43.72 -78.58
C TYR L 508 -30.36 -43.48 -79.63
N ILE L 509 -29.54 -44.47 -79.93
CA ILE L 509 -28.52 -44.31 -80.97
C ILE L 509 -29.07 -44.62 -82.36
N GLU L 510 -30.28 -45.18 -82.45
CA GLU L 510 -30.82 -45.57 -83.74
C GLU L 510 -31.11 -44.38 -84.64
N LYS L 511 -31.46 -43.22 -84.06
CA LYS L 511 -31.79 -42.04 -84.84
C LYS L 511 -30.66 -41.03 -84.94
N PHE L 512 -29.41 -41.47 -84.73
CA PHE L 512 -28.27 -40.57 -84.79
C PHE L 512 -27.04 -41.16 -85.48
N LYS L 513 -27.16 -42.34 -86.08
CA LYS L 513 -26.00 -42.96 -86.72
C LYS L 513 -26.30 -43.35 -88.16
N ARG L 514 -27.57 -43.62 -88.48
CA ARG L 514 -27.96 -44.05 -89.80
C ARG L 514 -28.40 -42.89 -90.69
N GLU L 515 -28.25 -41.65 -90.23
CA GLU L 515 -28.63 -40.49 -91.01
C GLU L 515 -27.46 -39.83 -91.75
N GLY L 516 -26.24 -40.33 -91.58
CA GLY L 516 -25.10 -39.77 -92.28
C GLY L 516 -24.64 -38.45 -91.70
N ASN L 517 -24.71 -38.31 -90.38
CA ASN L 517 -24.30 -37.09 -89.70
C ASN L 517 -23.39 -37.44 -88.53
N GLU L 518 -22.43 -36.57 -88.26
CA GLU L 518 -21.47 -36.77 -87.17
C GLU L 518 -21.51 -35.68 -86.11
N LYS L 519 -22.09 -34.51 -86.40
CA LYS L 519 -22.14 -33.44 -85.40
C LYS L 519 -23.18 -33.73 -84.33
N GLU L 520 -24.27 -34.41 -84.68
CA GLU L 520 -25.31 -34.72 -83.70
C GLU L 520 -24.85 -35.75 -82.68
N ILE L 521 -23.98 -36.67 -83.11
CA ILE L 521 -23.55 -37.79 -82.21
C ILE L 521 -22.44 -37.31 -81.27
N GLN L 522 -21.93 -36.09 -81.46
CA GLN L 522 -20.80 -35.59 -80.63
C GLN L 522 -21.22 -35.47 -79.16
N ARG L 523 -22.53 -35.48 -78.87
CA ARG L 523 -23.03 -35.35 -77.49
C ARG L 523 -22.66 -36.58 -76.66
N ILE L 524 -22.32 -37.70 -77.31
CA ILE L 524 -21.88 -38.92 -76.57
C ILE L 524 -20.59 -39.46 -77.20
N MET L 525 -20.33 -39.15 -78.47
CA MET L 525 -19.13 -39.72 -79.14
C MET L 525 -17.92 -38.84 -78.86
N HIS L 526 -18.09 -37.51 -78.89
CA HIS L 526 -16.98 -36.60 -78.52
C HIS L 526 -16.93 -36.51 -76.99
N ASN L 527 -17.94 -37.05 -76.31
CA ASN L 527 -17.94 -37.08 -74.82
C ASN L 527 -17.45 -38.46 -74.36
N TYR L 528 -16.92 -39.27 -75.29
CA TYR L 528 -16.42 -40.62 -74.94
C TYR L 528 -14.89 -40.63 -74.95
N ASP L 529 -14.27 -40.16 -76.03
CA ASP L 529 -12.81 -40.18 -76.10
C ASP L 529 -12.20 -39.30 -75.02
N LYS L 530 -12.76 -38.12 -74.78
CA LYS L 530 -12.25 -37.27 -73.72
C LYS L 530 -12.56 -37.86 -72.34
N LEU L 531 -13.62 -38.66 -72.21
CA LEU L 531 -13.86 -39.37 -70.95
C LEU L 531 -12.81 -40.44 -70.72
N LYS L 532 -12.41 -41.14 -71.79
CA LYS L 532 -11.33 -42.11 -71.66
C LYS L 532 -10.02 -41.43 -71.29
N SER L 533 -9.73 -40.29 -71.91
CA SER L 533 -8.54 -39.53 -71.53
C SER L 533 -8.63 -39.05 -70.09
N ARG L 534 -9.84 -38.67 -69.65
CA ARG L 534 -10.04 -38.31 -68.25
C ARG L 534 -9.76 -39.49 -67.32
N ILE L 535 -10.21 -40.68 -67.72
CA ILE L 535 -9.92 -41.88 -66.93
C ILE L 535 -8.42 -42.08 -66.81
N SER L 536 -7.70 -41.93 -67.92
CA SER L 536 -6.25 -42.11 -67.90
C SER L 536 -5.57 -41.09 -67.00
N GLU L 537 -5.99 -39.82 -67.09
CA GLU L 537 -5.32 -38.79 -66.31
C GLU L 537 -5.69 -38.85 -64.84
N ILE L 538 -6.90 -39.31 -64.50
CA ILE L 538 -7.22 -39.46 -63.09
C ILE L 538 -6.57 -40.72 -62.52
N ILE L 539 -6.30 -41.73 -63.35
CA ILE L 539 -5.48 -42.85 -62.89
C ILE L 539 -4.07 -42.37 -62.60
N ASP L 540 -3.52 -41.53 -63.47
CA ASP L 540 -2.21 -40.94 -63.20
C ASP L 540 -2.24 -40.09 -61.93
N SER L 541 -3.33 -39.35 -61.71
CA SER L 541 -3.45 -38.55 -60.50
C SER L 541 -3.55 -39.43 -59.26
N ARG L 542 -4.23 -40.57 -59.38
CA ARG L 542 -4.30 -41.52 -58.28
C ARG L 542 -2.94 -42.10 -57.97
N ARG L 543 -2.14 -42.37 -59.01
CA ARG L 543 -0.78 -42.83 -58.78
C ARG L 543 0.05 -41.74 -58.11
N ARG L 544 -0.16 -40.48 -58.48
CA ARG L 544 0.51 -39.38 -57.82
C ARG L 544 0.14 -39.30 -56.34
N LEU L 545 -1.15 -39.48 -56.04
CA LEU L 545 -1.58 -39.47 -54.64
C LEU L 545 -1.02 -40.66 -53.88
N GLU L 546 -0.88 -41.81 -54.55
CA GLU L 546 -0.32 -42.98 -53.89
C GLU L 546 1.16 -42.80 -53.58
N GLU L 547 1.91 -42.23 -54.52
CA GLU L 547 3.33 -41.99 -54.25
C GLU L 547 3.51 -40.89 -53.21
N ASP L 548 2.61 -39.89 -53.19
CA ASP L 548 2.61 -38.92 -52.10
C ASP L 548 2.34 -39.60 -50.77
N LEU L 549 1.40 -40.54 -50.74
CA LEU L 549 1.09 -41.28 -49.53
C LEU L 549 2.31 -42.06 -49.03
N LYS L 550 2.98 -42.78 -49.94
CA LYS L 550 4.10 -43.59 -49.50
C LYS L 550 5.30 -42.73 -49.09
N LYS L 551 5.51 -41.59 -49.75
CA LYS L 551 6.63 -40.74 -49.37
C LYS L 551 6.37 -40.04 -48.04
N GLN L 552 5.13 -39.62 -47.78
CA GLN L 552 4.83 -39.01 -46.49
C GLN L 552 4.85 -40.06 -45.39
N ALA L 553 4.44 -41.30 -45.70
CA ALA L 553 4.53 -42.38 -44.73
C ALA L 553 5.99 -42.70 -44.40
N ALA L 554 6.86 -42.62 -45.41
CA ALA L 554 8.29 -42.86 -45.17
C ALA L 554 8.89 -41.75 -44.30
N GLU L 555 8.61 -40.49 -44.65
CA GLU L 555 9.14 -39.37 -43.87
C GLU L 555 8.50 -39.29 -42.49
N TYR L 556 7.36 -39.92 -42.28
CA TYR L 556 6.75 -39.99 -40.96
C TYR L 556 7.27 -41.15 -40.13
N ARG L 557 7.56 -42.29 -40.76
CA ARG L 557 8.08 -43.44 -40.04
C ARG L 557 9.57 -43.29 -39.71
N GLU L 558 10.30 -42.52 -40.52
CA GLU L 558 11.72 -42.29 -40.22
C GLU L 558 11.90 -41.48 -38.94
N ILE L 559 10.89 -40.71 -38.54
CA ILE L 559 10.91 -40.00 -37.25
C ILE L 559 10.03 -40.68 -36.21
N ASP L 560 9.10 -41.53 -36.65
CA ASP L 560 8.25 -42.29 -35.69
C ASP L 560 9.15 -43.26 -34.92
N LYS L 561 10.17 -43.80 -35.60
CA LYS L 561 11.13 -44.71 -34.94
C LYS L 561 11.99 -43.89 -33.95
N ARG L 562 12.25 -42.63 -34.28
CA ARG L 562 13.00 -41.74 -33.34
C ARG L 562 12.15 -41.55 -32.09
N MET L 563 10.84 -41.32 -32.22
CA MET L 563 9.95 -41.22 -31.04
C MET L 563 10.08 -42.51 -30.23
N ASN L 564 10.00 -43.67 -30.87
CA ASN L 564 10.05 -44.97 -30.16
C ASN L 564 11.36 -45.15 -29.41
N SER L 565 12.44 -44.46 -29.83
CA SER L 565 13.76 -44.65 -29.18
C SER L 565 14.06 -43.51 -28.20
N ILE L 566 13.44 -42.34 -28.39
CA ILE L 566 13.77 -41.16 -27.54
C ILE L 566 12.96 -41.23 -26.24
N LYS L 567 11.83 -41.96 -26.23
CA LYS L 567 10.96 -42.00 -25.06
C LYS L 567 11.54 -42.83 -23.92
N PRO L 568 12.15 -44.01 -24.16
CA PRO L 568 12.85 -44.68 -23.05
C PRO L 568 13.99 -43.85 -22.48
N ASP L 569 14.79 -43.22 -23.34
CA ASP L 569 15.84 -42.33 -22.85
C ASP L 569 15.25 -41.13 -22.11
N LEU L 570 14.12 -40.61 -22.59
CA LEU L 570 13.49 -39.47 -21.93
C LEU L 570 13.01 -39.83 -20.53
N ILE L 571 12.32 -40.96 -20.40
CA ILE L 571 11.82 -41.35 -19.09
C ILE L 571 12.97 -41.76 -18.17
N GLN L 572 14.06 -42.29 -18.74
CA GLN L 572 15.23 -42.59 -17.92
C GLN L 572 15.88 -41.32 -17.38
N LEU L 573 16.01 -40.30 -18.23
CA LEU L 573 16.55 -39.03 -17.77
C LEU L 573 15.64 -38.39 -16.73
N ARG L 574 14.32 -38.51 -16.92
CA ARG L 574 13.39 -37.95 -15.93
C ARG L 574 13.46 -38.71 -14.61
N LYS L 575 13.67 -40.03 -14.67
CA LYS L 575 13.83 -40.80 -13.43
C LYS L 575 15.12 -40.42 -12.71
N THR L 576 16.21 -40.21 -13.46
CA THR L 576 17.45 -39.78 -12.83
C THR L 576 17.30 -38.38 -12.23
N ARG L 577 16.55 -37.50 -12.90
CA ARG L 577 16.30 -36.18 -12.36
C ARG L 577 15.47 -36.26 -11.08
N ASP L 578 14.45 -37.13 -11.07
CA ASP L 578 13.64 -37.29 -9.86
C ASP L 578 14.45 -37.90 -8.72
N GLN L 579 15.40 -38.79 -9.03
CA GLN L 579 16.25 -39.35 -7.99
C GLN L 579 17.21 -38.30 -7.44
N TYR L 580 17.77 -37.46 -8.30
CA TYR L 580 18.62 -36.37 -7.84
C TYR L 580 17.83 -35.31 -7.09
N LEU L 581 16.53 -35.21 -7.35
CA LEU L 581 15.70 -34.25 -6.62
C LEU L 581 15.61 -34.60 -5.14
N MET L 582 15.66 -35.90 -4.83
CA MET L 582 15.52 -36.32 -3.41
C MET L 582 16.83 -35.98 -2.71
N TRP L 583 17.94 -36.04 -3.45
CA TRP L 583 19.27 -35.82 -2.82
C TRP L 583 19.72 -34.37 -2.93
N LEU L 584 20.37 -33.99 -4.04
CA LEU L 584 20.99 -32.64 -4.16
C LEU L 584 20.06 -31.46 -3.86
N THR L 585 18.78 -31.54 -4.19
CA THR L 585 17.90 -30.35 -4.03
C THR L 585 17.79 -29.96 -2.55
N GLN L 586 17.81 -30.94 -1.64
CA GLN L 586 17.58 -30.61 -0.20
C GLN L 586 18.86 -30.19 0.54
N LYS L 587 19.97 -30.00 -0.16
CA LYS L 587 21.18 -29.47 0.55
C LYS L 587 20.97 -27.99 0.86
N GLY L 588 21.12 -27.12 -0.15
CA GLY L 588 20.99 -25.68 0.08
C GLY L 588 20.59 -24.94 -1.18
N VAL L 589 19.79 -25.58 -2.04
CA VAL L 589 19.31 -24.90 -3.29
C VAL L 589 17.93 -24.29 -3.01
N ARG L 590 17.57 -23.24 -3.76
CA ARG L 590 16.24 -22.60 -3.61
C ARG L 590 15.34 -23.12 -4.73
N GLN L 591 14.03 -23.19 -4.49
CA GLN L 591 13.10 -23.58 -5.59
C GLN L 591 13.23 -22.51 -6.69
N LYS L 592 13.38 -21.25 -6.28
CA LYS L 592 13.55 -20.17 -7.25
C LYS L 592 14.81 -20.39 -8.08
N LYS L 593 15.87 -20.90 -7.45
CA LYS L 593 17.09 -21.23 -8.19
C LYS L 593 16.83 -22.34 -9.20
N LEU L 594 16.01 -23.33 -8.84
CA LEU L 594 15.67 -24.39 -9.78
C LEU L 594 14.85 -23.85 -10.94
N ASN L 595 13.94 -22.90 -10.66
CA ASN L 595 13.17 -22.29 -11.74
C ASN L 595 14.06 -21.47 -12.67
N GLU L 596 15.02 -20.75 -12.11
CA GLU L 596 15.97 -20.01 -12.94
C GLU L 596 16.86 -20.93 -13.76
N TRP L 597 17.20 -22.10 -13.21
CA TRP L 597 18.00 -23.06 -13.96
C TRP L 597 17.21 -23.68 -15.10
N LEU L 598 15.94 -24.03 -14.85
CA LEU L 598 15.10 -24.63 -15.87
C LEU L 598 14.49 -23.61 -16.83
N GLY L 599 14.67 -22.32 -16.57
CA GLY L 599 14.15 -21.29 -17.45
C GLY L 599 15.12 -20.79 -18.50
N ASN L 600 16.40 -21.13 -18.39
CA ASN L 600 17.39 -20.70 -19.37
C ASN L 600 17.25 -21.49 -20.67
N GLN M 433 30.54 41.05 12.28
CA GLN M 433 30.51 42.01 13.41
C GLN M 433 30.16 41.27 14.71
N ASP M 434 28.89 41.32 15.12
CA ASP M 434 28.45 40.60 16.34
C ASP M 434 27.67 39.34 15.94
N GLN M 435 27.98 38.79 14.75
CA GLN M 435 27.29 37.56 14.28
C GLN M 435 27.47 36.45 15.31
N VAL M 436 26.38 35.94 15.88
CA VAL M 436 26.44 34.89 16.94
C VAL M 436 27.41 35.33 18.03
N VAL M 437 27.16 36.51 18.63
CA VAL M 437 28.04 37.07 19.70
C VAL M 437 29.50 37.04 19.21
N LYS M 438 29.78 37.67 18.07
CA LYS M 438 31.16 37.75 17.50
C LYS M 438 31.80 36.35 17.46
N GLU M 439 31.09 35.35 16.92
CA GLU M 439 31.66 33.99 16.78
C GLU M 439 30.95 33.28 15.61
N ASP M 440 30.86 33.96 14.45
CA ASP M 440 30.23 33.35 13.26
C ASP M 440 31.23 32.38 12.60
N ASN M 441 31.32 31.15 13.11
CA ASN M 441 32.31 30.17 12.58
C ASN M 441 31.64 28.81 12.40
N ILE M 442 30.60 28.73 11.56
CA ILE M 442 29.90 27.43 11.27
C ILE M 442 29.51 26.72 12.58
N GLU M 443 30.33 25.76 13.02
CA GLU M 443 30.04 25.01 14.28
C GLU M 443 29.82 25.98 15.43
N ALA M 444 30.73 26.96 15.60
CA ALA M 444 30.61 27.95 16.70
C ALA M 444 29.32 28.75 16.55
N VAL M 445 29.06 29.26 15.34
CA VAL M 445 27.81 30.04 15.08
C VAL M 445 26.60 29.20 15.49
N GLY M 446 26.61 27.91 15.17
CA GLY M 446 25.47 27.03 15.48
C GLY M 446 25.33 26.64 16.94
N LYS M 447 26.46 26.53 17.64
CA LYS M 447 26.46 26.19 19.07
C LYS M 447 25.89 27.34 19.89
N LYS M 448 26.23 28.57 19.48
CA LYS M 448 25.65 29.78 20.04
C LYS M 448 24.15 29.75 19.84
N LEU M 449 23.72 29.50 18.60
CA LEU M 449 22.26 29.43 18.29
C LEU M 449 21.57 28.50 19.29
N HIS M 450 22.22 27.40 19.66
CA HIS M 450 21.62 26.43 20.64
C HIS M 450 21.54 27.08 22.03
N GLU M 451 22.58 27.80 22.45
CA GLU M 451 22.53 28.52 23.75
C GLU M 451 21.36 29.50 23.74
N TYR M 452 21.20 30.25 22.64
CA TYR M 452 20.06 31.21 22.53
C TYR M 452 18.75 30.44 22.60
N ASN M 453 18.69 29.27 21.95
CA ASN M 453 17.47 28.43 21.99
C ASN M 453 17.11 28.12 23.45
N THR M 454 18.08 27.65 24.23
CA THR M 454 17.84 27.39 25.67
C THR M 454 17.26 28.65 26.31
N GLN M 455 17.99 29.77 26.29
CA GLN M 455 17.53 31.03 26.93
C GLN M 455 16.06 31.30 26.55
N PHE M 456 15.74 31.26 25.25
CA PHE M 456 14.36 31.57 24.79
C PHE M 456 13.36 30.58 25.39
N GLN M 457 13.66 29.29 25.35
CA GLN M 457 12.73 28.24 25.86
C GLN M 457 12.45 28.48 27.34
N GLU M 458 13.49 28.75 28.15
CA GLU M 458 13.30 28.90 29.58
C GLU M 458 12.31 30.02 29.79
N LYS M 459 12.46 31.08 29.01
CA LYS M 459 11.55 32.21 29.13
C LYS M 459 10.12 31.87 28.76
N SER M 460 9.88 31.19 27.63
CA SER M 460 8.46 30.98 27.33
C SER M 460 7.79 30.17 28.43
N ARG M 461 8.50 29.21 29.02
CA ARG M 461 7.94 28.42 30.11
C ARG M 461 7.62 29.30 31.32
N GLU M 462 8.58 30.12 31.75
CA GLU M 462 8.31 31.02 32.86
C GLU M 462 7.29 32.09 32.47
N TYR M 463 7.20 32.41 31.19
CA TYR M 463 6.22 33.41 30.74
C TYR M 463 4.79 32.88 30.91
N ASP M 464 4.51 31.69 30.39
CA ASP M 464 3.17 31.14 30.57
C ASP M 464 2.92 30.74 32.01
N ARG M 465 3.98 30.44 32.77
CA ARG M 465 3.81 30.21 34.20
C ARG M 465 3.37 31.48 34.92
N LEU M 466 3.99 32.62 34.57
CA LEU M 466 3.56 33.89 35.15
C LEU M 466 2.15 34.26 34.70
N TYR M 467 1.78 33.88 33.47
CA TYR M 467 0.41 34.11 33.02
C TYR M 467 -0.58 33.28 33.83
N GLU M 468 -0.25 32.01 34.09
CA GLU M 468 -1.10 31.18 34.92
C GLU M 468 -1.20 31.73 36.34
N GLU M 469 -0.09 32.25 36.87
CA GLU M 469 -0.12 32.89 38.17
C GLU M 469 -1.00 34.13 38.17
N TYR M 470 -0.92 34.92 37.10
CA TYR M 470 -1.79 36.08 36.97
C TYR M 470 -3.26 35.67 36.99
N THR M 471 -3.60 34.62 36.25
CA THR M 471 -5.00 34.18 36.19
C THR M 471 -5.48 33.65 37.52
N ARG M 472 -4.66 32.84 38.20
CA ARG M 472 -5.09 32.29 39.49
C ARG M 472 -5.21 33.38 40.54
N THR M 473 -4.31 34.38 40.52
CA THR M 473 -4.43 35.49 41.45
C THR M 473 -5.67 36.33 41.12
N SER M 474 -6.00 36.46 39.85
CA SER M 474 -7.20 37.21 39.47
C SER M 474 -8.46 36.53 40.01
N GLN M 475 -8.60 35.22 39.76
CA GLN M 475 -9.78 34.54 40.28
C GLN M 475 -9.78 34.48 41.81
N GLU M 476 -8.58 34.48 42.40
CA GLU M 476 -8.46 34.43 43.89
C GLU M 476 -9.06 35.71 44.48
N ILE M 477 -8.64 36.87 43.97
CA ILE M 477 -9.14 38.16 44.54
C ILE M 477 -10.61 38.33 44.19
N GLN M 478 -11.08 37.71 43.11
CA GLN M 478 -12.53 37.78 42.75
C GLN M 478 -13.32 36.96 43.78
N MET M 479 -12.84 35.75 44.10
CA MET M 479 -13.52 34.90 45.10
C MET M 479 -13.41 35.56 46.48
N LYS M 480 -12.30 36.26 46.74
CA LYS M 480 -12.09 36.87 48.08
C LYS M 480 -12.89 38.17 48.20
N ARG M 481 -13.16 38.83 47.07
CA ARG M 481 -14.01 40.06 47.11
C ARG M 481 -15.48 39.67 47.17
N THR M 482 -15.85 38.53 46.58
CA THR M 482 -17.26 38.06 46.71
C THR M 482 -17.46 37.55 48.13
N ALA M 483 -16.37 37.18 48.82
CA ALA M 483 -16.49 36.73 50.21
C ALA M 483 -16.53 37.92 51.16
N ILE M 484 -15.74 38.97 50.88
CA ILE M 484 -15.70 40.10 51.79
C ILE M 484 -16.97 40.94 51.66
N GLU M 485 -17.57 41.02 50.48
CA GLU M 485 -18.84 41.72 50.37
C GLU M 485 -19.97 40.91 50.98
N ALA M 486 -19.87 39.58 50.93
CA ALA M 486 -20.81 38.74 51.67
C ALA M 486 -20.68 38.98 53.17
N PHE M 487 -19.44 39.08 53.66
CA PHE M 487 -19.18 39.40 55.06
C PHE M 487 -19.80 40.75 55.42
N ASN M 488 -19.65 41.74 54.52
CA ASN M 488 -20.19 43.07 54.75
C ASN M 488 -21.72 43.03 54.86
N GLU M 489 -22.38 42.34 53.92
CA GLU M 489 -23.84 42.30 53.94
C GLU M 489 -24.35 41.51 55.13
N THR M 490 -23.60 40.49 55.56
CA THR M 490 -23.99 39.75 56.75
C THR M 490 -23.84 40.62 58.00
N ILE M 491 -22.77 41.41 58.09
CA ILE M 491 -22.64 42.35 59.19
C ILE M 491 -23.77 43.37 59.17
N LYS M 492 -24.18 43.80 57.97
CA LYS M 492 -25.28 44.76 57.87
C LYS M 492 -26.59 44.15 58.36
N ILE M 493 -26.89 42.92 57.95
CA ILE M 493 -28.13 42.29 58.39
C ILE M 493 -28.06 41.93 59.87
N PHE M 494 -26.86 41.71 60.41
CA PHE M 494 -26.74 41.45 61.84
C PHE M 494 -26.95 42.73 62.64
N GLU M 495 -26.50 43.87 62.12
CA GLU M 495 -26.86 45.15 62.74
C GLU M 495 -28.35 45.42 62.61
N GLU M 496 -28.96 44.97 61.51
CA GLU M 496 -30.41 45.06 61.38
C GLU M 496 -31.10 44.23 62.46
N GLN M 497 -30.57 43.04 62.75
CA GLN M 497 -31.11 42.25 63.85
C GLN M 497 -30.85 42.92 65.19
N CYS M 498 -29.72 43.61 65.32
CA CYS M 498 -29.41 44.31 66.57
C CYS M 498 -30.41 45.41 66.85
N GLN M 499 -30.77 46.19 65.83
CA GLN M 499 -31.80 47.21 66.00
C GLN M 499 -33.19 46.60 66.06
N THR M 500 -33.38 45.41 65.47
CA THR M 500 -34.64 44.69 65.66
C THR M 500 -34.81 44.26 67.10
N GLN M 501 -33.72 44.01 67.80
CA GLN M 501 -33.80 43.76 69.24
C GLN M 501 -34.33 44.98 69.98
N GLU M 502 -33.86 46.17 69.60
CA GLU M 502 -34.40 47.39 70.20
C GLU M 502 -35.87 47.59 69.82
N ARG M 503 -36.26 47.18 68.61
CA ARG M 503 -37.66 47.21 68.24
C ARG M 503 -38.49 46.26 69.09
N TYR M 504 -37.95 45.08 69.37
CA TYR M 504 -38.64 44.13 70.26
C TYR M 504 -38.71 44.66 71.69
N SER M 505 -37.75 45.50 72.08
CA SER M 505 -37.79 46.12 73.39
C SER M 505 -38.95 47.08 73.55
N LYS M 506 -39.75 47.29 72.49
CA LYS M 506 -40.98 48.07 72.57
C LYS M 506 -42.18 47.37 71.94
N GLU M 507 -41.97 46.30 71.17
CA GLU M 507 -43.09 45.63 70.50
C GLU M 507 -43.78 44.65 71.43
N TYR M 508 -43.06 43.61 71.88
CA TYR M 508 -43.66 42.54 72.68
C TYR M 508 -42.83 42.23 73.92
N ILE M 509 -42.07 43.19 74.44
CA ILE M 509 -41.29 42.95 75.65
C ILE M 509 -42.12 43.24 76.91
N GLU M 510 -43.30 43.84 76.76
CA GLU M 510 -44.11 44.20 77.92
C GLU M 510 -44.61 43.00 78.69
N LYS M 511 -44.85 41.88 78.01
CA LYS M 511 -45.38 40.67 78.65
C LYS M 511 -44.32 39.63 78.95
N PHE M 512 -43.04 40.03 79.03
CA PHE M 512 -41.97 39.09 79.29
C PHE M 512 -40.91 39.62 80.24
N LYS M 513 -41.11 40.79 80.85
CA LYS M 513 -40.10 41.34 81.75
C LYS M 513 -40.69 41.70 83.11
N ARG M 514 -41.99 42.00 83.16
CA ARG M 514 -42.65 42.40 84.39
C ARG M 514 -43.30 41.23 85.12
N GLU M 515 -43.08 40.00 84.65
CA GLU M 515 -43.65 38.82 85.29
C GLU M 515 -42.68 38.11 86.23
N GLY M 516 -41.44 38.57 86.35
CA GLY M 516 -40.48 37.95 87.24
C GLY M 516 -39.96 36.63 86.73
N ASN M 517 -39.74 36.54 85.41
CA ASN M 517 -39.23 35.32 84.79
C ASN M 517 -38.08 35.69 83.86
N GLU M 518 -37.11 34.79 83.77
CA GLU M 518 -35.95 34.98 82.91
C GLU M 518 -35.78 33.94 81.82
N LYS M 519 -36.43 32.78 81.94
CA LYS M 519 -36.30 31.75 80.91
C LYS M 519 -37.08 32.10 79.65
N GLU M 520 -38.20 32.81 79.80
CA GLU M 520 -39.00 33.18 78.64
C GLU M 520 -38.30 34.23 77.77
N ILE M 521 -37.50 35.10 78.39
CA ILE M 521 -36.81 36.13 77.63
C ILE M 521 -35.54 35.59 76.97
N GLN M 522 -35.14 34.35 77.28
CA GLN M 522 -33.93 33.78 76.70
C GLN M 522 -34.02 33.63 75.20
N ARG M 523 -35.22 33.71 74.62
CA ARG M 523 -35.35 33.63 73.16
C ARG M 523 -34.68 34.81 72.47
N ILE M 524 -34.59 35.96 73.15
CA ILE M 524 -33.99 37.17 72.52
C ILE M 524 -32.82 37.67 73.36
N MET M 525 -32.82 37.38 74.67
CA MET M 525 -31.75 37.91 75.55
C MET M 525 -30.55 36.96 75.54
N HIS M 526 -30.79 35.65 75.64
CA HIS M 526 -29.67 34.68 75.53
C HIS M 526 -29.13 34.73 74.09
N ASN M 527 -29.88 35.33 73.18
CA ASN M 527 -29.38 35.45 71.81
C ASN M 527 -28.65 36.77 71.59
N TYR M 528 -28.90 37.78 72.43
CA TYR M 528 -28.29 39.09 72.22
C TYR M 528 -26.80 39.08 72.55
N ASP M 529 -26.44 38.49 73.69
CA ASP M 529 -25.03 38.45 74.08
C ASP M 529 -24.21 37.59 73.11
N LYS M 530 -24.75 36.44 72.72
CA LYS M 530 -24.05 35.61 71.75
C LYS M 530 -24.04 36.25 70.36
N LEU M 531 -25.03 37.09 70.05
CA LEU M 531 -24.98 37.84 68.80
C LEU M 531 -23.87 38.88 68.84
N LYS M 532 -23.68 39.53 69.99
CA LYS M 532 -22.58 40.48 70.13
C LYS M 532 -21.23 39.77 70.01
N SER M 533 -21.12 38.60 70.64
CA SER M 533 -19.89 37.81 70.49
C SER M 533 -19.69 37.37 69.04
N ARG M 534 -20.78 37.06 68.34
CA ARG M 534 -20.69 36.74 66.92
C ARG M 534 -20.19 37.93 66.13
N ILE M 535 -20.68 39.13 66.46
CA ILE M 535 -20.20 40.35 65.81
C ILE M 535 -18.70 40.50 66.01
N SER M 536 -18.24 40.29 67.25
CA SER M 536 -16.81 40.43 67.54
C SER M 536 -15.99 39.42 66.75
N GLU M 537 -16.45 38.15 66.71
CA GLU M 537 -15.65 37.12 66.05
C GLU M 537 -15.70 37.24 64.53
N ILE M 538 -16.80 37.76 63.97
CA ILE M 538 -16.82 37.96 62.53
C ILE M 538 -16.02 39.21 62.15
N ILE M 539 -15.91 40.18 63.06
CA ILE M 539 -14.98 41.29 62.84
C ILE M 539 -13.54 40.78 62.83
N ASP M 540 -13.22 39.89 63.77
CA ASP M 540 -11.90 39.26 63.75
C ASP M 540 -11.67 38.46 62.48
N SER M 541 -12.71 37.77 62.00
CA SER M 541 -12.60 37.01 60.76
C SER M 541 -12.40 37.94 59.57
N ARG M 542 -13.07 39.09 59.59
CA ARG M 542 -12.88 40.07 58.53
C ARG M 542 -11.46 40.62 58.54
N ARG M 543 -10.90 40.84 59.74
CA ARG M 543 -9.50 41.25 59.82
C ARG M 543 -8.57 40.15 59.30
N ARG M 544 -8.91 38.89 59.57
CA ARG M 544 -8.13 37.78 59.02
C ARG M 544 -8.19 37.77 57.50
N LEU M 545 -9.38 38.00 56.93
CA LEU M 545 -9.50 38.05 55.48
C LEU M 545 -8.76 39.24 54.90
N GLU M 546 -8.73 40.36 55.63
CA GLU M 546 -8.02 41.54 55.15
C GLU M 546 -6.51 41.32 55.16
N GLU M 547 -5.98 40.69 56.20
CA GLU M 547 -4.55 40.41 56.23
C GLU M 547 -4.19 39.34 55.21
N ASP M 548 -5.08 38.37 54.97
CA ASP M 548 -4.87 37.44 53.87
C ASP M 548 -4.84 38.18 52.53
N LEU M 549 -5.73 39.15 52.35
CA LEU M 549 -5.75 39.92 51.12
C LEU M 549 -4.44 40.69 50.93
N LYS M 550 -3.95 41.35 51.98
CA LYS M 550 -2.74 42.13 51.82
C LYS M 550 -1.51 41.25 51.65
N LYS M 551 -1.47 40.08 52.28
CA LYS M 551 -0.31 39.21 52.12
C LYS M 551 -0.30 38.56 50.74
N GLN M 552 -1.48 38.19 50.22
CA GLN M 552 -1.51 37.64 48.86
C GLN M 552 -1.23 38.72 47.83
N ALA M 553 -1.66 39.96 48.10
CA ALA M 553 -1.33 41.06 47.21
C ALA M 553 0.16 41.34 47.22
N ALA M 554 0.81 41.21 48.38
CA ALA M 554 2.25 41.40 48.45
C ALA M 554 2.99 40.31 47.70
N GLU M 555 2.61 39.04 47.92
CA GLU M 555 3.27 37.94 47.23
C GLU M 555 2.94 37.91 45.75
N TYR M 556 1.88 38.60 45.33
CA TYR M 556 1.57 38.73 43.91
C TYR M 556 2.29 39.90 43.26
N ARG M 557 2.46 41.01 43.98
CA ARG M 557 3.16 42.16 43.42
C ARG M 557 4.67 41.96 43.42
N GLU M 558 5.20 41.14 44.33
CA GLU M 558 6.64 40.88 44.32
C GLU M 558 7.07 40.10 43.08
N ILE M 559 6.14 39.38 42.45
CA ILE M 559 6.42 38.72 41.17
C ILE M 559 5.81 39.45 40.00
N ASP M 560 4.83 40.33 40.26
CA ASP M 560 4.23 41.14 39.17
C ASP M 560 5.30 42.10 38.65
N LYS M 561 6.16 42.59 39.55
CA LYS M 561 7.27 43.49 39.13
C LYS M 561 8.28 42.67 38.33
N ARG M 562 8.44 41.39 38.66
CA ARG M 562 9.34 40.52 37.87
C ARG M 562 8.78 40.39 36.46
N MET M 563 7.46 40.19 36.31
CA MET M 563 6.85 40.15 34.95
C MET M 563 7.18 41.46 34.23
N ASN M 564 6.99 42.60 34.90
CA ASN M 564 7.22 43.92 34.26
C ASN M 564 8.68 44.08 33.81
N SER M 565 9.62 43.35 34.42
CA SER M 565 11.06 43.52 34.08
C SER M 565 11.52 42.41 33.14
N ILE M 566 10.85 41.25 33.16
CA ILE M 566 11.32 40.09 32.34
C ILE M 566 10.80 40.22 30.90
N LYS M 567 9.73 41.00 30.69
CA LYS M 567 9.13 41.10 29.36
C LYS M 567 9.96 41.95 28.40
N PRO M 568 10.53 43.10 28.80
CA PRO M 568 11.48 43.77 27.90
C PRO M 568 12.68 42.92 27.54
N ASP M 569 13.27 42.24 28.53
CA ASP M 569 14.37 41.34 28.24
C ASP M 569 13.92 40.18 27.36
N LEU M 570 12.71 39.68 27.56
CA LEU M 570 12.21 38.58 26.73
C LEU M 570 12.04 39.01 25.29
N ILE M 571 11.42 40.17 25.05
CA ILE M 571 11.23 40.62 23.68
C ILE M 571 12.55 41.01 23.04
N GLN M 572 13.51 41.48 23.85
CA GLN M 572 14.84 41.78 23.31
C GLN M 572 15.55 40.50 22.88
N LEU M 573 15.47 39.45 23.69
CA LEU M 573 16.07 38.17 23.31
C LEU M 573 15.38 37.60 22.08
N ARG M 574 14.06 37.76 21.97
CA ARG M 574 13.35 37.27 20.81
C ARG M 574 13.72 38.07 19.56
N LYS M 575 13.94 39.38 19.71
CA LYS M 575 14.39 40.18 18.57
C LYS M 575 15.79 39.78 18.12
N THR M 576 16.68 39.52 19.07
CA THR M 576 18.02 39.05 18.71
C THR M 576 17.96 37.69 18.04
N ARG M 577 17.07 36.81 18.50
CA ARG M 577 16.89 35.51 17.85
C ARG M 577 16.36 35.66 16.44
N ASP M 578 15.40 36.57 16.24
CA ASP M 578 14.87 36.80 14.90
C ASP M 578 15.91 37.41 13.98
N GLN M 579 16.80 38.26 14.52
CA GLN M 579 17.87 38.82 13.71
C GLN M 579 18.89 37.77 13.33
N TYR M 580 19.18 36.85 14.26
CA TYR M 580 20.19 35.79 14.02
C TYR M 580 19.58 34.65 13.19
N LEU M 581 18.24 34.66 13.04
CA LEU M 581 17.55 33.61 12.25
C LEU M 581 17.83 33.85 10.76
N MET M 582 18.05 35.12 10.38
CA MET M 582 18.39 35.45 8.97
C MET M 582 19.91 35.35 8.79
N TRP M 583 20.56 34.52 9.61
CA TRP M 583 22.05 34.36 9.55
C TRP M 583 22.40 32.89 9.76
N LEU M 584 21.81 32.26 10.77
CA LEU M 584 22.11 30.83 11.07
C LEU M 584 21.42 29.94 10.02
N THR M 585 20.13 30.17 9.78
CA THR M 585 19.40 29.40 8.73
C THR M 585 19.99 29.77 7.37
N GLN M 586 20.41 31.02 7.18
CA GLN M 586 21.06 31.45 5.91
C GLN M 586 22.38 30.69 5.74
N LYS M 587 23.10 30.44 6.84
CA LYS M 587 24.36 29.66 6.78
C LYS M 587 24.04 28.24 6.29
N GLY M 588 23.07 27.59 6.92
CA GLY M 588 22.66 26.22 6.51
C GLY M 588 22.05 25.43 7.64
N VAL M 589 21.68 26.11 8.73
CA VAL M 589 21.02 25.42 9.88
C VAL M 589 19.66 24.89 9.41
N ARG M 590 19.54 23.57 9.20
CA ARG M 590 18.28 22.97 8.70
C ARG M 590 17.17 23.17 9.73
N GLN M 591 15.93 23.33 9.27
CA GLN M 591 14.78 23.53 10.20
C GLN M 591 14.70 22.33 11.15
N LYS M 592 14.90 21.12 10.64
CA LYS M 592 14.87 19.91 11.49
C LYS M 592 15.89 20.05 12.63
N LYS M 593 17.11 20.52 12.31
CA LYS M 593 18.15 20.73 13.35
C LYS M 593 17.69 21.83 14.33
N LEU M 594 17.02 22.87 13.82
CA LEU M 594 16.50 23.95 14.70
C LEU M 594 15.49 23.34 15.68
N ASN M 595 14.66 22.40 15.21
CA ASN M 595 13.63 21.77 16.07
C ASN M 595 14.30 20.94 17.18
N GLU M 596 15.47 20.35 16.88
CA GLU M 596 16.22 19.57 17.90
C GLU M 596 16.73 20.53 18.99
N TRP M 597 17.23 21.70 18.58
CA TRP M 597 17.72 22.71 19.56
C TRP M 597 16.54 23.39 20.25
N LEU M 598 15.34 23.27 19.67
CA LEU M 598 14.12 23.87 20.27
C LEU M 598 13.43 22.82 21.14
N GLY M 599 13.92 21.58 21.13
CA GLY M 599 13.24 20.49 21.87
C GLY M 599 13.98 20.06 23.12
N ASN M 600 15.30 20.28 23.19
CA ASN M 600 16.05 19.80 24.34
C ASN M 600 15.67 20.53 25.61
N ARG N 7 11.07 -26.36 58.59
CA ARG N 7 11.08 -25.89 57.18
C ARG N 7 9.79 -25.13 56.88
N GLN N 8 9.27 -25.24 55.65
CA GLN N 8 8.03 -24.52 55.26
C GLN N 8 6.81 -25.24 55.84
N ILE N 9 6.12 -24.62 56.80
CA ILE N 9 4.92 -25.23 57.45
C ILE N 9 3.87 -25.52 56.37
N ASN N 10 3.38 -26.76 56.31
CA ASN N 10 2.32 -27.13 55.33
C ASN N 10 0.95 -27.01 56.00
N THR N 11 -0.12 -26.83 55.22
CA THR N 11 -1.48 -26.64 55.80
C THR N 11 -2.37 -27.84 55.48
N GLU N 12 -1.88 -28.77 54.66
CA GLU N 12 -2.65 -30.00 54.34
C GLU N 12 -2.86 -30.79 55.64
N TYR N 13 -2.02 -30.53 56.64
CA TYR N 13 -2.15 -31.20 57.93
C TYR N 13 -3.05 -30.42 58.88
N ALA N 14 -3.04 -29.09 58.77
CA ALA N 14 -3.93 -28.26 59.59
C ALA N 14 -5.38 -28.47 59.17
N VAL N 15 -5.65 -28.55 57.86
CA VAL N 15 -7.01 -28.73 57.39
C VAL N 15 -7.51 -30.13 57.72
N SER N 16 -6.60 -31.07 57.97
CA SER N 16 -7.02 -32.42 58.36
C SER N 16 -7.19 -32.52 59.86
N LEU N 17 -6.37 -31.81 60.63
CA LEU N 17 -6.49 -31.81 62.08
C LEU N 17 -7.78 -31.12 62.52
N LEU N 18 -8.19 -30.08 61.78
CA LEU N 18 -9.39 -29.34 62.15
C LEU N 18 -10.64 -30.19 61.95
N GLU N 19 -10.74 -30.86 60.81
CA GLU N 19 -11.91 -31.70 60.55
C GLU N 19 -11.92 -32.94 61.44
N GLN N 20 -10.75 -33.38 61.89
CA GLN N 20 -10.70 -34.48 62.84
C GLN N 20 -11.23 -34.05 64.21
N LEU N 21 -10.97 -32.79 64.58
CA LEU N 21 -11.50 -32.27 65.84
C LEU N 21 -13.01 -32.14 65.77
N LYS N 22 -13.55 -31.71 64.62
CA LYS N 22 -15.00 -31.62 64.46
C LYS N 22 -15.63 -33.00 64.56
N LEU N 23 -14.98 -34.02 63.99
CA LEU N 23 -15.52 -35.37 64.06
C LEU N 23 -15.60 -35.85 65.50
N PHE N 24 -14.69 -35.40 66.36
CA PHE N 24 -14.76 -35.77 67.77
C PHE N 24 -15.77 -34.91 68.51
N TYR N 25 -15.99 -33.68 68.05
CA TYR N 25 -16.96 -32.81 68.70
C TYR N 25 -18.39 -33.28 68.45
N GLU N 26 -18.68 -33.75 67.23
CA GLU N 26 -20.02 -34.21 66.91
C GLU N 26 -20.39 -35.45 67.70
N GLN N 27 -19.44 -36.35 67.92
CA GLN N 27 -19.68 -37.56 68.69
C GLN N 27 -19.35 -37.39 70.17
N GLN N 28 -18.99 -36.18 70.59
CA GLN N 28 -18.81 -35.85 72.01
C GLN N 28 -17.72 -36.69 72.65
N LEU N 29 -16.49 -36.54 72.15
CA LEU N 29 -15.32 -37.17 72.75
C LEU N 29 -14.47 -36.13 73.46
N PHE N 30 -13.81 -36.54 74.54
CA PHE N 30 -12.90 -35.68 75.30
C PHE N 30 -13.60 -34.44 75.83
N THR N 31 -14.89 -34.55 76.13
CA THR N 31 -15.65 -33.42 76.68
C THR N 31 -15.23 -33.21 78.13
N ASP N 32 -14.48 -32.14 78.38
CA ASP N 32 -13.98 -31.84 79.72
C ASP N 32 -14.75 -30.74 80.43
N ILE N 33 -15.58 -29.99 79.71
CA ILE N 33 -16.36 -28.91 80.30
C ILE N 33 -17.76 -28.92 79.69
N VAL N 34 -18.75 -28.57 80.51
CA VAL N 34 -20.14 -28.48 80.08
C VAL N 34 -20.63 -27.08 80.39
N LEU N 35 -21.01 -26.34 79.35
CA LEU N 35 -21.50 -24.97 79.50
C LEU N 35 -23.01 -24.98 79.65
N ILE N 36 -23.50 -24.34 80.70
CA ILE N 36 -24.93 -24.26 80.98
C ILE N 36 -25.39 -22.85 80.65
N VAL N 37 -26.31 -22.74 79.69
CA VAL N 37 -26.88 -21.46 79.28
C VAL N 37 -28.40 -21.63 79.23
N GLU N 38 -29.11 -20.86 80.07
CA GLU N 38 -30.58 -20.90 80.20
C GLU N 38 -31.12 -22.32 80.10
N GLY N 39 -30.50 -23.23 80.86
CA GLY N 39 -30.95 -24.60 80.93
C GLY N 39 -30.37 -25.51 79.87
N THR N 40 -29.95 -24.98 78.73
CA THR N 40 -29.42 -25.79 77.66
C THR N 40 -27.95 -26.12 77.92
N GLU N 41 -27.58 -27.37 77.63
CA GLU N 41 -26.22 -27.85 77.86
C GLU N 41 -25.45 -27.88 76.55
N PHE N 42 -24.17 -27.54 76.61
CA PHE N 42 -23.29 -27.52 75.45
C PHE N 42 -21.92 -28.04 75.85
N PRO N 43 -21.70 -29.35 75.77
CA PRO N 43 -20.36 -29.89 76.06
C PRO N 43 -19.36 -29.48 75.00
N CYS N 44 -18.16 -29.11 75.45
CA CYS N 44 -17.12 -28.65 74.54
C CYS N 44 -15.76 -28.90 75.20
N HIS N 45 -14.71 -28.42 74.52
CA HIS N 45 -13.35 -28.58 74.99
C HIS N 45 -12.81 -27.25 75.50
N LYS N 46 -12.10 -27.30 76.63
CA LYS N 46 -11.50 -26.09 77.18
C LYS N 46 -10.39 -25.56 76.28
N MET N 47 -9.74 -26.45 75.51
CA MET N 47 -8.67 -26.01 74.62
C MET N 47 -9.21 -25.22 73.44
N VAL N 48 -10.31 -25.67 72.85
CA VAL N 48 -10.82 -25.03 71.64
C VAL N 48 -11.39 -23.65 71.95
N LEU N 49 -12.13 -23.53 73.06
CA LEU N 49 -12.74 -22.26 73.41
C LEU N 49 -11.69 -21.20 73.74
N ALA N 50 -10.55 -21.62 74.29
CA ALA N 50 -9.50 -20.66 74.64
C ALA N 50 -8.82 -20.11 73.38
N THR N 51 -8.64 -20.96 72.37
CA THR N 51 -7.97 -20.50 71.15
C THR N 51 -8.86 -19.56 70.34
N CYS N 52 -10.17 -19.67 70.50
CA CYS N 52 -11.09 -18.82 69.74
C CYS N 52 -11.52 -17.59 70.53
N SER N 53 -11.86 -17.75 71.81
CA SER N 53 -12.32 -16.65 72.64
C SER N 53 -11.31 -16.39 73.74
N SER N 54 -10.92 -15.12 73.90
CA SER N 54 -9.97 -14.77 74.96
C SER N 54 -10.63 -14.81 76.33
N TYR N 55 -11.95 -14.75 76.40
CA TYR N 55 -12.64 -14.85 77.67
C TYR N 55 -12.42 -16.22 78.31
N PHE N 56 -12.67 -17.28 77.56
CA PHE N 56 -12.41 -18.63 78.08
C PHE N 56 -10.93 -18.84 78.36
N ARG N 57 -10.06 -18.20 77.58
CA ARG N 57 -8.62 -18.29 77.84
C ARG N 57 -8.27 -17.70 79.20
N ALA N 58 -8.99 -16.64 79.60
CA ALA N 58 -8.73 -16.02 80.89
C ALA N 58 -9.36 -16.80 82.03
N MET N 59 -10.52 -17.43 81.79
CA MET N 59 -11.20 -18.14 82.86
C MET N 59 -10.58 -19.51 83.11
N PHE N 60 -9.89 -20.08 82.12
CA PHE N 60 -9.28 -21.39 82.28
C PHE N 60 -7.85 -21.31 82.79
N MET N 61 -7.09 -20.31 82.35
CA MET N 61 -5.71 -20.14 82.79
C MET N 61 -5.60 -19.47 84.16
N SER N 62 -6.73 -19.14 84.79
CA SER N 62 -6.66 -18.54 86.13
C SER N 62 -6.33 -19.56 87.21
N GLY N 63 -6.44 -20.84 86.91
CA GLY N 63 -6.12 -21.87 87.88
C GLY N 63 -7.10 -22.00 89.02
N LEU N 64 -8.28 -21.38 88.92
CA LEU N 64 -9.29 -21.44 89.97
C LEU N 64 -10.24 -22.60 89.73
N SER N 65 -11.35 -22.63 90.47
CA SER N 65 -12.30 -23.73 90.35
C SER N 65 -12.98 -23.76 88.99
N GLU N 66 -12.96 -22.63 88.27
CA GLU N 66 -13.55 -22.61 86.93
C GLU N 66 -12.78 -23.51 85.98
N SER N 67 -11.48 -23.71 86.22
CA SER N 67 -10.70 -24.63 85.42
C SER N 67 -10.79 -26.07 85.92
N LYS N 68 -11.29 -26.27 87.14
CA LYS N 68 -11.44 -27.61 87.71
C LYS N 68 -12.87 -28.13 87.65
N GLN N 69 -13.86 -27.25 87.75
CA GLN N 69 -15.26 -27.67 87.70
C GLN N 69 -15.68 -27.87 86.24
N THR N 70 -16.36 -28.98 85.97
CA THR N 70 -16.79 -29.30 84.62
C THR N 70 -18.04 -28.55 84.20
N HIS N 71 -18.82 -28.04 85.15
CA HIS N 71 -20.06 -27.34 84.85
C HIS N 71 -19.84 -25.85 85.12
N VAL N 72 -20.00 -25.04 84.07
CA VAL N 72 -19.85 -23.59 84.16
C VAL N 72 -21.14 -22.95 83.67
N HIS N 73 -21.72 -22.09 84.50
CA HIS N 73 -22.97 -21.41 84.18
C HIS N 73 -22.66 -20.04 83.58
N LEU N 74 -22.96 -19.88 82.30
CA LEU N 74 -22.76 -18.62 81.60
C LEU N 74 -24.11 -17.90 81.48
N ARG N 75 -24.20 -16.71 82.04
CA ARG N 75 -25.43 -15.94 82.04
C ARG N 75 -25.37 -14.83 80.99
N ASN N 76 -26.56 -14.33 80.63
CA ASN N 76 -26.70 -13.25 79.65
C ASN N 76 -26.09 -13.62 78.29
N VAL N 77 -26.12 -14.91 77.96
CA VAL N 77 -25.61 -15.41 76.68
C VAL N 77 -26.69 -16.22 76.01
N ASP N 78 -27.00 -15.89 74.76
CA ASP N 78 -28.02 -16.61 74.01
C ASP N 78 -27.49 -17.96 73.58
N ALA N 79 -28.37 -18.98 73.65
CA ALA N 79 -27.96 -20.32 73.26
C ALA N 79 -27.72 -20.43 71.76
N ALA N 80 -28.49 -19.69 70.97
CA ALA N 80 -28.33 -19.73 69.52
C ALA N 80 -27.00 -19.09 69.10
N THR N 81 -26.67 -17.94 69.69
CA THR N 81 -25.42 -17.27 69.34
C THR N 81 -24.21 -18.05 69.85
N LEU N 82 -24.36 -18.69 71.02
CA LEU N 82 -23.24 -19.48 71.55
C LEU N 82 -22.94 -20.67 70.65
N GLN N 83 -23.97 -21.30 70.09
CA GLN N 83 -23.75 -22.41 69.18
C GLN N 83 -23.01 -21.96 67.92
N ILE N 84 -23.33 -20.75 67.43
CA ILE N 84 -22.63 -20.23 66.27
C ILE N 84 -21.17 -19.95 66.60
N ILE N 85 -20.90 -19.44 67.81
CA ILE N 85 -19.52 -19.19 68.22
C ILE N 85 -18.75 -20.50 68.31
N ILE N 86 -19.36 -21.53 68.89
CA ILE N 86 -18.69 -22.82 68.98
C ILE N 86 -18.52 -23.43 67.59
N THR N 87 -19.53 -23.30 66.74
CA THR N 87 -19.43 -23.81 65.35
C THR N 87 -18.23 -23.16 64.67
N TYR N 88 -18.08 -21.84 64.83
CA TYR N 88 -16.96 -21.10 64.21
C TYR N 88 -15.62 -21.62 64.74
N ALA N 89 -15.57 -21.96 66.03
CA ALA N 89 -14.29 -22.43 66.65
C ALA N 89 -13.88 -23.79 66.09
N TYR N 90 -14.80 -24.52 65.45
CA TYR N 90 -14.48 -25.90 64.98
C TYR N 90 -14.47 -25.96 63.45
N THR N 91 -14.99 -24.93 62.78
CA THR N 91 -15.00 -24.90 61.30
C THR N 91 -14.29 -23.64 60.79
N GLY N 92 -14.79 -22.46 61.16
CA GLY N 92 -14.18 -21.20 60.70
C GLY N 92 -15.10 -20.43 59.78
N ASN N 93 -16.26 -21.00 59.46
CA ASN N 93 -17.24 -20.29 58.59
C ASN N 93 -18.31 -19.61 59.46
N LEU N 94 -18.36 -18.28 59.41
CA LEU N 94 -19.38 -17.54 60.15
C LEU N 94 -20.56 -17.31 59.23
N ALA N 95 -21.71 -17.90 59.56
CA ALA N 95 -22.93 -17.76 58.78
C ALA N 95 -23.76 -16.64 59.42
N MET N 96 -23.50 -15.41 58.99
CA MET N 96 -24.17 -14.25 59.53
C MET N 96 -25.38 -13.89 58.68
N ASN N 97 -26.38 -13.28 59.31
CA ASN N 97 -27.57 -12.81 58.63
C ASN N 97 -28.02 -11.50 59.26
N ASP N 98 -28.84 -10.75 58.50
CA ASP N 98 -29.30 -9.46 58.98
C ASP N 98 -30.28 -9.57 60.14
N SER N 99 -30.72 -10.79 60.48
CA SER N 99 -31.68 -10.94 61.57
C SER N 99 -30.99 -11.18 62.92
N THR N 100 -29.84 -11.86 62.92
CA THR N 100 -29.16 -12.20 64.17
C THR N 100 -27.72 -11.69 64.19
N VAL N 101 -27.42 -10.60 63.49
CA VAL N 101 -26.07 -10.07 63.50
C VAL N 101 -25.86 -9.18 64.71
N GLU N 102 -26.90 -8.45 65.13
CA GLU N 102 -26.76 -7.57 66.28
C GLU N 102 -26.69 -8.37 67.58
N GLN N 103 -27.33 -9.53 67.61
CA GLN N 103 -27.27 -10.37 68.81
C GLN N 103 -25.96 -11.16 68.85
N LEU N 104 -25.45 -11.55 67.67
CA LEU N 104 -24.17 -12.26 67.63
C LEU N 104 -23.03 -11.34 68.04
N TYR N 105 -23.10 -10.06 67.66
CA TYR N 105 -22.06 -9.12 68.04
C TYR N 105 -22.05 -8.88 69.55
N GLU N 106 -23.22 -8.89 70.18
CA GLU N 106 -23.30 -8.74 71.63
C GLU N 106 -22.70 -9.95 72.33
N THR N 107 -22.94 -11.15 71.78
CA THR N 107 -22.35 -12.35 72.37
C THR N 107 -20.86 -12.42 72.09
N ALA N 108 -20.43 -11.96 70.91
CA ALA N 108 -19.02 -12.01 70.55
C ALA N 108 -18.19 -11.05 71.41
N CYS N 109 -18.68 -9.83 71.61
CA CYS N 109 -17.95 -8.88 72.43
C CYS N 109 -17.93 -9.29 73.90
N PHE N 110 -18.99 -9.96 74.37
CA PHE N 110 -18.98 -10.47 75.73
C PHE N 110 -17.97 -11.59 75.91
N LEU N 111 -17.72 -12.36 74.84
CA LEU N 111 -16.71 -13.41 74.87
C LEU N 111 -15.37 -12.94 74.29
N GLN N 112 -15.33 -11.76 73.67
CA GLN N 112 -14.10 -11.17 73.14
C GLN N 112 -13.40 -12.11 72.17
N VAL N 113 -14.08 -12.37 71.05
CA VAL N 113 -13.53 -13.18 69.96
C VAL N 113 -13.04 -12.21 68.90
N GLU N 114 -11.71 -12.12 68.75
CA GLU N 114 -11.13 -11.18 67.80
C GLU N 114 -11.57 -11.47 66.37
N ASP N 115 -11.75 -12.75 66.04
CA ASP N 115 -12.10 -13.11 64.67
C ASP N 115 -13.56 -12.80 64.37
N VAL N 116 -14.46 -13.16 65.29
CA VAL N 116 -15.89 -12.93 65.04
C VAL N 116 -16.22 -11.45 65.14
N LEU N 117 -15.61 -10.74 66.10
CA LEU N 117 -15.88 -9.31 66.25
C LEU N 117 -15.45 -8.54 65.02
N GLN N 118 -14.33 -8.93 64.41
CA GLN N 118 -13.85 -8.21 63.22
C GLN N 118 -14.75 -8.48 62.02
N ARG N 119 -15.22 -9.72 61.87
CA ARG N 119 -16.10 -10.05 60.74
C ARG N 119 -17.48 -9.44 60.93
N CYS N 120 -18.00 -9.47 62.15
CA CYS N 120 -19.31 -8.87 62.41
C CYS N 120 -19.26 -7.35 62.31
N ARG N 121 -18.09 -6.75 62.58
CA ARG N 121 -17.98 -5.30 62.47
C ARG N 121 -18.05 -4.85 61.01
N GLU N 122 -17.24 -5.47 60.15
CA GLU N 122 -17.24 -5.09 58.74
C GLU N 122 -18.54 -5.46 58.06
N TYR N 123 -19.23 -6.51 58.54
CA TYR N 123 -20.50 -6.88 57.96
C TYR N 123 -21.57 -5.83 58.24
N LEU N 124 -21.59 -5.29 59.47
CA LEU N 124 -22.54 -4.25 59.79
C LEU N 124 -22.26 -2.96 59.02
N ILE N 125 -20.99 -2.68 58.75
CA ILE N 125 -20.63 -1.46 58.04
C ILE N 125 -21.14 -1.51 56.61
N LYS N 126 -20.99 -2.67 55.96
CA LYS N 126 -21.46 -2.82 54.55
C LYS N 126 -22.98 -3.08 54.54
N LYS N 127 -23.66 -2.92 55.69
CA LYS N 127 -25.10 -3.22 55.76
C LYS N 127 -25.91 -1.96 56.09
N ILE N 128 -25.23 -0.86 56.43
CA ILE N 128 -25.96 0.40 56.82
C ILE N 128 -26.77 0.90 55.62
N ASN N 129 -28.10 0.93 55.75
CA ASN N 129 -28.97 1.47 54.68
C ASN N 129 -29.69 2.72 55.18
N ALA N 130 -30.91 2.97 54.71
CA ALA N 130 -31.67 4.17 55.11
C ALA N 130 -32.77 3.79 56.11
N GLU N 131 -32.56 2.73 56.89
CA GLU N 131 -33.59 2.26 57.84
C GLU N 131 -32.93 1.83 59.16
N ASN N 132 -31.77 1.16 59.09
CA ASN N 132 -31.10 0.65 60.31
C ASN N 132 -30.05 1.66 60.79
N CYS N 133 -29.77 2.70 59.99
CA CYS N 133 -28.72 3.69 60.34
C CYS N 133 -28.85 4.15 61.80
N VAL N 134 -30.04 4.63 62.18
CA VAL N 134 -30.24 5.17 63.56
C VAL N 134 -30.10 4.06 64.60
N ARG N 135 -30.69 2.89 64.33
CA ARG N 135 -30.62 1.78 65.27
C ARG N 135 -29.19 1.29 65.44
N LEU N 136 -28.44 1.19 64.35
CA LEU N 136 -27.04 0.77 64.44
C LEU N 136 -26.17 1.83 65.12
N LEU N 137 -26.57 3.10 65.03
CA LEU N 137 -25.81 4.15 65.69
C LEU N 137 -25.89 4.02 67.21
N SER N 138 -27.10 3.79 67.73
CA SER N 138 -27.24 3.56 69.16
C SER N 138 -26.62 2.23 69.57
N PHE N 139 -26.62 1.25 68.66
CA PHE N 139 -25.99 -0.03 68.95
C PHE N 139 -24.48 0.13 69.07
N ALA N 140 -23.88 0.97 68.24
CA ALA N 140 -22.44 1.16 68.28
C ALA N 140 -22.01 1.92 69.53
N ASP N 141 -22.81 2.93 69.92
CA ASP N 141 -22.46 3.70 71.11
C ASP N 141 -22.58 2.86 72.38
N LEU N 142 -23.54 1.94 72.40
CA LEU N 142 -23.74 1.11 73.59
C LEU N 142 -22.58 0.14 73.79
N PHE N 143 -21.98 -0.35 72.70
CA PHE N 143 -20.88 -1.29 72.78
C PHE N 143 -19.53 -0.66 72.45
N SER N 144 -19.49 0.65 72.23
CA SER N 144 -18.25 1.39 72.00
C SER N 144 -17.45 0.81 70.83
N CYS N 145 -18.07 0.87 69.65
CA CYS N 145 -17.43 0.47 68.40
C CYS N 145 -17.17 1.74 67.59
N GLU N 146 -15.93 2.24 67.66
CA GLU N 146 -15.62 3.52 67.03
C GLU N 146 -15.71 3.44 65.51
N GLU N 147 -15.52 2.24 64.95
CA GLU N 147 -15.58 2.11 63.49
C GLU N 147 -17.02 2.12 63.00
N LEU N 148 -17.92 1.41 63.69
CA LEU N 148 -19.32 1.39 63.28
C LEU N 148 -20.00 2.71 63.63
N LYS N 149 -19.58 3.35 64.72
CA LYS N 149 -20.21 4.60 65.13
C LYS N 149 -19.95 5.70 64.11
N GLN N 150 -18.72 5.79 63.61
CA GLN N 150 -18.40 6.81 62.61
C GLN N 150 -19.12 6.54 61.30
N SER N 151 -19.18 5.28 60.89
CA SER N 151 -19.86 4.93 59.63
C SER N 151 -21.37 5.17 59.74
N ALA N 152 -21.95 4.84 60.88
CA ALA N 152 -23.39 5.04 61.05
C ALA N 152 -23.73 6.52 61.19
N LYS N 153 -22.85 7.29 61.83
CA LYS N 153 -23.11 8.72 61.99
C LYS N 153 -23.12 9.45 60.66
N ARG N 154 -22.20 9.09 59.76
CA ARG N 154 -22.15 9.73 58.45
C ARG N 154 -23.39 9.42 57.64
N MET N 155 -23.96 8.23 57.82
CA MET N 155 -25.19 7.88 57.12
C MET N 155 -26.37 8.69 57.64
N VAL N 156 -26.41 8.94 58.96
CA VAL N 156 -27.48 9.76 59.52
C VAL N 156 -27.38 11.19 59.01
N GLU N 157 -26.16 11.72 58.92
CA GLU N 157 -25.96 13.06 58.40
C GLU N 157 -26.34 13.19 56.94
N HIS N 158 -26.31 12.08 56.18
CA HIS N 158 -26.59 12.15 54.75
C HIS N 158 -28.09 12.18 54.48
N LYS N 159 -28.88 11.48 55.30
CA LYS N 159 -30.32 11.38 55.13
C LYS N 159 -31.05 11.74 56.41
N PHE N 160 -30.64 12.85 57.04
CA PHE N 160 -31.25 13.26 58.30
C PHE N 160 -32.70 13.68 58.10
N THR N 161 -33.01 14.27 56.94
CA THR N 161 -34.37 14.73 56.69
C THR N 161 -35.33 13.58 56.42
N ALA N 162 -34.84 12.36 56.27
CA ALA N 162 -35.68 11.20 55.97
C ALA N 162 -35.73 10.17 57.10
N VAL N 163 -34.78 10.23 58.05
CA VAL N 163 -34.73 9.24 59.11
C VAL N 163 -35.13 9.80 60.48
N TYR N 164 -35.36 11.11 60.58
CA TYR N 164 -35.72 11.68 61.88
C TYR N 164 -37.17 11.42 62.25
N HIS N 165 -37.95 10.77 61.38
CA HIS N 165 -39.31 10.37 61.71
C HIS N 165 -39.39 8.97 62.31
N GLN N 166 -38.33 8.19 62.22
CA GLN N 166 -38.33 6.82 62.74
C GLN N 166 -38.40 6.83 64.26
N ASP N 167 -38.97 5.75 64.81
CA ASP N 167 -39.09 5.64 66.26
C ASP N 167 -37.72 5.50 66.94
N ALA N 168 -36.72 5.00 66.20
CA ALA N 168 -35.39 4.85 66.78
C ALA N 168 -34.72 6.19 67.04
N PHE N 169 -35.19 7.25 66.40
CA PHE N 169 -34.57 8.55 66.57
C PHE N 169 -35.00 9.22 67.87
N MET N 170 -36.25 9.03 68.28
CA MET N 170 -36.71 9.66 69.51
C MET N 170 -36.24 8.93 70.76
N GLN N 171 -35.76 7.69 70.60
CA GLN N 171 -35.27 6.90 71.72
C GLN N 171 -33.75 6.98 71.86
N LEU N 172 -33.11 7.92 71.17
CA LEU N 172 -31.67 8.08 71.26
C LEU N 172 -31.29 8.73 72.59
N SER N 173 -30.06 8.47 73.03
CA SER N 173 -29.56 9.04 74.27
C SER N 173 -29.23 10.52 74.10
N HIS N 174 -28.88 11.16 75.21
CA HIS N 174 -28.59 12.59 75.16
C HIS N 174 -27.29 12.87 74.42
N ASP N 175 -26.27 12.05 74.66
CA ASP N 175 -24.99 12.25 73.97
C ASP N 175 -25.11 11.94 72.49
N LEU N 176 -26.03 11.05 72.11
CA LEU N 176 -26.22 10.73 70.71
C LEU N 176 -26.94 11.86 69.98
N LEU N 177 -27.53 12.80 70.73
CA LEU N 177 -28.22 13.92 70.10
C LEU N 177 -27.32 15.13 69.97
N ILE N 178 -26.47 15.37 70.97
CA ILE N 178 -25.66 16.59 70.98
C ILE N 178 -24.60 16.56 69.88
N ASP N 179 -24.19 15.38 69.44
CA ASP N 179 -23.17 15.30 68.40
C ASP N 179 -23.78 15.30 67.00
N ILE N 180 -25.04 14.90 66.87
CA ILE N 180 -25.69 14.92 65.57
C ILE N 180 -26.12 16.34 65.20
N LEU N 181 -26.72 17.06 66.15
CA LEU N 181 -27.17 18.41 65.88
C LEU N 181 -26.02 19.38 65.72
N SER N 182 -24.95 19.20 66.49
CA SER N 182 -23.80 20.10 66.39
C SER N 182 -22.96 19.84 65.15
N SER N 183 -23.06 18.66 64.55
CA SER N 183 -22.30 18.34 63.35
C SER N 183 -22.84 19.13 62.17
N ASP N 184 -21.93 19.76 61.44
CA ASP N 184 -22.28 20.58 60.28
C ASP N 184 -22.54 19.75 59.03
N ASN N 185 -22.69 18.43 59.16
CA ASN N 185 -22.91 17.55 58.01
C ASN N 185 -24.37 17.19 57.82
N LEU N 186 -25.29 17.85 58.53
CA LEU N 186 -26.70 17.57 58.39
C LEU N 186 -27.19 17.97 57.00
N ASN N 187 -27.72 17.01 56.25
CA ASN N 187 -28.24 17.26 54.91
C ASN N 187 -29.68 17.76 55.03
N VAL N 188 -29.81 19.06 55.23
CA VAL N 188 -31.11 19.71 55.39
C VAL N 188 -31.13 20.97 54.55
N GLU N 189 -32.23 21.20 53.84
CA GLU N 189 -32.36 22.38 53.01
C GLU N 189 -32.73 23.63 53.80
N LYS N 190 -33.35 23.46 54.98
CA LYS N 190 -33.74 24.58 55.81
C LYS N 190 -33.43 24.26 57.26
N GLU N 191 -33.16 25.32 58.04
CA GLU N 191 -32.86 25.12 59.46
C GLU N 191 -34.09 24.76 60.28
N GLU N 192 -35.29 24.99 59.74
CA GLU N 192 -36.50 24.64 60.47
C GLU N 192 -36.64 23.13 60.62
N THR N 193 -36.13 22.37 59.65
CA THR N 193 -36.21 20.91 59.74
C THR N 193 -35.42 20.40 60.94
N VAL N 194 -34.24 20.97 61.18
CA VAL N 194 -33.46 20.58 62.36
C VAL N 194 -34.13 21.03 63.64
N ARG N 195 -34.78 22.21 63.62
CA ARG N 195 -35.48 22.69 64.80
C ARG N 195 -36.64 21.79 65.15
N GLU N 196 -37.49 21.48 64.17
CA GLU N 196 -38.63 20.61 64.42
C GLU N 196 -38.19 19.20 64.80
N ALA N 197 -37.05 18.74 64.27
CA ALA N 197 -36.52 17.44 64.66
C ALA N 197 -36.11 17.44 66.13
N ALA N 198 -35.61 18.57 66.62
CA ALA N 198 -35.28 18.67 68.03
C ALA N 198 -36.52 18.84 68.89
N MET N 199 -37.57 19.45 68.34
CA MET N 199 -38.81 19.63 69.09
C MET N 199 -39.51 18.31 69.32
N LEU N 200 -39.58 17.46 68.30
CA LEU N 200 -40.25 16.18 68.45
C LEU N 200 -39.47 15.25 69.37
N TRP N 201 -38.17 15.49 69.53
CA TRP N 201 -37.36 14.62 70.39
C TRP N 201 -37.62 14.94 71.87
N LEU N 202 -37.77 16.21 72.21
CA LEU N 202 -37.95 16.58 73.61
C LEU N 202 -39.36 16.28 74.10
N GLU N 203 -40.35 16.29 73.20
CA GLU N 203 -41.72 15.98 73.61
C GLU N 203 -42.02 14.50 73.63
N TYR N 204 -41.09 13.66 73.16
CA TYR N 204 -41.31 12.21 73.19
C TYR N 204 -41.37 11.70 74.62
N ASN N 205 -40.45 12.15 75.47
CA ASN N 205 -40.42 11.80 76.89
C ASN N 205 -40.07 13.07 77.65
N THR N 206 -41.12 13.79 78.08
CA THR N 206 -40.92 15.10 78.70
C THR N 206 -40.44 14.98 80.14
N GLU N 207 -40.90 13.96 80.87
CA GLU N 207 -40.55 13.87 82.29
C GLU N 207 -39.07 13.57 82.50
N SER N 208 -38.40 12.96 81.51
CA SER N 208 -36.99 12.63 81.62
C SER N 208 -36.10 13.58 80.83
N ARG N 209 -36.66 14.40 79.94
CA ARG N 209 -35.88 15.31 79.11
C ARG N 209 -36.20 16.77 79.38
N SER N 210 -36.97 17.06 80.43
CA SER N 210 -37.28 18.45 80.76
C SER N 210 -36.04 19.21 81.22
N GLN N 211 -35.06 18.50 81.78
CA GLN N 211 -33.84 19.15 82.23
C GLN N 211 -32.85 19.40 81.11
N TYR N 212 -33.04 18.78 79.95
CA TYR N 212 -32.15 18.92 78.81
C TYR N 212 -32.65 19.96 77.81
N LEU N 213 -33.61 20.79 78.18
CA LEU N 213 -34.16 21.75 77.24
C LEU N 213 -33.14 22.82 76.87
N SER N 214 -32.21 23.12 77.77
CA SER N 214 -31.19 24.11 77.48
C SER N 214 -30.13 23.56 76.53
N SER N 215 -29.76 22.29 76.69
CA SER N 215 -28.77 21.68 75.82
C SER N 215 -29.30 21.50 74.40
N VAL N 216 -30.62 21.36 74.26
CA VAL N 216 -31.20 21.18 72.93
C VAL N 216 -31.15 22.48 72.14
N LEU N 217 -31.60 23.58 72.74
CA LEU N 217 -31.60 24.86 72.04
C LEU N 217 -30.19 25.40 71.81
N SER N 218 -29.21 24.97 72.60
CA SER N 218 -27.84 25.43 72.44
C SER N 218 -27.14 24.81 71.24
N GLN N 219 -27.72 23.78 70.63
CA GLN N 219 -27.09 23.11 69.49
C GLN N 219 -27.73 23.49 68.17
N ILE N 220 -28.97 23.94 68.16
CA ILE N 220 -29.65 24.33 66.93
C ILE N 220 -29.27 25.77 66.63
N ARG N 221 -28.83 26.04 65.40
CA ARG N 221 -28.44 27.38 65.01
C ARG N 221 -29.69 28.22 64.72
N ILE N 222 -29.92 29.24 65.53
CA ILE N 222 -31.06 30.13 65.38
C ILE N 222 -30.65 31.47 64.77
N ASP N 223 -29.54 32.04 65.24
CA ASP N 223 -29.02 33.29 64.69
C ASP N 223 -28.06 33.07 63.53
N ALA N 224 -28.11 31.90 62.89
CA ALA N 224 -27.22 31.62 61.77
C ALA N 224 -27.58 32.47 60.56
N LEU N 225 -28.83 32.36 60.09
CA LEU N 225 -29.30 33.07 58.91
C LEU N 225 -28.41 32.77 57.70
N SER N 226 -28.40 31.50 57.30
CA SER N 226 -27.46 31.04 56.28
C SER N 226 -27.73 31.70 54.93
N GLU N 227 -28.89 31.40 54.34
CA GLU N 227 -29.19 31.86 52.99
C GLU N 227 -30.43 32.74 52.96
N VAL N 228 -30.94 33.13 54.12
CA VAL N 228 -32.09 34.01 54.20
C VAL N 228 -31.61 35.45 54.14
N THR N 229 -30.30 35.65 54.23
CA THR N 229 -29.73 36.98 54.14
C THR N 229 -29.53 37.41 52.69
N GLN N 230 -29.18 36.46 51.81
CA GLN N 230 -28.99 36.81 50.41
C GLN N 230 -30.31 37.18 49.74
N ARG N 231 -31.39 36.46 50.09
CA ARG N 231 -32.69 36.79 49.54
C ARG N 231 -33.21 38.11 50.11
N ALA N 232 -32.66 38.53 51.26
CA ALA N 232 -33.10 39.78 51.86
C ALA N 232 -32.60 40.98 51.06
N TRP N 233 -31.28 41.12 50.93
CA TRP N 233 -30.70 42.24 50.21
C TRP N 233 -31.11 42.23 48.75
N PHE N 234 -30.60 41.26 47.99
CA PHE N 234 -30.95 41.06 46.58
C PHE N 234 -30.17 39.87 46.02
N GLN N 235 -30.50 39.47 44.80
CA GLN N 235 -29.72 38.48 44.06
C GLN N 235 -28.71 39.12 43.13
N GLY N 236 -28.40 40.39 43.34
CA GLY N 236 -27.50 41.12 42.46
C GLY N 236 -26.07 40.63 42.52
N LEU N 237 -25.66 39.93 41.46
CA LEU N 237 -24.34 39.33 41.38
C LEU N 237 -24.09 38.96 39.92
N PRO N 238 -22.87 38.57 39.57
CA PRO N 238 -22.65 37.90 38.28
C PRO N 238 -23.55 36.69 38.15
N PRO N 239 -23.77 36.19 36.91
CA PRO N 239 -24.82 35.19 36.69
C PRO N 239 -24.76 34.00 37.65
N ASN N 240 -25.76 33.93 38.52
CA ASN N 240 -25.92 32.86 39.51
C ASN N 240 -24.64 32.66 40.33
N ASP N 241 -24.17 33.76 40.93
CA ASP N 241 -23.01 33.71 41.80
C ASP N 241 -23.37 33.51 43.26
N LYS N 242 -24.62 33.09 43.52
CA LYS N 242 -25.02 32.77 44.91
C LYS N 242 -24.22 31.54 45.31
N SER N 243 -23.63 30.87 44.31
CA SER N 243 -22.85 29.62 44.56
C SER N 243 -21.47 29.97 45.12
N VAL N 244 -20.89 31.09 44.67
CA VAL N 244 -19.54 31.52 45.17
C VAL N 244 -19.66 31.87 46.66
N VAL N 245 -20.82 32.41 47.07
CA VAL N 245 -21.05 32.74 48.51
C VAL N 245 -21.13 31.43 49.31
N VAL N 246 -21.74 30.39 48.73
CA VAL N 246 -21.82 29.07 49.41
C VAL N 246 -20.41 28.61 49.76
N GLN N 247 -19.49 28.66 48.79
CA GLN N 247 -18.08 28.27 49.03
C GLN N 247 -17.27 29.48 49.55
N GLY N 248 -17.84 30.22 50.50
CA GLY N 248 -17.16 31.39 51.08
C GLY N 248 -17.58 31.63 52.52
N LEU N 249 -18.89 31.64 52.78
CA LEU N 249 -19.41 31.80 54.16
C LEU N 249 -19.12 30.50 54.93
N TYR N 250 -19.28 29.35 54.26
CA TYR N 250 -19.06 28.03 54.91
C TYR N 250 -17.55 27.75 54.96
N LYS N 251 -16.75 28.59 54.32
CA LYS N 251 -15.27 28.39 54.30
C LYS N 251 -14.65 29.13 55.50
N ASP N 252 -15.35 30.12 56.05
CA ASP N 252 -14.81 30.90 57.20
C ASP N 252 -15.98 31.26 58.14
N MET N 253 -16.13 30.53 59.25
CA MET N 253 -17.20 30.80 60.20
C MET N 253 -16.89 30.13 61.53
N PRO N 254 -17.49 30.59 62.64
CA PRO N 254 -17.15 30.04 63.95
C PRO N 254 -17.71 28.65 64.23
N LYS N 255 -18.27 28.00 63.20
CA LYS N 255 -18.80 26.65 63.28
C LYS N 255 -20.04 26.54 64.15
N PHE N 256 -20.48 27.67 64.73
CA PHE N 256 -21.74 27.67 65.47
C PHE N 256 -22.88 28.23 64.61
N PHE N 257 -22.56 29.13 63.70
CA PHE N 257 -23.54 29.69 62.78
C PHE N 257 -23.29 29.24 61.34
N LYS N 258 -22.53 28.16 61.16
CA LYS N 258 -22.24 27.67 59.82
C LYS N 258 -23.50 27.13 59.16
N PRO N 259 -23.68 27.38 57.86
CA PRO N 259 -24.75 26.68 57.14
C PRO N 259 -24.45 25.20 57.06
N ARG N 260 -25.45 24.39 57.43
CA ARG N 260 -25.25 22.95 57.43
C ARG N 260 -24.96 22.45 56.02
N LEU N 261 -24.39 21.24 55.96
CA LEU N 261 -23.95 20.70 54.67
C LEU N 261 -25.10 20.59 53.67
N GLY N 262 -26.31 20.38 54.18
CA GLY N 262 -27.45 20.25 53.31
C GLY N 262 -27.71 21.57 52.62
N MET N 263 -27.55 22.66 53.36
CA MET N 263 -27.72 23.97 52.77
C MET N 263 -26.69 24.18 51.68
N THR N 264 -25.52 23.54 51.82
CA THR N 264 -24.46 23.70 50.85
C THR N 264 -24.59 22.69 49.72
N LYS N 265 -25.46 22.96 48.76
CA LYS N 265 -25.66 22.03 47.64
C LYS N 265 -25.72 22.75 46.30
N GLU N 266 -25.29 22.08 45.24
CA GLU N 266 -25.27 22.69 43.92
C GLU N 266 -25.53 21.63 42.85
N GLU N 267 -26.43 21.95 41.93
CA GLU N 267 -26.72 21.06 40.82
C GLU N 267 -25.58 21.11 39.81
N MET N 268 -24.93 19.97 39.58
CA MET N 268 -23.78 19.89 38.70
C MET N 268 -23.99 18.80 37.67
N MET N 269 -23.54 19.07 36.45
CA MET N 269 -23.59 18.08 35.38
C MET N 269 -22.47 17.06 35.60
N ILE N 270 -22.83 15.88 36.08
CA ILE N 270 -21.86 14.86 36.44
C ILE N 270 -21.45 14.13 35.18
N PHE N 271 -20.17 14.25 34.82
CA PHE N 271 -19.61 13.56 33.67
C PHE N 271 -18.67 12.47 34.17
N ILE N 272 -19.03 11.22 33.89
CA ILE N 272 -18.24 10.06 34.31
C ILE N 272 -17.59 9.45 33.06
N GLU N 273 -16.40 8.89 33.24
CA GLU N 273 -15.64 8.28 32.15
C GLU N 273 -15.27 9.32 31.09
N ALA N 274 -14.82 10.49 31.54
CA ALA N 274 -14.39 11.54 30.62
C ALA N 274 -12.88 11.48 30.42
N SER N 275 -12.39 12.12 29.35
CA SER N 275 -10.93 12.08 29.08
C SER N 275 -10.21 12.98 30.09
N SER N 276 -8.92 12.76 30.30
CA SER N 276 -8.16 13.54 31.32
C SER N 276 -7.21 14.51 30.61
N GLU N 277 -7.10 15.75 31.11
CA GLU N 277 -6.19 16.76 30.51
C GLU N 277 -4.76 16.25 30.61
N ASN N 278 -4.30 15.91 31.82
CA ASN N 278 -2.94 15.34 32.00
C ASN N 278 -2.99 13.85 31.68
N PRO N 279 -1.90 13.21 31.21
CA PRO N 279 -1.89 11.76 30.98
C PRO N 279 -2.27 10.99 32.26
N CYS N 280 -3.54 10.55 32.35
CA CYS N 280 -4.01 9.84 33.56
C CYS N 280 -5.11 8.84 33.17
N SER N 281 -6.13 8.70 34.00
CA SER N 281 -7.25 7.76 33.71
C SER N 281 -7.95 8.18 32.41
N LEU N 282 -7.84 7.36 31.36
CA LEU N 282 -8.52 7.67 30.07
C LEU N 282 -9.99 7.96 30.36
N TYR N 283 -10.56 7.29 31.38
CA TYR N 283 -11.96 7.52 31.75
C TYR N 283 -12.01 8.18 33.12
N SER N 284 -11.83 9.50 33.13
CA SER N 284 -11.90 10.26 34.36
C SER N 284 -13.33 10.73 34.62
N SER N 285 -13.55 11.29 35.81
CA SER N 285 -14.87 11.75 36.22
C SER N 285 -14.76 13.16 36.78
N VAL N 286 -15.43 14.10 36.12
CA VAL N 286 -15.48 15.49 36.57
C VAL N 286 -16.89 16.02 36.37
N CYS N 287 -17.23 17.05 37.13
CA CYS N 287 -18.54 17.68 37.07
C CYS N 287 -18.39 19.18 36.92
N TYR N 288 -19.38 19.80 36.27
CA TYR N 288 -19.33 21.26 36.04
C TYR N 288 -20.55 21.91 36.69
N SER N 289 -20.32 22.89 37.57
CA SER N 289 -21.45 23.65 38.18
C SER N 289 -21.78 24.83 37.28
N PRO N 290 -22.93 24.84 36.56
CA PRO N 290 -23.26 25.92 35.63
C PRO N 290 -23.45 27.23 36.41
N GLN N 291 -23.78 27.13 37.70
CA GLN N 291 -23.99 28.33 38.54
C GLN N 291 -22.64 28.90 38.97
N ALA N 292 -21.80 28.08 39.61
CA ALA N 292 -20.49 28.56 40.11
C ALA N 292 -19.51 28.71 38.94
N GLU N 293 -19.88 28.23 37.75
CA GLU N 293 -18.96 28.27 36.57
C GLU N 293 -17.62 27.67 36.98
N LYS N 294 -17.64 26.50 37.63
CA LYS N 294 -16.39 25.85 38.11
C LYS N 294 -16.46 24.35 37.85
N VAL N 295 -15.34 23.74 37.44
CA VAL N 295 -15.30 22.27 37.21
C VAL N 295 -14.66 21.62 38.44
N TYR N 296 -15.35 20.65 39.05
CA TYR N 296 -14.80 19.95 40.20
C TYR N 296 -14.34 18.56 39.78
N LYS N 297 -13.33 18.05 40.49
CA LYS N 297 -12.77 16.75 40.19
C LYS N 297 -13.38 15.69 41.11
N LEU N 298 -13.66 14.52 40.56
CA LEU N 298 -14.23 13.41 41.31
C LEU N 298 -13.27 12.24 41.31
N CYS N 299 -13.08 11.64 42.47
CA CYS N 299 -12.22 10.47 42.59
C CYS N 299 -12.89 9.26 41.97
N SER N 300 -12.08 8.26 41.61
CA SER N 300 -12.57 7.03 41.01
C SER N 300 -12.07 5.81 41.79
N PRO N 301 -12.68 5.51 42.93
CA PRO N 301 -12.39 4.26 43.65
C PRO N 301 -12.69 3.02 42.80
N PRO N 302 -13.59 3.11 41.77
CA PRO N 302 -13.70 1.98 40.83
C PRO N 302 -12.40 1.42 40.30
N ALA N 303 -11.30 2.18 40.40
CA ALA N 303 -9.97 1.70 40.07
C ALA N 303 -9.90 1.23 38.61
N ASP N 304 -10.10 2.19 37.71
CA ASP N 304 -10.01 2.02 36.26
C ASP N 304 -11.16 1.21 35.68
N LEU N 305 -12.38 1.39 36.19
CA LEU N 305 -13.53 0.80 35.55
C LEU N 305 -13.75 1.43 34.17
N HIS N 306 -14.29 0.65 33.25
CA HIS N 306 -14.49 1.12 31.89
C HIS N 306 -15.87 0.69 31.40
N LYS N 307 -16.48 1.55 30.60
CA LYS N 307 -17.77 1.27 29.98
C LYS N 307 -18.85 1.00 31.03
N VAL N 308 -18.99 1.93 31.97
CA VAL N 308 -19.92 1.76 33.07
C VAL N 308 -21.18 2.58 32.82
N GLY N 309 -22.23 2.28 33.59
CA GLY N 309 -23.47 3.03 33.51
C GLY N 309 -23.64 3.99 34.67
N THR N 310 -24.60 4.89 34.52
CA THR N 310 -24.87 5.92 35.52
C THR N 310 -26.35 5.92 35.84
N VAL N 311 -26.70 6.47 37.00
CA VAL N 311 -28.08 6.59 37.44
C VAL N 311 -28.16 7.60 38.57
N VAL N 312 -29.21 8.41 38.56
CA VAL N 312 -29.50 9.36 39.63
C VAL N 312 -30.95 9.20 40.03
N THR N 313 -31.19 8.83 41.28
CA THR N 313 -32.54 8.67 41.79
C THR N 313 -33.16 10.03 42.08
N PRO N 314 -34.49 10.10 42.12
CA PRO N 314 -35.13 11.35 42.57
C PRO N 314 -34.74 11.75 43.98
N ASP N 315 -34.25 10.80 44.79
CA ASP N 315 -33.73 11.10 46.11
C ASP N 315 -32.28 11.56 46.08
N ASN N 316 -31.77 11.95 44.91
CA ASN N 316 -30.42 12.48 44.73
C ASN N 316 -29.34 11.46 45.11
N ASP N 317 -29.57 10.19 44.84
CA ASP N 317 -28.58 9.15 45.10
C ASP N 317 -27.90 8.76 43.79
N ILE N 318 -26.60 8.56 43.84
CA ILE N 318 -25.80 8.25 42.66
C ILE N 318 -25.27 6.83 42.78
N TYR N 319 -25.35 6.06 41.70
CA TYR N 319 -24.84 4.70 41.66
C TYR N 319 -24.23 4.41 40.30
N ILE N 320 -23.34 3.43 40.26
CA ILE N 320 -22.77 2.92 39.03
C ILE N 320 -22.81 1.40 39.08
N ALA N 321 -23.00 0.78 37.92
CA ALA N 321 -23.11 -0.68 37.84
C ALA N 321 -22.47 -1.16 36.55
N GLY N 322 -22.13 -2.45 36.53
CA GLY N 322 -21.56 -3.05 35.35
C GLY N 322 -20.15 -2.53 35.06
N GLY N 323 -19.83 -2.46 33.77
CA GLY N 323 -18.54 -1.99 33.33
C GLY N 323 -17.56 -3.11 33.06
N GLN N 324 -16.32 -2.72 32.78
CA GLN N 324 -15.26 -3.67 32.53
C GLN N 324 -13.96 -3.15 33.12
N VAL N 325 -13.15 -4.06 33.62
CA VAL N 325 -11.84 -3.73 34.20
C VAL N 325 -10.76 -4.34 33.33
N PRO N 326 -9.57 -3.74 33.25
CA PRO N 326 -8.50 -4.30 32.42
C PRO N 326 -8.06 -5.67 32.92
N LEU N 327 -8.15 -6.68 32.05
CA LEU N 327 -7.78 -8.04 32.39
C LEU N 327 -6.30 -8.12 32.72
N LYS N 328 -5.97 -8.44 33.97
CA LYS N 328 -4.57 -8.54 34.40
C LYS N 328 -3.94 -9.83 33.90
N PHE N 344 -9.26 -6.82 28.98
CA PHE N 344 -10.43 -6.31 29.69
C PHE N 344 -11.45 -7.41 29.93
N ARG N 345 -11.96 -7.48 31.16
CA ARG N 345 -12.96 -8.47 31.54
C ARG N 345 -14.17 -7.75 32.11
N THR N 346 -15.36 -8.31 31.86
CA THR N 346 -16.59 -7.72 32.39
C THR N 346 -16.86 -8.23 33.80
N VAL N 347 -17.29 -7.31 34.66
CA VAL N 347 -17.57 -7.63 36.06
C VAL N 347 -18.98 -7.16 36.40
N ASN N 348 -19.42 -7.52 37.61
CA ASN N 348 -20.72 -7.13 38.12
C ASN N 348 -20.62 -6.19 39.31
N CYS N 349 -19.65 -5.28 39.31
CA CYS N 349 -19.44 -4.40 40.46
C CYS N 349 -20.56 -3.37 40.56
N PHE N 350 -20.70 -2.82 41.75
CA PHE N 350 -21.74 -1.83 42.03
C PHE N 350 -21.26 -0.95 43.19
N TYR N 351 -21.16 0.35 42.94
CA TYR N 351 -20.62 1.28 43.93
C TYR N 351 -21.58 2.44 44.14
N TRP N 352 -21.66 2.91 45.37
CA TRP N 352 -22.44 4.09 45.73
C TRP N 352 -21.51 5.23 46.08
N PHE N 353 -21.79 6.40 45.53
CA PHE N 353 -20.96 7.58 45.73
C PHE N 353 -21.31 8.23 47.06
N ASP N 354 -20.30 8.69 47.78
CA ASP N 354 -20.49 9.41 49.03
C ASP N 354 -20.35 10.90 48.76
N ALA N 355 -21.44 11.65 48.95
CA ALA N 355 -21.43 13.07 48.65
C ALA N 355 -20.54 13.86 49.60
N GLN N 356 -20.19 13.30 50.77
CA GLN N 356 -19.38 14.04 51.72
C GLN N 356 -17.94 13.57 51.73
N GLN N 357 -17.73 12.26 51.74
CA GLN N 357 -16.38 11.71 51.79
C GLN N 357 -15.74 11.56 50.42
N ASN N 358 -16.50 11.80 49.36
CA ASN N 358 -15.95 11.76 48.03
C ASN N 358 -15.29 10.44 47.80
N THR N 359 -16.03 9.37 47.98
CA THR N 359 -15.49 8.05 47.73
C THR N 359 -16.44 7.28 46.85
N TRP N 360 -16.33 5.97 46.88
CA TRP N 360 -17.22 5.14 46.12
C TRP N 360 -17.40 3.79 46.81
N PHE N 361 -18.13 3.79 47.93
CA PHE N 361 -18.33 2.55 48.66
C PHE N 361 -18.90 1.51 47.75
N PRO N 362 -18.71 0.26 48.11
CA PRO N 362 -19.21 -0.81 47.28
C PRO N 362 -20.49 -1.36 47.86
N LYS N 363 -21.35 -1.85 47.00
CA LYS N 363 -22.61 -2.39 47.46
C LYS N 363 -22.86 -3.76 46.82
N THR N 364 -23.78 -4.52 47.38
CA THR N 364 -24.09 -5.85 46.85
C THR N 364 -23.97 -5.93 45.33
N PRO N 365 -23.07 -6.77 44.83
CA PRO N 365 -22.85 -6.85 43.38
C PRO N 365 -24.08 -7.37 42.63
N MET N 366 -24.05 -7.31 41.29
CA MET N 366 -25.17 -7.81 40.51
C MET N 366 -25.04 -9.31 40.30
N LEU N 367 -26.12 -9.92 39.82
CA LEU N 367 -26.10 -11.36 39.56
C LEU N 367 -25.34 -11.69 38.28
N PHE N 368 -25.39 -10.80 37.29
CA PHE N 368 -24.72 -11.00 36.01
C PHE N 368 -23.84 -9.81 35.69
N VAL N 369 -22.69 -10.08 35.09
CA VAL N 369 -21.78 -9.02 34.68
C VAL N 369 -22.42 -8.22 33.56
N ARG N 370 -22.11 -6.92 33.51
CA ARG N 370 -22.76 -6.02 32.58
C ARG N 370 -21.79 -4.96 32.07
N ILE N 371 -22.12 -4.37 30.93
CA ILE N 371 -21.35 -3.27 30.34
C ILE N 371 -22.33 -2.17 29.96
N LYS N 372 -22.16 -1.00 30.55
CA LYS N 372 -23.04 0.14 30.34
C LYS N 372 -24.52 -0.23 30.43
N PRO N 373 -25.04 -0.76 31.57
CA PRO N 373 -26.48 -1.05 31.68
C PRO N 373 -27.32 0.23 31.78
N SER N 374 -28.53 0.21 31.21
CA SER N 374 -29.44 1.38 31.30
C SER N 374 -30.05 1.41 32.71
N LEU N 375 -29.35 2.03 33.66
CA LEU N 375 -29.82 2.03 35.07
C LEU N 375 -30.90 3.09 35.27
N VAL N 376 -32.07 2.69 35.81
CA VAL N 376 -33.16 3.63 36.06
C VAL N 376 -33.74 3.34 37.43
N CYS N 377 -34.25 4.39 38.06
CA CYS N 377 -34.88 4.30 39.37
C CYS N 377 -36.39 4.45 39.21
N CYS N 378 -37.13 3.47 39.71
CA CYS N 378 -38.59 3.48 39.60
C CYS N 378 -39.19 2.97 40.90
N GLU N 379 -39.95 3.83 41.57
CA GLU N 379 -40.63 3.48 42.82
C GLU N 379 -39.64 2.96 43.86
N GLY N 380 -38.46 3.57 43.90
CA GLY N 380 -37.45 3.19 44.86
C GLY N 380 -36.60 2.00 44.48
N TYR N 381 -36.86 1.37 43.35
CA TYR N 381 -36.08 0.23 42.89
C TYR N 381 -35.15 0.65 41.76
N ILE N 382 -33.97 0.06 41.73
CA ILE N 382 -32.99 0.30 40.68
C ILE N 382 -32.99 -0.89 39.74
N TYR N 383 -33.06 -0.63 38.45
CA TYR N 383 -33.16 -1.68 37.44
C TYR N 383 -31.95 -1.62 36.51
N ALA N 384 -31.34 -2.77 36.27
CA ALA N 384 -30.19 -2.89 35.37
C ALA N 384 -30.66 -3.54 34.07
N ILE N 385 -30.72 -2.74 33.00
CA ILE N 385 -31.26 -3.18 31.72
C ILE N 385 -30.10 -3.33 30.74
N GLY N 386 -30.19 -4.37 29.91
CA GLY N 386 -29.14 -4.60 28.92
C GLY N 386 -27.87 -5.07 29.60
N GLY N 387 -26.78 -4.34 29.37
CA GLY N 387 -25.54 -4.62 30.07
C GLY N 387 -24.83 -5.89 29.65
N ASP N 388 -24.27 -5.90 28.44
CA ASP N 388 -23.38 -6.98 28.01
C ASP N 388 -24.03 -8.35 28.09
N SER N 389 -25.01 -8.59 27.22
CA SER N 389 -25.71 -9.87 27.16
C SER N 389 -24.74 -11.04 27.31
N VAL N 390 -25.03 -11.91 28.27
CA VAL N 390 -24.23 -13.10 28.56
C VAL N 390 -25.09 -14.30 28.23
N GLY N 391 -24.51 -15.29 27.54
CA GLY N 391 -25.25 -16.48 27.18
C GLY N 391 -26.32 -16.26 26.14
N GLY N 392 -25.92 -15.94 24.91
CA GLY N 392 -26.86 -15.70 23.83
C GLY N 392 -27.83 -16.84 23.59
N GLU N 393 -27.39 -18.07 23.86
CA GLU N 393 -28.26 -19.23 23.73
C GLU N 393 -29.38 -19.21 24.76
N LEU N 394 -29.04 -18.85 26.01
CA LEU N 394 -30.05 -18.82 27.05
C LEU N 394 -30.91 -17.57 26.95
N ASN N 395 -30.31 -16.38 27.06
CA ASN N 395 -31.05 -15.14 27.00
C ASN N 395 -30.07 -14.00 26.75
N ARG N 396 -30.53 -12.98 26.02
CA ARG N 396 -29.69 -11.83 25.72
C ARG N 396 -30.25 -10.57 26.36
N ARG N 397 -31.57 -10.50 26.47
CA ARG N 397 -32.25 -9.35 27.08
C ARG N 397 -32.25 -9.42 28.61
N THR N 398 -31.08 -9.56 29.22
CA THR N 398 -31.01 -9.73 30.67
C THR N 398 -31.33 -8.41 31.37
N VAL N 399 -32.22 -8.49 32.35
CA VAL N 399 -32.60 -7.34 33.17
C VAL N 399 -32.95 -7.84 34.56
N GLU N 400 -32.57 -7.04 35.57
CA GLU N 400 -32.78 -7.41 36.95
C GLU N 400 -32.94 -6.15 37.79
N ARG N 401 -33.65 -6.28 38.90
CA ARG N 401 -33.89 -5.17 39.80
C ARG N 401 -33.13 -5.38 41.10
N TYR N 402 -32.96 -4.30 41.87
CA TYR N 402 -32.18 -4.36 43.14
C TYR N 402 -32.95 -3.64 44.25
N ASP N 403 -33.11 -4.29 45.40
CA ASP N 403 -33.75 -3.60 46.57
C ASP N 403 -32.63 -2.96 47.40
N THR N 404 -32.63 -1.62 47.49
CA THR N 404 -31.54 -0.90 48.21
C THR N 404 -31.47 -1.35 49.67
N GLU N 405 -32.61 -1.39 50.37
CA GLU N 405 -32.61 -1.74 51.82
C GLU N 405 -32.28 -3.23 52.00
N LYS N 406 -32.83 -4.10 51.16
CA LYS N 406 -32.61 -5.56 51.30
C LYS N 406 -31.20 -5.93 50.82
N ASP N 407 -30.57 -5.06 50.03
CA ASP N 407 -29.22 -5.36 49.47
C ASP N 407 -29.27 -6.71 48.75
N GLU N 408 -30.25 -6.89 47.86
CA GLU N 408 -30.42 -8.18 47.14
C GLU N 408 -30.84 -7.92 45.69
N TRP N 409 -30.42 -8.77 44.76
CA TRP N 409 -30.80 -8.60 43.33
C TRP N 409 -31.80 -9.69 42.93
N THR N 410 -32.75 -9.35 42.04
CA THR N 410 -33.79 -10.28 41.61
C THR N 410 -34.04 -10.11 40.12
N MET N 411 -34.21 -11.22 39.43
CA MET N 411 -34.49 -11.19 38.00
C MET N 411 -35.95 -10.83 37.75
N VAL N 412 -36.21 -10.16 36.63
CA VAL N 412 -37.56 -9.74 36.27
C VAL N 412 -37.84 -10.14 34.83
N SER N 413 -38.99 -9.72 34.31
CA SER N 413 -39.37 -10.04 32.94
C SER N 413 -38.35 -9.43 31.97
N PRO N 414 -37.69 -10.25 31.16
CA PRO N 414 -36.69 -9.71 30.23
C PRO N 414 -37.32 -8.88 29.13
N LEU N 415 -36.48 -8.15 28.41
CA LEU N 415 -36.96 -7.36 27.30
C LEU N 415 -37.56 -8.28 26.23
N PRO N 416 -38.58 -7.83 25.51
CA PRO N 416 -39.18 -8.71 24.48
C PRO N 416 -38.21 -9.13 23.40
N CYS N 417 -37.24 -8.27 23.05
CA CYS N 417 -36.25 -8.61 22.04
C CYS N 417 -34.89 -8.08 22.49
N ALA N 418 -33.84 -8.67 21.94
CA ALA N 418 -32.47 -8.27 22.26
C ALA N 418 -32.06 -7.11 21.36
N TRP N 419 -31.76 -5.97 21.95
CA TRP N 419 -31.29 -4.80 21.23
C TRP N 419 -29.93 -4.37 21.76
N GLN N 420 -29.33 -3.38 21.10
CA GLN N 420 -28.02 -2.87 21.48
C GLN N 420 -28.05 -1.35 21.48
N TRP N 421 -27.33 -0.75 22.43
CA TRP N 421 -27.21 0.70 22.56
C TRP N 421 -28.59 1.35 22.74
N SER N 422 -29.37 0.75 23.63
CA SER N 422 -30.71 1.26 23.93
C SER N 422 -30.66 2.17 25.16
N ALA N 423 -31.69 2.98 25.31
CA ALA N 423 -31.81 3.90 26.44
C ALA N 423 -33.02 3.53 27.29
N ALA N 424 -33.02 4.00 28.53
CA ALA N 424 -34.12 3.73 29.46
C ALA N 424 -34.41 4.97 30.28
N VAL N 425 -35.71 5.26 30.46
CA VAL N 425 -36.15 6.40 31.24
C VAL N 425 -37.30 5.97 32.12
N VAL N 426 -37.71 6.86 33.02
CA VAL N 426 -38.80 6.62 33.95
C VAL N 426 -39.71 7.84 33.96
N VAL N 427 -40.99 7.63 33.69
CA VAL N 427 -41.99 8.69 33.74
C VAL N 427 -43.24 8.15 34.42
N HIS N 428 -43.65 8.82 35.50
CA HIS N 428 -44.86 8.47 36.25
C HIS N 428 -44.82 7.02 36.71
N ASP N 429 -43.71 6.65 37.35
CA ASP N 429 -43.51 5.30 37.90
C ASP N 429 -43.59 4.22 36.84
N CYS N 430 -43.24 4.53 35.60
CA CYS N 430 -43.25 3.57 34.51
C CYS N 430 -41.87 3.51 33.87
N ILE N 431 -41.42 2.29 33.58
CA ILE N 431 -40.11 2.05 32.99
C ILE N 431 -40.27 1.98 31.48
N TYR N 432 -39.65 2.94 30.78
CA TYR N 432 -39.71 3.00 29.33
C TYR N 432 -38.33 2.68 28.76
N VAL N 433 -38.28 1.69 27.88
CA VAL N 433 -37.06 1.34 27.14
C VAL N 433 -37.32 1.60 25.67
N MET N 434 -36.36 2.22 25.00
CA MET N 434 -36.49 2.58 23.60
C MET N 434 -35.41 1.88 22.78
N THR N 435 -35.69 1.67 21.49
CA THR N 435 -34.76 0.98 20.62
C THR N 435 -34.75 1.69 19.27
N LEU N 436 -34.27 0.98 18.25
CA LEU N 436 -34.10 1.50 16.89
C LEU N 436 -35.30 2.33 16.44
N ASN N 437 -36.49 1.72 16.43
CA ASN N 437 -37.71 2.41 16.03
C ASN N 437 -38.89 2.09 16.93
N LEU N 438 -38.73 1.19 17.89
CA LEU N 438 -39.84 0.77 18.75
C LEU N 438 -39.61 1.26 20.17
N MET N 439 -40.61 1.01 21.03
CA MET N 439 -40.53 1.34 22.43
C MET N 439 -41.48 0.43 23.22
N TYR N 440 -40.97 -0.14 24.29
CA TYR N 440 -41.74 -1.01 25.17
C TYR N 440 -41.82 -0.38 26.56
N CYS N 441 -42.99 -0.46 27.17
CA CYS N 441 -43.23 0.07 28.51
C CYS N 441 -43.39 -1.10 29.49
N TYR N 442 -42.60 -1.08 30.55
CA TYR N 442 -42.67 -2.11 31.58
C TYR N 442 -43.46 -1.59 32.76
N PHE N 443 -44.35 -2.42 33.29
CA PHE N 443 -45.14 -2.07 34.46
C PHE N 443 -44.72 -2.97 35.61
N PRO N 444 -44.05 -2.44 36.64
CA PRO N 444 -43.71 -3.28 37.80
C PRO N 444 -44.93 -3.84 38.51
N ARG N 445 -46.08 -3.19 38.36
CA ARG N 445 -47.30 -3.72 38.98
C ARG N 445 -47.78 -4.98 38.26
N SER N 446 -47.42 -5.15 36.99
CA SER N 446 -47.82 -6.31 36.22
C SER N 446 -46.63 -7.20 35.84
N ASP N 447 -45.41 -6.67 35.92
CA ASP N 447 -44.20 -7.43 35.57
C ASP N 447 -44.29 -7.96 34.14
N SER N 448 -44.65 -7.08 33.22
CA SER N 448 -44.79 -7.43 31.82
C SER N 448 -44.37 -6.26 30.96
N TRP N 449 -44.25 -6.50 29.65
CA TRP N 449 -43.84 -5.50 28.69
C TRP N 449 -44.96 -5.24 27.70
N VAL N 450 -45.26 -3.96 27.48
CA VAL N 450 -46.30 -3.53 26.55
C VAL N 450 -45.67 -2.67 25.48
N GLU N 451 -45.87 -3.05 24.22
CA GLU N 451 -45.31 -2.29 23.11
C GLU N 451 -46.05 -0.97 22.96
N MET N 452 -45.29 0.12 22.85
CA MET N 452 -45.85 1.45 22.71
C MET N 452 -45.74 1.93 21.27
N ALA N 453 -46.10 3.18 21.05
CA ALA N 453 -46.05 3.76 19.71
C ALA N 453 -44.64 3.69 19.15
N MET N 454 -44.54 3.29 17.88
CA MET N 454 -43.22 3.16 17.24
C MET N 454 -42.68 4.54 16.88
N ARG N 455 -41.36 4.62 16.83
CA ARG N 455 -40.71 5.87 16.43
C ARG N 455 -40.65 5.98 14.91
N GLN N 456 -40.76 7.21 14.42
CA GLN N 456 -40.79 7.44 12.98
C GLN N 456 -39.41 7.29 12.35
N THR N 457 -38.36 7.63 13.08
CA THR N 457 -36.99 7.57 12.57
C THR N 457 -36.21 6.49 13.32
N SER N 458 -35.40 5.74 12.58
CA SER N 458 -34.53 4.73 13.17
C SER N 458 -33.19 5.37 13.52
N ARG N 459 -32.91 5.47 14.82
CA ARG N 459 -31.69 6.11 15.29
C ARG N 459 -31.07 5.27 16.40
N SER N 460 -29.74 5.30 16.46
CA SER N 460 -28.98 4.56 17.45
C SER N 460 -27.99 5.48 18.15
N PHE N 461 -27.52 5.05 19.31
CA PHE N 461 -26.59 5.80 20.16
C PHE N 461 -27.15 7.15 20.58
N ALA N 462 -28.46 7.29 20.67
CA ALA N 462 -29.06 8.57 20.99
C ALA N 462 -29.12 8.79 22.50
N SER N 463 -29.54 9.99 22.88
CA SER N 463 -29.73 10.35 24.27
C SER N 463 -31.23 10.44 24.59
N ALA N 464 -31.57 10.09 25.82
CA ALA N 464 -32.96 10.09 26.26
C ALA N 464 -33.08 10.89 27.55
N ALA N 465 -34.23 11.55 27.72
CA ALA N 465 -34.48 12.36 28.89
C ALA N 465 -35.96 12.39 29.19
N ALA N 466 -36.30 12.73 30.43
CA ALA N 466 -37.69 12.79 30.88
C ALA N 466 -37.97 14.15 31.51
N PHE N 467 -39.12 14.71 31.17
CA PHE N 467 -39.53 15.99 31.74
C PHE N 467 -41.04 16.09 31.71
N GLY N 468 -41.65 16.24 32.88
CA GLY N 468 -43.10 16.37 32.94
C GLY N 468 -43.80 15.15 32.39
N ASP N 469 -44.68 15.38 31.42
CA ASP N 469 -45.41 14.30 30.76
C ASP N 469 -44.89 14.01 29.36
N LYS N 470 -43.66 14.40 29.06
CA LYS N 470 -43.09 14.22 27.73
C LYS N 470 -41.74 13.53 27.84
N ILE N 471 -41.54 12.53 26.98
CA ILE N 471 -40.30 11.79 26.89
C ILE N 471 -39.56 12.25 25.65
N PHE N 472 -38.29 12.61 25.80
CA PHE N 472 -37.49 13.15 24.71
C PHE N 472 -36.44 12.12 24.32
N TYR N 473 -36.48 11.67 23.07
CA TYR N 473 -35.46 10.80 22.49
C TYR N 473 -34.72 11.62 21.44
N ILE N 474 -33.64 12.28 21.85
CA ILE N 474 -32.94 13.25 21.03
C ILE N 474 -31.63 12.64 20.58
N GLY N 475 -31.11 13.11 19.45
CA GLY N 475 -29.87 12.57 18.92
C GLY N 475 -30.09 11.24 18.21
N GLY N 476 -29.00 10.64 17.76
CA GLY N 476 -29.07 9.36 17.11
C GLY N 476 -28.96 9.40 15.60
N LEU N 477 -28.45 8.34 15.01
CA LEU N 477 -28.28 8.26 13.56
C LEU N 477 -29.38 7.42 12.92
N SER N 495 -24.79 11.20 14.51
CA SER N 495 -26.15 11.43 14.99
C SER N 495 -26.88 12.43 14.11
N SER N 496 -27.79 13.19 14.70
CA SER N 496 -28.57 14.20 13.99
C SER N 496 -29.05 15.22 15.02
N VAL N 497 -29.75 16.25 14.54
CA VAL N 497 -30.28 17.28 15.43
C VAL N 497 -31.78 17.06 15.60
N THR N 498 -32.27 15.92 15.12
CA THR N 498 -33.69 15.62 15.20
C THR N 498 -34.12 15.42 16.64
N VAL N 499 -35.25 16.02 17.00
CA VAL N 499 -35.79 15.95 18.36
C VAL N 499 -37.18 15.34 18.29
N GLU N 500 -37.41 14.30 19.07
CA GLU N 500 -38.70 13.61 19.11
C GLU N 500 -39.34 13.80 20.48
N ILE N 501 -40.58 14.27 20.49
CA ILE N 501 -41.35 14.48 21.71
C ILE N 501 -42.48 13.47 21.75
N TYR N 502 -42.44 12.59 22.75
CA TYR N 502 -43.46 11.56 22.92
C TYR N 502 -44.33 11.92 24.12
N ASP N 503 -45.62 11.61 24.02
CA ASP N 503 -46.57 11.87 25.10
C ASP N 503 -46.98 10.55 25.72
N VAL N 504 -46.94 10.49 27.05
CA VAL N 504 -47.40 9.29 27.74
C VAL N 504 -48.92 9.21 27.73
N ASN N 505 -49.58 10.36 27.83
CA ASN N 505 -51.05 10.37 27.87
C ASN N 505 -51.66 10.12 26.51
N LYS N 506 -50.96 10.47 25.42
CA LYS N 506 -51.48 10.28 24.08
C LYS N 506 -50.85 9.12 23.34
N ASN N 507 -49.66 8.67 23.77
CA ASN N 507 -48.95 7.57 23.13
C ASN N 507 -48.71 7.87 21.65
N GLU N 508 -48.09 9.01 21.38
CA GLU N 508 -47.84 9.46 20.02
C GLU N 508 -46.42 10.01 19.91
N TRP N 509 -45.75 9.68 18.81
CA TRP N 509 -44.43 10.22 18.50
C TRP N 509 -44.57 11.28 17.42
N LYS N 510 -43.99 12.46 17.69
CA LYS N 510 -44.10 13.60 16.79
C LYS N 510 -42.80 14.38 16.78
N MET N 511 -42.52 15.00 15.65
CA MET N 511 -41.37 15.88 15.54
C MET N 511 -41.73 17.30 15.94
N ALA N 512 -40.84 17.95 16.68
CA ALA N 512 -41.07 19.31 17.16
C ALA N 512 -40.10 20.31 16.57
N ALA N 513 -38.80 20.08 16.71
CA ALA N 513 -37.80 21.01 16.20
C ALA N 513 -36.46 20.32 16.01
N ASN N 514 -35.47 21.06 15.48
CA ASN N 514 -34.13 20.55 15.25
C ASN N 514 -33.17 21.37 16.10
N ILE N 515 -32.16 20.72 16.65
CA ILE N 515 -31.14 21.39 17.46
C ILE N 515 -30.39 22.38 16.57
N PRO N 516 -30.43 23.67 16.88
CA PRO N 516 -29.70 24.63 16.04
C PRO N 516 -28.20 24.52 16.21
N ALA N 517 -27.53 23.96 15.22
CA ALA N 517 -26.09 23.75 15.25
C ALA N 517 -25.48 24.21 13.93
N LYS N 518 -24.17 24.45 13.96
CA LYS N 518 -23.48 24.87 12.75
C LYS N 518 -23.39 23.72 11.76
N ARG N 519 -23.42 24.06 10.47
CA ARG N 519 -23.38 23.05 9.43
C ARG N 519 -22.01 22.37 9.40
N TYR N 520 -21.99 21.13 8.93
CA TYR N 520 -20.79 20.30 8.81
C TYR N 520 -20.12 20.02 10.16
N SER N 521 -20.80 20.32 11.27
CA SER N 521 -20.25 20.05 12.59
C SER N 521 -20.60 18.62 13.02
N ASP N 522 -19.89 18.15 14.05
CA ASP N 522 -20.12 16.83 14.62
C ASP N 522 -20.50 16.97 16.08
N PRO N 523 -21.74 17.37 16.39
CA PRO N 523 -22.13 17.57 17.79
C PRO N 523 -22.56 16.26 18.44
N CYS N 524 -21.85 15.86 19.50
CA CYS N 524 -22.24 14.74 20.33
C CYS N 524 -23.07 15.27 21.49
N VAL N 525 -24.39 15.20 21.35
CA VAL N 525 -25.32 15.85 22.26
C VAL N 525 -25.69 14.89 23.39
N ARG N 526 -26.09 15.46 24.52
CA ARG N 526 -26.56 14.70 25.68
C ARG N 526 -27.72 15.47 26.30
N ALA N 527 -28.89 14.84 26.35
CA ALA N 527 -30.08 15.48 26.90
C ALA N 527 -30.04 15.43 28.42
N VAL N 528 -30.19 16.59 29.06
CA VAL N 528 -30.19 16.70 30.51
C VAL N 528 -31.27 17.68 30.93
N VAL N 529 -31.91 17.39 32.07
CA VAL N 529 -32.96 18.24 32.62
C VAL N 529 -32.42 18.91 33.87
N ILE N 530 -32.44 20.24 33.88
CA ILE N 530 -31.93 21.02 34.99
C ILE N 530 -32.83 22.23 35.20
N SER N 531 -32.99 22.64 36.46
CA SER N 531 -33.83 23.78 36.82
C SER N 531 -35.26 23.60 36.32
N ASN N 532 -35.73 22.36 36.37
CA ASN N 532 -37.06 22.00 35.88
C ASN N 532 -37.25 22.42 34.43
N SER N 533 -36.25 22.16 33.59
CA SER N 533 -36.29 22.50 32.18
C SER N 533 -35.35 21.58 31.41
N LEU N 534 -35.82 21.09 30.26
CA LEU N 534 -35.00 20.24 29.43
C LEU N 534 -33.90 21.05 28.77
N CYS N 535 -32.67 20.51 28.76
CA CYS N 535 -31.54 21.15 28.12
C CYS N 535 -30.74 20.12 27.35
N VAL N 536 -29.83 20.60 26.51
CA VAL N 536 -28.97 19.76 25.70
C VAL N 536 -27.54 20.24 25.87
N PHE N 537 -26.70 19.39 26.44
CA PHE N 537 -25.28 19.68 26.59
C PHE N 537 -24.57 19.28 25.31
N MET N 538 -24.39 20.25 24.41
CA MET N 538 -23.89 19.98 23.06
C MET N 538 -22.42 20.31 22.96
N ARG N 539 -21.60 19.28 22.74
CA ARG N 539 -20.18 19.44 22.47
C ARG N 539 -19.97 19.43 20.97
N GLU N 540 -19.62 20.59 20.42
CA GLU N 540 -19.46 20.76 18.98
C GLU N 540 -17.98 20.73 18.61
N THR N 541 -17.63 19.86 17.68
CA THR N 541 -16.28 19.79 17.12
C THR N 541 -16.37 20.02 15.62
N HIS N 542 -15.76 21.10 15.15
CA HIS N 542 -15.80 21.49 13.75
C HIS N 542 -14.49 21.15 13.08
N LEU N 543 -14.46 21.34 11.76
CA LEU N 543 -13.28 21.05 10.96
C LEU N 543 -12.11 21.93 11.37
N ASN N 544 -11.00 21.30 11.77
CA ASN N 544 -9.77 21.95 12.21
C ASN N 544 -9.98 22.84 13.42
N GLU N 545 -11.05 22.63 14.18
CA GLU N 545 -11.32 23.41 15.38
C GLU N 545 -11.43 22.50 16.60
N ARG N 546 -11.10 23.06 17.76
CA ARG N 546 -11.15 22.30 19.00
C ARG N 546 -12.59 22.10 19.46
N ALA N 547 -12.74 21.31 20.51
CA ALA N 547 -14.07 21.00 21.04
C ALA N 547 -14.69 22.24 21.67
N LYS N 548 -15.96 22.50 21.35
CA LYS N 548 -16.71 23.60 21.91
C LYS N 548 -17.94 23.07 22.63
N TYR N 549 -18.09 23.48 23.89
CA TYR N 549 -19.19 23.04 24.73
C TYR N 549 -20.17 24.18 24.91
N VAL N 550 -21.47 23.86 24.87
CA VAL N 550 -22.52 24.86 24.99
C VAL N 550 -23.83 24.13 25.32
N THR N 551 -24.67 24.78 26.12
CA THR N 551 -25.94 24.21 26.56
C THR N 551 -27.06 25.16 26.17
N TYR N 552 -28.11 24.61 25.56
CA TYR N 552 -29.28 25.38 25.12
C TYR N 552 -30.50 24.96 25.93
N GLN N 553 -31.48 25.86 25.99
CA GLN N 553 -32.74 25.60 26.65
C GLN N 553 -33.87 25.57 25.62
N TYR N 554 -34.74 24.57 25.74
CA TYR N 554 -35.85 24.38 24.81
C TYR N 554 -37.09 25.07 25.32
N ASP N 555 -37.85 25.69 24.41
CA ASP N 555 -39.10 26.34 24.74
C ASP N 555 -40.23 25.35 24.52
N LEU N 556 -40.94 25.00 25.60
CA LEU N 556 -42.02 24.02 25.48
C LEU N 556 -43.24 24.62 24.81
N GLU N 557 -43.56 25.89 25.11
CA GLU N 557 -44.76 26.49 24.55
C GLU N 557 -44.55 26.98 23.12
N LEU N 558 -43.36 27.50 22.83
CA LEU N 558 -43.07 28.03 21.50
C LEU N 558 -42.34 27.04 20.61
N ASP N 559 -41.98 25.87 21.13
CA ASP N 559 -41.28 24.84 20.37
C ASP N 559 -40.00 25.40 19.74
N ARG N 560 -39.23 26.10 20.58
CA ARG N 560 -38.01 26.75 20.15
C ARG N 560 -36.88 26.39 21.09
N TRP N 561 -35.64 26.59 20.61
CA TRP N 561 -34.44 26.36 21.41
C TRP N 561 -33.74 27.69 21.65
N SER N 562 -33.64 28.06 22.93
CA SER N 562 -33.05 29.34 23.32
C SER N 562 -31.64 29.12 23.86
N LEU N 563 -30.75 30.06 23.52
CA LEU N 563 -29.39 30.01 24.03
C LEU N 563 -29.38 30.26 25.54
N ARG N 564 -29.03 29.24 26.30
CA ARG N 564 -29.06 29.36 27.76
C ARG N 564 -27.73 29.85 28.32
N GLN N 565 -26.65 29.11 28.08
CA GLN N 565 -25.36 29.47 28.63
C GLN N 565 -24.25 28.86 27.79
N HIS N 566 -23.24 29.66 27.48
CA HIS N 566 -22.05 29.18 26.78
C HIS N 566 -21.05 28.63 27.79
N ILE N 567 -20.67 27.36 27.61
CA ILE N 567 -19.74 26.73 28.60
C ILE N 567 -18.33 27.30 28.36
N SER N 568 -17.80 28.04 29.34
CA SER N 568 -16.48 28.69 29.19
C SER N 568 -15.43 27.66 28.73
N GLU N 569 -14.66 28.01 27.69
CA GLU N 569 -13.60 27.10 27.18
C GLU N 569 -12.33 27.28 28.02
N ARG N 570 -12.34 28.22 28.98
CA ARG N 570 -11.18 28.37 29.90
C ARG N 570 -11.25 27.25 30.94
N VAL N 571 -12.33 26.45 30.91
CA VAL N 571 -12.45 25.26 31.79
C VAL N 571 -13.05 24.16 30.93
N LEU N 572 -13.57 23.08 31.53
CA LEU N 572 -14.24 22.02 30.78
C LEU N 572 -13.45 21.65 29.53
N TRP N 573 -12.29 21.03 29.70
CA TRP N 573 -11.48 20.56 28.58
C TRP N 573 -12.24 19.46 27.85
N ASP N 574 -11.67 19.01 26.73
CA ASP N 574 -12.31 17.99 25.90
C ASP N 574 -12.63 16.73 26.70
N LEU N 575 -13.86 16.24 26.56
CA LEU N 575 -14.32 15.06 27.29
C LEU N 575 -14.59 13.87 26.38
N GLY N 576 -14.24 13.98 25.10
CA GLY N 576 -14.48 12.90 24.17
C GLY N 576 -15.96 12.76 23.81
N ARG N 577 -16.30 11.57 23.32
CA ARG N 577 -17.66 11.28 22.87
C ARG N 577 -18.34 10.17 23.66
N ASP N 578 -17.60 9.18 24.15
CA ASP N 578 -18.18 8.08 24.90
C ASP N 578 -18.47 8.41 26.34
N PHE N 579 -18.45 9.70 26.71
CA PHE N 579 -18.67 10.09 28.10
C PHE N 579 -20.12 9.89 28.49
N ARG N 580 -20.34 9.48 29.74
CA ARG N 580 -21.67 9.40 30.31
C ARG N 580 -21.96 10.66 31.11
N CYS N 581 -23.21 11.09 31.09
CA CYS N 581 -23.62 12.33 31.74
C CYS N 581 -24.91 12.11 32.51
N THR N 582 -25.13 12.91 33.55
CA THR N 582 -26.35 12.87 34.33
C THR N 582 -26.47 14.16 35.13
N VAL N 583 -27.61 14.33 35.79
CA VAL N 583 -27.90 15.52 36.57
C VAL N 583 -27.97 15.13 38.04
N GLY N 584 -27.28 15.89 38.89
CA GLY N 584 -27.30 15.62 40.31
C GLY N 584 -26.79 16.80 41.10
N LYS N 585 -27.04 16.76 42.40
CA LYS N 585 -26.58 17.80 43.32
C LYS N 585 -25.45 17.25 44.17
N LEU N 586 -24.38 18.02 44.30
CA LEU N 586 -23.21 17.60 45.06
C LEU N 586 -22.81 18.72 46.02
N TYR N 587 -21.82 18.44 46.86
CA TYR N 587 -21.39 19.42 47.85
C TYR N 587 -20.28 20.30 47.30
N PRO N 588 -20.65 21.49 46.83
CA PRO N 588 -19.59 22.41 46.39
C PRO N 588 -18.72 22.64 47.59
N SER N 589 -19.35 22.78 48.75
CA SER N 589 -18.62 22.96 49.99
C SER N 589 -17.48 21.97 50.09
N CYS N 590 -17.75 20.72 49.75
CA CYS N 590 -16.72 19.70 49.89
C CYS N 590 -16.77 18.61 48.83
N LEU N 591 -15.85 18.66 47.88
CA LEU N 591 -15.77 17.59 46.89
C LEU N 591 -14.33 17.41 46.42
N GLU N 592 -13.80 18.42 45.71
CA GLU N 592 -12.38 18.42 45.22
C GLU N 592 -12.24 19.54 44.18
N GLU N 593 -12.17 20.79 44.64
CA GLU N 593 -12.08 21.95 43.70
C GLU N 593 -10.67 21.99 43.07
N SER N 594 -10.54 21.51 41.83
CA SER N 594 -9.22 21.50 41.14
C SER N 594 -9.41 21.61 39.62
N PRO N 595 -9.64 22.81 39.06
CA PRO N 595 -9.74 22.97 37.61
C PRO N 595 -8.37 22.74 36.94
N TRP N 596 -7.32 23.47 37.37
CA TRP N 596 -5.95 23.31 36.84
C TRP N 596 -5.80 23.87 35.42
N LYS N 597 -6.67 23.46 34.48
CA LYS N 597 -6.62 23.91 33.06
C LYS N 597 -6.02 25.32 32.96
N PRO N 598 -4.78 25.48 32.46
CA PRO N 598 -4.12 26.80 32.38
C PRO N 598 -4.88 27.76 31.46
N PRO N 599 -5.39 28.91 31.97
CA PRO N 599 -6.18 29.85 31.17
C PRO N 599 -5.36 30.77 30.26
N THR N 600 -6.01 31.72 29.57
CA THR N 600 -5.34 32.68 28.65
C THR N 600 -4.22 32.01 27.85
N TYR N 601 -4.54 31.30 26.77
CA TYR N 601 -3.47 30.72 25.97
C TYR N 601 -3.39 31.52 24.67
N LEU N 602 -2.63 31.00 23.70
CA LEU N 602 -2.46 31.64 22.39
C LEU N 602 -1.94 33.07 22.53
N GLN O 433 -18.20 -47.06 -26.06
CA GLN O 433 -19.62 -46.60 -26.04
C GLN O 433 -20.52 -47.81 -25.78
N ASP O 434 -20.20 -48.95 -26.40
CA ASP O 434 -20.98 -50.19 -26.21
C ASP O 434 -21.01 -50.57 -24.73
N GLN O 435 -19.94 -50.24 -23.99
CA GLN O 435 -19.86 -50.58 -22.54
C GLN O 435 -20.57 -49.50 -21.71
N VAL O 436 -20.13 -49.30 -20.46
CA VAL O 436 -20.80 -48.32 -19.54
C VAL O 436 -22.32 -48.48 -19.67
N VAL O 437 -22.82 -49.73 -19.68
CA VAL O 437 -24.28 -50.01 -19.80
C VAL O 437 -24.93 -49.07 -20.82
N LYS O 438 -24.33 -48.94 -22.02
CA LYS O 438 -24.88 -48.07 -23.10
C LYS O 438 -25.58 -46.84 -22.52
N GLU O 439 -24.82 -45.95 -21.86
CA GLU O 439 -25.41 -44.69 -21.32
C GLU O 439 -24.66 -43.51 -21.94
N ASP O 440 -25.26 -42.31 -21.91
CA ASP O 440 -24.62 -41.12 -22.54
C ASP O 440 -25.13 -39.84 -21.87
N ASN O 441 -25.73 -39.94 -20.68
CA ASN O 441 -26.17 -38.73 -19.94
C ASN O 441 -24.94 -37.93 -19.54
N ILE O 442 -23.75 -38.54 -19.65
CA ILE O 442 -22.46 -37.89 -19.32
C ILE O 442 -22.35 -37.70 -17.80
N GLU O 443 -23.32 -37.03 -17.21
CA GLU O 443 -23.36 -36.85 -15.76
C GLU O 443 -23.64 -38.19 -15.08
N ALA O 444 -24.51 -39.00 -15.67
CA ALA O 444 -24.85 -40.34 -15.14
C ALA O 444 -23.72 -41.33 -15.35
N VAL O 445 -23.07 -41.21 -16.49
CA VAL O 445 -21.89 -41.98 -16.82
C VAL O 445 -20.76 -41.63 -15.85
N GLY O 446 -20.64 -40.36 -15.49
CA GLY O 446 -19.69 -39.93 -14.46
C GLY O 446 -19.97 -40.43 -13.05
N LYS O 447 -21.24 -40.61 -12.73
CA LYS O 447 -21.66 -41.13 -11.41
C LYS O 447 -21.25 -42.60 -11.27
N LYS O 448 -21.38 -43.35 -12.37
CA LYS O 448 -20.90 -44.72 -12.47
C LYS O 448 -19.40 -44.72 -12.21
N LEU O 449 -18.68 -43.87 -12.94
CA LEU O 449 -17.20 -43.78 -12.75
C LEU O 449 -16.88 -43.66 -11.27
N HIS O 450 -17.70 -42.92 -10.51
CA HIS O 450 -17.45 -42.72 -9.06
C HIS O 450 -17.74 -44.01 -8.28
N GLU O 451 -18.79 -44.75 -8.68
CA GLU O 451 -19.07 -46.05 -8.03
C GLU O 451 -17.89 -46.99 -8.27
N TYR O 452 -17.38 -47.02 -9.51
CA TYR O 452 -16.20 -47.87 -9.83
C TYR O 452 -15.00 -47.38 -9.01
N ASN O 453 -14.90 -46.07 -8.81
CA ASN O 453 -13.81 -45.51 -7.97
C ASN O 453 -13.86 -46.18 -6.60
N THR O 454 -15.01 -46.13 -5.93
CA THR O 454 -15.16 -46.80 -4.62
C THR O 454 -14.64 -48.23 -4.72
N GLN O 455 -15.28 -49.07 -5.55
CA GLN O 455 -14.89 -50.51 -5.69
C GLN O 455 -13.36 -50.64 -5.75
N PHE O 456 -12.71 -49.90 -6.65
CA PHE O 456 -11.24 -50.01 -6.83
C PHE O 456 -10.50 -49.65 -5.54
N GLN O 457 -10.84 -48.50 -4.93
CA GLN O 457 -10.12 -48.05 -3.71
C GLN O 457 -10.26 -49.09 -2.59
N GLU O 458 -11.46 -49.60 -2.36
CA GLU O 458 -11.66 -50.53 -1.27
C GLU O 458 -10.71 -51.68 -1.46
N LYS O 459 -10.63 -52.16 -2.70
CA LYS O 459 -9.74 -53.26 -3.00
C LYS O 459 -8.28 -52.93 -2.70
N SER O 460 -7.78 -51.77 -3.14
CA SER O 460 -6.36 -51.57 -2.88
C SER O 460 -6.05 -51.58 -1.39
N ARG O 461 -6.97 -51.07 -0.58
CA ARG O 461 -6.77 -51.08 0.87
C ARG O 461 -6.72 -52.51 1.40
N GLU O 462 -7.71 -53.34 1.03
CA GLU O 462 -7.68 -54.73 1.46
C GLU O 462 -6.52 -55.49 0.81
N TYR O 463 -6.05 -55.04 -0.37
CA TYR O 463 -4.93 -55.69 -1.02
C TYR O 463 -3.65 -55.49 -0.22
N ASP O 464 -3.32 -54.24 0.12
CA ASP O 464 -2.11 -54.02 0.91
C ASP O 464 -2.28 -54.53 2.34
N ARG O 465 -3.53 -54.61 2.82
CA ARG O 465 -3.76 -55.24 4.12
C ARG O 465 -3.43 -56.72 4.08
N LEU O 466 -3.85 -57.41 3.01
CA LEU O 466 -3.50 -58.82 2.85
C LEU O 466 -2.00 -59.00 2.65
N TYR O 467 -1.34 -58.04 2.00
CA TYR O 467 0.11 -58.10 1.88
C TYR O 467 0.78 -57.96 3.24
N GLU O 468 0.31 -57.04 4.07
CA GLU O 468 0.85 -56.90 5.42
C GLU O 468 0.60 -58.17 6.24
N GLU O 469 -0.56 -58.78 6.07
CA GLU O 469 -0.85 -60.04 6.74
C GLU O 469 0.10 -61.14 6.26
N TYR O 470 0.37 -61.18 4.96
CA TYR O 470 1.32 -62.15 4.41
C TYR O 470 2.69 -61.96 5.04
N THR O 471 3.14 -60.71 5.15
CA THR O 471 4.47 -60.44 5.71
C THR O 471 4.54 -60.80 7.19
N ARG O 472 3.52 -60.44 7.96
CA ARG O 472 3.54 -60.76 9.38
C ARG O 472 3.46 -62.27 9.61
N THR O 473 2.67 -62.97 8.81
CA THR O 473 2.63 -64.42 8.94
C THR O 473 3.96 -65.06 8.53
N SER O 474 4.63 -64.47 7.53
CA SER O 474 5.94 -64.97 7.13
C SER O 474 6.95 -64.85 8.26
N GLN O 475 7.07 -63.66 8.85
CA GLN O 475 8.02 -63.48 9.94
C GLN O 475 7.60 -64.30 11.17
N GLU O 476 6.29 -64.54 11.33
CA GLU O 476 5.78 -65.32 12.48
C GLU O 476 6.28 -66.76 12.38
N ILE O 477 6.10 -67.38 11.21
CA ILE O 477 6.51 -68.80 11.05
C ILE O 477 8.04 -68.89 11.09
N GLN O 478 8.74 -67.82 10.69
CA GLN O 478 10.22 -67.80 10.76
C GLN O 478 10.65 -67.78 12.24
N MET O 479 10.00 -66.93 13.04
CA MET O 479 10.33 -66.84 14.48
C MET O 479 9.92 -68.15 15.16
N LYS O 480 8.83 -68.78 14.70
CA LYS O 480 8.32 -70.02 15.34
C LYS O 480 9.17 -71.23 14.90
N ARG O 481 9.79 -71.15 13.72
CA ARG O 481 10.68 -72.25 13.27
C ARG O 481 12.05 -72.09 13.93
N THR O 482 12.48 -70.85 14.19
CA THR O 482 13.77 -70.68 14.93
C THR O 482 13.53 -71.07 16.39
N ALA O 483 12.27 -71.08 16.83
CA ALA O 483 11.99 -71.52 18.20
C ALA O 483 11.85 -73.03 18.28
N ILE O 484 11.25 -73.65 17.26
CA ILE O 484 11.06 -75.10 17.34
C ILE O 484 12.36 -75.84 17.09
N GLU O 485 13.27 -75.29 16.26
CA GLU O 485 14.56 -75.92 16.11
C GLU O 485 15.43 -75.70 17.35
N ALA O 486 15.25 -74.57 18.04
CA ALA O 486 15.89 -74.38 19.33
C ALA O 486 15.38 -75.42 20.34
N PHE O 487 14.07 -75.66 20.33
CA PHE O 487 13.48 -76.69 21.17
C PHE O 487 14.08 -78.06 20.86
N ASN O 488 14.24 -78.34 19.56
CA ASN O 488 14.81 -79.62 19.14
C ASN O 488 16.24 -79.79 19.62
N GLU O 489 17.07 -78.77 19.45
CA GLU O 489 18.46 -78.87 19.86
C GLU O 489 18.58 -78.93 21.39
N THR O 490 17.66 -78.28 22.09
CA THR O 490 17.67 -78.38 23.55
C THR O 490 17.27 -79.78 24.00
N ILE O 491 16.28 -80.38 23.33
CA ILE O 491 15.93 -81.76 23.65
C ILE O 491 17.09 -82.69 23.34
N LYS O 492 17.84 -82.41 22.26
CA LYS O 492 18.99 -83.24 21.93
C LYS O 492 20.08 -83.14 23.00
N ILE O 493 20.37 -81.92 23.45
CA ILE O 493 21.41 -81.77 24.47
C ILE O 493 20.92 -82.30 25.81
N PHE O 494 19.61 -82.31 26.05
CA PHE O 494 19.09 -82.90 27.28
C PHE O 494 19.19 -84.42 27.24
N GLU O 495 18.97 -85.03 26.07
CA GLU O 495 19.24 -86.45 25.92
C GLU O 495 20.73 -86.74 26.05
N GLU O 496 21.58 -85.81 25.61
CA GLU O 496 23.01 -85.94 25.83
C GLU O 496 23.33 -85.93 27.33
N GLN O 497 22.66 -85.08 28.09
CA GLN O 497 22.83 -85.10 29.54
C GLN O 497 22.27 -86.38 30.14
N CYS O 498 21.20 -86.92 29.56
CA CYS O 498 20.62 -88.16 30.07
C CYS O 498 21.59 -89.32 29.91
N GLN O 499 22.25 -89.41 28.75
CA GLN O 499 23.28 -90.44 28.58
C GLN O 499 24.56 -90.10 29.34
N THR O 500 24.80 -88.81 29.60
CA THR O 500 25.91 -88.44 30.47
C THR O 500 25.67 -88.92 31.89
N GLN O 501 24.40 -89.02 32.30
CA GLN O 501 24.08 -89.63 33.59
C GLN O 501 24.50 -91.09 33.62
N GLU O 502 24.22 -91.82 32.53
CA GLU O 502 24.68 -93.21 32.43
C GLU O 502 26.20 -93.29 32.42
N ARG O 503 26.86 -92.30 31.80
CA ARG O 503 28.33 -92.26 31.85
C ARG O 503 28.82 -92.03 33.27
N TYR O 504 28.14 -91.17 34.02
CA TYR O 504 28.50 -90.96 35.42
C TYR O 504 28.23 -92.20 36.26
N SER O 505 27.25 -93.02 35.85
CA SER O 505 27.00 -94.28 36.54
C SER O 505 28.14 -95.27 36.41
N LYS O 506 29.20 -94.91 35.68
CA LYS O 506 30.43 -95.70 35.61
C LYS O 506 31.70 -94.90 35.82
N GLU O 507 31.61 -93.56 35.78
CA GLU O 507 32.81 -92.73 35.92
C GLU O 507 33.18 -92.52 37.38
N TYR O 508 32.28 -91.85 38.13
CA TYR O 508 32.56 -91.49 39.52
C TYR O 508 31.42 -91.85 40.46
N ILE O 509 30.62 -92.86 40.12
CA ILE O 509 29.53 -93.29 41.01
C ILE O 509 30.02 -94.30 42.04
N GLU O 510 31.24 -94.81 41.89
CA GLU O 510 31.73 -95.85 42.79
C GLU O 510 31.92 -95.33 44.22
N LYS O 511 32.25 -94.05 44.39
CA LYS O 511 32.50 -93.48 45.69
C LYS O 511 31.32 -92.70 46.25
N PHE O 512 30.11 -92.94 45.75
CA PHE O 512 28.93 -92.22 46.21
C PHE O 512 27.69 -93.09 46.38
N LYS O 513 27.82 -94.42 46.25
CA LYS O 513 26.65 -95.28 46.38
C LYS O 513 26.88 -96.40 47.39
N ARG O 514 28.14 -96.79 47.59
CA ARG O 514 28.48 -97.88 48.50
C ARG O 514 28.81 -97.38 49.91
N GLU O 515 28.64 -96.09 50.18
CA GLU O 515 28.94 -95.53 51.49
C GLU O 515 27.71 -95.39 52.38
N GLY O 516 26.52 -95.72 51.89
CA GLY O 516 25.32 -95.62 52.70
C GLY O 516 24.85 -94.20 52.90
N ASN O 517 24.98 -93.37 51.88
CA ASN O 517 24.57 -91.97 51.94
C ASN O 517 23.74 -91.64 50.71
N GLU O 518 22.76 -90.75 50.89
CA GLU O 518 21.89 -90.33 49.81
C GLU O 518 21.94 -88.84 49.51
N LYS O 519 22.45 -88.01 50.42
CA LYS O 519 22.52 -86.58 50.18
C LYS O 519 23.63 -86.23 49.20
N GLU O 520 24.73 -87.00 49.20
CA GLU O 520 25.83 -86.72 48.28
C GLU O 520 25.46 -87.03 46.84
N ILE O 521 24.61 -88.04 46.64
CA ILE O 521 24.28 -88.49 45.25
C ILE O 521 23.20 -87.58 44.65
N GLN O 522 22.63 -86.66 45.44
CA GLN O 522 21.52 -85.79 44.93
C GLN O 522 22.01 -84.89 43.79
N ARG O 523 23.33 -84.73 43.63
CA ARG O 523 23.90 -83.86 42.57
C ARG O 523 23.63 -84.46 41.18
N ILE O 524 23.29 -85.76 41.10
CA ILE O 524 22.94 -86.39 39.80
C ILE O 524 21.65 -87.20 39.95
N MET O 525 21.29 -87.60 41.16
CA MET O 525 20.08 -88.45 41.36
C MET O 525 18.85 -87.55 41.51
N HIS O 526 18.97 -86.47 42.27
CA HIS O 526 17.85 -85.50 42.37
C HIS O 526 17.88 -84.60 41.14
N ASN O 527 18.95 -84.67 40.35
CA ASN O 527 19.05 -83.88 39.10
C ASN O 527 18.61 -84.77 37.92
N TYR O 528 18.09 -85.96 38.22
CA TYR O 528 17.67 -86.90 37.15
C TYR O 528 16.15 -86.92 37.03
N ASP O 529 15.44 -87.12 38.15
CA ASP O 529 13.99 -87.18 38.11
C ASP O 529 13.40 -85.85 37.64
N LYS O 530 13.93 -84.73 38.12
CA LYS O 530 13.45 -83.45 37.65
C LYS O 530 13.86 -83.18 36.20
N LEU O 531 14.96 -83.78 35.73
CA LEU O 531 15.30 -83.69 34.31
C LEU O 531 14.30 -84.47 33.47
N LYS O 532 13.86 -85.63 33.95
CA LYS O 532 12.83 -86.37 33.24
C LYS O 532 11.51 -85.61 33.21
N SER O 533 11.15 -84.99 34.33
CA SER O 533 9.96 -84.15 34.35
C SER O 533 10.12 -82.95 33.42
N ARG O 534 11.33 -82.40 33.31
CA ARG O 534 11.59 -81.33 32.37
C ARG O 534 11.40 -81.82 30.94
N ILE O 535 11.87 -83.04 30.64
CA ILE O 535 11.68 -83.62 29.32
C ILE O 535 10.19 -83.72 29.01
N SER O 536 9.41 -84.20 29.97
CA SER O 536 7.97 -84.33 29.76
C SER O 536 7.31 -82.98 29.50
N GLU O 537 7.67 -81.97 30.29
CA GLU O 537 7.00 -80.68 30.16
C GLU O 537 7.46 -79.93 28.91
N ILE O 538 8.70 -80.14 28.48
CA ILE O 538 9.13 -79.50 27.23
C ILE O 538 8.55 -80.24 26.02
N ILE O 539 8.26 -81.54 26.16
CA ILE O 539 7.51 -82.23 25.11
C ILE O 539 6.10 -81.67 25.03
N ASP O 540 5.48 -81.44 26.18
CA ASP O 540 4.17 -80.80 26.19
C ASP O 540 4.23 -79.40 25.58
N SER O 541 5.30 -78.65 25.88
CA SER O 541 5.46 -77.32 25.30
C SER O 541 5.66 -77.39 23.79
N ARG O 542 6.38 -78.42 23.33
CA ARG O 542 6.55 -78.61 21.89
C ARG O 542 5.23 -78.93 21.22
N ARG O 543 4.39 -79.73 21.88
CA ARG O 543 3.04 -79.98 21.36
C ARG O 543 2.21 -78.70 21.33
N ARG O 544 2.37 -77.84 22.34
CA ARG O 544 1.68 -76.56 22.34
C ARG O 544 2.14 -75.69 21.17
N LEU O 545 3.45 -75.68 20.90
CA LEU O 545 3.96 -74.91 19.77
C LEU O 545 3.48 -75.49 18.45
N GLU O 546 3.35 -76.83 18.38
CA GLU O 546 2.88 -77.45 17.14
C GLU O 546 1.41 -77.14 16.89
N GLU O 547 0.58 -77.16 17.94
CA GLU O 547 -0.82 -76.81 17.75
C GLU O 547 -0.98 -75.32 17.46
N ASP O 548 -0.13 -74.48 18.06
CA ASP O 548 -0.10 -73.07 17.66
C ASP O 548 0.27 -72.92 16.19
N LEU O 549 1.24 -73.70 15.73
CA LEU O 549 1.64 -73.64 14.33
C LEU O 549 0.50 -74.03 13.41
N LYS O 550 -0.20 -75.13 13.73
CA LYS O 550 -1.27 -75.57 12.84
C LYS O 550 -2.47 -74.64 12.89
N LYS O 551 -2.75 -74.03 14.05
CA LYS O 551 -3.89 -73.11 14.11
C LYS O 551 -3.59 -71.80 13.40
N GLN O 552 -2.35 -71.31 13.50
CA GLN O 552 -2.00 -70.10 12.77
C GLN O 552 -1.91 -70.38 11.26
N ALA O 553 -1.47 -71.59 10.89
CA ALA O 553 -1.47 -71.97 9.48
C ALA O 553 -2.89 -72.05 8.94
N ALA O 554 -3.83 -72.54 9.76
CA ALA O 554 -5.23 -72.60 9.34
C ALA O 554 -5.81 -71.20 9.18
N GLU O 555 -5.61 -70.34 10.16
CA GLU O 555 -6.14 -68.98 10.08
C GLU O 555 -5.43 -68.15 9.02
N TYR O 556 -4.24 -68.57 8.58
CA TYR O 556 -3.55 -67.91 7.48
C TYR O 556 -3.99 -68.44 6.11
N ARG O 557 -4.27 -69.73 6.01
CA ARG O 557 -4.71 -70.30 4.73
C ARG O 557 -6.18 -70.00 4.45
N GLU O 558 -6.99 -69.79 5.49
CA GLU O 558 -8.38 -69.44 5.27
C GLU O 558 -8.53 -68.07 4.63
N ILE O 559 -7.52 -67.19 4.78
CA ILE O 559 -7.51 -65.92 4.08
C ILE O 559 -6.54 -65.91 2.91
N ASP O 560 -5.60 -66.86 2.87
CA ASP O 560 -4.68 -66.96 1.71
C ASP O 560 -5.50 -67.37 0.48
N LYS O 561 -6.53 -68.20 0.69
CA LYS O 561 -7.42 -68.59 -0.43
C LYS O 561 -8.24 -67.37 -0.86
N ARG O 562 -8.58 -66.50 0.08
CA ARG O 562 -9.31 -65.25 -0.27
C ARG O 562 -8.39 -64.39 -1.17
N MET O 563 -7.10 -64.28 -0.83
CA MET O 563 -6.15 -63.54 -1.71
C MET O 563 -6.19 -64.17 -3.11
N ASN O 564 -6.10 -65.51 -3.18
CA ASN O 564 -6.06 -66.21 -4.49
C ASN O 564 -7.32 -65.95 -5.30
N SER O 565 -8.45 -65.61 -4.65
CA SER O 565 -9.73 -65.42 -5.38
C SER O 565 -10.02 -63.94 -5.60
N ILE O 566 -9.45 -63.06 -4.77
CA ILE O 566 -9.77 -61.60 -4.87
C ILE O 566 -8.88 -60.95 -5.94
N LYS O 567 -7.73 -61.56 -6.26
CA LYS O 567 -6.79 -60.96 -7.22
C LYS O 567 -7.28 -61.03 -8.65
N PRO O 568 -7.85 -62.14 -9.14
CA PRO O 568 -8.47 -62.11 -10.48
C PRO O 568 -9.60 -61.10 -10.58
N ASP O 569 -10.47 -61.04 -9.57
CA ASP O 569 -11.53 -60.03 -9.58
C ASP O 569 -10.95 -58.62 -9.49
N LEU O 570 -9.87 -58.45 -8.73
CA LEU O 570 -9.24 -57.13 -8.63
C LEU O 570 -8.67 -56.67 -9.96
N ILE O 571 -7.93 -57.55 -10.65
CA ILE O 571 -7.33 -57.16 -11.93
C ILE O 571 -8.42 -57.00 -12.99
N GLN O 572 -9.52 -57.75 -12.87
CA GLN O 572 -10.63 -57.57 -13.80
C GLN O 572 -11.29 -56.21 -13.60
N LEU O 573 -11.51 -55.81 -12.34
CA LEU O 573 -12.07 -54.49 -12.08
C LEU O 573 -11.13 -53.39 -12.55
N ARG O 574 -9.83 -53.59 -12.37
CA ARG O 574 -8.85 -52.59 -12.82
C ARG O 574 -8.82 -52.51 -14.35
N LYS O 575 -8.99 -53.64 -15.03
CA LYS O 575 -9.05 -53.62 -16.49
C LYS O 575 -10.31 -52.91 -16.97
N THR O 576 -11.45 -53.14 -16.31
CA THR O 576 -12.66 -52.44 -16.68
C THR O 576 -12.53 -50.94 -16.42
N ARG O 577 -11.85 -50.56 -15.33
CA ARG O 577 -11.61 -49.15 -15.05
C ARG O 577 -10.71 -48.53 -16.11
N ASP O 578 -9.67 -49.26 -16.52
CA ASP O 578 -8.79 -48.74 -17.57
C ASP O 578 -9.50 -48.63 -18.91
N GLN O 579 -10.44 -49.54 -19.19
CA GLN O 579 -11.21 -49.45 -20.43
C GLN O 579 -12.17 -48.27 -20.39
N TYR O 580 -12.81 -48.03 -19.24
CA TYR O 580 -13.67 -46.87 -19.09
C TYR O 580 -12.89 -45.57 -19.09
N LEU O 581 -11.62 -45.64 -18.70
CA LEU O 581 -10.76 -44.41 -18.63
C LEU O 581 -10.35 -44.02 -20.05
N MET O 582 -10.63 -44.90 -21.02
CA MET O 582 -10.26 -44.63 -22.43
C MET O 582 -11.49 -44.15 -23.20
N TRP O 583 -12.61 -43.96 -22.49
CA TRP O 583 -13.88 -43.54 -23.16
C TRP O 583 -14.68 -42.59 -22.27
N LEU O 584 -15.19 -43.10 -21.14
CA LEU O 584 -16.04 -42.26 -20.25
C LEU O 584 -15.26 -41.03 -19.77
N THR O 585 -13.95 -41.14 -19.57
CA THR O 585 -13.22 -40.00 -19.03
C THR O 585 -13.13 -38.85 -20.04
N GLN O 586 -13.14 -39.15 -21.33
CA GLN O 586 -13.06 -38.13 -22.36
C GLN O 586 -14.43 -37.54 -22.72
N LYS O 587 -15.42 -37.64 -21.83
CA LYS O 587 -16.76 -37.12 -22.06
C LYS O 587 -17.05 -35.89 -21.20
N GLY O 588 -16.02 -35.17 -20.81
CA GLY O 588 -16.18 -33.91 -20.13
C GLY O 588 -15.87 -33.89 -18.64
N VAL O 589 -15.05 -34.81 -18.14
CA VAL O 589 -14.66 -34.83 -16.74
C VAL O 589 -13.21 -34.38 -16.63
N ARG O 590 -12.86 -33.78 -15.50
CA ARG O 590 -11.53 -33.25 -15.25
C ARG O 590 -10.73 -34.21 -14.37
N GLN O 591 -9.40 -34.11 -14.48
CA GLN O 591 -8.53 -34.93 -13.64
C GLN O 591 -8.71 -34.60 -12.16
N LYS O 592 -8.92 -33.33 -11.83
CA LYS O 592 -9.19 -32.95 -10.45
C LYS O 592 -10.49 -33.58 -9.96
N LYS O 593 -11.49 -33.67 -10.84
CA LYS O 593 -12.72 -34.35 -10.48
C LYS O 593 -12.49 -35.83 -10.22
N LEU O 594 -11.61 -36.46 -11.01
CA LEU O 594 -11.27 -37.87 -10.77
C LEU O 594 -10.55 -38.04 -9.44
N ASN O 595 -9.66 -37.10 -9.10
CA ASN O 595 -8.97 -37.17 -7.82
C ASN O 595 -9.95 -37.00 -6.65
N GLU O 596 -10.91 -36.08 -6.79
CA GLU O 596 -11.91 -35.91 -5.76
C GLU O 596 -12.82 -37.13 -5.64
N TRP O 597 -13.09 -37.81 -6.76
CA TRP O 597 -13.89 -39.03 -6.70
C TRP O 597 -13.14 -40.16 -6.04
N LEU O 598 -11.86 -40.32 -6.34
CA LEU O 598 -11.05 -41.38 -5.76
C LEU O 598 -10.54 -41.04 -4.36
N GLY O 599 -10.74 -39.81 -3.89
CA GLY O 599 -10.32 -39.43 -2.56
C GLY O 599 -11.35 -39.59 -1.48
N ASN O 600 -12.61 -39.82 -1.84
CA ASN O 600 -13.67 -39.98 -0.86
C ASN O 600 -13.58 -41.35 -0.18
N ARG P 7 -19.72 -21.48 54.18
CA ARG P 7 -20.12 -22.74 53.51
C ARG P 7 -19.59 -23.93 54.31
N GLN P 8 -18.28 -24.19 54.22
CA GLN P 8 -17.66 -25.30 54.98
C GLN P 8 -16.43 -24.78 55.74
N ILE P 9 -15.57 -25.68 56.20
CA ILE P 9 -14.33 -25.27 56.94
C ILE P 9 -13.63 -24.16 56.16
N ASN P 10 -13.44 -22.99 56.80
CA ASN P 10 -12.76 -21.85 56.13
C ASN P 10 -11.25 -21.95 56.38
N THR P 11 -10.44 -21.91 55.33
CA THR P 11 -8.97 -22.07 55.46
C THR P 11 -8.35 -20.83 56.12
N GLU P 12 -8.96 -19.66 55.92
CA GLU P 12 -8.38 -18.39 56.47
C GLU P 12 -8.34 -18.48 58.01
N TYR P 13 -9.42 -18.95 58.63
CA TYR P 13 -9.43 -19.12 60.11
C TYR P 13 -8.63 -20.37 60.48
N ALA P 14 -8.58 -21.35 59.59
CA ALA P 14 -7.92 -22.60 59.97
C ALA P 14 -6.44 -22.38 60.25
N VAL P 15 -5.75 -21.65 59.36
CA VAL P 15 -4.33 -21.42 59.56
C VAL P 15 -4.09 -20.50 60.76
N SER P 16 -5.00 -19.55 61.02
CA SER P 16 -4.88 -18.71 62.19
C SER P 16 -5.05 -19.52 63.47
N LEU P 17 -6.02 -20.44 63.48
CA LEU P 17 -6.21 -21.30 64.64
C LEU P 17 -5.00 -22.21 64.84
N LEU P 18 -4.41 -22.71 63.75
CA LEU P 18 -3.26 -23.58 63.87
C LEU P 18 -2.05 -22.83 64.44
N GLU P 19 -1.83 -21.60 63.95
CA GLU P 19 -0.67 -20.80 64.44
C GLU P 19 -0.93 -20.37 65.90
N GLN P 20 -2.19 -20.15 66.28
CA GLN P 20 -2.50 -19.82 67.67
C GLN P 20 -2.27 -21.03 68.57
N LEU P 21 -2.64 -22.23 68.10
CA LEU P 21 -2.36 -23.44 68.86
C LEU P 21 -0.86 -23.67 69.01
N LYS P 22 -0.10 -23.39 67.95
CA LYS P 22 1.36 -23.49 68.06
C LYS P 22 1.92 -22.51 69.08
N LEU P 23 1.42 -21.27 69.05
CA LEU P 23 1.88 -20.27 70.01
C LEU P 23 1.54 -20.69 71.44
N PHE P 24 0.37 -21.29 71.64
CA PHE P 24 0.00 -21.76 72.97
C PHE P 24 0.86 -22.96 73.39
N TYR P 25 1.22 -23.82 72.45
CA TYR P 25 2.03 -24.99 72.78
C TYR P 25 3.46 -24.58 73.12
N GLU P 26 3.98 -23.54 72.45
CA GLU P 26 5.33 -23.09 72.74
C GLU P 26 5.46 -22.55 74.15
N GLN P 27 4.42 -21.88 74.66
CA GLN P 27 4.42 -21.36 76.01
C GLN P 27 3.75 -22.30 77.01
N GLN P 28 3.38 -23.51 76.58
CA GLN P 28 2.86 -24.55 77.46
C GLN P 28 1.57 -24.12 78.17
N LEU P 29 0.54 -23.85 77.38
CA LEU P 29 -0.78 -23.56 77.92
C LEU P 29 -1.71 -24.74 77.68
N PHE P 30 -2.57 -25.00 78.67
CA PHE P 30 -3.59 -26.05 78.58
C PHE P 30 -2.99 -27.43 78.35
N THR P 31 -1.76 -27.65 78.80
CA THR P 31 -1.12 -28.95 78.66
C THR P 31 -1.79 -29.93 79.62
N ASP P 32 -2.55 -30.87 79.06
CA ASP P 32 -3.30 -31.82 79.87
C ASP P 32 -2.65 -33.19 79.99
N ILE P 33 -1.76 -33.56 79.07
CA ILE P 33 -1.08 -34.84 79.15
C ILE P 33 0.42 -34.60 79.20
N VAL P 34 1.13 -35.52 79.84
CA VAL P 34 2.59 -35.46 79.96
C VAL P 34 3.13 -36.81 79.53
N LEU P 35 3.80 -36.86 78.38
CA LEU P 35 4.40 -38.08 77.87
C LEU P 35 5.82 -38.21 78.40
N ILE P 36 6.14 -39.37 78.95
CA ILE P 36 7.46 -39.67 79.50
C ILE P 36 8.12 -40.68 78.57
N VAL P 37 9.19 -40.21 77.91
CA VAL P 37 9.98 -41.10 77.02
C VAL P 37 11.39 -41.11 77.58
N GLU P 38 11.92 -42.28 77.95
CA GLU P 38 13.28 -42.47 78.47
C GLU P 38 13.74 -41.27 79.31
N GLY P 39 12.95 -40.94 80.31
CA GLY P 39 13.28 -39.89 81.26
C GLY P 39 12.88 -38.49 80.83
N THR P 40 12.77 -38.24 79.53
CA THR P 40 12.40 -36.92 79.04
C THR P 40 10.89 -36.72 79.10
N GLU P 41 10.48 -35.52 79.52
CA GLU P 41 9.07 -35.19 79.68
C GLU P 41 8.64 -34.29 78.53
N PHE P 42 7.39 -34.48 78.08
CA PHE P 42 6.81 -33.67 77.02
C PHE P 42 5.36 -33.35 77.37
N PRO P 43 5.06 -32.11 77.73
CA PRO P 43 3.66 -31.71 77.93
C PRO P 43 2.99 -31.45 76.60
N CYS P 44 1.76 -31.94 76.46
CA CYS P 44 1.04 -31.81 75.20
C CYS P 44 -0.46 -31.92 75.47
N HIS P 45 -1.24 -31.67 74.41
CA HIS P 45 -2.69 -31.76 74.45
C HIS P 45 -3.14 -33.10 73.91
N LYS P 46 -4.18 -33.66 74.53
CA LYS P 46 -4.70 -34.95 74.09
C LYS P 46 -5.42 -34.84 72.75
N MET P 47 -6.08 -33.70 72.49
CA MET P 47 -6.85 -33.55 71.26
C MET P 47 -5.97 -33.58 70.04
N VAL P 48 -4.83 -32.89 70.09
CA VAL P 48 -3.92 -32.84 68.94
C VAL P 48 -3.36 -34.23 68.65
N LEU P 49 -2.93 -34.95 69.69
CA LEU P 49 -2.40 -36.28 69.49
C LEU P 49 -3.47 -37.25 69.00
N ALA P 50 -4.72 -37.05 69.41
CA ALA P 50 -5.79 -37.90 68.92
C ALA P 50 -6.11 -37.62 67.47
N THR P 51 -6.12 -36.34 67.08
CA THR P 51 -6.43 -36.00 65.69
C THR P 51 -5.29 -36.38 64.74
N CYS P 52 -4.05 -36.34 65.22
CA CYS P 52 -2.92 -36.66 64.36
C CYS P 52 -2.62 -38.15 64.31
N SER P 53 -2.61 -38.82 65.46
CA SER P 53 -2.29 -40.24 65.55
C SER P 53 -3.51 -41.00 66.03
N SER P 54 -3.84 -42.08 65.31
CA SER P 54 -4.97 -42.91 65.71
C SER P 54 -4.66 -43.71 66.98
N TYR P 55 -3.38 -43.95 67.26
CA TYR P 55 -3.01 -44.65 68.49
C TYR P 55 -3.44 -43.86 69.71
N PHE P 56 -3.06 -42.58 69.78
CA PHE P 56 -3.48 -41.73 70.89
C PHE P 56 -5.00 -41.57 70.91
N ARG P 57 -5.64 -41.54 69.73
CA ARG P 57 -7.09 -41.46 69.69
C ARG P 57 -7.73 -42.65 70.38
N ALA P 58 -7.26 -43.86 70.07
CA ALA P 58 -7.79 -45.05 70.71
C ALA P 58 -7.43 -45.10 72.19
N MET P 59 -6.26 -44.58 72.56
CA MET P 59 -5.85 -44.59 73.96
C MET P 59 -6.67 -43.62 74.80
N PHE P 60 -7.11 -42.52 74.21
CA PHE P 60 -7.88 -41.51 74.95
C PHE P 60 -9.37 -41.79 74.93
N MET P 61 -9.89 -42.33 73.81
CA MET P 61 -11.31 -42.61 73.71
C MET P 61 -11.71 -43.91 74.41
N SER P 62 -10.75 -44.63 75.01
CA SER P 62 -11.10 -45.85 75.74
C SER P 62 -11.79 -45.56 77.07
N GLY P 63 -11.68 -44.33 77.56
CA GLY P 63 -12.32 -43.98 78.82
C GLY P 63 -11.70 -44.57 80.06
N LEU P 64 -10.50 -45.11 79.97
CA LEU P 64 -9.82 -45.72 81.10
C LEU P 64 -8.97 -44.69 81.82
N SER P 65 -8.05 -45.17 82.68
CA SER P 65 -7.20 -44.26 83.44
C SER P 65 -6.23 -43.50 82.54
N GLU P 66 -6.02 -43.98 81.31
CA GLU P 66 -5.13 -43.28 80.39
C GLU P 66 -5.69 -41.93 79.99
N SER P 67 -7.02 -41.80 79.94
CA SER P 67 -7.64 -40.52 79.68
C SER P 67 -7.77 -39.67 80.93
N LYS P 68 -7.52 -40.24 82.10
CA LYS P 68 -7.61 -39.51 83.37
C LYS P 68 -6.25 -39.18 83.97
N GLN P 69 -5.26 -40.05 83.78
CA GLN P 69 -3.93 -39.80 84.32
C GLN P 69 -3.17 -38.85 83.41
N THR P 70 -2.50 -37.87 84.02
CA THR P 70 -1.78 -36.86 83.24
C THR P 70 -0.42 -37.34 82.77
N HIS P 71 0.15 -38.37 83.42
CA HIS P 71 1.46 -38.89 83.07
C HIS P 71 1.29 -40.24 82.36
N VAL P 72 1.76 -40.31 81.12
CA VAL P 72 1.70 -41.53 80.33
C VAL P 72 3.12 -41.90 79.91
N HIS P 73 3.55 -43.12 80.23
CA HIS P 73 4.89 -43.59 79.93
C HIS P 73 4.87 -44.34 78.61
N LEU P 74 5.51 -43.77 77.59
CA LEU P 74 5.62 -44.40 76.28
C LEU P 74 7.02 -44.99 76.13
N ARG P 75 7.08 -46.29 75.90
CA ARG P 75 8.35 -46.99 75.76
C ARG P 75 8.61 -47.37 74.31
N ASN P 76 9.87 -47.69 74.02
CA ASN P 76 10.32 -48.07 72.68
C ASN P 76 10.06 -46.97 71.66
N VAL P 77 10.07 -45.72 72.11
CA VAL P 77 9.86 -44.56 71.25
C VAL P 77 11.00 -43.58 71.48
N ASP P 78 11.64 -43.15 70.39
CA ASP P 78 12.74 -42.21 70.48
C ASP P 78 12.22 -40.82 70.79
N ALA P 79 13.00 -40.06 71.57
CA ALA P 79 12.58 -38.72 71.94
C ALA P 79 12.58 -37.77 70.75
N ALA P 80 13.61 -37.86 69.90
CA ALA P 80 13.68 -36.99 68.73
C ALA P 80 12.54 -37.28 67.76
N THR P 81 12.21 -38.55 67.55
CA THR P 81 11.12 -38.91 66.65
C THR P 81 9.79 -38.44 67.20
N LEU P 82 9.58 -38.58 68.51
CA LEU P 82 8.35 -38.08 69.12
C LEU P 82 8.25 -36.57 69.02
N GLN P 83 9.37 -35.87 69.19
CA GLN P 83 9.37 -34.42 69.02
C GLN P 83 9.04 -34.02 67.60
N ILE P 84 9.59 -34.75 66.62
CA ILE P 84 9.27 -34.46 65.22
C ILE P 84 7.80 -34.73 64.94
N ILE P 85 7.25 -35.79 65.52
CA ILE P 85 5.83 -36.11 65.32
C ILE P 85 4.95 -35.00 65.91
N ILE P 86 5.33 -34.52 67.11
CA ILE P 86 4.53 -33.48 67.81
C ILE P 86 4.74 -32.12 67.12
N THR P 87 5.97 -31.78 66.73
CA THR P 87 6.20 -30.52 65.97
C THR P 87 5.31 -30.56 64.73
N TYR P 88 5.35 -31.67 63.99
CA TYR P 88 4.50 -31.85 62.78
C TYR P 88 3.03 -31.77 63.19
N ALA P 89 2.69 -32.30 64.36
CA ALA P 89 1.27 -32.31 64.83
C ALA P 89 0.75 -30.89 65.07
N TYR P 90 1.65 -29.92 65.24
CA TYR P 90 1.22 -28.53 65.56
C TYR P 90 1.54 -27.61 64.37
N THR P 91 2.18 -28.14 63.34
CA THR P 91 2.51 -27.33 62.13
C THR P 91 2.06 -28.07 60.88
N GLY P 92 2.88 -29.01 60.39
CA GLY P 92 2.55 -29.74 59.14
C GLY P 92 3.79 -29.90 58.28
N ASN P 93 4.93 -29.41 58.77
CA ASN P 93 6.21 -29.57 58.01
C ASN P 93 6.94 -30.81 58.53
N LEU P 94 7.35 -31.70 57.61
CA LEU P 94 8.05 -32.96 58.01
C LEU P 94 9.52 -32.87 57.64
N ALA P 95 10.41 -32.86 58.64
CA ALA P 95 11.88 -32.84 58.36
C ALA P 95 12.34 -34.28 58.10
N MET P 96 12.31 -34.72 56.84
CA MET P 96 12.71 -36.11 56.50
C MET P 96 14.12 -36.11 55.94
N ASN P 97 15.10 -36.59 56.71
CA ASN P 97 16.47 -36.67 56.23
C ASN P 97 16.86 -38.13 56.09
N ASP P 98 17.90 -38.38 55.29
CA ASP P 98 18.34 -39.75 55.05
C ASP P 98 18.98 -40.39 56.27
N SER P 99 19.27 -39.61 57.31
CA SER P 99 19.91 -40.16 58.51
C SER P 99 18.90 -40.70 59.50
N THR P 100 17.73 -40.05 59.64
CA THR P 100 16.74 -40.46 60.63
C THR P 100 15.38 -40.74 60.00
N VAL P 101 15.35 -41.30 58.79
CA VAL P 101 14.07 -41.58 58.15
C VAL P 101 13.52 -42.92 58.60
N GLU P 102 14.39 -43.90 58.82
CA GLU P 102 13.93 -45.23 59.21
C GLU P 102 13.37 -45.22 60.63
N GLN P 103 14.03 -44.54 61.56
CA GLN P 103 13.52 -44.44 62.92
C GLN P 103 12.23 -43.64 62.95
N LEU P 104 12.13 -42.59 62.13
CA LEU P 104 10.90 -41.83 62.05
C LEU P 104 9.75 -42.69 61.52
N TYR P 105 10.03 -43.50 60.49
CA TYR P 105 9.00 -44.39 59.96
C TYR P 105 8.59 -45.44 60.98
N GLU P 106 9.55 -45.96 61.75
CA GLU P 106 9.22 -46.92 62.81
C GLU P 106 8.33 -46.28 63.87
N THR P 107 8.68 -45.08 64.31
CA THR P 107 7.87 -44.39 65.30
C THR P 107 6.47 -44.09 64.75
N ALA P 108 6.39 -43.70 63.47
CA ALA P 108 5.09 -43.40 62.88
C ALA P 108 4.23 -44.66 62.78
N CYS P 109 4.81 -45.78 62.36
CA CYS P 109 4.04 -47.02 62.27
C CYS P 109 3.64 -47.52 63.66
N PHE P 110 4.45 -47.21 64.69
CA PHE P 110 4.06 -47.54 66.04
C PHE P 110 2.95 -46.62 66.55
N LEU P 111 2.88 -45.40 66.03
CA LEU P 111 1.85 -44.44 66.42
C LEU P 111 0.73 -44.32 65.41
N GLN P 112 0.89 -44.87 64.20
CA GLN P 112 -0.14 -44.88 63.17
C GLN P 112 -0.58 -43.46 62.81
N VAL P 113 0.36 -42.69 62.26
CA VAL P 113 0.08 -41.39 61.70
C VAL P 113 0.04 -41.55 60.18
N GLU P 114 -1.18 -41.58 59.63
CA GLU P 114 -1.36 -41.88 58.21
C GLU P 114 -0.56 -40.92 57.33
N ASP P 115 -0.61 -39.63 57.63
CA ASP P 115 0.10 -38.64 56.81
C ASP P 115 1.60 -38.85 56.89
N VAL P 116 2.14 -38.95 58.11
CA VAL P 116 3.57 -39.15 58.27
C VAL P 116 4.00 -40.49 57.68
N LEU P 117 3.17 -41.52 57.86
CA LEU P 117 3.49 -42.83 57.29
C LEU P 117 3.59 -42.75 55.76
N GLN P 118 2.60 -42.13 55.12
CA GLN P 118 2.61 -42.03 53.66
C GLN P 118 3.78 -41.18 53.18
N ARG P 119 4.08 -40.08 53.88
CA ARG P 119 5.18 -39.22 53.45
C ARG P 119 6.52 -39.93 53.59
N CYS P 120 6.75 -40.62 54.71
CA CYS P 120 7.98 -41.37 54.87
C CYS P 120 8.07 -42.52 53.87
N ARG P 121 6.94 -43.16 53.56
CA ARG P 121 6.96 -44.23 52.58
C ARG P 121 7.36 -43.73 51.20
N GLU P 122 6.73 -42.64 50.75
CA GLU P 122 7.07 -42.11 49.43
C GLU P 122 8.49 -41.55 49.41
N TYR P 123 8.97 -41.00 50.54
CA TYR P 123 10.34 -40.51 50.59
C TYR P 123 11.34 -41.65 50.49
N LEU P 124 11.08 -42.76 51.19
CA LEU P 124 11.94 -43.93 51.08
C LEU P 124 11.89 -44.52 49.68
N ILE P 125 10.72 -44.48 49.04
CA ILE P 125 10.59 -45.01 47.69
C ILE P 125 11.41 -44.18 46.72
N LYS P 126 11.36 -42.85 46.86
CA LYS P 126 12.15 -41.96 45.97
C LYS P 126 13.61 -41.90 46.42
N LYS P 127 13.99 -42.68 47.43
CA LYS P 127 15.39 -42.63 47.98
C LYS P 127 16.07 -43.99 47.88
N ILE P 128 15.50 -44.93 47.12
CA ILE P 128 16.15 -46.26 46.94
C ILE P 128 17.34 -46.11 45.99
N ASN P 129 18.57 -46.34 46.48
CA ASN P 129 19.76 -46.29 45.61
C ASN P 129 20.39 -47.69 45.55
N ALA P 130 21.65 -47.79 45.12
CA ALA P 130 22.31 -49.11 44.99
C ALA P 130 23.16 -49.42 46.22
N GLU P 131 22.95 -48.68 47.31
CA GLU P 131 23.78 -48.87 48.53
C GLU P 131 22.88 -49.20 49.73
N ASN P 132 21.59 -48.83 49.66
CA ASN P 132 20.67 -49.06 50.80
C ASN P 132 19.53 -50.00 50.38
N CYS P 133 19.50 -50.42 49.11
CA CYS P 133 18.39 -51.27 48.61
C CYS P 133 18.17 -52.47 49.53
N VAL P 134 19.23 -53.21 49.86
CA VAL P 134 19.10 -54.44 50.69
C VAL P 134 18.60 -54.07 52.10
N ARG P 135 19.18 -53.03 52.71
CA ARG P 135 18.76 -52.60 54.03
C ARG P 135 17.31 -52.12 54.02
N LEU P 136 16.92 -51.35 53.01
CA LEU P 136 15.53 -50.92 52.91
C LEU P 136 14.60 -52.09 52.65
N LEU P 137 15.05 -53.10 51.90
CA LEU P 137 14.24 -54.29 51.69
C LEU P 137 14.00 -55.03 53.00
N SER P 138 15.06 -55.22 53.79
CA SER P 138 14.91 -55.86 55.09
C SER P 138 14.00 -55.04 56.00
N PHE P 139 14.12 -53.71 55.95
CA PHE P 139 13.27 -52.84 56.76
C PHE P 139 11.80 -53.00 56.36
N ALA P 140 11.52 -52.98 55.06
CA ALA P 140 10.15 -53.13 54.59
C ALA P 140 9.59 -54.51 54.92
N ASP P 141 10.44 -55.54 54.86
CA ASP P 141 9.98 -56.87 55.24
C ASP P 141 9.65 -56.95 56.72
N LEU P 142 10.48 -56.30 57.56
CA LEU P 142 10.23 -56.32 58.99
C LEU P 142 9.00 -55.51 59.36
N PHE P 143 8.73 -54.42 58.65
CA PHE P 143 7.61 -53.54 58.97
C PHE P 143 6.42 -53.72 58.05
N SER P 144 6.48 -54.66 57.11
CA SER P 144 5.35 -55.02 56.24
C SER P 144 4.83 -53.81 55.47
N CYS P 145 5.70 -53.25 54.64
CA CYS P 145 5.35 -52.17 53.72
C CYS P 145 5.46 -52.73 52.31
N GLU P 146 4.32 -53.03 51.69
CA GLU P 146 4.31 -53.78 50.43
C GLU P 146 4.93 -52.95 49.29
N GLU P 147 4.64 -51.65 49.24
CA GLU P 147 5.16 -50.83 48.15
C GLU P 147 6.68 -50.69 48.24
N LEU P 148 7.18 -50.33 49.43
CA LEU P 148 8.62 -50.22 49.61
C LEU P 148 9.30 -51.57 49.41
N LYS P 149 8.65 -52.66 49.85
CA LYS P 149 9.23 -53.98 49.67
C LYS P 149 9.37 -54.31 48.18
N GLN P 150 8.31 -54.05 47.40
CA GLN P 150 8.38 -54.33 45.97
C GLN P 150 9.42 -53.46 45.27
N SER P 151 9.48 -52.18 45.65
CA SER P 151 10.46 -51.28 45.03
C SER P 151 11.88 -51.73 45.34
N ALA P 152 12.15 -52.07 46.60
CA ALA P 152 13.49 -52.52 46.97
C ALA P 152 13.83 -53.85 46.33
N LYS P 153 12.83 -54.74 46.18
CA LYS P 153 13.08 -56.02 45.51
C LYS P 153 13.43 -55.80 44.05
N ARG P 154 12.72 -54.90 43.37
CA ARG P 154 13.04 -54.59 41.98
C ARG P 154 14.43 -53.97 41.87
N MET P 155 14.79 -53.08 42.81
CA MET P 155 16.11 -52.48 42.77
C MET P 155 17.21 -53.52 43.00
N VAL P 156 16.96 -54.48 43.88
CA VAL P 156 17.94 -55.55 44.11
C VAL P 156 18.07 -56.41 42.88
N GLU P 157 16.94 -56.75 42.25
CA GLU P 157 16.98 -57.53 41.02
C GLU P 157 17.68 -56.79 39.89
N HIS P 158 17.68 -55.45 39.92
CA HIS P 158 18.31 -54.69 38.85
C HIS P 158 19.83 -54.71 38.98
N LYS P 159 20.35 -54.71 40.20
CA LYS P 159 21.79 -54.63 40.45
C LYS P 159 22.22 -55.68 41.47
N PHE P 160 21.79 -56.92 41.27
CA PHE P 160 22.12 -57.98 42.22
C PHE P 160 23.62 -58.25 42.24
N THR P 161 24.25 -58.29 41.06
CA THR P 161 25.68 -58.58 40.99
C THR P 161 26.54 -57.48 41.61
N ALA P 162 25.96 -56.30 41.85
CA ALA P 162 26.69 -55.19 42.45
C ALA P 162 26.39 -55.02 43.94
N VAL P 163 25.31 -55.62 44.44
CA VAL P 163 24.94 -55.46 45.83
C VAL P 163 25.02 -56.75 46.63
N TYR P 164 25.27 -57.89 45.98
CA TYR P 164 25.36 -59.14 46.74
C TYR P 164 26.63 -59.25 47.57
N HIS P 165 27.53 -58.27 47.49
CA HIS P 165 28.73 -58.24 48.33
C HIS P 165 28.53 -57.48 49.63
N GLN P 166 27.46 -56.70 49.74
CA GLN P 166 27.26 -55.88 50.93
C GLN P 166 26.95 -56.76 52.14
N ASP P 167 27.29 -56.23 53.33
CA ASP P 167 27.06 -56.97 54.56
C ASP P 167 25.57 -57.14 54.86
N ALA P 168 24.74 -56.24 54.34
CA ALA P 168 23.30 -56.34 54.59
C ALA P 168 22.70 -57.54 53.86
N PHE P 169 23.37 -58.04 52.82
CA PHE P 169 22.82 -59.17 52.07
C PHE P 169 23.01 -60.48 52.81
N MET P 170 24.11 -60.62 53.57
CA MET P 170 24.35 -61.87 54.28
C MET P 170 23.52 -61.97 55.56
N GLN P 171 23.01 -60.85 56.05
CA GLN P 171 22.19 -60.83 57.26
C GLN P 171 20.70 -60.88 56.95
N LEU P 172 20.33 -61.23 55.73
CA LEU P 172 18.92 -61.30 55.35
C LEU P 172 18.28 -62.56 55.93
N SER P 173 16.95 -62.54 55.98
CA SER P 173 16.19 -63.67 56.50
C SER P 173 16.05 -64.75 55.41
N HIS P 174 15.41 -65.86 55.81
CA HIS P 174 15.25 -66.97 54.89
C HIS P 174 14.23 -66.64 53.80
N ASP P 175 13.12 -66.01 54.18
CA ASP P 175 12.09 -65.69 53.20
C ASP P 175 12.61 -64.69 52.16
N LEU P 176 13.40 -63.72 52.60
CA LEU P 176 13.99 -62.77 51.66
C LEU P 176 14.89 -63.48 50.65
N LEU P 177 15.71 -64.42 51.13
CA LEU P 177 16.60 -65.14 50.24
C LEU P 177 15.80 -65.99 49.24
N ILE P 178 14.79 -66.71 49.73
CA ILE P 178 14.06 -67.61 48.84
C ILE P 178 13.15 -66.83 47.89
N ASP P 179 12.84 -65.57 48.21
CA ASP P 179 12.03 -64.78 47.29
C ASP P 179 12.90 -63.96 46.34
N ILE P 180 14.15 -63.73 46.69
CA ILE P 180 15.06 -63.04 45.76
C ILE P 180 15.64 -64.03 44.76
N LEU P 181 16.10 -65.19 45.23
CA LEU P 181 16.72 -66.16 44.34
C LEU P 181 15.70 -66.77 43.38
N SER P 182 14.45 -66.93 43.81
CA SER P 182 13.43 -67.53 42.95
C SER P 182 12.96 -66.58 41.86
N SER P 183 13.19 -65.27 42.01
CA SER P 183 12.75 -64.30 41.03
C SER P 183 13.62 -64.40 39.77
N ASP P 184 12.96 -64.40 38.62
CA ASP P 184 13.65 -64.47 37.33
C ASP P 184 14.18 -63.13 36.86
N ASN P 185 14.15 -62.10 37.71
CA ASN P 185 14.60 -60.77 37.33
C ASN P 185 16.04 -60.49 37.78
N LEU P 186 16.79 -61.51 38.16
CA LEU P 186 18.17 -61.33 38.59
C LEU P 186 19.02 -60.87 37.41
N ASN P 187 19.63 -59.69 37.53
CA ASN P 187 20.50 -59.13 36.49
C ASN P 187 21.90 -59.71 36.68
N VAL P 188 22.09 -60.92 36.17
CA VAL P 188 23.36 -61.62 36.25
C VAL P 188 23.67 -62.22 34.89
N GLU P 189 24.93 -62.11 34.48
CA GLU P 189 25.35 -62.66 33.19
C GLU P 189 25.57 -64.16 33.23
N LYS P 190 25.81 -64.72 34.40
CA LYS P 190 26.05 -66.15 34.56
C LYS P 190 25.40 -66.63 35.85
N GLU P 191 24.98 -67.90 35.86
CA GLU P 191 24.38 -68.47 37.06
C GLU P 191 25.43 -68.74 38.14
N GLU P 192 26.72 -68.76 37.78
CA GLU P 192 27.76 -68.95 38.78
C GLU P 192 27.77 -67.82 39.79
N THR P 193 27.40 -66.61 39.39
CA THR P 193 27.32 -65.50 40.33
C THR P 193 26.27 -65.76 41.39
N VAL P 194 25.07 -66.19 40.98
CA VAL P 194 24.03 -66.50 41.94
C VAL P 194 24.42 -67.68 42.81
N ARG P 195 25.10 -68.68 42.22
CA ARG P 195 25.54 -69.82 43.01
C ARG P 195 26.52 -69.39 44.09
N GLU P 196 27.50 -68.57 43.75
CA GLU P 196 28.46 -68.08 44.73
C GLU P 196 27.79 -67.17 45.77
N ALA P 197 26.79 -66.40 45.35
CA ALA P 197 26.04 -65.59 46.31
C ALA P 197 25.33 -66.47 47.33
N ALA P 198 24.65 -67.51 46.86
CA ALA P 198 24.00 -68.44 47.78
C ALA P 198 25.02 -69.12 48.69
N MET P 199 26.19 -69.48 48.15
CA MET P 199 27.22 -70.14 48.94
C MET P 199 27.72 -69.22 50.05
N LEU P 200 28.02 -67.97 49.71
CA LEU P 200 28.50 -67.03 50.73
C LEU P 200 27.42 -66.73 51.75
N TRP P 201 26.16 -66.67 51.32
CA TRP P 201 25.07 -66.46 52.26
C TRP P 201 24.95 -67.62 53.24
N LEU P 202 25.05 -68.85 52.75
CA LEU P 202 24.91 -69.99 53.64
C LEU P 202 26.13 -70.18 54.53
N GLU P 203 27.31 -69.77 54.06
CA GLU P 203 28.51 -69.89 54.90
C GLU P 203 28.71 -68.70 55.81
N TYR P 204 27.95 -67.62 55.65
CA TYR P 204 28.06 -66.48 56.56
C TYR P 204 27.75 -66.88 57.99
N ASN P 205 26.65 -67.63 58.18
CA ASN P 205 26.26 -68.12 59.51
C ASN P 205 25.81 -69.57 59.32
N THR P 206 26.75 -70.50 59.52
CA THR P 206 26.47 -71.92 59.25
C THR P 206 25.65 -72.55 60.37
N GLU P 207 25.89 -72.18 61.62
CA GLU P 207 25.23 -72.86 62.73
C GLU P 207 23.72 -72.61 62.74
N SER P 208 23.27 -71.52 62.14
CA SER P 208 21.85 -71.20 62.09
C SER P 208 21.22 -71.46 60.73
N ARG P 209 22.03 -71.69 59.69
CA ARG P 209 21.51 -71.91 58.34
C ARG P 209 21.86 -73.29 57.80
N SER P 210 22.40 -74.18 58.64
CA SER P 210 22.71 -75.53 58.18
C SER P 210 21.46 -76.31 57.80
N GLN P 211 20.31 -75.93 58.36
CA GLN P 211 19.06 -76.62 58.06
C GLN P 211 18.41 -76.09 56.78
N TYR P 212 18.88 -74.96 56.26
CA TYR P 212 18.28 -74.35 55.08
C TYR P 212 19.07 -74.65 53.80
N LEU P 213 20.02 -75.59 53.85
CA LEU P 213 20.82 -75.87 52.66
C LEU P 213 19.96 -76.45 51.54
N SER P 214 18.95 -77.24 51.88
CA SER P 214 18.07 -77.80 50.86
C SER P 214 17.25 -76.70 50.19
N SER P 215 16.69 -75.79 50.98
CA SER P 215 15.94 -74.68 50.41
C SER P 215 16.84 -73.75 49.60
N VAL P 216 18.11 -73.66 49.97
CA VAL P 216 19.04 -72.83 49.20
C VAL P 216 19.33 -73.48 47.85
N LEU P 217 19.65 -74.77 47.85
CA LEU P 217 19.98 -75.46 46.61
C LEU P 217 18.76 -75.65 45.72
N SER P 218 17.55 -75.66 46.27
CA SER P 218 16.36 -75.84 45.46
C SER P 218 15.97 -74.60 44.67
N GLN P 219 16.56 -73.44 44.97
CA GLN P 219 16.21 -72.21 44.29
C GLN P 219 17.20 -71.82 43.21
N ILE P 220 18.43 -72.32 43.25
CA ILE P 220 19.44 -72.01 42.26
C ILE P 220 19.26 -72.97 41.08
N ARG P 221 19.12 -72.42 39.89
CA ARG P 221 18.93 -73.25 38.69
C ARG P 221 20.27 -73.86 38.28
N ILE P 222 20.36 -75.18 38.37
CA ILE P 222 21.57 -75.91 38.01
C ILE P 222 21.45 -76.58 36.65
N ASP P 223 20.31 -77.21 36.36
CA ASP P 223 20.07 -77.85 35.08
C ASP P 223 19.44 -76.90 34.06
N ALA P 224 19.60 -75.59 34.24
CA ALA P 224 19.03 -74.65 33.29
C ALA P 224 19.74 -74.73 31.95
N LEU P 225 21.06 -74.50 31.94
CA LEU P 225 21.87 -74.50 30.73
C LEU P 225 21.29 -73.54 29.70
N SER P 226 21.15 -72.28 30.09
CA SER P 226 20.46 -71.29 29.28
C SER P 226 21.18 -71.03 27.96
N GLU P 227 22.38 -70.46 28.04
CA GLU P 227 23.08 -69.98 26.85
C GLU P 227 24.38 -70.74 26.63
N VAL P 228 24.54 -71.89 27.28
CA VAL P 228 25.73 -72.71 27.06
C VAL P 228 25.41 -73.76 26.02
N THR P 229 24.14 -74.17 25.94
CA THR P 229 23.73 -75.17 24.95
C THR P 229 23.91 -74.64 23.53
N GLN P 230 23.71 -73.34 23.32
CA GLN P 230 23.98 -72.75 22.02
C GLN P 230 25.47 -72.74 21.71
N ARG P 231 26.31 -72.68 22.76
CA ARG P 231 27.75 -72.72 22.55
C ARG P 231 28.23 -74.13 22.28
N ALA P 232 27.41 -75.13 22.61
CA ALA P 232 27.81 -76.52 22.39
C ALA P 232 27.62 -76.93 20.94
N TRP P 233 26.39 -76.84 20.44
CA TRP P 233 26.09 -77.27 19.08
C TRP P 233 26.84 -76.41 18.06
N PHE P 234 26.46 -75.14 17.93
CA PHE P 234 27.13 -74.19 17.06
C PHE P 234 26.41 -72.84 17.13
N GLN P 235 26.99 -71.83 16.47
CA GLN P 235 26.33 -70.55 16.29
C GLN P 235 25.66 -70.45 14.92
N GLY P 236 25.48 -71.57 14.24
CA GLY P 236 24.93 -71.59 12.90
C GLY P 236 23.49 -71.15 12.82
N LEU P 237 23.26 -69.96 12.30
CA LEU P 237 21.94 -69.34 12.22
C LEU P 237 22.02 -68.18 11.24
N PRO P 238 20.90 -67.55 10.92
CA PRO P 238 20.95 -66.24 10.26
C PRO P 238 21.78 -65.28 11.09
N PRO P 239 22.28 -64.19 10.47
CA PRO P 239 23.28 -63.35 11.15
C PRO P 239 22.90 -62.93 12.56
N ASN P 240 23.65 -63.47 13.53
CA ASN P 240 23.46 -63.18 14.96
C ASN P 240 22.01 -63.38 15.38
N ASP P 241 21.50 -64.58 15.13
CA ASP P 241 20.13 -64.94 15.50
C ASP P 241 20.05 -65.59 16.88
N LYS P 242 21.12 -65.46 17.68
CA LYS P 242 21.09 -65.98 19.07
C LYS P 242 20.08 -65.13 19.85
N SER P 243 19.89 -63.88 19.43
CA SER P 243 18.94 -62.96 20.11
C SER P 243 17.50 -63.43 19.90
N VAL P 244 17.22 -64.07 18.76
CA VAL P 244 15.85 -64.61 18.48
C VAL P 244 15.59 -65.75 19.48
N VAL P 245 16.60 -66.60 19.73
CA VAL P 245 16.45 -67.69 20.73
C VAL P 245 16.20 -67.07 22.11
N VAL P 246 16.87 -65.95 22.41
CA VAL P 246 16.67 -65.25 23.71
C VAL P 246 15.20 -64.83 23.82
N GLN P 247 14.64 -64.20 22.79
CA GLN P 247 13.25 -63.69 22.86
C GLN P 247 12.26 -64.79 22.45
N GLY P 248 12.70 -66.06 22.45
CA GLY P 248 11.80 -67.18 22.10
C GLY P 248 11.79 -68.26 23.18
N LEU P 249 12.93 -68.91 23.40
CA LEU P 249 13.01 -70.00 24.41
C LEU P 249 12.64 -69.46 25.81
N TYR P 250 13.19 -68.30 26.18
CA TYR P 250 12.93 -67.72 27.52
C TYR P 250 11.42 -67.71 27.80
N LYS P 251 10.64 -67.01 26.97
CA LYS P 251 9.17 -66.88 27.19
C LYS P 251 8.57 -68.24 27.58
N ASP P 252 8.65 -69.22 26.68
CA ASP P 252 8.03 -70.55 26.94
C ASP P 252 8.98 -71.38 27.82
N MET P 253 8.87 -71.25 29.14
CA MET P 253 9.77 -71.98 30.07
C MET P 253 9.06 -72.25 31.43
N PRO P 254 9.13 -73.45 32.07
CA PRO P 254 8.40 -73.71 33.32
C PRO P 254 8.87 -72.87 34.50
N LYS P 255 9.73 -71.88 34.24
CA LYS P 255 10.20 -70.91 35.23
C LYS P 255 11.14 -71.52 36.27
N PHE P 256 11.40 -72.83 36.17
CA PHE P 256 12.43 -73.42 37.02
C PHE P 256 13.78 -73.46 36.32
N PHE P 257 13.77 -73.69 35.00
CA PHE P 257 14.97 -73.64 34.19
C PHE P 257 15.02 -72.36 33.34
N LYS P 258 14.28 -71.35 33.75
CA LYS P 258 14.21 -70.11 32.99
C LYS P 258 15.56 -69.39 33.00
N PRO P 259 16.03 -68.92 31.86
CA PRO P 259 17.19 -68.02 31.87
C PRO P 259 16.84 -66.71 32.56
N ARG P 260 17.65 -66.34 33.55
CA ARG P 260 17.39 -65.14 34.33
C ARG P 260 17.41 -63.92 33.42
N LEU P 261 16.81 -62.83 33.92
CA LEU P 261 16.69 -61.61 33.12
C LEU P 261 18.05 -61.10 32.68
N GLY P 262 19.07 -61.27 33.51
CA GLY P 262 20.42 -60.86 33.12
C GLY P 262 20.94 -61.61 31.92
N MET P 263 20.44 -62.82 31.68
CA MET P 263 20.89 -63.58 30.47
C MET P 263 20.03 -63.18 29.26
N THR P 264 19.33 -62.04 29.33
CA THR P 264 18.43 -61.64 28.24
C THR P 264 18.79 -60.28 27.66
N LYS P 265 19.59 -59.49 28.40
CA LYS P 265 19.93 -58.11 27.94
C LYS P 265 20.73 -58.15 26.63
N GLU P 266 20.37 -57.29 25.67
CA GLU P 266 21.00 -57.26 24.36
C GLU P 266 21.44 -55.84 24.01
N GLU P 267 22.58 -55.71 23.33
CA GLU P 267 23.07 -54.37 23.04
C GLU P 267 22.28 -53.77 21.89
N MET P 268 21.56 -52.68 22.16
CA MET P 268 20.72 -52.05 21.15
C MET P 268 21.08 -50.57 21.04
N MET P 269 20.95 -50.05 19.82
CA MET P 269 21.19 -48.63 19.58
C MET P 269 19.98 -47.84 20.06
N ILE P 270 20.17 -47.07 21.11
CA ILE P 270 19.10 -46.32 21.74
C ILE P 270 18.95 -44.98 21.02
N PHE P 271 17.82 -44.80 20.34
CA PHE P 271 17.51 -43.55 19.67
C PHE P 271 16.41 -42.85 20.44
N ILE P 272 16.68 -41.61 20.85
CA ILE P 272 15.74 -40.81 21.63
C ILE P 272 15.40 -39.55 20.84
N GLU P 273 14.17 -39.05 20.97
CA GLU P 273 13.72 -37.86 20.20
C GLU P 273 13.68 -38.23 18.71
N ALA P 274 13.78 -39.53 18.39
CA ALA P 274 13.70 -39.98 17.00
C ALA P 274 12.31 -39.66 16.44
N SER P 275 12.26 -38.83 15.40
CA SER P 275 10.95 -38.41 14.80
C SER P 275 10.11 -39.65 14.47
N SER P 276 8.81 -39.58 14.74
CA SER P 276 7.90 -40.73 14.46
C SER P 276 6.87 -40.35 13.40
N GLU P 277 6.44 -41.32 12.59
CA GLU P 277 5.38 -41.06 11.57
C GLU P 277 4.13 -40.56 12.30
N ASN P 278 3.79 -41.17 13.44
CA ASN P 278 2.63 -40.71 14.24
C ASN P 278 2.83 -39.24 14.60
N PRO P 279 1.93 -38.32 14.15
CA PRO P 279 2.09 -36.89 14.41
C PRO P 279 2.08 -36.56 15.90
N CYS P 280 1.17 -37.19 16.66
CA CYS P 280 1.05 -36.93 18.12
C CYS P 280 2.43 -36.97 18.77
N SER P 281 3.15 -38.09 18.62
CA SER P 281 4.51 -38.21 19.18
C SER P 281 5.56 -37.94 18.09
N LEU P 282 5.73 -36.68 17.71
CA LEU P 282 6.72 -36.30 16.66
C LEU P 282 8.13 -36.38 17.24
N TYR P 283 8.25 -36.58 18.56
CA TYR P 283 9.58 -36.73 19.20
C TYR P 283 9.61 -38.05 19.98
N SER P 284 9.38 -39.17 19.27
CA SER P 284 9.33 -40.50 19.94
C SER P 284 10.73 -41.04 20.17
N SER P 285 10.85 -42.28 20.66
CA SER P 285 12.13 -42.90 20.93
C SER P 285 12.02 -44.41 20.74
N VAL P 286 12.85 -44.95 19.86
CA VAL P 286 12.86 -46.39 19.58
C VAL P 286 14.31 -46.88 19.61
N CYS P 287 14.47 -48.19 19.81
CA CYS P 287 15.83 -48.77 19.91
C CYS P 287 15.96 -49.93 18.92
N TYR P 288 16.76 -49.74 17.87
CA TYR P 288 16.98 -50.83 16.88
C TYR P 288 18.05 -51.78 17.41
N SER P 289 17.75 -53.08 17.44
CA SER P 289 18.77 -54.09 17.85
C SER P 289 19.56 -54.54 16.62
N PRO P 290 20.87 -54.27 16.53
CA PRO P 290 21.68 -54.74 15.40
C PRO P 290 21.73 -56.27 15.37
N GLN P 291 21.78 -56.91 16.54
CA GLN P 291 21.86 -58.39 16.62
C GLN P 291 20.52 -59.01 16.22
N ALA P 292 19.43 -58.61 16.87
CA ALA P 292 18.10 -59.22 16.59
C ALA P 292 17.53 -58.68 15.28
N GLU P 293 18.12 -57.61 14.73
CA GLU P 293 17.61 -56.98 13.48
C GLU P 293 16.13 -56.61 13.69
N LYS P 294 15.79 -56.08 14.86
CA LYS P 294 14.38 -55.72 15.18
C LYS P 294 14.34 -54.40 15.93
N VAL P 295 13.32 -53.58 15.69
CA VAL P 295 13.16 -52.28 16.43
C VAL P 295 12.14 -52.49 17.55
N TYR P 296 12.39 -51.90 18.73
CA TYR P 296 11.47 -52.08 19.89
C TYR P 296 10.96 -50.72 20.35
N LYS P 297 9.65 -50.59 20.57
CA LYS P 297 9.08 -49.31 20.97
C LYS P 297 9.39 -49.03 22.43
N LEU P 298 9.61 -47.75 22.75
CA LEU P 298 9.89 -47.31 24.10
C LEU P 298 8.83 -46.30 24.53
N CYS P 299 8.49 -46.31 25.81
CA CYS P 299 7.57 -45.32 26.36
C CYS P 299 8.39 -44.19 26.97
N SER P 300 9.54 -43.92 26.37
CA SER P 300 10.57 -43.01 26.87
C SER P 300 10.04 -41.68 27.40
N PRO P 301 9.21 -40.92 26.68
CA PRO P 301 8.79 -39.61 27.17
C PRO P 301 7.96 -39.74 28.43
N PRO P 302 8.46 -39.23 29.56
CA PRO P 302 7.67 -39.30 30.79
C PRO P 302 6.73 -38.12 30.96
N ALA P 303 7.03 -37.02 30.26
CA ALA P 303 6.21 -35.81 30.37
C ALA P 303 6.09 -35.13 29.01
N ASP P 304 6.03 -35.93 27.94
CA ASP P 304 5.95 -35.48 26.55
C ASP P 304 6.82 -34.26 26.28
N LEU P 305 8.09 -34.34 26.67
CA LEU P 305 9.02 -33.24 26.45
C LEU P 305 10.10 -33.65 25.46
N HIS P 306 11.08 -32.78 25.24
CA HIS P 306 12.14 -33.06 24.29
C HIS P 306 13.35 -32.23 24.68
N LYS P 307 14.35 -32.17 23.79
CA LYS P 307 15.58 -31.41 24.00
C LYS P 307 16.36 -31.92 25.20
N VAL P 308 16.28 -33.22 25.48
CA VAL P 308 16.96 -33.82 26.63
C VAL P 308 18.12 -34.65 26.11
N GLY P 309 19.23 -34.63 26.83
CA GLY P 309 20.40 -35.39 26.45
C GLY P 309 20.37 -36.84 26.90
N THR P 310 21.28 -37.66 26.37
CA THR P 310 21.38 -39.07 26.72
C THR P 310 22.76 -39.35 27.28
N VAL P 311 22.84 -40.33 28.18
CA VAL P 311 24.11 -40.74 28.78
C VAL P 311 23.97 -42.19 29.23
N VAL P 312 24.96 -43.00 28.87
CA VAL P 312 24.99 -44.41 29.23
C VAL P 312 26.26 -44.68 30.02
N THR P 313 26.11 -44.99 31.30
CA THR P 313 27.23 -45.34 32.13
C THR P 313 27.79 -46.70 31.73
N PRO P 314 29.05 -46.98 32.07
CA PRO P 314 29.58 -48.34 31.82
C PRO P 314 28.77 -49.42 32.51
N ASP P 315 28.05 -49.10 33.56
CA ASP P 315 27.13 -50.04 34.21
C ASP P 315 25.81 -50.17 33.47
N ASN P 316 25.72 -49.62 32.26
CA ASN P 316 24.53 -49.73 31.41
C ASN P 316 23.31 -49.09 32.04
N ASP P 317 23.42 -47.83 32.46
CA ASP P 317 22.30 -47.07 32.99
C ASP P 317 21.97 -45.91 32.08
N ILE P 318 20.69 -45.68 31.84
CA ILE P 318 20.23 -44.62 30.94
C ILE P 318 19.69 -43.48 31.76
N TYR P 319 19.99 -42.26 31.34
CA TYR P 319 19.51 -41.06 32.01
C TYR P 319 19.20 -39.98 30.97
N ILE P 320 18.21 -39.15 31.28
CA ILE P 320 17.87 -38.00 30.48
C ILE P 320 17.64 -36.81 31.41
N ALA P 321 18.11 -35.63 31.01
CA ALA P 321 17.99 -34.44 31.83
C ALA P 321 17.86 -33.22 30.93
N GLY P 322 17.59 -32.08 31.55
CA GLY P 322 17.44 -30.85 30.78
C GLY P 322 16.14 -30.84 30.01
N GLY P 323 16.15 -30.15 28.88
CA GLY P 323 14.98 -30.08 28.03
C GLY P 323 13.92 -29.14 28.55
N GLN P 324 12.83 -29.06 27.76
CA GLN P 324 11.71 -28.14 28.11
C GLN P 324 10.39 -28.79 27.71
N VAL P 325 9.35 -28.61 28.54
CA VAL P 325 8.02 -29.12 28.24
C VAL P 325 7.25 -28.03 27.49
N PRO P 326 6.27 -28.38 26.65
CA PRO P 326 5.48 -27.37 25.95
C PRO P 326 4.77 -26.43 26.92
N LEU P 327 4.63 -25.16 26.53
CA LEU P 327 3.96 -24.17 27.37
C LEU P 327 2.51 -24.55 27.62
N LYS P 328 2.17 -24.84 28.87
CA LYS P 328 0.81 -25.23 29.23
C LYS P 328 -0.01 -24.01 29.62
N PHE P 344 7.23 -22.93 25.78
CA PHE P 344 8.09 -24.06 26.14
C PHE P 344 8.95 -23.73 27.35
N ARG P 345 8.38 -23.90 28.54
CA ARG P 345 9.12 -23.62 29.77
C ARG P 345 10.19 -24.68 30.02
N THR P 346 11.39 -24.18 30.30
CA THR P 346 12.55 -25.08 30.57
C THR P 346 12.41 -25.64 31.98
N VAL P 347 12.85 -26.88 32.20
CA VAL P 347 12.69 -27.56 33.48
C VAL P 347 14.03 -28.11 33.95
N ASN P 348 14.01 -28.80 35.10
CA ASN P 348 15.22 -29.40 35.67
C ASN P 348 15.09 -30.89 35.94
N CYS P 349 14.00 -31.55 35.54
CA CYS P 349 13.73 -32.92 35.95
C CYS P 349 14.80 -33.87 35.44
N PHE P 350 15.16 -34.84 36.28
CA PHE P 350 16.13 -35.87 35.96
C PHE P 350 15.44 -37.22 36.01
N TYR P 351 15.48 -37.95 34.90
CA TYR P 351 14.78 -39.22 34.77
C TYR P 351 15.75 -40.36 34.54
N TRP P 352 15.59 -41.44 35.30
CA TRP P 352 16.32 -42.68 35.11
C TRP P 352 15.37 -43.74 34.57
N PHE P 353 15.85 -44.51 33.60
CA PHE P 353 15.04 -45.48 32.89
C PHE P 353 15.09 -46.82 33.63
N ASP P 354 13.91 -47.39 33.90
CA ASP P 354 13.82 -48.74 34.45
C ASP P 354 13.76 -49.72 33.29
N ALA P 355 14.86 -50.43 33.06
CA ALA P 355 14.94 -51.34 31.92
C ALA P 355 14.00 -52.53 32.06
N GLN P 356 13.44 -52.76 33.25
CA GLN P 356 12.54 -53.89 33.42
C GLN P 356 11.09 -53.48 33.26
N GLN P 357 10.71 -52.29 33.75
CA GLN P 357 9.34 -51.85 33.71
C GLN P 357 9.05 -50.89 32.56
N ASN P 358 10.08 -50.45 31.82
CA ASN P 358 9.92 -49.52 30.71
C ASN P 358 9.19 -48.26 31.15
N THR P 359 9.64 -47.70 32.28
CA THR P 359 9.07 -46.49 32.83
C THR P 359 10.15 -45.70 33.55
N TRP P 360 10.19 -44.40 33.31
CA TRP P 360 11.21 -43.53 33.88
C TRP P 360 10.78 -43.05 35.25
N PHE P 361 11.68 -43.16 36.23
CA PHE P 361 11.45 -42.65 37.57
C PHE P 361 12.18 -41.33 37.74
N PRO P 362 11.49 -40.25 38.10
CA PRO P 362 12.17 -38.97 38.25
C PRO P 362 13.10 -38.97 39.45
N LYS P 363 14.08 -38.08 39.42
CA LYS P 363 15.07 -37.92 40.47
C LYS P 363 15.11 -36.46 40.92
N THR P 364 16.12 -36.13 41.71
CA THR P 364 16.32 -34.76 42.16
C THR P 364 16.53 -33.84 40.96
N PRO P 365 15.71 -32.79 40.81
CA PRO P 365 15.87 -31.89 39.66
C PRO P 365 17.22 -31.18 39.69
N MET P 366 17.63 -30.71 38.52
CA MET P 366 18.90 -30.00 38.41
C MET P 366 18.81 -28.62 39.04
N LEU P 367 19.97 -27.99 39.23
CA LEU P 367 19.99 -26.65 39.81
C LEU P 367 19.70 -25.59 38.76
N PHE P 368 20.16 -25.77 37.53
CA PHE P 368 19.94 -24.82 36.45
C PHE P 368 19.31 -25.54 35.27
N VAL P 369 18.33 -24.89 34.66
CA VAL P 369 17.62 -25.45 33.51
C VAL P 369 18.59 -25.50 32.33
N ARG P 370 18.45 -26.55 31.51
CA ARG P 370 19.35 -26.76 30.39
C ARG P 370 18.57 -27.31 29.20
N ILE P 371 19.12 -27.12 28.00
CA ILE P 371 18.53 -27.62 26.76
C ILE P 371 19.57 -28.46 26.05
N LYS P 372 19.33 -29.77 25.99
CA LYS P 372 20.27 -30.73 25.44
C LYS P 372 21.65 -30.62 26.11
N PRO P 373 21.74 -30.90 27.40
CA PRO P 373 23.03 -30.78 28.09
C PRO P 373 23.93 -31.97 27.75
N SER P 374 25.23 -31.68 27.62
CA SER P 374 26.21 -32.72 27.37
C SER P 374 26.39 -33.55 28.63
N LEU P 375 25.71 -34.69 28.69
CA LEU P 375 25.73 -35.56 29.86
C LEU P 375 26.72 -36.69 29.62
N VAL P 376 27.72 -36.79 30.49
CA VAL P 376 28.72 -37.84 30.41
C VAL P 376 28.97 -38.39 31.81
N CYS P 377 29.33 -39.66 31.87
CA CYS P 377 29.61 -40.34 33.13
C CYS P 377 31.11 -40.36 33.35
N CYS P 378 31.54 -39.88 34.51
CA CYS P 378 32.97 -39.85 34.85
C CYS P 378 33.14 -40.15 36.33
N GLU P 379 33.89 -41.21 36.63
CA GLU P 379 34.19 -41.61 38.00
C GLU P 379 32.91 -41.81 38.82
N GLY P 380 31.90 -42.37 38.17
CA GLY P 380 30.63 -42.60 38.82
C GLY P 380 29.72 -41.41 38.91
N TYR P 381 30.17 -40.24 38.47
CA TYR P 381 29.35 -39.02 38.48
C TYR P 381 28.91 -38.68 37.07
N ILE P 382 27.69 -38.14 36.97
CA ILE P 382 27.14 -37.67 35.70
C ILE P 382 27.25 -36.16 35.68
N TYR P 383 27.96 -35.64 34.67
CA TYR P 383 28.24 -34.21 34.57
C TYR P 383 27.36 -33.58 33.51
N ALA P 384 26.74 -32.46 33.86
CA ALA P 384 25.93 -31.67 32.93
C ALA P 384 26.78 -30.51 32.43
N ILE P 385 27.12 -30.53 31.15
CA ILE P 385 28.07 -29.59 30.56
C ILE P 385 27.33 -28.73 29.53
N GLY P 386 27.18 -27.45 29.83
CA GLY P 386 26.59 -26.53 28.87
C GLY P 386 25.15 -26.89 28.56
N GLY P 387 24.83 -26.89 27.27
CA GLY P 387 23.48 -27.22 26.82
C GLY P 387 22.45 -26.21 27.26
N ASP P 388 22.65 -24.94 26.92
CA ASP P 388 21.71 -23.89 27.29
C ASP P 388 21.95 -22.63 26.46
N SER P 389 20.92 -21.81 26.29
CA SER P 389 21.05 -20.53 25.60
C SER P 389 21.97 -19.60 26.39
N VAL P 390 22.71 -18.78 25.64
CA VAL P 390 23.72 -17.87 26.27
C VAL P 390 23.05 -16.74 27.05
N GLY P 391 22.97 -16.89 28.37
CA GLY P 391 22.47 -15.83 29.24
C GLY P 391 23.42 -15.56 30.38
N GLY P 392 23.97 -14.34 30.42
CA GLY P 392 24.92 -13.99 31.46
C GLY P 392 26.30 -14.54 31.20
N GLU P 393 27.33 -13.73 31.44
CA GLU P 393 28.73 -14.19 31.26
C GLU P 393 28.96 -15.34 32.25
N LEU P 394 29.00 -15.02 33.55
CA LEU P 394 29.24 -16.05 34.56
C LEU P 394 27.99 -16.89 34.81
N ASN P 395 26.82 -16.39 34.43
CA ASN P 395 25.60 -17.17 34.62
C ASN P 395 25.57 -18.37 33.69
N ARG P 396 26.13 -18.23 32.49
CA ARG P 396 26.17 -19.38 31.57
C ARG P 396 27.51 -20.11 31.72
N ARG P 397 27.78 -21.06 30.83
CA ARG P 397 29.00 -21.86 30.83
C ARG P 397 29.14 -22.67 32.12
N THR P 398 28.09 -22.74 32.92
CA THR P 398 28.14 -23.42 34.20
C THR P 398 28.08 -24.93 34.02
N VAL P 399 28.85 -25.64 34.84
CA VAL P 399 28.88 -27.09 34.82
C VAL P 399 28.45 -27.60 36.18
N GLU P 400 27.61 -28.63 36.18
CA GLU P 400 27.10 -29.21 37.41
C GLU P 400 27.06 -30.72 37.29
N ARG P 401 27.41 -31.41 38.38
CA ARG P 401 27.42 -32.86 38.42
C ARG P 401 26.41 -33.35 39.45
N TYR P 402 25.95 -34.60 39.27
CA TYR P 402 24.93 -35.19 40.18
C TYR P 402 25.54 -36.39 40.92
N ASP P 403 25.29 -36.50 42.23
CA ASP P 403 25.76 -37.68 42.99
C ASP P 403 24.64 -38.74 42.93
N THR P 404 24.98 -39.96 42.49
CA THR P 404 23.94 -41.00 42.31
C THR P 404 23.34 -41.41 43.67
N GLU P 405 24.17 -41.85 44.62
CA GLU P 405 23.65 -42.34 45.92
C GLU P 405 23.15 -41.19 46.78
N LYS P 406 23.76 -40.00 46.66
CA LYS P 406 23.37 -38.85 47.52
C LYS P 406 22.15 -38.13 46.92
N ASP P 407 21.85 -38.39 45.65
CA ASP P 407 20.71 -37.71 44.97
C ASP P 407 20.84 -36.20 45.15
N GLU P 408 21.98 -35.62 44.74
CA GLU P 408 22.21 -34.17 44.94
C GLU P 408 23.01 -33.61 43.76
N TRP P 409 23.02 -32.28 43.60
CA TRP P 409 23.78 -31.65 42.52
C TRP P 409 24.85 -30.74 43.11
N THR P 410 26.07 -30.84 42.57
CA THR P 410 27.20 -30.08 43.05
C THR P 410 27.79 -29.28 41.90
N MET P 411 27.98 -27.98 42.13
CA MET P 411 28.55 -27.12 41.10
C MET P 411 30.05 -27.32 41.03
N VAL P 412 30.60 -27.22 39.81
CA VAL P 412 32.03 -27.39 39.60
C VAL P 412 32.54 -26.22 38.75
N SER P 413 33.82 -26.26 38.41
CA SER P 413 34.42 -25.20 37.62
C SER P 413 33.67 -25.05 36.30
N PRO P 414 33.16 -23.86 35.99
CA PRO P 414 32.35 -23.69 34.78
C PRO P 414 33.21 -23.73 33.52
N LEU P 415 32.53 -23.72 32.38
CA LEU P 415 33.22 -23.76 31.11
C LEU P 415 34.01 -22.47 30.89
N PRO P 416 35.20 -22.55 30.29
CA PRO P 416 35.98 -21.32 30.08
C PRO P 416 35.32 -20.34 29.12
N CYS P 417 34.67 -20.84 28.07
CA CYS P 417 34.05 -19.97 27.09
C CYS P 417 32.69 -20.53 26.70
N ALA P 418 31.80 -19.64 26.25
CA ALA P 418 30.45 -20.02 25.85
C ALA P 418 30.50 -20.62 24.46
N TRP P 419 30.08 -21.88 24.34
CA TRP P 419 30.09 -22.61 23.09
C TRP P 419 28.67 -23.05 22.72
N GLN P 420 28.52 -23.55 21.51
CA GLN P 420 27.23 -24.02 21.01
C GLN P 420 27.42 -25.30 20.22
N TRP P 421 26.50 -26.25 20.40
CA TRP P 421 26.50 -27.53 19.70
C TRP P 421 27.82 -28.27 19.93
N SER P 422 28.27 -28.22 21.18
CA SER P 422 29.50 -28.90 21.57
C SER P 422 29.19 -30.30 22.09
N ALA P 423 30.17 -31.20 21.94
CA ALA P 423 30.04 -32.58 22.36
C ALA P 423 30.94 -32.83 23.56
N ALA P 424 30.69 -33.94 24.25
CA ALA P 424 31.46 -34.32 25.43
C ALA P 424 31.66 -35.82 25.47
N VAL P 425 32.88 -36.23 25.81
CA VAL P 425 33.22 -37.64 25.97
C VAL P 425 34.07 -37.79 27.23
N VAL P 426 34.32 -39.04 27.60
CA VAL P 426 35.11 -39.37 28.78
C VAL P 426 36.11 -40.46 28.41
N VAL P 427 37.39 -40.21 28.68
CA VAL P 427 38.45 -41.17 28.43
C VAL P 427 39.36 -41.21 29.65
N HIS P 428 39.57 -42.41 30.19
CA HIS P 428 40.47 -42.62 31.33
C HIS P 428 40.07 -41.74 32.51
N ASP P 429 38.78 -41.75 32.82
CA ASP P 429 38.21 -40.99 33.93
C ASP P 429 38.48 -39.50 33.81
N CYS P 430 38.59 -38.98 32.59
CA CYS P 430 38.82 -37.56 32.35
C CYS P 430 37.73 -37.02 31.44
N ILE P 431 37.35 -35.77 31.66
CA ILE P 431 36.26 -35.12 30.93
C ILE P 431 36.86 -34.33 29.78
N TYR P 432 36.24 -34.44 28.61
CA TYR P 432 36.69 -33.73 27.42
C TYR P 432 35.48 -33.11 26.73
N VAL P 433 35.56 -31.82 26.44
CA VAL P 433 34.55 -31.11 25.67
C VAL P 433 35.25 -30.45 24.48
N MET P 434 34.63 -30.55 23.30
CA MET P 434 35.23 -30.02 22.08
C MET P 434 34.30 -28.98 21.49
N THR P 435 34.86 -28.07 20.70
CA THR P 435 34.13 -26.96 20.11
C THR P 435 34.58 -26.78 18.67
N LEU P 436 34.30 -25.59 18.13
CA LEU P 436 34.60 -25.24 16.75
C LEU P 436 36.00 -25.68 16.33
N ASN P 437 37.03 -25.17 17.01
CA ASN P 437 38.41 -25.53 16.70
C ASN P 437 39.25 -25.78 17.95
N LEU P 438 38.77 -25.41 19.13
CA LEU P 438 39.51 -25.57 20.36
C LEU P 438 39.07 -26.84 21.08
N MET P 439 39.74 -27.12 22.20
CA MET P 439 39.40 -28.28 23.03
C MET P 439 39.92 -28.05 24.43
N TYR P 440 39.07 -28.33 25.42
CA TYR P 440 39.42 -28.20 26.82
C TYR P 440 39.23 -29.55 27.53
N CYS P 441 40.21 -29.90 28.36
CA CYS P 441 40.15 -31.13 29.15
C CYS P 441 39.98 -30.78 30.62
N TYR P 442 39.01 -31.41 31.26
CA TYR P 442 38.71 -31.17 32.67
C TYR P 442 39.21 -32.35 33.49
N PHE P 443 39.75 -32.05 34.68
CA PHE P 443 40.19 -33.08 35.60
C PHE P 443 39.43 -32.95 36.91
N PRO P 444 38.56 -33.90 37.27
CA PRO P 444 37.86 -33.80 38.55
C PRO P 444 38.78 -33.78 39.75
N ARG P 445 39.96 -34.41 39.65
CA ARG P 445 40.91 -34.38 40.76
C ARG P 445 41.48 -32.98 40.97
N SER P 446 41.55 -32.17 39.91
CA SER P 446 42.05 -30.81 40.02
C SER P 446 40.95 -29.77 39.89
N ASP P 447 39.81 -30.12 39.30
CA ASP P 447 38.67 -29.22 39.15
C ASP P 447 39.08 -27.95 38.39
N SER P 448 39.76 -28.15 37.27
CA SER P 448 40.24 -27.05 36.46
C SER P 448 40.09 -27.38 34.99
N TRP P 449 40.22 -26.37 34.14
CA TRP P 449 40.09 -26.51 32.70
C TRP P 449 41.44 -26.23 32.04
N VAL P 450 41.84 -27.12 31.14
CA VAL P 450 43.12 -27.01 30.43
C VAL P 450 42.85 -27.05 28.94
N GLU P 451 43.26 -26.00 28.23
CA GLU P 451 43.13 -25.97 26.78
C GLU P 451 44.11 -26.97 26.17
N MET P 452 43.62 -27.79 25.25
CA MET P 452 44.41 -28.85 24.64
C MET P 452 44.73 -28.50 23.19
N ALA P 453 45.21 -29.51 22.46
CA ALA P 453 45.56 -29.33 21.05
C ALA P 453 44.34 -28.89 20.26
N MET P 454 44.49 -27.79 19.53
CA MET P 454 43.40 -27.27 18.70
C MET P 454 43.22 -28.14 17.46
N ARG P 455 42.03 -28.04 16.86
CA ARG P 455 41.76 -28.77 15.63
C ARG P 455 41.96 -27.88 14.42
N GLN P 456 42.34 -28.49 13.30
CA GLN P 456 42.66 -27.73 12.10
C GLN P 456 41.41 -27.19 11.42
N THR P 457 40.24 -27.73 11.74
CA THR P 457 38.99 -27.35 11.09
C THR P 457 38.03 -26.77 12.12
N SER P 458 37.27 -25.76 11.69
CA SER P 458 36.22 -25.17 12.52
C SER P 458 34.87 -25.70 12.04
N ARG P 459 34.23 -26.51 12.88
CA ARG P 459 33.00 -27.18 12.50
C ARG P 459 32.02 -27.15 13.68
N SER P 460 30.75 -27.41 13.37
CA SER P 460 29.68 -27.42 14.36
C SER P 460 28.79 -28.64 14.15
N PHE P 461 27.94 -28.90 15.15
CA PHE P 461 26.97 -29.99 15.14
C PHE P 461 27.61 -31.36 14.99
N ALA P 462 28.91 -31.49 15.29
CA ALA P 462 29.58 -32.76 15.10
C ALA P 462 29.29 -33.71 16.25
N SER P 463 29.37 -35.00 15.94
CA SER P 463 29.17 -36.06 16.92
C SER P 463 30.51 -36.66 17.32
N ALA P 464 30.62 -37.04 18.60
CA ALA P 464 31.86 -37.57 19.14
C ALA P 464 31.56 -38.79 20.02
N ALA P 465 32.48 -39.74 19.98
CA ALA P 465 32.34 -40.96 20.77
C ALA P 465 33.72 -41.46 21.15
N ALA P 466 33.89 -41.77 22.43
CA ALA P 466 35.15 -42.25 22.96
C ALA P 466 35.30 -43.74 22.64
N PHE P 467 36.39 -44.08 21.96
CA PHE P 467 36.66 -45.46 21.60
C PHE P 467 38.11 -45.77 21.95
N GLY P 468 38.32 -46.58 22.98
CA GLY P 468 39.67 -46.90 23.40
C GLY P 468 40.38 -45.67 23.93
N ASP P 469 41.62 -45.49 23.50
CA ASP P 469 42.43 -44.35 23.89
C ASP P 469 42.42 -43.23 22.86
N LYS P 470 41.40 -43.18 22.01
CA LYS P 470 41.31 -42.17 20.97
C LYS P 470 39.90 -41.59 20.94
N ILE P 471 39.83 -40.27 20.77
CA ILE P 471 38.57 -39.56 20.68
C ILE P 471 38.33 -39.20 19.21
N PHE P 472 37.19 -39.59 18.68
CA PHE P 472 36.84 -39.37 17.29
C PHE P 472 35.86 -38.20 17.22
N TYR P 473 36.20 -37.20 16.39
CA TYR P 473 35.35 -36.04 16.19
C TYR P 473 34.86 -36.06 14.75
N ILE P 474 33.56 -36.41 14.59
CA ILE P 474 32.99 -36.61 13.23
C ILE P 474 31.72 -35.76 13.07
N GLY P 475 31.66 -34.91 12.04
CA GLY P 475 30.54 -34.04 11.76
C GLY P 475 31.04 -32.77 11.11
N GLY P 476 30.23 -31.72 11.21
CA GLY P 476 30.62 -30.43 10.68
C GLY P 476 29.52 -29.65 10.00
N LEU P 477 28.52 -30.36 9.46
CA LEU P 477 27.42 -29.73 8.71
C LEU P 477 27.92 -28.83 7.59
N SER P 496 29.72 -32.46 4.05
CA SER P 496 31.10 -32.25 4.51
C SER P 496 31.37 -33.04 5.80
N VAL P 497 31.95 -34.22 5.64
CA VAL P 497 32.27 -35.10 6.76
C VAL P 497 33.76 -35.44 6.70
N THR P 498 34.42 -35.29 7.85
CA THR P 498 35.84 -35.62 7.97
C THR P 498 36.10 -36.32 9.29
N VAL P 499 36.81 -37.44 9.26
CA VAL P 499 37.09 -38.24 10.44
C VAL P 499 38.39 -37.75 11.04
N GLU P 500 38.30 -37.04 12.16
CA GLU P 500 39.46 -36.51 12.86
C GLU P 500 39.72 -37.32 14.12
N ILE P 501 40.93 -37.86 14.22
CA ILE P 501 41.33 -38.71 15.34
C ILE P 501 42.23 -37.90 16.27
N TYR P 502 41.90 -37.89 17.55
CA TYR P 502 42.75 -37.31 18.58
C TYR P 502 43.35 -38.42 19.43
N ASP P 503 44.60 -38.24 19.84
CA ASP P 503 45.27 -39.19 20.71
C ASP P 503 45.33 -38.59 22.12
N VAL P 504 44.81 -39.32 23.10
CA VAL P 504 44.88 -38.87 24.49
C VAL P 504 46.31 -38.96 24.99
N ASN P 505 47.04 -40.00 24.58
CA ASN P 505 48.41 -40.18 25.04
C ASN P 505 49.39 -39.22 24.37
N LYS P 506 49.09 -38.82 23.13
CA LYS P 506 50.00 -37.95 22.38
C LYS P 506 49.54 -36.50 22.32
N ASN P 507 48.27 -36.23 22.64
CA ASN P 507 47.71 -34.88 22.57
C ASN P 507 47.90 -34.29 21.17
N GLU P 508 47.66 -35.12 20.15
CA GLU P 508 47.84 -34.72 18.76
C GLU P 508 46.64 -35.18 17.95
N TRP P 509 46.26 -34.36 16.97
CA TRP P 509 45.16 -34.66 16.07
C TRP P 509 45.71 -35.15 14.74
N LYS P 510 45.22 -36.30 14.28
CA LYS P 510 45.61 -36.87 13.01
C LYS P 510 44.38 -37.19 12.18
N MET P 511 44.47 -36.92 10.89
CA MET P 511 43.36 -37.19 9.99
C MET P 511 43.33 -38.66 9.61
N ALA P 512 42.12 -39.21 9.49
CA ALA P 512 41.92 -40.61 9.15
C ALA P 512 41.28 -40.80 7.79
N ALA P 513 40.05 -40.28 7.61
CA ALA P 513 39.33 -40.48 6.33
C ALA P 513 38.06 -39.63 6.30
N ASN P 514 37.07 -40.06 5.51
CA ASN P 514 35.76 -39.35 5.45
C ASN P 514 34.69 -40.39 5.75
N ILE P 515 33.48 -39.97 6.16
CA ILE P 515 32.39 -40.96 6.36
C ILE P 515 31.94 -41.45 4.98
N PRO P 516 31.95 -42.78 4.71
CA PRO P 516 31.47 -43.32 3.44
C PRO P 516 30.04 -42.88 3.14
N ALA P 517 29.88 -41.82 2.33
CA ALA P 517 28.52 -41.31 2.00
C ALA P 517 28.38 -41.21 0.48
N PRO P 523 24.31 -35.04 4.86
CA PRO P 523 24.79 -36.27 5.48
C PRO P 523 24.41 -36.25 6.97
N CYS P 524 23.78 -37.30 7.49
CA CYS P 524 23.46 -37.16 8.95
C CYS P 524 24.09 -38.33 9.71
N VAL P 525 25.22 -38.12 10.38
CA VAL P 525 25.94 -39.22 11.00
C VAL P 525 25.80 -39.31 12.50
N ARG P 526 25.91 -40.51 13.05
CA ARG P 526 25.84 -40.70 14.49
C ARG P 526 26.91 -41.70 14.88
N ALA P 527 28.04 -41.21 15.36
CA ALA P 527 29.15 -42.08 15.75
C ALA P 527 28.87 -42.70 17.10
N VAL P 528 28.79 -44.03 17.13
CA VAL P 528 28.54 -44.77 18.36
C VAL P 528 29.40 -46.02 18.37
N VAL P 529 29.85 -46.40 19.57
CA VAL P 529 30.71 -47.56 19.76
C VAL P 529 29.86 -48.72 20.23
N ILE P 530 29.86 -49.81 19.48
CA ILE P 530 29.09 -51.01 19.82
C ILE P 530 29.90 -52.23 19.41
N SER P 531 29.70 -53.33 20.13
CA SER P 531 30.40 -54.59 19.89
C SER P 531 31.91 -54.39 20.00
N ASN P 532 32.30 -53.52 20.92
CA ASN P 532 33.70 -53.17 21.15
C ASN P 532 34.37 -52.71 19.86
N SER P 533 33.63 -51.95 19.04
CA SER P 533 34.13 -51.44 17.77
C SER P 533 33.46 -50.12 17.47
N LEU P 534 34.25 -49.16 16.98
CA LEU P 534 33.71 -47.87 16.61
C LEU P 534 32.83 -48.00 15.37
N CYS P 535 31.67 -47.35 15.39
CA CYS P 535 30.75 -47.37 14.27
C CYS P 535 30.15 -45.98 14.09
N VAL P 536 29.53 -45.77 12.94
CA VAL P 536 28.85 -44.53 12.62
C VAL P 536 27.52 -44.89 11.95
N PHE P 537 26.42 -44.53 12.60
CA PHE P 537 25.09 -44.74 12.05
C PHE P 537 24.72 -43.53 11.21
N MET P 538 24.91 -43.65 9.89
CA MET P 538 24.67 -42.50 8.98
C MET P 538 23.26 -42.56 8.37
N ARG P 539 22.60 -41.42 8.26
CA ARG P 539 21.26 -41.34 7.62
C ARG P 539 21.40 -40.53 6.33
N GLU P 540 21.32 -41.18 5.18
CA GLU P 540 21.44 -40.48 3.87
C GLU P 540 20.06 -39.98 3.45
N THR P 541 19.77 -38.70 3.67
CA THR P 541 18.46 -38.12 3.27
C THR P 541 18.27 -38.29 1.75
N ALA P 547 14.85 -41.27 3.18
CA ALA P 547 16.06 -41.42 3.99
C ALA P 547 16.53 -42.86 3.98
N LYS P 548 17.85 -43.04 3.85
CA LYS P 548 18.47 -44.35 3.87
C LYS P 548 19.31 -44.52 5.14
N TYR P 549 19.30 -45.72 5.69
CA TYR P 549 19.99 -46.03 6.92
C TYR P 549 20.95 -47.19 6.70
N VAL P 550 22.17 -47.06 7.23
CA VAL P 550 23.21 -48.07 7.06
C VAL P 550 24.29 -47.81 8.09
N THR P 551 24.90 -48.88 8.60
CA THR P 551 25.92 -48.80 9.64
C THR P 551 27.24 -49.30 9.07
N TYR P 552 28.31 -48.54 9.28
CA TYR P 552 29.64 -48.87 8.80
C TYR P 552 30.56 -49.18 9.97
N GLN P 553 31.58 -50.00 9.70
CA GLN P 553 32.60 -50.36 10.67
C GLN P 553 33.94 -49.78 10.23
N TYR P 554 34.67 -49.21 11.18
CA TYR P 554 35.94 -48.54 10.91
C TYR P 554 37.10 -49.37 11.44
N ASP P 555 38.18 -49.44 10.65
CA ASP P 555 39.39 -50.12 11.04
C ASP P 555 40.39 -49.07 11.54
N LEU P 556 40.74 -49.14 12.82
CA LEU P 556 41.68 -48.19 13.38
C LEU P 556 43.09 -48.40 12.84
N GLU P 557 43.50 -49.67 12.69
CA GLU P 557 44.85 -49.96 12.22
C GLU P 557 45.02 -49.64 10.75
N LEU P 558 44.11 -50.12 9.90
CA LEU P 558 44.20 -49.91 8.46
C LEU P 558 43.66 -48.57 8.01
N ASP P 559 43.00 -47.83 8.89
CA ASP P 559 42.44 -46.51 8.57
C ASP P 559 41.49 -46.61 7.38
N ARG P 560 40.58 -47.58 7.46
CA ARG P 560 39.61 -47.81 6.40
C ARG P 560 38.24 -48.07 7.02
N TRP P 561 37.20 -47.62 6.32
CA TRP P 561 35.83 -47.80 6.75
C TRP P 561 35.18 -48.92 5.95
N SER P 562 34.73 -49.96 6.64
CA SER P 562 34.14 -51.13 6.02
C SER P 562 32.65 -51.16 6.26
N LEU P 563 31.89 -51.58 5.26
CA LEU P 563 30.45 -51.73 5.39
C LEU P 563 30.14 -52.84 6.38
N ARG P 564 29.42 -52.50 7.45
CA ARG P 564 29.10 -53.48 8.47
C ARG P 564 27.75 -54.15 8.24
N GLN P 565 26.68 -53.36 8.20
CA GLN P 565 25.34 -53.92 8.04
C GLN P 565 24.42 -52.84 7.51
N HIS P 566 23.62 -53.20 6.51
CA HIS P 566 22.59 -52.32 5.98
C HIS P 566 21.34 -52.41 6.84
N ILE P 567 20.66 -51.28 7.03
CA ILE P 567 19.39 -51.26 7.81
C ILE P 567 18.26 -51.06 6.80
N SER P 568 17.72 -52.15 6.26
CA SER P 568 16.66 -52.05 5.21
C SER P 568 15.49 -51.19 5.70
N GLU P 569 14.80 -50.54 4.77
CA GLU P 569 13.64 -49.66 5.13
C GLU P 569 12.43 -50.52 5.50
N ARG P 570 12.63 -51.83 5.68
CA ARG P 570 11.53 -52.72 6.14
C ARG P 570 10.94 -52.09 7.41
N VAL P 571 11.80 -51.65 8.33
CA VAL P 571 11.32 -50.93 9.55
C VAL P 571 12.15 -49.64 9.65
N LEU P 572 12.57 -49.25 10.86
CA LEU P 572 13.44 -48.06 11.06
C LEU P 572 13.08 -46.95 10.06
N TRP P 573 11.97 -46.25 10.30
CA TRP P 573 11.52 -45.17 9.38
C TRP P 573 12.34 -43.90 9.58
N ASP P 574 11.96 -42.79 8.93
CA ASP P 574 12.66 -41.53 9.12
C ASP P 574 12.70 -41.12 10.57
N LEU P 575 13.90 -41.00 11.14
CA LEU P 575 14.07 -40.62 12.54
C LEU P 575 14.47 -39.16 12.69
N GLY P 576 14.30 -38.35 11.65
CA GLY P 576 14.65 -36.95 11.73
C GLY P 576 16.16 -36.73 11.76
N ARG P 577 16.54 -35.51 12.15
CA ARG P 577 17.94 -35.13 12.22
C ARG P 577 18.40 -34.72 13.61
N ASP P 578 17.49 -34.29 14.48
CA ASP P 578 17.87 -33.85 15.82
C ASP P 578 17.84 -34.97 16.85
N PHE P 579 17.70 -36.22 16.41
CA PHE P 579 17.62 -37.33 17.36
C PHE P 579 18.99 -37.61 17.97
N ARG P 580 18.99 -37.93 19.26
CA ARG P 580 20.20 -38.32 19.96
C ARG P 580 20.31 -39.84 19.98
N CYS P 581 21.54 -40.33 19.88
CA CYS P 581 21.80 -41.76 19.76
C CYS P 581 22.86 -42.18 20.77
N THR P 582 22.73 -43.40 21.26
CA THR P 582 23.71 -44.00 22.17
C THR P 582 23.58 -45.51 22.13
N VAL P 583 24.47 -46.19 22.85
CA VAL P 583 24.53 -47.64 22.88
C VAL P 583 24.29 -48.11 24.31
N GLY P 584 23.38 -49.07 24.47
CA GLY P 584 23.12 -49.64 25.77
C GLY P 584 22.47 -51.00 25.64
N LYS P 585 22.58 -51.79 26.71
CA LYS P 585 21.98 -53.12 26.77
C LYS P 585 20.62 -53.03 27.45
N LEU P 586 19.60 -53.59 26.79
CA LEU P 586 18.21 -53.56 27.33
C LEU P 586 17.60 -54.94 27.19
N TYR P 587 16.55 -55.25 27.95
CA TYR P 587 15.86 -56.55 27.83
C TYR P 587 14.76 -56.44 26.77
N PRO P 588 14.89 -57.07 25.58
CA PRO P 588 13.82 -57.05 24.58
C PRO P 588 12.66 -57.91 25.05
N SER P 589 12.95 -58.88 25.93
CA SER P 589 11.93 -59.80 26.46
C SER P 589 10.66 -59.03 26.86
N CYS P 590 10.83 -58.04 27.74
CA CYS P 590 9.63 -57.29 28.23
C CYS P 590 9.83 -55.79 28.03
N LEU P 591 10.45 -55.35 26.92
CA LEU P 591 10.53 -53.91 26.75
C LEU P 591 9.25 -53.37 26.11
N GLU P 592 8.99 -53.77 24.87
CA GLU P 592 7.80 -53.38 24.12
C GLU P 592 7.82 -54.12 22.79
N GLU P 593 6.63 -54.36 22.25
CA GLU P 593 6.48 -55.08 20.98
C GLU P 593 5.49 -54.31 20.11
N SER P 594 6.00 -53.58 19.11
CA SER P 594 5.15 -52.85 18.19
C SER P 594 5.89 -52.60 16.87
N PRO P 595 5.66 -53.40 15.84
CA PRO P 595 6.34 -53.17 14.55
C PRO P 595 5.97 -51.84 13.91
N TRP P 596 4.65 -51.58 13.80
CA TRP P 596 4.12 -50.27 13.28
C TRP P 596 4.45 -50.02 11.81
N LYS P 597 5.21 -50.90 11.17
CA LYS P 597 5.69 -50.61 9.82
C LYS P 597 5.51 -51.82 8.91
N PRO P 598 4.75 -51.70 7.83
CA PRO P 598 4.70 -52.76 6.83
C PRO P 598 6.04 -52.91 6.13
N PRO P 599 6.67 -54.08 6.22
CA PRO P 599 7.99 -54.25 5.62
C PRO P 599 7.98 -54.22 4.10
N THR P 600 6.82 -54.34 3.46
CA THR P 600 6.70 -54.34 2.01
C THR P 600 5.69 -53.30 1.57
N TYR P 601 5.98 -52.67 0.44
CA TYR P 601 5.09 -51.69 -0.18
C TYR P 601 5.44 -51.65 -1.66
N LEU P 602 4.92 -50.64 -2.37
CA LEU P 602 5.19 -50.46 -3.80
C LEU P 602 4.84 -51.74 -4.57
N PHE P 603 3.55 -52.08 -4.53
CA PHE P 603 3.03 -53.29 -5.14
C PHE P 603 3.51 -53.46 -6.57
N SER P 604 3.90 -54.68 -6.91
CA SER P 604 4.46 -54.99 -8.22
C SER P 604 3.59 -55.95 -9.03
N THR P 605 2.29 -55.97 -8.79
CA THR P 605 1.41 -56.86 -9.56
C THR P 605 1.32 -56.40 -11.01
N ASP P 606 1.22 -55.09 -11.23
CA ASP P 606 1.17 -54.49 -12.56
C ASP P 606 0.04 -55.09 -13.41
ZN ZN Q . -79.20 31.88 0.37
ZN ZN R . -75.66 19.84 -6.11
ZN ZN S . -77.60 38.71 -1.11
ZN ZN T . 78.53 -27.28 -1.57
ZN ZN U . 76.13 -13.50 0.32
ZN ZN V . 77.32 -31.59 -7.17
ZN ZN W . -77.40 -24.56 -17.61
ZN ZN X . -75.19 -12.68 -10.30
ZN ZN Y . -76.18 -31.44 -15.97
ZN ZN Z . 77.91 24.83 20.62
ZN ZN AA . 75.62 11.31 17.24
ZN ZN BA . 75.73 28.76 26.21
#